data_8S59
#
_entry.id   8S59
#
_cell.length_a   1.00
_cell.length_b   1.00
_cell.length_c   1.00
_cell.angle_alpha   90.00
_cell.angle_beta   90.00
_cell.angle_gamma   90.00
#
_symmetry.space_group_name_H-M   'P 1'
#
loop_
_entity.id
_entity.type
_entity.pdbx_description
1 polymer 'Glutamine synthetase'
2 non-polymer '2-OXOGLUTARIC ACID'
3 water water
#
_entity_poly.entity_id   1
_entity_poly.type   'polypeptide(L)'
_entity_poly.pdbx_seq_one_letter_code
;VQMKKCTTKEDVLEAVKERDVKFIRTQFTDTLGIIKSWAIPAEQLEEAFENGVMFDGSSIQGFTRIEESDMKLALDPSTF
RILPWRPATGAVARILGDVYLPDGNPFKGDPRYVLKTAIKEAEKMGFSMNVGPELEFFLFKLDANGNPTTELTDQGGYFD
FAPLDRAQDVRRDIDYALEHMGFQIEASHHEVAPSQHEIDFRFGDVLCTADNVVTFKYVVKSIAYHKGYYASFMPKPLFG
VNGSGMHSNQSLFKDGKNVFYDPDTPTKLSQDAMYYIGGLLKHIREFTAVTNPVVNSYKRLVPGYEAPVYISWSAQNRSS
LIRIPATRGNGTRIELRCPDPACNPYLAFALMLRAGLEGIKNKIDPGEPTNVNIFHLSDKEREERGIRSLPADLKEAIDE
MKGSKFVKEALGEHVFSHYLCAKEMEWDEYKAVVHPWELSRYLSML
;
_entity_poly.pdbx_strand_id   O,D,A,B,C,L,M,P,Q,V,X,Y
#
loop_
_chem_comp.id
_chem_comp.type
_chem_comp.name
_chem_comp.formula
AKG non-polymer '2-OXOGLUTARIC ACID' 'C5 H6 O5'
#
# COMPACT_ATOMS: atom_id res chain seq x y z
N VAL A 1 -22.00 -48.85 -13.39
CA VAL A 1 -21.74 -49.13 -11.99
C VAL A 1 -22.99 -48.86 -11.15
N GLN A 2 -23.44 -49.92 -10.45
CA GLN A 2 -24.56 -49.93 -9.50
C GLN A 2 -25.91 -49.68 -10.14
N MET A 3 -25.95 -49.42 -11.46
CA MET A 3 -27.22 -49.15 -12.15
C MET A 3 -27.14 -49.79 -13.53
N LYS A 4 -27.89 -50.86 -13.73
CA LYS A 4 -27.90 -51.54 -15.00
C LYS A 4 -28.51 -50.65 -16.07
N LYS A 5 -27.94 -50.69 -17.27
CA LYS A 5 -28.37 -49.79 -18.35
C LYS A 5 -29.79 -50.11 -18.77
N CYS A 6 -30.66 -49.11 -18.68
CA CYS A 6 -32.05 -49.25 -19.10
C CYS A 6 -32.14 -49.32 -20.62
N THR A 7 -33.10 -50.10 -21.09
CA THR A 7 -33.39 -50.19 -22.51
C THR A 7 -34.77 -49.68 -22.89
N THR A 8 -35.75 -49.77 -22.00
CA THR A 8 -37.10 -49.33 -22.26
C THR A 8 -37.47 -48.22 -21.27
N LYS A 9 -38.57 -47.53 -21.57
CA LYS A 9 -39.04 -46.47 -20.68
C LYS A 9 -39.54 -47.03 -19.35
N GLU A 10 -40.00 -48.29 -19.34
CA GLU A 10 -40.39 -48.92 -18.09
C GLU A 10 -39.19 -49.11 -17.16
N ASP A 11 -38.06 -49.54 -17.72
CA ASP A 11 -36.84 -49.64 -16.93
C ASP A 11 -36.41 -48.28 -16.39
N VAL A 12 -36.55 -47.24 -17.21
CA VAL A 12 -36.20 -45.89 -16.77
C VAL A 12 -37.09 -45.45 -15.61
N LEU A 13 -38.40 -45.71 -15.72
CA LEU A 13 -39.31 -45.31 -14.65
C LEU A 13 -39.04 -46.10 -13.37
N GLU A 14 -38.72 -47.40 -13.49
CA GLU A 14 -38.37 -48.19 -12.33
C GLU A 14 -37.09 -47.69 -11.68
N ALA A 15 -36.09 -47.33 -12.49
CA ALA A 15 -34.84 -46.80 -11.95
C ALA A 15 -35.06 -45.45 -11.27
N VAL A 16 -35.92 -44.61 -11.85
CA VAL A 16 -36.25 -43.33 -11.24
C VAL A 16 -36.93 -43.54 -9.89
N LYS A 17 -37.85 -44.50 -9.82
CA LYS A 17 -38.55 -44.78 -8.56
C LYS A 17 -37.58 -45.33 -7.51
N GLU A 18 -36.78 -46.33 -7.85
CA GLU A 18 -35.99 -47.03 -6.86
C GLU A 18 -34.73 -46.28 -6.45
N ARG A 19 -34.25 -45.34 -7.26
CA ARG A 19 -33.03 -44.60 -6.95
C ARG A 19 -33.29 -43.17 -6.50
N ASP A 20 -34.54 -42.86 -6.15
CA ASP A 20 -34.92 -41.55 -5.60
C ASP A 20 -34.55 -40.42 -6.56
N VAL A 21 -34.84 -40.61 -7.84
CA VAL A 21 -34.55 -39.60 -8.84
C VAL A 21 -35.69 -38.59 -8.85
N LYS A 22 -35.37 -37.31 -8.67
CA LYS A 22 -36.36 -36.26 -8.71
C LYS A 22 -36.27 -35.37 -9.94
N PHE A 23 -35.07 -35.09 -10.42
CA PHE A 23 -34.87 -34.19 -11.55
C PHE A 23 -34.33 -34.97 -12.74
N ILE A 24 -34.94 -34.74 -13.90
CA ILE A 24 -34.50 -35.34 -15.16
C ILE A 24 -33.98 -34.22 -16.04
N ARG A 25 -32.71 -34.32 -16.44
CA ARG A 25 -32.10 -33.37 -17.38
C ARG A 25 -32.31 -33.91 -18.79
N THR A 26 -33.35 -33.42 -19.45
CA THR A 26 -33.56 -33.74 -20.85
C THR A 26 -32.52 -33.02 -21.69
N GLN A 27 -31.74 -33.77 -22.46
CA GLN A 27 -30.56 -33.23 -23.10
C GLN A 27 -30.54 -33.57 -24.59
N PHE A 28 -29.95 -32.67 -25.36
CA PHE A 28 -29.63 -32.91 -26.76
C PHE A 28 -28.38 -32.14 -27.11
N THR A 29 -27.90 -32.34 -28.33
CA THR A 29 -26.70 -31.69 -28.84
C THR A 29 -27.09 -30.74 -29.95
N ASP A 30 -26.56 -29.51 -29.90
CA ASP A 30 -26.85 -28.54 -30.95
C ASP A 30 -25.95 -28.79 -32.16
N THR A 31 -26.06 -27.91 -33.16
CA THR A 31 -25.34 -28.11 -34.42
C THR A 31 -23.83 -28.07 -34.22
N LEU A 32 -23.35 -27.21 -33.34
CA LEU A 32 -21.92 -27.05 -33.12
C LEU A 32 -21.35 -28.01 -32.08
N GLY A 33 -22.17 -28.89 -31.53
CA GLY A 33 -21.68 -29.89 -30.61
C GLY A 33 -21.78 -29.54 -29.14
N ILE A 34 -22.51 -28.49 -28.78
CA ILE A 34 -22.66 -28.09 -27.39
C ILE A 34 -23.87 -28.79 -26.81
N ILE A 35 -23.72 -29.39 -25.64
CA ILE A 35 -24.82 -30.07 -24.98
C ILE A 35 -25.85 -29.04 -24.51
N LYS A 36 -27.11 -29.29 -24.81
CA LYS A 36 -28.21 -28.42 -24.40
C LYS A 36 -29.11 -29.19 -23.44
N SER A 37 -29.32 -28.61 -22.26
CA SER A 37 -29.97 -29.32 -21.18
C SER A 37 -31.00 -28.45 -20.49
N TRP A 38 -32.10 -29.07 -20.08
CA TRP A 38 -33.03 -28.42 -19.16
C TRP A 38 -33.67 -29.49 -18.29
N ALA A 39 -34.07 -29.09 -17.08
CA ALA A 39 -34.49 -30.02 -16.05
C ALA A 39 -36.01 -30.06 -15.97
N ILE A 40 -36.57 -31.26 -15.97
CA ILE A 40 -37.98 -31.47 -15.67
C ILE A 40 -38.06 -32.34 -14.43
N PRO A 41 -39.12 -32.21 -13.63
CA PRO A 41 -39.28 -33.14 -12.50
C PRO A 41 -39.52 -34.56 -12.97
N ALA A 42 -39.15 -35.51 -12.13
CA ALA A 42 -39.34 -36.92 -12.47
C ALA A 42 -40.82 -37.29 -12.54
N GLU A 43 -41.68 -36.51 -11.89
CA GLU A 43 -43.11 -36.74 -12.00
C GLU A 43 -43.62 -36.51 -13.41
N GLN A 44 -42.99 -35.60 -14.16
CA GLN A 44 -43.37 -35.34 -15.54
C GLN A 44 -42.72 -36.29 -16.53
N LEU A 45 -41.89 -37.23 -16.06
CA LEU A 45 -41.14 -38.08 -16.99
C LEU A 45 -42.04 -39.04 -17.74
N GLU A 46 -43.09 -39.55 -17.09
CA GLU A 46 -44.02 -40.44 -17.76
C GLU A 46 -44.74 -39.74 -18.91
N GLU A 47 -45.16 -38.50 -18.70
CA GLU A 47 -45.77 -37.73 -19.78
C GLU A 47 -44.76 -37.35 -20.84
N ALA A 48 -43.52 -37.08 -20.43
CA ALA A 48 -42.47 -36.73 -21.39
C ALA A 48 -42.11 -37.90 -22.27
N PHE A 49 -42.25 -39.13 -21.78
CA PHE A 49 -41.95 -40.30 -22.59
C PHE A 49 -42.97 -40.55 -23.69
N GLU A 50 -44.20 -40.06 -23.54
CA GLU A 50 -45.24 -40.24 -24.55
C GLU A 50 -45.40 -39.03 -25.46
N ASN A 51 -45.47 -37.83 -24.88
CA ASN A 51 -45.71 -36.62 -25.67
C ASN A 51 -44.43 -35.88 -26.03
N GLY A 52 -43.28 -36.32 -25.56
CA GLY A 52 -42.05 -35.58 -25.75
C GLY A 52 -41.96 -34.39 -24.81
N VAL A 53 -40.87 -33.66 -24.93
CA VAL A 53 -40.64 -32.45 -24.15
C VAL A 53 -40.56 -31.29 -25.12
N MET A 54 -41.47 -30.32 -24.96
CA MET A 54 -41.55 -29.20 -25.87
C MET A 54 -40.54 -28.13 -25.47
N PHE A 55 -39.90 -27.51 -26.46
CA PHE A 55 -38.94 -26.46 -26.18
C PHE A 55 -38.84 -25.52 -27.38
N ASP A 56 -38.29 -24.34 -27.13
CA ASP A 56 -38.10 -23.31 -28.15
C ASP A 56 -36.76 -23.53 -28.83
N GLY A 57 -36.78 -23.73 -30.15
CA GLY A 57 -35.58 -23.97 -30.92
C GLY A 57 -34.92 -22.75 -31.53
N SER A 58 -35.57 -21.58 -31.48
CA SER A 58 -34.97 -20.38 -32.04
C SER A 58 -33.79 -19.87 -31.23
N SER A 59 -33.71 -20.25 -29.95
CA SER A 59 -32.59 -19.88 -29.10
C SER A 59 -31.45 -20.88 -29.17
N ILE A 60 -31.57 -21.91 -29.99
CA ILE A 60 -30.52 -22.90 -30.19
C ILE A 60 -29.88 -22.63 -31.55
N GLN A 61 -28.55 -22.52 -31.56
CA GLN A 61 -27.84 -22.22 -32.80
C GLN A 61 -27.93 -23.37 -33.78
N GLY A 62 -28.19 -23.04 -35.05
CA GLY A 62 -28.31 -24.03 -36.10
C GLY A 62 -29.66 -24.70 -36.18
N PHE A 63 -30.58 -24.39 -35.27
CA PHE A 63 -31.91 -24.95 -35.22
C PHE A 63 -32.89 -24.04 -35.97
N THR A 64 -34.18 -24.23 -35.73
CA THR A 64 -35.22 -23.55 -36.50
C THR A 64 -35.22 -22.04 -36.25
N ARG A 65 -35.95 -21.34 -37.10
CA ARG A 65 -36.08 -19.89 -37.07
C ARG A 65 -37.16 -19.46 -36.09
N ILE A 66 -37.20 -18.16 -35.81
CA ILE A 66 -38.09 -17.63 -34.78
C ILE A 66 -39.56 -17.69 -35.22
N GLU A 67 -39.82 -17.78 -36.53
CA GLU A 67 -41.21 -17.81 -37.00
C GLU A 67 -41.83 -19.20 -36.78
N GLU A 68 -41.03 -20.26 -36.88
CA GLU A 68 -41.49 -21.62 -36.66
C GLU A 68 -40.48 -22.27 -35.71
N SER A 69 -40.65 -22.04 -34.41
CA SER A 69 -39.60 -22.34 -33.44
C SER A 69 -39.99 -23.37 -32.40
N ASP A 70 -41.24 -23.85 -32.40
CA ASP A 70 -41.66 -24.85 -31.44
C ASP A 70 -41.03 -26.19 -31.80
N MET A 71 -40.44 -26.86 -30.81
CA MET A 71 -39.72 -28.11 -31.04
C MET A 71 -40.04 -29.09 -29.93
N LYS A 72 -39.89 -30.37 -30.25
CA LYS A 72 -40.15 -31.45 -29.31
C LYS A 72 -38.93 -32.36 -29.20
N LEU A 73 -38.57 -32.73 -27.98
CA LEU A 73 -37.49 -33.67 -27.73
C LEU A 73 -38.09 -35.03 -27.42
N ALA A 74 -37.77 -36.03 -28.24
CA ALA A 74 -38.21 -37.41 -28.03
C ALA A 74 -37.13 -38.14 -27.24
N LEU A 75 -37.42 -38.45 -25.98
CA LEU A 75 -36.43 -39.03 -25.09
C LEU A 75 -36.07 -40.45 -25.51
N ASP A 76 -34.78 -40.77 -25.43
CA ASP A 76 -34.30 -42.11 -25.72
C ASP A 76 -34.01 -42.82 -24.41
N PRO A 77 -34.78 -43.85 -24.03
CA PRO A 77 -34.60 -44.47 -22.71
C PRO A 77 -33.25 -45.11 -22.49
N SER A 78 -32.59 -45.57 -23.56
CA SER A 78 -31.29 -46.23 -23.41
C SER A 78 -30.21 -45.28 -22.93
N THR A 79 -30.39 -43.97 -23.11
CA THR A 79 -29.42 -42.98 -22.68
C THR A 79 -29.63 -42.51 -21.24
N PHE A 80 -30.62 -43.07 -20.54
CA PHE A 80 -30.90 -42.65 -19.17
C PHE A 80 -29.71 -42.94 -18.27
N ARG A 81 -29.26 -41.92 -17.54
CA ARG A 81 -28.08 -42.03 -16.71
C ARG A 81 -28.19 -41.05 -15.56
N ILE A 82 -27.84 -41.52 -14.37
CA ILE A 82 -27.87 -40.71 -13.16
C ILE A 82 -26.52 -40.04 -12.97
N LEU A 83 -26.53 -38.73 -12.75
CA LEU A 83 -25.29 -37.98 -12.59
C LEU A 83 -24.73 -38.19 -11.19
N PRO A 84 -23.52 -38.73 -11.05
CA PRO A 84 -23.00 -39.03 -9.71
C PRO A 84 -22.52 -37.82 -8.92
N TRP A 85 -22.16 -36.72 -9.58
CA TRP A 85 -21.72 -35.53 -8.88
C TRP A 85 -22.87 -34.72 -8.31
N ARG A 86 -24.10 -35.03 -8.68
CA ARG A 86 -25.30 -34.45 -8.13
C ARG A 86 -25.72 -35.21 -6.87
N PRO A 87 -26.53 -34.59 -6.00
CA PRO A 87 -26.90 -35.26 -4.74
C PRO A 87 -27.63 -36.58 -4.96
N ALA A 88 -27.34 -37.55 -4.08
CA ALA A 88 -27.97 -38.86 -4.19
C ALA A 88 -29.41 -38.85 -3.69
N THR A 89 -29.71 -38.03 -2.68
CA THR A 89 -31.08 -37.86 -2.20
C THR A 89 -31.77 -36.82 -3.07
N GLY A 90 -32.88 -37.21 -3.69
CA GLY A 90 -33.45 -36.40 -4.75
C GLY A 90 -32.49 -36.38 -5.92
N ALA A 91 -32.18 -37.56 -6.44
CA ALA A 91 -31.12 -37.72 -7.42
C ALA A 91 -31.46 -37.04 -8.73
N VAL A 92 -30.42 -36.65 -9.46
CA VAL A 92 -30.54 -35.98 -10.75
C VAL A 92 -30.05 -36.95 -11.81
N ALA A 93 -30.86 -37.14 -12.85
CA ALA A 93 -30.54 -38.02 -13.95
C ALA A 93 -30.67 -37.27 -15.27
N ARG A 94 -29.98 -37.77 -16.28
CA ARG A 94 -30.06 -37.21 -17.62
C ARG A 94 -30.68 -38.23 -18.56
N ILE A 95 -31.39 -37.72 -19.57
CA ILE A 95 -31.83 -38.52 -20.70
C ILE A 95 -31.53 -37.74 -21.96
N LEU A 96 -30.79 -38.37 -22.88
CA LEU A 96 -30.60 -37.77 -24.20
C LEU A 96 -31.82 -38.03 -25.06
N GLY A 97 -32.06 -37.12 -26.01
CA GLY A 97 -33.24 -37.21 -26.84
C GLY A 97 -32.93 -36.86 -28.29
N ASP A 98 -33.91 -37.13 -29.13
CA ASP A 98 -33.89 -36.75 -30.53
C ASP A 98 -34.84 -35.58 -30.75
N VAL A 99 -34.38 -34.58 -31.49
CA VAL A 99 -35.19 -33.39 -31.74
C VAL A 99 -36.17 -33.69 -32.86
N TYR A 100 -37.44 -33.40 -32.61
CA TYR A 100 -38.51 -33.64 -33.58
C TYR A 100 -39.28 -32.35 -33.82
N LEU A 101 -39.79 -32.22 -35.03
CA LEU A 101 -40.73 -31.16 -35.35
C LEU A 101 -42.09 -31.49 -34.74
N PRO A 102 -42.93 -30.47 -34.51
CA PRO A 102 -44.25 -30.74 -33.89
C PRO A 102 -45.16 -31.63 -34.72
N ASP A 103 -44.93 -31.75 -36.02
CA ASP A 103 -45.74 -32.63 -36.87
C ASP A 103 -45.32 -34.09 -36.77
N GLY A 104 -44.42 -34.44 -35.87
CA GLY A 104 -43.99 -35.81 -35.67
C GLY A 104 -42.80 -36.25 -36.48
N ASN A 105 -42.33 -35.42 -37.41
CA ASN A 105 -41.16 -35.82 -38.17
C ASN A 105 -39.88 -35.44 -37.42
N PRO A 106 -38.80 -36.21 -37.59
CA PRO A 106 -37.53 -35.83 -36.98
C PRO A 106 -36.99 -34.53 -37.56
N PHE A 107 -36.32 -33.75 -36.73
CA PHE A 107 -35.68 -32.53 -37.18
C PHE A 107 -34.42 -32.89 -37.95
N LYS A 108 -34.36 -32.51 -39.23
CA LYS A 108 -33.21 -32.85 -40.06
C LYS A 108 -31.97 -32.05 -39.68
N GLY A 109 -32.11 -30.98 -38.91
CA GLY A 109 -30.98 -30.26 -38.38
C GLY A 109 -30.39 -30.82 -37.12
N ASP A 110 -30.93 -31.94 -36.62
CA ASP A 110 -30.41 -32.59 -35.44
C ASP A 110 -29.15 -33.38 -35.80
N PRO A 111 -28.01 -33.11 -35.15
CA PRO A 111 -26.81 -33.91 -35.45
C PRO A 111 -26.96 -35.39 -35.14
N ARG A 112 -27.72 -35.73 -34.10
CA ARG A 112 -27.99 -37.13 -33.81
C ARG A 112 -28.78 -37.78 -34.94
N TYR A 113 -29.69 -37.02 -35.56
CA TYR A 113 -30.40 -37.51 -36.73
C TYR A 113 -29.44 -37.73 -37.90
N VAL A 114 -28.45 -36.85 -38.06
CA VAL A 114 -27.45 -37.01 -39.12
C VAL A 114 -26.65 -38.29 -38.91
N LEU A 115 -26.23 -38.53 -37.66
CA LEU A 115 -25.50 -39.76 -37.36
C LEU A 115 -26.37 -40.99 -37.58
N LYS A 116 -27.65 -40.92 -37.21
CA LYS A 116 -28.55 -42.04 -37.43
C LYS A 116 -28.77 -42.29 -38.92
N THR A 117 -28.80 -41.22 -39.72
CA THR A 117 -28.90 -41.37 -41.18
C THR A 117 -27.66 -42.05 -41.73
N ALA A 118 -26.47 -41.68 -41.22
CA ALA A 118 -25.25 -42.36 -41.64
C ALA A 118 -25.25 -43.83 -41.22
N ILE A 119 -25.80 -44.13 -40.04
CA ILE A 119 -25.90 -45.51 -39.57
C ILE A 119 -26.84 -46.31 -40.46
N LYS A 120 -27.97 -45.71 -40.86
CA LYS A 120 -28.88 -46.37 -41.78
C LYS A 120 -28.24 -46.61 -43.14
N GLU A 121 -27.45 -45.64 -43.61
CA GLU A 121 -26.73 -45.80 -44.87
C GLU A 121 -25.73 -46.95 -44.78
N ALA A 122 -25.03 -47.08 -43.65
CA ALA A 122 -24.11 -48.19 -43.46
C ALA A 122 -24.85 -49.53 -43.38
N GLU A 123 -26.01 -49.54 -42.72
CA GLU A 123 -26.77 -50.77 -42.58
C GLU A 123 -27.38 -51.22 -43.90
N LYS A 124 -27.65 -50.27 -44.81
CA LYS A 124 -28.12 -50.64 -46.14
C LYS A 124 -27.09 -51.44 -46.91
N MET A 125 -25.80 -51.28 -46.60
CA MET A 125 -24.75 -52.13 -47.15
C MET A 125 -24.33 -53.22 -46.19
N GLY A 126 -25.06 -53.42 -45.09
CA GLY A 126 -24.76 -54.47 -44.14
C GLY A 126 -23.68 -54.14 -43.13
N PHE A 127 -23.25 -52.89 -43.05
CA PHE A 127 -22.15 -52.51 -42.18
C PHE A 127 -22.67 -51.87 -40.89
N SER A 128 -21.92 -52.08 -39.81
CA SER A 128 -22.15 -51.41 -38.54
C SER A 128 -20.83 -50.86 -38.04
N MET A 129 -20.85 -49.63 -37.56
CA MET A 129 -19.63 -48.89 -37.23
C MET A 129 -19.40 -48.91 -35.73
N ASN A 130 -18.17 -49.23 -35.32
CA ASN A 130 -17.74 -49.11 -33.94
C ASN A 130 -16.64 -48.06 -33.88
N VAL A 131 -16.76 -47.13 -32.94
CA VAL A 131 -15.84 -46.01 -32.82
C VAL A 131 -15.22 -46.02 -31.43
N GLY A 132 -13.89 -45.97 -31.38
CA GLY A 132 -13.18 -45.73 -30.16
C GLY A 132 -12.44 -44.41 -30.20
N PRO A 133 -12.96 -43.40 -29.50
CA PRO A 133 -12.30 -42.10 -29.49
C PRO A 133 -11.33 -41.93 -28.33
N GLU A 134 -10.22 -41.27 -28.60
CA GLU A 134 -9.21 -40.97 -27.60
C GLU A 134 -9.17 -39.45 -27.43
N LEU A 135 -9.76 -38.97 -26.34
CA LEU A 135 -9.90 -37.54 -26.09
C LEU A 135 -8.82 -37.05 -25.15
N GLU A 136 -8.22 -35.92 -25.49
CA GLU A 136 -7.28 -35.23 -24.62
C GLU A 136 -7.92 -33.95 -24.13
N PHE A 137 -7.64 -33.59 -22.88
CA PHE A 137 -8.14 -32.35 -22.31
C PHE A 137 -7.08 -31.76 -21.40
N PHE A 138 -7.23 -30.47 -21.14
CA PHE A 138 -6.34 -29.73 -20.25
C PHE A 138 -7.05 -29.47 -18.93
N LEU A 139 -6.29 -29.50 -17.84
CA LEU A 139 -6.79 -29.18 -16.51
C LEU A 139 -6.16 -27.87 -16.08
N PHE A 140 -6.96 -26.81 -16.05
CA PHE A 140 -6.50 -25.48 -15.71
C PHE A 140 -7.07 -25.07 -14.36
N LYS A 141 -6.49 -24.02 -13.79
CA LYS A 141 -6.97 -23.48 -12.53
C LYS A 141 -8.22 -22.63 -12.76
N LEU A 142 -9.00 -22.50 -11.70
CA LEU A 142 -10.10 -21.55 -11.66
C LEU A 142 -9.62 -20.27 -10.97
N ASP A 143 -10.22 -19.14 -11.35
CA ASP A 143 -9.90 -17.88 -10.73
C ASP A 143 -10.70 -17.74 -9.43
N ALA A 144 -10.69 -16.54 -8.85
CA ALA A 144 -11.42 -16.30 -7.61
C ALA A 144 -12.93 -16.45 -7.79
N ASN A 145 -13.42 -16.12 -8.98
CA ASN A 145 -14.85 -16.21 -9.28
C ASN A 145 -15.26 -17.58 -9.81
N GLY A 146 -14.33 -18.53 -9.89
CA GLY A 146 -14.64 -19.83 -10.44
C GLY A 146 -14.73 -19.89 -11.93
N ASN A 147 -14.20 -18.89 -12.63
CA ASN A 147 -14.18 -18.78 -14.08
C ASN A 147 -12.95 -19.48 -14.65
N PRO A 148 -13.03 -19.97 -15.89
CA PRO A 148 -11.89 -20.67 -16.49
C PRO A 148 -10.70 -19.75 -16.71
N THR A 149 -9.50 -20.31 -16.51
CA THR A 149 -8.24 -19.67 -16.86
C THR A 149 -7.46 -20.65 -17.73
N THR A 150 -6.23 -20.27 -18.07
CA THR A 150 -5.28 -21.18 -18.70
C THR A 150 -4.08 -21.45 -17.81
N GLU A 151 -4.21 -21.15 -16.51
CA GLU A 151 -3.11 -21.36 -15.58
C GLU A 151 -2.86 -22.85 -15.39
N LEU A 152 -1.60 -23.25 -15.49
CA LEU A 152 -1.24 -24.65 -15.45
C LEU A 152 -1.43 -25.23 -14.06
N THR A 153 -1.94 -26.46 -14.00
CA THR A 153 -2.06 -27.16 -12.73
C THR A 153 -0.83 -27.99 -12.41
N ASP A 154 -0.08 -28.40 -13.43
CA ASP A 154 1.21 -29.06 -13.23
C ASP A 154 2.08 -28.82 -14.45
N GLN A 155 3.36 -29.16 -14.31
CA GLN A 155 4.34 -29.08 -15.41
C GLN A 155 4.75 -30.46 -15.89
N GLY A 156 3.90 -31.46 -15.67
CA GLY A 156 4.23 -32.81 -16.04
C GLY A 156 4.19 -33.05 -17.54
N GLY A 157 4.77 -34.17 -17.94
CA GLY A 157 4.78 -34.58 -19.33
C GLY A 157 4.09 -35.89 -19.56
N TYR A 158 4.41 -36.56 -20.66
CA TYR A 158 3.75 -37.81 -21.01
C TYR A 158 4.11 -38.91 -20.00
N PHE A 159 3.07 -39.57 -19.49
CA PHE A 159 3.19 -40.68 -18.55
C PHE A 159 3.93 -40.28 -17.26
N ASP A 160 3.82 -39.01 -16.88
CA ASP A 160 4.54 -38.54 -15.69
C ASP A 160 3.81 -38.95 -14.41
N PHE A 161 4.59 -39.18 -13.37
CA PHE A 161 4.15 -39.64 -12.06
C PHE A 161 4.48 -38.56 -11.03
N ALA A 162 4.36 -38.93 -9.74
CA ALA A 162 4.93 -38.20 -8.60
C ALA A 162 4.12 -36.92 -8.41
N PRO A 163 4.65 -35.87 -7.78
CA PRO A 163 4.02 -34.54 -7.95
C PRO A 163 4.34 -33.83 -9.27
N LEU A 164 5.01 -34.48 -10.22
CA LEU A 164 5.09 -33.91 -11.57
C LEU A 164 3.71 -33.89 -12.21
N ASP A 165 2.98 -34.99 -12.09
CA ASP A 165 1.56 -35.02 -12.39
C ASP A 165 0.78 -34.72 -11.12
N ARG A 166 -0.06 -33.69 -11.16
CA ARG A 166 -0.75 -33.22 -9.97
C ARG A 166 -2.26 -33.43 -10.06
N ALA A 167 -2.72 -34.30 -10.95
CA ALA A 167 -4.15 -34.50 -11.17
C ALA A 167 -4.56 -35.96 -11.07
N GLN A 168 -3.90 -36.75 -10.21
CA GLN A 168 -4.30 -38.13 -10.03
C GLN A 168 -5.66 -38.22 -9.35
N ASP A 169 -5.95 -37.30 -8.43
CA ASP A 169 -7.24 -37.30 -7.75
C ASP A 169 -8.36 -36.89 -8.70
N VAL A 170 -8.12 -35.89 -9.54
CA VAL A 170 -9.13 -35.46 -10.51
C VAL A 170 -9.41 -36.58 -11.51
N ARG A 171 -8.36 -37.22 -12.00
CA ARG A 171 -8.54 -38.33 -12.95
C ARG A 171 -9.24 -39.51 -12.28
N ARG A 172 -8.94 -39.76 -11.00
CA ARG A 172 -9.60 -40.82 -10.26
C ARG A 172 -11.09 -40.54 -10.11
N ASP A 173 -11.45 -39.30 -9.76
CA ASP A 173 -12.86 -38.96 -9.61
C ASP A 173 -13.58 -38.96 -10.96
N ILE A 174 -12.89 -38.54 -12.02
CA ILE A 174 -13.48 -38.61 -13.36
C ILE A 174 -13.73 -40.05 -13.75
N ASP A 175 -12.77 -40.94 -13.46
CA ASP A 175 -12.95 -42.35 -13.79
C ASP A 175 -14.12 -42.95 -13.03
N TYR A 176 -14.24 -42.62 -11.74
CA TYR A 176 -15.37 -43.08 -10.93
C TYR A 176 -16.70 -42.59 -11.50
N ALA A 177 -16.76 -41.30 -11.84
CA ALA A 177 -17.99 -40.73 -12.39
C ALA A 177 -18.34 -41.37 -13.73
N LEU A 178 -17.35 -41.57 -14.59
CA LEU A 178 -17.60 -42.17 -15.90
C LEU A 178 -18.08 -43.62 -15.76
N GLU A 179 -17.48 -44.38 -14.84
CA GLU A 179 -17.97 -45.72 -14.57
C GLU A 179 -19.39 -45.69 -14.05
N HIS A 180 -19.75 -44.67 -13.27
CA HIS A 180 -21.14 -44.51 -12.86
C HIS A 180 -22.07 -44.21 -14.03
N MET A 181 -21.57 -43.54 -15.09
CA MET A 181 -22.37 -43.27 -16.27
C MET A 181 -22.24 -44.34 -17.35
N GLY A 182 -21.80 -45.54 -16.97
CA GLY A 182 -21.76 -46.66 -17.90
C GLY A 182 -20.51 -46.77 -18.74
N PHE A 183 -19.54 -45.86 -18.58
CA PHE A 183 -18.29 -45.98 -19.32
C PHE A 183 -17.46 -47.14 -18.78
N GLN A 184 -16.72 -47.76 -19.68
CA GLN A 184 -15.74 -48.78 -19.33
C GLN A 184 -14.35 -48.17 -19.54
N ILE A 185 -13.74 -47.71 -18.46
CA ILE A 185 -12.44 -47.07 -18.53
C ILE A 185 -11.38 -48.09 -18.92
N GLU A 186 -10.48 -47.70 -19.82
CA GLU A 186 -9.36 -48.53 -20.23
C GLU A 186 -8.03 -48.04 -19.69
N ALA A 187 -7.77 -46.74 -19.76
CA ALA A 187 -6.52 -46.18 -19.28
C ALA A 187 -6.71 -44.70 -18.99
N SER A 188 -5.85 -44.17 -18.12
CA SER A 188 -5.85 -42.75 -17.80
C SER A 188 -4.42 -42.35 -17.46
N HIS A 189 -3.98 -41.21 -18.01
CA HIS A 189 -2.61 -40.78 -17.81
C HIS A 189 -2.48 -39.28 -18.06
N HIS A 190 -1.34 -38.75 -17.64
CA HIS A 190 -0.92 -37.42 -18.04
C HIS A 190 -0.42 -37.46 -19.48
N GLU A 191 -0.81 -36.45 -20.25
CA GLU A 191 -0.44 -36.38 -21.66
C GLU A 191 0.84 -35.57 -21.84
N VAL A 192 1.22 -35.33 -23.09
CA VAL A 192 2.52 -34.72 -23.41
C VAL A 192 2.61 -33.30 -22.87
N ALA A 193 1.60 -32.48 -23.16
CA ALA A 193 1.62 -31.09 -22.75
C ALA A 193 1.43 -30.97 -21.24
N PRO A 194 1.94 -29.89 -20.63
CA PRO A 194 1.68 -29.66 -19.20
C PRO A 194 0.19 -29.51 -18.94
N SER A 195 -0.24 -30.07 -17.81
CA SER A 195 -1.63 -30.04 -17.36
C SER A 195 -2.58 -30.71 -18.34
N GLN A 196 -2.08 -31.60 -19.19
CA GLN A 196 -2.87 -32.28 -20.20
C GLN A 196 -3.03 -33.75 -19.84
N HIS A 197 -4.24 -34.27 -19.99
CA HIS A 197 -4.57 -35.61 -19.52
C HIS A 197 -5.42 -36.32 -20.56
N GLU A 198 -5.26 -37.64 -20.61
CA GLU A 198 -6.05 -38.50 -21.48
C GLU A 198 -6.70 -39.58 -20.64
N ILE A 199 -8.01 -39.76 -20.81
CA ILE A 199 -8.74 -40.86 -20.19
C ILE A 199 -9.41 -41.63 -21.31
N ASP A 200 -9.06 -42.91 -21.43
CA ASP A 200 -9.55 -43.76 -22.50
C ASP A 200 -10.66 -44.66 -21.99
N PHE A 201 -11.77 -44.69 -22.71
CA PHE A 201 -12.88 -45.58 -22.40
C PHE A 201 -13.07 -46.55 -23.57
N ARG A 202 -13.78 -47.63 -23.29
CA ARG A 202 -13.96 -48.68 -24.29
C ARG A 202 -14.79 -48.18 -25.47
N PHE A 203 -14.50 -48.73 -26.64
CA PHE A 203 -15.25 -48.43 -27.84
C PHE A 203 -16.67 -48.98 -27.75
N GLY A 204 -17.49 -48.55 -28.70
CA GLY A 204 -18.84 -49.06 -28.81
C GLY A 204 -19.41 -48.72 -30.16
N ASP A 205 -20.70 -48.99 -30.32
CA ASP A 205 -21.39 -48.58 -31.54
C ASP A 205 -21.39 -47.06 -31.65
N VAL A 206 -21.40 -46.57 -32.90
CA VAL A 206 -21.02 -45.18 -33.17
C VAL A 206 -21.99 -44.19 -32.54
N LEU A 207 -23.30 -44.52 -32.50
CA LEU A 207 -24.27 -43.65 -31.87
C LEU A 207 -24.01 -43.54 -30.37
N CYS A 208 -23.87 -44.69 -29.70
CA CYS A 208 -23.52 -44.71 -28.29
C CYS A 208 -22.16 -44.06 -28.05
N THR A 209 -21.24 -44.18 -29.01
CA THR A 209 -19.92 -43.57 -28.85
C THR A 209 -20.00 -42.04 -28.90
N ALA A 210 -20.81 -41.49 -29.81
CA ALA A 210 -20.97 -40.03 -29.86
C ALA A 210 -21.69 -39.51 -28.61
N ASP A 211 -22.71 -40.25 -28.16
CA ASP A 211 -23.31 -39.95 -26.87
C ASP A 211 -22.28 -39.97 -25.75
N ASN A 212 -21.39 -40.96 -25.78
CA ASN A 212 -20.33 -41.05 -24.79
C ASN A 212 -19.35 -39.89 -24.90
N VAL A 213 -19.10 -39.39 -26.11
CA VAL A 213 -18.17 -38.29 -26.27
C VAL A 213 -18.73 -37.02 -25.64
N VAL A 214 -19.98 -36.68 -25.94
CA VAL A 214 -20.56 -35.48 -25.34
C VAL A 214 -20.72 -35.66 -23.82
N THR A 215 -21.13 -36.86 -23.40
CA THR A 215 -21.24 -37.16 -21.98
C THR A 215 -19.89 -37.05 -21.28
N PHE A 216 -18.85 -37.60 -21.90
CA PHE A 216 -17.50 -37.55 -21.33
C PHE A 216 -17.04 -36.13 -21.16
N LYS A 217 -17.28 -35.28 -22.17
CA LYS A 217 -16.87 -33.89 -22.09
C LYS A 217 -17.55 -33.19 -20.91
N TYR A 218 -18.87 -33.33 -20.79
CA TYR A 218 -19.50 -32.59 -19.70
C TYR A 218 -19.25 -33.24 -18.33
N VAL A 219 -19.04 -34.56 -18.27
CA VAL A 219 -18.69 -35.21 -17.01
C VAL A 219 -17.33 -34.77 -16.54
N VAL A 220 -16.34 -34.73 -17.44
CA VAL A 220 -15.01 -34.27 -17.08
C VAL A 220 -15.06 -32.82 -16.63
N LYS A 221 -15.83 -31.98 -17.32
CA LYS A 221 -15.94 -30.58 -16.93
C LYS A 221 -16.59 -30.43 -15.55
N SER A 222 -17.65 -31.19 -15.28
CA SER A 222 -18.32 -31.10 -13.97
C SER A 222 -17.41 -31.57 -12.84
N ILE A 223 -16.75 -32.72 -13.04
CA ILE A 223 -15.88 -33.25 -12.00
C ILE A 223 -14.71 -32.31 -11.75
N ALA A 224 -14.13 -31.75 -12.81
CA ALA A 224 -13.06 -30.78 -12.64
C ALA A 224 -13.55 -29.54 -11.91
N TYR A 225 -14.76 -29.08 -12.22
CA TYR A 225 -15.30 -27.89 -11.57
C TYR A 225 -15.49 -28.11 -10.07
N HIS A 226 -16.03 -29.26 -9.67
CA HIS A 226 -16.27 -29.49 -8.25
C HIS A 226 -14.98 -29.68 -7.46
N LYS A 227 -13.86 -29.96 -8.11
CA LYS A 227 -12.57 -30.00 -7.44
C LYS A 227 -11.81 -28.68 -7.56
N GLY A 228 -12.44 -27.63 -8.07
CA GLY A 228 -11.80 -26.35 -8.19
C GLY A 228 -10.94 -26.16 -9.41
N TYR A 229 -11.14 -26.96 -10.45
CA TYR A 229 -10.36 -26.89 -11.67
C TYR A 229 -11.27 -26.62 -12.86
N TYR A 230 -10.66 -26.30 -13.99
CA TYR A 230 -11.38 -26.19 -15.25
C TYR A 230 -10.84 -27.22 -16.24
N ALA A 231 -11.74 -28.00 -16.81
CA ALA A 231 -11.40 -28.95 -17.85
C ALA A 231 -11.61 -28.30 -19.21
N SER A 232 -10.54 -28.13 -19.96
CA SER A 232 -10.57 -27.46 -21.25
C SER A 232 -10.43 -28.50 -22.35
N PHE A 233 -11.39 -28.52 -23.28
CA PHE A 233 -11.28 -29.31 -24.50
C PHE A 233 -10.92 -28.44 -25.70
N MET A 234 -10.31 -27.29 -25.45
CA MET A 234 -9.83 -26.44 -26.53
C MET A 234 -8.73 -27.15 -27.30
N PRO A 235 -8.74 -27.08 -28.64
CA PRO A 235 -7.72 -27.80 -29.42
C PRO A 235 -6.29 -27.36 -29.13
N LYS A 236 -6.07 -26.07 -28.87
CA LYS A 236 -4.73 -25.54 -28.62
C LYS A 236 -4.83 -24.33 -27.71
N PRO A 237 -5.04 -24.57 -26.41
CA PRO A 237 -5.15 -23.42 -25.48
C PRO A 237 -3.84 -22.70 -25.24
N LEU A 238 -2.71 -23.39 -25.39
CA LEU A 238 -1.40 -22.82 -25.09
C LEU A 238 -0.48 -22.96 -26.29
N PHE A 239 0.36 -21.96 -26.50
CA PHE A 239 1.35 -22.01 -27.57
C PHE A 239 2.61 -22.74 -27.10
N GLY A 240 3.22 -23.47 -28.02
CA GLY A 240 4.51 -24.10 -27.76
C GLY A 240 4.43 -25.47 -27.13
N VAL A 241 3.25 -25.91 -26.70
CA VAL A 241 3.06 -27.23 -26.12
C VAL A 241 2.05 -27.98 -26.99
N ASN A 242 1.89 -29.26 -26.69
CA ASN A 242 1.02 -30.12 -27.48
C ASN A 242 -0.43 -29.68 -27.36
N GLY A 243 -1.14 -29.72 -28.50
CA GLY A 243 -2.57 -29.51 -28.50
C GLY A 243 -3.33 -30.77 -28.15
N SER A 244 -4.64 -30.61 -28.00
CA SER A 244 -5.53 -31.72 -27.70
C SER A 244 -6.26 -32.14 -28.96
N GLY A 245 -6.13 -33.42 -29.31
CA GLY A 245 -6.88 -34.00 -30.41
C GLY A 245 -7.83 -35.07 -29.91
N MET A 246 -8.66 -35.56 -30.83
CA MET A 246 -9.55 -36.69 -30.55
C MET A 246 -9.27 -37.74 -31.63
N HIS A 247 -8.34 -38.64 -31.34
CA HIS A 247 -8.04 -39.73 -32.26
C HIS A 247 -9.24 -40.66 -32.35
N SER A 248 -9.72 -40.88 -33.57
CA SER A 248 -10.96 -41.62 -33.81
C SER A 248 -10.62 -42.97 -34.42
N ASN A 249 -10.61 -44.01 -33.58
CA ASN A 249 -10.46 -45.37 -34.05
C ASN A 249 -11.83 -45.89 -34.48
N GLN A 250 -11.91 -46.40 -35.70
CA GLN A 250 -13.17 -46.88 -36.25
C GLN A 250 -12.99 -48.27 -36.84
N SER A 251 -14.01 -49.10 -36.66
CA SER A 251 -14.05 -50.44 -37.23
C SER A 251 -15.42 -50.71 -37.82
N LEU A 252 -15.43 -51.49 -38.90
CA LEU A 252 -16.67 -51.87 -39.57
C LEU A 252 -16.94 -53.36 -39.32
N PHE A 253 -18.21 -53.69 -39.20
CA PHE A 253 -18.64 -55.06 -38.92
C PHE A 253 -19.77 -55.46 -39.84
N LYS A 254 -19.74 -56.71 -40.28
CA LYS A 254 -20.79 -57.28 -41.12
C LYS A 254 -20.93 -58.74 -40.78
N ASP A 255 -22.17 -59.15 -40.44
CA ASP A 255 -22.48 -60.52 -40.03
C ASP A 255 -21.65 -60.96 -38.83
N GLY A 256 -21.38 -60.03 -37.91
CA GLY A 256 -20.62 -60.33 -36.71
C GLY A 256 -19.12 -60.38 -36.88
N LYS A 257 -18.60 -60.16 -38.09
CA LYS A 257 -17.18 -60.23 -38.37
C LYS A 257 -16.63 -58.84 -38.62
N ASN A 258 -15.42 -58.60 -38.13
CA ASN A 258 -14.72 -57.34 -38.43
C ASN A 258 -14.42 -57.28 -39.93
N VAL A 259 -14.98 -56.26 -40.58
CA VAL A 259 -14.82 -56.11 -42.03
C VAL A 259 -13.38 -55.82 -42.40
N PHE A 260 -12.68 -55.05 -41.58
CA PHE A 260 -11.32 -54.61 -41.87
C PHE A 260 -10.29 -55.72 -41.73
N TYR A 261 -10.68 -56.87 -41.20
CA TYR A 261 -9.76 -57.99 -40.97
C TYR A 261 -9.79 -58.96 -42.14
N ASP A 262 -8.62 -59.48 -42.50
CA ASP A 262 -8.49 -60.53 -43.51
C ASP A 262 -7.25 -61.33 -43.17
N PRO A 263 -7.40 -62.53 -42.60
CA PRO A 263 -6.23 -63.34 -42.23
C PRO A 263 -5.39 -63.78 -43.41
N ASP A 264 -5.96 -63.84 -44.61
CA ASP A 264 -5.21 -64.32 -45.77
C ASP A 264 -4.23 -63.27 -46.30
N THR A 265 -4.55 -61.99 -46.16
CA THR A 265 -3.68 -60.94 -46.67
C THR A 265 -2.38 -60.88 -45.86
N PRO A 266 -1.26 -60.54 -46.50
CA PRO A 266 0.01 -60.44 -45.76
C PRO A 266 -0.02 -59.39 -44.65
N THR A 267 -0.70 -58.28 -44.87
CA THR A 267 -0.82 -57.22 -43.87
C THR A 267 -2.00 -57.43 -42.94
N LYS A 268 -2.75 -58.53 -43.09
CA LYS A 268 -3.90 -58.88 -42.27
C LYS A 268 -5.00 -57.83 -42.35
N LEU A 269 -5.09 -57.12 -43.47
CA LEU A 269 -6.09 -56.10 -43.69
C LEU A 269 -6.87 -56.43 -44.95
N SER A 270 -8.20 -56.31 -44.88
CA SER A 270 -9.03 -56.62 -46.03
C SER A 270 -8.94 -55.51 -47.07
N GLN A 271 -9.41 -55.83 -48.28
CA GLN A 271 -9.49 -54.82 -49.32
C GLN A 271 -10.49 -53.73 -48.94
N ASP A 272 -11.51 -54.09 -48.17
CA ASP A 272 -12.48 -53.10 -47.69
C ASP A 272 -11.86 -52.11 -46.73
N ALA A 273 -10.87 -52.56 -45.93
CA ALA A 273 -10.15 -51.63 -45.07
C ALA A 273 -9.37 -50.60 -45.89
N MET A 274 -8.70 -51.06 -46.96
CA MET A 274 -8.00 -50.14 -47.84
C MET A 274 -8.97 -49.18 -48.53
N TYR A 275 -10.13 -49.69 -48.95
CA TYR A 275 -11.15 -48.83 -49.55
C TYR A 275 -11.67 -47.79 -48.57
N TYR A 276 -11.90 -48.19 -47.31
CA TYR A 276 -12.33 -47.26 -46.28
C TYR A 276 -11.28 -46.17 -46.06
N ILE A 277 -10.00 -46.56 -46.00
CA ILE A 277 -8.93 -45.58 -45.85
C ILE A 277 -8.86 -44.65 -47.05
N GLY A 278 -9.03 -45.20 -48.25
CA GLY A 278 -9.01 -44.38 -49.45
C GLY A 278 -10.13 -43.36 -49.48
N GLY A 279 -11.33 -43.77 -49.08
CA GLY A 279 -12.43 -42.83 -48.99
C GLY A 279 -12.20 -41.75 -47.95
N LEU A 280 -11.66 -42.14 -46.79
CA LEU A 280 -11.35 -41.18 -45.75
C LEU A 280 -10.32 -40.16 -46.24
N LEU A 281 -9.26 -40.63 -46.89
CA LEU A 281 -8.22 -39.73 -47.38
C LEU A 281 -8.73 -38.86 -48.53
N LYS A 282 -9.63 -39.39 -49.36
CA LYS A 282 -10.19 -38.59 -50.43
C LYS A 282 -11.08 -37.47 -49.91
N HIS A 283 -11.87 -37.75 -48.87
CA HIS A 283 -12.87 -36.79 -48.43
C HIS A 283 -12.49 -35.96 -47.21
N ILE A 284 -11.33 -36.23 -46.58
CA ILE A 284 -11.02 -35.62 -45.29
C ILE A 284 -10.87 -34.10 -45.42
N ARG A 285 -10.38 -33.61 -46.56
CA ARG A 285 -10.27 -32.17 -46.75
C ARG A 285 -11.64 -31.51 -46.78
N GLU A 286 -12.67 -32.23 -47.22
CA GLU A 286 -13.99 -31.65 -47.38
C GLU A 286 -14.74 -31.51 -46.05
N PHE A 287 -14.35 -32.25 -45.01
CA PHE A 287 -15.00 -32.09 -43.72
C PHE A 287 -13.99 -31.92 -42.59
N THR A 288 -12.78 -31.47 -42.92
CA THR A 288 -11.88 -30.94 -41.91
C THR A 288 -12.53 -29.80 -41.13
N ALA A 289 -13.37 -29.00 -41.78
CA ALA A 289 -14.12 -27.96 -41.09
C ALA A 289 -15.08 -28.51 -40.04
N VAL A 290 -15.46 -29.78 -40.15
CA VAL A 290 -16.29 -30.42 -39.13
C VAL A 290 -15.44 -31.11 -38.09
N THR A 291 -14.43 -31.89 -38.50
CA THR A 291 -13.55 -32.55 -37.54
C THR A 291 -12.70 -31.55 -36.77
N ASN A 292 -12.42 -30.38 -37.36
CA ASN A 292 -11.63 -29.32 -36.74
C ASN A 292 -12.44 -28.04 -36.88
N PRO A 293 -13.36 -27.79 -35.95
CA PRO A 293 -14.42 -26.80 -36.21
C PRO A 293 -14.07 -25.35 -35.94
N VAL A 294 -13.09 -25.07 -35.09
CA VAL A 294 -12.85 -23.73 -34.62
C VAL A 294 -11.56 -23.19 -35.21
N VAL A 295 -11.32 -21.89 -35.00
CA VAL A 295 -10.08 -21.25 -35.44
C VAL A 295 -8.88 -21.85 -34.72
N ASN A 296 -9.03 -22.13 -33.42
CA ASN A 296 -7.95 -22.68 -32.62
C ASN A 296 -7.56 -24.08 -33.06
N SER A 297 -8.47 -24.79 -33.73
CA SER A 297 -8.17 -26.12 -34.26
C SER A 297 -6.98 -26.11 -35.20
N TYR A 298 -6.82 -25.02 -35.94
CA TYR A 298 -5.73 -24.88 -36.89
C TYR A 298 -4.52 -24.19 -36.28
N LYS A 299 -4.65 -23.68 -35.05
CA LYS A 299 -3.47 -23.43 -34.23
C LYS A 299 -2.94 -24.72 -33.66
N ARG A 300 -3.78 -25.75 -33.53
CA ARG A 300 -3.25 -27.08 -33.28
C ARG A 300 -2.74 -27.72 -34.57
N LEU A 301 -3.49 -27.60 -35.67
CA LEU A 301 -3.16 -28.24 -36.93
C LEU A 301 -2.24 -27.35 -37.77
N VAL A 302 -1.03 -27.16 -37.26
CA VAL A 302 0.02 -26.43 -37.96
C VAL A 302 1.05 -27.43 -38.44
N PRO A 303 1.67 -27.25 -39.61
CA PRO A 303 2.81 -28.10 -39.97
C PRO A 303 3.93 -27.97 -38.94
N GLY A 304 4.51 -29.11 -38.57
CA GLY A 304 5.50 -29.16 -37.53
C GLY A 304 5.91 -30.58 -37.21
N TYR A 305 5.96 -30.92 -35.93
CA TYR A 305 6.33 -32.26 -35.48
C TYR A 305 5.27 -32.87 -34.56
N GLU A 306 4.08 -32.29 -34.51
CA GLU A 306 3.04 -32.77 -33.61
C GLU A 306 1.74 -33.07 -34.33
N ALA A 307 1.36 -32.22 -35.28
CA ALA A 307 0.01 -32.25 -35.81
C ALA A 307 -0.07 -33.14 -37.04
N PRO A 308 -1.09 -33.99 -37.13
CA PRO A 308 -1.34 -34.80 -38.35
C PRO A 308 -1.99 -33.99 -39.46
N VAL A 309 -1.21 -33.10 -40.07
CA VAL A 309 -1.72 -32.22 -41.11
C VAL A 309 -1.50 -32.79 -42.51
N TYR A 310 -0.76 -33.87 -42.64
CA TYR A 310 -0.39 -34.43 -43.93
C TYR A 310 -1.27 -35.63 -44.24
N ILE A 311 -1.94 -35.58 -45.38
CA ILE A 311 -2.93 -36.59 -45.75
C ILE A 311 -2.18 -37.84 -46.20
N SER A 312 -2.23 -38.88 -45.38
CA SER A 312 -1.47 -40.11 -45.60
C SER A 312 -2.01 -41.18 -44.67
N TRP A 313 -1.60 -42.42 -44.92
CA TRP A 313 -1.95 -43.53 -44.06
C TRP A 313 -0.72 -44.41 -43.86
N SER A 314 -0.74 -45.15 -42.75
CA SER A 314 0.36 -46.03 -42.38
C SER A 314 -0.12 -46.98 -41.30
N ALA A 315 0.74 -47.92 -40.94
CA ALA A 315 0.44 -48.86 -39.87
C ALA A 315 0.91 -48.38 -38.50
N GLN A 316 2.21 -48.18 -38.32
CA GLN A 316 2.75 -47.78 -37.04
C GLN A 316 3.15 -46.32 -36.97
N ASN A 317 3.13 -45.60 -38.10
CA ASN A 317 3.61 -44.23 -38.14
C ASN A 317 2.60 -43.29 -37.50
N ARG A 318 3.03 -42.54 -36.49
CA ARG A 318 2.19 -41.56 -35.83
C ARG A 318 2.33 -40.17 -36.43
N SER A 319 3.09 -40.01 -37.49
CA SER A 319 3.11 -38.78 -38.27
C SER A 319 2.13 -38.82 -39.43
N SER A 320 1.45 -39.94 -39.63
CA SER A 320 0.46 -40.08 -40.69
C SER A 320 -0.92 -39.61 -40.22
N LEU A 321 -1.74 -39.22 -41.19
CA LEU A 321 -3.12 -38.84 -40.88
C LEU A 321 -3.92 -40.04 -40.37
N ILE A 322 -3.72 -41.20 -40.98
CA ILE A 322 -4.45 -42.42 -40.63
C ILE A 322 -3.44 -43.45 -40.13
N ARG A 323 -3.69 -43.99 -38.95
CA ARG A 323 -2.86 -45.04 -38.37
C ARG A 323 -3.66 -46.32 -38.25
N ILE A 324 -3.00 -47.44 -38.48
CA ILE A 324 -3.62 -48.76 -38.32
C ILE A 324 -2.92 -49.50 -37.19
N PRO A 325 -3.50 -49.52 -35.99
CA PRO A 325 -2.88 -50.28 -34.89
C PRO A 325 -2.77 -51.77 -35.24
N ALA A 326 -1.73 -52.40 -34.70
CA ALA A 326 -1.40 -53.78 -35.07
C ALA A 326 -2.41 -54.80 -34.56
N THR A 327 -3.37 -54.38 -33.73
CA THR A 327 -4.42 -55.29 -33.30
C THR A 327 -5.21 -55.81 -34.49
N ARG A 328 -5.47 -57.10 -34.49
CA ARG A 328 -6.15 -57.77 -35.59
C ARG A 328 -7.36 -58.53 -35.05
N GLY A 329 -7.98 -59.32 -35.91
CA GLY A 329 -9.16 -60.06 -35.51
C GLY A 329 -10.36 -59.13 -35.41
N ASN A 330 -11.09 -59.23 -34.30
CA ASN A 330 -12.24 -58.37 -34.08
C ASN A 330 -11.83 -56.95 -33.69
N GLY A 331 -10.59 -56.75 -33.27
CA GLY A 331 -10.07 -55.47 -32.88
C GLY A 331 -9.39 -54.66 -33.97
N THR A 332 -9.50 -55.09 -35.23
CA THR A 332 -8.92 -54.33 -36.32
C THR A 332 -9.65 -53.01 -36.49
N ARG A 333 -8.90 -51.91 -36.45
CA ARG A 333 -9.51 -50.59 -36.48
C ARG A 333 -8.61 -49.62 -37.25
N ILE A 334 -9.22 -48.52 -37.68
CA ILE A 334 -8.53 -47.46 -38.41
C ILE A 334 -8.63 -46.19 -37.58
N GLU A 335 -7.49 -45.57 -37.31
CA GLU A 335 -7.42 -44.39 -36.44
C GLU A 335 -7.24 -43.13 -37.28
N LEU A 336 -8.20 -42.23 -37.20
CA LEU A 336 -8.08 -40.89 -37.77
C LEU A 336 -7.60 -39.94 -36.69
N ARG A 337 -6.48 -39.25 -36.95
CA ARG A 337 -5.80 -38.47 -35.93
C ARG A 337 -6.03 -36.97 -36.04
N CYS A 338 -6.59 -36.49 -37.14
CA CYS A 338 -6.86 -35.05 -37.28
C CYS A 338 -7.86 -34.47 -36.27
N PRO A 339 -9.01 -35.12 -35.93
CA PRO A 339 -10.03 -34.38 -35.17
C PRO A 339 -9.58 -34.02 -33.77
N ASP A 340 -10.14 -32.94 -33.26
CA ASP A 340 -9.91 -32.41 -31.93
C ASP A 340 -11.20 -32.52 -31.12
N PRO A 341 -11.12 -32.47 -29.78
CA PRO A 341 -12.32 -32.65 -28.96
C PRO A 341 -13.34 -31.51 -29.05
N ALA A 342 -13.09 -30.46 -29.84
CA ALA A 342 -14.07 -29.40 -30.02
C ALA A 342 -15.10 -29.72 -31.09
N CYS A 343 -14.91 -30.80 -31.85
CA CYS A 343 -15.82 -31.12 -32.94
C CYS A 343 -17.11 -31.74 -32.41
N ASN A 344 -18.14 -31.69 -33.25
CA ASN A 344 -19.40 -32.36 -32.97
C ASN A 344 -19.21 -33.83 -33.28
N PRO A 345 -19.25 -34.71 -32.28
CA PRO A 345 -19.00 -36.14 -32.54
C PRO A 345 -20.02 -36.78 -33.47
N TYR A 346 -21.29 -36.35 -33.41
CA TYR A 346 -22.30 -36.91 -34.31
C TYR A 346 -21.96 -36.62 -35.76
N LEU A 347 -21.73 -35.33 -36.08
CA LEU A 347 -21.41 -34.94 -37.44
C LEU A 347 -20.08 -35.52 -37.90
N ALA A 348 -19.07 -35.49 -37.01
CA ALA A 348 -17.74 -35.97 -37.39
C ALA A 348 -17.75 -37.47 -37.65
N PHE A 349 -18.34 -38.25 -36.74
CA PHE A 349 -18.39 -39.69 -36.92
C PHE A 349 -19.26 -40.07 -38.11
N ALA A 350 -20.36 -39.34 -38.33
CA ALA A 350 -21.18 -39.58 -39.51
C ALA A 350 -20.38 -39.33 -40.79
N LEU A 351 -19.58 -38.26 -40.81
CA LEU A 351 -18.83 -37.93 -42.01
C LEU A 351 -17.69 -38.93 -42.27
N MET A 352 -17.00 -39.37 -41.22
CA MET A 352 -16.00 -40.43 -41.42
C MET A 352 -16.65 -41.73 -41.90
N LEU A 353 -17.82 -42.07 -41.34
CA LEU A 353 -18.54 -43.25 -41.79
C LEU A 353 -18.91 -43.13 -43.26
N ARG A 354 -19.44 -41.98 -43.67
CA ARG A 354 -19.86 -41.80 -45.06
C ARG A 354 -18.68 -41.79 -46.01
N ALA A 355 -17.56 -41.19 -45.58
CA ALA A 355 -16.35 -41.21 -46.42
C ALA A 355 -15.82 -42.62 -46.60
N GLY A 356 -15.79 -43.41 -45.53
CA GLY A 356 -15.36 -44.79 -45.66
C GLY A 356 -16.31 -45.64 -46.48
N LEU A 357 -17.62 -45.41 -46.35
CA LEU A 357 -18.59 -46.13 -47.16
C LEU A 357 -18.47 -45.75 -48.63
N GLU A 358 -18.21 -44.47 -48.92
CA GLU A 358 -17.96 -44.05 -50.29
C GLU A 358 -16.70 -44.70 -50.84
N GLY A 359 -15.67 -44.83 -50.00
CA GLY A 359 -14.46 -45.52 -50.44
C GLY A 359 -14.71 -46.98 -50.74
N ILE A 360 -15.51 -47.65 -49.92
CA ILE A 360 -15.81 -49.06 -50.15
C ILE A 360 -16.69 -49.23 -51.39
N LYS A 361 -17.69 -48.36 -51.56
CA LYS A 361 -18.58 -48.47 -52.70
C LYS A 361 -17.87 -48.15 -54.02
N ASN A 362 -16.98 -47.15 -54.01
CA ASN A 362 -16.28 -46.74 -55.22
C ASN A 362 -14.93 -47.43 -55.39
N LYS A 363 -14.55 -48.31 -54.45
CA LYS A 363 -13.28 -49.05 -54.49
C LYS A 363 -12.09 -48.10 -54.62
N ILE A 364 -12.03 -47.11 -53.73
CA ILE A 364 -11.01 -46.07 -53.80
C ILE A 364 -9.72 -46.61 -53.21
N ASP A 365 -8.68 -46.65 -54.01
CA ASP A 365 -7.37 -47.12 -53.56
C ASP A 365 -6.69 -46.05 -52.71
N PRO A 366 -6.22 -46.40 -51.52
CA PRO A 366 -5.59 -45.39 -50.65
C PRO A 366 -4.17 -45.02 -51.04
N GLY A 367 -3.57 -45.72 -52.00
CA GLY A 367 -2.20 -45.49 -52.34
C GLY A 367 -1.24 -46.21 -51.40
N GLU A 368 0.05 -45.98 -51.64
CA GLU A 368 1.07 -46.60 -50.83
C GLU A 368 1.12 -45.96 -49.44
N PRO A 369 1.35 -46.75 -48.40
CA PRO A 369 1.51 -46.18 -47.06
C PRO A 369 2.81 -45.40 -46.94
N THR A 370 2.79 -44.39 -46.08
CA THR A 370 3.96 -43.55 -45.80
C THR A 370 4.54 -43.99 -44.46
N ASN A 371 5.63 -44.77 -44.52
CA ASN A 371 6.22 -45.36 -43.34
C ASN A 371 7.35 -44.53 -42.76
N VAL A 372 7.68 -43.39 -43.36
CA VAL A 372 8.76 -42.56 -42.89
C VAL A 372 8.18 -41.43 -42.04
N ASN A 373 9.03 -40.74 -41.30
CA ASN A 373 8.62 -39.59 -40.51
C ASN A 373 8.33 -38.45 -41.46
N ILE A 374 7.04 -38.21 -41.73
CA ILE A 374 6.62 -37.14 -42.61
C ILE A 374 6.95 -35.77 -42.04
N PHE A 375 7.03 -35.66 -40.71
CA PHE A 375 7.42 -34.40 -40.09
C PHE A 375 8.85 -34.02 -40.44
N HIS A 376 9.75 -34.99 -40.51
CA HIS A 376 11.13 -34.73 -40.89
C HIS A 376 11.31 -34.49 -42.37
N LEU A 377 10.32 -34.83 -43.19
CA LEU A 377 10.40 -34.57 -44.63
C LEU A 377 10.30 -33.08 -44.91
N SER A 378 10.84 -32.67 -46.04
CA SER A 378 10.70 -31.32 -46.53
C SER A 378 9.47 -31.22 -47.43
N ASP A 379 9.16 -29.98 -47.82
CA ASP A 379 8.02 -29.77 -48.74
C ASP A 379 8.29 -30.38 -50.10
N LYS A 380 9.54 -30.36 -50.55
CA LYS A 380 9.90 -30.98 -51.83
C LYS A 380 9.69 -32.49 -51.79
N GLU A 381 10.14 -33.14 -50.71
CA GLU A 381 9.97 -34.58 -50.60
C GLU A 381 8.50 -34.96 -50.46
N ARG A 382 7.72 -34.15 -49.73
CA ARG A 382 6.30 -34.43 -49.60
C ARG A 382 5.56 -34.19 -50.91
N GLU A 383 6.00 -33.22 -51.71
CA GLU A 383 5.41 -33.00 -53.02
C GLU A 383 5.76 -34.13 -53.99
N GLU A 384 6.97 -34.69 -53.86
CA GLU A 384 7.35 -35.81 -54.72
C GLU A 384 6.56 -37.07 -54.39
N ARG A 385 6.25 -37.27 -53.12
CA ARG A 385 5.43 -38.42 -52.72
C ARG A 385 3.93 -38.17 -52.91
N GLY A 386 3.53 -36.96 -53.30
CA GLY A 386 2.14 -36.66 -53.44
C GLY A 386 1.38 -36.52 -52.14
N ILE A 387 2.09 -36.22 -51.05
CA ILE A 387 1.46 -36.10 -49.74
C ILE A 387 0.82 -34.72 -49.65
N ARG A 388 -0.51 -34.68 -49.72
CA ARG A 388 -1.25 -33.43 -49.62
C ARG A 388 -1.42 -33.03 -48.15
N SER A 389 -1.89 -31.81 -47.94
CA SER A 389 -2.06 -31.26 -46.61
C SER A 389 -3.53 -30.97 -46.34
N LEU A 390 -3.88 -30.97 -45.06
CA LEU A 390 -5.18 -30.52 -44.62
C LEU A 390 -5.28 -29.01 -44.79
N PRO A 391 -6.51 -28.46 -44.78
CA PRO A 391 -6.66 -27.00 -44.82
C PRO A 391 -5.89 -26.32 -43.69
N ALA A 392 -5.22 -25.22 -44.04
CA ALA A 392 -4.31 -24.55 -43.11
C ALA A 392 -5.04 -23.76 -42.04
N ASP A 393 -6.25 -23.29 -42.31
CA ASP A 393 -7.00 -22.51 -41.33
C ASP A 393 -8.48 -22.84 -41.49
N LEU A 394 -9.31 -22.18 -40.68
CA LEU A 394 -10.74 -22.42 -40.72
C LEU A 394 -11.37 -21.93 -42.01
N LYS A 395 -10.88 -20.81 -42.57
CA LYS A 395 -11.44 -20.29 -43.82
C LYS A 395 -11.23 -21.26 -44.98
N GLU A 396 -10.04 -21.85 -45.07
CA GLU A 396 -9.77 -22.81 -46.14
C GLU A 396 -10.64 -24.05 -46.01
N ALA A 397 -10.85 -24.52 -44.77
CA ALA A 397 -11.71 -25.68 -44.56
C ALA A 397 -13.17 -25.35 -44.85
N ILE A 398 -13.60 -24.14 -44.53
CA ILE A 398 -14.95 -23.70 -44.88
C ILE A 398 -15.12 -23.68 -46.39
N ASP A 399 -14.12 -23.19 -47.11
CA ASP A 399 -14.18 -23.17 -48.57
C ASP A 399 -14.19 -24.58 -49.14
N GLU A 400 -13.41 -25.49 -48.55
CA GLU A 400 -13.40 -26.88 -48.99
C GLU A 400 -14.75 -27.55 -48.74
N MET A 401 -15.36 -27.28 -47.59
CA MET A 401 -16.64 -27.89 -47.26
C MET A 401 -17.77 -27.31 -48.10
N LYS A 402 -17.69 -26.03 -48.46
CA LYS A 402 -18.75 -25.36 -49.21
C LYS A 402 -18.96 -26.01 -50.57
N GLY A 403 -17.88 -26.35 -51.27
CA GLY A 403 -17.95 -26.96 -52.57
C GLY A 403 -18.08 -28.47 -52.57
N SER A 404 -18.25 -29.08 -51.40
CA SER A 404 -18.33 -30.53 -51.29
C SER A 404 -19.78 -30.98 -51.41
N LYS A 405 -20.08 -31.73 -52.47
CA LYS A 405 -21.40 -32.35 -52.57
C LYS A 405 -21.51 -33.56 -51.65
N PHE A 406 -20.38 -34.20 -51.34
CA PHE A 406 -20.39 -35.33 -50.42
C PHE A 406 -20.80 -34.90 -49.02
N VAL A 407 -20.21 -33.80 -48.53
CA VAL A 407 -20.53 -33.32 -47.19
C VAL A 407 -21.96 -32.80 -47.14
N LYS A 408 -22.40 -32.11 -48.20
CA LYS A 408 -23.77 -31.61 -48.25
C LYS A 408 -24.77 -32.76 -48.25
N GLU A 409 -24.47 -33.84 -48.99
CA GLU A 409 -25.36 -34.99 -49.00
C GLU A 409 -25.36 -35.71 -47.65
N ALA A 410 -24.19 -35.86 -47.03
CA ALA A 410 -24.09 -36.61 -45.79
C ALA A 410 -24.73 -35.85 -44.62
N LEU A 411 -24.58 -34.54 -44.57
CA LEU A 411 -25.08 -33.75 -43.46
C LEU A 411 -26.52 -33.29 -43.63
N GLY A 412 -27.02 -33.25 -44.86
CA GLY A 412 -28.32 -32.63 -45.10
C GLY A 412 -28.21 -31.14 -45.25
N GLU A 413 -29.20 -30.56 -45.96
CA GLU A 413 -29.11 -29.15 -46.33
C GLU A 413 -29.14 -28.23 -45.11
N HIS A 414 -29.99 -28.54 -44.13
CA HIS A 414 -30.11 -27.70 -42.94
C HIS A 414 -28.80 -27.63 -42.16
N VAL A 415 -28.24 -28.80 -41.82
CA VAL A 415 -27.00 -28.83 -41.05
C VAL A 415 -25.86 -28.20 -41.84
N PHE A 416 -25.77 -28.54 -43.13
CA PHE A 416 -24.73 -27.99 -43.99
C PHE A 416 -24.76 -26.46 -44.01
N SER A 417 -25.93 -25.90 -44.31
CA SER A 417 -26.06 -24.45 -44.43
C SER A 417 -25.84 -23.74 -43.10
N HIS A 418 -26.45 -24.25 -42.03
CA HIS A 418 -26.34 -23.57 -40.74
C HIS A 418 -24.93 -23.68 -40.16
N TYR A 419 -24.29 -24.85 -40.31
CA TYR A 419 -22.92 -25.03 -39.87
C TYR A 419 -21.98 -24.12 -40.63
N LEU A 420 -22.14 -24.04 -41.95
CA LEU A 420 -21.27 -23.16 -42.74
C LEU A 420 -21.50 -21.70 -42.38
N CYS A 421 -22.76 -21.31 -42.13
CA CYS A 421 -23.05 -19.94 -41.75
C CYS A 421 -22.41 -19.59 -40.41
N ALA A 422 -22.52 -20.49 -39.42
CA ALA A 422 -21.91 -20.24 -38.12
C ALA A 422 -20.39 -20.15 -38.23
N LYS A 423 -19.77 -21.05 -38.99
CA LYS A 423 -18.33 -21.01 -39.16
C LYS A 423 -17.87 -19.77 -39.91
N GLU A 424 -18.67 -19.32 -40.89
CA GLU A 424 -18.36 -18.11 -41.63
C GLU A 424 -18.42 -16.89 -40.72
N MET A 425 -19.45 -16.80 -39.87
CA MET A 425 -19.51 -15.69 -38.91
C MET A 425 -18.33 -15.71 -37.96
N GLU A 426 -17.96 -16.92 -37.48
CA GLU A 426 -16.82 -17.05 -36.58
C GLU A 426 -15.53 -16.58 -37.24
N TRP A 427 -15.29 -17.00 -38.48
CA TRP A 427 -14.07 -16.58 -39.16
C TRP A 427 -14.09 -15.10 -39.51
N ASP A 428 -15.26 -14.56 -39.85
CA ASP A 428 -15.35 -13.14 -40.19
C ASP A 428 -15.08 -12.28 -38.96
N GLU A 429 -15.54 -12.71 -37.80
CA GLU A 429 -15.18 -12.01 -36.56
C GLU A 429 -13.69 -12.15 -36.26
N TYR A 430 -13.13 -13.35 -36.44
CA TYR A 430 -11.73 -13.58 -36.10
C TYR A 430 -10.78 -12.79 -37.01
N LYS A 431 -11.09 -12.73 -38.31
CA LYS A 431 -10.15 -12.19 -39.28
C LYS A 431 -9.94 -10.69 -39.16
N ALA A 432 -10.84 -9.98 -38.48
CA ALA A 432 -10.70 -8.54 -38.31
C ALA A 432 -9.97 -8.14 -37.03
N VAL A 433 -9.70 -9.09 -36.14
CA VAL A 433 -9.13 -8.77 -34.84
C VAL A 433 -7.66 -8.40 -34.98
N VAL A 434 -7.26 -7.27 -34.40
CA VAL A 434 -5.86 -6.89 -34.30
C VAL A 434 -5.29 -7.54 -33.06
N HIS A 435 -4.46 -8.52 -33.25
CA HIS A 435 -3.94 -9.32 -32.15
C HIS A 435 -2.75 -8.64 -31.48
N PRO A 436 -2.53 -8.93 -30.19
CA PRO A 436 -1.34 -8.38 -29.52
C PRO A 436 -0.03 -8.81 -30.14
N TRP A 437 0.00 -9.95 -30.84
CA TRP A 437 1.20 -10.36 -31.56
C TRP A 437 1.57 -9.34 -32.62
N GLU A 438 0.58 -8.81 -33.34
CA GLU A 438 0.84 -7.81 -34.36
C GLU A 438 1.36 -6.51 -33.74
N LEU A 439 0.86 -6.15 -32.56
CA LEU A 439 1.39 -4.99 -31.86
C LEU A 439 2.84 -5.22 -31.43
N SER A 440 3.15 -6.42 -30.94
CA SER A 440 4.51 -6.72 -30.52
C SER A 440 5.47 -6.77 -31.70
N ARG A 441 4.98 -7.17 -32.88
CA ARG A 441 5.83 -7.33 -34.04
C ARG A 441 5.99 -6.06 -34.87
N TYR A 442 4.94 -5.26 -35.01
CA TYR A 442 4.91 -4.20 -35.99
C TYR A 442 4.91 -2.78 -35.42
N LEU A 443 4.46 -2.58 -34.18
CA LEU A 443 4.20 -1.22 -33.69
C LEU A 443 5.48 -0.40 -33.63
N SER A 444 6.55 -0.96 -33.08
CA SER A 444 7.81 -0.25 -32.95
C SER A 444 8.72 -0.40 -34.17
N MET A 445 8.31 -1.16 -35.19
CA MET A 445 8.95 -1.17 -36.49
C MET A 445 8.31 -0.24 -37.51
N LEU A 446 6.99 -0.20 -37.60
CA LEU A 446 6.33 0.55 -38.66
C LEU A 446 5.97 1.97 -38.22
N VAL B 1 14.02 24.82 -47.32
CA VAL B 1 14.11 25.94 -46.39
C VAL B 1 15.56 26.17 -45.98
N GLN B 2 16.03 27.39 -46.23
CA GLN B 2 17.35 27.93 -45.85
C GLN B 2 18.52 27.10 -46.40
N MET B 3 18.27 26.16 -47.31
CA MET B 3 19.33 25.35 -47.89
C MET B 3 18.86 24.87 -49.26
N LYS B 4 19.45 25.44 -50.32
CA LYS B 4 19.09 25.05 -51.67
C LYS B 4 19.50 23.61 -51.94
N LYS B 5 18.66 22.88 -52.67
CA LYS B 5 18.92 21.46 -52.92
C LYS B 5 20.17 21.29 -53.75
N CYS B 6 21.11 20.50 -53.23
CA CYS B 6 22.35 20.21 -53.92
C CYS B 6 22.10 19.25 -55.07
N THR B 7 22.88 19.40 -56.13
CA THR B 7 22.83 18.49 -57.27
C THR B 7 24.11 17.70 -57.46
N THR B 8 25.27 18.30 -57.22
CA THR B 8 26.56 17.65 -57.38
C THR B 8 27.23 17.49 -56.02
N LYS B 9 28.29 16.69 -56.00
CA LYS B 9 29.04 16.48 -54.76
C LYS B 9 29.76 17.75 -54.32
N GLU B 10 30.07 18.65 -55.25
CA GLU B 10 30.69 19.92 -54.88
C GLU B 10 29.72 20.79 -54.09
N ASP B 11 28.46 20.83 -54.51
CA ASP B 11 27.45 21.57 -53.74
C ASP B 11 27.27 20.96 -52.36
N VAL B 12 27.32 19.64 -52.26
CA VAL B 12 27.20 18.96 -50.97
C VAL B 12 28.38 19.34 -50.06
N LEU B 13 29.59 19.34 -50.60
CA LEU B 13 30.76 19.70 -49.80
C LEU B 13 30.71 21.16 -49.36
N GLU B 14 30.27 22.05 -50.25
CA GLU B 14 30.12 23.46 -49.88
C GLU B 14 29.06 23.64 -48.79
N ALA B 15 27.95 22.92 -48.90
CA ALA B 15 26.90 23.01 -47.89
C ALA B 15 27.37 22.45 -46.56
N VAL B 16 28.17 21.37 -46.59
CA VAL B 16 28.73 20.81 -45.37
C VAL B 16 29.66 21.81 -44.71
N LYS B 17 30.50 22.47 -45.52
CA LYS B 17 31.41 23.47 -44.97
C LYS B 17 30.67 24.66 -44.38
N GLU B 18 29.70 25.22 -45.12
CA GLU B 18 29.08 26.47 -44.70
C GLU B 18 27.99 26.30 -43.65
N ARG B 19 27.43 25.10 -43.48
CA ARG B 19 26.39 24.88 -42.49
C ARG B 19 26.90 24.17 -41.25
N ASP B 20 28.23 24.08 -41.07
CA ASP B 20 28.86 23.47 -39.91
C ASP B 20 28.39 22.03 -39.73
N VAL B 21 28.32 21.29 -40.82
CA VAL B 21 27.91 19.90 -40.79
C VAL B 21 29.10 19.05 -40.38
N LYS B 22 28.94 18.25 -39.33
CA LYS B 22 30.01 17.39 -38.86
C LYS B 22 29.73 15.90 -39.09
N PHE B 23 28.49 15.46 -38.95
CA PHE B 23 28.14 14.07 -39.10
C PHE B 23 27.28 13.87 -40.34
N ILE B 24 27.61 12.86 -41.13
CA ILE B 24 26.86 12.50 -42.32
C ILE B 24 26.25 11.13 -42.07
N ARG B 25 24.92 11.05 -42.13
CA ARG B 25 24.20 9.79 -42.01
C ARG B 25 24.05 9.20 -43.41
N THR B 26 24.96 8.29 -43.75
CA THR B 26 24.83 7.55 -45.01
C THR B 26 23.70 6.56 -44.87
N GLN B 27 22.72 6.65 -45.76
CA GLN B 27 21.47 5.93 -45.58
C GLN B 27 21.08 5.18 -46.85
N PHE B 28 20.39 4.06 -46.65
CA PHE B 28 19.75 3.32 -47.72
C PHE B 28 18.53 2.62 -47.15
N THR B 29 17.77 1.98 -48.03
CA THR B 29 16.55 1.28 -47.67
C THR B 29 16.76 -0.21 -47.91
N ASP B 30 16.38 -1.03 -46.92
CA ASP B 30 16.50 -2.47 -47.05
C ASP B 30 15.33 -3.02 -47.87
N THR B 31 15.30 -4.35 -48.01
CA THR B 31 14.30 -4.99 -48.87
C THR B 31 12.88 -4.76 -48.36
N LEU B 32 12.69 -4.75 -47.05
CA LEU B 32 11.36 -4.60 -46.46
C LEU B 32 10.96 -3.14 -46.26
N GLY B 33 11.80 -2.19 -46.65
CA GLY B 33 11.44 -0.79 -46.56
C GLY B 33 11.92 -0.05 -45.33
N ILE B 34 12.77 -0.65 -44.52
CA ILE B 34 13.28 -0.01 -43.31
C ILE B 34 14.53 0.78 -43.65
N ILE B 35 14.58 2.03 -43.20
CA ILE B 35 15.75 2.87 -43.45
C ILE B 35 16.93 2.33 -42.66
N LYS B 36 18.07 2.20 -43.33
CA LYS B 36 19.31 1.75 -42.70
C LYS B 36 20.33 2.88 -42.73
N SER B 37 20.86 3.23 -41.57
CA SER B 37 21.67 4.42 -41.42
C SER B 37 22.91 4.14 -40.60
N TRP B 38 24.02 4.78 -40.97
CA TRP B 38 25.19 4.85 -40.11
C TRP B 38 25.90 6.17 -40.37
N ALA B 39 26.56 6.67 -39.33
CA ALA B 39 27.13 8.00 -39.33
C ALA B 39 28.62 7.95 -39.64
N ILE B 40 29.05 8.78 -40.59
CA ILE B 40 30.47 8.99 -40.86
C ILE B 40 30.76 10.47 -40.61
N PRO B 41 31.98 10.83 -40.21
CA PRO B 41 32.30 12.25 -40.08
C PRO B 41 32.30 12.95 -41.42
N ALA B 42 32.04 14.26 -41.37
CA ALA B 42 32.03 15.05 -42.60
C ALA B 42 33.42 15.15 -43.23
N GLU B 43 34.48 14.92 -42.43
CA GLU B 43 35.82 14.90 -42.98
C GLU B 43 36.02 13.72 -43.94
N GLN B 44 35.31 12.62 -43.71
CA GLN B 44 35.39 11.46 -44.58
C GLN B 44 34.46 11.53 -45.78
N LEU B 45 33.69 12.62 -45.91
CA LEU B 45 32.67 12.68 -46.95
C LEU B 45 33.28 12.77 -48.35
N GLU B 46 34.39 13.48 -48.49
CA GLU B 46 35.04 13.57 -49.79
C GLU B 46 35.55 12.21 -50.26
N GLU B 47 36.11 11.42 -49.35
CA GLU B 47 36.54 10.06 -49.69
C GLU B 47 35.34 9.16 -49.94
N ALA B 48 34.24 9.38 -49.21
CA ALA B 48 33.04 8.58 -49.41
C ALA B 48 32.39 8.86 -50.75
N PHE B 49 32.51 10.08 -51.26
CA PHE B 49 31.96 10.41 -52.57
C PHE B 49 32.73 9.77 -53.71
N GLU B 50 33.99 9.40 -53.49
CA GLU B 50 34.82 8.80 -54.53
C GLU B 50 34.87 7.27 -54.44
N ASN B 51 35.11 6.73 -53.25
CA ASN B 51 35.26 5.29 -53.08
C ASN B 51 34.00 4.60 -52.56
N GLY B 52 32.95 5.36 -52.25
CA GLY B 52 31.79 4.80 -51.61
C GLY B 52 32.02 4.58 -50.13
N VAL B 53 30.98 4.07 -49.47
CA VAL B 53 31.06 3.73 -48.05
C VAL B 53 30.86 2.23 -47.93
N MET B 54 31.85 1.55 -47.38
CA MET B 54 31.81 0.10 -47.28
C MET B 54 31.05 -0.32 -46.04
N PHE B 55 30.24 -1.38 -46.17
CA PHE B 55 29.48 -1.87 -45.04
C PHE B 55 29.20 -3.37 -45.21
N ASP B 56 28.83 -4.00 -44.12
CA ASP B 56 28.51 -5.43 -44.09
C ASP B 56 27.03 -5.62 -44.41
N GLY B 57 26.74 -6.33 -45.50
CA GLY B 57 25.38 -6.58 -45.92
C GLY B 57 24.72 -7.81 -45.39
N SER B 58 25.46 -8.68 -44.69
CA SER B 58 24.86 -9.89 -44.14
C SER B 58 23.97 -9.62 -42.95
N SER B 59 24.12 -8.46 -42.30
CA SER B 59 23.26 -8.07 -41.20
C SER B 59 22.04 -7.27 -41.66
N ILE B 60 21.88 -7.10 -42.96
CA ILE B 60 20.73 -6.42 -43.54
C ILE B 60 19.82 -7.47 -44.17
N GLN B 61 18.54 -7.45 -43.80
CA GLN B 61 17.60 -8.44 -44.31
C GLN B 61 17.37 -8.25 -45.81
N GLY B 62 17.38 -9.36 -46.54
CA GLY B 62 17.19 -9.34 -47.98
C GLY B 62 18.43 -9.05 -48.79
N PHE B 63 19.54 -8.73 -48.13
CA PHE B 63 20.80 -8.41 -48.77
C PHE B 63 21.66 -9.66 -48.90
N THR B 64 22.96 -9.47 -49.12
CA THR B 64 23.86 -10.57 -49.45
C THR B 64 24.02 -11.54 -48.28
N ARG B 65 24.60 -12.69 -48.58
CA ARG B 65 24.86 -13.76 -47.63
C ARG B 65 26.18 -13.51 -46.89
N ILE B 66 26.38 -14.27 -45.81
CA ILE B 66 27.53 -14.05 -44.94
C ILE B 66 28.84 -14.43 -45.60
N GLU B 67 28.79 -15.28 -46.63
CA GLU B 67 30.03 -15.69 -47.31
C GLU B 67 30.56 -14.60 -48.21
N GLU B 68 29.68 -13.81 -48.83
CA GLU B 68 30.06 -12.69 -49.68
C GLU B 68 29.23 -11.50 -49.22
N SER B 69 29.70 -10.81 -48.18
CA SER B 69 28.86 -9.85 -47.47
C SER B 69 29.39 -8.42 -47.52
N ASP B 70 30.54 -8.18 -48.15
CA ASP B 70 31.06 -6.82 -48.26
C ASP B 70 30.25 -6.05 -49.29
N MET B 71 29.77 -4.87 -48.92
CA MET B 71 28.94 -4.06 -49.79
C MET B 71 29.39 -2.61 -49.72
N LYS B 72 29.08 -1.85 -50.76
CA LYS B 72 29.46 -0.45 -50.87
C LYS B 72 28.22 0.40 -51.14
N LEU B 73 28.13 1.54 -50.45
CA LEU B 73 27.07 2.50 -50.69
C LEU B 73 27.61 3.66 -51.52
N ALA B 74 27.04 3.85 -52.70
CA ALA B 74 27.40 4.97 -53.58
C ALA B 74 26.46 6.13 -53.27
N LEU B 75 26.99 7.19 -52.68
CA LEU B 75 26.16 8.30 -52.22
C LEU B 75 25.58 9.08 -53.38
N ASP B 76 24.32 9.49 -53.23
CA ASP B 76 23.65 10.32 -54.22
C ASP B 76 23.64 11.75 -53.71
N PRO B 77 24.39 12.67 -54.33
CA PRO B 77 24.47 14.04 -53.80
C PRO B 77 23.14 14.79 -53.78
N SER B 78 22.22 14.48 -54.69
CA SER B 78 20.94 15.17 -54.73
C SER B 78 20.08 14.90 -53.50
N THR B 79 20.34 13.81 -52.79
CA THR B 79 19.58 13.46 -51.60
C THR B 79 20.15 14.07 -50.32
N PHE B 80 21.21 14.86 -50.43
CA PHE B 80 21.83 15.47 -49.26
C PHE B 80 20.85 16.41 -48.56
N ARG B 81 20.64 16.17 -47.27
CA ARG B 81 19.69 16.94 -46.49
C ARG B 81 20.17 17.02 -45.05
N ILE B 82 20.02 18.19 -44.45
CA ILE B 82 20.40 18.42 -43.07
C ILE B 82 19.20 18.15 -42.17
N LEU B 83 19.40 17.35 -41.13
CA LEU B 83 18.31 17.00 -40.23
C LEU B 83 18.06 18.15 -39.26
N PRO B 84 16.86 18.74 -39.24
CA PRO B 84 16.63 19.91 -38.40
C PRO B 84 16.45 19.60 -36.92
N TRP B 85 16.05 18.38 -36.57
CA TRP B 85 15.88 18.03 -35.16
C TRP B 85 17.20 17.71 -34.47
N ARG B 86 18.27 17.55 -35.23
CA ARG B 86 19.63 17.39 -34.74
C ARG B 86 20.23 18.76 -34.45
N PRO B 87 21.26 18.84 -33.60
CA PRO B 87 21.81 20.17 -33.24
C PRO B 87 22.38 20.91 -34.44
N ALA B 88 22.22 22.23 -34.44
CA ALA B 88 22.69 23.06 -35.53
C ALA B 88 24.20 23.26 -35.50
N THR B 89 24.80 23.30 -34.31
CA THR B 89 26.24 23.40 -34.17
C THR B 89 26.82 21.98 -34.22
N GLY B 90 27.72 21.74 -35.18
CA GLY B 90 28.10 20.39 -35.48
C GLY B 90 26.93 19.65 -36.08
N ALA B 91 26.38 20.22 -37.16
CA ALA B 91 25.11 19.77 -37.71
C ALA B 91 25.22 18.34 -38.26
N VAL B 92 24.08 17.66 -38.28
CA VAL B 92 23.97 16.30 -38.76
C VAL B 92 23.17 16.33 -40.05
N ALA B 93 23.72 15.71 -41.10
CA ALA B 93 23.07 15.63 -42.39
C ALA B 93 22.96 14.18 -42.82
N ARG B 94 22.02 13.92 -43.72
CA ARG B 94 21.84 12.60 -44.30
C ARG B 94 22.14 12.65 -45.79
N ILE B 95 22.65 11.53 -46.31
CA ILE B 95 22.76 11.31 -47.75
C ILE B 95 22.24 9.90 -48.03
N LEU B 96 21.27 9.82 -48.93
CA LEU B 96 20.83 8.52 -49.41
C LEU B 96 21.80 8.00 -50.47
N GLY B 97 21.90 6.69 -50.57
CA GLY B 97 22.85 6.08 -51.49
C GLY B 97 22.25 4.89 -52.20
N ASP B 98 22.99 4.44 -53.21
CA ASP B 98 22.68 3.22 -53.95
C ASP B 98 23.66 2.13 -53.53
N VAL B 99 23.13 0.94 -53.26
CA VAL B 99 23.96 -0.16 -52.79
C VAL B 99 24.64 -0.81 -53.98
N TYR B 100 25.95 -0.98 -53.89
CA TYR B 100 26.76 -1.55 -54.97
C TYR B 100 27.56 -2.72 -54.44
N LEU B 101 27.81 -3.68 -55.33
CA LEU B 101 28.74 -4.75 -55.06
C LEU B 101 30.18 -4.23 -55.17
N PRO B 102 31.14 -4.89 -54.51
CA PRO B 102 32.53 -4.40 -54.55
C PRO B 102 33.14 -4.38 -55.96
N ASP B 103 32.62 -5.17 -56.90
CA ASP B 103 33.13 -5.17 -58.25
C ASP B 103 32.61 -4.00 -59.10
N GLY B 104 31.91 -3.04 -58.49
CA GLY B 104 31.42 -1.88 -59.18
C GLY B 104 30.02 -2.01 -59.77
N ASN B 105 29.44 -3.20 -59.75
CA ASN B 105 28.09 -3.33 -60.27
C ASN B 105 27.07 -2.99 -59.19
N PRO B 106 25.92 -2.43 -59.58
CA PRO B 106 24.86 -2.17 -58.60
C PRO B 106 24.32 -3.47 -58.03
N PHE B 107 23.92 -3.41 -56.76
CA PHE B 107 23.29 -4.56 -56.12
C PHE B 107 21.87 -4.69 -56.62
N LYS B 108 21.56 -5.84 -57.25
CA LYS B 108 20.22 -6.05 -57.79
C LYS B 108 19.18 -6.28 -56.70
N GLY B 109 19.61 -6.55 -55.47
CA GLY B 109 18.70 -6.63 -54.34
C GLY B 109 18.36 -5.30 -53.71
N ASP B 110 18.89 -4.21 -54.24
CA ASP B 110 18.59 -2.87 -53.74
C ASP B 110 17.23 -2.43 -54.24
N PRO B 111 16.28 -2.10 -53.36
CA PRO B 111 14.97 -1.61 -53.83
C PRO B 111 15.04 -0.34 -54.64
N ARG B 112 15.98 0.56 -54.31
CA ARG B 112 16.18 1.75 -55.11
C ARG B 112 16.63 1.39 -56.52
N TYR B 113 17.46 0.35 -56.65
CA TYR B 113 17.83 -0.14 -57.98
C TYR B 113 16.63 -0.68 -58.73
N VAL B 114 15.71 -1.34 -58.02
CA VAL B 114 14.50 -1.86 -58.66
C VAL B 114 13.64 -0.70 -59.18
N LEU B 115 13.50 0.35 -58.39
CA LEU B 115 12.76 1.53 -58.83
C LEU B 115 13.44 2.20 -60.03
N LYS B 116 14.78 2.29 -59.99
CA LYS B 116 15.52 2.85 -61.11
C LYS B 116 15.33 2.01 -62.38
N THR B 117 15.29 0.70 -62.23
CA THR B 117 15.05 -0.18 -63.37
C THR B 117 13.65 0.04 -63.95
N ALA B 118 12.66 0.21 -63.08
CA ALA B 118 11.31 0.54 -63.55
C ALA B 118 11.28 1.89 -64.26
N ILE B 119 12.04 2.87 -63.74
CA ILE B 119 12.12 4.18 -64.36
C ILE B 119 12.75 4.09 -65.75
N LYS B 120 13.81 3.29 -65.87
CA LYS B 120 14.44 3.08 -67.18
C LYS B 120 13.48 2.38 -68.14
N GLU B 121 12.71 1.42 -67.63
CA GLU B 121 11.71 0.75 -68.47
C GLU B 121 10.66 1.74 -68.96
N ALA B 122 10.23 2.64 -68.09
CA ALA B 122 9.27 3.67 -68.50
C ALA B 122 9.89 4.63 -69.52
N GLU B 123 11.16 5.00 -69.33
CA GLU B 123 11.82 5.93 -70.24
C GLU B 123 12.07 5.31 -71.60
N LYS B 124 12.23 3.98 -71.66
CA LYS B 124 12.34 3.30 -72.95
C LYS B 124 11.08 3.46 -73.79
N MET B 125 9.93 3.67 -73.16
CA MET B 125 8.69 4.00 -73.85
C MET B 125 8.40 5.48 -73.84
N GLY B 126 9.34 6.32 -73.39
CA GLY B 126 9.16 7.75 -73.36
C GLY B 126 8.37 8.29 -72.19
N PHE B 127 8.11 7.47 -71.18
CA PHE B 127 7.27 7.86 -70.07
C PHE B 127 8.10 8.21 -68.84
N SER B 128 7.63 9.21 -68.09
CA SER B 128 8.19 9.55 -66.80
C SER B 128 7.05 9.59 -65.78
N MET B 129 7.29 9.03 -64.60
CA MET B 129 6.25 8.82 -63.61
C MET B 129 6.37 9.86 -62.51
N ASN B 130 5.24 10.48 -62.16
CA ASN B 130 5.14 11.36 -61.02
C ASN B 130 4.19 10.74 -60.00
N VAL B 131 4.61 10.69 -58.75
CA VAL B 131 3.83 10.02 -57.70
C VAL B 131 3.53 11.03 -56.59
N GLY B 132 2.26 11.15 -56.23
CA GLY B 132 1.86 11.86 -55.05
C GLY B 132 1.27 10.92 -54.02
N PRO B 133 2.03 10.62 -52.97
CA PRO B 133 1.52 9.72 -51.92
C PRO B 133 0.85 10.48 -50.78
N GLU B 134 -0.20 9.86 -50.23
CA GLU B 134 -0.94 10.41 -49.11
C GLU B 134 -0.80 9.43 -47.94
N LEU B 135 0.06 9.75 -47.00
CA LEU B 135 0.37 8.86 -45.88
C LEU B 135 -0.44 9.25 -44.66
N GLU B 136 -1.05 8.26 -44.02
CA GLU B 136 -1.69 8.42 -42.73
C GLU B 136 -0.82 7.79 -41.65
N PHE B 137 -0.80 8.40 -40.48
CA PHE B 137 -0.07 7.85 -39.35
C PHE B 137 -0.83 8.14 -38.06
N PHE B 138 -0.48 7.40 -37.03
CA PHE B 138 -1.05 7.57 -35.70
C PHE B 138 0.00 8.18 -34.78
N LEU B 139 -0.43 9.06 -33.89
CA LEU B 139 0.42 9.54 -32.81
C LEU B 139 -0.08 8.92 -31.51
N PHE B 140 0.77 8.09 -30.90
CA PHE B 140 0.47 7.44 -29.64
C PHE B 140 1.38 7.98 -28.54
N LYS B 141 1.00 7.71 -27.31
CA LYS B 141 1.83 8.08 -26.18
C LYS B 141 3.04 7.14 -26.07
N LEU B 142 4.09 7.65 -25.44
CA LEU B 142 5.20 6.81 -25.02
C LEU B 142 5.02 6.44 -23.56
N ASP B 143 5.62 5.32 -23.17
CA ASP B 143 5.58 4.89 -21.78
C ASP B 143 6.66 5.62 -20.99
N ALA B 144 6.91 5.17 -19.76
CA ALA B 144 7.92 5.82 -18.92
C ALA B 144 9.33 5.64 -19.49
N ASN B 145 9.56 4.55 -20.23
CA ASN B 145 10.86 4.27 -20.82
C ASN B 145 11.01 4.87 -22.22
N GLY B 146 10.01 5.61 -22.70
CA GLY B 146 10.08 6.16 -24.03
C GLY B 146 9.83 5.16 -25.14
N ASN B 147 9.23 4.02 -24.82
CA ASN B 147 8.90 2.97 -25.76
C ASN B 147 7.51 3.19 -26.34
N PRO B 148 7.26 2.72 -27.57
CA PRO B 148 5.96 2.94 -28.20
C PRO B 148 4.83 2.20 -27.48
N THR B 149 3.67 2.84 -27.45
CA THR B 149 2.42 2.23 -27.00
C THR B 149 1.37 2.43 -28.10
N THR B 150 0.14 2.04 -27.81
CA THR B 150 -1.01 2.37 -28.64
C THR B 150 -1.99 3.29 -27.91
N GLU B 151 -1.54 3.93 -26.84
CA GLU B 151 -2.40 4.81 -26.07
C GLU B 151 -2.74 6.05 -26.88
N LEU B 152 -4.03 6.36 -26.94
CA LEU B 152 -4.51 7.45 -27.78
C LEU B 152 -4.06 8.81 -27.23
N THR B 153 -3.64 9.69 -28.14
CA THR B 153 -3.31 11.05 -27.77
C THR B 153 -4.50 11.99 -27.82
N ASP B 154 -5.50 11.67 -28.64
CA ASP B 154 -6.76 12.40 -28.66
C ASP B 154 -7.85 11.48 -29.16
N GLN B 155 -9.10 11.93 -28.98
CA GLN B 155 -10.27 11.22 -29.47
C GLN B 155 -10.92 11.94 -30.64
N GLY B 156 -10.12 12.73 -31.39
CA GLY B 156 -10.66 13.50 -32.48
C GLY B 156 -10.98 12.66 -33.71
N GLY B 157 -11.70 13.28 -34.63
CA GLY B 157 -12.08 12.63 -35.87
C GLY B 157 -11.59 13.40 -37.08
N TYR B 158 -12.21 13.16 -38.23
CA TYR B 158 -11.78 13.79 -39.47
C TYR B 158 -11.99 15.30 -39.42
N PHE B 159 -10.93 16.05 -39.73
CA PHE B 159 -10.94 17.50 -39.79
C PHE B 159 -11.33 18.13 -38.45
N ASP B 160 -11.04 17.45 -37.35
CA ASP B 160 -11.40 17.99 -36.04
C ASP B 160 -10.44 19.09 -35.61
N PHE B 161 -10.94 19.97 -34.75
CA PHE B 161 -10.26 21.16 -34.28
C PHE B 161 -10.26 21.14 -32.76
N ALA B 162 -9.92 22.29 -32.15
CA ALA B 162 -10.14 22.57 -30.73
C ALA B 162 -9.20 21.71 -29.91
N PRO B 163 -9.48 21.37 -28.64
CA PRO B 163 -8.79 20.23 -28.03
C PRO B 163 -9.33 18.86 -28.40
N LEU B 164 -10.26 18.75 -29.35
CA LEU B 164 -10.58 17.43 -29.90
C LEU B 164 -9.39 16.85 -30.64
N ASP B 165 -8.76 17.67 -31.48
CA ASP B 165 -7.45 17.36 -32.03
C ASP B 165 -6.39 17.93 -31.10
N ARG B 166 -5.47 17.08 -30.64
CA ARG B 166 -4.49 17.49 -29.65
C ARG B 166 -3.07 17.42 -30.18
N ALA B 167 -2.89 17.42 -31.50
CA ALA B 167 -1.57 17.29 -32.10
C ALA B 167 -1.27 18.40 -33.11
N GLN B 168 -1.82 19.60 -32.90
CA GLN B 168 -1.51 20.71 -33.80
C GLN B 168 -0.04 21.11 -33.68
N ASP B 169 0.53 21.05 -32.48
CA ASP B 169 1.94 21.37 -32.30
C ASP B 169 2.84 20.32 -32.94
N VAL B 170 2.48 19.05 -32.81
CA VAL B 170 3.26 17.98 -33.43
C VAL B 170 3.23 18.11 -34.94
N ARG B 171 2.04 18.35 -35.51
CA ARG B 171 1.93 18.50 -36.95
C ARG B 171 2.65 19.75 -37.42
N ARG B 172 2.62 20.81 -36.63
CA ARG B 172 3.34 22.04 -36.95
C ARG B 172 4.85 21.80 -37.01
N ASP B 173 5.39 21.11 -36.01
CA ASP B 173 6.82 20.83 -35.99
C ASP B 173 7.21 19.84 -37.09
N ILE B 174 6.35 18.88 -37.39
CA ILE B 174 6.59 17.98 -38.51
C ILE B 174 6.64 18.75 -39.82
N ASP B 175 5.69 19.68 -40.01
CA ASP B 175 5.66 20.49 -41.23
C ASP B 175 6.93 21.33 -41.36
N TYR B 176 7.35 21.94 -40.25
CA TYR B 176 8.59 22.73 -40.26
C TYR B 176 9.79 21.86 -40.63
N ALA B 177 9.90 20.68 -40.01
CA ALA B 177 11.01 19.79 -40.31
C ALA B 177 10.99 19.32 -41.75
N LEU B 178 9.80 19.00 -42.27
CA LEU B 178 9.68 18.53 -43.65
C LEU B 178 10.06 19.62 -44.63
N GLU B 179 9.62 20.86 -44.40
CA GLU B 179 10.05 21.97 -45.23
C GLU B 179 11.55 22.19 -45.15
N HIS B 180 12.15 21.96 -43.97
CA HIS B 180 13.60 21.98 -43.86
C HIS B 180 14.26 20.89 -44.69
N MET B 181 13.65 19.71 -44.79
CA MET B 181 14.17 18.62 -45.62
C MET B 181 13.69 18.70 -47.06
N GLY B 182 13.26 19.86 -47.52
CA GLY B 182 12.92 20.05 -48.91
C GLY B 182 11.51 19.67 -49.32
N PHE B 183 10.67 19.25 -48.39
CA PHE B 183 9.29 18.93 -48.74
C PHE B 183 8.50 20.21 -48.99
N GLN B 184 7.49 20.10 -49.85
CA GLN B 184 6.53 21.16 -50.08
C GLN B 184 5.19 20.70 -49.51
N ILE B 185 4.89 21.16 -48.30
CA ILE B 185 3.65 20.76 -47.62
C ILE B 185 2.45 21.35 -48.35
N GLU B 186 1.42 20.53 -48.52
CA GLU B 186 0.16 20.96 -49.12
C GLU B 186 -0.97 21.09 -48.11
N ALA B 187 -1.12 20.11 -47.23
CA ALA B 187 -2.17 20.14 -46.22
C ALA B 187 -1.78 19.24 -45.07
N SER B 188 -2.38 19.51 -43.90
CA SER B 188 -2.17 18.69 -42.73
C SER B 188 -3.44 18.75 -41.88
N HIS B 189 -3.88 17.60 -41.39
CA HIS B 189 -5.14 17.55 -40.65
C HIS B 189 -5.18 16.30 -39.78
N HIS B 190 -6.16 16.28 -38.89
CA HIS B 190 -6.53 15.08 -38.17
C HIS B 190 -7.36 14.18 -39.07
N GLU B 191 -7.08 12.88 -39.03
CA GLU B 191 -7.75 11.93 -39.89
C GLU B 191 -8.95 11.32 -39.17
N VAL B 192 -9.59 10.33 -39.81
CA VAL B 192 -10.85 9.78 -39.31
C VAL B 192 -10.67 9.11 -37.95
N ALA B 193 -9.69 8.23 -37.84
CA ALA B 193 -9.48 7.49 -36.61
C ALA B 193 -8.96 8.41 -35.51
N PRO B 194 -9.22 8.07 -34.24
CA PRO B 194 -8.64 8.84 -33.14
C PRO B 194 -7.12 8.78 -33.19
N SER B 195 -6.49 9.92 -32.88
CA SER B 195 -5.03 10.08 -32.85
C SER B 195 -4.39 9.81 -34.21
N GLN B 196 -5.17 9.92 -35.30
CA GLN B 196 -4.67 9.66 -36.64
C GLN B 196 -4.58 10.97 -37.41
N HIS B 197 -3.49 11.14 -38.16
CA HIS B 197 -3.19 12.40 -38.81
C HIS B 197 -2.64 12.16 -40.21
N GLU B 198 -2.92 13.10 -41.10
CA GLU B 198 -2.43 13.07 -42.46
C GLU B 198 -1.71 14.37 -42.76
N ILE B 199 -0.51 14.27 -43.31
CA ILE B 199 0.25 15.43 -43.78
C ILE B 199 0.58 15.18 -45.24
N ASP B 200 0.08 16.05 -46.11
CA ASP B 200 0.26 15.90 -47.54
C ASP B 200 1.38 16.82 -48.03
N PHE B 201 2.29 16.25 -48.81
CA PHE B 201 3.35 17.02 -49.44
C PHE B 201 3.19 16.92 -50.95
N ARG B 202 3.84 17.84 -51.66
CA ARG B 202 3.70 17.91 -53.11
C ARG B 202 4.28 16.68 -53.78
N PHE B 203 3.70 16.33 -54.92
CA PHE B 203 4.17 15.22 -55.72
C PHE B 203 5.53 15.55 -56.35
N GLY B 204 6.15 14.52 -56.91
CA GLY B 204 7.39 14.70 -57.63
C GLY B 204 7.66 13.48 -58.47
N ASP B 205 8.85 13.45 -59.06
CA ASP B 205 9.28 12.26 -59.80
C ASP B 205 9.38 11.08 -58.83
N VAL B 206 9.17 9.88 -59.38
CA VAL B 206 8.87 8.71 -58.55
C VAL B 206 10.04 8.33 -57.65
N LEU B 207 11.28 8.47 -58.15
CA LEU B 207 12.45 8.18 -57.33
C LEU B 207 12.55 9.15 -56.16
N CYS B 208 12.44 10.45 -56.44
CA CYS B 208 12.43 11.46 -55.39
C CYS B 208 11.22 11.26 -54.48
N THR B 209 10.10 10.78 -55.01
CA THR B 209 8.92 10.57 -54.19
C THR B 209 9.12 9.41 -53.21
N ALA B 210 9.74 8.31 -53.65
CA ALA B 210 10.02 7.20 -52.73
C ALA B 210 11.04 7.59 -51.68
N ASP B 211 12.06 8.35 -52.09
CA ASP B 211 12.98 8.94 -51.12
C ASP B 211 12.22 9.81 -50.11
N ASN B 212 11.26 10.59 -50.60
CA ASN B 212 10.44 11.42 -49.74
C ASN B 212 9.57 10.59 -48.81
N VAL B 213 9.11 9.43 -49.26
CA VAL B 213 8.27 8.59 -48.41
C VAL B 213 9.06 8.04 -47.24
N VAL B 214 10.24 7.48 -47.50
CA VAL B 214 11.05 6.96 -46.39
C VAL B 214 11.53 8.10 -45.50
N THR B 215 11.92 9.24 -46.10
CA THR B 215 12.32 10.40 -45.33
C THR B 215 11.17 10.92 -44.47
N PHE B 216 9.97 11.00 -45.03
CA PHE B 216 8.80 11.47 -44.30
C PHE B 216 8.52 10.57 -43.12
N LYS B 217 8.60 9.26 -43.31
CA LYS B 217 8.34 8.34 -42.21
C LYS B 217 9.33 8.56 -41.07
N TYR B 218 10.63 8.62 -41.37
CA TYR B 218 11.55 8.76 -40.25
C TYR B 218 11.56 10.17 -39.68
N VAL B 219 11.25 11.20 -40.48
CA VAL B 219 11.15 12.57 -39.97
C VAL B 219 9.96 12.69 -39.01
N VAL B 220 8.81 12.13 -39.40
CA VAL B 220 7.63 12.16 -38.54
C VAL B 220 7.91 11.40 -37.24
N LYS B 221 8.58 10.24 -37.35
CA LYS B 221 8.91 9.49 -36.14
C LYS B 221 9.87 10.25 -35.22
N SER B 222 10.89 10.89 -35.79
CA SER B 222 11.84 11.64 -34.96
C SER B 222 11.16 12.84 -34.29
N ILE B 223 10.38 13.61 -35.04
CA ILE B 223 9.71 14.77 -34.47
C ILE B 223 8.72 14.35 -33.39
N ALA B 224 7.96 13.27 -33.63
CA ALA B 224 7.05 12.78 -32.62
C ALA B 224 7.80 12.32 -31.38
N TYR B 225 8.94 11.65 -31.56
CA TYR B 225 9.71 11.17 -30.42
C TYR B 225 10.22 12.34 -29.57
N HIS B 226 10.71 13.40 -30.21
CA HIS B 226 11.26 14.51 -29.43
C HIS B 226 10.20 15.32 -28.71
N LYS B 227 8.93 15.18 -29.08
CA LYS B 227 7.83 15.79 -28.34
C LYS B 227 7.18 14.83 -27.36
N GLY B 228 7.76 13.64 -27.16
CA GLY B 228 7.22 12.68 -26.22
C GLY B 228 6.12 11.80 -26.76
N TYR B 229 6.02 11.65 -28.08
CA TYR B 229 4.99 10.85 -28.71
C TYR B 229 5.64 9.76 -29.56
N TYR B 230 4.83 8.82 -30.01
CA TYR B 230 5.26 7.82 -30.97
C TYR B 230 4.44 7.95 -32.24
N ALA B 231 5.11 8.06 -33.37
CA ALA B 231 4.46 8.08 -34.67
C ALA B 231 4.43 6.66 -35.22
N SER B 232 3.22 6.15 -35.43
CA SER B 232 3.03 4.77 -35.89
C SER B 232 2.52 4.79 -37.33
N PHE B 233 3.24 4.11 -38.21
CA PHE B 233 2.77 3.85 -39.56
C PHE B 233 2.26 2.43 -39.72
N MET B 234 1.80 1.82 -38.63
CA MET B 234 1.16 0.52 -38.69
C MET B 234 -0.14 0.62 -39.48
N PRO B 235 -0.42 -0.33 -40.37
CA PRO B 235 -1.65 -0.25 -41.18
C PRO B 235 -2.93 -0.26 -40.36
N LYS B 236 -2.97 -1.00 -39.26
CA LYS B 236 -4.16 -1.11 -38.42
C LYS B 236 -3.74 -1.37 -36.98
N PRO B 237 -3.27 -0.35 -36.27
CA PRO B 237 -2.86 -0.56 -34.88
C PRO B 237 -4.01 -0.81 -33.93
N LEU B 238 -5.20 -0.32 -34.25
CA LEU B 238 -6.35 -0.41 -33.36
C LEU B 238 -7.53 -1.03 -34.08
N PHE B 239 -8.30 -1.85 -33.37
CA PHE B 239 -9.50 -2.43 -33.92
C PHE B 239 -10.68 -1.47 -33.78
N GLY B 240 -11.56 -1.49 -34.77
CA GLY B 240 -12.79 -0.73 -34.73
C GLY B 240 -12.70 0.68 -35.25
N VAL B 241 -11.50 1.19 -35.50
CA VAL B 241 -11.30 2.52 -36.04
C VAL B 241 -10.60 2.40 -37.38
N ASN B 242 -10.48 3.52 -38.07
CA ASN B 242 -9.89 3.54 -39.40
C ASN B 242 -8.42 3.16 -39.35
N GLY B 243 -7.99 2.38 -40.34
CA GLY B 243 -6.59 2.08 -40.53
C GLY B 243 -5.88 3.17 -41.31
N SER B 244 -4.56 3.06 -41.37
CA SER B 244 -3.73 3.99 -42.11
C SER B 244 -3.34 3.38 -43.46
N GLY B 245 -3.64 4.10 -44.54
CA GLY B 245 -3.25 3.71 -45.87
C GLY B 245 -2.28 4.71 -46.47
N MET B 246 -1.75 4.35 -47.63
CA MET B 246 -0.90 5.23 -48.43
C MET B 246 -1.53 5.32 -49.81
N HIS B 247 -2.43 6.29 -50.00
CA HIS B 247 -3.03 6.51 -51.30
C HIS B 247 -1.98 7.02 -52.27
N SER B 248 -1.82 6.33 -53.39
CA SER B 248 -0.73 6.58 -54.33
C SER B 248 -1.32 7.18 -55.59
N ASN B 249 -1.23 8.51 -55.70
CA ASN B 249 -1.61 9.22 -56.93
C ASN B 249 -0.43 9.17 -57.88
N GLN B 250 -0.67 8.71 -59.11
CA GLN B 250 0.39 8.59 -60.10
C GLN B 250 -0.05 9.21 -61.42
N SER B 251 0.91 9.87 -62.07
CA SER B 251 0.69 10.46 -63.39
C SER B 251 1.87 10.12 -64.29
N LEU B 252 1.57 9.96 -65.57
CA LEU B 252 2.59 9.68 -66.58
C LEU B 252 2.77 10.89 -67.47
N PHE B 253 4.01 11.11 -67.91
CA PHE B 253 4.36 12.26 -68.72
C PHE B 253 5.22 11.83 -69.90
N LYS B 254 4.99 12.45 -71.05
CA LYS B 254 5.76 12.20 -72.25
C LYS B 254 5.84 13.49 -73.05
N ASP B 255 7.07 13.91 -73.37
CA ASP B 255 7.35 15.16 -74.07
C ASP B 255 6.77 16.37 -73.35
N GLY B 256 6.79 16.33 -72.02
CA GLY B 256 6.31 17.43 -71.21
C GLY B 256 4.81 17.49 -71.02
N LYS B 257 4.06 16.56 -71.59
CA LYS B 257 2.61 16.54 -71.52
C LYS B 257 2.14 15.40 -70.64
N ASN B 258 1.10 15.66 -69.84
CA ASN B 258 0.47 14.61 -69.05
C ASN B 258 -0.15 13.58 -69.98
N VAL B 259 0.32 12.33 -69.88
CA VAL B 259 -0.14 11.26 -70.76
C VAL B 259 -1.60 10.94 -70.50
N PHE B 260 -2.03 10.97 -69.25
CA PHE B 260 -3.39 10.59 -68.87
C PHE B 260 -4.44 11.60 -69.29
N TYR B 261 -4.03 12.78 -69.76
CA TYR B 261 -4.95 13.84 -70.15
C TYR B 261 -5.28 13.74 -71.64
N ASP B 262 -6.55 13.98 -71.97
CA ASP B 262 -7.00 14.07 -73.35
C ASP B 262 -8.19 15.01 -73.39
N PRO B 263 -8.01 16.24 -73.88
CA PRO B 263 -9.14 17.19 -73.93
C PRO B 263 -10.24 16.77 -74.88
N ASP B 264 -9.97 15.91 -75.85
CA ASP B 264 -11.00 15.53 -76.82
C ASP B 264 -11.99 14.51 -76.24
N THR B 265 -11.54 13.66 -75.33
CA THR B 265 -12.41 12.63 -74.78
C THR B 265 -13.47 13.25 -73.88
N PRO B 266 -14.68 12.66 -73.84
CA PRO B 266 -15.74 13.20 -72.98
C PRO B 266 -15.38 13.19 -71.50
N THR B 267 -14.67 12.14 -71.05
CA THR B 267 -14.24 12.04 -69.67
C THR B 267 -12.91 12.74 -69.40
N LYS B 268 -12.34 13.38 -70.42
CA LYS B 268 -11.08 14.12 -70.33
C LYS B 268 -9.91 13.21 -69.94
N LEU B 269 -10.02 11.93 -70.22
CA LEU B 269 -8.99 10.95 -69.92
C LEU B 269 -8.56 10.27 -71.21
N SER B 270 -7.25 10.09 -71.38
CA SER B 270 -6.74 9.46 -72.58
C SER B 270 -6.97 7.96 -72.55
N GLN B 271 -6.84 7.33 -73.72
CA GLN B 271 -6.91 5.87 -73.78
C GLN B 271 -5.75 5.25 -73.03
N ASP B 272 -4.61 5.95 -72.96
CA ASP B 272 -3.46 5.47 -72.21
C ASP B 272 -3.74 5.44 -70.71
N ALA B 273 -4.54 6.39 -70.22
CA ALA B 273 -4.96 6.35 -68.82
C ALA B 273 -5.80 5.12 -68.52
N MET B 274 -6.74 4.79 -69.43
CA MET B 274 -7.53 3.59 -69.27
C MET B 274 -6.66 2.33 -69.33
N TYR B 275 -5.67 2.32 -70.22
CA TYR B 275 -4.74 1.19 -70.29
C TYR B 275 -3.92 1.05 -69.01
N TYR B 276 -3.46 2.17 -68.45
CA TYR B 276 -2.73 2.17 -67.19
C TYR B 276 -3.60 1.60 -66.07
N ILE B 277 -4.86 2.03 -66.00
CA ILE B 277 -5.78 1.52 -64.99
C ILE B 277 -6.03 0.04 -65.19
N GLY B 278 -6.19 -0.39 -66.44
CA GLY B 278 -6.40 -1.80 -66.72
C GLY B 278 -5.23 -2.66 -66.31
N GLY B 279 -4.01 -2.20 -66.58
CA GLY B 279 -2.84 -2.94 -66.13
C GLY B 279 -2.72 -2.99 -64.62
N LEU B 280 -3.01 -1.87 -63.95
CA LEU B 280 -3.01 -1.85 -62.49
C LEU B 280 -4.02 -2.83 -61.91
N LEU B 281 -5.24 -2.83 -62.46
CA LEU B 281 -6.28 -3.72 -61.95
C LEU B 281 -5.98 -5.17 -62.28
N LYS B 282 -5.32 -5.44 -63.41
CA LYS B 282 -4.96 -6.80 -63.75
C LYS B 282 -3.87 -7.34 -62.84
N HIS B 283 -2.90 -6.52 -62.47
CA HIS B 283 -1.74 -7.01 -61.75
C HIS B 283 -1.77 -6.75 -60.25
N ILE B 284 -2.76 -6.03 -59.73
CA ILE B 284 -2.72 -5.58 -58.33
C ILE B 284 -2.75 -6.76 -57.36
N ARG B 285 -3.43 -7.85 -57.73
CA ARG B 285 -3.46 -9.02 -56.86
C ARG B 285 -2.08 -9.66 -56.72
N GLU B 286 -1.25 -9.54 -57.75
CA GLU B 286 0.06 -10.20 -57.74
C GLU B 286 1.10 -9.45 -56.91
N PHE B 287 0.88 -8.16 -56.59
CA PHE B 287 1.81 -7.44 -55.75
C PHE B 287 1.11 -6.71 -54.61
N THR B 288 -0.11 -7.17 -54.27
CA THR B 288 -0.70 -6.78 -52.99
C THR B 288 0.21 -7.15 -51.82
N ALA B 289 0.96 -8.25 -51.93
CA ALA B 289 1.93 -8.61 -50.91
C ALA B 289 3.04 -7.57 -50.76
N VAL B 290 3.26 -6.75 -51.78
CA VAL B 290 4.25 -5.67 -51.69
C VAL B 290 3.59 -4.37 -51.23
N THR B 291 2.46 -4.01 -51.83
CA THR B 291 1.75 -2.80 -51.40
C THR B 291 1.19 -2.94 -49.99
N ASN B 292 0.89 -4.16 -49.56
CA ASN B 292 0.37 -4.45 -48.23
C ASN B 292 1.23 -5.55 -47.64
N PRO B 293 2.36 -5.19 -47.03
CA PRO B 293 3.43 -6.18 -46.78
C PRO B 293 3.27 -7.03 -45.53
N VAL B 294 2.54 -6.57 -44.53
CA VAL B 294 2.54 -7.20 -43.23
C VAL B 294 1.19 -7.88 -42.99
N VAL B 295 1.14 -8.67 -41.91
CA VAL B 295 -0.10 -9.33 -41.51
C VAL B 295 -1.17 -8.29 -41.14
N ASN B 296 -0.74 -7.23 -40.45
CA ASN B 296 -1.66 -6.19 -40.01
C ASN B 296 -2.27 -5.41 -41.18
N SER B 297 -1.61 -5.43 -42.33
CA SER B 297 -2.14 -4.77 -43.52
C SER B 297 -3.49 -5.33 -43.91
N TYR B 298 -3.72 -6.61 -43.65
CA TYR B 298 -4.97 -7.27 -43.96
C TYR B 298 -5.94 -7.23 -42.80
N LYS B 299 -5.48 -6.79 -41.62
CA LYS B 299 -6.40 -6.30 -40.60
C LYS B 299 -6.95 -4.94 -40.99
N ARG B 300 -6.19 -4.17 -41.78
CA ARG B 300 -6.79 -2.98 -42.39
C ARG B 300 -7.63 -3.35 -43.61
N LEU B 301 -7.13 -4.25 -44.46
CA LEU B 301 -7.80 -4.61 -45.71
C LEU B 301 -8.79 -5.75 -45.49
N VAL B 302 -9.84 -5.44 -44.74
CA VAL B 302 -10.94 -6.38 -44.51
C VAL B 302 -12.16 -5.86 -45.28
N PRO B 303 -13.02 -6.73 -45.81
CA PRO B 303 -14.29 -6.25 -46.36
C PRO B 303 -15.11 -5.53 -45.31
N GLY B 304 -15.74 -4.44 -45.72
CA GLY B 304 -16.47 -3.59 -44.79
C GLY B 304 -16.90 -2.30 -45.43
N TYR B 305 -16.64 -1.17 -44.76
CA TYR B 305 -17.02 0.14 -45.27
C TYR B 305 -15.86 1.12 -45.27
N GLU B 306 -14.64 0.62 -45.12
CA GLU B 306 -13.47 1.50 -45.05
C GLU B 306 -12.38 1.11 -46.04
N ALA B 307 -12.18 -0.18 -46.24
CA ALA B 307 -10.99 -0.66 -46.93
C ALA B 307 -11.25 -0.85 -48.41
N PRO B 308 -10.37 -0.35 -49.28
CA PRO B 308 -10.47 -0.59 -50.74
C PRO B 308 -10.02 -2.00 -51.13
N VAL B 309 -10.83 -2.99 -50.75
CA VAL B 309 -10.50 -4.38 -51.01
C VAL B 309 -11.08 -4.90 -52.32
N TYR B 310 -11.92 -4.12 -52.98
CA TYR B 310 -12.63 -4.55 -54.18
C TYR B 310 -11.95 -3.96 -55.40
N ILE B 311 -11.56 -4.84 -56.33
CA ILE B 311 -10.77 -4.44 -57.49
C ILE B 311 -11.70 -3.75 -58.48
N SER B 312 -11.56 -2.44 -58.61
CA SER B 312 -12.45 -1.63 -59.42
C SER B 312 -11.81 -0.26 -59.63
N TRP B 313 -12.37 0.50 -60.57
CA TRP B 313 -11.96 1.88 -60.78
C TRP B 313 -13.19 2.74 -60.94
N SER B 314 -13.00 4.04 -60.69
CA SER B 314 -14.09 5.02 -60.77
C SER B 314 -13.47 6.41 -60.82
N ALA B 315 -14.32 7.41 -60.99
CA ALA B 315 -13.85 8.79 -60.99
C ALA B 315 -13.96 9.43 -59.61
N GLN B 316 -15.13 9.39 -58.99
CA GLN B 316 -15.33 10.05 -57.70
C GLN B 316 -15.59 9.06 -56.57
N ASN B 317 -15.81 7.79 -56.87
CA ASN B 317 -16.14 6.82 -55.85
C ASN B 317 -14.90 6.49 -55.02
N ARG B 318 -15.00 6.68 -53.71
CA ARG B 318 -13.93 6.34 -52.78
C ARG B 318 -14.06 4.94 -52.21
N SER B 319 -15.06 4.17 -52.66
CA SER B 319 -15.14 2.76 -52.34
C SER B 319 -14.49 1.87 -53.38
N SER B 320 -13.94 2.46 -54.44
CA SER B 320 -13.27 1.71 -55.49
C SER B 320 -11.77 1.65 -55.23
N LEU B 321 -11.13 0.64 -55.82
CA LEU B 321 -9.69 0.47 -55.66
C LEU B 321 -8.92 1.62 -56.30
N ILE B 322 -9.34 2.06 -57.48
CA ILE B 322 -8.66 3.12 -58.22
C ILE B 322 -9.61 4.31 -58.32
N ARG B 323 -9.12 5.48 -57.92
CA ARG B 323 -9.87 6.73 -58.00
C ARG B 323 -9.17 7.69 -58.94
N ILE B 324 -9.94 8.40 -59.75
CA ILE B 324 -9.42 9.41 -60.66
C ILE B 324 -9.94 10.76 -60.22
N PRO B 325 -9.12 11.54 -59.50
CA PRO B 325 -9.55 12.89 -59.10
C PRO B 325 -9.85 13.76 -60.31
N ALA B 326 -10.82 14.66 -60.14
CA ALA B 326 -11.35 15.42 -61.26
C ALA B 326 -10.37 16.46 -61.81
N THR B 327 -9.21 16.62 -61.18
CA THR B 327 -8.18 17.50 -61.72
C THR B 327 -7.76 17.03 -63.12
N ARG B 328 -7.67 17.96 -64.04
CA ARG B 328 -7.34 17.67 -65.43
C ARG B 328 -6.16 18.53 -65.86
N GLY B 329 -5.66 18.27 -67.06
CA GLY B 329 -4.51 19.02 -67.53
C GLY B 329 -3.23 18.32 -67.13
N ASN B 330 -2.28 19.10 -66.61
CA ASN B 330 -1.03 18.52 -66.12
C ASN B 330 -1.21 17.78 -64.81
N GLY B 331 -2.30 18.03 -64.09
CA GLY B 331 -2.59 17.40 -62.83
C GLY B 331 -3.43 16.15 -62.90
N THR B 332 -3.65 15.61 -64.09
CA THR B 332 -4.41 14.37 -64.22
C THR B 332 -3.63 13.21 -63.61
N ARG B 333 -4.24 12.51 -62.68
CA ARG B 333 -3.55 11.46 -61.94
C ARG B 333 -4.50 10.32 -61.62
N ILE B 334 -3.92 9.17 -61.32
CA ILE B 334 -4.65 7.96 -60.96
C ILE B 334 -4.25 7.58 -59.54
N GLU B 335 -5.23 7.41 -58.66
CA GLU B 335 -4.99 7.15 -57.25
C GLU B 335 -5.25 5.67 -56.95
N LEU B 336 -4.21 4.98 -56.48
CA LEU B 336 -4.35 3.62 -55.96
C LEU B 336 -4.49 3.69 -54.44
N ARG B 337 -5.57 3.13 -53.92
CA ARG B 337 -5.93 3.31 -52.52
C ARG B 337 -5.61 2.11 -51.64
N CYS B 338 -5.25 0.97 -52.22
CA CYS B 338 -4.91 -0.20 -51.41
C CYS B 338 -3.68 -0.04 -50.51
N PRO B 339 -2.53 0.53 -50.92
CA PRO B 339 -1.32 0.37 -50.11
C PRO B 339 -1.40 1.14 -48.80
N ASP B 340 -0.67 0.63 -47.82
CA ASP B 340 -0.53 1.19 -46.48
C ASP B 340 0.90 1.70 -46.29
N PRO B 341 1.14 2.60 -45.32
CA PRO B 341 2.49 3.16 -45.17
C PRO B 341 3.56 2.18 -44.71
N ALA B 342 3.23 0.92 -44.48
CA ALA B 342 4.25 -0.07 -44.12
C ALA B 342 4.95 -0.65 -45.34
N CYS B 343 4.48 -0.36 -46.54
CA CYS B 343 5.07 -0.92 -47.74
C CYS B 343 6.40 -0.22 -48.08
N ASN B 344 7.22 -0.94 -48.84
CA ASN B 344 8.45 -0.36 -49.36
C ASN B 344 8.08 0.52 -50.54
N PRO B 345 8.29 1.84 -50.45
CA PRO B 345 7.87 2.73 -51.55
C PRO B 345 8.58 2.45 -52.86
N TYR B 346 9.85 2.07 -52.82
CA TYR B 346 10.58 1.78 -54.06
C TYR B 346 9.96 0.61 -54.80
N LEU B 347 9.77 -0.51 -54.09
CA LEU B 347 9.19 -1.70 -54.71
C LEU B 347 7.75 -1.46 -55.12
N ALA B 348 6.96 -0.81 -54.26
CA ALA B 348 5.55 -0.60 -54.56
C ALA B 348 5.37 0.34 -55.75
N PHE B 349 6.09 1.45 -55.77
CA PHE B 349 5.97 2.40 -56.87
C PHE B 349 6.50 1.79 -58.17
N ALA B 350 7.58 1.02 -58.08
CA ALA B 350 8.08 0.32 -59.26
C ALA B 350 7.05 -0.67 -59.80
N LEU B 351 6.35 -1.37 -58.90
CA LEU B 351 5.38 -2.36 -59.35
C LEU B 351 4.14 -1.71 -59.96
N MET B 352 3.66 -0.60 -59.37
CA MET B 352 2.55 0.12 -60.01
C MET B 352 2.96 0.67 -61.36
N LEU B 353 4.19 1.21 -61.46
CA LEU B 353 4.68 1.68 -62.76
C LEU B 353 4.72 0.56 -63.78
N ARG B 354 5.25 -0.60 -63.39
CA ARG B 354 5.35 -1.72 -64.32
C ARG B 354 3.97 -2.25 -64.72
N ALA B 355 3.03 -2.30 -63.78
CA ALA B 355 1.68 -2.74 -64.10
C ALA B 355 1.01 -1.78 -65.08
N GLY B 356 1.15 -0.47 -64.85
CA GLY B 356 0.58 0.49 -65.77
C GLY B 356 1.23 0.46 -67.14
N LEU B 357 2.56 0.26 -67.18
CA LEU B 357 3.25 0.16 -68.46
C LEU B 357 2.84 -1.09 -69.20
N GLU B 358 2.63 -2.21 -68.49
CA GLU B 358 2.12 -3.41 -69.11
C GLU B 358 0.72 -3.20 -69.66
N GLY B 359 -0.11 -2.46 -68.92
CA GLY B 359 -1.43 -2.14 -69.42
C GLY B 359 -1.40 -1.29 -70.68
N ILE B 360 -0.48 -0.32 -70.73
CA ILE B 360 -0.37 0.53 -71.92
C ILE B 360 0.18 -0.27 -73.09
N LYS B 361 1.20 -1.10 -72.85
CA LYS B 361 1.81 -1.88 -73.93
C LYS B 361 0.84 -2.92 -74.48
N ASN B 362 0.08 -3.58 -73.61
CA ASN B 362 -0.84 -4.63 -74.02
C ASN B 362 -2.25 -4.11 -74.30
N LYS B 363 -2.48 -2.81 -74.12
CA LYS B 363 -3.78 -2.18 -74.36
C LYS B 363 -4.89 -2.86 -73.57
N ILE B 364 -4.69 -2.96 -72.26
CA ILE B 364 -5.60 -3.69 -71.38
C ILE B 364 -6.78 -2.78 -71.03
N ASP B 365 -7.98 -3.24 -71.38
CA ASP B 365 -9.19 -2.47 -71.10
C ASP B 365 -9.54 -2.59 -69.61
N PRO B 366 -9.74 -1.48 -68.91
CA PRO B 366 -10.07 -1.55 -67.47
C PRO B 366 -11.50 -1.95 -67.18
N GLY B 367 -12.36 -2.02 -68.18
CA GLY B 367 -13.76 -2.31 -67.95
C GLY B 367 -14.55 -1.07 -67.57
N GLU B 368 -15.83 -1.30 -67.29
CA GLU B 368 -16.71 -0.21 -66.90
C GLU B 368 -16.38 0.26 -65.48
N PRO B 369 -16.43 1.57 -65.23
CA PRO B 369 -16.22 2.06 -63.88
C PRO B 369 -17.38 1.72 -62.97
N THR B 370 -17.08 1.53 -61.69
CA THR B 370 -18.08 1.22 -60.67
C THR B 370 -18.38 2.51 -59.91
N ASN B 371 -19.52 3.12 -60.23
CA ASN B 371 -19.88 4.41 -59.67
C ASN B 371 -20.79 4.31 -58.45
N VAL B 372 -21.12 3.10 -58.01
CA VAL B 372 -21.98 2.91 -56.87
C VAL B 372 -21.13 2.61 -55.64
N ASN B 373 -21.74 2.68 -54.47
CA ASN B 373 -21.06 2.32 -53.22
C ASN B 373 -20.89 0.81 -53.19
N ILE B 374 -19.67 0.35 -53.51
CA ILE B 374 -19.38 -1.08 -53.50
C ILE B 374 -19.43 -1.65 -52.10
N PHE B 375 -19.21 -0.82 -51.07
CA PHE B 375 -19.33 -1.29 -49.69
C PHE B 375 -20.77 -1.68 -49.36
N HIS B 376 -21.74 -0.94 -49.87
CA HIS B 376 -23.15 -1.26 -49.65
C HIS B 376 -23.63 -2.42 -50.49
N LEU B 377 -22.89 -2.81 -51.52
CA LEU B 377 -23.25 -3.96 -52.34
C LEU B 377 -23.09 -5.25 -51.54
N SER B 378 -23.83 -6.27 -51.94
CA SER B 378 -23.69 -7.61 -51.39
C SER B 378 -22.69 -8.41 -52.21
N ASP B 379 -22.39 -9.62 -51.74
CA ASP B 379 -21.50 -10.50 -52.47
C ASP B 379 -22.09 -10.95 -53.79
N LYS B 380 -23.42 -11.16 -53.83
CA LYS B 380 -24.10 -11.52 -55.07
C LYS B 380 -24.02 -10.39 -56.09
N GLU B 381 -24.28 -9.15 -55.67
CA GLU B 381 -24.21 -8.03 -56.59
C GLU B 381 -22.79 -7.79 -57.09
N ARG B 382 -21.80 -7.96 -56.21
CA ARG B 382 -20.41 -7.81 -56.63
C ARG B 382 -19.98 -8.94 -57.55
N GLU B 383 -20.53 -10.14 -57.36
CA GLU B 383 -20.21 -11.26 -58.25
C GLU B 383 -20.83 -11.07 -59.62
N GLU B 384 -22.04 -10.50 -59.68
CA GLU B 384 -22.65 -10.23 -60.98
C GLU B 384 -21.92 -9.11 -61.71
N ARG B 385 -21.43 -8.11 -60.98
CA ARG B 385 -20.63 -7.06 -61.60
C ARG B 385 -19.23 -7.51 -61.97
N GLY B 386 -18.81 -8.68 -61.52
CA GLY B 386 -17.45 -9.12 -61.77
C GLY B 386 -16.40 -8.42 -60.94
N ILE B 387 -16.79 -7.85 -59.80
CA ILE B 387 -15.86 -7.12 -58.96
C ILE B 387 -15.09 -8.12 -58.10
N ARG B 388 -13.83 -8.33 -58.45
CA ARG B 388 -12.98 -9.25 -57.68
C ARG B 388 -12.45 -8.56 -56.44
N SER B 389 -11.83 -9.35 -55.57
CA SER B 389 -11.32 -8.87 -54.29
C SER B 389 -9.80 -9.02 -54.24
N LEU B 390 -9.19 -8.18 -53.42
CA LEU B 390 -7.78 -8.32 -53.11
C LEU B 390 -7.58 -9.55 -52.22
N PRO B 391 -6.35 -10.06 -52.13
CA PRO B 391 -6.08 -11.16 -51.19
C PRO B 391 -6.51 -10.83 -49.77
N ALA B 392 -7.15 -11.80 -49.12
CA ALA B 392 -7.76 -11.57 -47.81
C ALA B 392 -6.74 -11.49 -46.69
N ASP B 393 -5.59 -12.12 -46.83
CA ASP B 393 -4.56 -12.10 -45.80
C ASP B 393 -3.20 -12.13 -46.46
N LEU B 394 -2.15 -12.15 -45.62
CA LEU B 394 -0.79 -12.11 -46.14
C LEU B 394 -0.42 -13.41 -46.85
N LYS B 395 -0.91 -14.55 -46.39
CA LYS B 395 -0.60 -15.83 -47.04
C LYS B 395 -1.16 -15.88 -48.45
N GLU B 396 -2.39 -15.40 -48.64
CA GLU B 396 -2.99 -15.38 -49.98
C GLU B 396 -2.21 -14.47 -50.92
N ALA B 397 -1.76 -13.32 -50.43
CA ALA B 397 -0.99 -12.41 -51.26
C ALA B 397 0.40 -12.97 -51.57
N ILE B 398 1.00 -13.68 -50.62
CA ILE B 398 2.26 -14.37 -50.87
C ILE B 398 2.08 -15.42 -51.96
N ASP B 399 0.99 -16.18 -51.90
CA ASP B 399 0.71 -17.18 -52.92
C ASP B 399 0.47 -16.54 -54.28
N GLU B 400 -0.23 -15.40 -54.31
CA GLU B 400 -0.46 -14.68 -55.56
C GLU B 400 0.84 -14.15 -56.14
N MET B 401 1.73 -13.62 -55.29
CA MET B 401 3.00 -13.08 -55.77
C MET B 401 3.95 -14.17 -56.21
N LYS B 402 3.90 -15.34 -55.57
CA LYS B 402 4.81 -16.44 -55.87
C LYS B 402 4.64 -16.92 -57.31
N GLY B 403 3.40 -17.02 -57.79
CA GLY B 403 3.12 -17.46 -59.12
C GLY B 403 3.10 -16.38 -60.18
N SER B 404 3.52 -15.16 -59.83
CA SER B 404 3.49 -14.04 -60.75
C SER B 404 4.82 -13.91 -61.47
N LYS B 405 4.81 -14.11 -62.79
CA LYS B 405 6.00 -13.83 -63.57
C LYS B 405 6.21 -12.33 -63.76
N PHE B 406 5.12 -11.56 -63.72
CA PHE B 406 5.23 -10.10 -63.85
C PHE B 406 5.98 -9.51 -62.66
N VAL B 407 5.63 -9.93 -61.44
CA VAL B 407 6.29 -9.40 -60.26
C VAL B 407 7.74 -9.88 -60.19
N LYS B 408 7.99 -11.13 -60.57
CA LYS B 408 9.35 -11.65 -60.59
C LYS B 408 10.22 -10.90 -61.59
N GLU B 409 9.66 -10.59 -62.76
CA GLU B 409 10.42 -9.83 -63.76
C GLU B 409 10.65 -8.40 -63.28
N ALA B 410 9.64 -7.77 -62.68
CA ALA B 410 9.76 -6.37 -62.30
C ALA B 410 10.69 -6.17 -61.11
N LEU B 411 10.70 -7.12 -60.16
CA LEU B 411 11.52 -6.97 -58.97
C LEU B 411 12.91 -7.56 -59.10
N GLY B 412 13.12 -8.47 -60.05
CA GLY B 412 14.38 -9.19 -60.09
C GLY B 412 14.37 -10.39 -59.16
N GLU B 413 15.22 -11.36 -59.47
CA GLU B 413 15.19 -12.64 -58.76
C GLU B 413 15.57 -12.49 -57.29
N HIS B 414 16.58 -11.66 -57.00
CA HIS B 414 17.04 -11.49 -55.63
C HIS B 414 15.95 -10.88 -54.75
N VAL B 415 15.38 -9.76 -55.17
CA VAL B 415 14.35 -9.09 -54.38
C VAL B 415 13.13 -9.99 -54.25
N PHE B 416 12.72 -10.62 -55.35
CA PHE B 416 11.55 -11.51 -55.36
C PHE B 416 11.72 -12.63 -54.35
N SER B 417 12.85 -13.35 -54.42
CA SER B 417 13.06 -14.51 -53.56
C SER B 417 13.21 -14.10 -52.11
N HIS B 418 13.99 -13.05 -51.83
CA HIS B 418 14.24 -12.66 -50.44
C HIS B 418 12.99 -12.06 -49.80
N TYR B 419 12.24 -11.25 -50.55
CA TYR B 419 10.99 -10.71 -50.06
C TYR B 419 9.99 -11.81 -49.75
N LEU B 420 9.85 -12.78 -50.67
CA LEU B 420 8.92 -13.88 -50.43
C LEU B 420 9.35 -14.73 -49.25
N CYS B 421 10.66 -14.96 -49.10
CA CYS B 421 11.15 -15.73 -47.96
C CYS B 421 10.86 -15.01 -46.64
N ALA B 422 11.11 -13.71 -46.57
CA ALA B 422 10.83 -12.95 -45.36
C ALA B 422 9.34 -12.96 -45.03
N LYS B 423 8.49 -12.74 -46.03
CA LYS B 423 7.06 -12.75 -45.80
C LYS B 423 6.56 -14.13 -45.39
N GLU B 424 7.14 -15.19 -45.97
CA GLU B 424 6.77 -16.55 -45.59
C GLU B 424 7.15 -16.84 -44.15
N MET B 425 8.35 -16.43 -43.73
CA MET B 425 8.73 -16.62 -42.33
C MET B 425 7.80 -15.85 -41.40
N GLU B 426 7.46 -14.62 -41.78
CA GLU B 426 6.56 -13.81 -40.95
C GLU B 426 5.20 -14.46 -40.81
N TRP B 427 4.64 -14.96 -41.92
CA TRP B 427 3.33 -15.61 -41.85
C TRP B 427 3.40 -16.93 -41.09
N ASP B 428 4.50 -17.68 -41.24
CA ASP B 428 4.64 -18.94 -40.54
C ASP B 428 4.72 -18.72 -39.04
N GLU B 429 5.40 -17.66 -38.61
CA GLU B 429 5.40 -17.31 -37.19
C GLU B 429 4.01 -16.87 -36.73
N TYR B 430 3.32 -16.06 -37.55
CA TYR B 430 2.02 -15.54 -37.14
C TYR B 430 0.97 -16.64 -37.04
N LYS B 431 0.97 -17.59 -37.97
CA LYS B 431 -0.11 -18.56 -38.08
C LYS B 431 -0.14 -19.56 -36.93
N ALA B 432 0.94 -19.69 -36.18
CA ALA B 432 0.98 -20.62 -35.05
C ALA B 432 0.59 -19.99 -33.72
N VAL B 433 0.44 -18.67 -33.68
CA VAL B 433 0.22 -17.97 -32.42
C VAL B 433 -1.22 -18.20 -31.94
N VAL B 434 -1.36 -18.60 -30.69
CA VAL B 434 -2.66 -18.70 -30.03
C VAL B 434 -2.99 -17.32 -29.47
N HIS B 435 -3.94 -16.66 -30.08
CA HIS B 435 -4.27 -15.28 -29.74
C HIS B 435 -5.21 -15.22 -28.54
N PRO B 436 -5.16 -14.12 -27.78
CA PRO B 436 -6.11 -13.95 -26.67
C PRO B 436 -7.56 -13.94 -27.10
N TRP B 437 -7.85 -13.58 -28.36
CA TRP B 437 -9.21 -13.67 -28.87
C TRP B 437 -9.72 -15.10 -28.84
N GLU B 438 -8.87 -16.05 -29.20
CA GLU B 438 -9.26 -17.46 -29.18
C GLU B 438 -9.52 -17.94 -27.76
N LEU B 439 -8.74 -17.44 -26.80
CA LEU B 439 -9.00 -17.76 -25.40
C LEU B 439 -10.31 -17.18 -24.93
N SER B 440 -10.61 -15.93 -25.33
CA SER B 440 -11.87 -15.32 -24.93
C SER B 440 -13.07 -15.99 -25.58
N ARG B 441 -12.89 -16.55 -26.78
CA ARG B 441 -13.99 -17.13 -27.52
C ARG B 441 -14.23 -18.61 -27.20
N TYR B 442 -13.17 -19.38 -26.99
CA TYR B 442 -13.26 -20.83 -26.97
C TYR B 442 -12.99 -21.48 -25.62
N LEU B 443 -12.24 -20.83 -24.73
CA LEU B 443 -11.76 -21.51 -23.52
C LEU B 443 -12.90 -21.95 -22.62
N SER B 444 -13.86 -21.07 -22.37
CA SER B 444 -14.99 -21.40 -21.50
C SER B 444 -16.16 -22.02 -22.26
N MET B 445 -16.05 -22.16 -23.58
CA MET B 445 -16.97 -22.97 -24.39
C MET B 445 -16.54 -24.41 -24.58
N LEU B 446 -15.28 -24.65 -24.93
CA LEU B 446 -14.84 -25.99 -25.30
C LEU B 446 -14.27 -26.76 -24.12
N VAL C 1 -3.34 55.02 -2.32
CA VAL C 1 -1.94 54.92 -2.71
C VAL C 1 -1.80 54.96 -4.22
N GLN C 2 -1.03 55.95 -4.70
CA GLN C 2 -0.64 56.16 -6.10
C GLN C 2 -1.82 56.52 -7.00
N MET C 3 -3.04 56.53 -6.49
CA MET C 3 -4.22 56.84 -7.30
C MET C 3 -5.16 57.67 -6.44
N LYS C 4 -5.24 58.97 -6.73
CA LYS C 4 -6.09 59.87 -5.97
C LYS C 4 -7.55 59.51 -6.16
N LYS C 5 -8.33 59.59 -5.09
CA LYS C 5 -9.73 59.17 -5.11
C LYS C 5 -10.53 60.04 -6.07
N CYS C 6 -11.12 59.41 -7.08
CA CYS C 6 -11.97 60.09 -8.03
C CYS C 6 -13.27 60.50 -7.37
N THR C 7 -13.82 61.64 -7.81
CA THR C 7 -15.10 62.10 -7.34
C THR C 7 -16.16 62.18 -8.44
N THR C 8 -15.75 62.46 -9.68
CA THR C 8 -16.67 62.55 -10.80
C THR C 8 -16.32 61.47 -11.82
N LYS C 9 -17.24 61.26 -12.76
CA LYS C 9 -17.01 60.26 -13.80
C LYS C 9 -15.88 60.66 -14.74
N GLU C 10 -15.61 61.97 -14.87
CA GLU C 10 -14.49 62.42 -15.68
C GLU C 10 -13.16 62.00 -15.07
N ASP C 11 -13.02 62.11 -13.75
CA ASP C 11 -11.82 61.63 -13.08
C ASP C 11 -11.68 60.13 -13.23
N VAL C 12 -12.80 59.40 -13.18
CA VAL C 12 -12.76 57.96 -13.37
C VAL C 12 -12.27 57.60 -14.77
N LEU C 13 -12.78 58.30 -15.79
CA LEU C 13 -12.36 58.02 -17.15
C LEU C 13 -10.89 58.37 -17.36
N GLU C 14 -10.44 59.49 -16.78
CA GLU C 14 -9.03 59.85 -16.86
C GLU C 14 -8.15 58.81 -16.17
N ALA C 15 -8.56 58.32 -15.01
CA ALA C 15 -7.79 57.29 -14.31
C ALA C 15 -7.77 55.99 -15.10
N VAL C 16 -8.88 55.63 -15.73
CA VAL C 16 -8.93 54.44 -16.58
C VAL C 16 -7.96 54.58 -17.75
N LYS C 17 -7.95 55.76 -18.38
CA LYS C 17 -7.04 55.99 -19.50
C LYS C 17 -5.58 55.93 -19.07
N GLU C 18 -5.24 56.61 -17.96
CA GLU C 18 -3.83 56.77 -17.59
C GLU C 18 -3.26 55.57 -16.84
N ARG C 19 -4.10 54.70 -16.28
CA ARG C 19 -3.62 53.55 -15.53
C ARG C 19 -3.76 52.24 -16.30
N ASP C 20 -4.03 52.31 -17.61
CA ASP C 20 -4.17 51.14 -18.48
C ASP C 20 -5.25 50.19 -17.95
N VAL C 21 -6.36 50.75 -17.50
CA VAL C 21 -7.46 49.95 -16.97
C VAL C 21 -8.28 49.44 -18.16
N LYS C 22 -8.44 48.12 -18.23
CA LYS C 22 -9.20 47.51 -19.30
C LYS C 22 -10.52 46.90 -18.85
N PHE C 23 -10.55 46.30 -17.67
CA PHE C 23 -11.75 45.64 -17.17
C PHE C 23 -12.30 46.41 -15.98
N ILE C 24 -13.60 46.68 -16.01
CA ILE C 24 -14.30 47.37 -14.93
C ILE C 24 -15.25 46.36 -14.30
N ARG C 25 -15.06 46.11 -13.00
CA ARG C 25 -15.95 45.23 -12.24
C ARG C 25 -17.05 46.08 -11.63
N THR C 26 -18.21 46.07 -12.28
CA THR C 26 -19.39 46.74 -11.72
C THR C 26 -19.92 45.89 -10.57
N GLN C 27 -19.98 46.47 -9.37
CA GLN C 27 -20.26 45.71 -8.18
C GLN C 27 -21.42 46.33 -7.40
N PHE C 28 -22.15 45.46 -6.71
CA PHE C 28 -23.15 45.87 -5.74
C PHE C 28 -23.26 44.80 -4.67
N THR C 29 -23.97 45.11 -3.60
CA THR C 29 -24.17 44.20 -2.48
C THR C 29 -25.61 43.73 -2.48
N ASP C 30 -25.81 42.42 -2.35
CA ASP C 30 -27.15 41.85 -2.30
C ASP C 30 -27.75 42.01 -0.91
N THR C 31 -28.95 41.46 -0.72
CA THR C 31 -29.69 41.66 0.52
C THR C 31 -28.96 41.06 1.71
N LEU C 32 -28.30 39.93 1.52
CA LEU C 32 -27.62 39.23 2.61
C LEU C 32 -26.19 39.69 2.82
N GLY C 33 -25.72 40.67 2.07
CA GLY C 33 -24.40 41.22 2.27
C GLY C 33 -23.30 40.64 1.41
N ILE C 34 -23.63 39.85 0.40
CA ILE C 34 -22.64 39.24 -0.48
C ILE C 34 -22.39 40.18 -1.65
N ILE C 35 -21.11 40.42 -1.96
CA ILE C 35 -20.76 41.28 -3.07
C ILE C 35 -21.13 40.58 -4.38
N LYS C 36 -21.76 41.31 -5.28
CA LYS C 36 -22.14 40.81 -6.60
C LYS C 36 -21.40 41.62 -7.66
N SER C 37 -20.64 40.94 -8.51
CA SER C 37 -19.76 41.61 -9.44
C SER C 37 -19.89 41.00 -10.83
N TRP C 38 -19.73 41.84 -11.85
CA TRP C 38 -19.53 41.37 -13.21
C TRP C 38 -18.67 42.38 -13.95
N ALA C 39 -17.91 41.88 -14.91
CA ALA C 39 -16.87 42.66 -15.58
C ALA C 39 -17.37 43.20 -16.91
N ILE C 40 -17.22 44.50 -17.11
CA ILE C 40 -17.46 45.12 -18.41
C ILE C 40 -16.13 45.67 -18.90
N PRO C 41 -15.91 45.76 -20.21
CA PRO C 41 -14.70 46.41 -20.71
C PRO C 41 -14.71 47.90 -20.40
N ALA C 42 -13.50 48.46 -20.28
CA ALA C 42 -13.38 49.89 -20.01
C ALA C 42 -13.89 50.74 -21.17
N GLU C 43 -13.94 50.17 -22.38
CA GLU C 43 -14.51 50.89 -23.51
C GLU C 43 -16.00 51.17 -23.30
N GLN C 44 -16.70 50.29 -22.60
CA GLN C 44 -18.12 50.47 -22.32
C GLN C 44 -18.39 51.33 -21.10
N LEU C 45 -17.35 51.81 -20.42
CA LEU C 45 -17.55 52.52 -19.16
C LEU C 45 -18.23 53.87 -19.35
N GLU C 46 -17.92 54.55 -20.47
CA GLU C 46 -18.56 55.84 -20.73
C GLU C 46 -20.06 55.67 -20.95
N GLU C 47 -20.47 54.61 -21.66
CA GLU C 47 -21.88 54.33 -21.84
C GLU C 47 -22.52 53.85 -20.55
N ALA C 48 -21.75 53.11 -19.73
CA ALA C 48 -22.28 52.63 -18.45
C ALA C 48 -22.51 53.78 -17.47
N PHE C 49 -21.69 54.82 -17.53
CA PHE C 49 -21.89 55.97 -16.67
C PHE C 49 -23.13 56.78 -17.04
N GLU C 50 -23.62 56.66 -18.27
CA GLU C 50 -24.77 57.42 -18.74
C GLU C 50 -26.07 56.62 -18.67
N ASN C 51 -26.06 55.38 -19.13
CA ASN C 51 -27.26 54.56 -19.20
C ASN C 51 -27.36 53.52 -18.10
N GLY C 52 -26.34 53.41 -17.25
CA GLY C 52 -26.29 52.34 -16.27
C GLY C 52 -25.86 51.04 -16.91
N VAL C 53 -25.80 50.00 -16.08
CA VAL C 53 -25.47 48.65 -16.53
C VAL C 53 -26.66 47.75 -16.22
N MET C 54 -27.24 47.19 -17.26
CA MET C 54 -28.41 46.33 -17.10
C MET C 54 -27.99 44.94 -16.64
N PHE C 55 -28.78 44.37 -15.74
CA PHE C 55 -28.51 43.02 -15.25
C PHE C 55 -29.81 42.37 -14.82
N ASP C 56 -29.76 41.04 -14.71
CA ASP C 56 -30.91 40.25 -14.29
C ASP C 56 -30.92 40.14 -12.77
N GLY C 57 -31.99 40.64 -12.15
CA GLY C 57 -32.14 40.62 -10.72
C GLY C 57 -32.79 39.40 -10.12
N SER C 58 -33.42 38.55 -10.95
CA SER C 58 -34.07 37.35 -10.43
C SER C 58 -33.08 36.32 -9.92
N SER C 59 -31.83 36.34 -10.40
CA SER C 59 -30.79 35.44 -9.93
C SER C 59 -30.06 35.97 -8.71
N ILE C 60 -30.44 37.16 -8.22
CA ILE C 60 -29.86 37.75 -7.01
C ILE C 60 -30.85 37.56 -5.87
N GLN C 61 -30.39 37.00 -4.76
CA GLN C 61 -31.27 36.75 -3.63
C GLN C 61 -31.74 38.05 -3.00
N GLY C 62 -33.04 38.12 -2.72
CA GLY C 62 -33.64 39.30 -2.12
C GLY C 62 -34.03 40.38 -3.10
N PHE C 63 -33.70 40.21 -4.37
CA PHE C 63 -33.99 41.18 -5.41
C PHE C 63 -35.32 40.84 -6.09
N THR C 64 -35.56 41.39 -7.27
CA THR C 64 -36.85 41.31 -7.93
C THR C 64 -37.18 39.86 -8.33
N ARG C 65 -38.46 39.66 -8.67
CA ARG C 65 -38.98 38.38 -9.09
C ARG C 65 -38.71 38.14 -10.58
N ILE C 66 -38.93 36.90 -11.01
CA ILE C 66 -38.59 36.52 -12.38
C ILE C 66 -39.54 37.15 -13.41
N GLU C 67 -40.71 37.61 -12.98
CA GLU C 67 -41.64 38.22 -13.91
C GLU C 67 -41.20 39.63 -14.31
N GLU C 68 -40.62 40.38 -13.38
CA GLU C 68 -40.09 41.71 -13.65
C GLU C 68 -38.68 41.75 -13.06
N SER C 69 -37.70 41.28 -13.84
CA SER C 69 -36.37 41.00 -13.32
C SER C 69 -35.27 41.87 -13.93
N ASP C 70 -35.61 42.76 -14.86
CA ASP C 70 -34.61 43.65 -15.44
C ASP C 70 -34.23 44.73 -14.43
N MET C 71 -32.94 44.90 -14.21
CA MET C 71 -32.45 45.87 -13.24
C MET C 71 -31.27 46.63 -13.83
N LYS C 72 -31.04 47.83 -13.30
CA LYS C 72 -29.97 48.69 -13.76
C LYS C 72 -29.09 49.09 -12.59
N LEU C 73 -27.78 49.06 -12.80
CA LEU C 73 -26.81 49.51 -11.80
C LEU C 73 -26.31 50.89 -12.19
N ALA C 74 -26.54 51.87 -11.31
CA ALA C 74 -26.06 53.23 -11.52
C ALA C 74 -24.72 53.36 -10.81
N LEU C 75 -23.65 53.50 -11.60
CA LEU C 75 -22.30 53.48 -11.06
C LEU C 75 -22.00 54.72 -10.21
N ASP C 76 -21.31 54.51 -9.11
CA ASP C 76 -20.88 55.59 -8.24
C ASP C 76 -19.42 55.91 -8.53
N PRO C 77 -19.10 57.06 -9.13
CA PRO C 77 -17.70 57.35 -9.49
C PRO C 77 -16.75 57.43 -8.30
N SER C 78 -17.24 57.85 -7.13
CA SER C 78 -16.37 57.97 -5.96
C SER C 78 -15.86 56.62 -5.46
N THR C 79 -16.54 55.53 -5.80
CA THR C 79 -16.14 54.20 -5.37
C THR C 79 -15.18 53.53 -6.34
N PHE C 80 -14.77 54.23 -7.40
CA PHE C 80 -13.86 53.65 -8.39
C PHE C 80 -12.51 53.34 -7.74
N ARG C 81 -12.06 52.10 -7.90
CA ARG C 81 -10.83 51.65 -7.27
C ARG C 81 -10.20 50.57 -8.12
N ILE C 82 -8.88 50.61 -8.25
CA ILE C 82 -8.13 49.64 -9.04
C ILE C 82 -7.70 48.51 -8.12
N LEU C 83 -7.95 47.28 -8.55
CA LEU C 83 -7.61 46.11 -7.73
C LEU C 83 -6.12 45.83 -7.83
N PRO C 84 -5.38 45.87 -6.72
CA PRO C 84 -3.92 45.69 -6.80
C PRO C 84 -3.48 44.25 -7.03
N TRP C 85 -4.28 43.25 -6.66
CA TRP C 85 -3.90 41.86 -6.87
C TRP C 85 -4.14 41.39 -8.29
N ARG C 86 -4.84 42.17 -9.10
CA ARG C 86 -5.04 41.92 -10.51
C ARG C 86 -3.88 42.51 -11.31
N PRO C 87 -3.64 42.04 -12.54
CA PRO C 87 -2.48 42.52 -13.30
C PRO C 87 -2.52 44.02 -13.55
N ALA C 88 -1.33 44.63 -13.52
CA ALA C 88 -1.21 46.07 -13.75
C ALA C 88 -1.35 46.44 -15.22
N THR C 89 -0.88 45.57 -16.12
CA THR C 89 -1.05 45.78 -17.56
C THR C 89 -2.41 45.23 -17.97
N GLY C 90 -3.24 46.08 -18.56
CA GLY C 90 -4.64 45.75 -18.72
C GLY C 90 -5.28 45.64 -17.36
N ALA C 91 -5.21 46.74 -16.59
CA ALA C 91 -5.58 46.72 -15.19
C ALA C 91 -7.08 46.48 -15.01
N VAL C 92 -7.43 45.92 -13.86
CA VAL C 92 -8.81 45.65 -13.48
C VAL C 92 -9.19 46.60 -12.35
N ALA C 93 -10.31 47.28 -12.52
CA ALA C 93 -10.82 48.20 -11.52
C ALA C 93 -12.26 47.84 -11.18
N ARG C 94 -12.68 48.25 -9.99
CA ARG C 94 -14.04 48.04 -9.54
C ARG C 94 -14.75 49.38 -9.39
N ILE C 95 -16.05 49.38 -9.65
CA ILE C 95 -16.92 50.50 -9.33
C ILE C 95 -18.15 49.96 -8.63
N LEU C 96 -18.45 50.47 -7.44
CA LEU C 96 -19.69 50.14 -6.77
C LEU C 96 -20.81 50.97 -7.35
N GLY C 97 -22.03 50.41 -7.31
CA GLY C 97 -23.17 51.07 -7.92
C GLY C 97 -24.40 50.98 -7.04
N ASP C 98 -25.41 51.75 -7.44
CA ASP C 98 -26.72 51.71 -6.83
C ASP C 98 -27.68 50.99 -7.78
N VAL C 99 -28.46 50.07 -7.23
CA VAL C 99 -29.38 49.29 -8.03
C VAL C 99 -30.65 50.12 -8.29
N TYR C 100 -31.02 50.22 -9.56
CA TYR C 100 -32.17 51.01 -9.97
C TYR C 100 -33.13 50.14 -10.78
N LEU C 101 -34.41 50.48 -10.68
CA LEU C 101 -35.43 49.92 -11.55
C LEU C 101 -35.32 50.53 -12.94
N PRO C 102 -35.83 49.84 -13.97
CA PRO C 102 -35.73 50.38 -15.33
C PRO C 102 -36.47 51.70 -15.54
N ASP C 103 -37.45 52.03 -14.69
CA ASP C 103 -38.17 53.29 -14.81
C ASP C 103 -37.43 54.48 -14.19
N GLY C 104 -36.18 54.28 -13.78
CA GLY C 104 -35.38 55.34 -13.21
C GLY C 104 -35.47 55.50 -11.71
N ASN C 105 -36.37 54.78 -11.05
CA ASN C 105 -36.45 54.90 -9.61
C ASN C 105 -35.45 53.97 -8.94
N PRO C 106 -34.92 54.37 -7.78
CA PRO C 106 -34.04 53.47 -7.03
C PRO C 106 -34.79 52.20 -6.60
N PHE C 107 -34.06 51.10 -6.56
CA PHE C 107 -34.61 49.84 -6.06
C PHE C 107 -34.64 49.88 -4.54
N LYS C 108 -35.84 49.78 -3.97
CA LYS C 108 -35.97 49.84 -2.51
C LYS C 108 -35.44 48.61 -1.81
N GLY C 109 -35.19 47.53 -2.54
CA GLY C 109 -34.54 46.36 -1.99
C GLY C 109 -33.03 46.43 -1.96
N ASP C 110 -32.45 47.53 -2.42
CA ASP C 110 -31.01 47.71 -2.41
C ASP C 110 -30.56 48.07 -0.99
N PRO C 111 -29.65 47.30 -0.39
CA PRO C 111 -29.15 47.68 0.96
C PRO C 111 -28.45 49.02 0.99
N ARG C 112 -27.73 49.38 -0.08
CA ARG C 112 -27.12 50.70 -0.15
C ARG C 112 -28.18 51.78 -0.14
N TYR C 113 -29.32 51.53 -0.79
CA TYR C 113 -30.44 52.48 -0.73
C TYR C 113 -30.98 52.59 0.69
N VAL C 114 -31.02 51.48 1.43
CA VAL C 114 -31.47 51.52 2.82
C VAL C 114 -30.53 52.36 3.67
N LEU C 115 -29.22 52.19 3.48
CA LEU C 115 -28.25 53.01 4.19
C LEU C 115 -28.38 54.49 3.82
N LYS C 116 -28.60 54.78 2.53
CA LYS C 116 -28.78 56.17 2.11
C LYS C 116 -30.06 56.77 2.70
N THR C 117 -31.11 55.96 2.84
CA THR C 117 -32.34 56.42 3.48
C THR C 117 -32.10 56.74 4.95
N ALA C 118 -31.32 55.90 5.63
CA ALA C 118 -30.95 56.19 7.02
C ALA C 118 -30.11 57.45 7.12
N ILE C 119 -29.20 57.66 6.15
CA ILE C 119 -28.37 58.86 6.14
C ILE C 119 -29.24 60.10 5.93
N LYS C 120 -30.22 60.03 5.03
CA LYS C 120 -31.14 61.15 4.82
C LYS C 120 -31.97 61.41 6.08
N GLU C 121 -32.39 60.34 6.76
CA GLU C 121 -33.13 60.49 8.02
C GLU C 121 -32.29 61.19 9.08
N ALA C 122 -31.00 60.84 9.15
CA ALA C 122 -30.11 61.51 10.10
C ALA C 122 -29.87 62.97 9.71
N GLU C 123 -29.76 63.24 8.41
CA GLU C 123 -29.50 64.60 7.95
C GLU C 123 -30.71 65.49 8.15
N LYS C 124 -31.92 64.92 8.13
CA LYS C 124 -33.11 65.71 8.42
C LYS C 124 -33.10 66.25 9.84
N MET C 125 -32.38 65.62 10.76
CA MET C 125 -32.14 66.17 12.09
C MET C 125 -30.78 66.82 12.21
N GLY C 126 -30.08 67.03 11.10
CA GLY C 126 -28.79 67.67 11.10
C GLY C 126 -27.64 66.78 11.51
N PHE C 127 -27.82 65.47 11.55
CA PHE C 127 -26.82 64.54 12.03
C PHE C 127 -26.11 63.85 10.88
N SER C 128 -24.83 63.54 11.10
CA SER C 128 -24.04 62.75 10.16
C SER C 128 -23.31 61.67 10.94
N MET C 129 -23.34 60.45 10.41
CA MET C 129 -22.81 59.28 11.09
C MET C 129 -21.41 58.96 10.59
N ASN C 130 -20.49 58.73 11.52
CA ASN C 130 -19.17 58.19 11.22
C ASN C 130 -19.04 56.85 11.91
N VAL C 131 -18.65 55.83 11.16
CA VAL C 131 -18.55 54.46 11.67
C VAL C 131 -17.12 53.97 11.50
N GLY C 132 -16.55 53.46 12.60
CA GLY C 132 -15.31 52.74 12.54
C GLY C 132 -15.51 51.28 12.94
N PRO C 133 -15.47 50.39 11.96
CA PRO C 133 -15.64 48.96 12.24
C PRO C 133 -14.33 48.24 12.48
N GLU C 134 -14.34 47.32 13.44
CA GLU C 134 -13.19 46.48 13.75
C GLU C 134 -13.55 45.04 13.39
N LEU C 135 -12.98 44.55 12.31
CA LEU C 135 -13.32 43.24 11.77
C LEU C 135 -12.26 42.21 12.15
N GLU C 136 -12.70 41.07 12.66
CA GLU C 136 -11.84 39.92 12.88
C GLU C 136 -12.10 38.88 11.80
N PHE C 137 -11.05 38.20 11.37
CA PHE C 137 -11.18 37.12 10.40
C PHE C 137 -10.18 36.02 10.76
N PHE C 138 -10.46 34.84 10.24
CA PHE C 138 -9.60 33.68 10.43
C PHE C 138 -8.85 33.40 9.13
N LEU C 139 -7.60 32.95 9.28
CA LEU C 139 -6.79 32.54 8.14
C LEU C 139 -6.66 31.03 8.20
N PHE C 140 -7.29 30.34 7.26
CA PHE C 140 -7.27 28.90 7.20
C PHE C 140 -6.50 28.42 5.98
N LYS C 141 -6.13 27.14 6.01
CA LYS C 141 -5.44 26.54 4.88
C LYS C 141 -6.41 26.22 3.75
N LEU C 142 -5.86 26.17 2.54
CA LEU C 142 -6.58 25.66 1.39
C LEU C 142 -6.23 24.19 1.20
N ASP C 143 -7.18 23.43 0.66
CA ASP C 143 -6.94 22.02 0.37
C ASP C 143 -6.18 21.90 -0.95
N ALA C 144 -6.10 20.68 -1.48
CA ALA C 144 -5.38 20.46 -2.74
C ALA C 144 -6.08 21.14 -3.91
N ASN C 145 -7.40 21.28 -3.85
CA ASN C 145 -8.17 21.92 -4.90
C ASN C 145 -8.32 23.42 -4.69
N GLY C 146 -7.69 23.98 -3.65
CA GLY C 146 -7.84 25.39 -3.37
C GLY C 146 -9.15 25.78 -2.75
N ASN C 147 -9.87 24.84 -2.16
CA ASN C 147 -11.15 25.04 -1.49
C ASN C 147 -10.94 25.38 -0.02
N PRO C 148 -11.88 26.10 0.59
CA PRO C 148 -11.72 26.49 1.99
C PRO C 148 -11.73 25.28 2.93
N THR C 149 -10.92 25.38 3.98
CA THR C 149 -10.93 24.43 5.09
C THR C 149 -11.04 25.23 6.39
N THR C 150 -10.97 24.53 7.51
CA THR C 150 -10.81 25.16 8.82
C THR C 150 -9.48 24.78 9.46
N GLU C 151 -8.54 24.26 8.66
CA GLU C 151 -7.23 23.90 9.17
C GLU C 151 -6.49 25.14 9.63
N LEU C 152 -5.90 25.06 10.82
CA LEU C 152 -5.26 26.22 11.42
C LEU C 152 -3.94 26.53 10.72
N THR C 153 -3.67 27.83 10.55
CA THR C 153 -2.40 28.26 9.99
C THR C 153 -1.35 28.54 11.06
N ASP C 154 -1.79 28.85 12.28
CA ASP C 154 -0.90 28.98 13.42
C ASP C 154 -1.69 28.72 14.69
N GLN C 155 -0.96 28.56 15.79
CA GLN C 155 -1.55 28.38 17.11
C GLN C 155 -1.29 29.59 18.01
N GLY C 156 -1.13 30.76 17.40
CA GLY C 156 -0.85 31.96 18.16
C GLY C 156 -2.08 32.51 18.86
N GLY C 157 -1.82 33.46 19.76
CA GLY C 157 -2.87 34.11 20.50
C GLY C 157 -2.86 35.61 20.30
N TYR C 158 -3.46 36.34 21.24
CA TYR C 158 -3.59 37.79 21.09
C TYR C 158 -2.22 38.46 21.17
N PHE C 159 -1.94 39.30 20.17
CA PHE C 159 -0.70 40.08 20.07
C PHE C 159 0.54 39.19 20.01
N ASP C 160 0.41 37.98 19.48
CA ASP C 160 1.53 37.06 19.43
C ASP C 160 2.49 37.41 18.29
N PHE C 161 3.76 37.11 18.51
CA PHE C 161 4.87 37.41 17.62
C PHE C 161 5.52 36.09 17.20
N ALA C 162 6.70 36.18 16.56
CA ALA C 162 7.64 35.08 16.35
C ALA C 162 7.03 34.17 15.28
N PRO C 163 7.39 32.88 15.18
CA PRO C 163 6.53 31.95 14.45
C PRO C 163 5.30 31.45 15.20
N LEU C 164 4.98 31.99 16.37
CA LEU C 164 3.66 31.74 16.95
C LEU C 164 2.58 32.34 16.08
N ASP C 165 2.78 33.56 15.61
CA ASP C 165 1.97 34.15 14.55
C ASP C 165 2.66 33.86 13.22
N ARG C 166 1.93 33.23 12.29
CA ARG C 166 2.51 32.81 11.03
C ARG C 166 1.88 33.52 9.83
N ALA C 167 1.23 34.66 10.06
CA ALA C 167 0.54 35.38 9.00
C ALA C 167 1.00 36.83 8.88
N GLN C 168 2.26 37.12 9.23
CA GLN C 168 2.75 38.49 9.09
C GLN C 168 2.86 38.89 7.62
N ASP C 169 3.22 37.95 6.75
CA ASP C 169 3.29 38.25 5.32
C ASP C 169 1.90 38.44 4.72
N VAL C 170 0.93 37.62 5.14
CA VAL C 170 -0.43 37.78 4.66
C VAL C 170 -1.01 39.11 5.12
N ARG C 171 -0.79 39.46 6.40
CA ARG C 171 -1.29 40.74 6.91
C ARG C 171 -0.58 41.91 6.23
N ARG C 172 0.71 41.76 5.94
CA ARG C 172 1.46 42.79 5.23
C ARG C 172 0.89 43.03 3.83
N ASP C 173 0.64 41.94 3.09
CA ASP C 173 0.10 42.08 1.74
C ASP C 173 -1.33 42.61 1.78
N ILE C 174 -2.12 42.22 2.79
CA ILE C 174 -3.47 42.76 2.94
C ILE C 174 -3.42 44.25 3.21
N ASP C 175 -2.51 44.69 4.08
CA ASP C 175 -2.37 46.11 4.38
C ASP C 175 -1.96 46.90 3.15
N TYR C 176 -1.02 46.36 2.37
CA TYR C 176 -0.62 47.00 1.12
C TYR C 176 -1.78 47.12 0.15
N ALA C 177 -2.55 46.05 -0.01
CA ALA C 177 -3.69 46.06 -0.92
C ALA C 177 -4.74 47.06 -0.45
N LEU C 178 -5.01 47.11 0.86
CA LEU C 178 -6.02 48.03 1.38
C LEU C 178 -5.59 49.47 1.21
N GLU C 179 -4.31 49.77 1.45
CA GLU C 179 -3.81 51.11 1.17
C GLU C 179 -3.92 51.45 -0.31
N HIS C 180 -3.72 50.46 -1.19
CA HIS C 180 -3.94 50.68 -2.61
C HIS C 180 -5.41 50.95 -2.93
N MET C 181 -6.35 50.40 -2.14
CA MET C 181 -7.77 50.62 -2.36
C MET C 181 -8.33 51.77 -1.53
N GLY C 182 -7.47 52.67 -1.05
CA GLY C 182 -7.91 53.86 -0.36
C GLY C 182 -8.07 53.75 1.14
N PHE C 183 -7.86 52.58 1.72
CA PHE C 183 -7.94 52.43 3.16
C PHE C 183 -6.76 53.10 3.83
N GLN C 184 -7.00 53.65 5.03
CA GLN C 184 -5.95 54.15 5.89
C GLN C 184 -5.81 53.14 7.04
N ILE C 185 -4.79 52.29 6.96
CA ILE C 185 -4.60 51.24 7.95
C ILE C 185 -4.18 51.87 9.27
N GLU C 186 -4.79 51.40 10.36
CA GLU C 186 -4.48 51.87 11.71
C GLU C 186 -3.64 50.88 12.50
N ALA C 187 -4.01 49.61 12.50
CA ALA C 187 -3.27 48.58 13.22
C ALA C 187 -3.60 47.23 12.63
N SER C 188 -2.70 46.27 12.84
CA SER C 188 -2.90 44.91 12.40
C SER C 188 -2.20 43.98 13.38
N HIS C 189 -2.88 42.91 13.78
CA HIS C 189 -2.32 42.00 14.78
C HIS C 189 -2.99 40.64 14.69
N HIS C 190 -2.36 39.67 15.32
CA HIS C 190 -2.98 38.39 15.59
C HIS C 190 -3.99 38.54 16.73
N GLU C 191 -5.15 37.90 16.57
CA GLU C 191 -6.22 38.02 17.56
C GLU C 191 -6.16 36.86 18.54
N VAL C 192 -7.16 36.79 19.43
CA VAL C 192 -7.14 35.85 20.55
C VAL C 192 -7.13 34.41 20.08
N ALA C 193 -8.06 34.08 19.18
CA ALA C 193 -8.18 32.70 18.71
C ALA C 193 -7.00 32.34 17.81
N PRO C 194 -6.66 31.05 17.74
CA PRO C 194 -5.62 30.63 16.78
C PRO C 194 -6.03 30.95 15.35
N SER C 195 -5.06 31.38 14.56
CA SER C 195 -5.23 31.74 13.16
C SER C 195 -6.22 32.89 12.95
N GLN C 196 -6.46 33.68 13.99
CA GLN C 196 -7.39 34.81 13.92
C GLN C 196 -6.60 36.11 13.88
N HIS C 197 -7.07 37.04 13.05
CA HIS C 197 -6.34 38.26 12.78
C HIS C 197 -7.29 39.45 12.70
N GLU C 198 -6.82 40.59 13.17
CA GLU C 198 -7.56 41.84 13.09
C GLU C 198 -6.72 42.87 12.35
N ILE C 199 -7.33 43.53 11.37
CA ILE C 199 -6.70 44.65 10.68
C ILE C 199 -7.65 45.83 10.79
N ASP C 200 -7.19 46.90 11.43
CA ASP C 200 -8.01 48.07 11.69
C ASP C 200 -7.69 49.16 10.68
N PHE C 201 -8.73 49.75 10.10
CA PHE C 201 -8.59 50.87 9.20
C PHE C 201 -9.33 52.06 9.78
N ARG C 202 -9.01 53.25 9.25
CA ARG C 202 -9.57 54.48 9.79
C ARG C 202 -11.07 54.54 9.54
N PHE C 203 -11.78 55.18 10.46
CA PHE C 203 -13.21 55.42 10.33
C PHE C 203 -13.50 56.39 9.18
N GLY C 204 -14.77 56.48 8.84
CA GLY C 204 -15.22 57.43 7.85
C GLY C 204 -16.71 57.58 7.93
N ASP C 205 -17.26 58.31 6.95
CA ASP C 205 -18.71 58.43 6.86
C ASP C 205 -19.32 57.05 6.58
N VAL C 206 -20.56 56.86 7.04
CA VAL C 206 -21.13 55.53 7.19
C VAL C 206 -21.29 54.83 5.85
N LEU C 207 -21.66 55.58 4.79
CA LEU C 207 -21.78 54.99 3.47
C LEU C 207 -20.43 54.48 2.97
N CYS C 208 -19.41 55.34 3.03
CA CYS C 208 -18.05 54.93 2.68
C CYS C 208 -17.56 53.83 3.59
N THR C 209 -17.99 53.83 4.86
CA THR C 209 -17.56 52.79 5.79
C THR C 209 -18.14 51.43 5.42
N ALA C 210 -19.42 51.36 5.06
CA ALA C 210 -20.01 50.10 4.64
C ALA C 210 -19.42 49.61 3.33
N ASP C 211 -19.17 50.55 2.39
CA ASP C 211 -18.42 50.21 1.19
C ASP C 211 -17.05 49.63 1.54
N ASN C 212 -16.39 50.24 2.52
CA ASN C 212 -15.09 49.75 2.98
C ASN C 212 -15.21 48.39 3.64
N VAL C 213 -16.32 48.09 4.30
CA VAL C 213 -16.48 46.79 4.94
C VAL C 213 -16.57 45.68 3.90
N VAL C 214 -17.43 45.87 2.90
CA VAL C 214 -17.55 44.83 1.87
C VAL C 214 -16.26 44.74 1.06
N THR C 215 -15.65 45.89 0.76
CA THR C 215 -14.36 45.90 0.06
C THR C 215 -13.29 45.21 0.88
N PHE C 216 -13.22 45.49 2.18
CA PHE C 216 -12.25 44.87 3.06
C PHE C 216 -12.41 43.35 3.05
N LYS C 217 -13.65 42.88 3.13
CA LYS C 217 -13.88 41.44 3.15
C LYS C 217 -13.38 40.79 1.87
N TYR C 218 -13.74 41.35 0.71
CA TYR C 218 -13.29 40.65 -0.51
C TYR C 218 -11.81 40.88 -0.80
N VAL C 219 -11.22 42.01 -0.38
CA VAL C 219 -9.79 42.23 -0.54
C VAL C 219 -9.00 41.25 0.32
N VAL C 220 -9.40 41.07 1.58
CA VAL C 220 -8.74 40.12 2.46
C VAL C 220 -8.86 38.71 1.90
N LYS C 221 -10.05 38.35 1.40
CA LYS C 221 -10.23 37.02 0.82
C LYS C 221 -9.35 36.81 -0.41
N SER C 222 -9.27 37.81 -1.29
CA SER C 222 -8.46 37.69 -2.50
C SER C 222 -6.97 37.58 -2.16
N ILE C 223 -6.48 38.44 -1.26
CA ILE C 223 -5.06 38.40 -0.90
C ILE C 223 -4.72 37.08 -0.21
N ALA C 224 -5.60 36.60 0.68
CA ALA C 224 -5.38 35.31 1.31
C ALA C 224 -5.36 34.18 0.29
N TYR C 225 -6.28 34.23 -0.70
CA TYR C 225 -6.33 33.19 -1.71
C TYR C 225 -5.06 33.15 -2.54
N HIS C 226 -4.55 34.32 -2.95
CA HIS C 226 -3.36 34.33 -3.79
C HIS C 226 -2.09 33.92 -3.05
N LYS C 227 -2.12 33.91 -1.72
CA LYS C 227 -1.02 33.38 -0.93
C LYS C 227 -1.25 31.93 -0.51
N GLY C 228 -2.31 31.29 -1.01
CA GLY C 228 -2.58 29.91 -0.68
C GLY C 228 -3.39 29.70 0.58
N TYR C 229 -4.05 30.72 1.10
CA TYR C 229 -4.81 30.64 2.33
C TYR C 229 -6.28 30.93 2.05
N TYR C 230 -7.11 30.68 3.04
CA TYR C 230 -8.51 31.08 3.00
C TYR C 230 -8.80 32.05 4.14
N ALA C 231 -9.38 33.19 3.80
CA ALA C 231 -9.80 34.16 4.80
C ALA C 231 -11.27 33.94 5.10
N SER C 232 -11.57 33.59 6.35
CA SER C 232 -12.91 33.28 6.79
C SER C 232 -13.44 34.40 7.67
N PHE C 233 -14.59 34.97 7.28
CA PHE C 233 -15.32 35.89 8.13
C PHE C 233 -16.50 35.22 8.80
N MET C 234 -16.43 33.90 8.96
CA MET C 234 -17.46 33.16 9.67
C MET C 234 -17.46 33.58 11.14
N PRO C 235 -18.63 33.80 11.74
CA PRO C 235 -18.66 34.28 13.13
C PRO C 235 -18.02 33.33 14.13
N LYS C 236 -18.15 32.02 13.94
CA LYS C 236 -17.60 31.03 14.86
C LYS C 236 -17.25 29.76 14.08
N PRO C 237 -16.15 29.78 13.34
CA PRO C 237 -15.78 28.59 12.57
C PRO C 237 -15.33 27.42 13.42
N LEU C 238 -14.79 27.69 14.61
CA LEU C 238 -14.22 26.66 15.47
C LEU C 238 -14.83 26.74 16.86
N PHE C 239 -15.03 25.58 17.48
CA PHE C 239 -15.54 25.52 18.84
C PHE C 239 -14.39 25.63 19.83
N GLY C 240 -14.68 26.28 20.97
CA GLY C 240 -13.74 26.36 22.06
C GLY C 240 -12.76 27.50 21.98
N VAL C 241 -12.74 28.24 20.88
CA VAL C 241 -11.87 29.39 20.71
C VAL C 241 -12.74 30.60 20.42
N ASN C 242 -12.11 31.77 20.40
CA ASN C 242 -12.84 33.01 20.19
C ASN C 242 -13.45 33.08 18.81
N GLY C 243 -14.68 33.60 18.74
CA GLY C 243 -15.31 33.89 17.47
C GLY C 243 -14.88 35.24 16.93
N SER C 244 -15.32 35.51 15.69
CA SER C 244 -15.03 36.77 15.02
C SER C 244 -16.23 37.68 15.10
N GLY C 245 -16.04 38.88 15.63
CA GLY C 245 -17.06 39.90 15.67
C GLY C 245 -16.66 41.11 14.84
N MET C 246 -17.62 42.00 14.64
CA MET C 246 -17.39 43.29 13.99
C MET C 246 -17.80 44.37 14.98
N HIS C 247 -16.83 44.85 15.77
CA HIS C 247 -17.11 45.93 16.70
C HIS C 247 -17.35 47.22 15.94
N SER C 248 -18.52 47.81 16.14
CA SER C 248 -18.97 48.96 15.36
C SER C 248 -18.89 50.21 16.23
N ASN C 249 -17.81 50.98 16.07
CA ASN C 249 -17.69 52.29 16.70
C ASN C 249 -18.41 53.32 15.85
N GLN C 250 -19.32 54.07 16.46
CA GLN C 250 -20.10 55.05 15.74
C GLN C 250 -20.06 56.39 16.46
N SER C 251 -20.03 57.47 15.69
CA SER C 251 -20.06 58.81 16.22
C SER C 251 -21.01 59.66 15.38
N LEU C 252 -21.67 60.60 16.04
CA LEU C 252 -22.59 61.52 15.38
C LEU C 252 -21.99 62.92 15.35
N PHE C 253 -22.26 63.64 14.27
CA PHE C 253 -21.73 64.98 14.07
C PHE C 253 -22.82 65.93 13.62
N LYS C 254 -22.76 67.16 14.12
CA LYS C 254 -23.70 68.20 13.73
C LYS C 254 -22.96 69.53 13.73
N ASP C 255 -23.02 70.25 12.62
CA ASP C 255 -22.30 71.51 12.42
C ASP C 255 -20.81 71.37 12.67
N GLY C 256 -20.22 70.24 12.26
CA GLY C 256 -18.81 70.00 12.40
C GLY C 256 -18.35 69.60 13.79
N LYS C 257 -19.27 69.45 14.74
CA LYS C 257 -18.94 69.10 16.11
C LYS C 257 -19.41 67.70 16.43
N ASN C 258 -18.60 66.96 17.19
CA ASN C 258 -19.00 65.64 17.66
C ASN C 258 -20.16 65.79 18.63
N VAL C 259 -21.31 65.23 18.26
CA VAL C 259 -22.52 65.36 19.06
C VAL C 259 -22.38 64.64 20.39
N PHE C 260 -21.67 63.51 20.41
CA PHE C 260 -21.54 62.68 21.60
C PHE C 260 -20.64 63.31 22.66
N TYR C 261 -19.95 64.40 22.36
CA TYR C 261 -19.02 65.04 23.27
C TYR C 261 -19.68 66.21 23.99
N ASP C 262 -19.36 66.34 25.28
CA ASP C 262 -19.81 67.48 26.08
C ASP C 262 -18.75 67.75 27.13
N PRO C 263 -17.97 68.83 26.97
CA PRO C 263 -16.94 69.14 27.98
C PRO C 263 -17.49 69.50 29.34
N ASP C 264 -18.75 69.94 29.43
CA ASP C 264 -19.31 70.34 30.71
C ASP C 264 -19.69 69.16 31.59
N THR C 265 -20.12 68.05 30.99
CA THR C 265 -20.57 66.90 31.76
C THR C 265 -19.39 66.24 32.48
N PRO C 266 -19.61 65.70 33.68
CA PRO C 266 -18.51 65.02 34.40
C PRO C 266 -17.95 63.83 33.66
N THR C 267 -18.79 63.09 32.95
CA THR C 267 -18.37 61.93 32.17
C THR C 267 -17.93 62.30 30.76
N LYS C 268 -17.95 63.60 30.43
CA LYS C 268 -17.50 64.13 29.13
C LYS C 268 -18.35 63.60 27.98
N LEU C 269 -19.59 63.20 28.27
CA LEU C 269 -20.51 62.66 27.27
C LEU C 269 -21.77 63.49 27.27
N SER C 270 -22.27 63.81 26.08
CA SER C 270 -23.47 64.62 25.98
C SER C 270 -24.70 63.78 26.32
N GLN C 271 -25.81 64.48 26.57
CA GLN C 271 -27.07 63.79 26.81
C GLN C 271 -27.53 63.07 25.54
N ASP C 272 -27.15 63.58 24.37
CA ASP C 272 -27.49 62.93 23.11
C ASP C 272 -26.76 61.61 22.96
N ALA C 273 -25.53 61.50 23.50
CA ALA C 273 -24.83 60.22 23.50
C ALA C 273 -25.57 59.20 24.35
N MET C 274 -26.06 59.60 25.52
CA MET C 274 -26.87 58.72 26.35
C MET C 274 -28.16 58.31 25.65
N TYR C 275 -28.78 59.27 24.95
CA TYR C 275 -30.00 58.98 24.20
C TYR C 275 -29.73 57.98 23.06
N TYR C 276 -28.61 58.16 22.36
CA TYR C 276 -28.20 57.22 21.32
C TYR C 276 -28.00 55.82 21.88
N ILE C 277 -27.33 55.73 23.03
CA ILE C 277 -27.12 54.44 23.69
C ILE C 277 -28.45 53.82 24.10
N GLY C 278 -29.36 54.65 24.63
CA GLY C 278 -30.66 54.15 25.03
C GLY C 278 -31.46 53.60 23.87
N GLY C 279 -31.44 54.30 22.73
CA GLY C 279 -32.12 53.79 21.55
C GLY C 279 -31.50 52.50 21.03
N LEU C 280 -30.16 52.44 21.03
CA LEU C 280 -29.48 51.22 20.61
C LEU C 280 -29.84 50.04 21.51
N LEU C 281 -29.83 50.25 22.83
CA LEU C 281 -30.14 49.17 23.76
C LEU C 281 -31.61 48.79 23.71
N LYS C 282 -32.49 49.76 23.39
CA LYS C 282 -33.91 49.45 23.26
C LYS C 282 -34.18 48.61 22.03
N HIS C 283 -33.53 48.91 20.90
CA HIS C 283 -33.88 48.26 19.65
C HIS C 283 -32.96 47.13 19.24
N ILE C 284 -31.88 46.86 19.99
CA ILE C 284 -30.86 45.91 19.52
C ILE C 284 -31.42 44.50 19.38
N ARG C 285 -32.37 44.13 20.24
CA ARG C 285 -32.98 42.80 20.12
C ARG C 285 -33.78 42.67 18.83
N GLU C 286 -34.31 43.78 18.32
CA GLU C 286 -35.17 43.74 17.15
C GLU C 286 -34.39 43.60 15.84
N PHE C 287 -33.09 43.90 15.83
CA PHE C 287 -32.30 43.72 14.62
C PHE C 287 -31.00 42.98 14.91
N THR C 288 -30.95 42.23 16.01
CA THR C 288 -29.91 41.23 16.19
C THR C 288 -29.88 40.24 15.02
N ALA C 289 -31.05 39.92 14.45
CA ALA C 289 -31.10 39.07 13.26
C ALA C 289 -30.38 39.69 12.06
N VAL C 290 -30.19 41.00 12.06
CA VAL C 290 -29.43 41.66 10.99
C VAL C 290 -27.97 41.79 11.36
N THR C 291 -27.67 42.24 12.59
CA THR C 291 -26.28 42.34 13.01
C THR C 291 -25.63 40.97 13.17
N ASN C 292 -26.42 39.94 13.43
CA ASN C 292 -25.94 38.57 13.60
C ASN C 292 -26.80 37.69 12.70
N PRO C 293 -26.46 37.60 11.42
CA PRO C 293 -27.42 37.11 10.42
C PRO C 293 -27.55 35.60 10.30
N VAL C 294 -26.54 34.85 10.68
CA VAL C 294 -26.49 33.42 10.38
C VAL C 294 -26.68 32.61 11.66
N VAL C 295 -26.87 31.30 11.48
CA VAL C 295 -27.01 30.39 12.61
C VAL C 295 -25.73 30.38 13.44
N ASN C 296 -24.58 30.41 12.77
CA ASN C 296 -23.28 30.33 13.44
C ASN C 296 -23.00 31.58 14.29
N SER C 297 -23.67 32.70 13.97
CA SER C 297 -23.52 33.91 14.76
C SER C 297 -23.87 33.68 16.22
N TYR C 298 -24.84 32.80 16.47
CA TYR C 298 -25.28 32.49 17.82
C TYR C 298 -24.51 31.33 18.43
N LYS C 299 -23.69 30.64 17.63
CA LYS C 299 -22.62 29.84 18.19
C LYS C 299 -21.47 30.73 18.65
N ARG C 300 -21.35 31.94 18.08
CA ARG C 300 -20.47 32.92 18.70
C ARG C 300 -21.15 33.61 19.88
N LEU C 301 -22.41 34.01 19.72
CA LEU C 301 -23.13 34.74 20.77
C LEU C 301 -23.81 33.76 21.74
N VAL C 302 -22.98 33.08 22.52
CA VAL C 302 -23.44 32.19 23.58
C VAL C 302 -23.10 32.86 24.90
N PRO C 303 -23.91 32.72 25.95
CA PRO C 303 -23.47 33.18 27.28
C PRO C 303 -22.20 32.46 27.71
N GLY C 304 -21.27 33.22 28.26
CA GLY C 304 -19.96 32.70 28.60
C GLY C 304 -19.04 33.80 29.11
N TYR C 305 -17.82 33.84 28.58
CA TYR C 305 -16.85 34.85 28.99
C TYR C 305 -16.24 35.57 27.79
N GLU C 306 -16.86 35.45 26.61
CA GLU C 306 -16.31 36.06 25.41
C GLU C 306 -17.33 36.92 24.68
N ALA C 307 -18.59 36.48 24.68
CA ALA C 307 -19.57 37.06 23.77
C ALA C 307 -20.36 38.17 24.46
N PRO C 308 -20.57 39.31 23.79
CA PRO C 308 -21.42 40.39 24.34
C PRO C 308 -22.90 40.11 24.12
N VAL C 309 -23.44 39.16 24.88
CA VAL C 309 -24.83 38.75 24.75
C VAL C 309 -25.75 39.48 25.71
N TYR C 310 -25.20 40.26 26.63
CA TYR C 310 -25.98 40.92 27.68
C TYR C 310 -26.18 42.38 27.32
N ILE C 311 -27.44 42.81 27.29
CA ILE C 311 -27.80 44.16 26.85
C ILE C 311 -27.44 45.14 27.96
N SER C 312 -26.38 45.91 27.74
CA SER C 312 -25.86 46.82 28.75
C SER C 312 -24.92 47.80 28.07
N TRP C 313 -24.54 48.84 28.81
CA TRP C 313 -23.56 49.80 28.35
C TRP C 313 -22.61 50.14 29.47
N SER C 314 -21.41 50.58 29.10
CA SER C 314 -20.38 50.94 30.05
C SER C 314 -19.32 51.75 29.33
N ALA C 315 -18.35 52.25 30.10
CA ALA C 315 -17.25 53.00 29.51
C ALA C 315 -16.06 52.11 29.15
N GLN C 316 -15.46 51.44 30.14
CA GLN C 316 -14.29 50.62 29.91
C GLN C 316 -14.57 49.13 29.94
N ASN C 317 -15.77 48.71 30.31
CA ASN C 317 -16.09 47.30 30.45
C ASN C 317 -16.27 46.64 29.09
N ARG C 318 -15.51 45.58 28.83
CA ARG C 318 -15.62 44.83 27.59
C ARG C 318 -16.55 43.63 27.70
N SER C 319 -17.22 43.46 28.83
CA SER C 319 -18.30 42.49 28.96
C SER C 319 -19.66 43.11 28.67
N SER C 320 -19.72 44.40 28.38
CA SER C 320 -20.95 45.09 28.06
C SER C 320 -21.24 45.03 26.56
N LEU C 321 -22.52 45.16 26.22
CA LEU C 321 -22.92 45.24 24.82
C LEU C 321 -22.37 46.50 24.16
N ILE C 322 -22.42 47.63 24.87
CA ILE C 322 -21.98 48.92 24.36
C ILE C 322 -20.82 49.41 25.19
N ARG C 323 -19.72 49.75 24.53
CA ARG C 323 -18.55 50.32 25.17
C ARG C 323 -18.35 51.75 24.71
N ILE C 324 -17.84 52.59 25.61
CA ILE C 324 -17.53 53.98 25.32
C ILE C 324 -16.04 54.18 25.52
N PRO C 325 -15.25 54.15 24.45
CA PRO C 325 -13.81 54.39 24.59
C PRO C 325 -13.54 55.77 25.15
N ALA C 326 -12.43 55.88 25.91
CA ALA C 326 -12.13 57.08 26.66
C ALA C 326 -11.75 58.26 25.78
N THR C 327 -11.57 58.07 24.48
CA THR C 327 -11.30 59.17 23.57
C THR C 327 -12.45 60.17 23.60
N ARG C 328 -12.11 61.44 23.71
CA ARG C 328 -13.09 62.52 23.79
C ARG C 328 -12.84 63.51 22.65
N GLY C 329 -13.58 64.61 22.67
CA GLY C 329 -13.43 65.60 21.61
C GLY C 329 -14.14 65.13 20.35
N ASN C 330 -13.45 65.26 19.22
CA ASN C 330 -14.02 64.80 17.96
C ASN C 330 -13.97 63.28 17.83
N GLY C 331 -13.18 62.61 18.66
CA GLY C 331 -13.05 61.17 18.65
C GLY C 331 -14.00 60.42 19.55
N THR C 332 -14.99 61.11 20.13
CA THR C 332 -15.96 60.44 20.98
C THR C 332 -16.83 59.51 20.14
N ARG C 333 -16.91 58.25 20.55
CA ARG C 333 -17.62 57.25 19.77
C ARG C 333 -18.26 56.22 20.70
N ILE C 334 -19.24 55.51 20.15
CA ILE C 334 -19.97 54.47 20.85
C ILE C 334 -19.73 53.15 20.11
N GLU C 335 -19.25 52.14 20.83
CA GLU C 335 -18.88 50.86 20.22
C GLU C 335 -19.95 49.81 20.52
N LEU C 336 -20.58 49.30 19.46
CA LEU C 336 -21.48 48.15 19.58
C LEU C 336 -20.70 46.88 19.27
N ARG C 337 -20.76 45.91 20.19
CA ARG C 337 -19.88 44.75 20.13
C ARG C 337 -20.57 43.46 19.69
N CYS C 338 -21.90 43.43 19.63
CA CYS C 338 -22.59 42.23 19.16
C CYS C 338 -22.29 41.83 17.71
N PRO C 339 -22.24 42.72 16.70
CA PRO C 339 -22.23 42.24 15.31
C PRO C 339 -20.97 41.47 14.96
N ASP C 340 -21.12 40.55 14.02
CA ASP C 340 -20.07 39.72 13.47
C ASP C 340 -19.85 40.11 12.00
N PRO C 341 -18.69 39.78 11.42
CA PRO C 341 -18.42 40.21 10.04
C PRO C 341 -19.30 39.56 8.97
N ALA C 342 -20.18 38.63 9.33
CA ALA C 342 -21.09 38.05 8.36
C ALA C 342 -22.30 38.93 8.06
N CYS C 343 -22.51 40.00 8.82
CA CYS C 343 -23.67 40.85 8.63
C CYS C 343 -23.51 41.75 7.42
N ASN C 344 -24.64 42.20 6.89
CA ASN C 344 -24.66 43.18 5.81
C ASN C 344 -24.36 44.54 6.44
N PRO C 345 -23.22 45.16 6.10
CA PRO C 345 -22.87 46.43 6.74
C PRO C 345 -23.84 47.56 6.45
N TYR C 346 -24.44 47.60 5.25
CA TYR C 346 -25.40 48.64 4.95
C TYR C 346 -26.62 48.57 5.85
N LEU C 347 -27.24 47.39 5.92
CA LEU C 347 -28.43 47.20 6.76
C LEU C 347 -28.09 47.36 8.23
N ALA C 348 -26.96 46.80 8.67
CA ALA C 348 -26.60 46.87 10.08
C ALA C 348 -26.33 48.30 10.51
N PHE C 349 -25.51 49.03 9.74
CA PHE C 349 -25.18 50.41 10.09
C PHE C 349 -26.41 51.30 10.00
N ALA C 350 -27.28 51.06 9.01
CA ALA C 350 -28.53 51.80 8.92
C ALA C 350 -29.39 51.57 10.15
N LEU C 351 -29.46 50.32 10.63
CA LEU C 351 -30.29 50.02 11.78
C LEU C 351 -29.72 50.61 13.06
N MET C 352 -28.40 50.57 13.24
CA MET C 352 -27.80 51.25 14.40
C MET C 352 -28.05 52.75 14.36
N LEU C 353 -27.91 53.36 13.16
CA LEU C 353 -28.19 54.78 13.03
C LEU C 353 -29.64 55.09 13.38
N ARG C 354 -30.59 54.29 12.87
CA ARG C 354 -31.99 54.55 13.15
C ARG C 354 -32.32 54.33 14.62
N ALA C 355 -31.73 53.32 15.26
CA ALA C 355 -31.97 53.10 16.68
C ALA C 355 -31.44 54.26 17.51
N GLY C 356 -30.24 54.76 17.19
CA GLY C 356 -29.71 55.90 17.90
C GLY C 356 -30.50 57.17 17.66
N LEU C 357 -30.98 57.37 16.43
CA LEU C 357 -31.82 58.54 16.15
C LEU C 357 -33.15 58.44 16.87
N GLU C 358 -33.73 57.25 16.96
CA GLU C 358 -34.94 57.06 17.74
C GLU C 358 -34.69 57.34 19.22
N GLY C 359 -33.53 56.93 19.73
CA GLY C 359 -33.20 57.25 21.11
C GLY C 359 -33.06 58.74 21.36
N ILE C 360 -32.45 59.46 20.41
CA ILE C 360 -32.30 60.90 20.56
C ILE C 360 -33.64 61.60 20.44
N LYS C 361 -34.47 61.19 19.47
CA LYS C 361 -35.77 61.83 19.26
C LYS C 361 -36.72 61.56 20.42
N ASN C 362 -36.74 60.33 20.93
CA ASN C 362 -37.65 59.94 22.00
C ASN C 362 -37.07 60.12 23.39
N LYS C 363 -35.84 60.63 23.49
CA LYS C 363 -35.18 60.93 24.77
C LYS C 363 -35.09 59.69 25.65
N ILE C 364 -34.64 58.59 25.05
CA ILE C 364 -34.63 57.30 25.73
C ILE C 364 -33.42 57.22 26.65
N ASP C 365 -33.68 57.09 27.94
CA ASP C 365 -32.62 56.99 28.93
C ASP C 365 -31.98 55.61 28.89
N PRO C 366 -30.65 55.51 28.80
CA PRO C 366 -30.01 54.19 28.70
C PRO C 366 -29.94 53.44 30.02
N GLY C 367 -30.23 54.09 31.15
CA GLY C 367 -30.09 53.46 32.44
C GLY C 367 -28.66 53.58 32.96
N GLU C 368 -28.46 53.00 34.14
CA GLU C 368 -27.15 53.01 34.77
C GLU C 368 -26.18 52.12 34.00
N PRO C 369 -24.93 52.52 33.88
CA PRO C 369 -23.93 51.65 33.26
C PRO C 369 -23.55 50.50 34.17
N THR C 370 -23.16 49.39 33.55
CA THR C 370 -22.75 48.18 34.26
C THR C 370 -21.23 48.11 34.23
N ASN C 371 -20.60 48.46 35.34
CA ASN C 371 -19.15 48.55 35.42
C ASN C 371 -18.49 47.29 35.96
N VAL C 372 -19.27 46.26 36.25
CA VAL C 372 -18.73 45.01 36.76
C VAL C 372 -18.61 44.01 35.62
N ASN C 373 -17.89 42.93 35.86
CA ASN C 373 -17.76 41.87 34.86
C ASN C 373 -19.08 41.10 34.83
N ILE C 374 -19.88 41.37 33.80
CA ILE C 374 -21.18 40.71 33.65
C ILE C 374 -21.02 39.22 33.38
N PHE C 375 -19.89 38.81 32.80
CA PHE C 375 -19.64 37.39 32.57
C PHE C 375 -19.51 36.62 33.88
N HIS C 376 -18.92 37.24 34.90
CA HIS C 376 -18.79 36.61 36.21
C HIS C 376 -20.09 36.63 37.00
N LEU C 377 -21.06 37.45 36.61
CA LEU C 377 -22.35 37.48 37.30
C LEU C 377 -23.14 36.21 37.01
N SER C 378 -24.04 35.89 37.92
CA SER C 378 -24.98 34.79 37.71
C SER C 378 -26.26 35.31 37.07
N ASP C 379 -27.16 34.37 36.74
CA ASP C 379 -28.45 34.76 36.19
C ASP C 379 -29.29 35.53 37.20
N LYS C 380 -29.19 35.18 38.48
CA LYS C 380 -29.91 35.90 39.53
C LYS C 380 -29.40 37.34 39.63
N GLU C 381 -28.09 37.53 39.63
CA GLU C 381 -27.54 38.89 39.75
C GLU C 381 -27.86 39.72 38.51
N ARG C 382 -27.84 39.10 37.33
CA ARG C 382 -28.19 39.82 36.12
C ARG C 382 -29.69 40.14 36.07
N GLU C 383 -30.52 39.28 36.65
CA GLU C 383 -31.94 39.55 36.71
C GLU C 383 -32.25 40.67 37.69
N GLU C 384 -31.49 40.75 38.80
CA GLU C 384 -31.71 41.83 39.75
C GLU C 384 -31.28 43.18 39.17
N ARG C 385 -30.26 43.18 38.32
CA ARG C 385 -29.84 44.42 37.66
C ARG C 385 -30.66 44.74 36.42
N GLY C 386 -31.59 43.87 36.03
CA GLY C 386 -32.37 44.09 34.84
C GLY C 386 -31.59 43.95 33.55
N ILE C 387 -30.50 43.20 33.56
CA ILE C 387 -29.67 43.03 32.38
C ILE C 387 -30.30 41.97 31.49
N ARG C 388 -30.90 42.40 30.39
CA ARG C 388 -31.52 41.49 29.44
C ARG C 388 -30.48 40.88 28.52
N SER C 389 -30.88 39.87 27.78
CA SER C 389 -29.99 39.15 26.89
C SER C 389 -30.44 39.32 25.43
N LEU C 390 -29.48 39.17 24.53
CA LEU C 390 -29.76 39.10 23.12
C LEU C 390 -30.46 37.78 22.79
N PRO C 391 -31.11 37.69 21.63
CA PRO C 391 -31.69 36.40 21.22
C PRO C 391 -30.65 35.29 21.19
N ALA C 392 -31.04 34.12 21.70
CA ALA C 392 -30.10 33.03 21.89
C ALA C 392 -29.78 32.29 20.61
N ASP C 393 -30.61 32.41 19.57
CA ASP C 393 -30.38 31.72 18.31
C ASP C 393 -30.99 32.54 17.19
N LEU C 394 -30.82 32.05 15.96
CA LEU C 394 -31.34 32.77 14.80
C LEU C 394 -32.86 32.81 14.78
N LYS C 395 -33.52 31.73 15.22
CA LYS C 395 -34.99 31.71 15.22
C LYS C 395 -35.57 32.76 16.14
N GLU C 396 -34.98 32.92 17.34
CA GLU C 396 -35.47 33.92 18.28
C GLU C 396 -35.27 35.33 17.75
N ALA C 397 -34.14 35.58 17.08
CA ALA C 397 -33.89 36.90 16.51
C ALA C 397 -34.81 37.16 15.32
N ILE C 398 -35.11 36.13 14.53
CA ILE C 398 -36.09 36.26 13.46
C ILE C 398 -37.46 36.63 14.03
N ASP C 399 -37.85 35.97 15.12
CA ASP C 399 -39.14 36.26 15.75
C ASP C 399 -39.16 37.68 16.31
N GLU C 400 -38.05 38.12 16.90
CA GLU C 400 -37.95 39.49 17.41
C GLU C 400 -38.04 40.51 16.27
N MET C 401 -37.38 40.23 15.15
CA MET C 401 -37.39 41.16 14.02
C MET C 401 -38.75 41.19 13.35
N LYS C 402 -39.48 40.06 13.35
CA LYS C 402 -40.77 39.97 12.69
C LYS C 402 -41.78 40.95 13.27
N GLY C 403 -41.83 41.06 14.60
CA GLY C 403 -42.74 41.94 15.27
C GLY C 403 -42.27 43.36 15.43
N SER C 404 -41.12 43.70 14.86
CA SER C 404 -40.54 45.04 15.02
C SER C 404 -41.05 45.96 13.92
N LYS C 405 -41.85 46.95 14.32
CA LYS C 405 -42.23 47.99 13.36
C LYS C 405 -41.08 48.95 13.09
N PHE C 406 -40.16 49.07 14.06
CA PHE C 406 -38.98 49.91 13.87
C PHE C 406 -38.10 49.37 12.75
N VAL C 407 -37.82 48.06 12.78
CA VAL C 407 -36.96 47.46 11.75
C VAL C 407 -37.67 47.45 10.41
N LYS C 408 -38.98 47.21 10.41
CA LYS C 408 -39.74 47.23 9.16
C LYS C 408 -39.74 48.61 8.53
N GLU C 409 -39.88 49.65 9.36
CA GLU C 409 -39.86 51.01 8.84
C GLU C 409 -38.46 51.41 8.36
N ALA C 410 -37.43 51.02 9.11
CA ALA C 410 -36.06 51.41 8.75
C ALA C 410 -35.56 50.68 7.51
N LEU C 411 -35.95 49.42 7.34
CA LEU C 411 -35.45 48.61 6.23
C LEU C 411 -36.31 48.73 4.97
N GLY C 412 -37.57 49.10 5.11
CA GLY C 412 -38.48 49.03 3.98
C GLY C 412 -39.09 47.66 3.83
N GLU C 413 -40.27 47.61 3.21
CA GLU C 413 -41.03 46.37 3.13
C GLU C 413 -40.30 45.29 2.35
N HIS C 414 -39.67 45.67 1.22
CA HIS C 414 -38.99 44.68 0.39
C HIS C 414 -37.83 44.03 1.13
N VAL C 415 -36.93 44.83 1.70
CA VAL C 415 -35.77 44.30 2.41
C VAL C 415 -36.21 43.50 3.62
N PHE C 416 -37.16 44.03 4.39
CA PHE C 416 -37.68 43.35 5.57
C PHE C 416 -38.22 41.97 5.22
N SER C 417 -39.13 41.91 4.24
CA SER C 417 -39.77 40.65 3.90
C SER C 417 -38.79 39.65 3.29
N HIS C 418 -37.93 40.10 2.37
CA HIS C 418 -37.03 39.16 1.71
C HIS C 418 -35.94 38.67 2.67
N TYR C 419 -35.43 39.56 3.52
CA TYR C 419 -34.44 39.15 4.52
C TYR C 419 -35.04 38.16 5.50
N LEU C 420 -36.27 38.42 5.96
CA LEU C 420 -36.92 37.50 6.89
C LEU C 420 -37.19 36.16 6.22
N CYS C 421 -37.59 36.17 4.95
CA CYS C 421 -37.84 34.91 4.24
C CYS C 421 -36.56 34.09 4.08
N ALA C 422 -35.46 34.75 3.70
CA ALA C 422 -34.19 34.03 3.56
C ALA C 422 -33.73 33.47 4.90
N LYS C 423 -33.84 34.24 5.98
CA LYS C 423 -33.45 33.76 7.29
C LYS C 423 -34.34 32.62 7.75
N GLU C 424 -35.64 32.69 7.45
CA GLU C 424 -36.57 31.63 7.81
C GLU C 424 -36.24 30.34 7.08
N MET C 425 -35.93 30.42 5.78
CA MET C 425 -35.53 29.22 5.04
C MET C 425 -34.25 28.64 5.60
N GLU C 426 -33.28 29.51 5.94
CA GLU C 426 -32.02 29.06 6.50
C GLU C 426 -32.24 28.32 7.83
N TRP C 427 -33.05 28.90 8.72
CA TRP C 427 -33.30 28.24 9.99
C TRP C 427 -34.12 26.96 9.82
N ASP C 428 -35.06 26.95 8.88
CA ASP C 428 -35.87 25.76 8.67
C ASP C 428 -35.04 24.61 8.14
N GLU C 429 -34.04 24.90 7.29
CA GLU C 429 -33.12 23.87 6.86
C GLU C 429 -32.22 23.43 8.02
N TYR C 430 -31.73 24.38 8.82
CA TYR C 430 -30.82 24.04 9.91
C TYR C 430 -31.49 23.19 10.99
N LYS C 431 -32.74 23.51 11.33
CA LYS C 431 -33.39 22.91 12.49
C LYS C 431 -33.71 21.43 12.29
N ALA C 432 -33.70 20.94 11.05
CA ALA C 432 -34.00 19.53 10.80
C ALA C 432 -32.75 18.65 10.73
N VAL C 433 -31.56 19.24 10.72
CA VAL C 433 -30.33 18.48 10.56
C VAL C 433 -30.04 17.66 11.81
N VAL C 434 -29.75 16.38 11.63
CA VAL C 434 -29.26 15.52 12.69
C VAL C 434 -27.75 15.67 12.73
N HIS C 435 -27.25 16.40 13.69
CA HIS C 435 -25.83 16.68 13.75
C HIS C 435 -25.05 15.50 14.34
N PRO C 436 -23.76 15.38 14.01
CA PRO C 436 -22.95 14.32 14.60
C PRO C 436 -22.81 14.41 16.11
N TRP C 437 -23.02 15.60 16.69
CA TRP C 437 -23.02 15.72 18.15
C TRP C 437 -24.14 14.88 18.77
N GLU C 438 -25.32 14.89 18.15
CA GLU C 438 -26.43 14.09 18.65
C GLU C 438 -26.12 12.60 18.53
N LEU C 439 -25.42 12.20 17.47
CA LEU C 439 -25.00 10.81 17.34
C LEU C 439 -23.98 10.43 18.41
N SER C 440 -23.03 11.32 18.70
CA SER C 440 -22.03 11.03 19.73
C SER C 440 -22.64 11.02 21.12
N ARG C 441 -23.73 11.76 21.31
CA ARG C 441 -24.34 11.88 22.64
C ARG C 441 -25.41 10.84 22.90
N TYR C 442 -26.20 10.46 21.90
CA TYR C 442 -27.42 9.69 22.11
C TYR C 442 -27.40 8.28 21.54
N LEU C 443 -26.57 8.00 20.52
CA LEU C 443 -26.70 6.74 19.81
C LEU C 443 -26.40 5.54 20.71
N SER C 444 -25.30 5.60 21.46
CA SER C 444 -24.92 4.51 22.34
C SER C 444 -25.70 4.51 23.65
N MET C 445 -26.53 5.52 23.90
CA MET C 445 -27.29 5.64 25.13
C MET C 445 -28.77 5.29 24.97
N LEU C 446 -29.39 5.69 23.86
CA LEU C 446 -30.82 5.47 23.67
C LEU C 446 -31.10 4.20 22.91
N VAL D 1 -8.63 43.50 -32.66
CA VAL D 1 -7.49 44.09 -31.97
C VAL D 1 -6.21 43.87 -32.78
N GLN D 2 -5.54 44.97 -33.09
CA GLN D 2 -4.25 45.06 -33.79
C GLN D 2 -4.31 44.57 -35.24
N MET D 3 -5.46 44.07 -35.70
CA MET D 3 -5.59 43.59 -37.07
C MET D 3 -6.93 44.02 -37.59
N LYS D 4 -6.93 44.99 -38.51
CA LYS D 4 -8.17 45.46 -39.12
C LYS D 4 -8.81 44.35 -39.94
N LYS D 5 -10.14 44.26 -39.87
CA LYS D 5 -10.85 43.18 -40.52
C LYS D 5 -10.71 43.28 -42.03
N CYS D 6 -10.17 42.21 -42.64
CA CYS D 6 -10.03 42.15 -44.08
C CYS D 6 -11.39 41.99 -44.74
N THR D 7 -11.51 42.56 -45.94
CA THR D 7 -12.72 42.42 -46.74
C THR D 7 -12.48 41.70 -48.06
N THR D 8 -11.28 41.82 -48.63
CA THR D 8 -10.94 41.20 -49.89
C THR D 8 -9.79 40.23 -49.70
N LYS D 9 -9.54 39.40 -50.71
CA LYS D 9 -8.45 38.43 -50.63
C LYS D 9 -7.09 39.13 -50.67
N GLU D 10 -7.01 40.31 -51.29
CA GLU D 10 -5.77 41.07 -51.28
C GLU D 10 -5.42 41.54 -49.87
N ASP D 11 -6.42 41.98 -49.10
CA ASP D 11 -6.19 42.34 -47.70
C ASP D 11 -5.73 41.13 -46.90
N VAL D 12 -6.31 39.97 -47.18
CA VAL D 12 -5.91 38.74 -46.49
C VAL D 12 -4.45 38.40 -46.79
N LEU D 13 -4.06 38.49 -48.06
CA LEU D 13 -2.68 38.19 -48.43
C LEU D 13 -1.71 39.20 -47.82
N GLU D 14 -2.09 40.48 -47.78
CA GLU D 14 -1.25 41.49 -47.14
C GLU D 14 -1.11 41.22 -45.65
N ALA D 15 -2.20 40.84 -44.98
CA ALA D 15 -2.14 40.55 -43.55
C ALA D 15 -1.31 39.30 -43.28
N VAL D 16 -1.41 38.30 -44.16
CA VAL D 16 -0.59 37.10 -44.03
C VAL D 16 0.88 37.44 -44.17
N LYS D 17 1.23 38.30 -45.14
CA LYS D 17 2.61 38.70 -45.33
C LYS D 17 3.14 39.50 -44.15
N GLU D 18 2.39 40.49 -43.69
CA GLU D 18 2.91 41.44 -42.71
C GLU D 18 2.86 40.93 -41.27
N ARG D 19 2.07 39.90 -40.98
CA ARG D 19 2.01 39.35 -39.63
C ARG D 19 2.64 37.97 -39.52
N ASP D 20 3.50 37.59 -40.50
CA ASP D 20 4.27 36.36 -40.46
C ASP D 20 3.38 35.13 -40.32
N VAL D 21 2.28 35.12 -41.06
CA VAL D 21 1.34 34.01 -41.00
C VAL D 21 1.86 32.90 -41.90
N LYS D 22 2.02 31.71 -41.34
CA LYS D 22 2.50 30.56 -42.08
C LYS D 22 1.44 29.50 -42.33
N PHE D 23 0.54 29.27 -41.37
CA PHE D 23 -0.47 28.23 -41.50
C PHE D 23 -1.84 28.87 -41.56
N ILE D 24 -2.65 28.41 -42.52
CA ILE D 24 -4.03 28.85 -42.67
C ILE D 24 -4.92 27.65 -42.35
N ARG D 25 -5.81 27.82 -41.38
CA ARG D 25 -6.79 26.80 -41.02
C ARG D 25 -8.06 27.08 -41.82
N THR D 26 -8.20 26.41 -42.96
CA THR D 26 -9.43 26.48 -43.74
C THR D 26 -10.53 25.75 -42.99
N GLN D 27 -11.61 26.46 -42.67
CA GLN D 27 -12.59 25.96 -41.72
C GLN D 27 -13.99 26.04 -42.31
N PHE D 28 -14.84 25.11 -41.87
CA PHE D 28 -16.27 25.17 -42.14
C PHE D 28 -16.99 24.45 -41.02
N THR D 29 -18.32 24.54 -41.05
CA THR D 29 -19.18 23.94 -40.04
C THR D 29 -19.98 22.80 -40.68
N ASP D 30 -20.00 21.65 -40.02
CA ASP D 30 -20.75 20.52 -40.55
C ASP D 30 -22.24 20.67 -40.20
N THR D 31 -23.02 19.63 -40.53
CA THR D 31 -24.46 19.69 -40.39
C THR D 31 -24.87 19.83 -38.92
N LEU D 32 -24.16 19.16 -38.01
CA LEU D 32 -24.51 19.17 -36.61
C LEU D 32 -23.87 20.33 -35.84
N GLY D 33 -23.17 21.23 -36.52
CA GLY D 33 -22.61 22.39 -35.87
C GLY D 33 -21.19 22.27 -35.37
N ILE D 34 -20.47 21.23 -35.76
CA ILE D 34 -19.10 21.03 -35.32
C ILE D 34 -18.16 21.66 -36.33
N ILE D 35 -17.21 22.46 -35.82
CA ILE D 35 -16.25 23.12 -36.70
C ILE D 35 -15.31 22.07 -37.30
N LYS D 36 -15.10 22.15 -38.61
CA LYS D 36 -14.20 21.26 -39.32
C LYS D 36 -13.04 22.07 -39.88
N SER D 37 -11.82 21.66 -39.56
CA SER D 37 -10.65 22.46 -39.85
C SER D 37 -9.53 21.60 -40.40
N TRP D 38 -8.79 22.15 -41.35
CA TRP D 38 -7.52 21.56 -41.77
C TRP D 38 -6.58 22.67 -42.22
N ALA D 39 -5.29 22.45 -42.00
CA ALA D 39 -4.28 23.47 -42.16
C ALA D 39 -3.62 23.35 -43.52
N ILE D 40 -3.53 24.48 -44.23
CA ILE D 40 -2.74 24.58 -45.45
C ILE D 40 -1.65 25.61 -45.20
N PRO D 41 -0.49 25.50 -45.84
CA PRO D 41 0.52 26.55 -45.72
C PRO D 41 0.04 27.86 -46.34
N ALA D 42 0.56 28.97 -45.82
CA ALA D 42 0.19 30.28 -46.34
C ALA D 42 0.67 30.48 -47.77
N GLU D 43 1.67 29.72 -48.21
CA GLU D 43 2.12 29.78 -49.59
C GLU D 43 1.05 29.28 -50.55
N GLN D 44 0.17 28.40 -50.10
CA GLN D 44 -0.92 27.89 -50.92
C GLN D 44 -2.18 28.74 -50.84
N LEU D 45 -2.16 29.83 -50.07
CA LEU D 45 -3.38 30.62 -49.87
C LEU D 45 -3.82 31.31 -51.16
N GLU D 46 -2.86 31.78 -51.96
CA GLU D 46 -3.21 32.45 -53.21
C GLU D 46 -3.91 31.49 -54.17
N GLU D 47 -3.42 30.24 -54.26
CA GLU D 47 -4.09 29.25 -55.10
C GLU D 47 -5.42 28.82 -54.50
N ALA D 48 -5.51 28.78 -53.16
CA ALA D 48 -6.75 28.40 -52.51
C ALA D 48 -7.84 29.45 -52.70
N PHE D 49 -7.45 30.72 -52.82
CA PHE D 49 -8.43 31.77 -53.05
C PHE D 49 -9.05 31.72 -54.45
N GLU D 50 -8.35 31.15 -55.43
CA GLU D 50 -8.87 31.08 -56.78
C GLU D 50 -9.52 29.73 -57.09
N ASN D 51 -8.89 28.63 -56.71
CA ASN D 51 -9.39 27.30 -57.06
C ASN D 51 -10.15 26.63 -55.92
N GLY D 52 -10.22 27.25 -54.76
CA GLY D 52 -10.81 26.60 -53.60
C GLY D 52 -9.85 25.59 -52.99
N VAL D 53 -10.31 24.92 -51.95
CA VAL D 53 -9.55 23.87 -51.28
C VAL D 53 -10.35 22.58 -51.39
N MET D 54 -9.77 21.58 -52.03
CA MET D 54 -10.42 20.29 -52.18
C MET D 54 -10.35 19.49 -50.88
N PHE D 55 -11.43 18.80 -50.56
CA PHE D 55 -11.45 17.92 -49.40
C PHE D 55 -12.48 16.82 -49.63
N ASP D 56 -12.33 15.74 -48.84
CA ASP D 56 -13.23 14.60 -48.90
C ASP D 56 -14.41 14.83 -47.97
N GLY D 57 -15.61 14.86 -48.54
CA GLY D 57 -16.82 15.10 -47.78
C GLY D 57 -17.51 13.88 -47.23
N SER D 58 -17.09 12.67 -47.63
CA SER D 58 -17.72 11.47 -47.11
C SER D 58 -17.37 11.21 -45.65
N SER D 59 -16.29 11.78 -45.15
CA SER D 59 -15.91 11.66 -43.75
C SER D 59 -16.52 12.75 -42.88
N ILE D 60 -17.34 13.63 -43.45
CA ILE D 60 -18.02 14.68 -42.72
C ILE D 60 -19.49 14.30 -42.59
N GLN D 61 -20.01 14.33 -41.36
CA GLN D 61 -21.39 13.94 -41.12
C GLN D 61 -22.36 14.92 -41.77
N GLY D 62 -23.38 14.37 -42.42
CA GLY D 62 -24.39 15.17 -43.10
C GLY D 62 -23.99 15.64 -44.47
N PHE D 63 -22.78 15.37 -44.91
CA PHE D 63 -22.25 15.79 -46.20
C PHE D 63 -22.48 14.69 -47.22
N THR D 64 -21.77 14.76 -48.35
CA THR D 64 -22.00 13.86 -49.48
C THR D 64 -21.65 12.41 -49.13
N ARG D 65 -22.06 11.52 -50.02
CA ARG D 65 -21.83 10.09 -49.90
C ARG D 65 -20.47 9.72 -50.46
N ILE D 66 -20.06 8.47 -50.18
CA ILE D 66 -18.71 8.03 -50.54
C ILE D 66 -18.55 7.87 -52.05
N GLU D 67 -19.66 7.72 -52.79
CA GLU D 67 -19.56 7.54 -54.24
C GLU D 67 -19.25 8.86 -54.95
N GLU D 68 -19.76 9.98 -54.42
CA GLU D 68 -19.49 11.31 -54.97
C GLU D 68 -19.10 12.19 -53.79
N SER D 69 -17.83 12.14 -53.40
CA SER D 69 -17.39 12.69 -52.13
C SER D 69 -16.41 13.85 -52.26
N ASP D 70 -16.05 14.25 -53.48
CA ASP D 70 -15.15 15.37 -53.65
C ASP D 70 -15.88 16.68 -53.40
N MET D 71 -15.32 17.53 -52.55
CA MET D 71 -15.91 18.82 -52.24
C MET D 71 -14.82 19.89 -52.25
N LYS D 72 -15.24 21.12 -52.50
CA LYS D 72 -14.34 22.27 -52.54
C LYS D 72 -14.82 23.32 -51.56
N LEU D 73 -13.89 23.88 -50.79
CA LEU D 73 -14.18 24.95 -49.86
C LEU D 73 -13.80 26.28 -50.49
N ALA D 74 -14.78 27.16 -50.67
CA ALA D 74 -14.55 28.51 -51.20
C ALA D 74 -14.33 29.44 -50.02
N LEU D 75 -13.10 29.92 -49.87
CA LEU D 75 -12.72 30.72 -48.71
C LEU D 75 -13.40 32.08 -48.73
N ASP D 76 -13.84 32.53 -47.55
CA ASP D 76 -14.43 33.84 -47.38
C ASP D 76 -13.39 34.79 -46.79
N PRO D 77 -12.89 35.77 -47.55
CA PRO D 77 -11.83 36.64 -47.03
C PRO D 77 -12.21 37.44 -45.80
N SER D 78 -13.49 37.81 -45.66
CA SER D 78 -13.91 38.61 -44.51
C SER D 78 -13.79 37.85 -43.20
N THR D 79 -13.79 36.52 -43.23
CA THR D 79 -13.68 35.71 -42.04
C THR D 79 -12.24 35.46 -41.61
N PHE D 80 -11.27 35.99 -42.34
CA PHE D 80 -9.86 35.78 -42.02
C PHE D 80 -9.53 36.34 -40.64
N ARG D 81 -8.92 35.51 -39.80
CA ARG D 81 -8.62 35.88 -38.43
C ARG D 81 -7.39 35.10 -37.97
N ILE D 82 -6.53 35.77 -37.21
CA ILE D 82 -5.31 35.17 -36.69
C ILE D 82 -5.60 34.65 -35.28
N LEU D 83 -5.27 33.39 -35.03
CA LEU D 83 -5.54 32.80 -33.73
C LEU D 83 -4.51 33.27 -32.72
N PRO D 84 -4.92 33.93 -31.64
CA PRO D 84 -3.92 34.50 -30.71
C PRO D 84 -3.27 33.48 -29.79
N TRP D 85 -3.89 32.33 -29.54
CA TRP D 85 -3.30 31.31 -28.69
C TRP D 85 -2.24 30.48 -29.41
N ARG D 86 -2.13 30.61 -30.71
CA ARG D 86 -1.10 30.00 -31.51
C ARG D 86 0.13 30.90 -31.54
N PRO D 87 1.32 30.36 -31.85
CA PRO D 87 2.54 31.19 -31.82
C PRO D 87 2.48 32.37 -32.78
N ALA D 88 3.08 33.48 -32.36
CA ALA D 88 3.10 34.69 -33.19
C ALA D 88 4.11 34.58 -34.32
N THR D 89 5.25 33.93 -34.09
CA THR D 89 6.23 33.67 -35.14
C THR D 89 5.79 32.43 -35.90
N GLY D 90 5.67 32.56 -37.22
CA GLY D 90 5.02 31.52 -37.99
C GLY D 90 3.57 31.42 -37.57
N ALA D 91 2.86 32.54 -37.63
CA ALA D 91 1.53 32.67 -37.06
C ALA D 91 0.53 31.77 -37.77
N VAL D 92 -0.50 31.38 -37.03
CA VAL D 92 -1.57 30.53 -37.53
C VAL D 92 -2.83 31.37 -37.64
N ALA D 93 -3.47 31.34 -38.80
CA ALA D 93 -4.71 32.05 -39.04
C ALA D 93 -5.78 31.08 -39.51
N ARG D 94 -7.03 31.51 -39.40
CA ARG D 94 -8.16 30.74 -39.86
C ARG D 94 -8.93 31.52 -40.92
N ILE D 95 -9.50 30.79 -41.86
CA ILE D 95 -10.45 31.34 -42.82
C ILE D 95 -11.65 30.41 -42.88
N LEU D 96 -12.83 30.96 -42.61
CA LEU D 96 -14.06 30.21 -42.84
C LEU D 96 -14.37 30.20 -44.33
N GLY D 97 -15.05 29.13 -44.77
CA GLY D 97 -15.36 28.98 -46.17
C GLY D 97 -16.77 28.46 -46.38
N ASP D 98 -17.18 28.48 -47.63
CA ASP D 98 -18.44 27.90 -48.07
C ASP D 98 -18.16 26.62 -48.84
N VAL D 99 -18.91 25.57 -48.54
CA VAL D 99 -18.69 24.28 -49.19
C VAL D 99 -19.37 24.28 -50.55
N TYR D 100 -18.61 23.93 -51.59
CA TYR D 100 -19.11 23.91 -52.96
C TYR D 100 -18.90 22.52 -53.55
N LEU D 101 -19.78 22.17 -54.47
CA LEU D 101 -19.61 20.98 -55.28
C LEU D 101 -18.55 21.24 -56.35
N PRO D 102 -17.91 20.19 -56.87
CA PRO D 102 -16.86 20.40 -57.89
C PRO D 102 -17.35 21.06 -59.17
N ASP D 103 -18.63 21.01 -59.47
CA ASP D 103 -19.18 21.65 -60.66
C ASP D 103 -19.40 23.16 -60.48
N GLY D 104 -18.95 23.73 -59.37
CA GLY D 104 -19.07 25.14 -59.11
C GLY D 104 -20.33 25.56 -58.39
N ASN D 105 -21.27 24.66 -58.19
CA ASN D 105 -22.48 25.03 -57.48
C ASN D 105 -22.27 24.92 -55.97
N PRO D 106 -22.94 25.77 -55.19
CA PRO D 106 -22.87 25.63 -53.73
C PRO D 106 -23.48 24.31 -53.27
N PHE D 107 -22.90 23.74 -52.22
CA PHE D 107 -23.44 22.53 -51.64
C PHE D 107 -24.64 22.87 -50.78
N LYS D 108 -25.80 22.30 -51.11
CA LYS D 108 -27.03 22.62 -50.39
C LYS D 108 -27.06 22.03 -48.99
N GLY D 109 -26.18 21.09 -48.67
CA GLY D 109 -26.05 20.58 -47.33
C GLY D 109 -25.19 21.42 -46.42
N ASP D 110 -24.65 22.52 -46.91
CA ASP D 110 -23.84 23.42 -46.09
C ASP D 110 -24.76 24.26 -45.20
N PRO D 111 -24.60 24.22 -43.88
CA PRO D 111 -25.43 25.07 -43.00
C PRO D 111 -25.24 26.55 -43.26
N ARG D 112 -24.02 26.98 -43.61
CA ARG D 112 -23.80 28.37 -43.98
C ARG D 112 -24.60 28.74 -45.21
N TYR D 113 -24.72 27.81 -46.17
CA TYR D 113 -25.57 28.04 -47.33
C TYR D 113 -27.04 28.17 -46.92
N VAL D 114 -27.49 27.39 -45.93
CA VAL D 114 -28.86 27.49 -45.45
C VAL D 114 -29.11 28.86 -44.82
N LEU D 115 -28.16 29.33 -44.01
CA LEU D 115 -28.28 30.67 -43.43
C LEU D 115 -28.27 31.75 -44.50
N LYS D 116 -27.43 31.59 -45.53
CA LYS D 116 -27.40 32.56 -46.62
C LYS D 116 -28.70 32.56 -47.40
N THR D 117 -29.31 31.39 -47.57
CA THR D 117 -30.61 31.30 -48.22
C THR D 117 -31.68 32.02 -47.40
N ALA D 118 -31.64 31.86 -46.08
CA ALA D 118 -32.57 32.59 -45.21
C ALA D 118 -32.33 34.09 -45.29
N ILE D 119 -31.07 34.50 -45.38
CA ILE D 119 -30.75 35.93 -45.51
C ILE D 119 -31.29 36.48 -46.83
N LYS D 120 -31.14 35.71 -47.92
CA LYS D 120 -31.68 36.13 -49.21
C LYS D 120 -33.20 36.22 -49.16
N GLU D 121 -33.85 35.28 -48.47
CA GLU D 121 -35.30 35.31 -48.32
C GLU D 121 -35.74 36.55 -47.54
N ALA D 122 -34.98 36.92 -46.50
CA ALA D 122 -35.29 38.13 -45.75
C ALA D 122 -35.07 39.38 -46.60
N GLU D 123 -34.01 39.38 -47.41
CA GLU D 123 -33.70 40.54 -48.25
C GLU D 123 -34.73 40.70 -49.37
N LYS D 124 -35.34 39.61 -49.81
CA LYS D 124 -36.42 39.70 -50.80
C LYS D 124 -37.62 40.49 -50.27
N MET D 125 -37.81 40.53 -48.96
CA MET D 125 -38.81 41.39 -48.33
C MET D 125 -38.19 42.66 -47.75
N GLY D 126 -36.94 42.96 -48.08
CA GLY D 126 -36.27 44.15 -47.61
C GLY D 126 -35.77 44.10 -46.18
N PHE D 127 -35.74 42.94 -45.56
CA PHE D 127 -35.34 42.81 -44.17
C PHE D 127 -33.89 42.34 -44.05
N SER D 128 -33.24 42.77 -42.98
CA SER D 128 -31.92 42.29 -42.60
C SER D 128 -31.93 41.99 -41.12
N MET D 129 -31.43 40.81 -40.76
CA MET D 129 -31.53 40.30 -39.39
C MET D 129 -30.22 40.51 -38.66
N ASN D 130 -30.31 41.06 -37.45
CA ASN D 130 -29.18 41.16 -36.53
C ASN D 130 -29.44 40.26 -35.35
N VAL D 131 -28.46 39.45 -34.97
CA VAL D 131 -28.60 38.47 -33.90
C VAL D 131 -27.57 38.77 -32.82
N GLY D 132 -28.03 38.84 -31.58
CA GLY D 132 -27.14 38.87 -30.44
C GLY D 132 -27.34 37.66 -29.55
N PRO D 133 -26.39 36.72 -29.60
CA PRO D 133 -26.52 35.51 -28.78
C PRO D 133 -25.83 35.64 -27.43
N GLU D 134 -26.40 34.99 -26.44
CA GLU D 134 -25.86 34.96 -25.08
C GLU D 134 -25.53 33.51 -24.76
N LEU D 135 -24.25 33.17 -24.81
CA LEU D 135 -23.80 31.80 -24.62
C LEU D 135 -23.34 31.58 -23.19
N GLU D 136 -23.79 30.49 -22.60
CA GLU D 136 -23.30 30.04 -21.30
C GLU D 136 -22.47 28.78 -21.49
N PHE D 137 -21.40 28.67 -20.72
CA PHE D 137 -20.54 27.48 -20.78
C PHE D 137 -20.07 27.15 -19.38
N PHE D 138 -19.66 25.90 -19.19
CA PHE D 138 -19.11 25.43 -17.94
C PHE D 138 -17.60 25.31 -18.06
N LEU D 139 -16.91 25.56 -16.96
CA LEU D 139 -15.47 25.41 -16.88
C LEU D 139 -15.18 24.24 -15.95
N PHE D 140 -14.73 23.13 -16.53
CA PHE D 140 -14.46 21.93 -15.78
C PHE D 140 -12.96 21.64 -15.74
N LYS D 141 -12.57 20.79 -14.82
CA LYS D 141 -11.17 20.42 -14.70
C LYS D 141 -10.77 19.43 -15.80
N LEU D 142 -9.48 19.39 -16.07
CA LEU D 142 -8.89 18.37 -16.92
C LEU D 142 -8.31 17.27 -16.04
N ASP D 143 -8.36 16.04 -16.56
CA ASP D 143 -7.76 14.91 -15.83
C ASP D 143 -6.26 14.89 -16.07
N ALA D 144 -5.60 13.79 -15.67
CA ALA D 144 -4.16 13.69 -15.84
C ALA D 144 -3.75 13.64 -17.31
N ASN D 145 -4.61 13.09 -18.16
CA ASN D 145 -4.34 13.01 -19.59
C ASN D 145 -4.84 14.22 -20.36
N GLY D 146 -5.36 15.23 -19.68
CA GLY D 146 -5.89 16.40 -20.35
C GLY D 146 -7.24 16.18 -21.00
N ASN D 147 -7.97 15.16 -20.59
CA ASN D 147 -9.29 14.83 -21.12
C ASN D 147 -10.38 15.55 -20.33
N PRO D 148 -11.52 15.81 -20.97
CA PRO D 148 -12.60 16.52 -20.27
C PRO D 148 -13.16 15.71 -19.11
N THR D 149 -13.51 16.42 -18.04
CA THR D 149 -14.26 15.88 -16.91
C THR D 149 -15.46 16.78 -16.66
N THR D 150 -16.19 16.49 -15.60
CA THR D 150 -17.22 17.38 -15.09
C THR D 150 -16.88 17.89 -13.69
N GLU D 151 -15.63 17.77 -13.29
CA GLU D 151 -15.20 18.23 -11.97
C GLU D 151 -15.28 19.75 -11.91
N LEU D 152 -15.89 20.25 -10.83
CA LEU D 152 -16.14 21.68 -10.72
C LEU D 152 -14.86 22.44 -10.47
N THR D 153 -14.77 23.63 -11.08
CA THR D 153 -13.63 24.51 -10.83
C THR D 153 -13.91 25.50 -9.71
N ASP D 154 -15.18 25.81 -9.46
CA ASP D 154 -15.56 26.64 -8.32
C ASP D 154 -16.99 26.31 -7.95
N GLN D 155 -17.39 26.77 -6.76
CA GLN D 155 -18.75 26.62 -6.25
C GLN D 155 -19.50 27.94 -6.25
N GLY D 156 -19.12 28.86 -7.13
CA GLY D 156 -19.73 30.16 -7.16
C GLY D 156 -21.09 30.15 -7.82
N GLY D 157 -21.80 31.27 -7.65
CA GLY D 157 -23.11 31.44 -8.25
C GLY D 157 -23.19 32.66 -9.13
N TYR D 158 -24.40 33.17 -9.35
CA TYR D 158 -24.59 34.29 -10.26
C TYR D 158 -23.91 35.55 -9.73
N PHE D 159 -23.09 36.16 -10.58
CA PHE D 159 -22.41 37.43 -10.29
C PHE D 159 -21.49 37.34 -9.09
N ASP D 160 -20.95 36.15 -8.82
CA ASP D 160 -20.10 35.99 -7.64
C ASP D 160 -18.69 36.49 -7.90
N PHE D 161 -18.04 36.93 -6.82
CA PHE D 161 -16.72 37.53 -6.80
C PHE D 161 -15.80 36.66 -5.96
N ALA D 162 -14.60 37.19 -5.64
CA ALA D 162 -13.72 36.70 -4.60
C ALA D 162 -13.09 35.39 -5.07
N PRO D 163 -12.63 34.48 -4.20
CA PRO D 163 -12.43 33.10 -4.67
C PRO D 163 -13.68 32.24 -4.74
N LEU D 164 -14.88 32.80 -4.57
CA LEU D 164 -16.08 32.05 -4.94
C LEU D 164 -16.12 31.80 -6.44
N ASP D 165 -15.84 32.83 -7.22
CA ASP D 165 -15.55 32.67 -8.64
C ASP D 165 -14.04 32.49 -8.81
N ARG D 166 -13.65 31.38 -9.43
CA ARG D 166 -12.24 31.03 -9.54
C ARG D 166 -11.76 31.05 -10.99
N ALA D 167 -12.49 31.73 -11.88
CA ALA D 167 -12.18 31.73 -13.30
C ALA D 167 -12.04 33.14 -13.88
N GLN D 168 -11.63 34.11 -13.06
CA GLN D 168 -11.44 35.47 -13.57
C GLN D 168 -10.28 35.52 -14.57
N ASP D 169 -9.24 34.72 -14.35
CA ASP D 169 -8.11 34.69 -15.28
C ASP D 169 -8.48 34.04 -16.59
N VAL D 170 -9.25 32.94 -16.53
CA VAL D 170 -9.68 32.28 -17.76
C VAL D 170 -10.60 33.18 -18.56
N ARG D 171 -11.54 33.85 -17.88
CA ARG D 171 -12.44 34.77 -18.57
C ARG D 171 -11.67 35.96 -19.14
N ARG D 172 -10.65 36.43 -18.42
CA ARG D 172 -9.81 37.52 -18.91
C ARG D 172 -9.08 37.13 -20.19
N ASP D 173 -8.49 35.93 -20.19
CA ASP D 173 -7.77 35.47 -21.38
C ASP D 173 -8.72 35.19 -22.54
N ILE D 174 -9.92 34.68 -22.24
CA ILE D 174 -10.93 34.47 -23.28
C ILE D 174 -11.33 35.81 -23.89
N ASP D 175 -11.54 36.83 -23.04
CA ASP D 175 -11.92 38.15 -23.54
C ASP D 175 -10.81 38.74 -24.42
N TYR D 176 -9.56 38.60 -23.99
CA TYR D 176 -8.43 39.07 -24.79
C TYR D 176 -8.38 38.36 -26.14
N ALA D 177 -8.53 37.03 -26.14
CA ALA D 177 -8.49 36.27 -27.38
C ALA D 177 -9.65 36.65 -28.30
N LEU D 178 -10.84 36.84 -27.73
CA LEU D 178 -12.00 37.20 -28.53
C LEU D 178 -11.85 38.58 -29.15
N GLU D 179 -11.33 39.53 -28.38
CA GLU D 179 -11.03 40.85 -28.95
C GLU D 179 -9.97 40.76 -30.03
N HIS D 180 -9.01 39.84 -29.89
CA HIS D 180 -8.06 39.59 -30.97
C HIS D 180 -8.73 39.00 -32.19
N MET D 181 -9.79 38.22 -32.02
CA MET D 181 -10.51 37.60 -33.14
C MET D 181 -11.64 38.48 -33.66
N GLY D 182 -11.68 39.75 -33.27
CA GLY D 182 -12.66 40.69 -33.81
C GLY D 182 -13.92 40.84 -33.00
N PHE D 183 -14.07 40.15 -31.87
CA PHE D 183 -15.25 40.30 -31.04
C PHE D 183 -15.21 41.62 -30.27
N GLN D 184 -16.39 42.17 -30.03
CA GLN D 184 -16.56 43.33 -29.16
C GLN D 184 -17.23 42.84 -27.88
N ILE D 185 -16.42 42.61 -26.84
CA ILE D 185 -16.94 42.09 -25.58
C ILE D 185 -17.81 43.16 -24.90
N GLU D 186 -18.95 42.73 -24.37
CA GLU D 186 -19.85 43.60 -23.62
C GLU D 186 -19.82 43.34 -22.12
N ALA D 187 -19.85 42.07 -21.71
CA ALA D 187 -19.83 41.73 -20.30
C ALA D 187 -19.33 40.31 -20.14
N SER D 188 -18.86 40.00 -18.94
CA SER D 188 -18.42 38.66 -18.60
C SER D 188 -18.60 38.45 -17.10
N HIS D 189 -19.16 37.30 -16.73
CA HIS D 189 -19.47 37.05 -15.33
C HIS D 189 -19.59 35.56 -15.08
N HIS D 190 -19.57 35.21 -13.80
CA HIS D 190 -19.98 33.88 -13.36
C HIS D 190 -21.49 33.75 -13.45
N GLU D 191 -21.96 32.61 -13.94
CA GLU D 191 -23.38 32.38 -14.13
C GLU D 191 -23.96 31.68 -12.90
N VAL D 192 -25.23 31.28 -12.99
CA VAL D 192 -25.97 30.77 -11.84
C VAL D 192 -25.37 29.47 -11.33
N ALA D 193 -25.15 28.52 -12.23
CA ALA D 193 -24.66 27.21 -11.84
C ALA D 193 -23.18 27.30 -11.43
N PRO D 194 -22.74 26.38 -10.57
CA PRO D 194 -21.30 26.34 -10.24
C PRO D 194 -20.45 26.08 -11.47
N SER D 195 -19.31 26.75 -11.53
CA SER D 195 -18.34 26.65 -12.62
C SER D 195 -18.93 27.06 -13.97
N GLN D 196 -20.00 27.84 -13.97
CA GLN D 196 -20.67 28.27 -15.19
C GLN D 196 -20.42 29.76 -15.40
N HIS D 197 -20.16 30.13 -16.65
CA HIS D 197 -19.75 31.49 -16.97
C HIS D 197 -20.43 31.95 -18.24
N GLU D 198 -20.65 33.26 -18.33
CA GLU D 198 -21.23 33.88 -19.51
C GLU D 198 -20.32 35.01 -19.96
N ILE D 199 -20.01 35.03 -21.26
CA ILE D 199 -19.26 36.13 -21.87
C ILE D 199 -20.10 36.65 -23.03
N ASP D 200 -20.51 37.91 -22.94
CA ASP D 200 -21.37 38.52 -23.94
C ASP D 200 -20.54 39.37 -24.90
N PHE D 201 -20.78 39.18 -26.19
CA PHE D 201 -20.17 39.99 -27.22
C PHE D 201 -21.24 40.74 -27.97
N ARG D 202 -20.82 41.79 -28.69
CA ARG D 202 -21.77 42.64 -29.40
C ARG D 202 -22.47 41.88 -30.51
N PHE D 203 -23.73 42.24 -30.75
CA PHE D 203 -24.52 41.69 -31.83
C PHE D 203 -23.93 42.11 -33.18
N GLY D 204 -24.41 41.45 -34.22
CA GLY D 204 -24.05 41.81 -35.57
C GLY D 204 -25.03 41.20 -36.55
N ASP D 205 -24.69 41.32 -37.83
CA ASP D 205 -25.50 40.66 -38.85
C ASP D 205 -25.42 39.14 -38.68
N VAL D 206 -26.50 38.46 -39.08
CA VAL D 206 -26.75 37.09 -38.62
C VAL D 206 -25.68 36.12 -39.12
N LEU D 207 -25.18 36.33 -40.35
CA LEU D 207 -24.13 35.46 -40.87
C LEU D 207 -22.84 35.61 -40.07
N CYS D 208 -22.40 36.86 -39.86
CA CYS D 208 -21.26 37.11 -39.01
C CYS D 208 -21.52 36.66 -37.58
N THR D 209 -22.77 36.73 -37.13
CA THR D 209 -23.10 36.28 -35.78
C THR D 209 -22.95 34.77 -35.63
N ALA D 210 -23.41 33.98 -36.60
CA ALA D 210 -23.23 32.54 -36.53
C ALA D 210 -21.77 32.14 -36.65
N ASP D 211 -21.03 32.83 -37.53
CA ASP D 211 -19.58 32.68 -37.57
C ASP D 211 -18.97 32.98 -36.20
N ASN D 212 -19.44 34.03 -35.55
CA ASN D 212 -18.95 34.39 -34.23
C ASN D 212 -19.33 33.35 -33.19
N VAL D 213 -20.48 32.69 -33.34
CA VAL D 213 -20.88 31.67 -32.36
C VAL D 213 -19.95 30.47 -32.43
N VAL D 214 -19.70 29.95 -33.65
CA VAL D 214 -18.81 28.80 -33.75
C VAL D 214 -17.37 29.20 -33.38
N THR D 215 -16.95 30.40 -33.79
CA THR D 215 -15.64 30.91 -33.42
C THR D 215 -15.51 31.05 -31.91
N PHE D 216 -16.54 31.61 -31.26
CA PHE D 216 -16.54 31.80 -29.81
C PHE D 216 -16.42 30.47 -29.11
N LYS D 217 -17.16 29.46 -29.57
CA LYS D 217 -17.10 28.16 -28.92
C LYS D 217 -15.69 27.57 -28.99
N TYR D 218 -15.07 27.59 -30.19
CA TYR D 218 -13.75 26.97 -30.23
C TYR D 218 -12.67 27.84 -29.60
N VAL D 219 -12.83 29.17 -29.60
CA VAL D 219 -11.88 30.04 -28.92
C VAL D 219 -11.93 29.82 -27.42
N VAL D 220 -13.14 29.75 -26.85
CA VAL D 220 -13.29 29.48 -25.42
C VAL D 220 -12.71 28.12 -25.07
N LYS D 221 -12.96 27.11 -25.91
CA LYS D 221 -12.41 25.78 -25.64
C LYS D 221 -10.89 25.78 -25.69
N SER D 222 -10.30 26.46 -26.67
CA SER D 222 -8.83 26.51 -26.77
C SER D 222 -8.21 27.24 -25.59
N ILE D 223 -8.75 28.42 -25.25
CA ILE D 223 -8.19 29.19 -24.15
C ILE D 223 -8.33 28.43 -22.84
N ALA D 224 -9.48 27.78 -22.63
CA ALA D 224 -9.65 26.96 -21.43
C ALA D 224 -8.65 25.81 -21.41
N TYR D 225 -8.41 25.18 -22.57
CA TYR D 225 -7.48 24.06 -22.62
C TYR D 225 -6.07 24.47 -22.27
N HIS D 226 -5.59 25.61 -22.79
CA HIS D 226 -4.22 26.00 -22.51
C HIS D 226 -4.00 26.48 -21.08
N LYS D 227 -5.07 26.78 -20.34
CA LYS D 227 -4.96 27.06 -18.91
C LYS D 227 -5.21 25.82 -18.06
N GLY D 228 -5.36 24.65 -18.67
CA GLY D 228 -5.58 23.42 -17.94
C GLY D 228 -7.02 23.12 -17.60
N TYR D 229 -7.97 23.75 -18.28
CA TYR D 229 -9.39 23.58 -17.99
C TYR D 229 -10.09 23.02 -19.22
N TYR D 230 -11.34 22.60 -19.03
CA TYR D 230 -12.20 22.21 -20.14
C TYR D 230 -13.42 23.12 -20.16
N ALA D 231 -13.67 23.70 -21.33
CA ALA D 231 -14.87 24.51 -21.54
C ALA D 231 -15.94 23.63 -22.17
N SER D 232 -17.03 23.44 -21.45
CA SER D 232 -18.12 22.58 -21.88
C SER D 232 -19.31 23.45 -22.31
N PHE D 233 -19.79 23.22 -23.53
CA PHE D 233 -21.02 23.82 -24.00
C PHE D 233 -22.19 22.83 -23.98
N MET D 234 -22.12 21.83 -23.09
CA MET D 234 -23.22 20.90 -22.91
C MET D 234 -24.43 21.64 -22.37
N PRO D 235 -25.64 21.33 -22.87
CA PRO D 235 -26.84 22.00 -22.34
C PRO D 235 -27.07 21.74 -20.85
N LYS D 236 -26.74 20.55 -20.37
CA LYS D 236 -26.97 20.19 -18.96
C LYS D 236 -25.95 19.12 -18.55
N PRO D 237 -24.71 19.53 -18.28
CA PRO D 237 -23.70 18.54 -17.87
C PRO D 237 -23.92 18.00 -16.45
N LEU D 238 -24.56 18.78 -15.58
CA LEU D 238 -24.74 18.40 -14.18
C LEU D 238 -26.22 18.45 -13.82
N PHE D 239 -26.65 17.51 -13.01
CA PHE D 239 -28.02 17.49 -12.50
C PHE D 239 -28.14 18.40 -11.28
N GLY D 240 -29.30 19.05 -11.16
CA GLY D 240 -29.62 19.84 -9.99
C GLY D 240 -29.15 21.26 -10.02
N VAL D 241 -28.35 21.64 -11.01
CA VAL D 241 -27.89 23.02 -11.17
C VAL D 241 -28.36 23.52 -12.53
N ASN D 242 -28.14 24.81 -12.76
CA ASN D 242 -28.62 25.44 -13.97
C ASN D 242 -27.92 24.87 -15.21
N GLY D 243 -28.69 24.71 -16.28
CA GLY D 243 -28.12 24.34 -17.56
C GLY D 243 -27.63 25.57 -18.31
N SER D 244 -26.99 25.30 -19.45
CA SER D 244 -26.47 26.35 -20.31
C SER D 244 -27.38 26.51 -21.52
N GLY D 245 -27.86 27.73 -21.74
CA GLY D 245 -28.65 28.06 -22.90
C GLY D 245 -27.92 29.04 -23.81
N MET D 246 -28.53 29.28 -24.96
CA MET D 246 -28.05 30.28 -25.92
C MET D 246 -29.24 31.21 -26.20
N HIS D 247 -29.39 32.23 -25.37
CA HIS D 247 -30.45 33.21 -25.59
C HIS D 247 -30.17 34.00 -26.85
N SER D 248 -31.11 33.97 -27.79
CA SER D 248 -30.93 34.52 -29.12
C SER D 248 -31.76 35.80 -29.25
N ASN D 249 -31.10 36.94 -29.08
CA ASN D 249 -31.73 38.24 -29.33
C ASN D 249 -31.64 38.54 -30.82
N GLN D 250 -32.78 38.85 -31.43
CA GLN D 250 -32.84 39.11 -32.86
C GLN D 250 -33.58 40.40 -33.13
N SER D 251 -33.09 41.16 -34.10
CA SER D 251 -33.73 42.38 -34.56
C SER D 251 -33.78 42.39 -36.07
N LEU D 252 -34.84 42.98 -36.62
CA LEU D 252 -35.00 43.13 -38.05
C LEU D 252 -34.82 44.59 -38.44
N PHE D 253 -34.26 44.82 -39.62
CA PHE D 253 -33.97 46.16 -40.10
C PHE D 253 -34.41 46.30 -41.55
N LYS D 254 -35.01 47.45 -41.86
CA LYS D 254 -35.43 47.77 -43.22
C LYS D 254 -35.19 49.25 -43.45
N ASP D 255 -34.45 49.57 -44.51
CA ASP D 255 -34.09 50.94 -44.87
C ASP D 255 -33.35 51.66 -43.74
N GLY D 256 -32.54 50.92 -42.99
CA GLY D 256 -31.76 51.48 -41.92
C GLY D 256 -32.49 51.66 -40.60
N LYS D 257 -33.78 51.33 -40.55
CA LYS D 257 -34.58 51.50 -39.35
C LYS D 257 -34.89 50.13 -38.73
N ASN D 258 -34.90 50.09 -37.41
CA ASN D 258 -35.30 48.88 -36.70
C ASN D 258 -36.78 48.60 -36.99
N VAL D 259 -37.06 47.42 -37.56
CA VAL D 259 -38.42 47.06 -37.95
C VAL D 259 -39.30 46.88 -36.72
N PHE D 260 -38.74 46.33 -35.65
CA PHE D 260 -39.51 46.00 -34.45
C PHE D 260 -39.89 47.22 -33.63
N TYR D 261 -39.33 48.39 -33.94
CA TYR D 261 -39.60 49.62 -33.20
C TYR D 261 -40.74 50.40 -33.84
N ASP D 262 -41.58 50.99 -32.99
CA ASP D 262 -42.64 51.89 -33.45
C ASP D 262 -42.90 52.88 -32.32
N PRO D 263 -42.52 54.15 -32.50
CA PRO D 263 -42.72 55.13 -31.42
C PRO D 263 -44.18 55.49 -31.16
N ASP D 264 -45.10 55.12 -32.06
CA ASP D 264 -46.49 55.49 -31.89
C ASP D 264 -47.26 54.51 -31.02
N THR D 265 -46.85 53.24 -31.00
CA THR D 265 -47.55 52.25 -30.21
C THR D 265 -47.31 52.47 -28.71
N PRO D 266 -48.30 52.15 -27.87
CA PRO D 266 -48.08 52.31 -26.41
C PRO D 266 -46.95 51.45 -25.87
N THR D 267 -46.78 50.25 -26.41
CA THR D 267 -45.72 49.35 -25.98
C THR D 267 -44.42 49.58 -26.74
N LYS D 268 -44.39 50.56 -27.65
CA LYS D 268 -43.21 50.94 -28.42
C LYS D 268 -42.73 49.81 -29.34
N LEU D 269 -43.63 48.88 -29.68
CA LEU D 269 -43.32 47.75 -30.53
C LEU D 269 -44.20 47.80 -31.77
N SER D 270 -43.61 47.58 -32.93
CA SER D 270 -44.37 47.61 -34.16
C SER D 270 -45.24 46.36 -34.29
N GLN D 271 -46.20 46.43 -35.21
CA GLN D 271 -47.03 45.27 -35.51
C GLN D 271 -46.19 44.17 -36.15
N ASP D 272 -45.12 44.54 -36.86
CA ASP D 272 -44.22 43.55 -37.43
C ASP D 272 -43.48 42.79 -36.35
N ALA D 273 -43.18 43.44 -35.21
CA ALA D 273 -42.57 42.73 -34.09
C ALA D 273 -43.51 41.67 -33.53
N MET D 274 -44.78 42.02 -33.37
CA MET D 274 -45.77 41.04 -32.92
C MET D 274 -45.93 39.91 -33.92
N TYR D 275 -45.91 40.24 -35.22
CA TYR D 275 -45.99 39.19 -36.25
C TYR D 275 -44.78 38.27 -36.20
N TYR D 276 -43.59 38.82 -36.00
CA TYR D 276 -42.37 38.02 -35.86
C TYR D 276 -42.47 37.09 -34.66
N ILE D 277 -42.96 37.62 -33.53
CA ILE D 277 -43.13 36.81 -32.33
C ILE D 277 -44.15 35.70 -32.58
N GLY D 278 -45.24 36.03 -33.27
CA GLY D 278 -46.26 35.04 -33.57
C GLY D 278 -45.75 33.92 -34.46
N GLY D 279 -44.96 34.26 -35.47
CA GLY D 279 -44.36 33.23 -36.31
C GLY D 279 -43.38 32.37 -35.54
N LEU D 280 -42.56 32.98 -34.68
CA LEU D 280 -41.63 32.22 -33.85
C LEU D 280 -42.38 31.26 -32.94
N LEU D 281 -43.44 31.73 -32.28
CA LEU D 281 -44.20 30.88 -31.37
C LEU D 281 -44.97 29.80 -32.12
N LYS D 282 -45.41 30.09 -33.35
CA LYS D 282 -46.10 29.08 -34.14
C LYS D 282 -45.16 27.97 -34.58
N HIS D 283 -43.93 28.31 -34.95
CA HIS D 283 -43.04 27.33 -35.57
C HIS D 283 -41.99 26.75 -34.62
N ILE D 284 -41.90 27.24 -33.38
CA ILE D 284 -40.78 26.86 -32.52
C ILE D 284 -40.79 25.36 -32.19
N ARG D 285 -41.98 24.77 -32.10
CA ARG D 285 -42.05 23.34 -31.83
C ARG D 285 -41.49 22.52 -32.99
N GLU D 286 -41.57 23.06 -34.21
CA GLU D 286 -41.13 22.32 -35.38
C GLU D 286 -39.61 22.30 -35.55
N PHE D 287 -38.88 23.22 -34.93
CA PHE D 287 -37.42 23.21 -35.02
C PHE D 287 -36.76 23.32 -33.65
N THR D 288 -37.50 22.95 -32.60
CA THR D 288 -36.87 22.69 -31.31
C THR D 288 -35.77 21.64 -31.44
N ALA D 289 -35.96 20.65 -32.32
CA ALA D 289 -34.92 19.66 -32.59
C ALA D 289 -33.66 20.28 -33.17
N VAL D 290 -33.75 21.48 -33.73
CA VAL D 290 -32.56 22.19 -34.21
C VAL D 290 -32.00 23.11 -33.15
N THR D 291 -32.87 23.90 -32.50
CA THR D 291 -32.39 24.79 -31.43
C THR D 291 -31.91 23.99 -30.22
N ASN D 292 -32.45 22.80 -30.00
CA ASN D 292 -32.07 21.93 -28.88
C ASN D 292 -31.76 20.56 -29.47
N PRO D 293 -30.53 20.36 -29.95
CA PRO D 293 -30.26 19.24 -30.87
C PRO D 293 -29.98 17.89 -30.22
N VAL D 294 -29.56 17.87 -28.97
CA VAL D 294 -29.06 16.64 -28.36
C VAL D 294 -30.05 16.15 -27.31
N VAL D 295 -29.80 14.93 -26.81
CA VAL D 295 -30.63 14.35 -25.76
C VAL D 295 -30.52 15.18 -24.48
N ASN D 296 -29.29 15.63 -24.17
CA ASN D 296 -29.04 16.40 -22.96
C ASN D 296 -29.75 17.75 -22.97
N SER D 297 -30.10 18.25 -24.17
CA SER D 297 -30.83 19.50 -24.29
C SER D 297 -32.15 19.47 -23.52
N TYR D 298 -32.79 18.32 -23.50
CA TYR D 298 -34.08 18.15 -22.84
C TYR D 298 -33.92 17.71 -21.40
N LYS D 299 -32.70 17.35 -20.99
CA LYS D 299 -32.36 17.35 -19.57
C LYS D 299 -32.17 18.76 -19.07
N ARG D 300 -31.83 19.70 -19.95
CA ARG D 300 -31.94 21.11 -19.55
C ARG D 300 -33.37 21.61 -19.68
N LEU D 301 -34.06 21.23 -20.75
CA LEU D 301 -35.42 21.72 -21.03
C LEU D 301 -36.46 20.83 -20.37
N VAL D 302 -36.45 20.81 -19.04
CA VAL D 302 -37.45 20.09 -18.26
C VAL D 302 -38.40 21.12 -17.65
N PRO D 303 -39.69 20.81 -17.48
CA PRO D 303 -40.54 21.68 -16.69
C PRO D 303 -40.00 21.85 -15.27
N GLY D 304 -39.98 23.10 -14.81
CA GLY D 304 -39.41 23.42 -13.52
C GLY D 304 -39.43 24.91 -13.24
N TYR D 305 -38.32 25.44 -12.76
CA TYR D 305 -38.21 26.87 -12.47
C TYR D 305 -37.01 27.50 -13.18
N GLU D 306 -36.45 26.82 -14.18
CA GLU D 306 -35.26 27.34 -14.86
C GLU D 306 -35.44 27.36 -16.37
N ALA D 307 -36.10 26.36 -16.92
CA ALA D 307 -36.08 26.15 -18.36
C ALA D 307 -37.26 26.83 -19.04
N PRO D 308 -37.03 27.54 -20.14
CA PRO D 308 -38.12 28.13 -20.93
C PRO D 308 -38.81 27.11 -21.83
N VAL D 309 -39.56 26.21 -21.21
CA VAL D 309 -40.24 25.13 -21.94
C VAL D 309 -41.65 25.50 -22.34
N TYR D 310 -42.18 26.61 -21.86
CA TYR D 310 -43.56 27.00 -22.09
C TYR D 310 -43.63 28.04 -23.20
N ILE D 311 -44.41 27.74 -24.23
CA ILE D 311 -44.48 28.56 -25.43
C ILE D 311 -45.30 29.81 -25.11
N SER D 312 -44.61 30.95 -24.99
CA SER D 312 -45.23 32.19 -24.57
C SER D 312 -44.29 33.34 -24.90
N TRP D 313 -44.80 34.55 -24.80
CA TRP D 313 -44.00 35.75 -24.98
C TRP D 313 -44.38 36.78 -23.93
N SER D 314 -43.43 37.65 -23.62
CA SER D 314 -43.63 38.70 -22.62
C SER D 314 -42.54 39.74 -22.80
N ALA D 315 -42.65 40.83 -22.04
CA ALA D 315 -41.65 41.88 -22.06
C ALA D 315 -40.54 41.68 -21.04
N GLN D 316 -40.86 41.64 -19.76
CA GLN D 316 -39.85 41.50 -18.72
C GLN D 316 -39.81 40.12 -18.10
N ASN D 317 -40.75 39.23 -18.43
CA ASN D 317 -40.84 37.93 -17.78
C ASN D 317 -39.77 37.00 -18.34
N ARG D 318 -38.95 36.46 -17.44
CA ARG D 318 -37.91 35.51 -17.82
C ARG D 318 -38.35 34.06 -17.70
N SER D 319 -39.63 33.83 -17.38
CA SER D 319 -40.21 32.50 -17.45
C SER D 319 -40.90 32.25 -18.79
N SER D 320 -40.90 33.23 -19.68
CA SER D 320 -41.50 33.11 -21.00
C SER D 320 -40.49 32.58 -22.00
N LEU D 321 -41.02 31.96 -23.06
CA LEU D 321 -40.17 31.51 -24.16
C LEU D 321 -39.51 32.67 -24.87
N ILE D 322 -40.26 33.74 -25.11
CA ILE D 322 -39.77 34.92 -25.81
C ILE D 322 -39.82 36.10 -24.86
N ARG D 323 -38.70 36.81 -24.75
CA ARG D 323 -38.61 38.03 -23.94
C ARG D 323 -38.32 39.21 -24.84
N ILE D 324 -38.88 40.36 -24.48
CA ILE D 324 -38.67 41.60 -25.19
C ILE D 324 -37.98 42.58 -24.24
N PRO D 325 -36.66 42.72 -24.33
CA PRO D 325 -35.96 43.70 -23.49
C PRO D 325 -36.48 45.12 -23.73
N ALA D 326 -36.44 45.93 -22.69
CA ALA D 326 -37.05 47.26 -22.72
C ALA D 326 -36.32 48.24 -23.62
N THR D 327 -35.14 47.87 -24.12
CA THR D 327 -34.42 48.72 -25.06
C THR D 327 -35.27 48.97 -26.31
N ARG D 328 -35.31 50.22 -26.74
CA ARG D 328 -36.11 50.63 -27.87
C ARG D 328 -35.23 51.34 -28.90
N GLY D 329 -35.86 51.91 -29.91
CA GLY D 329 -35.10 52.57 -30.97
C GLY D 329 -34.44 51.54 -31.86
N ASN D 330 -33.15 51.73 -32.13
CA ASN D 330 -32.42 50.78 -32.96
C ASN D 330 -32.05 49.52 -32.19
N GLY D 331 -32.14 49.54 -30.86
CA GLY D 331 -31.83 48.41 -30.02
C GLY D 331 -33.01 47.50 -29.71
N THR D 332 -34.15 47.70 -30.35
CA THR D 332 -35.31 46.84 -30.11
C THR D 332 -35.04 45.44 -30.65
N ARG D 333 -35.18 44.44 -29.77
CA ARG D 333 -34.83 43.07 -30.15
C ARG D 333 -35.80 42.10 -29.47
N ILE D 334 -35.85 40.89 -30.02
CA ILE D 334 -36.68 39.81 -29.51
C ILE D 334 -35.75 38.68 -29.09
N GLU D 335 -35.87 38.23 -27.84
CA GLU D 335 -34.98 37.22 -27.28
C GLU D 335 -35.70 35.88 -27.22
N LEU D 336 -35.17 34.89 -27.94
CA LEU D 336 -35.62 33.51 -27.83
C LEU D 336 -34.72 32.78 -26.84
N ARG D 337 -35.31 32.18 -25.82
CA ARG D 337 -34.55 31.65 -24.69
C ARG D 337 -34.42 30.14 -24.70
N CYS D 338 -35.15 29.43 -25.55
CA CYS D 338 -35.01 27.97 -25.61
C CYS D 338 -33.64 27.46 -26.07
N PRO D 339 -32.95 28.02 -27.08
CA PRO D 339 -31.78 27.31 -27.62
C PRO D 339 -30.64 27.22 -26.62
N ASP D 340 -29.85 26.17 -26.78
CA ASP D 340 -28.66 25.89 -25.99
C ASP D 340 -27.43 26.02 -26.87
N PRO D 341 -26.24 26.17 -26.29
CA PRO D 341 -25.03 26.34 -27.12
C PRO D 341 -24.60 25.08 -27.88
N ALA D 342 -25.35 23.98 -27.80
CA ALA D 342 -25.05 22.80 -28.60
C ALA D 342 -25.65 22.87 -30.00
N CYS D 343 -26.51 23.84 -30.27
CA CYS D 343 -27.19 23.92 -31.56
C CYS D 343 -26.24 24.44 -32.64
N ASN D 344 -26.60 24.15 -33.88
CA ASN D 344 -25.89 24.70 -35.03
C ASN D 344 -26.40 26.13 -35.22
N PRO D 345 -25.54 27.14 -35.03
CA PRO D 345 -26.03 28.53 -35.13
C PRO D 345 -26.55 28.90 -36.50
N TYR D 346 -25.97 28.37 -37.58
CA TYR D 346 -26.46 28.67 -38.91
C TYR D 346 -27.89 28.18 -39.09
N LEU D 347 -28.14 26.91 -38.79
CA LEU D 347 -29.48 26.35 -38.95
C LEU D 347 -30.48 26.98 -38.00
N ALA D 348 -30.08 27.19 -36.74
CA ALA D 348 -30.99 27.74 -35.75
C ALA D 348 -31.35 29.18 -36.07
N PHE D 349 -30.36 29.99 -36.42
CA PHE D 349 -30.63 31.39 -36.76
C PHE D 349 -31.44 31.49 -38.05
N ALA D 350 -31.14 30.63 -39.04
CA ALA D 350 -31.94 30.61 -40.25
C ALA D 350 -33.38 30.24 -39.97
N LEU D 351 -33.61 29.26 -39.09
CA LEU D 351 -34.97 28.84 -38.79
C LEU D 351 -35.73 29.90 -38.01
N MET D 352 -35.06 30.57 -37.06
CA MET D 352 -35.72 31.68 -36.36
C MET D 352 -36.07 32.80 -37.33
N LEU D 353 -35.15 33.13 -38.24
CA LEU D 353 -35.43 34.15 -39.24
C LEU D 353 -36.61 33.77 -40.12
N ARG D 354 -36.65 32.51 -40.57
CA ARG D 354 -37.74 32.08 -41.45
C ARG D 354 -39.07 32.03 -40.71
N ALA D 355 -39.06 31.62 -39.44
CA ALA D 355 -40.30 31.63 -38.65
C ALA D 355 -40.82 33.04 -38.46
N GLY D 356 -39.93 33.99 -38.14
CA GLY D 356 -40.35 35.37 -38.02
C GLY D 356 -40.84 35.97 -39.33
N LEU D 357 -40.19 35.61 -40.43
CA LEU D 357 -40.61 36.09 -41.74
C LEU D 357 -41.97 35.52 -42.12
N GLU D 358 -42.21 34.25 -41.80
CA GLU D 358 -43.53 33.65 -42.02
C GLU D 358 -44.58 34.34 -41.16
N GLY D 359 -44.22 34.70 -39.93
CA GLY D 359 -45.15 35.44 -39.09
C GLY D 359 -45.49 36.81 -39.65
N ILE D 360 -44.50 37.50 -40.20
CA ILE D 360 -44.74 38.82 -40.79
C ILE D 360 -45.56 38.69 -42.07
N LYS D 361 -45.24 37.70 -42.90
CA LYS D 361 -45.94 37.54 -44.18
C LYS D 361 -47.38 37.08 -43.97
N ASN D 362 -47.61 36.17 -43.03
CA ASN D 362 -48.93 35.62 -42.79
C ASN D 362 -49.70 36.37 -41.72
N LYS D 363 -49.13 37.44 -41.16
CA LYS D 363 -49.79 38.31 -40.18
C LYS D 363 -50.26 37.51 -38.96
N ILE D 364 -49.36 36.69 -38.43
CA ILE D 364 -49.71 35.78 -37.34
C ILE D 364 -49.71 36.54 -36.03
N ASP D 365 -50.87 36.55 -35.36
CA ASP D 365 -50.99 37.22 -34.07
C ASP D 365 -50.35 36.37 -32.98
N PRO D 366 -49.48 36.95 -32.14
CA PRO D 366 -48.82 36.17 -31.10
C PRO D 366 -49.70 35.90 -29.87
N GLY D 367 -50.87 36.50 -29.79
CA GLY D 367 -51.71 36.35 -28.62
C GLY D 367 -51.31 37.30 -27.51
N GLU D 368 -52.01 37.17 -26.39
CA GLU D 368 -51.74 38.00 -25.22
C GLU D 368 -50.42 37.60 -24.57
N PRO D 369 -49.64 38.58 -24.11
CA PRO D 369 -48.42 38.24 -23.38
C PRO D 369 -48.72 37.64 -22.01
N THR D 370 -47.82 36.78 -21.55
CA THR D 370 -47.95 36.12 -20.25
C THR D 370 -47.00 36.81 -19.29
N ASN D 371 -47.55 37.68 -18.44
CA ASN D 371 -46.76 38.50 -17.54
C ASN D 371 -46.60 37.90 -16.15
N VAL D 372 -47.12 36.71 -15.91
CA VAL D 372 -47.03 36.07 -14.62
C VAL D 372 -45.89 35.05 -14.65
N ASN D 373 -45.50 34.58 -13.47
CA ASN D 373 -44.50 33.53 -13.37
C ASN D 373 -45.14 32.22 -13.82
N ILE D 374 -44.85 31.83 -15.06
CA ILE D 374 -45.39 30.59 -15.61
C ILE D 374 -44.85 29.36 -14.89
N PHE D 375 -43.67 29.46 -14.29
CA PHE D 375 -43.12 28.35 -13.52
C PHE D 375 -43.96 28.07 -12.27
N HIS D 376 -44.49 29.12 -11.64
CA HIS D 376 -45.35 28.93 -10.47
C HIS D 376 -46.76 28.50 -10.84
N LEU D 377 -47.14 28.60 -12.11
CA LEU D 377 -48.46 28.15 -12.54
C LEU D 377 -48.54 26.62 -12.50
N SER D 378 -49.77 26.14 -12.31
CA SER D 378 -50.04 24.71 -12.40
C SER D 378 -50.29 24.31 -13.86
N ASP D 379 -50.36 23.00 -14.10
CA ASP D 379 -50.66 22.53 -15.44
C ASP D 379 -52.08 22.90 -15.86
N LYS D 380 -53.03 22.89 -14.92
CA LYS D 380 -54.40 23.27 -15.24
C LYS D 380 -54.49 24.75 -15.57
N GLU D 381 -53.79 25.59 -14.82
CA GLU D 381 -53.78 27.03 -15.10
C GLU D 381 -53.12 27.32 -16.45
N ARG D 382 -52.04 26.59 -16.77
CA ARG D 382 -51.39 26.77 -18.06
C ARG D 382 -52.28 26.28 -19.20
N GLU D 383 -53.07 25.23 -18.95
CA GLU D 383 -54.03 24.78 -19.96
C GLU D 383 -55.16 25.79 -20.15
N GLU D 384 -55.55 26.47 -19.08
CA GLU D 384 -56.58 27.50 -19.21
C GLU D 384 -56.09 28.69 -20.03
N ARG D 385 -54.82 29.06 -19.88
CA ARG D 385 -54.25 30.15 -20.65
C ARG D 385 -53.83 29.73 -22.06
N GLY D 386 -53.93 28.45 -22.39
CA GLY D 386 -53.47 27.99 -23.69
C GLY D 386 -51.98 27.97 -23.86
N ILE D 387 -51.22 27.91 -22.77
CA ILE D 387 -49.77 27.93 -22.84
C ILE D 387 -49.29 26.52 -23.18
N ARG D 388 -48.81 26.35 -24.41
CA ARG D 388 -48.31 25.06 -24.85
C ARG D 388 -46.86 24.87 -24.40
N SER D 389 -46.36 23.65 -24.58
CA SER D 389 -45.02 23.29 -24.15
C SER D 389 -44.17 22.88 -25.35
N LEU D 390 -42.86 23.04 -25.19
CA LEU D 390 -41.91 22.52 -26.14
C LEU D 390 -41.87 21.00 -26.06
N PRO D 391 -41.35 20.32 -27.09
CA PRO D 391 -41.18 18.86 -27.00
C PRO D 391 -40.36 18.46 -25.78
N ALA D 392 -40.83 17.41 -25.10
CA ALA D 392 -40.25 17.02 -23.82
C ALA D 392 -38.93 16.28 -23.95
N ASP D 393 -38.62 15.75 -25.12
CA ASP D 393 -37.38 15.02 -25.34
C ASP D 393 -36.98 15.14 -26.80
N LEU D 394 -35.85 14.54 -27.14
CA LEU D 394 -35.35 14.63 -28.50
C LEU D 394 -36.23 13.88 -29.49
N LYS D 395 -36.82 12.75 -29.07
CA LYS D 395 -37.69 11.98 -29.97
C LYS D 395 -38.93 12.78 -30.36
N GLU D 396 -39.54 13.47 -29.40
CA GLU D 396 -40.72 14.28 -29.68
C GLU D 396 -40.38 15.43 -30.64
N ALA D 397 -39.22 16.06 -30.44
CA ALA D 397 -38.81 17.14 -31.32
C ALA D 397 -38.47 16.63 -32.72
N ILE D 398 -37.88 15.43 -32.80
CA ILE D 398 -37.64 14.80 -34.10
C ILE D 398 -38.95 14.55 -34.82
N ASP D 399 -39.95 14.04 -34.10
CA ASP D 399 -41.25 13.78 -34.70
C ASP D 399 -41.93 15.06 -35.13
N GLU D 400 -41.80 16.13 -34.34
CA GLU D 400 -42.34 17.42 -34.73
C GLU D 400 -41.65 17.99 -35.96
N MET D 401 -40.33 17.81 -36.06
CA MET D 401 -39.59 18.30 -37.21
C MET D 401 -39.89 17.49 -38.46
N LYS D 402 -40.17 16.19 -38.30
CA LYS D 402 -40.44 15.32 -39.45
C LYS D 402 -41.64 15.81 -40.25
N GLY D 403 -42.73 16.15 -39.58
CA GLY D 403 -43.94 16.58 -40.23
C GLY D 403 -43.99 18.05 -40.58
N SER D 404 -42.91 18.78 -40.38
CA SER D 404 -42.87 20.22 -40.63
C SER D 404 -42.45 20.49 -42.07
N LYS D 405 -43.39 20.98 -42.87
CA LYS D 405 -43.04 21.45 -44.21
C LYS D 405 -42.26 22.76 -44.15
N PHE D 406 -42.50 23.56 -43.10
CA PHE D 406 -41.77 24.81 -42.94
C PHE D 406 -40.28 24.56 -42.72
N VAL D 407 -39.94 23.61 -41.84
CA VAL D 407 -38.54 23.33 -41.56
C VAL D 407 -37.88 22.67 -42.77
N LYS D 408 -38.60 21.78 -43.46
CA LYS D 408 -38.07 21.15 -44.66
C LYS D 408 -37.79 22.17 -45.75
N GLU D 409 -38.69 23.15 -45.90
CA GLU D 409 -38.48 24.20 -46.90
C GLU D 409 -37.33 25.11 -46.51
N ALA D 410 -37.24 25.48 -45.22
CA ALA D 410 -36.21 26.42 -44.79
C ALA D 410 -34.82 25.80 -44.80
N LEU D 411 -34.72 24.51 -44.49
CA LEU D 411 -33.43 23.85 -44.39
C LEU D 411 -32.96 23.22 -45.70
N GLY D 412 -33.88 22.94 -46.62
CA GLY D 412 -33.53 22.17 -47.79
C GLY D 412 -33.56 20.67 -47.52
N GLU D 413 -33.75 19.90 -48.58
CA GLU D 413 -33.99 18.47 -48.44
C GLU D 413 -32.76 17.76 -47.86
N HIS D 414 -31.57 18.13 -48.32
CA HIS D 414 -30.35 17.48 -47.85
C HIS D 414 -30.13 17.67 -46.36
N VAL D 415 -30.17 18.93 -45.90
CA VAL D 415 -29.97 19.22 -44.49
C VAL D 415 -31.06 18.59 -43.64
N PHE D 416 -32.32 18.72 -44.09
CA PHE D 416 -33.46 18.16 -43.38
C PHE D 416 -33.29 16.65 -43.18
N SER D 417 -33.04 15.92 -44.27
CA SER D 417 -32.97 14.47 -44.19
C SER D 417 -31.75 14.01 -43.40
N HIS D 418 -30.58 14.61 -43.64
CA HIS D 418 -29.38 14.15 -42.95
C HIS D 418 -29.41 14.50 -41.46
N TYR D 419 -29.92 15.69 -41.13
CA TYR D 419 -30.06 16.08 -39.72
C TYR D 419 -31.04 15.16 -39.00
N LEU D 420 -32.18 14.86 -39.62
CA LEU D 420 -33.14 13.97 -38.99
C LEU D 420 -32.58 12.57 -38.84
N CYS D 421 -31.82 12.10 -39.83
CA CYS D 421 -31.22 10.76 -39.74
C CYS D 421 -30.19 10.70 -38.61
N ALA D 422 -29.35 11.72 -38.48
CA ALA D 422 -28.38 11.75 -37.39
C ALA D 422 -29.06 11.80 -36.02
N LYS D 423 -30.10 12.63 -35.90
CA LYS D 423 -30.83 12.72 -34.65
C LYS D 423 -31.55 11.41 -34.32
N GLU D 424 -32.07 10.74 -35.34
CA GLU D 424 -32.73 9.46 -35.14
C GLU D 424 -31.76 8.39 -34.68
N MET D 425 -30.56 8.35 -35.26
CA MET D 425 -29.55 7.41 -34.79
C MET D 425 -29.14 7.71 -33.36
N GLU D 426 -29.00 9.00 -33.03
CA GLU D 426 -28.67 9.41 -31.66
C GLU D 426 -29.72 8.93 -30.67
N TRP D 427 -31.00 9.17 -30.99
CA TRP D 427 -32.06 8.77 -30.07
C TRP D 427 -32.20 7.24 -30.00
N ASP D 428 -31.99 6.55 -31.12
CA ASP D 428 -32.10 5.10 -31.11
C ASP D 428 -31.00 4.46 -30.28
N GLU D 429 -29.81 5.04 -30.31
CA GLU D 429 -28.74 4.57 -29.42
C GLU D 429 -29.07 4.90 -27.96
N TYR D 430 -29.57 6.11 -27.70
CA TYR D 430 -29.83 6.53 -26.32
C TYR D 430 -30.95 5.73 -25.67
N LYS D 431 -32.01 5.43 -26.42
CA LYS D 431 -33.22 4.86 -25.85
C LYS D 431 -33.03 3.42 -25.38
N ALA D 432 -32.00 2.73 -25.86
CA ALA D 432 -31.75 1.36 -25.44
C ALA D 432 -30.82 1.25 -24.24
N VAL D 433 -30.20 2.36 -23.81
CA VAL D 433 -29.20 2.30 -22.75
C VAL D 433 -29.88 2.09 -21.41
N VAL D 434 -29.38 1.11 -20.66
CA VAL D 434 -29.83 0.88 -19.28
C VAL D 434 -28.99 1.79 -18.39
N HIS D 435 -29.61 2.75 -17.78
CA HIS D 435 -28.86 3.74 -17.05
C HIS D 435 -28.63 3.32 -15.60
N PRO D 436 -27.57 3.83 -14.98
CA PRO D 436 -27.34 3.53 -13.55
C PRO D 436 -28.47 3.99 -12.64
N TRP D 437 -29.23 5.02 -13.05
CA TRP D 437 -30.39 5.44 -12.28
C TRP D 437 -31.42 4.31 -12.18
N GLU D 438 -31.63 3.58 -13.29
CA GLU D 438 -32.57 2.47 -13.27
C GLU D 438 -32.08 1.36 -12.35
N LEU D 439 -30.77 1.12 -12.31
CA LEU D 439 -30.23 0.13 -11.39
C LEU D 439 -30.41 0.58 -9.93
N SER D 440 -30.20 1.86 -9.66
CA SER D 440 -30.39 2.35 -8.30
C SER D 440 -31.85 2.33 -7.88
N ARG D 441 -32.77 2.47 -8.84
CA ARG D 441 -34.18 2.55 -8.53
C ARG D 441 -34.87 1.19 -8.47
N TYR D 442 -34.48 0.26 -9.34
CA TYR D 442 -35.27 -0.95 -9.57
C TYR D 442 -34.60 -2.24 -9.15
N LEU D 443 -33.26 -2.30 -9.10
CA LEU D 443 -32.57 -3.58 -8.92
C LEU D 443 -32.92 -4.23 -7.58
N SER D 444 -32.86 -3.47 -6.49
CA SER D 444 -33.14 -4.01 -5.17
C SER D 444 -34.63 -4.03 -4.83
N MET D 445 -35.49 -3.56 -5.73
CA MET D 445 -36.94 -3.63 -5.56
C MET D 445 -37.60 -4.72 -6.40
N LEU D 446 -37.18 -4.91 -7.64
CA LEU D 446 -37.83 -5.87 -8.52
C LEU D 446 -37.17 -7.25 -8.45
N VAL E 1 5.00 -54.84 4.64
CA VAL E 1 4.09 -54.63 5.76
C VAL E 1 2.64 -54.85 5.30
N GLN E 2 1.97 -55.79 5.97
CA GLN E 2 0.56 -56.14 5.82
C GLN E 2 0.23 -56.75 4.46
N MET E 3 1.20 -56.86 3.56
CA MET E 3 0.97 -57.44 2.23
C MET E 3 2.20 -58.25 1.85
N LYS E 4 2.07 -59.58 1.88
CA LYS E 4 3.17 -60.44 1.50
C LYS E 4 3.50 -60.25 0.03
N LYS E 5 4.79 -60.24 -0.28
CA LYS E 5 5.24 -59.94 -1.64
C LYS E 5 4.79 -61.02 -2.61
N CYS E 6 4.06 -60.61 -3.64
CA CYS E 6 3.57 -61.53 -4.66
C CYS E 6 4.73 -61.98 -5.54
N THR E 7 4.63 -63.22 -6.01
CA THR E 7 5.60 -63.76 -6.96
C THR E 7 5.00 -64.12 -8.31
N THR E 8 3.71 -64.45 -8.35
CA THR E 8 3.03 -64.83 -9.58
C THR E 8 1.86 -63.88 -9.83
N LYS E 9 1.34 -63.92 -11.06
CA LYS E 9 0.20 -63.08 -11.40
C LYS E 9 -1.06 -63.51 -10.66
N GLU E 10 -1.16 -64.79 -10.28
CA GLU E 10 -2.29 -65.24 -9.48
C GLU E 10 -2.26 -64.59 -8.09
N ASP E 11 -1.08 -64.49 -7.48
CA ASP E 11 -0.95 -63.80 -6.20
C ASP E 11 -1.32 -62.33 -6.34
N VAL E 12 -0.92 -61.70 -7.45
CA VAL E 12 -1.25 -60.30 -7.70
C VAL E 12 -2.76 -60.12 -7.81
N LEU E 13 -3.43 -61.02 -8.57
CA LEU E 13 -4.87 -60.92 -8.73
C LEU E 13 -5.60 -61.15 -7.40
N GLU E 14 -5.12 -62.10 -6.60
CA GLU E 14 -5.71 -62.32 -5.27
C GLU E 14 -5.52 -61.10 -4.37
N ALA E 15 -4.34 -60.47 -4.41
CA ALA E 15 -4.10 -59.27 -3.62
C ALA E 15 -4.96 -58.12 -4.08
N VAL E 16 -5.16 -57.99 -5.39
CA VAL E 16 -6.04 -56.95 -5.93
C VAL E 16 -7.47 -57.18 -5.46
N LYS E 17 -7.92 -58.43 -5.46
CA LYS E 17 -9.28 -58.74 -5.03
C LYS E 17 -9.47 -58.46 -3.54
N GLU E 18 -8.56 -58.96 -2.70
CA GLU E 18 -8.80 -58.92 -1.26
C GLU E 18 -8.45 -57.59 -0.61
N ARG E 19 -7.69 -56.72 -1.28
CA ARG E 19 -7.36 -55.41 -0.74
C ARG E 19 -8.08 -54.28 -1.45
N ASP E 20 -9.14 -54.58 -2.21
CA ASP E 20 -10.01 -53.60 -2.85
C ASP E 20 -9.21 -52.66 -3.77
N VAL E 21 -8.29 -53.25 -4.52
CA VAL E 21 -7.47 -52.48 -5.46
C VAL E 21 -8.30 -52.22 -6.72
N LYS E 22 -8.43 -50.96 -7.10
CA LYS E 22 -9.17 -50.59 -8.29
C LYS E 22 -8.29 -50.07 -9.42
N PHE E 23 -7.25 -49.33 -9.11
CA PHE E 23 -6.37 -48.75 -10.11
C PHE E 23 -5.00 -49.37 -10.05
N ILE E 24 -4.46 -49.76 -11.20
CA ILE E 24 -3.13 -50.32 -11.32
C ILE E 24 -2.29 -49.32 -12.10
N ARG E 25 -1.19 -48.87 -11.49
CA ARG E 25 -0.24 -47.98 -12.14
C ARG E 25 0.82 -48.83 -12.81
N THR E 26 0.65 -49.08 -14.11
CA THR E 26 1.66 -49.78 -14.89
C THR E 26 2.84 -48.84 -15.10
N GLN E 27 4.02 -49.23 -14.62
CA GLN E 27 5.14 -48.32 -14.53
C GLN E 27 6.37 -48.90 -15.21
N PHE E 28 7.21 -48.01 -15.72
CA PHE E 28 8.53 -48.36 -16.21
C PHE E 28 9.43 -47.13 -16.08
N THR E 29 10.71 -47.35 -16.29
CA THR E 29 11.72 -46.30 -16.20
C THR E 29 12.24 -45.98 -17.61
N ASP E 30 12.33 -44.70 -17.93
CA ASP E 30 12.83 -44.31 -19.24
C ASP E 30 14.36 -44.31 -19.24
N THR E 31 14.94 -43.84 -20.34
CA THR E 31 16.39 -43.90 -20.53
C THR E 31 17.13 -43.06 -19.50
N LEU E 32 16.57 -41.90 -19.14
CA LEU E 32 17.22 -40.98 -18.23
C LEU E 32 16.88 -41.24 -16.77
N GLY E 33 16.15 -42.30 -16.47
CA GLY E 33 15.86 -42.66 -15.10
C GLY E 33 14.59 -42.10 -14.52
N ILE E 34 13.69 -41.57 -15.33
CA ILE E 34 12.45 -40.99 -14.86
C ILE E 34 11.35 -42.06 -14.92
N ILE E 35 10.63 -42.22 -13.81
CA ILE E 35 9.55 -43.20 -13.76
C ILE E 35 8.42 -42.74 -14.67
N LYS E 36 7.90 -43.66 -15.48
CA LYS E 36 6.79 -43.41 -16.38
C LYS E 36 5.61 -44.26 -15.96
N SER E 37 4.47 -43.62 -15.75
CA SER E 37 3.32 -44.29 -15.16
C SER E 37 2.05 -43.96 -15.92
N TRP E 38 1.16 -44.94 -16.03
CA TRP E 38 -0.21 -44.69 -16.45
C TRP E 38 -1.11 -45.71 -15.78
N ALA E 39 -2.34 -45.30 -15.49
CA ALA E 39 -3.25 -46.07 -14.66
C ALA E 39 -4.22 -46.85 -15.55
N ILE E 40 -4.36 -48.13 -15.25
CA ILE E 40 -5.40 -48.96 -15.87
C ILE E 40 -6.30 -49.45 -14.74
N PRO E 41 -7.58 -49.71 -15.01
CA PRO E 41 -8.44 -50.30 -13.98
C PRO E 41 -8.00 -51.72 -13.65
N ALA E 42 -8.30 -52.13 -12.42
CA ALA E 42 -7.94 -53.47 -11.98
C ALA E 42 -8.70 -54.55 -12.74
N GLU E 43 -9.85 -54.19 -13.33
CA GLU E 43 -10.58 -55.14 -14.16
C GLU E 43 -9.79 -55.52 -15.41
N GLN E 44 -8.93 -54.62 -15.91
CA GLN E 44 -8.11 -54.90 -17.08
C GLN E 44 -6.80 -55.59 -16.74
N LEU E 45 -6.55 -55.88 -15.45
CA LEU E 45 -5.25 -56.42 -15.05
C LEU E 45 -5.03 -57.83 -15.57
N GLU E 46 -6.09 -58.65 -15.61
CA GLU E 46 -5.96 -60.01 -16.11
C GLU E 46 -5.59 -60.01 -17.59
N GLU E 47 -6.18 -59.11 -18.37
CA GLU E 47 -5.83 -59.00 -19.78
C GLU E 47 -4.44 -58.40 -19.96
N ALA E 48 -4.06 -57.47 -19.08
CA ALA E 48 -2.74 -56.85 -19.16
C ALA E 48 -1.64 -57.84 -18.81
N PHE E 49 -1.92 -58.80 -17.93
CA PHE E 49 -0.94 -59.81 -17.59
C PHE E 49 -0.70 -60.80 -18.74
N GLU E 50 -1.64 -60.92 -19.67
CA GLU E 50 -1.54 -61.87 -20.76
C GLU E 50 -1.05 -61.23 -22.05
N ASN E 51 -1.59 -60.07 -22.42
CA ASN E 51 -1.24 -59.42 -23.68
C ASN E 51 -0.32 -58.22 -23.50
N GLY E 52 0.03 -57.86 -22.27
CA GLY E 52 0.79 -56.66 -22.03
C GLY E 52 -0.09 -55.43 -22.07
N VAL E 53 0.53 -54.28 -21.87
CA VAL E 53 -0.15 -52.99 -21.95
C VAL E 53 0.49 -52.19 -23.07
N MET E 54 -0.30 -51.81 -24.07
CA MET E 54 0.19 -51.05 -25.20
C MET E 54 0.31 -49.58 -24.84
N PHE E 55 1.38 -48.95 -25.34
CA PHE E 55 1.58 -47.52 -25.12
C PHE E 55 2.43 -46.96 -26.25
N ASP E 56 2.37 -45.64 -26.40
CA ASP E 56 3.11 -44.93 -27.42
C ASP E 56 4.50 -44.58 -26.88
N GLY E 57 5.54 -45.10 -27.53
CA GLY E 57 6.91 -44.88 -27.13
C GLY E 57 7.58 -43.66 -27.69
N SER E 58 7.00 -43.01 -28.71
CA SER E 58 7.61 -41.83 -29.28
C SER E 58 7.57 -40.63 -28.34
N SER E 59 6.65 -40.60 -27.39
CA SER E 59 6.57 -39.54 -26.40
C SER E 59 7.45 -39.80 -25.19
N ILE E 60 8.16 -40.93 -25.16
CA ILE E 60 9.09 -41.27 -24.09
C ILE E 60 10.51 -41.00 -24.58
N GLN E 61 11.28 -40.25 -23.80
CA GLN E 61 12.62 -39.88 -24.20
C GLN E 61 13.54 -41.09 -24.22
N GLY E 62 14.33 -41.21 -25.29
CA GLY E 62 15.25 -42.32 -25.46
C GLY E 62 14.63 -43.58 -26.00
N PHE E 63 13.32 -43.59 -26.22
CA PHE E 63 12.59 -44.74 -26.72
C PHE E 63 12.48 -44.65 -28.24
N THR E 64 11.55 -45.42 -28.82
CA THR E 64 11.44 -45.56 -30.27
C THR E 64 11.04 -44.25 -30.94
N ARG E 65 11.17 -44.24 -32.26
CA ARG E 65 10.85 -43.10 -33.10
C ARG E 65 9.37 -43.08 -33.44
N ILE E 66 8.92 -41.95 -34.00
CA ILE E 66 7.50 -41.75 -34.24
C ILE E 66 6.99 -42.62 -35.39
N GLU E 67 7.88 -43.13 -36.24
CA GLU E 67 7.45 -43.97 -37.35
C GLU E 67 7.08 -45.38 -36.86
N GLU E 68 7.80 -45.89 -35.86
CA GLU E 68 7.51 -47.21 -35.28
C GLU E 68 7.49 -47.01 -33.78
N SER E 69 6.34 -46.58 -33.24
CA SER E 69 6.26 -46.09 -31.88
C SER E 69 5.37 -46.93 -30.97
N ASP E 70 4.77 -48.00 -31.48
CA ASP E 70 3.94 -48.85 -30.64
C ASP E 70 4.81 -49.72 -29.75
N MET E 71 4.53 -49.69 -28.45
CA MET E 71 5.30 -50.45 -27.48
C MET E 71 4.37 -51.17 -26.53
N LYS E 72 4.87 -52.26 -25.96
CA LYS E 72 4.11 -53.09 -25.02
C LYS E 72 4.89 -53.22 -23.72
N LEU E 73 4.18 -53.06 -22.60
CA LEU E 73 4.76 -53.25 -21.28
C LEU E 73 4.36 -54.62 -20.75
N ALA E 74 5.34 -55.48 -20.52
CA ALA E 74 5.11 -56.79 -19.92
C ALA E 74 5.25 -56.66 -18.41
N LEU E 75 4.14 -56.80 -17.71
CA LEU E 75 4.10 -56.55 -16.27
C LEU E 75 4.89 -57.61 -15.50
N ASP E 76 5.60 -57.16 -14.46
CA ASP E 76 6.34 -58.05 -13.58
C ASP E 76 5.54 -58.25 -12.31
N PRO E 77 4.97 -59.44 -12.06
CA PRO E 77 4.13 -59.63 -10.88
C PRO E 77 4.85 -59.44 -9.55
N SER E 78 6.15 -59.73 -9.50
CA SER E 78 6.89 -59.58 -8.25
C SER E 78 7.02 -58.13 -7.81
N THR E 79 6.89 -57.18 -8.73
CA THR E 79 6.98 -55.77 -8.42
C THR E 79 5.66 -55.16 -7.96
N PHE E 80 4.60 -55.95 -7.88
CA PHE E 80 3.29 -55.44 -7.49
C PHE E 80 3.34 -54.90 -6.06
N ARG E 81 2.85 -53.66 -5.90
CA ARG E 81 2.90 -52.98 -4.63
C ARG E 81 1.75 -51.98 -4.55
N ILE E 82 1.12 -51.91 -3.39
CA ILE E 82 0.02 -50.98 -3.16
C ILE E 82 0.60 -49.69 -2.58
N LEU E 83 0.20 -48.56 -3.17
CA LEU E 83 0.70 -47.27 -2.73
C LEU E 83 -0.03 -46.84 -1.46
N PRO E 84 0.68 -46.65 -0.34
CA PRO E 84 -0.03 -46.34 0.93
C PRO E 84 -0.55 -44.91 1.01
N TRP E 85 0.01 -43.96 0.28
CA TRP E 85 -0.47 -42.58 0.33
C TRP E 85 -1.73 -42.37 -0.50
N ARG E 86 -2.10 -43.33 -1.33
CA ARG E 86 -3.34 -43.34 -2.06
C ARG E 86 -4.46 -43.91 -1.19
N PRO E 87 -5.73 -43.62 -1.50
CA PRO E 87 -6.83 -44.09 -0.65
C PRO E 87 -6.88 -45.61 -0.54
N ALA E 88 -7.27 -46.08 0.65
CA ALA E 88 -7.38 -47.52 0.89
C ALA E 88 -8.63 -48.12 0.25
N THR E 89 -9.73 -47.38 0.23
CA THR E 89 -10.94 -47.82 -0.45
C THR E 89 -10.81 -47.47 -1.94
N GLY E 90 -10.96 -48.46 -2.80
CA GLY E 90 -10.60 -48.29 -4.19
C GLY E 90 -9.11 -48.07 -4.30
N ALA E 91 -8.34 -48.99 -3.73
CA ALA E 91 -6.91 -48.82 -3.54
C ALA E 91 -6.18 -48.73 -4.89
N VAL E 92 -5.04 -48.04 -4.86
CA VAL E 92 -4.19 -47.85 -6.03
C VAL E 92 -2.91 -48.65 -5.83
N ALA E 93 -2.56 -49.44 -6.82
CA ALA E 93 -1.35 -50.25 -6.78
C ALA E 93 -0.49 -49.96 -7.99
N ARG E 94 0.79 -50.27 -7.87
CA ARG E 94 1.76 -50.13 -8.95
C ARG E 94 2.26 -51.51 -9.36
N ILE E 95 2.54 -51.66 -10.65
CA ILE E 95 3.27 -52.80 -11.17
C ILE E 95 4.33 -52.28 -12.12
N LEU E 96 5.59 -52.62 -11.85
CA LEU E 96 6.66 -52.33 -12.79
C LEU E 96 6.64 -53.36 -13.92
N GLY E 97 7.14 -52.94 -15.08
CA GLY E 97 7.11 -53.80 -16.24
C GLY E 97 8.37 -53.68 -17.07
N ASP E 98 8.48 -54.59 -18.03
CA ASP E 98 9.55 -54.56 -19.03
C ASP E 98 8.96 -54.12 -20.36
N VAL E 99 9.68 -53.23 -21.05
CA VAL E 99 9.22 -52.71 -22.33
C VAL E 99 9.56 -53.72 -23.42
N TYR E 100 8.56 -54.09 -24.22
CA TYR E 100 8.74 -55.03 -25.31
C TYR E 100 8.28 -54.39 -26.61
N LEU E 101 8.90 -54.82 -27.70
CA LEU E 101 8.43 -54.49 -29.03
C LEU E 101 7.19 -55.30 -29.35
N PRO E 102 6.36 -54.83 -30.30
CA PRO E 102 5.13 -55.58 -30.62
C PRO E 102 5.36 -56.98 -31.17
N ASP E 103 6.54 -57.27 -31.72
CA ASP E 103 6.85 -58.60 -32.22
C ASP E 103 7.24 -59.57 -31.11
N GLY E 104 7.08 -59.19 -29.84
CA GLY E 104 7.39 -60.06 -28.73
C GLY E 104 8.82 -60.01 -28.24
N ASN E 105 9.69 -59.28 -28.91
CA ASN E 105 11.07 -59.18 -28.45
C ASN E 105 11.20 -58.05 -27.43
N PRO E 106 12.09 -58.22 -26.45
CA PRO E 106 12.35 -57.12 -25.50
C PRO E 106 12.93 -55.91 -26.21
N PHE E 107 12.53 -54.72 -25.74
CA PHE E 107 13.09 -53.48 -26.26
C PHE E 107 14.49 -53.28 -25.69
N LYS E 108 15.48 -53.20 -26.57
CA LYS E 108 16.86 -53.07 -26.13
C LYS E 108 17.17 -51.69 -25.56
N GLY E 109 16.30 -50.71 -25.79
CA GLY E 109 16.43 -49.41 -25.16
C GLY E 109 15.89 -49.32 -23.76
N ASP E 110 15.35 -50.41 -23.23
CA ASP E 110 14.84 -50.44 -21.87
C ASP E 110 15.99 -50.53 -20.88
N PRO E 111 16.14 -49.59 -19.94
CA PRO E 111 17.21 -49.70 -18.95
C PRO E 111 17.10 -50.94 -18.07
N ARG E 112 15.88 -51.38 -17.77
CA ARG E 112 15.70 -52.62 -17.03
C ARG E 112 16.24 -53.80 -17.82
N TYR E 113 16.06 -53.78 -19.15
CA TYR E 113 16.65 -54.81 -19.99
C TYR E 113 18.18 -54.76 -19.96
N VAL E 114 18.76 -53.55 -19.88
CA VAL E 114 20.21 -53.42 -19.79
C VAL E 114 20.71 -54.03 -18.48
N LEU E 115 20.03 -53.73 -17.38
CA LEU E 115 20.39 -54.33 -16.10
C LEU E 115 20.24 -55.84 -16.12
N LYS E 116 19.17 -56.35 -16.76
CA LYS E 116 18.97 -57.78 -16.86
C LYS E 116 20.07 -58.44 -17.70
N THR E 117 20.51 -57.76 -18.76
CA THR E 117 21.63 -58.27 -19.55
C THR E 117 22.91 -58.31 -18.73
N ALA E 118 23.15 -57.29 -17.91
CA ALA E 118 24.31 -57.32 -17.01
C ALA E 118 24.20 -58.45 -16.00
N ILE E 119 22.99 -58.70 -15.49
CA ILE E 119 22.78 -59.81 -14.56
C ILE E 119 23.06 -61.15 -15.22
N LYS E 120 22.60 -61.31 -16.48
CA LYS E 120 22.88 -62.53 -17.22
C LYS E 120 24.38 -62.70 -17.47
N GLU E 121 25.07 -61.60 -17.77
CA GLU E 121 26.51 -61.65 -17.95
C GLU E 121 27.22 -62.07 -16.68
N ALA E 122 26.76 -61.56 -15.53
CA ALA E 122 27.33 -61.97 -14.25
C ALA E 122 27.05 -63.43 -13.95
N GLU E 123 25.84 -63.90 -14.27
CA GLU E 123 25.46 -65.28 -14.01
C GLU E 123 26.22 -66.25 -14.91
N LYS E 124 26.59 -65.82 -16.11
CA LYS E 124 27.42 -66.65 -16.97
C LYS E 124 28.77 -66.95 -16.36
N MET E 125 29.27 -66.08 -15.50
CA MET E 125 30.47 -66.36 -14.71
C MET E 125 30.15 -66.86 -13.31
N GLY E 126 28.88 -67.16 -13.03
CA GLY E 126 28.47 -67.69 -11.75
C GLY E 126 28.25 -66.67 -10.66
N PHE E 127 28.26 -65.38 -10.98
CA PHE E 127 28.16 -64.33 -9.98
C PHE E 127 26.74 -63.77 -9.91
N SER E 128 26.37 -63.34 -8.70
CA SER E 128 25.15 -62.60 -8.47
C SER E 128 25.48 -61.38 -7.64
N MET E 129 24.96 -60.22 -8.05
CA MET E 129 25.34 -58.94 -7.45
C MET E 129 24.24 -58.46 -6.51
N ASN E 130 24.64 -58.06 -5.31
CA ASN E 130 23.77 -57.39 -4.35
C ASN E 130 24.21 -55.95 -4.23
N VAL E 131 23.26 -55.02 -4.27
CA VAL E 131 23.55 -53.59 -4.22
C VAL E 131 22.81 -52.99 -3.03
N GLY E 132 23.55 -52.27 -2.18
CA GLY E 132 22.96 -51.44 -1.17
C GLY E 132 23.23 -49.98 -1.43
N PRO E 133 22.22 -49.24 -1.90
CA PRO E 133 22.40 -47.82 -2.18
C PRO E 133 22.02 -46.94 -1.00
N GLU E 134 22.78 -45.86 -0.84
CA GLU E 134 22.55 -44.88 0.21
C GLU E 134 22.19 -43.56 -0.45
N LEU E 135 20.90 -43.23 -0.44
CA LEU E 135 20.39 -42.06 -1.13
C LEU E 135 20.25 -40.89 -0.17
N GLU E 136 20.72 -39.73 -0.60
CA GLU E 136 20.50 -38.47 0.12
C GLU E 136 19.52 -37.62 -0.68
N PHE E 137 18.66 -36.91 0.02
CA PHE E 137 17.72 -36.01 -0.62
C PHE E 137 17.55 -34.77 0.24
N PHE E 138 17.05 -33.71 -0.38
CA PHE E 138 16.77 -32.46 0.29
C PHE E 138 15.27 -32.31 0.48
N LEU E 139 14.89 -31.65 1.56
CA LEU E 139 13.49 -31.38 1.86
C LEU E 139 13.29 -29.86 1.79
N PHE E 140 12.62 -29.41 0.74
CA PHE E 140 12.41 -28.00 0.51
C PHE E 140 10.94 -27.64 0.68
N LYS E 141 10.68 -26.35 0.83
CA LYS E 141 9.31 -25.87 0.96
C LYS E 141 8.61 -25.85 -0.40
N LEU E 142 7.30 -25.95 -0.35
CA LEU E 142 6.45 -25.69 -1.50
C LEU E 142 6.02 -24.23 -1.49
N ASP E 143 5.80 -23.68 -2.68
CA ASP E 143 5.31 -22.31 -2.79
C ASP E 143 3.79 -22.30 -2.61
N ALA E 144 3.16 -21.17 -2.93
CA ALA E 144 1.71 -21.06 -2.79
C ALA E 144 0.98 -22.00 -3.76
N ASN E 145 1.57 -22.25 -4.93
CA ASN E 145 0.98 -23.13 -5.92
C ASN E 145 1.39 -24.59 -5.75
N GLY E 146 2.15 -24.90 -4.70
CA GLY E 146 2.61 -26.26 -4.50
C GLY E 146 3.75 -26.67 -5.41
N ASN E 147 4.47 -25.72 -5.98
CA ASN E 147 5.59 -25.97 -6.88
C ASN E 147 6.89 -26.07 -6.09
N PRO E 148 7.87 -26.80 -6.62
CA PRO E 148 9.16 -26.94 -5.91
C PRO E 148 9.87 -25.61 -5.75
N THR E 149 10.50 -25.43 -4.60
CA THR E 149 11.42 -24.34 -4.33
C THR E 149 12.73 -24.93 -3.81
N THR E 150 13.66 -24.05 -3.44
CA THR E 150 14.86 -24.45 -2.71
C THR E 150 14.89 -23.86 -1.32
N GLU E 151 13.75 -23.39 -0.83
CA GLU E 151 13.67 -22.79 0.50
C GLU E 151 13.90 -23.86 1.56
N LEU E 152 14.78 -23.55 2.51
CA LEU E 152 15.19 -24.53 3.51
C LEU E 152 14.06 -24.82 4.49
N THR E 153 13.93 -26.09 4.87
CA THR E 153 12.98 -26.48 5.89
C THR E 153 13.58 -26.47 7.29
N ASP E 154 14.90 -26.65 7.39
CA ASP E 154 15.59 -26.50 8.66
C ASP E 154 17.03 -26.13 8.39
N GLN E 155 17.75 -25.75 9.46
CA GLN E 155 19.16 -25.40 9.40
C GLN E 155 20.02 -26.43 10.12
N GLY E 156 19.53 -27.65 10.25
CA GLY E 156 20.24 -28.68 10.97
C GLY E 156 21.41 -29.25 10.20
N GLY E 157 22.22 -30.03 10.90
CA GLY E 157 23.37 -30.66 10.30
C GLY E 157 23.35 -32.17 10.48
N TYR E 158 24.51 -32.79 10.38
CA TYR E 158 24.60 -34.25 10.46
C TYR E 158 24.19 -34.75 11.84
N PHE E 159 23.26 -35.72 11.85
CA PHE E 159 22.75 -36.34 13.08
C PHE E 159 22.13 -35.32 14.03
N ASP E 160 21.54 -34.25 13.51
CA ASP E 160 20.97 -33.25 14.38
C ASP E 160 19.59 -33.66 14.89
N PHE E 161 19.26 -33.20 16.08
CA PHE E 161 18.05 -33.52 16.82
C PHE E 161 17.26 -32.23 17.04
N ALA E 162 16.24 -32.30 17.90
CA ALA E 162 15.56 -31.15 18.51
C ALA E 162 14.74 -30.46 17.41
N PRO E 163 14.38 -29.18 17.51
CA PRO E 163 13.95 -28.46 16.31
C PRO E 163 15.07 -28.01 15.38
N LEU E 164 16.33 -28.39 15.61
CA LEU E 164 17.34 -28.20 14.58
C LEU E 164 17.02 -29.03 13.35
N ASP E 165 16.65 -30.29 13.56
CA ASP E 165 16.05 -31.12 12.53
C ASP E 165 14.54 -30.97 12.63
N ARG E 166 13.91 -30.53 11.53
CA ARG E 166 12.49 -30.24 11.54
C ARG E 166 11.70 -31.19 10.64
N ALA E 167 12.26 -32.36 10.32
CA ALA E 167 11.63 -33.30 9.39
C ALA E 167 11.51 -34.70 9.98
N GLN E 168 11.38 -34.82 11.29
CA GLN E 168 11.20 -36.15 11.89
C GLN E 168 9.87 -36.76 11.48
N ASP E 169 8.82 -35.93 11.33
CA ASP E 169 7.52 -36.43 10.92
C ASP E 169 7.53 -36.86 9.45
N VAL E 170 8.19 -36.10 8.58
CA VAL E 170 8.29 -36.48 7.18
C VAL E 170 9.07 -37.77 7.03
N ARG E 171 10.20 -37.89 7.75
CA ARG E 171 10.99 -39.11 7.69
C ARG E 171 10.22 -40.29 8.27
N ARG E 172 9.43 -40.05 9.32
CA ARG E 172 8.60 -41.11 9.90
C ARG E 172 7.58 -41.61 8.90
N ASP E 173 6.89 -40.69 8.23
CA ASP E 173 5.89 -41.10 7.24
C ASP E 173 6.53 -41.76 6.02
N ILE E 174 7.71 -41.29 5.61
CA ILE E 174 8.43 -41.94 4.53
C ILE E 174 8.82 -43.36 4.91
N ASP E 175 9.29 -43.55 6.15
CA ASP E 175 9.66 -44.88 6.62
C ASP E 175 8.45 -45.81 6.64
N TYR E 176 7.32 -45.31 7.13
CA TYR E 176 6.09 -46.10 7.13
C TYR E 176 5.66 -46.48 5.73
N ALA E 177 5.69 -45.52 4.80
CA ALA E 177 5.31 -45.80 3.42
C ALA E 177 6.26 -46.80 2.77
N LEU E 178 7.55 -46.66 3.01
CA LEU E 178 8.54 -47.56 2.43
C LEU E 178 8.37 -48.97 2.96
N GLU E 179 8.11 -49.11 4.28
CA GLU E 179 7.82 -50.41 4.84
C GLU E 179 6.55 -51.01 4.25
N HIS E 180 5.55 -50.17 3.96
CA HIS E 180 4.38 -50.64 3.23
C HIS E 180 4.72 -51.12 1.83
N MET E 181 5.72 -50.51 1.17
CA MET E 181 6.12 -50.90 -0.17
C MET E 181 7.22 -51.97 -0.17
N GLY E 182 7.37 -52.70 0.93
CA GLY E 182 8.30 -53.80 0.99
C GLY E 182 9.73 -53.46 1.35
N PHE E 183 10.03 -52.20 1.64
CA PHE E 183 11.38 -51.84 2.04
C PHE E 183 11.65 -52.28 3.48
N GLN E 184 12.90 -52.63 3.75
CA GLN E 184 13.37 -52.90 5.11
C GLN E 184 14.26 -51.73 5.51
N ILE E 185 13.69 -50.79 6.28
CA ILE E 185 14.42 -49.60 6.68
C ILE E 185 15.50 -49.98 7.68
N GLU E 186 16.70 -49.43 7.48
CA GLU E 186 17.83 -49.64 8.38
C GLU E 186 18.11 -48.44 9.28
N ALA E 187 18.12 -47.23 8.72
CA ALA E 187 18.39 -46.03 9.50
C ALA E 187 17.82 -44.83 8.76
N SER E 188 17.59 -43.76 9.50
CA SER E 188 17.13 -42.50 8.94
C SER E 188 17.64 -41.36 9.81
N HIS E 189 18.14 -40.32 9.16
CA HIS E 189 18.76 -39.22 9.90
C HIS E 189 18.80 -37.96 9.04
N HIS E 190 19.06 -36.84 9.71
CA HIS E 190 19.42 -35.61 9.03
C HIS E 190 20.85 -35.70 8.54
N GLU E 191 21.08 -35.23 7.32
CA GLU E 191 22.41 -35.32 6.71
C GLU E 191 23.18 -34.03 6.97
N VAL E 192 24.37 -33.91 6.36
CA VAL E 192 25.29 -32.82 6.67
C VAL E 192 24.70 -31.48 6.27
N ALA E 193 24.21 -31.37 5.04
CA ALA E 193 23.68 -30.10 4.54
C ALA E 193 22.36 -29.78 5.23
N PRO E 194 22.02 -28.49 5.33
CA PRO E 194 20.71 -28.12 5.88
C PRO E 194 19.58 -28.67 5.00
N SER E 195 18.50 -29.10 5.66
CA SER E 195 17.32 -29.67 5.03
C SER E 195 17.62 -30.93 4.22
N GLN E 196 18.72 -31.60 4.53
CA GLN E 196 19.15 -32.80 3.81
C GLN E 196 19.00 -34.01 4.72
N HIS E 197 18.50 -35.10 4.16
CA HIS E 197 18.16 -36.28 4.94
C HIS E 197 18.57 -37.54 4.21
N GLU E 198 18.90 -38.57 4.99
CA GLU E 198 19.24 -39.88 4.46
C GLU E 198 18.34 -40.91 5.10
N ILE E 199 17.74 -41.77 4.29
CA ILE E 199 16.98 -42.91 4.76
C ILE E 199 17.59 -44.15 4.12
N ASP E 200 18.08 -45.07 4.95
CA ASP E 200 18.76 -46.26 4.48
C ASP E 200 17.82 -47.46 4.54
N PHE E 201 17.76 -48.22 3.46
CA PHE E 201 17.00 -49.45 3.42
C PHE E 201 17.95 -50.60 3.14
N ARG E 202 17.49 -51.82 3.45
CA ARG E 202 18.32 -53.00 3.32
C ARG E 202 18.67 -53.27 1.86
N PHE E 203 19.87 -53.80 1.65
CA PHE E 203 20.32 -54.20 0.33
C PHE E 203 19.49 -55.36 -0.21
N GLY E 204 19.71 -55.67 -1.47
CA GLY E 204 19.06 -56.79 -2.10
C GLY E 204 19.72 -57.10 -3.42
N ASP E 205 19.11 -58.01 -4.17
CA ASP E 205 19.59 -58.28 -5.52
C ASP E 205 19.45 -57.04 -6.39
N VAL E 206 20.33 -56.92 -7.37
CA VAL E 206 20.56 -55.63 -8.02
C VAL E 206 19.32 -55.17 -8.79
N LEU E 207 18.59 -56.09 -9.41
CA LEU E 207 17.38 -55.70 -10.13
C LEU E 207 16.32 -55.18 -9.18
N CYS E 208 16.07 -55.92 -8.09
CA CYS E 208 15.17 -55.44 -7.05
C CYS E 208 15.69 -54.16 -6.42
N THR E 209 17.01 -54.00 -6.33
CA THR E 209 17.57 -52.79 -5.75
C THR E 209 17.33 -51.57 -6.62
N ALA E 210 17.50 -51.69 -7.95
CA ALA E 210 17.22 -50.57 -8.83
C ALA E 210 15.72 -50.24 -8.86
N ASP E 211 14.88 -51.28 -8.86
CA ASP E 211 13.46 -51.07 -8.66
C ASP E 211 13.19 -50.30 -7.37
N ASN E 212 13.88 -50.67 -6.29
CA ASN E 212 13.73 -49.98 -5.01
C ASN E 212 14.24 -48.56 -5.08
N VAL E 213 15.26 -48.29 -5.90
CA VAL E 213 15.78 -46.93 -5.99
C VAL E 213 14.76 -46.00 -6.65
N VAL E 214 14.20 -46.42 -7.78
CA VAL E 214 13.20 -45.56 -8.43
C VAL E 214 11.93 -45.48 -7.57
N THR E 215 11.54 -46.60 -6.96
CA THR E 215 10.39 -46.59 -6.06
C THR E 215 10.63 -45.68 -4.87
N PHE E 216 11.81 -45.74 -4.28
CA PHE E 216 12.16 -44.90 -3.14
C PHE E 216 12.08 -43.43 -3.52
N LYS E 217 12.61 -43.07 -4.68
CA LYS E 217 12.58 -41.68 -5.09
C LYS E 217 11.14 -41.18 -5.22
N TYR E 218 10.28 -41.95 -5.91
CA TYR E 218 8.93 -41.40 -6.05
C TYR E 218 8.10 -41.51 -4.77
N VAL E 219 8.37 -42.51 -3.91
CA VAL E 219 7.69 -42.60 -2.63
C VAL E 219 8.06 -41.42 -1.73
N VAL E 220 9.36 -41.09 -1.67
CA VAL E 220 9.80 -39.95 -0.88
C VAL E 220 9.19 -38.66 -1.42
N LYS E 221 9.16 -38.51 -2.75
CA LYS E 221 8.57 -37.30 -3.34
C LYS E 221 7.08 -37.19 -3.02
N SER E 222 6.34 -38.30 -3.12
CA SER E 222 4.91 -38.28 -2.84
C SER E 222 4.63 -37.96 -1.38
N ILE E 223 5.33 -38.64 -0.46
CA ILE E 223 5.11 -38.41 0.96
C ILE E 223 5.48 -36.98 1.34
N ALA E 224 6.59 -36.46 0.79
CA ALA E 224 6.93 -35.06 1.04
C ALA E 224 5.88 -34.12 0.49
N TYR E 225 5.32 -34.42 -0.68
CA TYR E 225 4.31 -33.57 -1.28
C TYR E 225 3.05 -33.50 -0.41
N HIS E 226 2.60 -34.64 0.11
CA HIS E 226 1.36 -34.61 0.88
C HIS E 226 1.52 -33.96 2.25
N LYS E 227 2.75 -33.78 2.73
CA LYS E 227 2.99 -32.99 3.93
C LYS E 227 3.30 -31.53 3.62
N GLY E 228 3.20 -31.12 2.36
CA GLY E 228 3.47 -29.74 1.98
C GLY E 228 4.92 -29.43 1.71
N TYR E 229 5.75 -30.44 1.44
CA TYR E 229 7.16 -30.24 1.20
C TYR E 229 7.51 -30.74 -0.19
N TYR E 230 8.73 -30.41 -0.63
CA TYR E 230 9.27 -30.96 -1.86
C TYR E 230 10.54 -31.75 -1.55
N ALA E 231 10.58 -32.99 -2.00
CA ALA E 231 11.75 -33.83 -1.88
C ALA E 231 12.58 -33.70 -3.15
N SER E 232 13.79 -33.17 -3.02
CA SER E 232 14.68 -32.94 -4.15
C SER E 232 15.80 -33.97 -4.13
N PHE E 233 15.96 -34.68 -5.23
CA PHE E 233 17.10 -35.56 -5.44
C PHE E 233 18.14 -34.93 -6.36
N MET E 234 18.19 -33.60 -6.40
CA MET E 234 19.22 -32.90 -7.14
C MET E 234 20.58 -33.18 -6.53
N PRO E 235 21.61 -33.42 -7.34
CA PRO E 235 22.95 -33.64 -6.77
C PRO E 235 23.49 -32.45 -5.99
N LYS E 236 23.16 -31.22 -6.40
CA LYS E 236 23.70 -30.02 -5.77
C LYS E 236 22.71 -28.86 -5.96
N PRO E 237 21.62 -28.86 -5.19
CA PRO E 237 20.64 -27.77 -5.34
C PRO E 237 21.12 -26.45 -4.75
N LEU E 238 22.01 -26.48 -3.77
CA LEU E 238 22.48 -25.29 -3.08
C LEU E 238 24.00 -25.22 -3.12
N PHE E 239 24.51 -24.00 -3.30
CA PHE E 239 25.95 -23.78 -3.26
C PHE E 239 26.42 -23.62 -1.82
N GLY E 240 27.62 -24.12 -1.55
CA GLY E 240 28.26 -23.91 -0.27
C GLY E 240 27.95 -24.96 0.78
N VAL E 241 26.95 -25.81 0.56
CA VAL E 241 26.60 -26.87 1.47
C VAL E 241 26.81 -28.20 0.76
N ASN E 242 26.64 -29.28 1.50
CA ASN E 242 26.88 -30.61 0.96
C ASN E 242 25.87 -30.96 -0.12
N GLY E 243 26.36 -31.63 -1.17
CA GLY E 243 25.49 -32.18 -2.18
C GLY E 243 24.95 -33.55 -1.78
N SER E 244 24.05 -34.05 -2.61
CA SER E 244 23.45 -35.37 -2.40
C SER E 244 24.07 -36.38 -3.35
N GLY E 245 24.62 -37.45 -2.78
CA GLY E 245 25.15 -38.55 -3.55
C GLY E 245 24.33 -39.82 -3.33
N MET E 246 24.65 -40.83 -4.13
CA MET E 246 24.08 -42.17 -3.99
C MET E 246 25.25 -43.14 -3.85
N HIS E 247 25.68 -43.36 -2.62
CA HIS E 247 26.76 -44.31 -2.38
C HIS E 247 26.26 -45.73 -2.66
N SER E 248 26.96 -46.43 -3.54
CA SER E 248 26.53 -47.71 -4.06
C SER E 248 27.42 -48.80 -3.46
N ASN E 249 26.93 -49.47 -2.42
CA ASN E 249 27.59 -50.63 -1.85
C ASN E 249 27.21 -51.85 -2.69
N GLN E 250 28.21 -52.58 -3.16
CA GLN E 250 27.98 -53.75 -4.00
C GLN E 250 28.75 -54.94 -3.48
N SER E 251 28.13 -56.11 -3.55
CA SER E 251 28.75 -57.37 -3.17
C SER E 251 28.43 -58.43 -4.22
N LEU E 252 29.40 -59.29 -4.48
CA LEU E 252 29.25 -60.39 -5.42
C LEU E 252 29.11 -61.70 -4.65
N PHE E 253 28.33 -62.62 -5.20
CA PHE E 253 28.07 -63.90 -4.56
C PHE E 253 28.18 -65.03 -5.57
N LYS E 254 28.76 -66.15 -5.12
CA LYS E 254 28.89 -67.34 -5.94
C LYS E 254 28.72 -68.55 -5.04
N ASP E 255 27.79 -69.43 -5.41
CA ASP E 255 27.47 -70.65 -4.65
C ASP E 255 27.08 -70.33 -3.21
N GLY E 256 26.38 -69.21 -3.00
CA GLY E 256 25.93 -68.81 -1.69
C GLY E 256 26.97 -68.12 -0.83
N LYS E 257 28.19 -67.95 -1.32
CA LYS E 257 29.27 -67.35 -0.55
C LYS E 257 29.60 -65.97 -1.11
N ASN E 258 29.91 -65.04 -0.21
CA ASN E 258 30.38 -63.72 -0.63
C ASN E 258 31.72 -63.85 -1.33
N VAL E 259 31.76 -63.43 -2.60
CA VAL E 259 32.97 -63.55 -3.41
C VAL E 259 34.07 -62.64 -2.87
N PHE E 260 33.71 -61.46 -2.38
CA PHE E 260 34.68 -60.46 -1.94
C PHE E 260 35.36 -60.83 -0.63
N TYR E 261 34.88 -61.85 0.07
CA TYR E 261 35.41 -62.25 1.37
C TYR E 261 36.42 -63.37 1.21
N ASP E 262 37.50 -63.29 1.99
CA ASP E 262 38.51 -64.34 2.06
C ASP E 262 39.09 -64.34 3.47
N PRO E 263 38.77 -65.35 4.28
CA PRO E 263 39.28 -65.36 5.66
C PRO E 263 40.77 -65.57 5.77
N ASP E 264 41.46 -66.00 4.70
CA ASP E 264 42.88 -66.28 4.80
C ASP E 264 43.73 -65.05 4.52
N THR E 265 43.23 -64.10 3.74
CA THR E 265 43.99 -62.90 3.43
C THR E 265 44.12 -62.00 4.67
N PRO E 266 45.25 -61.30 4.82
CA PRO E 266 45.40 -60.41 5.98
C PRO E 266 44.36 -59.30 6.03
N THR E 267 43.96 -58.77 4.88
CA THR E 267 42.94 -57.73 4.82
C THR E 267 41.53 -58.30 4.73
N LYS E 268 41.38 -59.63 4.77
CA LYS E 268 40.10 -60.31 4.74
C LYS E 268 39.33 -60.03 3.45
N LEU E 269 40.04 -59.69 2.38
CA LEU E 269 39.44 -59.41 1.08
C LEU E 269 40.03 -60.36 0.05
N SER E 270 39.17 -60.95 -0.76
CA SER E 270 39.63 -61.90 -1.77
C SER E 270 40.31 -61.16 -2.91
N GLN E 271 41.03 -61.93 -3.73
CA GLN E 271 41.65 -61.37 -4.93
C GLN E 271 40.59 -60.90 -5.92
N ASP E 272 39.42 -61.55 -5.92
CA ASP E 272 38.33 -61.11 -6.78
C ASP E 272 37.79 -59.76 -6.36
N ALA E 273 37.82 -59.44 -5.05
CA ALA E 273 37.42 -58.12 -4.60
C ALA E 273 38.37 -57.05 -5.14
N MET E 274 39.68 -57.31 -5.08
CA MET E 274 40.66 -56.37 -5.64
C MET E 274 40.48 -56.24 -7.15
N TYR E 275 40.20 -57.35 -7.83
CA TYR E 275 39.96 -57.31 -9.27
C TYR E 275 38.73 -56.48 -9.61
N TYR E 276 37.66 -56.64 -8.82
CA TYR E 276 36.45 -55.85 -9.00
C TYR E 276 36.72 -54.36 -8.79
N ILE E 277 37.49 -54.03 -7.76
CA ILE E 277 37.85 -52.63 -7.51
C ILE E 277 38.69 -52.10 -8.65
N GLY E 278 39.62 -52.91 -9.16
CA GLY E 278 40.44 -52.47 -10.28
C GLY E 278 39.65 -52.21 -11.54
N GLY E 279 38.68 -53.07 -11.83
CA GLY E 279 37.81 -52.83 -12.97
C GLY E 279 36.96 -51.59 -12.81
N LEU E 280 36.41 -51.38 -11.62
CA LEU E 280 35.65 -50.18 -11.33
C LEU E 280 36.50 -48.93 -11.51
N LEU E 281 37.72 -48.93 -10.97
CA LEU E 281 38.60 -47.77 -11.05
C LEU E 281 39.07 -47.54 -12.49
N LYS E 282 39.26 -48.61 -13.26
CA LYS E 282 39.66 -48.46 -14.65
C LYS E 282 38.55 -47.87 -15.50
N HIS E 283 37.29 -48.28 -15.27
CA HIS E 283 36.20 -47.91 -16.16
C HIS E 283 35.35 -46.76 -15.66
N ILE E 284 35.56 -46.25 -14.43
CA ILE E 284 34.64 -45.29 -13.84
C ILE E 284 34.58 -43.99 -14.62
N ARG E 285 35.71 -43.58 -15.22
CA ARG E 285 35.72 -42.37 -16.02
C ARG E 285 34.84 -42.50 -17.26
N GLU E 286 34.68 -43.72 -17.76
CA GLU E 286 33.93 -43.95 -18.99
C GLU E 286 32.42 -43.90 -18.79
N PHE E 287 31.93 -44.09 -17.56
CA PHE E 287 30.49 -44.02 -17.32
C PHE E 287 30.17 -43.11 -16.13
N THR E 288 31.09 -42.19 -15.80
CA THR E 288 30.74 -41.07 -14.93
C THR E 288 29.55 -40.29 -15.49
N ALA E 289 29.45 -40.18 -16.81
CA ALA E 289 28.29 -39.55 -17.44
C ALA E 289 26.99 -40.28 -17.15
N VAL E 290 27.05 -41.54 -16.74
CA VAL E 290 25.86 -42.27 -16.32
C VAL E 290 25.65 -42.19 -14.82
N THR E 291 26.70 -42.41 -14.03
CA THR E 291 26.57 -42.28 -12.58
C THR E 291 26.29 -40.85 -12.15
N ASN E 292 26.76 -39.87 -12.93
CA ASN E 292 26.56 -38.46 -12.65
C ASN E 292 26.01 -37.83 -13.92
N PRO E 293 24.68 -37.90 -14.12
CA PRO E 293 24.12 -37.68 -15.46
C PRO E 293 23.89 -36.23 -15.85
N VAL E 294 23.73 -35.32 -14.90
CA VAL E 294 23.27 -33.98 -15.19
C VAL E 294 24.43 -32.99 -15.01
N VAL E 295 24.20 -31.75 -15.44
CA VAL E 295 25.19 -30.69 -15.29
C VAL E 295 25.45 -30.41 -13.81
N ASN E 296 24.38 -30.42 -13.01
CA ASN E 296 24.48 -30.11 -11.58
C ASN E 296 25.26 -31.18 -10.82
N SER E 297 25.37 -32.38 -11.38
CA SER E 297 26.16 -33.45 -10.77
C SER E 297 27.61 -33.03 -10.57
N TYR E 298 28.13 -32.23 -11.50
CA TYR E 298 29.51 -31.77 -11.44
C TYR E 298 29.65 -30.46 -10.69
N LYS E 299 28.53 -29.81 -10.36
CA LYS E 299 28.53 -28.84 -9.29
C LYS E 299 28.59 -29.52 -7.94
N ARG E 300 28.16 -30.78 -7.86
CA ARG E 300 28.47 -31.55 -6.67
C ARG E 300 29.88 -32.12 -6.74
N LEU E 301 30.28 -32.66 -7.89
CA LEU E 301 31.59 -33.29 -8.05
C LEU E 301 32.65 -32.26 -8.44
N VAL E 302 32.96 -31.38 -7.50
CA VAL E 302 34.03 -30.39 -7.65
C VAL E 302 35.18 -30.81 -6.74
N PRO E 303 36.44 -30.59 -7.13
CA PRO E 303 37.54 -30.80 -6.18
C PRO E 303 37.39 -29.90 -4.97
N GLY E 304 37.49 -30.51 -3.79
CA GLY E 304 37.29 -29.81 -2.54
C GLY E 304 37.50 -30.71 -1.34
N TYR E 305 36.58 -30.67 -0.38
CA TYR E 305 36.65 -31.50 0.81
C TYR E 305 35.38 -32.32 1.01
N GLU E 306 34.55 -32.44 -0.02
CA GLU E 306 33.30 -33.18 0.12
C GLU E 306 33.13 -34.25 -0.96
N ALA E 307 33.56 -33.93 -2.18
CA ALA E 307 33.19 -34.77 -3.33
C ALA E 307 34.25 -35.82 -3.59
N PRO E 308 33.84 -37.07 -3.84
CA PRO E 308 34.78 -38.14 -4.24
C PRO E 308 35.16 -38.06 -5.71
N VAL E 309 35.94 -37.04 -6.06
CA VAL E 309 36.33 -36.80 -7.45
C VAL E 309 37.65 -37.47 -7.80
N TYR E 310 38.35 -38.03 -6.83
CA TYR E 310 39.68 -38.59 -7.04
C TYR E 310 39.59 -40.11 -7.13
N ILE E 311 40.07 -40.67 -8.24
CA ILE E 311 39.94 -42.09 -8.52
C ILE E 311 40.92 -42.85 -7.63
N SER E 312 40.39 -43.52 -6.62
CA SER E 312 41.21 -44.20 -5.62
C SER E 312 40.33 -45.19 -4.88
N TRP E 313 40.97 -46.07 -4.12
CA TRP E 313 40.25 -46.99 -3.25
C TRP E 313 40.96 -47.06 -1.90
N SER E 314 40.19 -47.40 -0.87
CA SER E 314 40.72 -47.50 0.48
C SER E 314 39.70 -48.27 1.32
N ALA E 315 40.10 -48.61 2.55
CA ALA E 315 39.20 -49.30 3.45
C ALA E 315 38.35 -48.34 4.26
N GLN E 316 38.96 -47.50 5.09
CA GLN E 316 38.21 -46.60 5.96
C GLN E 316 38.18 -45.17 5.45
N ASN E 317 38.96 -44.82 4.43
CA ASN E 317 39.06 -43.44 3.98
C ASN E 317 37.80 -43.05 3.20
N ARG E 318 37.14 -41.99 3.64
CA ARG E 318 35.95 -41.47 2.97
C ARG E 318 36.27 -40.37 1.98
N SER E 319 37.56 -40.07 1.77
CA SER E 319 37.96 -39.19 0.68
C SER E 319 38.32 -39.96 -0.59
N SER E 320 38.21 -41.29 -0.55
CA SER E 320 38.49 -42.13 -1.70
C SER E 320 37.24 -42.35 -2.54
N LEU E 321 37.45 -42.66 -3.82
CA LEU E 321 36.34 -42.98 -4.70
C LEU E 321 35.66 -44.27 -4.26
N ILE E 322 36.44 -45.28 -3.89
CA ILE E 322 35.93 -46.57 -3.47
C ILE E 322 36.28 -46.78 -2.00
N ARG E 323 35.28 -47.12 -1.19
CA ARG E 323 35.46 -47.40 0.22
C ARG E 323 35.04 -48.84 0.51
N ILE E 324 35.81 -49.51 1.35
CA ILE E 324 35.53 -50.88 1.76
C ILE E 324 35.18 -50.87 3.24
N PRO E 325 33.90 -50.94 3.58
CA PRO E 325 33.51 -51.03 4.99
C PRO E 325 34.07 -52.28 5.65
N ALA E 326 34.35 -52.17 6.95
CA ALA E 326 35.05 -53.23 7.67
C ALA E 326 34.22 -54.48 7.88
N THR E 327 32.94 -54.45 7.53
CA THR E 327 32.11 -55.64 7.60
C THR E 327 32.68 -56.74 6.71
N ARG E 328 32.72 -57.95 7.24
CA ARG E 328 33.30 -59.10 6.55
C ARG E 328 32.27 -60.23 6.50
N GLY E 329 32.73 -61.39 6.05
CA GLY E 329 31.81 -62.52 5.91
C GLY E 329 30.88 -62.30 4.73
N ASN E 330 29.60 -62.55 4.96
CA ASN E 330 28.60 -62.34 3.90
C ASN E 330 28.29 -60.87 3.68
N GLY E 331 28.69 -60.00 4.60
CA GLY E 331 28.47 -58.57 4.49
C GLY E 331 29.59 -57.79 3.85
N THR E 332 30.59 -58.46 3.27
CA THR E 332 31.68 -57.78 2.60
C THR E 332 31.17 -57.09 1.34
N ARG E 333 31.43 -55.79 1.22
CA ARG E 333 30.89 -55.00 0.14
C ARG E 333 31.87 -53.91 -0.26
N ILE E 334 31.69 -53.41 -1.48
CA ILE E 334 32.50 -52.34 -2.04
C ILE E 334 31.59 -51.14 -2.30
N GLU E 335 31.96 -49.99 -1.77
CA GLU E 335 31.14 -48.78 -1.87
C GLU E 335 31.71 -47.84 -2.91
N LEU E 336 30.95 -47.56 -3.95
CA LEU E 336 31.27 -46.51 -4.91
C LEU E 336 30.55 -45.23 -4.51
N ARG E 337 31.32 -44.16 -4.31
CA ARG E 337 30.79 -42.95 -3.72
C ARG E 337 30.52 -41.82 -4.71
N CYS E 338 30.98 -41.95 -5.96
CA CYS E 338 30.70 -40.92 -6.96
C CYS E 338 29.22 -40.72 -7.31
N PRO E 339 28.36 -41.74 -7.49
CA PRO E 339 27.04 -41.47 -8.08
C PRO E 339 26.15 -40.64 -7.17
N ASP E 340 25.26 -39.90 -7.81
CA ASP E 340 24.26 -39.06 -7.16
C ASP E 340 22.88 -39.65 -7.43
N PRO E 341 21.86 -39.29 -6.64
CA PRO E 341 20.53 -39.86 -6.85
C PRO E 341 19.85 -39.45 -8.15
N ALA E 342 20.46 -38.62 -8.98
CA ALA E 342 19.89 -38.26 -10.27
C ALA E 342 20.17 -39.30 -11.35
N CYS E 343 21.03 -40.28 -11.09
CA CYS E 343 21.41 -41.27 -12.09
C CYS E 343 20.30 -42.29 -12.27
N ASN E 344 20.32 -42.95 -13.43
CA ASN E 344 19.45 -44.08 -13.70
C ASN E 344 20.03 -45.29 -13.00
N PRO E 345 19.36 -45.82 -11.97
CA PRO E 345 19.93 -46.94 -11.21
C PRO E 345 20.14 -48.19 -12.03
N TYR E 346 19.27 -48.46 -13.02
CA TYR E 346 19.46 -49.64 -13.86
C TYR E 346 20.76 -49.55 -14.64
N LEU E 347 20.96 -48.44 -15.36
CA LEU E 347 22.17 -48.25 -16.15
C LEU E 347 23.41 -48.17 -15.27
N ALA E 348 23.32 -47.43 -14.16
CA ALA E 348 24.49 -47.23 -13.30
C ALA E 348 24.90 -48.54 -12.63
N PHE E 349 23.94 -49.29 -12.10
CA PHE E 349 24.26 -50.57 -11.46
C PHE E 349 24.75 -51.58 -12.48
N ALA E 350 24.15 -51.59 -13.67
CA ALA E 350 24.64 -52.47 -14.73
C ALA E 350 26.08 -52.14 -15.11
N LEU E 351 26.41 -50.84 -15.20
CA LEU E 351 27.76 -50.46 -15.59
C LEU E 351 28.78 -50.76 -14.49
N MET E 352 28.41 -50.55 -13.22
CA MET E 352 29.31 -50.96 -12.13
C MET E 352 29.52 -52.47 -12.13
N LEU E 353 28.46 -53.24 -12.34
CA LEU E 353 28.59 -54.68 -12.40
C LEU E 353 29.49 -55.11 -13.54
N ARG E 354 29.32 -54.52 -14.73
CA ARG E 354 30.14 -54.89 -15.87
C ARG E 354 31.58 -54.48 -15.69
N ALA E 355 31.82 -53.32 -15.09
CA ALA E 355 33.20 -52.89 -14.81
C ALA E 355 33.88 -53.84 -13.84
N GLY E 356 33.17 -54.24 -12.77
CA GLY E 356 33.75 -55.21 -11.85
C GLY E 356 33.96 -56.57 -12.47
N LEU E 357 33.05 -57.02 -13.33
CA LEU E 357 33.23 -58.29 -14.02
C LEU E 357 34.40 -58.24 -14.98
N GLU E 358 34.59 -57.11 -15.67
CA GLU E 358 35.77 -56.94 -16.52
C GLU E 358 37.04 -56.94 -15.69
N GLY E 359 37.00 -56.34 -14.51
CA GLY E 359 38.16 -56.40 -13.63
C GLY E 359 38.48 -57.81 -13.18
N ILE E 360 37.46 -58.60 -12.88
CA ILE E 360 37.69 -59.98 -12.44
C ILE E 360 38.18 -60.83 -13.61
N LYS E 361 37.60 -60.65 -14.80
CA LYS E 361 37.97 -61.45 -15.96
C LYS E 361 39.38 -61.11 -16.45
N ASN E 362 39.72 -59.82 -16.48
CA ASN E 362 41.00 -59.36 -16.97
C ASN E 362 42.07 -59.26 -15.88
N LYS E 363 41.71 -59.61 -14.64
CA LYS E 363 42.66 -59.65 -13.52
C LYS E 363 43.33 -58.29 -13.30
N ILE E 364 42.50 -57.24 -13.25
CA ILE E 364 43.01 -55.88 -13.19
C ILE E 364 43.38 -55.53 -11.75
N ASP E 365 44.64 -55.20 -11.53
CA ASP E 365 45.11 -54.84 -10.19
C ASP E 365 44.67 -53.41 -9.86
N PRO E 366 44.06 -53.20 -8.69
CA PRO E 366 43.59 -51.85 -8.35
C PRO E 366 44.68 -50.90 -7.88
N GLY E 367 45.90 -51.39 -7.69
CA GLY E 367 46.96 -50.56 -7.15
C GLY E 367 46.90 -50.46 -5.64
N GLU E 368 47.84 -49.70 -5.10
CA GLU E 368 47.91 -49.50 -3.67
C GLU E 368 46.74 -48.64 -3.17
N PRO E 369 46.19 -48.95 -2.01
CA PRO E 369 45.13 -48.10 -1.45
C PRO E 369 45.68 -46.76 -0.98
N THR E 370 44.83 -45.75 -1.03
CA THR E 370 45.19 -44.40 -0.60
C THR E 370 44.54 -44.16 0.76
N ASN E 371 45.35 -44.28 1.82
CA ASN E 371 44.86 -44.20 3.19
C ASN E 371 44.96 -42.82 3.80
N VAL E 372 45.41 -41.83 3.04
CA VAL E 372 45.56 -40.47 3.54
C VAL E 372 44.36 -39.66 3.07
N ASN E 373 44.20 -38.47 3.67
CA ASN E 373 43.16 -37.55 3.25
C ASN E 373 43.57 -36.96 1.91
N ILE E 374 42.96 -37.48 0.83
CA ILE E 374 43.25 -37.00 -0.51
C ILE E 374 42.79 -35.56 -0.70
N PHE E 375 41.77 -35.13 0.05
CA PHE E 375 41.32 -33.74 -0.04
C PHE E 375 42.39 -32.77 0.45
N HIS E 376 43.15 -33.16 1.48
CA HIS E 376 44.23 -32.31 1.98
C HIS E 376 45.47 -32.35 1.09
N LEU E 377 45.57 -33.32 0.20
CA LEU E 377 46.69 -33.38 -0.72
C LEU E 377 46.63 -32.26 -1.74
N SER E 378 47.80 -31.89 -2.27
CA SER E 378 47.88 -30.93 -3.36
C SER E 378 47.83 -31.67 -4.69
N ASP E 379 47.75 -30.90 -5.78
CA ASP E 379 47.76 -31.50 -7.11
C ASP E 379 49.09 -32.16 -7.42
N LYS E 380 50.19 -31.61 -6.91
CA LYS E 380 51.50 -32.23 -7.07
C LYS E 380 51.58 -33.57 -6.32
N GLU E 381 51.09 -33.61 -5.08
CA GLU E 381 51.11 -34.85 -4.32
C GLU E 381 50.22 -35.90 -4.95
N ARG E 382 49.06 -35.50 -5.47
CA ARG E 382 48.18 -36.45 -6.14
C ARG E 382 48.76 -36.90 -7.47
N GLU E 383 49.50 -36.04 -8.16
CA GLU E 383 50.15 -36.42 -9.40
C GLU E 383 51.27 -37.43 -9.15
N GLU E 384 52.01 -37.26 -8.06
CA GLU E 384 53.06 -38.23 -7.75
C GLU E 384 52.48 -39.58 -7.35
N ARG E 385 51.33 -39.58 -6.69
CA ARG E 385 50.66 -40.83 -6.33
C ARG E 385 49.91 -41.46 -7.50
N GLY E 386 49.81 -40.76 -8.63
CA GLY E 386 49.05 -41.29 -9.75
C GLY E 386 47.55 -41.26 -9.54
N ILE E 387 47.05 -40.38 -8.67
CA ILE E 387 45.63 -40.31 -8.37
C ILE E 387 44.96 -39.48 -9.45
N ARG E 388 44.21 -40.13 -10.34
CA ARG E 388 43.50 -39.45 -11.39
C ARG E 388 42.18 -38.88 -10.88
N SER E 389 41.54 -38.07 -11.70
CA SER E 389 40.30 -37.40 -11.34
C SER E 389 39.17 -37.84 -12.26
N LEU E 390 37.95 -37.74 -11.76
CA LEU E 390 36.76 -37.93 -12.57
C LEU E 390 36.61 -36.75 -13.52
N PRO E 391 35.81 -36.91 -14.58
CA PRO E 391 35.54 -35.77 -15.47
C PRO E 391 35.00 -34.57 -14.72
N ALA E 392 35.54 -33.39 -15.05
CA ALA E 392 35.23 -32.17 -14.32
C ALA E 392 33.81 -31.67 -14.56
N ASP E 393 33.25 -31.90 -15.73
CA ASP E 393 31.90 -31.43 -16.05
C ASP E 393 31.19 -32.50 -16.88
N LEU E 394 29.96 -32.19 -17.28
CA LEU E 394 29.18 -33.14 -18.06
C LEU E 394 29.75 -33.34 -19.46
N LYS E 395 30.30 -32.29 -20.06
CA LYS E 395 30.88 -32.40 -21.40
C LYS E 395 32.06 -33.37 -21.42
N GLU E 396 32.95 -33.28 -20.42
CA GLU E 396 34.09 -34.18 -20.36
C GLU E 396 33.65 -35.62 -20.16
N ALA E 397 32.62 -35.84 -19.34
CA ALA E 397 32.12 -37.19 -19.14
C ALA E 397 31.42 -37.73 -20.38
N ILE E 398 30.72 -36.87 -21.12
CA ILE E 398 30.14 -37.27 -22.40
C ILE E 398 31.23 -37.68 -23.37
N ASP E 399 32.32 -36.91 -23.43
CA ASP E 399 33.43 -37.23 -24.32
C ASP E 399 34.10 -38.54 -23.91
N GLU E 400 34.24 -38.77 -22.60
CA GLU E 400 34.80 -40.04 -22.13
C GLU E 400 33.89 -41.21 -22.47
N MET E 401 32.58 -41.02 -22.34
CA MET E 401 31.64 -42.09 -22.67
C MET E 401 31.59 -42.36 -24.16
N LYS E 402 31.79 -41.34 -24.99
CA LYS E 402 31.73 -41.50 -26.44
C LYS E 402 32.75 -42.50 -26.96
N GLY E 403 33.99 -42.41 -26.47
CA GLY E 403 35.05 -43.28 -26.92
C GLY E 403 35.15 -44.59 -26.18
N SER E 404 34.20 -44.89 -25.30
CA SER E 404 34.24 -46.10 -24.50
C SER E 404 33.53 -47.24 -25.22
N LYS E 405 34.30 -48.24 -25.66
CA LYS E 405 33.70 -49.44 -26.20
C LYS E 405 33.06 -50.29 -25.10
N PHE E 406 33.60 -50.20 -23.88
CA PHE E 406 33.05 -50.94 -22.75
C PHE E 406 31.63 -50.48 -22.43
N VAL E 407 31.41 -49.16 -22.38
CA VAL E 407 30.09 -48.63 -22.06
C VAL E 407 29.12 -48.91 -23.20
N LYS E 408 29.59 -48.79 -24.45
CA LYS E 408 28.74 -49.09 -25.60
C LYS E 408 28.32 -50.55 -25.62
N GLU E 409 29.23 -51.46 -25.25
CA GLU E 409 28.90 -52.87 -25.20
C GLU E 409 27.95 -53.17 -24.03
N ALA E 410 28.18 -52.53 -22.88
CA ALA E 410 27.37 -52.81 -21.71
C ALA E 410 25.95 -52.28 -21.84
N LEU E 411 25.77 -51.11 -22.46
CA LEU E 411 24.45 -50.51 -22.58
C LEU E 411 23.72 -50.89 -23.86
N GLY E 412 24.43 -51.36 -24.87
CA GLY E 412 23.80 -51.57 -26.16
C GLY E 412 23.75 -50.29 -26.97
N GLU E 413 23.60 -50.45 -28.29
CA GLU E 413 23.71 -49.31 -29.20
C GLU E 413 22.58 -48.30 -28.98
N HIS E 414 21.35 -48.78 -28.75
CA HIS E 414 20.22 -47.87 -28.59
C HIS E 414 20.37 -46.98 -27.37
N VAL E 415 20.62 -47.60 -26.21
CA VAL E 415 20.74 -46.83 -24.97
C VAL E 415 21.95 -45.89 -25.04
N PHE E 416 23.08 -46.41 -25.53
CA PHE E 416 24.30 -45.60 -25.67
C PHE E 416 24.05 -44.36 -26.52
N SER E 417 23.50 -44.55 -27.73
CA SER E 417 23.31 -43.44 -28.64
C SER E 417 22.27 -42.44 -28.12
N HIS E 418 21.14 -42.94 -27.62
CA HIS E 418 20.08 -42.03 -27.18
C HIS E 418 20.49 -41.29 -25.90
N TYR E 419 21.16 -41.97 -24.98
CA TYR E 419 21.64 -41.32 -23.76
C TYR E 419 22.67 -40.24 -24.09
N LEU E 420 23.62 -40.56 -24.99
CA LEU E 420 24.62 -39.56 -25.37
C LEU E 420 23.97 -38.39 -26.08
N CYS E 421 22.97 -38.64 -26.93
CA CYS E 421 22.29 -37.55 -27.63
C CYS E 421 21.55 -36.64 -26.64
N ALA E 422 20.85 -37.22 -25.67
CA ALA E 422 20.15 -36.42 -24.68
C ALA E 422 21.12 -35.60 -23.85
N LYS E 423 22.23 -36.21 -23.41
CA LYS E 423 23.22 -35.47 -22.63
C LYS E 423 23.88 -34.37 -23.46
N GLU E 424 24.10 -34.63 -24.75
CA GLU E 424 24.69 -33.63 -25.63
C GLU E 424 23.75 -32.44 -25.81
N MET E 425 22.46 -32.69 -25.99
CA MET E 425 21.51 -31.59 -26.09
C MET E 425 21.45 -30.80 -24.79
N GLU E 426 21.47 -31.51 -23.65
CA GLU E 426 21.45 -30.84 -22.35
C GLU E 426 22.67 -29.93 -22.17
N TRP E 427 23.86 -30.44 -22.52
CA TRP E 427 25.06 -29.63 -22.38
C TRP E 427 25.09 -28.48 -23.38
N ASP E 428 24.57 -28.70 -24.59
CA ASP E 428 24.57 -27.64 -25.59
C ASP E 428 23.63 -26.51 -25.20
N GLU E 429 22.53 -26.85 -24.53
CA GLU E 429 21.66 -25.80 -23.98
C GLU E 429 22.34 -25.10 -22.81
N TYR E 430 22.98 -25.86 -21.92
CA TYR E 430 23.61 -25.27 -20.73
C TYR E 430 24.76 -24.34 -21.09
N LYS E 431 25.59 -24.72 -22.07
CA LYS E 431 26.83 -24.01 -22.33
C LYS E 431 26.63 -22.63 -22.94
N ALA E 432 25.45 -22.34 -23.48
CA ALA E 432 25.18 -21.04 -24.07
C ALA E 432 24.55 -20.06 -23.09
N VAL E 433 24.16 -20.51 -21.90
CA VAL E 433 23.41 -19.66 -20.97
C VAL E 433 24.35 -18.63 -20.34
N VAL E 434 23.94 -17.38 -20.37
CA VAL E 434 24.63 -16.31 -19.65
C VAL E 434 24.08 -16.29 -18.23
N HIS E 435 24.88 -16.72 -17.30
CA HIS E 435 24.46 -16.88 -15.92
C HIS E 435 24.54 -15.56 -15.15
N PRO E 436 23.70 -15.39 -14.12
CA PRO E 436 23.80 -14.17 -13.30
C PRO E 436 25.13 -14.02 -12.59
N TRP E 437 25.86 -15.11 -12.36
CA TRP E 437 27.20 -15.00 -11.81
C TRP E 437 28.12 -14.21 -12.74
N GLU E 438 28.01 -14.44 -14.05
CA GLU E 438 28.81 -13.69 -15.01
C GLU E 438 28.43 -12.21 -15.01
N LEU E 439 27.15 -11.91 -14.83
CA LEU E 439 26.73 -10.51 -14.71
C LEU E 439 27.30 -9.87 -13.45
N SER E 440 27.30 -10.61 -12.33
CA SER E 440 27.84 -10.06 -11.09
C SER E 440 29.35 -9.89 -11.16
N ARG E 441 30.04 -10.75 -11.91
CA ARG E 441 31.49 -10.69 -11.99
C ARG E 441 32.01 -9.71 -13.03
N TYR E 442 31.34 -9.59 -14.18
CA TYR E 442 31.93 -8.94 -15.34
C TYR E 442 31.26 -7.64 -15.75
N LEU E 443 29.98 -7.43 -15.43
CA LEU E 443 29.24 -6.32 -16.00
C LEU E 443 29.82 -4.97 -15.58
N SER E 444 30.09 -4.80 -14.28
CA SER E 444 30.62 -3.55 -13.76
C SER E 444 32.12 -3.40 -13.98
N MET E 445 32.79 -4.43 -14.49
CA MET E 445 34.23 -4.40 -14.71
C MET E 445 34.63 -4.28 -16.16
N LEU E 446 33.92 -4.92 -17.08
CA LEU E 446 34.29 -4.89 -18.49
C LEU E 446 33.56 -3.78 -19.24
N VAL F 1 -46.07 -30.04 -0.88
CA VAL F 1 -45.23 -31.09 -0.32
C VAL F 1 -45.44 -31.18 1.18
N GLN F 2 -45.79 -32.39 1.64
CA GLN F 2 -45.97 -32.79 3.04
C GLN F 2 -47.03 -31.97 3.78
N MET F 3 -47.77 -31.11 3.08
CA MET F 3 -48.81 -30.30 3.71
C MET F 3 -49.92 -30.09 2.70
N LYS F 4 -51.05 -30.75 2.90
CA LYS F 4 -52.19 -30.62 2.01
C LYS F 4 -52.75 -29.20 2.07
N LYS F 5 -53.16 -28.69 0.92
CA LYS F 5 -53.62 -27.31 0.83
C LYS F 5 -54.90 -27.11 1.65
N CYS F 6 -54.82 -26.21 2.63
CA CYS F 6 -55.97 -25.89 3.46
C CYS F 6 -57.02 -25.15 2.63
N THR F 7 -58.28 -25.40 2.95
CA THR F 7 -59.39 -24.70 2.32
C THR F 7 -60.19 -23.85 3.28
N THR F 8 -60.26 -24.22 4.55
CA THR F 8 -60.99 -23.48 5.57
C THR F 8 -60.04 -23.07 6.68
N LYS F 9 -60.51 -22.14 7.53
CA LYS F 9 -59.69 -21.68 8.63
C LYS F 9 -59.46 -22.78 9.68
N GLU F 10 -60.37 -23.75 9.75
CA GLU F 10 -60.15 -24.90 10.64
C GLU F 10 -58.96 -25.72 10.19
N ASP F 11 -58.82 -25.97 8.89
CA ASP F 11 -57.66 -26.66 8.37
C ASP F 11 -56.38 -25.87 8.64
N VAL F 12 -56.45 -24.54 8.53
CA VAL F 12 -55.29 -23.69 8.81
C VAL F 12 -54.90 -23.82 10.28
N LEU F 13 -55.86 -23.78 11.19
CA LEU F 13 -55.55 -23.89 12.62
C LEU F 13 -54.99 -25.26 12.96
N GLU F 14 -55.54 -26.33 12.36
CA GLU F 14 -55.00 -27.66 12.58
C GLU F 14 -53.57 -27.79 12.04
N ALA F 15 -53.30 -27.22 10.86
CA ALA F 15 -51.96 -27.25 10.30
C ALA F 15 -50.98 -26.46 11.15
N VAL F 16 -51.42 -25.31 11.68
CA VAL F 16 -50.58 -24.51 12.56
C VAL F 16 -50.25 -25.29 13.82
N LYS F 17 -51.24 -25.97 14.40
CA LYS F 17 -51.01 -26.76 15.60
C LYS F 17 -50.06 -27.92 15.33
N GLU F 18 -50.27 -28.65 14.23
CA GLU F 18 -49.53 -29.89 13.99
C GLU F 18 -48.16 -29.68 13.36
N ARG F 19 -47.91 -28.52 12.75
CA ARG F 19 -46.61 -28.26 12.13
C ARG F 19 -45.74 -27.33 12.96
N ASP F 20 -46.12 -27.10 14.22
CA ASP F 20 -45.36 -26.25 15.15
C ASP F 20 -45.16 -24.85 14.58
N VAL F 21 -46.21 -24.32 13.95
CA VAL F 21 -46.17 -22.99 13.36
C VAL F 21 -46.36 -21.96 14.47
N LYS F 22 -45.42 -21.04 14.60
CA LYS F 22 -45.50 -20.00 15.62
C LYS F 22 -45.74 -18.62 15.06
N PHE F 23 -45.18 -18.29 13.91
CA PHE F 23 -45.30 -16.97 13.32
C PHE F 23 -46.11 -17.06 12.04
N ILE F 24 -47.07 -16.16 11.90
CA ILE F 24 -47.91 -16.07 10.70
C ILE F 24 -47.59 -14.74 10.02
N ARG F 25 -47.15 -14.81 8.77
CA ARG F 25 -46.89 -13.62 7.97
C ARG F 25 -48.17 -13.27 7.21
N THR F 26 -48.93 -12.33 7.76
CA THR F 26 -50.10 -11.82 7.06
C THR F 26 -49.64 -10.93 5.92
N GLN F 27 -50.02 -11.27 4.70
CA GLN F 27 -49.45 -10.65 3.52
C GLN F 27 -50.53 -10.15 2.57
N PHE F 28 -50.21 -9.08 1.86
CA PHE F 28 -51.01 -8.60 0.75
C PHE F 28 -50.09 -7.95 -0.27
N THR F 29 -50.66 -7.59 -1.41
CA THR F 29 -49.92 -6.96 -2.49
C THR F 29 -50.39 -5.52 -2.64
N ASP F 30 -49.43 -4.59 -2.70
CA ASP F 30 -49.76 -3.18 -2.87
C ASP F 30 -50.10 -2.89 -4.33
N THR F 31 -50.33 -1.61 -4.61
CA THR F 31 -50.80 -1.20 -5.95
C THR F 31 -49.76 -1.49 -7.02
N LEU F 32 -48.48 -1.33 -6.71
CA LEU F 32 -47.42 -1.52 -7.69
C LEU F 32 -46.91 -2.95 -7.75
N GLY F 33 -47.50 -3.86 -7.00
CA GLY F 33 -47.14 -5.27 -7.08
C GLY F 33 -46.11 -5.74 -6.09
N ILE F 34 -45.79 -4.95 -5.07
CA ILE F 34 -44.81 -5.33 -4.07
C ILE F 34 -45.52 -6.03 -2.91
N ILE F 35 -44.99 -7.17 -2.49
CA ILE F 35 -45.59 -7.91 -1.38
C ILE F 35 -45.38 -7.13 -0.09
N LYS F 36 -46.45 -7.00 0.69
CA LYS F 36 -46.41 -6.33 1.98
C LYS F 36 -46.73 -7.34 3.07
N SER F 37 -45.83 -7.48 4.03
CA SER F 37 -45.93 -8.55 5.02
C SER F 37 -45.67 -8.01 6.41
N TRP F 38 -46.37 -8.59 7.39
CA TRP F 38 -46.03 -8.39 8.79
C TRP F 38 -46.41 -9.64 9.57
N ALA F 39 -45.68 -9.90 10.63
CA ALA F 39 -45.75 -11.16 11.36
C ALA F 39 -46.62 -11.01 12.60
N ILE F 40 -47.59 -11.90 12.75
CA ILE F 40 -48.37 -12.02 13.98
C ILE F 40 -48.08 -13.38 14.58
N PRO F 41 -48.15 -13.55 15.89
CA PRO F 41 -48.00 -14.88 16.48
C PRO F 41 -49.17 -15.78 16.10
N ALA F 42 -48.90 -17.08 16.07
CA ALA F 42 -49.93 -18.06 15.74
C ALA F 42 -51.04 -18.09 16.79
N GLU F 43 -50.74 -17.64 18.01
CA GLU F 43 -51.77 -17.55 19.05
C GLU F 43 -52.84 -16.54 18.68
N GLN F 44 -52.48 -15.50 17.93
CA GLN F 44 -53.44 -14.48 17.50
C GLN F 44 -54.16 -14.85 16.21
N LEU F 45 -53.87 -16.01 15.62
CA LEU F 45 -54.41 -16.35 14.31
C LEU F 45 -55.91 -16.60 14.37
N GLU F 46 -56.40 -17.18 15.47
CA GLU F 46 -57.83 -17.42 15.60
C GLU F 46 -58.61 -16.11 15.66
N GLU F 47 -58.07 -15.13 16.38
CA GLU F 47 -58.71 -13.80 16.42
C GLU F 47 -58.56 -13.08 15.08
N ALA F 48 -57.43 -13.30 14.39
CA ALA F 48 -57.23 -12.67 13.09
C ALA F 48 -58.17 -13.22 12.04
N PHE F 49 -58.52 -14.50 12.13
CA PHE F 49 -59.47 -15.08 11.19
C PHE F 49 -60.88 -14.56 11.38
N GLU F 50 -61.21 -14.01 12.55
CA GLU F 50 -62.55 -13.53 12.84
C GLU F 50 -62.69 -12.02 12.69
N ASN F 51 -61.73 -11.27 13.22
CA ASN F 51 -61.80 -9.81 13.21
C ASN F 51 -60.90 -9.17 12.15
N GLY F 52 -60.12 -9.96 11.42
CA GLY F 52 -59.14 -9.40 10.52
C GLY F 52 -57.90 -8.93 11.27
N VAL F 53 -56.95 -8.41 10.50
CA VAL F 53 -55.73 -7.83 11.06
C VAL F 53 -55.69 -6.36 10.68
N MET F 54 -55.69 -5.49 11.68
CA MET F 54 -55.68 -4.06 11.45
C MET F 54 -54.28 -3.59 11.10
N PHE F 55 -54.18 -2.66 10.15
CA PHE F 55 -52.90 -2.08 9.77
C PHE F 55 -53.11 -0.67 9.24
N ASP F 56 -52.02 0.09 9.22
CA ASP F 56 -52.04 1.46 8.74
C ASP F 56 -51.76 1.48 7.24
N GLY F 57 -52.74 1.94 6.46
CA GLY F 57 -52.63 1.98 5.02
C GLY F 57 -51.98 3.21 4.45
N SER F 58 -51.73 4.25 5.25
CA SER F 58 -51.10 5.46 4.72
C SER F 58 -49.64 5.27 4.38
N SER F 59 -48.99 4.26 4.97
CA SER F 59 -47.60 3.95 4.66
C SER F 59 -47.46 2.98 3.50
N ILE F 60 -48.57 2.56 2.90
CA ILE F 60 -48.57 1.70 1.72
C ILE F 60 -48.90 2.54 0.51
N GLN F 61 -48.06 2.44 -0.53
CA GLN F 61 -48.25 3.25 -1.73
C GLN F 61 -49.51 2.81 -2.48
N GLY F 62 -50.29 3.80 -2.91
CA GLY F 62 -51.53 3.56 -3.62
C GLY F 62 -52.72 3.25 -2.74
N PHE F 63 -52.53 3.15 -1.44
CA PHE F 63 -53.58 2.85 -0.48
C PHE F 63 -54.16 4.16 0.06
N THR F 64 -54.87 4.08 1.19
CA THR F 64 -55.62 5.20 1.72
C THR F 64 -54.71 6.35 2.16
N ARG F 65 -55.34 7.50 2.40
CA ARG F 65 -54.66 8.71 2.82
C ARG F 65 -54.48 8.71 4.34
N ILE F 66 -53.66 9.65 4.82
CA ILE F 66 -53.29 9.68 6.22
C ILE F 66 -54.46 10.09 7.11
N GLU F 67 -55.47 10.75 6.55
CA GLU F 67 -56.61 11.18 7.36
C GLU F 67 -57.54 10.03 7.70
N GLU F 68 -57.68 9.06 6.79
CA GLU F 68 -58.49 7.86 7.02
C GLU F 68 -57.63 6.67 6.59
N SER F 69 -56.76 6.21 7.49
CA SER F 69 -55.69 5.29 7.13
C SER F 69 -55.81 3.91 7.78
N ASP F 70 -56.82 3.70 8.61
CA ASP F 70 -56.99 2.39 9.24
C ASP F 70 -57.55 1.40 8.24
N MET F 71 -56.90 0.25 8.11
CA MET F 71 -57.32 -0.77 7.16
C MET F 71 -57.27 -2.13 7.85
N LYS F 72 -58.07 -3.05 7.32
CA LYS F 72 -58.16 -4.41 7.86
C LYS F 72 -57.83 -5.41 6.76
N LEU F 73 -57.04 -6.42 7.11
CA LEU F 73 -56.70 -7.51 6.19
C LEU F 73 -57.54 -8.73 6.55
N ALA F 74 -58.39 -9.16 5.62
CA ALA F 74 -59.20 -10.36 5.80
C ALA F 74 -58.43 -11.54 5.24
N LEU F 75 -58.00 -12.44 6.11
CA LEU F 75 -57.12 -13.54 5.72
C LEU F 75 -57.86 -14.56 4.85
N ASP F 76 -57.16 -15.07 3.84
CA ASP F 76 -57.70 -16.10 2.96
C ASP F 76 -57.12 -17.44 3.38
N PRO F 77 -57.92 -18.36 3.94
CA PRO F 77 -57.37 -19.63 4.43
C PRO F 77 -56.72 -20.48 3.35
N SER F 78 -57.21 -20.41 2.10
CA SER F 78 -56.66 -21.24 1.04
C SER F 78 -55.23 -20.86 0.67
N THR F 79 -54.79 -19.65 1.01
CA THR F 79 -53.45 -19.20 0.70
C THR F 79 -52.45 -19.53 1.80
N PHE F 80 -52.88 -20.21 2.86
CA PHE F 80 -51.98 -20.54 3.96
C PHE F 80 -50.87 -21.46 3.48
N ARG F 81 -49.62 -21.07 3.76
CA ARG F 81 -48.47 -21.80 3.29
C ARG F 81 -47.31 -21.61 4.26
N ILE F 82 -46.60 -22.69 4.54
CA ILE F 82 -45.45 -22.65 5.44
C ILE F 82 -44.20 -22.39 4.61
N LEU F 83 -43.40 -21.43 5.05
CA LEU F 83 -42.19 -21.07 4.32
C LEU F 83 -41.08 -22.07 4.60
N PRO F 84 -40.56 -22.77 3.59
CA PRO F 84 -39.57 -23.82 3.86
C PRO F 84 -38.19 -23.29 4.24
N TRP F 85 -37.83 -22.08 3.83
CA TRP F 85 -36.52 -21.53 4.17
C TRP F 85 -36.44 -20.97 5.58
N ARG F 86 -37.57 -20.84 6.25
CA ARG F 86 -37.64 -20.47 7.65
C ARG F 86 -37.50 -21.70 8.53
N PRO F 87 -37.12 -21.54 9.80
CA PRO F 87 -36.90 -22.72 10.66
C PRO F 87 -38.14 -23.58 10.82
N ALA F 88 -37.92 -24.90 10.89
CA ALA F 88 -39.02 -25.84 11.06
C ALA F 88 -39.56 -25.86 12.48
N THR F 89 -38.69 -25.69 13.48
CA THR F 89 -39.11 -25.59 14.87
C THR F 89 -39.52 -24.16 15.15
N GLY F 90 -40.76 -23.97 15.60
CA GLY F 90 -41.33 -22.65 15.62
C GLY F 90 -41.49 -22.14 14.21
N ALA F 91 -42.24 -22.89 13.40
CA ALA F 91 -42.29 -22.66 11.96
C ALA F 91 -42.96 -21.33 11.64
N VAL F 92 -42.61 -20.79 10.48
CA VAL F 92 -43.15 -19.53 9.99
C VAL F 92 -44.01 -19.84 8.77
N ALA F 93 -45.23 -19.32 8.78
CA ALA F 93 -46.17 -19.52 7.68
C ALA F 93 -46.68 -18.17 7.20
N ARG F 94 -47.14 -18.15 5.95
CA ARG F 94 -47.75 -16.97 5.37
C ARG F 94 -49.21 -17.22 5.10
N ILE F 95 -50.01 -16.17 5.21
CA ILE F 95 -51.39 -16.15 4.75
C ILE F 95 -51.60 -14.88 3.94
N LEU F 96 -52.06 -15.02 2.70
CA LEU F 96 -52.46 -13.87 1.92
C LEU F 96 -53.86 -13.42 2.33
N GLY F 97 -54.13 -12.14 2.17
CA GLY F 97 -55.39 -11.58 2.61
C GLY F 97 -55.94 -10.58 1.62
N ASP F 98 -57.20 -10.21 1.86
CA ASP F 98 -57.88 -9.16 1.11
C ASP F 98 -57.97 -7.92 2.00
N VAL F 99 -57.64 -6.77 1.43
CA VAL F 99 -57.65 -5.52 2.17
C VAL F 99 -59.08 -5.00 2.25
N TYR F 100 -59.52 -4.70 3.47
CA TYR F 100 -60.88 -4.21 3.71
C TYR F 100 -60.84 -2.89 4.46
N LEU F 101 -61.85 -2.07 4.20
CA LEU F 101 -62.09 -0.87 4.99
C LEU F 101 -62.68 -1.26 6.35
N PRO F 102 -62.54 -0.40 7.36
CA PRO F 102 -63.07 -0.74 8.69
C PRO F 102 -64.58 -0.93 8.74
N ASP F 103 -65.33 -0.37 7.79
CA ASP F 103 -66.77 -0.53 7.76
C ASP F 103 -67.20 -1.88 7.17
N GLY F 104 -66.26 -2.78 6.91
CA GLY F 104 -66.58 -4.09 6.38
C GLY F 104 -66.60 -4.20 4.87
N ASN F 105 -66.47 -3.09 4.17
CA ASN F 105 -66.46 -3.15 2.71
C ASN F 105 -65.04 -3.42 2.20
N PRO F 106 -64.92 -4.14 1.09
CA PRO F 106 -63.58 -4.36 0.50
C PRO F 106 -62.98 -3.04 0.03
N PHE F 107 -61.65 -2.95 0.16
CA PHE F 107 -60.94 -1.80 -0.36
C PHE F 107 -60.84 -1.89 -1.87
N LYS F 108 -61.39 -0.89 -2.56
CA LYS F 108 -61.38 -0.91 -4.02
C LYS F 108 -60.00 -0.62 -4.60
N GLY F 109 -59.07 -0.12 -3.79
CA GLY F 109 -57.70 0.03 -4.20
C GLY F 109 -56.85 -1.20 -4.06
N ASP F 110 -57.44 -2.32 -3.63
CA ASP F 110 -56.71 -3.57 -3.49
C ASP F 110 -56.59 -4.24 -4.85
N PRO F 111 -55.38 -4.54 -5.34
CA PRO F 111 -55.25 -5.22 -6.63
C PRO F 111 -55.90 -6.60 -6.67
N ARG F 112 -55.86 -7.32 -5.55
CA ARG F 112 -56.57 -8.60 -5.49
C ARG F 112 -58.06 -8.41 -5.67
N TYR F 113 -58.61 -7.32 -5.12
CA TYR F 113 -60.01 -6.99 -5.35
C TYR F 113 -60.28 -6.70 -6.82
N VAL F 114 -59.34 -6.04 -7.50
CA VAL F 114 -59.50 -5.76 -8.93
C VAL F 114 -59.52 -7.06 -9.73
N LEU F 115 -58.63 -8.00 -9.39
CA LEU F 115 -58.63 -9.29 -10.06
C LEU F 115 -59.91 -10.07 -9.78
N LYS F 116 -60.41 -10.01 -8.54
CA LYS F 116 -61.67 -10.68 -8.21
C LYS F 116 -62.84 -10.06 -8.95
N THR F 117 -62.81 -8.73 -9.15
CA THR F 117 -63.83 -8.06 -9.94
C THR F 117 -63.80 -8.52 -11.39
N ALA F 118 -62.59 -8.67 -11.95
CA ALA F 118 -62.47 -9.21 -13.31
C ALA F 118 -62.98 -10.65 -13.38
N ILE F 119 -62.70 -11.43 -12.34
CA ILE F 119 -63.18 -12.82 -12.29
C ILE F 119 -64.70 -12.86 -12.24
N LYS F 120 -65.32 -11.97 -11.45
CA LYS F 120 -66.78 -11.90 -11.41
C LYS F 120 -67.34 -11.46 -12.75
N GLU F 121 -66.66 -10.53 -13.43
CA GLU F 121 -67.08 -10.10 -14.75
C GLU F 121 -67.04 -11.25 -15.75
N ALA F 122 -66.00 -12.08 -15.67
CA ALA F 122 -65.92 -13.26 -16.53
C ALA F 122 -66.99 -14.29 -16.17
N GLU F 123 -67.28 -14.44 -14.88
CA GLU F 123 -68.31 -15.38 -14.45
C GLU F 123 -69.70 -14.95 -14.89
N LYS F 124 -69.94 -13.64 -14.99
CA LYS F 124 -71.24 -13.16 -15.47
C LYS F 124 -71.51 -13.59 -16.90
N MET F 125 -70.47 -13.83 -17.70
CA MET F 125 -70.61 -14.43 -19.02
C MET F 125 -70.29 -15.91 -19.03
N GLY F 126 -70.18 -16.54 -17.85
CA GLY F 126 -69.92 -17.95 -17.76
C GLY F 126 -68.50 -18.39 -18.01
N PHE F 127 -67.54 -17.48 -17.96
CA PHE F 127 -66.15 -17.78 -18.28
C PHE F 127 -65.31 -17.88 -17.01
N SER F 128 -64.30 -18.75 -17.07
CA SER F 128 -63.30 -18.85 -16.01
C SER F 128 -61.92 -18.82 -16.65
N MET F 129 -61.03 -18.03 -16.06
CA MET F 129 -59.70 -17.80 -16.64
C MET F 129 -58.67 -18.70 -15.97
N ASN F 130 -57.86 -19.36 -16.79
CA ASN F 130 -56.67 -20.07 -16.34
C ASN F 130 -55.45 -19.40 -16.93
N VAL F 131 -54.48 -19.07 -16.09
CA VAL F 131 -53.29 -18.34 -16.51
C VAL F 131 -52.06 -19.17 -16.17
N GLY F 132 -51.19 -19.36 -17.16
CA GLY F 132 -49.88 -19.92 -16.92
C GLY F 132 -48.79 -18.92 -17.25
N PRO F 133 -48.14 -18.38 -16.24
CA PRO F 133 -47.07 -17.40 -16.47
C PRO F 133 -45.69 -18.04 -16.53
N GLU F 134 -44.87 -17.54 -17.45
CA GLU F 134 -43.50 -17.99 -17.59
C GLU F 134 -42.59 -16.83 -17.18
N LEU F 135 -42.01 -16.94 -15.99
CA LEU F 135 -41.23 -15.85 -15.40
C LEU F 135 -39.74 -16.11 -15.64
N GLU F 136 -39.04 -15.06 -16.05
CA GLU F 136 -37.60 -15.07 -16.17
C GLU F 136 -37.01 -14.18 -15.10
N PHE F 137 -35.89 -14.61 -14.51
CA PHE F 137 -35.20 -13.81 -13.51
C PHE F 137 -33.70 -13.95 -13.72
N PHE F 138 -32.97 -13.01 -13.13
CA PHE F 138 -31.52 -12.99 -13.17
C PHE F 138 -30.96 -13.36 -11.81
N LEU F 139 -29.85 -14.07 -11.81
CA LEU F 139 -29.16 -14.44 -10.58
C LEU F 139 -27.84 -13.67 -10.53
N PHE F 140 -27.77 -12.70 -9.63
CA PHE F 140 -26.60 -11.85 -9.49
C PHE F 140 -25.90 -12.11 -8.16
N LYS F 141 -24.66 -11.66 -8.09
CA LYS F 141 -23.89 -11.80 -6.87
C LYS F 141 -24.34 -10.77 -5.83
N LEU F 142 -24.11 -11.11 -4.56
CA LEU F 142 -24.26 -10.17 -3.46
C LEU F 142 -22.90 -9.55 -3.16
N ASP F 143 -22.92 -8.30 -2.68
CA ASP F 143 -21.69 -7.63 -2.31
C ASP F 143 -21.26 -8.09 -0.91
N ALA F 144 -20.29 -7.39 -0.32
CA ALA F 144 -19.82 -7.75 1.02
C ALA F 144 -20.91 -7.55 2.07
N ASN F 145 -21.80 -6.58 1.87
CA ASN F 145 -22.88 -6.30 2.81
C ASN F 145 -24.14 -7.09 2.50
N GLY F 146 -24.11 -7.98 1.50
CA GLY F 146 -25.29 -8.73 1.13
C GLY F 146 -26.32 -7.95 0.36
N ASN F 147 -25.92 -6.83 -0.26
CA ASN F 147 -26.77 -5.97 -1.06
C ASN F 147 -26.76 -6.41 -2.52
N PRO F 148 -27.84 -6.13 -3.26
CA PRO F 148 -27.89 -6.57 -4.66
C PRO F 148 -26.85 -5.87 -5.53
N THR F 149 -26.29 -6.64 -6.47
CA THR F 149 -25.44 -6.13 -7.53
C THR F 149 -26.00 -6.59 -8.86
N THR F 150 -25.28 -6.27 -9.94
CA THR F 150 -25.55 -6.83 -11.26
C THR F 150 -24.42 -7.73 -11.73
N GLU F 151 -23.55 -8.16 -10.81
CA GLU F 151 -22.41 -9.00 -11.16
C GLU F 151 -22.89 -10.37 -11.60
N LEU F 152 -22.38 -10.84 -12.73
CA LEU F 152 -22.84 -12.08 -13.31
C LEU F 152 -22.40 -13.28 -12.49
N THR F 153 -23.29 -14.26 -12.36
CA THR F 153 -22.96 -15.51 -11.69
C THR F 153 -22.43 -16.56 -12.67
N ASP F 154 -22.84 -16.48 -13.94
CA ASP F 154 -22.28 -17.34 -14.97
C ASP F 154 -22.41 -16.62 -16.30
N GLN F 155 -21.75 -17.19 -17.32
CA GLN F 155 -21.79 -16.67 -18.68
C GLN F 155 -22.53 -17.62 -19.62
N GLY F 156 -23.41 -18.45 -19.06
CA GLY F 156 -24.13 -19.43 -19.86
C GLY F 156 -25.22 -18.82 -20.70
N GLY F 157 -25.72 -19.61 -21.63
CA GLY F 157 -26.80 -19.20 -22.50
C GLY F 157 -28.02 -20.10 -22.38
N TYR F 158 -28.86 -20.11 -23.42
CA TYR F 158 -30.10 -20.88 -23.38
C TYR F 158 -29.81 -22.37 -23.33
N PHE F 159 -30.44 -23.05 -22.35
CA PHE F 159 -30.32 -24.49 -22.15
C PHE F 159 -28.88 -24.93 -21.92
N ASP F 160 -28.06 -24.08 -21.30
CA ASP F 160 -26.66 -24.43 -21.10
C ASP F 160 -26.49 -25.34 -19.88
N PHE F 161 -25.47 -26.19 -19.96
CA PHE F 161 -25.15 -27.22 -18.98
C PHE F 161 -23.76 -26.92 -18.42
N ALA F 162 -23.20 -27.89 -17.68
CA ALA F 162 -21.79 -27.97 -17.31
C ALA F 162 -21.52 -26.87 -16.27
N PRO F 163 -20.30 -26.39 -16.06
CA PRO F 163 -20.14 -25.11 -15.37
C PRO F 163 -20.40 -23.87 -16.21
N LEU F 164 -20.89 -24.00 -17.45
CA LEU F 164 -21.41 -22.84 -18.16
C LEU F 164 -22.63 -22.27 -17.44
N ASP F 165 -23.54 -23.15 -17.03
CA ASP F 165 -24.59 -22.80 -16.08
C ASP F 165 -24.09 -23.10 -14.67
N ARG F 166 -24.09 -22.09 -13.82
CA ARG F 166 -23.52 -22.22 -12.49
C ARG F 166 -24.57 -22.11 -11.38
N ALA F 167 -25.84 -22.29 -11.73
CA ALA F 167 -26.93 -22.11 -10.78
C ALA F 167 -27.86 -23.32 -10.69
N GLN F 168 -27.33 -24.53 -10.92
CA GLN F 168 -28.17 -25.71 -10.80
C GLN F 168 -28.59 -25.96 -9.35
N ASP F 169 -27.71 -25.63 -8.39
CA ASP F 169 -28.05 -25.80 -6.99
C ASP F 169 -29.11 -24.78 -6.55
N VAL F 170 -28.99 -23.53 -7.01
CA VAL F 170 -29.98 -22.51 -6.68
C VAL F 170 -31.33 -22.87 -7.28
N ARG F 171 -31.34 -23.31 -8.54
CA ARG F 171 -32.59 -23.70 -9.18
C ARG F 171 -33.20 -24.92 -8.50
N ARG F 172 -32.35 -25.86 -8.07
CA ARG F 172 -32.82 -27.04 -7.35
C ARG F 172 -33.49 -26.66 -6.04
N ASP F 173 -32.84 -25.77 -5.27
CA ASP F 173 -33.42 -25.34 -4.00
C ASP F 173 -34.68 -24.51 -4.21
N ILE F 174 -34.73 -23.70 -5.27
CA ILE F 174 -35.94 -22.96 -5.59
C ILE F 174 -37.07 -23.91 -5.94
N ASP F 175 -36.77 -24.95 -6.73
CA ASP F 175 -37.79 -25.93 -7.10
C ASP F 175 -38.33 -26.66 -5.88
N TYR F 176 -37.43 -27.04 -4.96
CA TYR F 176 -37.84 -27.68 -3.71
C TYR F 176 -38.73 -26.77 -2.88
N ALA F 177 -38.33 -25.50 -2.75
CA ALA F 177 -39.11 -24.54 -1.97
C ALA F 177 -40.48 -24.31 -2.60
N LEU F 178 -40.53 -24.18 -3.92
CA LEU F 178 -41.80 -23.96 -4.61
C LEU F 178 -42.73 -25.16 -4.47
N GLU F 179 -42.17 -26.37 -4.58
CA GLU F 179 -42.98 -27.57 -4.33
C GLU F 179 -43.49 -27.60 -2.90
N HIS F 180 -42.69 -27.11 -1.94
CA HIS F 180 -43.15 -26.99 -0.57
C HIS F 180 -44.27 -25.98 -0.42
N MET F 181 -44.33 -24.96 -1.29
CA MET F 181 -45.38 -23.94 -1.23
C MET F 181 -46.54 -24.24 -2.17
N GLY F 182 -46.68 -25.48 -2.61
CA GLY F 182 -47.82 -25.88 -3.42
C GLY F 182 -47.65 -25.76 -4.91
N PHE F 183 -46.52 -25.25 -5.38
CA PHE F 183 -46.28 -25.17 -6.82
C PHE F 183 -46.03 -26.56 -7.39
N GLN F 184 -46.45 -26.76 -8.63
CA GLN F 184 -46.10 -27.96 -9.39
C GLN F 184 -45.14 -27.52 -10.48
N ILE F 185 -43.85 -27.82 -10.28
CA ILE F 185 -42.82 -27.43 -11.23
C ILE F 185 -42.97 -28.23 -12.52
N GLU F 186 -42.83 -27.55 -13.65
CA GLU F 186 -42.84 -28.18 -14.96
C GLU F 186 -41.46 -28.27 -15.59
N ALA F 187 -40.69 -27.19 -15.57
CA ALA F 187 -39.36 -27.16 -16.14
C ALA F 187 -38.55 -26.06 -15.48
N SER F 188 -37.23 -26.21 -15.56
CA SER F 188 -36.31 -25.20 -15.06
C SER F 188 -35.04 -25.25 -15.89
N HIS F 189 -34.54 -24.09 -16.30
CA HIS F 189 -33.38 -24.04 -17.18
C HIS F 189 -32.71 -22.69 -17.09
N HIS F 190 -31.49 -22.65 -17.61
CA HIS F 190 -30.80 -21.40 -17.89
C HIS F 190 -31.41 -20.74 -19.11
N GLU F 191 -31.61 -19.42 -19.04
CA GLU F 191 -32.23 -18.68 -20.12
C GLU F 191 -31.16 -18.10 -21.05
N VAL F 192 -31.58 -17.30 -22.03
CA VAL F 192 -30.69 -16.83 -23.10
C VAL F 192 -29.59 -15.94 -22.54
N ALA F 193 -29.96 -14.95 -21.73
CA ALA F 193 -28.99 -14.01 -21.21
C ALA F 193 -28.10 -14.69 -20.17
N PRO F 194 -26.87 -14.19 -19.98
CA PRO F 194 -26.03 -14.71 -18.90
C PRO F 194 -26.67 -14.49 -17.55
N SER F 195 -26.51 -15.49 -16.67
CA SER F 195 -27.04 -15.49 -15.31
C SER F 195 -28.57 -15.38 -15.26
N GLN F 196 -29.25 -15.73 -16.35
CA GLN F 196 -30.70 -15.64 -16.45
C GLN F 196 -31.30 -17.04 -16.44
N HIS F 197 -32.39 -17.20 -15.68
CA HIS F 197 -32.96 -18.51 -15.45
C HIS F 197 -34.49 -18.43 -15.52
N GLU F 198 -35.08 -19.53 -15.97
CA GLU F 198 -36.53 -19.65 -16.04
C GLU F 198 -36.95 -20.91 -15.28
N ILE F 199 -37.92 -20.77 -14.40
CA ILE F 199 -38.52 -21.89 -13.71
C ILE F 199 -40.02 -21.85 -13.99
N ASP F 200 -40.53 -22.90 -14.62
CA ASP F 200 -41.92 -22.96 -15.03
C ASP F 200 -42.72 -23.82 -14.05
N PHE F 201 -43.87 -23.31 -13.65
CA PHE F 201 -44.80 -24.05 -12.81
C PHE F 201 -46.12 -24.20 -13.51
N ARG F 202 -46.94 -25.14 -13.03
CA ARG F 202 -48.21 -25.43 -13.67
C ARG F 202 -49.17 -24.24 -13.58
N PHE F 203 -49.96 -24.07 -14.63
CA PHE F 203 -51.01 -23.08 -14.66
C PHE F 203 -52.08 -23.37 -13.61
N GLY F 204 -52.95 -22.40 -13.40
CA GLY F 204 -54.08 -22.58 -12.52
C GLY F 204 -55.09 -21.49 -12.76
N ASP F 205 -56.10 -21.44 -11.90
CA ASP F 205 -57.06 -20.34 -11.96
C ASP F 205 -56.36 -19.02 -11.67
N VAL F 206 -56.89 -17.95 -12.25
CA VAL F 206 -56.12 -16.71 -12.40
C VAL F 206 -55.79 -16.08 -11.05
N LEU F 207 -56.72 -16.16 -10.09
CA LEU F 207 -56.46 -15.62 -8.76
C LEU F 207 -55.32 -16.37 -8.08
N CYS F 208 -55.41 -17.70 -8.06
CA CYS F 208 -54.33 -18.53 -7.54
C CYS F 208 -53.05 -18.32 -8.33
N THR F 209 -53.17 -18.04 -9.63
CA THR F 209 -51.98 -17.83 -10.46
C THR F 209 -51.27 -16.52 -10.08
N ALA F 210 -52.01 -15.45 -9.84
CA ALA F 210 -51.39 -14.19 -9.42
C ALA F 210 -50.79 -14.31 -8.03
N ASP F 211 -51.49 -15.00 -7.12
CA ASP F 211 -50.91 -15.34 -5.83
C ASP F 211 -49.60 -16.11 -6.02
N ASN F 212 -49.59 -17.07 -6.95
CA ASN F 212 -48.38 -17.83 -7.25
C ASN F 212 -47.29 -16.96 -7.84
N VAL F 213 -47.65 -15.93 -8.60
CA VAL F 213 -46.64 -15.06 -9.19
C VAL F 213 -45.91 -14.27 -8.10
N VAL F 214 -46.68 -13.63 -7.21
CA VAL F 214 -46.02 -12.86 -6.14
C VAL F 214 -45.27 -13.79 -5.19
N THR F 215 -45.86 -14.95 -4.89
CA THR F 215 -45.20 -15.95 -4.06
C THR F 215 -43.92 -16.44 -4.70
N PHE F 216 -43.96 -16.74 -6.00
CA PHE F 216 -42.79 -17.20 -6.73
C PHE F 216 -41.68 -16.17 -6.68
N LYS F 217 -42.03 -14.90 -6.87
CA LYS F 217 -41.01 -13.85 -6.85
C LYS F 217 -40.32 -13.80 -5.48
N TYR F 218 -41.11 -13.77 -4.40
CA TYR F 218 -40.42 -13.66 -3.11
C TYR F 218 -39.76 -14.96 -2.67
N VAL F 219 -40.27 -16.12 -3.09
CA VAL F 219 -39.61 -17.38 -2.79
C VAL F 219 -38.27 -17.49 -3.50
N VAL F 220 -38.24 -17.13 -4.79
CA VAL F 220 -36.98 -17.13 -5.54
C VAL F 220 -35.99 -16.16 -4.92
N LYS F 221 -36.47 -14.97 -4.52
CA LYS F 221 -35.57 -14.00 -3.89
C LYS F 221 -35.02 -14.51 -2.57
N SER F 222 -35.86 -15.12 -1.74
CA SER F 222 -35.40 -15.63 -0.44
C SER F 222 -34.40 -16.77 -0.61
N ILE F 223 -34.70 -17.72 -1.49
CA ILE F 223 -33.81 -18.85 -1.71
C ILE F 223 -32.48 -18.38 -2.28
N ALA F 224 -32.52 -17.45 -3.24
CA ALA F 224 -31.28 -16.89 -3.78
C ALA F 224 -30.48 -16.17 -2.71
N TYR F 225 -31.16 -15.41 -1.84
CA TYR F 225 -30.46 -14.69 -0.79
C TYR F 225 -29.77 -15.63 0.18
N HIS F 226 -30.44 -16.74 0.54
CA HIS F 226 -29.85 -17.64 1.53
C HIS F 226 -28.67 -18.42 0.98
N LYS F 227 -28.53 -18.52 -0.35
CA LYS F 227 -27.34 -19.10 -0.96
C LYS F 227 -26.30 -18.04 -1.31
N GLY F 228 -26.51 -16.80 -0.91
CA GLY F 228 -25.55 -15.75 -1.19
C GLY F 228 -25.70 -15.07 -2.53
N TYR F 229 -26.86 -15.17 -3.16
CA TYR F 229 -27.10 -14.58 -4.46
C TYR F 229 -28.24 -13.57 -4.37
N TYR F 230 -28.43 -12.82 -5.45
CA TYR F 230 -29.58 -11.93 -5.57
C TYR F 230 -30.40 -12.34 -6.78
N ALA F 231 -31.69 -12.55 -6.57
CA ALA F 231 -32.62 -12.84 -7.66
C ALA F 231 -33.26 -11.54 -8.11
N SER F 232 -32.99 -11.15 -9.35
CA SER F 232 -33.49 -9.91 -9.91
C SER F 232 -34.61 -10.21 -10.89
N PHE F 233 -35.78 -9.60 -10.66
CA PHE F 233 -36.88 -9.62 -11.61
C PHE F 233 -36.96 -8.31 -12.40
N MET F 234 -35.84 -7.62 -12.52
CA MET F 234 -35.79 -6.41 -13.33
C MET F 234 -36.02 -6.76 -14.80
N PRO F 235 -36.81 -5.98 -15.52
CA PRO F 235 -37.06 -6.29 -16.94
C PRO F 235 -35.81 -6.29 -17.80
N LYS F 236 -34.85 -5.41 -17.52
CA LYS F 236 -33.63 -5.29 -18.32
C LYS F 236 -32.50 -4.75 -17.45
N PRO F 237 -31.92 -5.61 -16.60
CA PRO F 237 -30.84 -5.13 -15.73
C PRO F 237 -29.53 -4.87 -16.46
N LEU F 238 -29.30 -5.53 -17.60
CA LEU F 238 -28.06 -5.42 -18.34
C LEU F 238 -28.34 -5.06 -19.79
N PHE F 239 -27.49 -4.20 -20.34
CA PHE F 239 -27.58 -3.84 -21.75
C PHE F 239 -26.88 -4.89 -22.61
N GLY F 240 -27.45 -5.12 -23.80
CA GLY F 240 -26.84 -5.98 -24.78
C GLY F 240 -27.21 -7.43 -24.67
N VAL F 241 -27.80 -7.86 -23.56
CA VAL F 241 -28.25 -9.22 -23.37
C VAL F 241 -29.77 -9.22 -23.26
N ASN F 242 -30.34 -10.42 -23.23
CA ASN F 242 -31.79 -10.55 -23.20
C ASN F 242 -32.37 -10.03 -21.88
N GLY F 243 -33.52 -9.37 -21.98
CA GLY F 243 -34.26 -8.97 -20.82
C GLY F 243 -35.16 -10.08 -20.30
N SER F 244 -35.76 -9.83 -19.15
CA SER F 244 -36.67 -10.78 -18.52
C SER F 244 -38.10 -10.36 -18.77
N GLY F 245 -38.90 -11.27 -19.35
CA GLY F 245 -40.31 -11.06 -19.53
C GLY F 245 -41.12 -12.05 -18.72
N MET F 246 -42.43 -11.83 -18.73
CA MET F 246 -43.39 -12.74 -18.10
C MET F 246 -44.41 -13.11 -19.17
N HIS F 247 -44.14 -14.18 -19.91
CA HIS F 247 -45.08 -14.64 -20.92
C HIS F 247 -46.32 -15.20 -20.24
N SER F 248 -47.48 -14.64 -20.59
CA SER F 248 -48.74 -14.94 -19.91
C SER F 248 -49.59 -15.79 -20.83
N ASN F 249 -49.60 -17.10 -20.57
CA ASN F 249 -50.49 -18.02 -21.27
C ASN F 249 -51.83 -18.03 -20.57
N GLN F 250 -52.89 -17.72 -21.31
CA GLN F 250 -54.23 -17.65 -20.74
C GLN F 250 -55.18 -18.54 -21.53
N SER F 251 -56.09 -19.19 -20.80
CA SER F 251 -57.14 -20.00 -21.41
C SER F 251 -58.47 -19.70 -20.74
N LEU F 252 -59.53 -19.78 -21.52
CA LEU F 252 -60.88 -19.54 -21.02
C LEU F 252 -61.65 -20.86 -20.99
N PHE F 253 -62.51 -21.00 -19.99
CA PHE F 253 -63.28 -22.22 -19.80
C PHE F 253 -64.74 -21.88 -19.53
N LYS F 254 -65.64 -22.72 -20.06
CA LYS F 254 -67.07 -22.58 -19.84
C LYS F 254 -67.68 -23.96 -19.84
N ASP F 255 -68.40 -24.29 -18.75
CA ASP F 255 -69.02 -25.60 -18.54
C ASP F 255 -67.98 -26.73 -18.62
N GLY F 256 -66.79 -26.48 -18.12
CA GLY F 256 -65.73 -27.49 -18.10
C GLY F 256 -65.00 -27.68 -19.41
N LYS F 257 -65.33 -26.91 -20.44
CA LYS F 257 -64.73 -27.04 -21.76
C LYS F 257 -63.84 -25.83 -22.04
N ASN F 258 -62.69 -26.09 -22.67
CA ASN F 258 -61.83 -25.00 -23.11
C ASN F 258 -62.53 -24.20 -24.19
N VAL F 259 -62.78 -22.92 -23.91
CA VAL F 259 -63.51 -22.05 -24.83
C VAL F 259 -62.72 -21.84 -26.11
N PHE F 260 -61.40 -21.75 -26.01
CA PHE F 260 -60.55 -21.43 -27.15
C PHE F 260 -60.42 -22.59 -28.13
N TYR F 261 -60.91 -23.77 -27.78
CA TYR F 261 -60.78 -24.96 -28.62
C TYR F 261 -62.02 -25.15 -29.50
N ASP F 262 -61.80 -25.57 -30.74
CA ASP F 262 -62.87 -25.91 -31.66
C ASP F 262 -62.34 -26.96 -32.61
N PRO F 263 -62.70 -28.24 -32.42
CA PRO F 263 -62.21 -29.29 -33.32
C PRO F 263 -62.66 -29.15 -34.76
N ASP F 264 -63.79 -28.47 -35.01
CA ASP F 264 -64.31 -28.35 -36.37
C ASP F 264 -63.52 -27.34 -37.21
N THR F 265 -62.96 -26.30 -36.58
CA THR F 265 -62.23 -25.29 -37.32
C THR F 265 -60.93 -25.86 -37.87
N PRO F 266 -60.49 -25.40 -39.05
CA PRO F 266 -59.23 -25.92 -39.62
C PRO F 266 -58.01 -25.65 -38.75
N THR F 267 -57.99 -24.50 -38.07
CA THR F 267 -56.88 -24.15 -37.19
C THR F 267 -57.09 -24.63 -35.76
N LYS F 268 -58.19 -25.36 -35.50
CA LYS F 268 -58.51 -25.92 -34.19
C LYS F 268 -58.67 -24.83 -33.12
N LEU F 269 -59.03 -23.62 -33.55
CA LEU F 269 -59.23 -22.50 -32.64
C LEU F 269 -60.65 -21.98 -32.81
N SER F 270 -61.33 -21.76 -31.69
CA SER F 270 -62.70 -21.27 -31.76
C SER F 270 -62.73 -19.81 -32.19
N GLN F 271 -63.93 -19.37 -32.58
CA GLN F 271 -64.11 -17.97 -32.92
C GLN F 271 -63.98 -17.08 -31.67
N ASP F 272 -64.31 -17.62 -30.50
CA ASP F 272 -64.12 -16.90 -29.26
C ASP F 272 -62.63 -16.67 -28.97
N ALA F 273 -61.78 -17.61 -29.38
CA ALA F 273 -60.34 -17.41 -29.24
C ALA F 273 -59.87 -16.25 -30.10
N MET F 274 -60.36 -16.16 -31.34
CA MET F 274 -60.04 -15.04 -32.21
C MET F 274 -60.55 -13.73 -31.63
N TYR F 275 -61.75 -13.74 -31.05
CA TYR F 275 -62.29 -12.54 -30.43
C TYR F 275 -61.46 -12.12 -29.22
N TYR F 276 -61.02 -13.09 -28.41
CA TYR F 276 -60.15 -12.80 -27.27
C TYR F 276 -58.84 -12.17 -27.73
N ILE F 277 -58.25 -12.71 -28.79
CA ILE F 277 -57.01 -12.15 -29.34
C ILE F 277 -57.27 -10.74 -29.87
N GLY F 278 -58.41 -10.53 -30.54
CA GLY F 278 -58.73 -9.22 -31.05
C GLY F 278 -58.88 -8.18 -29.95
N GLY F 279 -59.56 -8.55 -28.85
CA GLY F 279 -59.67 -7.64 -27.73
C GLY F 279 -58.33 -7.34 -27.08
N LEU F 280 -57.49 -8.37 -26.93
CA LEU F 280 -56.16 -8.17 -26.38
C LEU F 280 -55.33 -7.23 -27.25
N LEU F 281 -55.36 -7.43 -28.57
CA LEU F 281 -54.58 -6.58 -29.46
C LEU F 281 -55.15 -5.18 -29.55
N LYS F 282 -56.46 -5.03 -29.39
CA LYS F 282 -57.07 -3.70 -29.41
C LYS F 282 -56.71 -2.91 -28.15
N HIS F 283 -56.65 -3.57 -27.00
CA HIS F 283 -56.51 -2.85 -25.74
C HIS F 283 -55.10 -2.87 -25.16
N ILE F 284 -54.16 -3.62 -25.76
CA ILE F 284 -52.86 -3.83 -25.12
C ILE F 284 -52.08 -2.52 -24.99
N ARG F 285 -52.25 -1.59 -25.92
CA ARG F 285 -51.58 -0.30 -25.81
C ARG F 285 -52.07 0.49 -24.60
N GLU F 286 -53.33 0.28 -24.21
CA GLU F 286 -53.92 1.05 -23.13
C GLU F 286 -53.47 0.58 -21.74
N PHE F 287 -52.96 -0.64 -21.61
CA PHE F 287 -52.47 -1.09 -20.31
C PHE F 287 -51.08 -1.71 -20.42
N THR F 288 -50.33 -1.34 -21.47
CA THR F 288 -48.89 -1.59 -21.48
C THR F 288 -48.22 -0.95 -20.27
N ALA F 289 -48.72 0.20 -19.80
CA ALA F 289 -48.22 0.82 -18.59
C ALA F 289 -48.41 -0.06 -17.35
N VAL F 290 -49.34 -1.01 -17.40
CA VAL F 290 -49.53 -1.95 -16.30
C VAL F 290 -48.72 -3.23 -16.52
N THR F 291 -48.78 -3.80 -17.73
CA THR F 291 -47.98 -4.99 -18.01
C THR F 291 -46.48 -4.69 -18.02
N ASN F 292 -46.12 -3.45 -18.32
CA ASN F 292 -44.72 -3.01 -18.35
C ASN F 292 -44.62 -1.75 -17.51
N PRO F 293 -44.48 -1.90 -16.19
CA PRO F 293 -44.76 -0.79 -15.27
C PRO F 293 -43.64 0.22 -15.08
N VAL F 294 -42.39 -0.17 -15.32
CA VAL F 294 -41.25 0.65 -14.95
C VAL F 294 -40.57 1.22 -16.19
N VAL F 295 -39.66 2.15 -15.97
CA VAL F 295 -38.88 2.74 -17.05
C VAL F 295 -38.02 1.67 -17.73
N ASN F 296 -37.45 0.78 -16.92
CA ASN F 296 -36.58 -0.28 -17.43
C ASN F 296 -37.32 -1.28 -18.32
N SER F 297 -38.65 -1.37 -18.15
CA SER F 297 -39.45 -2.26 -18.98
C SER F 297 -39.32 -1.92 -20.46
N TYR F 298 -39.16 -0.64 -20.76
CA TYR F 298 -39.03 -0.17 -22.13
C TYR F 298 -37.59 -0.13 -22.59
N LYS F 299 -36.64 -0.32 -21.68
CA LYS F 299 -35.30 -0.74 -22.08
C LYS F 299 -35.29 -2.21 -22.47
N ARG F 300 -36.23 -2.99 -21.94
CA ARG F 300 -36.43 -4.33 -22.51
C ARG F 300 -37.24 -4.26 -23.80
N LEU F 301 -38.33 -3.49 -23.81
CA LEU F 301 -39.20 -3.40 -24.98
C LEU F 301 -38.72 -2.31 -25.94
N VAL F 302 -37.61 -2.61 -26.62
CA VAL F 302 -37.08 -1.76 -27.67
C VAL F 302 -37.25 -2.50 -28.99
N PRO F 303 -37.51 -1.81 -30.11
CA PRO F 303 -37.45 -2.49 -31.41
C PRO F 303 -36.10 -3.12 -31.65
N GLY F 304 -36.12 -4.38 -32.08
CA GLY F 304 -34.90 -5.14 -32.25
C GLY F 304 -35.18 -6.56 -32.71
N TYR F 305 -34.53 -7.54 -32.10
CA TYR F 305 -34.74 -8.93 -32.44
C TYR F 305 -35.10 -9.78 -31.23
N GLU F 306 -35.48 -9.16 -30.11
CA GLU F 306 -35.78 -9.90 -28.89
C GLU F 306 -37.15 -9.54 -28.32
N ALA F 307 -37.53 -8.27 -28.44
CA ALA F 307 -38.67 -7.76 -27.69
C ALA F 307 -39.95 -7.82 -28.50
N PRO F 308 -41.04 -8.35 -27.94
CA PRO F 308 -42.35 -8.33 -28.62
C PRO F 308 -43.03 -6.97 -28.55
N VAL F 309 -42.50 -6.02 -29.33
CA VAL F 309 -43.00 -4.66 -29.32
C VAL F 309 -44.04 -4.41 -30.41
N TYR F 310 -44.22 -5.35 -31.32
CA TYR F 310 -45.10 -5.16 -32.48
C TYR F 310 -46.42 -5.87 -32.23
N ILE F 311 -47.51 -5.11 -32.33
CA ILE F 311 -48.84 -5.61 -32.00
C ILE F 311 -49.30 -6.52 -33.12
N SER F 312 -49.35 -7.82 -32.85
CA SER F 312 -49.65 -8.84 -33.85
C SER F 312 -49.93 -10.14 -33.12
N TRP F 313 -50.45 -11.11 -33.88
CA TRP F 313 -50.68 -12.45 -33.35
C TRP F 313 -50.30 -13.48 -34.39
N SER F 314 -50.00 -14.69 -33.92
CA SER F 314 -49.59 -15.78 -34.77
C SER F 314 -49.72 -17.07 -33.98
N ALA F 315 -49.39 -18.19 -34.64
CA ALA F 315 -49.40 -19.50 -34.01
C ALA F 315 -48.03 -19.90 -33.48
N GLN F 316 -47.03 -20.03 -34.34
CA GLN F 316 -45.70 -20.46 -33.93
C GLN F 316 -44.68 -19.34 -33.92
N ASN F 317 -45.03 -18.15 -34.40
CA ASN F 317 -44.07 -17.05 -34.51
C ASN F 317 -43.80 -16.44 -33.14
N ARG F 318 -42.53 -16.40 -32.75
CA ARG F 318 -42.13 -15.80 -31.48
C ARG F 318 -41.70 -14.35 -31.63
N SER F 319 -41.84 -13.76 -32.82
CA SER F 319 -41.69 -12.32 -32.99
C SER F 319 -43.02 -11.60 -32.88
N SER F 320 -44.11 -12.32 -32.70
CA SER F 320 -45.43 -11.73 -32.55
C SER F 320 -45.70 -11.38 -31.09
N LEU F 321 -46.61 -10.41 -30.90
CA LEU F 321 -47.03 -10.05 -29.56
C LEU F 321 -47.81 -11.19 -28.90
N ILE F 322 -48.66 -11.86 -29.65
CA ILE F 322 -49.50 -12.94 -29.16
C ILE F 322 -49.11 -14.22 -29.89
N ARG F 323 -48.81 -15.26 -29.13
CA ARG F 323 -48.50 -16.58 -29.67
C ARG F 323 -49.59 -17.56 -29.27
N ILE F 324 -49.89 -18.49 -30.17
CA ILE F 324 -50.83 -19.57 -29.88
C ILE F 324 -50.10 -20.91 -29.97
N PRO F 325 -49.69 -21.49 -28.84
CA PRO F 325 -49.02 -22.79 -28.88
C PRO F 325 -49.93 -23.86 -29.49
N ALA F 326 -49.30 -24.84 -30.15
CA ALA F 326 -50.04 -25.84 -30.92
C ALA F 326 -50.84 -26.80 -30.06
N THR F 327 -50.68 -26.75 -28.74
CA THR F 327 -51.48 -27.59 -27.85
C THR F 327 -52.96 -27.26 -28.03
N ARG F 328 -53.77 -28.31 -28.12
CA ARG F 328 -55.21 -28.18 -28.35
C ARG F 328 -55.97 -28.91 -27.25
N GLY F 329 -57.28 -29.03 -27.43
CA GLY F 329 -58.09 -29.66 -26.41
C GLY F 329 -58.26 -28.74 -25.21
N ASN F 330 -58.09 -29.31 -24.02
CA ASN F 330 -58.18 -28.51 -22.80
C ASN F 330 -56.95 -27.63 -22.60
N GLY F 331 -55.86 -27.90 -23.31
CA GLY F 331 -54.63 -27.15 -23.22
C GLY F 331 -54.51 -25.98 -24.18
N THR F 332 -55.57 -25.63 -24.90
CA THR F 332 -55.52 -24.50 -25.80
C THR F 332 -55.39 -23.20 -25.01
N ARG F 333 -54.39 -22.39 -25.36
CA ARG F 333 -54.09 -21.19 -24.61
C ARG F 333 -53.54 -20.11 -25.52
N ILE F 334 -53.61 -18.88 -25.04
CA ILE F 334 -53.13 -17.70 -25.74
C ILE F 334 -52.02 -17.09 -24.92
N GLU F 335 -50.85 -16.88 -25.54
CA GLU F 335 -49.67 -16.38 -24.84
C GLU F 335 -49.44 -14.92 -25.20
N LEU F 336 -49.50 -14.04 -24.20
CA LEU F 336 -49.09 -12.66 -24.34
C LEU F 336 -47.64 -12.52 -23.88
N ARG F 337 -46.80 -11.95 -24.74
CA ARG F 337 -45.35 -11.97 -24.52
C ARG F 337 -44.78 -10.62 -24.08
N CYS F 338 -45.56 -9.54 -24.17
CA CYS F 338 -45.05 -8.25 -23.72
C CYS F 338 -44.71 -8.13 -22.23
N PRO F 339 -45.51 -8.65 -21.27
CA PRO F 339 -45.25 -8.26 -19.87
C PRO F 339 -43.93 -8.80 -19.33
N ASP F 340 -43.37 -8.06 -18.39
CA ASP F 340 -42.16 -8.38 -17.66
C ASP F 340 -42.51 -8.73 -16.22
N PRO F 341 -41.63 -9.43 -15.50
CA PRO F 341 -41.96 -9.83 -14.12
C PRO F 341 -42.10 -8.69 -13.12
N ALA F 342 -41.83 -7.44 -13.51
CA ALA F 342 -42.01 -6.31 -12.61
C ALA F 342 -43.46 -5.86 -12.49
N CYS F 343 -44.36 -6.37 -13.32
CA CYS F 343 -45.74 -5.94 -13.31
C CYS F 343 -46.49 -6.54 -12.13
N ASN F 344 -47.58 -5.88 -11.76
CA ASN F 344 -48.50 -6.40 -10.75
C ASN F 344 -49.33 -7.49 -11.41
N PRO F 345 -49.19 -8.74 -10.98
CA PRO F 345 -49.93 -9.83 -11.63
C PRO F 345 -51.44 -9.71 -11.51
N TYR F 346 -51.95 -9.19 -10.39
CA TYR F 346 -53.39 -9.03 -10.25
C TYR F 346 -53.95 -8.04 -11.27
N LEU F 347 -53.35 -6.85 -11.34
CA LEU F 347 -53.82 -5.84 -12.29
C LEU F 347 -53.60 -6.29 -13.73
N ALA F 348 -52.43 -6.86 -14.02
CA ALA F 348 -52.12 -7.28 -15.38
C ALA F 348 -53.07 -8.38 -15.85
N PHE F 349 -53.24 -9.43 -15.04
CA PHE F 349 -54.11 -10.53 -15.42
C PHE F 349 -55.57 -10.07 -15.51
N ALA F 350 -55.99 -9.18 -14.61
CA ALA F 350 -57.33 -8.63 -14.70
C ALA F 350 -57.53 -7.85 -16.00
N LEU F 351 -56.52 -7.09 -16.41
CA LEU F 351 -56.66 -6.30 -17.64
C LEU F 351 -56.63 -7.18 -18.89
N MET F 352 -55.81 -8.23 -18.90
CA MET F 352 -55.87 -9.18 -20.03
C MET F 352 -57.21 -9.88 -20.09
N LEU F 353 -57.74 -10.29 -18.93
CA LEU F 353 -59.06 -10.91 -18.90
C LEU F 353 -60.14 -9.96 -19.42
N ARG F 354 -60.11 -8.71 -18.98
CA ARG F 354 -61.13 -7.75 -19.42
C ARG F 354 -60.99 -7.41 -20.90
N ALA F 355 -59.76 -7.31 -21.40
CA ALA F 355 -59.56 -7.07 -22.83
C ALA F 355 -60.09 -8.23 -23.67
N GLY F 356 -59.80 -9.46 -23.25
CA GLY F 356 -60.32 -10.61 -23.97
C GLY F 356 -61.83 -10.72 -23.89
N LEU F 357 -62.40 -10.40 -22.73
CA LEU F 357 -63.85 -10.41 -22.58
C LEU F 357 -64.50 -9.34 -23.44
N GLU F 358 -63.89 -8.16 -23.53
CA GLU F 358 -64.39 -7.13 -24.42
C GLU F 358 -64.31 -7.57 -25.87
N GLY F 359 -63.23 -8.27 -26.23
CA GLY F 359 -63.13 -8.80 -27.58
C GLY F 359 -64.21 -9.83 -27.89
N ILE F 360 -64.52 -10.70 -26.93
CA ILE F 360 -65.57 -11.69 -27.13
C ILE F 360 -66.95 -11.03 -27.20
N LYS F 361 -67.20 -10.06 -26.32
CA LYS F 361 -68.50 -9.40 -26.28
C LYS F 361 -68.73 -8.54 -27.52
N ASN F 362 -67.71 -7.82 -27.96
CA ASN F 362 -67.83 -6.91 -29.10
C ASN F 362 -67.48 -7.57 -30.43
N LYS F 363 -67.16 -8.86 -30.42
CA LYS F 363 -66.86 -9.63 -31.64
C LYS F 363 -65.71 -9.01 -32.43
N ILE F 364 -64.63 -8.69 -31.73
CA ILE F 364 -63.51 -7.96 -32.33
C ILE F 364 -62.65 -8.93 -33.12
N ASP F 365 -62.52 -8.69 -34.42
CA ASP F 365 -61.71 -9.53 -35.29
C ASP F 365 -60.23 -9.21 -35.09
N PRO F 366 -59.38 -10.20 -34.87
CA PRO F 366 -57.95 -9.93 -34.63
C PRO F 366 -57.17 -9.63 -35.90
N GLY F 367 -57.75 -9.79 -37.07
CA GLY F 367 -57.03 -9.61 -38.31
C GLY F 367 -56.25 -10.85 -38.69
N GLU F 368 -55.53 -10.72 -39.79
CA GLU F 368 -54.71 -11.82 -40.30
C GLU F 368 -53.50 -12.05 -39.39
N PRO F 369 -53.12 -13.30 -39.17
CA PRO F 369 -51.90 -13.56 -38.40
C PRO F 369 -50.66 -13.17 -39.18
N THR F 370 -49.61 -12.80 -38.43
CA THR F 370 -48.32 -12.44 -39.01
C THR F 370 -47.37 -13.60 -38.82
N ASN F 371 -47.15 -14.37 -39.88
CA ASN F 371 -46.37 -15.59 -39.83
C ASN F 371 -44.90 -15.40 -40.20
N VAL F 372 -44.49 -14.18 -40.51
CA VAL F 372 -43.12 -13.91 -40.91
C VAL F 372 -42.36 -13.34 -39.71
N ASN F 373 -41.04 -13.28 -39.84
CA ASN F 373 -40.19 -12.65 -38.82
C ASN F 373 -40.41 -11.15 -38.88
N ILE F 374 -41.22 -10.64 -37.95
CA ILE F 374 -41.49 -9.21 -37.86
C ILE F 374 -40.23 -8.43 -37.49
N PHE F 375 -39.30 -9.07 -36.77
CA PHE F 375 -38.05 -8.40 -36.43
C PHE F 375 -37.21 -8.11 -37.67
N HIS F 376 -37.24 -9.01 -38.65
CA HIS F 376 -36.52 -8.81 -39.90
C HIS F 376 -37.21 -7.83 -40.84
N LEU F 377 -38.48 -7.52 -40.60
CA LEU F 377 -39.18 -6.56 -41.43
C LEU F 377 -38.67 -5.14 -41.19
N SER F 378 -38.86 -4.29 -42.17
CA SER F 378 -38.56 -2.87 -42.04
C SER F 378 -39.79 -2.12 -41.54
N ASP F 379 -39.60 -0.83 -41.25
CA ASP F 379 -40.73 -0.01 -40.82
C ASP F 379 -41.74 0.18 -41.94
N LYS F 380 -41.26 0.27 -43.19
CA LYS F 380 -42.16 0.36 -44.34
C LYS F 380 -42.97 -0.92 -44.49
N GLU F 381 -42.33 -2.08 -44.38
CA GLU F 381 -43.05 -3.35 -44.50
C GLU F 381 -44.05 -3.54 -43.37
N ARG F 382 -43.68 -3.11 -42.15
CA ARG F 382 -44.61 -3.21 -41.04
C ARG F 382 -45.77 -2.22 -41.17
N GLU F 383 -45.51 -1.05 -41.76
CA GLU F 383 -46.56 -0.08 -41.99
C GLU F 383 -47.54 -0.56 -43.05
N GLU F 384 -47.05 -1.25 -44.08
CA GLU F 384 -47.95 -1.78 -45.11
C GLU F 384 -48.82 -2.90 -44.57
N ARG F 385 -48.29 -3.69 -43.62
CA ARG F 385 -49.09 -4.72 -42.98
C ARG F 385 -49.97 -4.20 -41.86
N GLY F 386 -49.85 -2.92 -41.52
CA GLY F 386 -50.63 -2.37 -40.42
C GLY F 386 -50.21 -2.85 -39.05
N ILE F 387 -48.94 -3.21 -38.88
CA ILE F 387 -48.45 -3.72 -37.60
C ILE F 387 -48.07 -2.53 -36.73
N ARG F 388 -48.92 -2.23 -35.75
CA ARG F 388 -48.65 -1.14 -34.83
C ARG F 388 -47.65 -1.58 -33.77
N SER F 389 -47.15 -0.60 -33.02
CA SER F 389 -46.14 -0.84 -31.99
C SER F 389 -46.69 -0.52 -30.62
N LEU F 390 -46.11 -1.16 -29.60
CA LEU F 390 -46.38 -0.82 -28.23
C LEU F 390 -45.77 0.55 -27.91
N PRO F 391 -46.22 1.19 -26.83
CA PRO F 391 -45.58 2.45 -26.42
C PRO F 391 -44.08 2.29 -26.22
N ALA F 392 -43.33 3.29 -26.70
CA ALA F 392 -41.88 3.21 -26.73
C ALA F 392 -41.24 3.39 -25.36
N ASP F 393 -41.88 4.14 -24.47
CA ASP F 393 -41.32 4.37 -23.14
C ASP F 393 -42.47 4.40 -22.13
N LEU F 394 -42.13 4.64 -20.87
CA LEU F 394 -43.13 4.66 -19.81
C LEU F 394 -44.06 5.87 -19.95
N LYS F 395 -43.55 7.01 -20.41
CA LYS F 395 -44.39 8.20 -20.56
C LYS F 395 -45.48 7.97 -21.61
N GLU F 396 -45.13 7.35 -22.73
CA GLU F 396 -46.13 7.08 -23.77
C GLU F 396 -47.20 6.12 -23.29
N ALA F 397 -46.80 5.10 -22.52
CA ALA F 397 -47.77 4.16 -21.98
C ALA F 397 -48.66 4.80 -20.92
N ILE F 398 -48.08 5.72 -20.12
CA ILE F 398 -48.88 6.48 -19.17
C ILE F 398 -49.93 7.32 -19.90
N ASP F 399 -49.51 7.98 -20.99
CA ASP F 399 -50.44 8.78 -21.78
C ASP F 399 -51.53 7.90 -22.42
N GLU F 400 -51.15 6.71 -22.88
CA GLU F 400 -52.14 5.79 -23.45
C GLU F 400 -53.13 5.32 -22.38
N MET F 401 -52.64 5.03 -21.17
CA MET F 401 -53.51 4.58 -20.11
C MET F 401 -54.40 5.70 -19.59
N LYS F 402 -53.93 6.95 -19.65
CA LYS F 402 -54.71 8.09 -19.18
C LYS F 402 -56.03 8.24 -19.91
N GLY F 403 -56.01 8.11 -21.23
CA GLY F 403 -57.19 8.28 -22.05
C GLY F 403 -58.02 7.03 -22.24
N SER F 404 -57.68 5.95 -21.55
CA SER F 404 -58.39 4.68 -21.70
C SER F 404 -59.55 4.60 -20.71
N LYS F 405 -60.77 4.62 -21.23
CA LYS F 405 -61.92 4.36 -20.38
C LYS F 405 -62.03 2.88 -20.04
N PHE F 406 -61.48 2.00 -20.89
CA PHE F 406 -61.48 0.57 -20.61
C PHE F 406 -60.64 0.24 -19.39
N VAL F 407 -59.43 0.79 -19.32
CA VAL F 407 -58.55 0.55 -18.19
C VAL F 407 -59.10 1.19 -16.92
N LYS F 408 -59.69 2.38 -17.06
CA LYS F 408 -60.28 3.06 -15.90
C LYS F 408 -61.46 2.27 -15.36
N GLU F 409 -62.28 1.69 -16.23
CA GLU F 409 -63.41 0.88 -15.79
C GLU F 409 -62.94 -0.43 -15.17
N ALA F 410 -61.94 -1.06 -15.78
CA ALA F 410 -61.50 -2.38 -15.32
C ALA F 410 -60.71 -2.29 -14.01
N LEU F 411 -60.03 -1.17 -13.78
CA LEU F 411 -59.20 -1.03 -12.59
C LEU F 411 -59.92 -0.33 -11.44
N GLY F 412 -60.96 0.44 -11.72
CA GLY F 412 -61.56 1.27 -10.70
C GLY F 412 -60.82 2.59 -10.55
N GLU F 413 -61.54 3.60 -10.04
CA GLU F 413 -61.00 4.95 -9.98
C GLU F 413 -59.77 5.04 -9.07
N HIS F 414 -59.82 4.37 -7.91
CA HIS F 414 -58.71 4.46 -6.96
C HIS F 414 -57.43 3.88 -7.54
N VAL F 415 -57.49 2.65 -8.05
CA VAL F 415 -56.29 2.00 -8.59
C VAL F 415 -55.77 2.76 -9.80
N PHE F 416 -56.68 3.14 -10.70
CA PHE F 416 -56.30 3.89 -11.90
C PHE F 416 -55.58 5.18 -11.56
N SER F 417 -56.17 5.99 -10.69
CA SER F 417 -55.60 7.29 -10.36
C SER F 417 -54.28 7.14 -9.59
N HIS F 418 -54.23 6.25 -8.60
CA HIS F 418 -53.01 6.12 -7.80
C HIS F 418 -51.87 5.50 -8.60
N TYR F 419 -52.19 4.51 -9.44
CA TYR F 419 -51.19 3.91 -10.30
C TYR F 419 -50.63 4.94 -11.28
N LEU F 420 -51.50 5.74 -11.90
CA LEU F 420 -51.03 6.76 -12.83
C LEU F 420 -50.19 7.81 -12.12
N CYS F 421 -50.59 8.19 -10.89
CA CYS F 421 -49.82 9.17 -10.14
C CYS F 421 -48.43 8.66 -9.79
N ALA F 422 -48.34 7.40 -9.34
CA ALA F 422 -47.04 6.81 -9.03
C ALA F 422 -46.16 6.71 -10.27
N LYS F 423 -46.74 6.28 -11.39
CA LYS F 423 -45.95 6.18 -12.63
C LYS F 423 -45.52 7.55 -13.13
N GLU F 424 -46.38 8.56 -12.95
CA GLU F 424 -46.04 9.92 -13.34
C GLU F 424 -44.88 10.46 -12.52
N MET F 425 -44.91 10.24 -11.20
CA MET F 425 -43.78 10.66 -10.37
C MET F 425 -42.50 9.93 -10.77
N GLU F 426 -42.62 8.63 -11.06
CA GLU F 426 -41.47 7.85 -11.50
C GLU F 426 -40.85 8.43 -12.78
N TRP F 427 -41.69 8.71 -13.78
CA TRP F 427 -41.18 9.24 -15.04
C TRP F 427 -40.66 10.66 -14.87
N ASP F 428 -41.31 11.47 -14.02
CA ASP F 428 -40.85 12.84 -13.82
C ASP F 428 -39.48 12.87 -13.15
N GLU F 429 -39.23 11.95 -12.22
CA GLU F 429 -37.90 11.85 -11.64
C GLU F 429 -36.90 11.34 -12.68
N TYR F 430 -37.29 10.34 -13.48
CA TYR F 430 -36.37 9.75 -14.45
C TYR F 430 -35.97 10.73 -15.54
N LYS F 431 -36.92 11.53 -16.03
CA LYS F 431 -36.70 12.35 -17.22
C LYS F 431 -35.74 13.50 -16.98
N ALA F 432 -35.49 13.87 -15.72
CA ALA F 432 -34.57 14.96 -15.41
C ALA F 432 -33.14 14.49 -15.17
N VAL F 433 -32.90 13.18 -15.08
CA VAL F 433 -31.59 12.68 -14.71
C VAL F 433 -30.62 12.83 -15.86
N VAL F 434 -29.45 13.41 -15.58
CA VAL F 434 -28.35 13.47 -16.55
C VAL F 434 -27.59 12.16 -16.43
N HIS F 435 -27.72 11.32 -17.40
CA HIS F 435 -27.14 9.99 -17.35
C HIS F 435 -25.66 10.03 -17.76
N PRO F 436 -24.87 9.06 -17.28
CA PRO F 436 -23.48 8.97 -17.71
C PRO F 436 -23.30 8.75 -19.21
N TRP F 437 -24.31 8.19 -19.88
CA TRP F 437 -24.24 8.03 -21.34
C TRP F 437 -24.14 9.38 -22.03
N GLU F 438 -24.91 10.37 -21.56
CA GLU F 438 -24.86 11.70 -22.16
C GLU F 438 -23.52 12.37 -21.90
N LEU F 439 -22.90 12.09 -20.75
CA LEU F 439 -21.57 12.60 -20.49
C LEU F 439 -20.54 11.95 -21.41
N SER F 440 -20.66 10.63 -21.63
CA SER F 440 -19.74 9.96 -22.54
C SER F 440 -19.93 10.41 -23.98
N ARG F 441 -21.15 10.79 -24.35
CA ARG F 441 -21.45 11.15 -25.73
C ARG F 441 -21.21 12.62 -26.05
N TYR F 442 -21.49 13.52 -25.11
CA TYR F 442 -21.58 14.95 -25.42
C TYR F 442 -20.50 15.81 -24.76
N LEU F 443 -19.89 15.36 -23.66
CA LEU F 443 -19.04 16.26 -22.89
C LEU F 443 -17.81 16.67 -23.69
N SER F 444 -17.12 15.73 -24.31
CA SER F 444 -15.93 16.03 -25.09
C SER F 444 -16.25 16.59 -26.47
N MET F 445 -17.52 16.63 -26.86
CA MET F 445 -17.94 17.11 -28.17
C MET F 445 -18.54 18.50 -28.15
N LEU F 446 -19.34 18.82 -27.13
CA LEU F 446 -20.04 20.11 -27.10
C LEU F 446 -19.26 21.13 -26.27
N VAL G 1 47.10 28.59 -1.15
CA VAL G 1 46.50 29.17 -2.35
C VAL G 1 45.90 30.52 -2.03
N GLN G 2 46.35 31.55 -2.77
CA GLN G 2 45.88 32.94 -2.74
C GLN G 2 45.98 33.59 -1.37
N MET G 3 46.63 32.94 -0.40
CA MET G 3 46.79 33.50 0.94
C MET G 3 48.11 33.01 1.50
N LYS G 4 49.09 33.90 1.57
CA LYS G 4 50.39 33.55 2.12
C LYS G 4 50.26 33.22 3.60
N LYS G 5 50.96 32.19 4.05
CA LYS G 5 50.84 31.73 5.42
C LYS G 5 51.34 32.79 6.40
N CYS G 6 50.47 33.20 7.30
CA CYS G 6 50.82 34.18 8.32
C CYS G 6 51.77 33.57 9.33
N THR G 7 52.66 34.40 9.86
CA THR G 7 53.56 33.99 10.92
C THR G 7 53.34 34.75 12.23
N THR G 8 52.87 35.99 12.16
CA THR G 8 52.64 36.82 13.33
C THR G 8 51.17 37.21 13.40
N LYS G 9 50.76 37.72 14.56
CA LYS G 9 49.38 38.16 14.72
C LYS G 9 49.06 39.37 13.86
N GLU G 10 50.07 40.16 13.51
CA GLU G 10 49.85 41.30 12.63
C GLU G 10 49.46 40.84 11.23
N ASP G 11 50.13 39.81 10.71
CA ASP G 11 49.77 39.25 9.43
C ASP G 11 48.36 38.66 9.47
N VAL G 12 48.00 38.03 10.59
CA VAL G 12 46.66 37.48 10.75
C VAL G 12 45.61 38.58 10.71
N LEU G 13 45.86 39.69 11.42
CA LEU G 13 44.90 40.79 11.42
C LEU G 13 44.81 41.44 10.04
N GLU G 14 45.93 41.57 9.34
CA GLU G 14 45.90 42.11 7.98
C GLU G 14 45.12 41.20 7.03
N ALA G 15 45.31 39.88 7.16
CA ALA G 15 44.58 38.94 6.31
C ALA G 15 43.09 38.94 6.64
N VAL G 16 42.74 39.09 7.91
CA VAL G 16 41.34 39.19 8.31
C VAL G 16 40.71 40.45 7.71
N LYS G 17 41.44 41.56 7.75
CA LYS G 17 40.90 42.82 7.22
C LYS G 17 40.76 42.76 5.70
N GLU G 18 41.78 42.25 5.00
CA GLU G 18 41.78 42.34 3.54
C GLU G 18 40.96 41.24 2.86
N ARG G 19 40.69 40.12 3.51
CA ARG G 19 39.90 39.06 2.93
C ARG G 19 38.49 38.99 3.50
N ASP G 20 38.03 40.06 4.15
CA ASP G 20 36.65 40.18 4.63
C ASP G 20 36.28 39.03 5.58
N VAL G 21 37.20 38.70 6.47
CA VAL G 21 36.97 37.64 7.45
C VAL G 21 36.15 38.22 8.59
N LYS G 22 35.02 37.60 8.88
CA LYS G 22 34.16 38.04 9.97
C LYS G 22 34.13 37.09 11.15
N PHE G 23 34.19 35.79 10.90
CA PHE G 23 34.12 34.78 11.96
C PHE G 23 35.46 34.07 12.08
N ILE G 24 35.95 33.95 13.31
CA ILE G 24 37.16 33.21 13.61
C ILE G 24 36.77 31.98 14.43
N ARG G 25 37.12 30.80 13.93
CA ARG G 25 36.89 29.56 14.65
C ARG G 25 38.13 29.25 15.45
N THR G 26 38.10 29.58 16.74
CA THR G 26 39.18 29.21 17.65
C THR G 26 39.09 27.72 17.93
N GLN G 27 40.16 26.99 17.60
CA GLN G 27 40.12 25.55 17.55
C GLN G 27 41.23 24.95 18.40
N PHE G 28 40.95 23.78 18.96
CA PHE G 28 41.97 22.95 19.59
C PHE G 28 41.53 21.50 19.50
N THR G 29 42.44 20.61 19.87
CA THR G 29 42.22 19.18 19.83
C THR G 29 42.12 18.64 21.25
N ASP G 30 41.11 17.82 21.52
CA ASP G 30 40.96 17.25 22.84
C ASP G 30 41.85 16.02 23.00
N THR G 31 41.72 15.35 24.15
CA THR G 31 42.61 14.24 24.49
C THR G 31 42.47 13.08 23.50
N LEU G 32 41.25 12.81 23.04
CA LEU G 32 41.00 11.69 22.15
C LEU G 32 41.17 12.04 20.68
N GLY G 33 41.59 13.26 20.36
CA GLY G 33 41.87 13.64 19.00
C GLY G 33 40.73 14.30 18.24
N ILE G 34 39.68 14.71 18.92
CA ILE G 34 38.54 15.35 18.28
C ILE G 34 38.75 16.86 18.28
N ILE G 35 38.56 17.48 17.11
CA ILE G 35 38.71 18.92 17.01
C ILE G 35 37.58 19.61 17.77
N LYS G 36 37.94 20.61 18.58
CA LYS G 36 36.99 21.40 19.33
C LYS G 36 37.04 22.84 18.85
N SER G 37 35.89 23.36 18.44
CA SER G 37 35.84 24.66 17.79
C SER G 37 34.71 25.50 18.37
N TRP G 38 34.95 26.81 18.44
CA TRP G 38 33.87 27.76 18.68
C TRP G 38 34.23 29.07 18.00
N ALA G 39 33.19 29.78 17.55
CA ALA G 39 33.35 30.93 16.69
C ALA G 39 33.31 32.21 17.50
N ILE G 40 34.29 33.07 17.28
CA ILE G 40 34.28 34.43 17.83
C ILE G 40 34.25 35.39 16.65
N PRO G 41 33.67 36.58 16.80
CA PRO G 41 33.74 37.56 15.71
C PRO G 41 35.17 38.04 15.50
N ALA G 42 35.45 38.45 14.26
CA ALA G 42 36.80 38.94 13.93
C ALA G 42 37.11 40.24 14.65
N GLU G 43 36.09 40.97 15.10
CA GLU G 43 36.32 42.17 15.89
C GLU G 43 36.98 41.84 17.22
N GLN G 44 36.69 40.68 17.79
CA GLN G 44 37.28 40.25 19.05
C GLN G 44 38.64 39.59 18.89
N LEU G 45 39.14 39.47 17.65
CA LEU G 45 40.37 38.71 17.42
C LEU G 45 41.59 39.41 18.02
N GLU G 46 41.62 40.75 17.98
CA GLU G 46 42.74 41.48 18.55
C GLU G 46 42.81 41.29 20.07
N GLU G 47 41.66 41.27 20.73
CA GLU G 47 41.64 41.00 22.17
C GLU G 47 41.95 39.53 22.46
N ALA G 48 41.53 38.63 21.57
CA ALA G 48 41.81 37.21 21.77
C ALA G 48 43.30 36.90 21.61
N PHE G 49 43.98 37.64 20.74
CA PHE G 49 45.43 37.45 20.58
C PHE G 49 46.22 37.92 21.80
N GLU G 50 45.65 38.79 22.62
CA GLU G 50 46.34 39.35 23.77
C GLU G 50 45.98 38.64 25.08
N ASN G 51 44.69 38.39 25.31
CA ASN G 51 44.23 37.80 26.56
C ASN G 51 43.84 36.34 26.43
N GLY G 52 43.89 35.78 25.22
CA GLY G 52 43.40 34.43 25.01
C GLY G 52 41.90 34.41 24.90
N VAL G 53 41.36 33.20 24.71
CA VAL G 53 39.93 32.98 24.63
C VAL G 53 39.54 32.05 25.77
N MET G 54 38.71 32.54 26.68
CA MET G 54 38.25 31.76 27.81
C MET G 54 37.21 30.74 27.36
N PHE G 55 37.27 29.54 27.93
CA PHE G 55 36.28 28.52 27.66
C PHE G 55 36.19 27.56 28.84
N ASP G 56 35.09 26.83 28.91
CA ASP G 56 34.84 25.86 29.95
C ASP G 56 35.45 24.52 29.55
N GLY G 57 36.38 24.02 30.35
CA GLY G 57 37.06 22.77 30.08
C GLY G 57 36.43 21.53 30.66
N SER G 58 35.44 21.67 31.54
CA SER G 58 34.79 20.50 32.12
C SER G 58 33.92 19.75 31.14
N SER G 59 33.49 20.40 30.06
CA SER G 59 32.70 19.76 29.02
C SER G 59 33.56 19.16 27.92
N ILE G 60 34.88 19.21 28.06
CA ILE G 60 35.82 18.62 27.11
C ILE G 60 36.40 17.37 27.75
N GLN G 61 36.35 16.25 27.04
CA GLN G 61 36.84 14.99 27.56
C GLN G 61 38.37 15.03 27.74
N GLY G 62 38.83 14.52 28.88
CA GLY G 62 40.23 14.48 29.20
C GLY G 62 40.80 15.78 29.74
N PHE G 63 39.98 16.82 29.82
CA PHE G 63 40.39 18.13 30.29
C PHE G 63 40.11 18.25 31.78
N THR G 64 40.09 19.48 32.29
CA THR G 64 39.98 19.73 33.73
C THR G 64 38.62 19.29 34.28
N ARG G 65 38.55 19.26 35.60
CA ARG G 65 37.36 18.87 36.34
C ARG G 65 36.42 20.06 36.50
N ILE G 66 35.21 19.77 36.97
CA ILE G 66 34.17 20.80 37.03
C ILE G 66 34.44 21.80 38.16
N GLU G 67 35.27 21.43 39.14
CA GLU G 67 35.57 22.35 40.23
C GLU G 67 36.52 23.45 39.80
N GLU G 68 37.47 23.14 38.91
CA GLU G 68 38.41 24.12 38.36
C GLU G 68 38.40 23.94 36.85
N SER G 69 37.43 24.56 36.19
CA SER G 69 37.13 24.26 34.79
C SER G 69 37.39 25.41 33.83
N ASP G 70 37.82 26.56 34.32
CA ASP G 70 38.10 27.69 33.45
C ASP G 70 39.42 27.46 32.72
N MET G 71 39.40 27.60 31.40
CA MET G 71 40.59 27.41 30.58
C MET G 71 40.70 28.54 29.57
N LYS G 72 41.92 28.77 29.11
CA LYS G 72 42.21 29.82 28.13
C LYS G 72 42.90 29.20 26.93
N LEU G 73 42.46 29.60 25.73
CA LEU G 73 43.10 29.18 24.49
C LEU G 73 44.01 30.29 24.00
N ALA G 74 45.31 30.00 23.93
CA ALA G 74 46.29 30.94 23.38
C ALA G 74 46.43 30.67 21.89
N LEU G 75 45.98 31.61 21.07
CA LEU G 75 45.91 31.40 19.63
C LEU G 75 47.31 31.37 19.01
N ASP G 76 47.49 30.47 18.04
CA ASP G 76 48.74 30.38 17.30
C ASP G 76 48.56 31.06 15.95
N PRO G 77 49.21 32.21 15.71
CA PRO G 77 48.97 32.93 14.45
C PRO G 77 49.38 32.16 13.21
N SER G 78 50.40 31.29 13.30
CA SER G 78 50.84 30.53 12.14
C SER G 78 49.80 29.55 11.63
N THR G 79 48.86 29.15 12.48
CA THR G 79 47.82 28.21 12.09
C THR G 79 46.60 28.89 11.48
N PHE G 80 46.62 30.22 11.34
CA PHE G 80 45.48 30.93 10.77
C PHE G 80 45.21 30.49 9.35
N ARG G 81 43.96 30.17 9.05
CA ARG G 81 43.58 29.64 7.76
C ARG G 81 42.11 29.92 7.51
N ILE G 82 41.80 30.35 6.31
CA ILE G 82 40.42 30.65 5.92
C ILE G 82 39.79 29.40 5.32
N LEU G 83 38.60 29.06 5.78
CA LEU G 83 37.92 27.85 5.32
C LEU G 83 37.29 28.11 3.96
N PRO G 84 37.68 27.37 2.91
CA PRO G 84 37.16 27.67 1.57
C PRO G 84 35.72 27.23 1.34
N TRP G 85 35.22 26.25 2.09
CA TRP G 85 33.83 25.82 1.92
C TRP G 85 32.83 26.73 2.60
N ARG G 86 33.29 27.66 3.41
CA ARG G 86 32.47 28.69 4.01
C ARG G 86 32.36 29.89 3.06
N PRO G 87 31.34 30.74 3.23
CA PRO G 87 31.16 31.86 2.29
C PRO G 87 32.36 32.80 2.25
N ALA G 88 32.65 33.32 1.06
CA ALA G 88 33.76 34.25 0.88
C ALA G 88 33.43 35.64 1.40
N THR G 89 32.18 36.07 1.29
CA THR G 89 31.75 37.35 1.82
C THR G 89 31.37 37.15 3.29
N GLY G 90 32.01 37.91 4.18
CA GLY G 90 31.94 37.60 5.59
C GLY G 90 32.61 36.27 5.84
N ALA G 91 33.88 36.18 5.44
CA ALA G 91 34.59 34.91 5.41
C ALA G 91 34.80 34.34 6.81
N VAL G 92 34.93 33.02 6.86
CA VAL G 92 35.15 32.28 8.10
C VAL G 92 36.57 31.72 8.08
N ALA G 93 37.32 31.97 9.13
CA ALA G 93 38.67 31.48 9.26
C ALA G 93 38.83 30.71 10.56
N ARG G 94 39.82 29.83 10.59
CA ARG G 94 40.15 29.07 11.79
C ARG G 94 41.52 29.49 12.30
N ILE G 95 41.67 29.44 13.62
CA ILE G 95 42.98 29.55 14.27
C ILE G 95 43.08 28.45 15.30
N LEU G 96 44.14 27.64 15.20
CA LEU G 96 44.43 26.66 16.23
C LEU G 96 45.11 27.34 17.40
N GLY G 97 44.93 26.78 18.59
CA GLY G 97 45.48 27.37 19.79
C GLY G 97 46.04 26.33 20.74
N ASP G 98 46.74 26.82 21.75
CA ASP G 98 47.25 26.02 22.84
C ASP G 98 46.40 26.27 24.07
N VAL G 99 46.02 25.19 24.76
CA VAL G 99 45.18 25.32 25.95
C VAL G 99 46.05 25.70 27.13
N TYR G 100 45.65 26.75 27.84
CA TYR G 100 46.40 27.27 28.97
C TYR G 100 45.50 27.32 30.20
N LEU G 101 46.13 27.16 31.36
CA LEU G 101 45.44 27.40 32.62
C LEU G 101 45.34 28.90 32.87
N PRO G 102 44.38 29.33 33.69
CA PRO G 102 44.22 30.78 33.94
C PRO G 102 45.42 31.44 34.58
N ASP G 103 46.28 30.69 35.27
CA ASP G 103 47.47 31.26 35.89
C ASP G 103 48.62 31.47 34.90
N GLY G 104 48.37 31.29 33.60
CA GLY G 104 49.38 31.51 32.58
C GLY G 104 50.21 30.29 32.23
N ASN G 105 50.08 29.21 32.96
CA ASN G 105 50.85 28.02 32.61
C ASN G 105 50.12 27.21 31.56
N PRO G 106 50.85 26.53 30.68
CA PRO G 106 50.20 25.64 29.70
C PRO G 106 49.50 24.49 30.39
N PHE G 107 48.38 24.07 29.82
CA PHE G 107 47.67 22.90 30.32
C PHE G 107 48.42 21.64 29.89
N LYS G 108 48.86 20.86 30.89
CA LYS G 108 49.61 19.65 30.58
C LYS G 108 48.75 18.54 30.00
N GLY G 109 47.43 18.66 30.07
CA GLY G 109 46.53 17.75 29.41
C GLY G 109 46.26 18.06 27.95
N ASP G 110 46.90 19.09 27.42
CA ASP G 110 46.74 19.45 26.01
C ASP G 110 47.61 18.54 25.15
N PRO G 111 47.05 17.81 24.18
CA PRO G 111 47.88 16.97 23.31
C PRO G 111 48.90 17.76 22.51
N ARG G 112 48.57 18.98 22.09
CA ARG G 112 49.54 19.81 21.40
C ARG G 112 50.71 20.14 22.31
N TYR G 113 50.45 20.35 23.60
CA TYR G 113 51.52 20.54 24.56
C TYR G 113 52.39 19.30 24.70
N VAL G 114 51.78 18.11 24.64
CA VAL G 114 52.53 16.87 24.70
C VAL G 114 53.46 16.74 23.49
N LEU G 115 52.94 17.06 22.30
CA LEU G 115 53.77 17.01 21.11
C LEU G 115 54.88 18.06 21.17
N LYS G 116 54.59 19.24 21.69
CA LYS G 116 55.63 20.27 21.85
C LYS G 116 56.70 19.83 22.85
N THR G 117 56.30 19.13 23.91
CA THR G 117 57.26 18.59 24.86
C THR G 117 58.15 17.56 24.20
N ALA G 118 57.58 16.70 23.36
CA ALA G 118 58.38 15.74 22.60
C ALA G 118 59.33 16.45 21.64
N ILE G 119 58.88 17.55 21.03
CA ILE G 119 59.72 18.32 20.13
C ILE G 119 60.89 18.94 20.89
N LYS G 120 60.63 19.47 22.08
CA LYS G 120 61.70 20.02 22.92
C LYS G 120 62.68 18.92 23.33
N GLU G 121 62.16 17.74 23.64
CA GLU G 121 63.03 16.61 23.98
C GLU G 121 63.93 16.24 22.81
N ALA G 122 63.37 16.24 21.59
CA ALA G 122 64.18 15.95 20.41
C ALA G 122 65.21 17.05 20.16
N GLU G 123 64.84 18.32 20.39
CA GLU G 123 65.75 19.43 20.15
C GLU G 123 66.87 19.45 21.17
N LYS G 124 66.62 18.95 22.38
CA LYS G 124 67.70 18.83 23.37
C LYS G 124 68.80 17.89 22.92
N MET G 125 68.50 16.94 22.04
CA MET G 125 69.50 16.11 21.40
C MET G 125 69.87 16.59 20.01
N GLY G 126 69.39 17.78 19.62
CA GLY G 126 69.71 18.34 18.32
C GLY G 126 68.86 17.86 17.18
N PHE G 127 67.81 17.07 17.44
CA PHE G 127 67.02 16.46 16.39
C PHE G 127 65.74 17.25 16.14
N SER G 128 65.31 17.24 14.88
CA SER G 128 64.02 17.78 14.48
C SER G 128 63.32 16.74 13.61
N MET G 129 62.06 16.46 13.94
CA MET G 129 61.31 15.38 13.32
C MET G 129 60.40 15.92 12.24
N ASN G 130 60.42 15.27 11.07
CA ASN G 130 59.50 15.55 9.98
C ASN G 130 58.63 14.32 9.78
N VAL G 131 57.31 14.53 9.71
CA VAL G 131 56.36 13.43 9.60
C VAL G 131 55.56 13.59 8.32
N GLY G 132 55.50 12.54 7.51
CA GLY G 132 54.58 12.47 6.40
C GLY G 132 53.55 11.39 6.60
N PRO G 133 52.32 11.78 6.92
CA PRO G 133 51.26 10.79 7.13
C PRO G 133 50.45 10.52 5.87
N GLU G 134 50.06 9.25 5.71
CA GLU G 134 49.24 8.81 4.59
C GLU G 134 47.91 8.34 5.15
N LEU G 135 46.87 9.15 4.98
CA LEU G 135 45.56 8.87 5.56
C LEU G 135 44.65 8.24 4.52
N GLU G 136 43.93 7.20 4.93
CA GLU G 136 42.87 6.60 4.13
C GLU G 136 41.53 6.90 4.77
N PHE G 137 40.53 7.16 3.95
CA PHE G 137 39.18 7.40 4.43
C PHE G 137 38.18 6.74 3.50
N PHE G 138 36.96 6.60 3.99
CA PHE G 138 35.86 6.05 3.22
C PHE G 138 34.87 7.16 2.91
N LEU G 139 34.32 7.14 1.70
CA LEU G 139 33.22 8.01 1.31
C LEU G 139 31.94 7.19 1.29
N PHE G 140 31.03 7.50 2.19
CA PHE G 140 29.77 6.79 2.32
C PHE G 140 28.61 7.72 1.96
N LYS G 141 27.46 7.12 1.68
CA LYS G 141 26.27 7.88 1.38
C LYS G 141 25.71 8.52 2.65
N LEU G 142 25.01 9.62 2.46
CA LEU G 142 24.21 10.23 3.52
C LEU G 142 22.78 9.74 3.39
N ASP G 143 22.09 9.64 4.53
CA ASP G 143 20.69 9.25 4.51
C ASP G 143 19.82 10.47 4.19
N ALA G 144 18.51 10.34 4.37
CA ALA G 144 17.60 11.43 4.06
C ALA G 144 17.78 12.61 5.01
N ASN G 145 18.26 12.35 6.22
CA ASN G 145 18.48 13.38 7.22
C ASN G 145 19.90 13.93 7.19
N GLY G 146 20.73 13.51 6.24
CA GLY G 146 22.10 13.94 6.19
C GLY G 146 23.00 13.30 7.21
N ASN G 147 22.57 12.20 7.81
CA ASN G 147 23.31 11.46 8.82
C ASN G 147 24.23 10.42 8.17
N PRO G 148 25.35 10.09 8.81
CA PRO G 148 26.28 9.14 8.20
C PRO G 148 25.69 7.73 8.12
N THR G 149 26.03 7.04 7.03
CA THR G 149 25.75 5.63 6.84
C THR G 149 27.05 4.92 6.49
N THR G 150 26.96 3.62 6.19
CA THR G 150 28.07 2.88 5.61
C THR G 150 27.76 2.43 4.19
N GLU G 151 26.76 3.03 3.56
CA GLU G 151 26.38 2.67 2.19
C GLU G 151 27.49 3.06 1.23
N LEU G 152 27.87 2.13 0.37
CA LEU G 152 28.99 2.33 -0.53
C LEU G 152 28.65 3.36 -1.60
N THR G 153 29.64 4.20 -1.93
CA THR G 153 29.48 5.15 -3.02
C THR G 153 29.97 4.58 -4.34
N ASP G 154 30.89 3.62 -4.30
CA ASP G 154 31.32 2.92 -5.50
C ASP G 154 31.85 1.55 -5.09
N GLN G 155 32.13 0.72 -6.10
CA GLN G 155 32.66 -0.62 -5.91
C GLN G 155 34.07 -0.75 -6.47
N GLY G 156 34.77 0.38 -6.62
CA GLY G 156 36.09 0.37 -7.19
C GLY G 156 37.14 -0.19 -6.25
N GLY G 157 38.31 -0.46 -6.83
CA GLY G 157 39.44 -0.95 -6.07
C GLY G 157 40.64 -0.03 -6.17
N TYR G 158 41.83 -0.58 -5.93
CA TYR G 158 43.05 0.22 -5.92
C TYR G 158 43.34 0.78 -7.30
N PHE G 159 43.56 2.09 -7.36
CA PHE G 159 43.90 2.82 -8.58
C PHE G 159 42.83 2.67 -9.66
N ASP G 160 41.57 2.53 -9.26
CA ASP G 160 40.52 2.34 -10.25
C ASP G 160 40.10 3.67 -10.87
N PHE G 161 39.57 3.58 -12.08
CA PHE G 161 39.21 4.71 -12.93
C PHE G 161 37.74 4.55 -13.33
N ALA G 162 37.31 5.34 -14.32
CA ALA G 162 36.05 5.15 -15.05
C ALA G 162 34.91 5.48 -14.11
N PRO G 163 33.68 4.98 -14.30
CA PRO G 163 32.73 4.97 -13.18
C PRO G 163 32.93 3.86 -12.15
N LEU G 164 34.00 3.08 -12.23
CA LEU G 164 34.35 2.20 -11.11
C LEU G 164 34.70 3.02 -9.88
N ASP G 165 35.52 4.05 -10.06
CA ASP G 165 35.72 5.08 -9.07
C ASP G 165 34.71 6.20 -9.32
N ARG G 166 33.89 6.50 -8.32
CA ARG G 166 32.82 7.47 -8.47
C ARG G 166 33.02 8.71 -7.61
N ALA G 167 34.25 8.97 -7.18
CA ALA G 167 34.53 10.09 -6.28
C ALA G 167 35.64 10.99 -6.80
N GLN G 168 35.79 11.10 -8.12
CA GLN G 168 36.80 12.02 -8.66
C GLN G 168 36.45 13.47 -8.37
N ASP G 169 35.16 13.80 -8.35
CA ASP G 169 34.75 15.18 -8.05
C ASP G 169 34.93 15.50 -6.58
N VAL G 170 34.62 14.55 -5.69
CA VAL G 170 34.84 14.77 -4.27
C VAL G 170 36.32 14.93 -3.96
N ARG G 171 37.16 14.06 -4.56
CA ARG G 171 38.60 14.16 -4.35
C ARG G 171 39.14 15.46 -4.94
N ARG G 172 38.60 15.89 -6.09
CA ARG G 172 38.98 17.15 -6.70
C ARG G 172 38.69 18.33 -5.77
N ASP G 173 37.48 18.37 -5.21
CA ASP G 173 37.11 19.46 -4.32
C ASP G 173 37.88 19.41 -3.01
N ILE G 174 38.16 18.20 -2.51
CA ILE G 174 39.00 18.08 -1.31
C ILE G 174 40.40 18.61 -1.59
N ASP G 175 40.96 18.27 -2.75
CA ASP G 175 42.30 18.74 -3.11
C ASP G 175 42.33 20.26 -3.22
N TYR G 176 41.31 20.84 -3.84
CA TYR G 176 41.22 22.30 -3.95
C TYR G 176 41.12 22.95 -2.56
N ALA G 177 40.28 22.39 -1.70
CA ALA G 177 40.13 22.94 -0.35
C ALA G 177 41.42 22.82 0.45
N LEU G 178 42.11 21.68 0.34
CA LEU G 178 43.36 21.48 1.06
C LEU G 178 44.44 22.43 0.59
N GLU G 179 44.53 22.64 -0.73
CA GLU G 179 45.47 23.62 -1.26
C GLU G 179 45.11 25.03 -0.78
N HIS G 180 43.83 25.33 -0.64
CA HIS G 180 43.42 26.59 -0.03
C HIS G 180 43.85 26.69 1.43
N MET G 181 43.91 25.57 2.15
CA MET G 181 44.30 25.58 3.55
C MET G 181 45.80 25.32 3.74
N GLY G 182 46.60 25.54 2.71
CA GLY G 182 48.04 25.46 2.83
C GLY G 182 48.66 24.10 2.56
N PHE G 183 47.86 23.08 2.28
CA PHE G 183 48.41 21.76 1.98
C PHE G 183 49.05 21.75 0.61
N GLN G 184 50.10 20.94 0.48
CA GLN G 184 50.74 20.65 -0.80
C GLN G 184 50.38 19.22 -1.18
N ILE G 185 49.38 19.07 -2.04
CA ILE G 185 48.92 17.75 -2.45
C ILE G 185 49.98 17.07 -3.30
N GLU G 186 50.20 15.79 -3.02
CA GLU G 186 51.14 14.96 -3.80
C GLU G 186 50.44 13.96 -4.70
N ALA G 187 49.43 13.27 -4.21
CA ALA G 187 48.70 12.29 -5.00
C ALA G 187 47.33 12.08 -4.39
N SER G 188 46.41 11.57 -5.21
CA SER G 188 45.08 11.22 -4.76
C SER G 188 44.55 10.09 -5.63
N HIS G 189 43.95 9.09 -5.00
CA HIS G 189 43.51 7.91 -5.72
C HIS G 189 42.43 7.18 -4.94
N HIS G 190 41.77 6.27 -5.62
CA HIS G 190 40.91 5.28 -4.98
C HIS G 190 41.78 4.20 -4.34
N GLU G 191 41.40 3.81 -3.12
CA GLU G 191 42.19 2.83 -2.38
C GLU G 191 41.63 1.43 -2.61
N VAL G 192 42.18 0.44 -1.88
CA VAL G 192 41.89 -0.97 -2.13
C VAL G 192 40.42 -1.28 -1.88
N ALA G 193 39.92 -0.88 -0.71
CA ALA G 193 38.55 -1.19 -0.34
C ALA G 193 37.57 -0.38 -1.19
N PRO G 194 36.34 -0.89 -1.38
CA PRO G 194 35.32 -0.10 -2.08
C PRO G 194 35.02 1.19 -1.32
N SER G 195 34.82 2.27 -2.08
CA SER G 195 34.51 3.60 -1.56
C SER G 195 35.61 4.15 -0.67
N GLN G 196 36.84 3.66 -0.82
CA GLN G 196 37.96 4.07 0.01
C GLN G 196 38.94 4.86 -0.85
N HIS G 197 39.47 5.94 -0.29
CA HIS G 197 40.30 6.88 -1.03
C HIS G 197 41.46 7.35 -0.18
N GLU G 198 42.57 7.64 -0.86
CA GLU G 198 43.76 8.18 -0.22
C GLU G 198 44.13 9.48 -0.91
N ILE G 199 44.37 10.51 -0.11
CA ILE G 199 44.87 11.80 -0.60
C ILE G 199 46.14 12.11 0.17
N ASP G 200 47.25 12.22 -0.54
CA ASP G 200 48.56 12.42 0.06
C ASP G 200 48.97 13.88 -0.04
N PHE G 201 49.43 14.44 1.07
CA PHE G 201 49.96 15.79 1.10
C PHE G 201 51.42 15.74 1.53
N ARG G 202 52.13 16.82 1.24
CA ARG G 202 53.56 16.87 1.52
C ARG G 202 53.82 16.82 3.02
N PHE G 203 54.93 16.17 3.37
CA PHE G 203 55.40 16.11 4.75
C PHE G 203 55.78 17.50 5.25
N GLY G 204 56.00 17.58 6.55
CA GLY G 204 56.45 18.81 7.16
C GLY G 204 56.96 18.53 8.57
N ASP G 205 57.26 19.61 9.29
CA ASP G 205 57.62 19.46 10.69
C ASP G 205 56.43 18.91 11.48
N VAL G 206 56.75 18.17 12.55
CA VAL G 206 55.78 17.27 13.16
C VAL G 206 54.60 18.03 13.77
N LEU G 207 54.85 19.21 14.33
CA LEU G 207 53.76 20.00 14.89
C LEU G 207 52.80 20.45 13.80
N CYS G 208 53.33 21.04 12.73
CA CYS G 208 52.52 21.42 11.58
C CYS G 208 51.88 20.19 10.94
N THR G 209 52.55 19.04 11.01
CA THR G 209 51.99 17.83 10.42
C THR G 209 50.78 17.33 11.20
N ALA G 210 50.84 17.35 12.53
CA ALA G 210 49.68 16.94 13.34
C ALA G 210 48.53 17.94 13.18
N ASP G 211 48.85 19.24 13.14
CA ASP G 211 47.86 20.24 12.78
C ASP G 211 47.22 19.92 11.43
N ASN G 212 48.06 19.53 10.45
CA ASN G 212 47.56 19.16 9.14
C ASN G 212 46.71 17.91 9.18
N VAL G 213 47.00 16.97 10.08
CA VAL G 213 46.21 15.74 10.17
C VAL G 213 44.80 16.05 10.65
N VAL G 214 44.68 16.82 11.74
CA VAL G 214 43.34 17.14 12.23
C VAL G 214 42.61 18.05 11.24
N THR G 215 43.34 19.00 10.64
CA THR G 215 42.77 19.86 9.61
C THR G 215 42.29 19.05 8.42
N PHE G 216 43.11 18.12 7.95
CA PHE G 216 42.77 17.26 6.83
C PHE G 216 41.50 16.48 7.12
N LYS G 217 41.40 15.92 8.32
CA LYS G 217 40.22 15.13 8.65
C LYS G 217 38.96 15.99 8.60
N TYR G 218 38.99 17.17 9.22
CA TYR G 218 37.74 17.94 9.19
C TYR G 218 37.47 18.60 7.84
N VAL G 219 38.52 18.93 7.07
CA VAL G 219 38.32 19.46 5.72
C VAL G 219 37.69 18.40 4.82
N VAL G 220 38.20 17.17 4.87
CA VAL G 220 37.63 16.09 4.08
C VAL G 220 36.19 15.84 4.49
N LYS G 221 35.91 15.84 5.79
CA LYS G 221 34.53 15.63 6.25
C LYS G 221 33.61 16.74 5.77
N SER G 222 34.04 18.00 5.85
CA SER G 222 33.20 19.12 5.41
C SER G 222 32.95 19.06 3.90
N ILE G 223 34.00 18.85 3.11
CA ILE G 223 33.84 18.82 1.66
C ILE G 223 32.96 17.65 1.24
N ALA G 224 33.12 16.49 1.88
CA ALA G 224 32.25 15.36 1.60
C ALA G 224 30.82 15.68 1.97
N TYR G 225 30.60 16.36 3.10
CA TYR G 225 29.25 16.67 3.54
C TYR G 225 28.54 17.59 2.56
N HIS G 226 29.23 18.63 2.06
CA HIS G 226 28.56 19.56 1.15
C HIS G 226 28.30 18.96 -0.22
N LYS G 227 28.93 17.86 -0.58
CA LYS G 227 28.59 17.13 -1.79
C LYS G 227 27.58 16.01 -1.53
N GLY G 228 27.03 15.94 -0.33
CA GLY G 228 26.05 14.91 0.00
C GLY G 228 26.64 13.57 0.38
N TYR G 229 27.89 13.52 0.81
CA TYR G 229 28.55 12.29 1.19
C TYR G 229 29.00 12.37 2.64
N TYR G 230 29.42 11.24 3.18
CA TYR G 230 30.04 11.19 4.49
C TYR G 230 31.45 10.65 4.37
N ALA G 231 32.41 11.39 4.90
CA ALA G 231 33.80 10.95 4.96
C ALA G 231 34.04 10.26 6.29
N SER G 232 34.32 8.97 6.25
CA SER G 232 34.52 8.17 7.45
C SER G 232 36.02 7.89 7.61
N PHE G 233 36.55 8.21 8.79
CA PHE G 233 37.91 7.86 9.16
C PHE G 233 37.94 6.70 10.14
N MET G 234 36.90 5.86 10.13
CA MET G 234 36.87 4.66 10.95
C MET G 234 37.99 3.70 10.51
N PRO G 235 38.68 3.05 11.46
CA PRO G 235 39.71 2.09 11.07
C PRO G 235 39.18 0.92 10.25
N LYS G 236 37.96 0.46 10.53
CA LYS G 236 37.38 -0.70 9.84
C LYS G 236 35.86 -0.58 9.86
N PRO G 237 35.29 0.26 9.00
CA PRO G 237 33.83 0.39 8.99
C PRO G 237 33.11 -0.81 8.39
N LEU G 238 33.77 -1.57 7.52
CA LEU G 238 33.15 -2.69 6.83
C LEU G 238 33.98 -3.94 7.01
N PHE G 239 33.30 -5.07 7.17
CA PHE G 239 33.97 -6.36 7.28
C PHE G 239 34.29 -6.91 5.89
N GLY G 240 35.43 -7.60 5.79
CA GLY G 240 35.80 -8.29 4.59
C GLY G 240 36.52 -7.47 3.56
N VAL G 241 36.64 -6.16 3.76
CA VAL G 241 37.37 -5.28 2.87
C VAL G 241 38.48 -4.61 3.67
N ASN G 242 39.33 -3.88 2.95
CA ASN G 242 40.48 -3.25 3.58
C ASN G 242 40.05 -2.17 4.57
N GLY G 243 40.74 -2.12 5.71
CA GLY G 243 40.56 -1.04 6.65
C GLY G 243 41.37 0.19 6.27
N SER G 244 41.14 1.26 7.01
CA SER G 244 41.86 2.51 6.81
C SER G 244 42.92 2.67 7.87
N GLY G 245 44.17 2.84 7.43
CA GLY G 245 45.27 3.13 8.31
C GLY G 245 45.82 4.54 8.08
N MET G 246 46.78 4.91 8.92
CA MET G 246 47.50 6.17 8.78
C MET G 246 48.98 5.82 8.83
N HIS G 247 49.56 5.53 7.67
CA HIS G 247 50.99 5.23 7.60
C HIS G 247 51.79 6.48 7.91
N SER G 248 52.66 6.38 8.90
CA SER G 248 53.40 7.52 9.43
C SER G 248 54.85 7.43 9.00
N ASN G 249 55.19 8.16 7.94
CA ASN G 249 56.58 8.30 7.51
C ASN G 249 57.25 9.38 8.36
N GLN G 250 58.37 9.05 8.98
CA GLN G 250 59.06 9.99 9.85
C GLN G 250 60.54 10.05 9.49
N SER G 251 61.10 11.25 9.57
CA SER G 251 62.52 11.47 9.33
C SER G 251 63.07 12.40 10.40
N LEU G 252 64.33 12.18 10.76
CA LEU G 252 65.01 13.01 11.74
C LEU G 252 66.07 13.86 11.05
N PHE G 253 66.27 15.06 11.56
CA PHE G 253 67.21 16.02 10.97
C PHE G 253 68.07 16.65 12.05
N LYS G 254 69.35 16.80 11.75
CA LYS G 254 70.29 17.47 12.64
C LYS G 254 71.25 18.28 11.79
N ASP G 255 71.37 19.57 12.11
CA ASP G 255 72.23 20.51 11.38
C ASP G 255 71.89 20.58 9.89
N GLY G 256 70.60 20.45 9.56
CA GLY G 256 70.15 20.50 8.19
C GLY G 256 70.33 19.22 7.39
N LYS G 257 70.85 18.16 8.01
CA LYS G 257 71.10 16.90 7.33
C LYS G 257 70.14 15.84 7.83
N ASN G 258 69.66 14.99 6.92
CA ASN G 258 68.82 13.86 7.30
C ASN G 258 69.64 12.89 8.14
N VAL G 259 69.20 12.67 9.38
CA VAL G 259 69.92 11.83 10.32
C VAL G 259 69.91 10.37 9.86
N PHE G 260 68.81 9.92 9.28
CA PHE G 260 68.65 8.53 8.89
C PHE G 260 69.50 8.13 7.67
N TYR G 261 70.07 9.10 6.97
CA TYR G 261 70.86 8.84 5.78
C TYR G 261 72.34 8.68 6.11
N ASP G 262 72.98 7.72 5.46
CA ASP G 262 74.42 7.53 5.56
C ASP G 262 74.92 7.00 4.22
N PRO G 263 75.63 7.83 3.44
CA PRO G 263 76.13 7.36 2.14
C PRO G 263 77.18 6.27 2.24
N ASP G 264 77.84 6.12 3.39
CA ASP G 264 78.90 5.12 3.51
C ASP G 264 78.36 3.71 3.74
N THR G 265 77.20 3.59 4.38
CA THR G 265 76.66 2.28 4.69
C THR G 265 76.17 1.58 3.42
N PRO G 266 76.29 0.25 3.36
CA PRO G 266 75.80 -0.48 2.16
C PRO G 266 74.30 -0.32 1.94
N THR G 267 73.52 -0.25 3.01
CA THR G 267 72.08 -0.08 2.92
C THR G 267 71.67 1.39 2.89
N LYS G 268 72.64 2.31 2.88
CA LYS G 268 72.41 3.75 2.80
C LYS G 268 71.62 4.28 4.00
N LEU G 269 71.66 3.56 5.12
CA LEU G 269 70.94 3.94 6.33
C LEU G 269 71.94 4.08 7.47
N SER G 270 71.80 5.16 8.24
CA SER G 270 72.71 5.40 9.34
C SER G 270 72.42 4.46 10.50
N GLN G 271 73.37 4.39 11.43
CA GLN G 271 73.15 3.63 12.66
C GLN G 271 72.05 4.24 13.49
N ASP G 272 71.87 5.57 13.40
CA ASP G 272 70.78 6.23 14.12
C ASP G 272 69.42 5.83 13.58
N ALA G 273 69.33 5.55 12.27
CA ALA G 273 68.09 5.05 11.71
C ALA G 273 67.73 3.69 12.28
N MET G 274 68.73 2.80 12.38
CA MET G 274 68.50 1.49 13.00
C MET G 274 68.12 1.63 14.46
N TYR G 275 68.76 2.57 15.17
CA TYR G 275 68.42 2.81 16.57
C TYR G 275 66.99 3.33 16.71
N TYR G 276 66.58 4.22 15.82
CA TYR G 276 65.20 4.72 15.81
C TYR G 276 64.21 3.59 15.58
N ILE G 277 64.51 2.71 14.61
CA ILE G 277 63.65 1.56 14.35
C ILE G 277 63.60 0.64 15.57
N GLY G 278 64.74 0.43 16.21
CA GLY G 278 64.77 -0.43 17.38
C GLY G 278 63.94 0.12 18.53
N GLY G 279 64.03 1.43 18.77
CA GLY G 279 63.19 2.04 19.79
C GLY G 279 61.72 1.96 19.46
N LEU G 280 61.37 2.21 18.20
CA LEU G 280 59.97 2.09 17.78
C LEU G 280 59.45 0.67 17.97
N LEU G 281 60.24 -0.33 17.57
CA LEU G 281 59.80 -1.72 17.70
C LEU G 281 59.76 -2.16 19.15
N LYS G 282 60.63 -1.61 20.00
CA LYS G 282 60.61 -1.94 21.41
C LYS G 282 59.38 -1.36 22.10
N HIS G 283 59.00 -0.14 21.75
CA HIS G 283 57.96 0.56 22.50
C HIS G 283 56.58 0.53 21.85
N ILE G 284 56.44 -0.02 20.64
CA ILE G 284 55.19 0.13 19.89
C ILE G 284 54.03 -0.58 20.59
N ARG G 285 54.31 -1.69 21.30
CA ARG G 285 53.26 -2.37 22.03
C ARG G 285 52.71 -1.52 23.17
N GLU G 286 53.54 -0.63 23.72
CA GLU G 286 53.13 0.16 24.86
C GLU G 286 52.24 1.35 24.49
N PHE G 287 52.23 1.77 23.23
CA PHE G 287 51.35 2.85 22.82
C PHE G 287 50.56 2.51 21.55
N THR G 288 50.41 1.21 21.27
CA THR G 288 49.39 0.78 20.32
C THR G 288 48.00 1.28 20.72
N ALA G 289 47.72 1.39 22.03
CA ALA G 289 46.47 1.97 22.49
C ALA G 289 46.32 3.43 22.08
N VAL G 290 47.41 4.10 21.75
CA VAL G 290 47.34 5.48 21.25
C VAL G 290 47.29 5.51 19.73
N THR G 291 48.18 4.75 19.07
CA THR G 291 48.16 4.72 17.61
C THR G 291 46.89 4.04 17.08
N ASN G 292 46.31 3.13 17.84
CA ASN G 292 45.09 2.42 17.48
C ASN G 292 44.12 2.55 18.65
N PRO G 293 43.37 3.65 18.70
CA PRO G 293 42.71 4.05 19.95
C PRO G 293 41.36 3.41 20.24
N VAL G 294 40.66 2.92 19.22
CA VAL G 294 39.28 2.48 19.39
C VAL G 294 39.19 0.96 19.29
N VAL G 295 38.01 0.43 19.62
CA VAL G 295 37.76 -1.00 19.49
C VAL G 295 37.84 -1.43 18.04
N ASN G 296 37.32 -0.60 17.13
CA ASN G 296 37.30 -0.91 15.70
C ASN G 296 38.72 -0.97 15.12
N SER G 297 39.68 -0.33 15.78
CA SER G 297 41.07 -0.35 15.33
C SER G 297 41.60 -1.78 15.25
N TYR G 298 41.16 -2.64 16.15
CA TYR G 298 41.62 -4.01 16.22
C TYR G 298 40.74 -4.94 15.42
N LYS G 299 39.59 -4.45 14.93
CA LYS G 299 38.92 -5.10 13.81
C LYS G 299 39.64 -4.80 12.50
N ARG G 300 40.39 -3.70 12.46
CA ARG G 300 41.33 -3.54 11.36
C ARG G 300 42.61 -4.33 11.61
N LEU G 301 43.14 -4.27 12.83
CA LEU G 301 44.41 -4.91 13.16
C LEU G 301 44.21 -6.36 13.60
N VAL G 302 43.71 -7.17 12.67
CA VAL G 302 43.55 -8.61 12.87
C VAL G 302 44.67 -9.31 12.12
N PRO G 303 45.21 -10.42 12.62
CA PRO G 303 46.12 -11.23 11.80
C PRO G 303 45.44 -11.70 10.53
N GLY G 304 46.17 -11.62 9.43
CA GLY G 304 45.61 -11.93 8.13
C GLY G 304 46.57 -11.62 7.01
N TYR G 305 46.09 -10.92 5.97
CA TYR G 305 46.91 -10.56 4.82
C TYR G 305 46.87 -9.07 4.54
N GLU G 306 46.35 -8.27 5.47
CA GLU G 306 46.21 -6.84 5.24
C GLU G 306 46.86 -6.01 6.35
N ALA G 307 46.73 -6.45 7.59
CA ALA G 307 47.05 -5.59 8.72
C ALA G 307 48.49 -5.79 9.17
N PRO G 308 49.23 -4.70 9.43
CA PRO G 308 50.59 -4.80 9.99
C PRO G 308 50.58 -5.06 11.49
N VAL G 309 50.22 -6.29 11.86
CA VAL G 309 50.12 -6.66 13.27
C VAL G 309 51.37 -7.33 13.81
N TYR G 310 52.38 -7.54 12.96
CA TYR G 310 53.58 -8.27 13.34
C TYR G 310 54.73 -7.30 13.51
N ILE G 311 55.32 -7.30 14.70
CA ILE G 311 56.35 -6.34 15.06
C ILE G 311 57.64 -6.73 14.33
N SER G 312 58.00 -5.94 13.33
CA SER G 312 59.13 -6.24 12.46
C SER G 312 59.45 -5.00 11.66
N TRP G 313 60.58 -5.05 10.96
CA TRP G 313 60.98 -3.96 10.08
C TRP G 313 61.61 -4.55 8.82
N SER G 314 61.56 -3.76 7.75
CA SER G 314 62.09 -4.17 6.46
C SER G 314 62.26 -2.94 5.60
N ALA G 315 62.82 -3.13 4.40
CA ALA G 315 62.97 -2.04 3.45
C ALA G 315 61.80 -1.95 2.49
N GLN G 316 61.49 -3.03 1.78
CA GLN G 316 60.45 -3.00 0.77
C GLN G 316 59.23 -3.84 1.13
N ASN G 317 59.30 -4.63 2.19
CA ASN G 317 58.20 -5.50 2.58
C ASN G 317 57.06 -4.68 3.19
N ARG G 318 55.86 -4.83 2.62
CA ARG G 318 54.68 -4.17 3.14
C ARG G 318 53.89 -5.03 4.11
N SER G 319 54.38 -6.22 4.44
CA SER G 319 53.82 -7.00 5.54
C SER G 319 54.52 -6.73 6.85
N SER G 320 55.54 -5.88 6.87
CA SER G 320 56.26 -5.52 8.07
C SER G 320 55.59 -4.35 8.78
N LEU G 321 55.83 -4.25 10.08
CA LEU G 321 55.33 -3.12 10.86
C LEU G 321 56.00 -1.82 10.42
N ILE G 322 57.31 -1.86 10.17
CA ILE G 322 58.08 -0.69 9.78
C ILE G 322 58.64 -0.92 8.38
N ARG G 323 58.39 0.03 7.48
CA ARG G 323 58.94 0.00 6.13
C ARG G 323 59.90 1.16 5.94
N ILE G 324 60.94 0.93 5.18
CA ILE G 324 61.93 1.95 4.84
C ILE G 324 61.89 2.18 3.33
N PRO G 325 61.19 3.20 2.86
CA PRO G 325 61.15 3.48 1.42
C PRO G 325 62.55 3.76 0.88
N ALA G 326 62.76 3.38 -0.39
CA ALA G 326 64.09 3.41 -0.98
C ALA G 326 64.62 4.82 -1.22
N THR G 327 63.79 5.85 -1.05
CA THR G 327 64.25 7.22 -1.18
C THR G 327 65.35 7.49 -0.15
N ARG G 328 66.44 8.09 -0.62
CA ARG G 328 67.62 8.33 0.21
C ARG G 328 67.92 9.83 0.23
N GLY G 329 69.06 10.18 0.83
CA GLY G 329 69.41 11.59 0.94
C GLY G 329 68.56 12.27 1.98
N ASN G 330 68.05 13.45 1.63
CA ASN G 330 67.19 14.19 2.56
C ASN G 330 65.81 13.58 2.70
N GLY G 331 65.41 12.71 1.77
CA GLY G 331 64.12 12.06 1.81
C GLY G 331 64.10 10.72 2.51
N THR G 332 65.17 10.35 3.19
CA THR G 332 65.19 9.08 3.92
C THR G 332 64.21 9.13 5.08
N ARG G 333 63.29 8.17 5.12
CA ARG G 333 62.22 8.19 6.10
C ARG G 333 61.90 6.78 6.56
N ILE G 334 61.27 6.69 7.72
CA ILE G 334 60.84 5.44 8.33
C ILE G 334 59.33 5.45 8.43
N GLU G 335 58.68 4.43 7.87
CA GLU G 335 57.22 4.37 7.79
C GLU G 335 56.69 3.38 8.83
N LEU G 336 55.92 3.89 9.79
CA LEU G 336 55.18 3.05 10.71
C LEU G 336 53.76 2.85 10.16
N ARG G 337 53.37 1.58 10.02
CA ARG G 337 52.15 1.24 9.30
C ARG G 337 50.98 0.84 10.20
N CYS G 338 51.23 0.62 11.49
CA CYS G 338 50.13 0.29 12.40
C CYS G 338 49.06 1.37 12.58
N PRO G 339 49.36 2.68 12.71
CA PRO G 339 48.30 3.60 13.15
C PRO G 339 47.20 3.77 12.11
N ASP G 340 46.02 4.13 12.61
CA ASP G 340 44.83 4.38 11.83
C ASP G 340 44.43 5.84 11.98
N PRO G 341 43.62 6.39 11.07
CA PRO G 341 43.25 7.81 11.17
C PRO G 341 42.39 8.17 12.37
N ALA G 342 41.96 7.21 13.18
CA ALA G 342 41.22 7.50 14.40
C ALA G 342 42.11 7.99 15.54
N CYS G 343 43.42 7.87 15.41
CA CYS G 343 44.32 8.21 16.50
C CYS G 343 44.48 9.72 16.63
N ASN G 344 44.91 10.15 17.81
CA ASN G 344 45.27 11.54 18.06
C ASN G 344 46.66 11.76 17.48
N PRO G 345 46.80 12.57 16.42
CA PRO G 345 48.11 12.74 15.78
C PRO G 345 49.15 13.35 16.69
N TYR G 346 48.77 14.26 17.59
CA TYR G 346 49.73 14.85 18.51
C TYR G 346 50.34 13.80 19.42
N LEU G 347 49.49 13.01 20.10
CA LEU G 347 49.98 11.98 21.00
C LEU G 347 50.72 10.88 20.24
N ALA G 348 50.20 10.47 19.09
CA ALA G 348 50.82 9.38 18.34
C ALA G 348 52.19 9.79 17.80
N PHE G 349 52.28 10.97 17.19
CA PHE G 349 53.57 11.43 16.67
C PHE G 349 54.54 11.70 17.80
N ALA G 350 54.06 12.24 18.93
CA ALA G 350 54.93 12.45 20.08
C ALA G 350 55.48 11.12 20.60
N LEU G 351 54.65 10.09 20.66
CA LEU G 351 55.10 8.80 21.18
C LEU G 351 56.05 8.11 20.21
N MET G 352 55.80 8.22 18.90
CA MET G 352 56.77 7.69 17.93
C MET G 352 58.11 8.41 18.04
N LEU G 353 58.07 9.74 18.19
CA LEU G 353 59.30 10.51 18.34
C LEU G 353 60.05 10.08 19.60
N ARG G 354 59.35 9.94 20.73
CA ARG G 354 60.00 9.55 21.97
C ARG G 354 60.55 8.13 21.90
N ALA G 355 59.82 7.21 21.24
CA ALA G 355 60.32 5.85 21.09
C ALA G 355 61.59 5.83 20.24
N GLY G 356 61.62 6.57 19.14
CA GLY G 356 62.82 6.66 18.34
C GLY G 356 63.98 7.32 19.06
N LEU G 357 63.69 8.36 19.85
CA LEU G 357 64.74 9.02 20.62
C LEU G 357 65.29 8.09 21.70
N GLU G 358 64.42 7.29 22.33
CA GLU G 358 64.89 6.30 23.29
C GLU G 358 65.75 5.24 22.61
N GLY G 359 65.37 4.85 21.40
CA GLY G 359 66.20 3.91 20.65
C GLY G 359 67.57 4.48 20.32
N ILE G 360 67.62 5.76 19.95
CA ILE G 360 68.90 6.38 19.63
C ILE G 360 69.75 6.57 20.88
N LYS G 361 69.14 6.99 21.99
CA LYS G 361 69.87 7.23 23.22
C LYS G 361 70.37 5.92 23.83
N ASN G 362 69.54 4.88 23.83
CA ASN G 362 69.89 3.60 24.43
C ASN G 362 70.56 2.64 23.45
N LYS G 363 70.77 3.06 22.20
CA LYS G 363 71.46 2.28 21.18
C LYS G 363 70.78 0.92 20.96
N ILE G 364 69.47 0.96 20.75
CA ILE G 364 68.67 -0.25 20.68
C ILE G 364 68.77 -0.84 19.27
N ASP G 365 69.27 -2.06 19.18
CA ASP G 365 69.38 -2.75 17.90
C ASP G 365 68.02 -3.24 17.46
N PRO G 366 67.61 -2.98 16.21
CA PRO G 366 66.28 -3.42 15.74
C PRO G 366 66.22 -4.88 15.33
N GLY G 367 67.35 -5.58 15.31
CA GLY G 367 67.38 -6.95 14.85
C GLY G 367 67.44 -7.04 13.33
N GLU G 368 67.42 -8.28 12.85
CA GLU G 368 67.47 -8.53 11.42
C GLU G 368 66.15 -8.14 10.76
N PRO G 369 66.20 -7.55 9.56
CA PRO G 369 64.97 -7.24 8.85
C PRO G 369 64.28 -8.50 8.35
N THR G 370 62.95 -8.43 8.26
CA THR G 370 62.14 -9.54 7.79
C THR G 370 61.72 -9.23 6.35
N ASN G 371 62.39 -9.88 5.40
CA ASN G 371 62.17 -9.60 3.99
C ASN G 371 61.18 -10.56 3.33
N VAL G 372 60.61 -11.48 4.08
CA VAL G 372 59.66 -12.44 3.55
C VAL G 372 58.26 -11.95 3.84
N ASN G 373 57.27 -12.54 3.17
CA ASN G 373 55.86 -12.23 3.43
C ASN G 373 55.50 -12.85 4.77
N ILE G 374 55.45 -12.00 5.81
CA ILE G 374 55.08 -12.45 7.14
C ILE G 374 53.63 -12.94 7.19
N PHE G 375 52.78 -12.43 6.30
CA PHE G 375 51.39 -12.89 6.26
C PHE G 375 51.29 -14.34 5.83
N HIS G 376 52.16 -14.79 4.91
CA HIS G 376 52.17 -16.18 4.50
C HIS G 376 52.85 -17.10 5.51
N LEU G 377 53.58 -16.54 6.47
CA LEU G 377 54.22 -17.35 7.49
C LEU G 377 53.18 -17.94 8.45
N SER G 378 53.53 -19.06 9.06
CA SER G 378 52.73 -19.65 10.11
C SER G 378 53.12 -19.08 11.47
N ASP G 379 52.34 -19.41 12.48
CA ASP G 379 52.68 -18.99 13.85
C ASP G 379 53.97 -19.65 14.33
N LYS G 380 54.23 -20.88 13.88
CA LYS G 380 55.47 -21.57 14.24
C LYS G 380 56.68 -20.86 13.63
N GLU G 381 56.59 -20.49 12.35
CA GLU G 381 57.71 -19.79 11.71
C GLU G 381 57.92 -18.41 12.32
N ARG G 382 56.84 -17.70 12.64
CA ARG G 382 56.97 -16.39 13.26
C ARG G 382 57.53 -16.48 14.68
N GLU G 383 57.19 -17.55 15.41
CA GLU G 383 57.78 -17.77 16.72
C GLU G 383 59.26 -18.12 16.61
N GLU G 384 59.63 -18.88 15.58
CA GLU G 384 61.05 -19.19 15.36
C GLU G 384 61.84 -17.95 14.99
N ARG G 385 61.25 -17.06 14.21
CA ARG G 385 61.91 -15.80 13.88
C ARG G 385 61.82 -14.77 15.00
N GLY G 386 61.09 -15.06 16.07
CA GLY G 386 60.93 -14.09 17.14
C GLY G 386 60.05 -12.93 16.79
N ILE G 387 59.17 -13.08 15.81
CA ILE G 387 58.31 -11.99 15.34
C ILE G 387 57.14 -11.88 16.30
N ARG G 388 57.11 -10.81 17.09
CA ARG G 388 56.04 -10.60 18.04
C ARG G 388 54.86 -9.89 17.39
N SER G 389 53.75 -9.85 18.11
CA SER G 389 52.51 -9.28 17.61
C SER G 389 52.09 -8.07 18.42
N LEU G 390 51.36 -7.18 17.76
CA LEU G 390 50.71 -6.07 18.43
C LEU G 390 49.57 -6.60 19.31
N PRO G 391 49.11 -5.81 20.28
CA PRO G 391 47.95 -6.23 21.08
C PRO G 391 46.74 -6.54 20.20
N ALA G 392 46.07 -7.64 20.52
CA ALA G 392 45.00 -8.16 19.68
C ALA G 392 43.71 -7.34 19.76
N ASP G 393 43.48 -6.64 20.87
CA ASP G 393 42.28 -5.85 21.03
C ASP G 393 42.61 -4.61 21.85
N LEU G 394 41.59 -3.79 22.10
CA LEU G 394 41.80 -2.55 22.84
C LEU G 394 42.15 -2.81 24.30
N LYS G 395 41.56 -3.86 24.91
CA LYS G 395 41.86 -4.15 26.31
C LYS G 395 43.32 -4.54 26.51
N GLU G 396 43.87 -5.34 25.60
CA GLU G 396 45.28 -5.73 25.71
C GLU G 396 46.21 -4.53 25.54
N ALA G 397 45.86 -3.62 24.62
CA ALA G 397 46.67 -2.42 24.44
C ALA G 397 46.56 -1.49 25.63
N ILE G 398 45.38 -1.40 26.24
CA ILE G 398 45.21 -0.63 27.48
C ILE G 398 46.08 -1.20 28.58
N ASP G 399 46.10 -2.53 28.71
CA ASP G 399 46.92 -3.17 29.73
C ASP G 399 48.41 -2.95 29.46
N GLU G 400 48.81 -3.00 28.19
CA GLU G 400 50.21 -2.72 27.84
C GLU G 400 50.58 -1.28 28.15
N MET G 401 49.68 -0.34 27.87
CA MET G 401 49.95 1.07 28.15
C MET G 401 49.96 1.37 29.63
N LYS G 402 49.17 0.62 30.42
CA LYS G 402 49.10 0.84 31.86
C LYS G 402 50.44 0.66 32.54
N GLY G 403 51.16 -0.40 32.20
CA GLY G 403 52.43 -0.71 32.81
C GLY G 403 53.63 -0.08 32.14
N SER G 404 53.41 0.88 31.23
CA SER G 404 54.49 1.49 30.49
C SER G 404 54.90 2.79 31.16
N LYS G 405 56.10 2.79 31.76
CA LYS G 405 56.66 4.03 32.29
C LYS G 405 57.08 4.97 31.17
N PHE G 406 57.45 4.41 30.01
CA PHE G 406 57.83 5.23 28.86
C PHE G 406 56.66 6.07 28.38
N VAL G 407 55.48 5.45 28.23
CA VAL G 407 54.31 6.18 27.74
C VAL G 407 53.84 7.18 28.78
N LYS G 408 53.89 6.80 30.06
CA LYS G 408 53.49 7.72 31.13
C LYS G 408 54.41 8.94 31.18
N GLU G 409 55.72 8.72 30.98
CA GLU G 409 56.66 9.83 30.97
C GLU G 409 56.47 10.70 29.73
N ALA G 410 56.23 10.09 28.57
CA ALA G 410 56.13 10.86 27.34
C ALA G 410 54.82 11.63 27.24
N LEU G 411 53.74 11.13 27.84
CA LEU G 411 52.45 11.77 27.74
C LEU G 411 52.15 12.70 28.91
N GLY G 412 52.83 12.53 30.04
CA GLY G 412 52.44 13.26 31.24
C GLY G 412 51.33 12.56 31.98
N GLU G 413 51.24 12.83 33.28
CA GLU G 413 50.32 12.09 34.14
C GLU G 413 48.86 12.38 33.77
N HIS G 414 48.54 13.63 33.46
CA HIS G 414 47.16 13.99 33.14
C HIS G 414 46.67 13.28 31.88
N VAL G 415 47.43 13.39 30.78
CA VAL G 415 47.04 12.75 29.53
C VAL G 415 46.99 11.24 29.68
N PHE G 416 48.01 10.67 30.33
CA PHE G 416 48.08 9.23 30.55
C PHE G 416 46.84 8.73 31.29
N SER G 417 46.54 9.34 32.44
CA SER G 417 45.44 8.87 33.27
C SER G 417 44.09 9.09 32.59
N HIS G 418 43.87 10.26 31.99
CA HIS G 418 42.56 10.53 31.39
C HIS G 418 42.34 9.70 30.12
N TYR G 419 43.39 9.52 29.31
CA TYR G 419 43.27 8.69 28.13
C TYR G 419 43.01 7.24 28.50
N LEU G 420 43.72 6.73 29.52
CA LEU G 420 43.49 5.37 29.96
C LEU G 420 42.09 5.19 30.53
N CYS G 421 41.60 6.19 31.27
CA CYS G 421 40.24 6.11 31.82
C CYS G 421 39.19 6.10 30.72
N ALA G 422 39.36 6.96 29.70
CA ALA G 422 38.40 6.99 28.59
C ALA G 422 38.41 5.67 27.82
N LYS G 423 39.60 5.13 27.56
CA LYS G 423 39.69 3.85 26.86
C LYS G 423 39.11 2.71 27.69
N GLU G 424 39.31 2.76 29.02
CA GLU G 424 38.76 1.74 29.89
C GLU G 424 37.23 1.78 29.91
N MET G 425 36.64 2.98 29.97
CA MET G 425 35.19 3.09 29.90
C MET G 425 34.67 2.59 28.56
N GLU G 426 35.38 2.93 27.47
CA GLU G 426 34.98 2.47 26.15
C GLU G 426 34.98 0.95 26.06
N TRP G 427 36.05 0.31 26.55
CA TRP G 427 36.11 -1.15 26.49
C TRP G 427 35.11 -1.79 27.43
N ASP G 428 34.86 -1.18 28.60
CA ASP G 428 33.90 -1.74 29.54
C ASP G 428 32.48 -1.70 28.97
N GLU G 429 32.15 -0.63 28.24
CA GLU G 429 30.87 -0.59 27.56
C GLU G 429 30.83 -1.62 26.43
N TYR G 430 31.91 -1.73 25.66
CA TYR G 430 31.92 -2.64 24.51
C TYR G 430 31.81 -4.11 24.93
N LYS G 431 32.52 -4.49 25.99
CA LYS G 431 32.66 -5.90 26.34
C LYS G 431 31.36 -6.53 26.83
N ALA G 432 30.38 -5.74 27.25
CA ALA G 432 29.12 -6.28 27.73
C ALA G 432 28.06 -6.42 26.64
N VAL G 433 28.32 -5.89 25.44
CA VAL G 433 27.29 -5.85 24.40
C VAL G 433 27.10 -7.23 23.81
N VAL G 434 25.85 -7.67 23.75
CA VAL G 434 25.47 -8.89 23.02
C VAL G 434 25.32 -8.51 21.55
N HIS G 435 26.19 -9.00 20.74
CA HIS G 435 26.25 -8.63 19.34
C HIS G 435 25.32 -9.52 18.50
N PRO G 436 24.83 -8.98 17.38
CA PRO G 436 24.00 -9.80 16.48
C PRO G 436 24.71 -11.03 15.94
N TRP G 437 26.05 -10.98 15.84
CA TRP G 437 26.81 -12.16 15.43
C TRP G 437 26.61 -13.30 16.41
N GLU G 438 26.59 -13.00 17.71
CA GLU G 438 26.37 -14.03 18.71
C GLU G 438 24.97 -14.64 18.59
N LEU G 439 23.97 -13.81 18.28
CA LEU G 439 22.63 -14.33 18.06
C LEU G 439 22.58 -15.21 16.81
N SER G 440 23.27 -14.81 15.75
CA SER G 440 23.29 -15.61 14.53
C SER G 440 24.03 -16.93 14.73
N ARG G 441 25.02 -16.95 15.62
CA ARG G 441 25.85 -18.13 15.82
C ARG G 441 25.29 -19.09 16.86
N TYR G 442 24.71 -18.59 17.94
CA TYR G 442 24.42 -19.39 19.11
C TYR G 442 22.94 -19.62 19.40
N LEU G 443 22.05 -18.73 18.94
CA LEU G 443 20.65 -18.77 19.39
C LEU G 443 19.97 -20.06 18.98
N SER G 444 20.11 -20.46 17.72
CA SER G 444 19.46 -21.66 17.21
C SER G 444 20.29 -22.93 17.42
N MET G 445 21.47 -22.82 18.02
CA MET G 445 22.24 -23.97 18.49
C MET G 445 22.09 -24.25 19.98
N LEU G 446 22.15 -23.24 20.83
CA LEU G 446 22.14 -23.46 22.28
C LEU G 446 20.74 -23.47 22.86
N VAL H 1 24.61 47.47 13.55
CA VAL H 1 25.14 47.37 12.20
C VAL H 1 24.29 48.19 11.23
N GLN H 2 24.95 49.13 10.55
CA GLN H 2 24.41 49.99 9.49
C GLN H 2 23.34 50.97 9.98
N MET H 3 22.96 50.91 11.26
CA MET H 3 21.93 51.79 11.79
C MET H 3 22.34 52.19 13.20
N LYS H 4 22.72 53.45 13.38
CA LYS H 4 23.13 53.93 14.69
C LYS H 4 21.94 53.96 15.64
N LYS H 5 22.19 53.57 16.89
CA LYS H 5 21.11 53.44 17.86
C LYS H 5 20.47 54.80 18.14
N CYS H 6 19.17 54.88 17.91
CA CYS H 6 18.42 56.10 18.19
C CYS H 6 18.26 56.30 19.68
N THR H 7 18.25 57.57 20.10
CA THR H 7 18.01 57.92 21.49
C THR H 7 16.73 58.73 21.69
N THR H 8 16.35 59.54 20.71
CA THR H 8 15.15 60.37 20.79
C THR H 8 14.17 59.94 19.71
N LYS H 9 12.92 60.41 19.85
CA LYS H 9 11.90 60.10 18.87
C LYS H 9 12.19 60.76 17.52
N GLU H 10 12.93 61.88 17.53
CA GLU H 10 13.33 62.51 16.27
C GLU H 10 14.28 61.63 15.49
N ASP H 11 15.24 61.00 16.18
CA ASP H 11 16.14 60.06 15.52
C ASP H 11 15.37 58.87 14.97
N VAL H 12 14.36 58.40 15.70
CA VAL H 12 13.52 57.30 15.23
C VAL H 12 12.77 57.69 13.97
N LEU H 13 12.20 58.89 13.95
CA LEU H 13 11.46 59.34 12.77
C LEU H 13 12.38 59.52 11.57
N GLU H 14 13.59 60.04 11.79
CA GLU H 14 14.55 60.17 10.70
C GLU H 14 14.99 58.80 10.18
N ALA H 15 15.20 57.84 11.07
CA ALA H 15 15.57 56.49 10.66
C ALA H 15 14.44 55.81 9.89
N VAL H 16 13.20 56.04 10.32
CA VAL H 16 12.04 55.50 9.60
C VAL H 16 11.96 56.10 8.20
N LYS H 17 12.18 57.42 8.09
CA LYS H 17 12.13 58.06 6.79
C LYS H 17 13.24 57.56 5.86
N GLU H 18 14.48 57.53 6.36
CA GLU H 18 15.62 57.26 5.48
C GLU H 18 15.82 55.78 5.19
N ARG H 19 15.26 54.88 5.98
CA ARG H 19 15.43 53.45 5.76
C ARG H 19 14.18 52.78 5.22
N ASP H 20 13.22 53.57 4.72
CA ASP H 20 12.01 53.06 4.06
C ASP H 20 11.22 52.13 4.99
N VAL H 21 11.08 52.55 6.24
CA VAL H 21 10.32 51.78 7.22
C VAL H 21 8.84 52.09 7.05
N LYS H 22 8.04 51.05 6.85
CA LYS H 22 6.61 51.21 6.71
C LYS H 22 5.81 50.68 7.88
N PHE H 23 6.25 49.59 8.50
CA PHE H 23 5.52 48.95 9.58
C PHE H 23 6.33 49.05 10.87
N ILE H 24 5.67 49.45 11.94
CA ILE H 24 6.27 49.54 13.26
C ILE H 24 5.60 48.50 14.15
N ARG H 25 6.38 47.56 14.67
CA ARG H 25 5.88 46.56 15.60
C ARG H 25 6.03 47.12 17.02
N THR H 26 4.94 47.68 17.54
CA THR H 26 4.92 48.12 18.93
C THR H 26 4.88 46.90 19.83
N GLN H 27 5.86 46.77 20.71
CA GLN H 27 6.06 45.54 21.46
C GLN H 27 6.18 45.81 22.95
N PHE H 28 5.73 44.83 23.74
CA PHE H 28 5.96 44.82 25.17
C PHE H 28 6.04 43.36 25.61
N THR H 29 6.38 43.18 26.88
CA THR H 29 6.50 41.85 27.47
C THR H 29 5.40 41.66 28.49
N ASP H 30 4.72 40.51 28.43
CA ASP H 30 3.66 40.20 29.38
C ASP H 30 4.26 39.70 30.69
N THR H 31 3.39 39.31 31.62
CA THR H 31 3.83 38.93 32.96
C THR H 31 4.71 37.69 32.93
N LEU H 32 4.40 36.75 32.06
CA LEU H 32 5.13 35.49 32.00
C LEU H 32 6.34 35.55 31.07
N GLY H 33 6.64 36.70 30.48
CA GLY H 33 7.82 36.86 29.68
C GLY H 33 7.65 36.65 28.19
N ILE H 34 6.42 36.58 27.70
CA ILE H 34 6.16 36.39 26.28
C ILE H 34 6.05 37.75 25.61
N ILE H 35 6.76 37.92 24.49
CA ILE H 35 6.71 39.18 23.76
C ILE H 35 5.33 39.34 23.13
N LYS H 36 4.76 40.52 23.30
CA LYS H 36 3.46 40.87 22.74
C LYS H 36 3.64 41.98 21.73
N SER H 37 3.19 41.76 20.50
CA SER H 37 3.48 42.66 19.40
C SER H 37 2.24 42.91 18.56
N TRP H 38 2.13 44.15 18.06
CA TRP H 38 1.18 44.44 17.00
C TRP H 38 1.74 45.55 16.13
N ALA H 39 1.32 45.55 14.87
CA ALA H 39 1.91 46.40 13.85
C ALA H 39 1.06 47.64 13.60
N ILE H 40 1.69 48.80 13.64
CA ILE H 40 1.05 50.05 13.21
C ILE H 40 1.84 50.55 12.01
N PRO H 41 1.20 51.28 11.08
CA PRO H 41 1.96 51.89 9.99
C PRO H 41 2.90 52.97 10.51
N ALA H 42 3.98 53.20 9.76
CA ALA H 42 4.96 54.20 10.15
C ALA H 42 4.39 55.61 10.09
N GLU H 43 3.31 55.82 9.33
CA GLU H 43 2.65 57.11 9.29
C GLU H 43 2.01 57.45 10.64
N GLN H 44 1.58 56.44 11.38
CA GLN H 44 0.99 56.65 12.70
C GLN H 44 2.02 56.75 13.81
N LEU H 45 3.31 56.62 13.48
CA LEU H 45 4.34 56.57 14.52
C LEU H 45 4.50 57.91 15.22
N GLU H 46 4.37 59.02 14.48
CA GLU H 46 4.47 60.33 15.10
C GLU H 46 3.36 60.55 16.12
N GLU H 47 2.14 60.14 15.80
CA GLU H 47 1.04 60.25 16.75
C GLU H 47 1.22 59.26 17.91
N ALA H 48 1.79 58.09 17.63
CA ALA H 48 2.00 57.09 18.67
C ALA H 48 3.08 57.53 19.66
N PHE H 49 4.02 58.35 19.22
CA PHE H 49 5.04 58.85 20.13
C PHE H 49 4.50 59.87 21.12
N GLU H 50 3.44 60.59 20.79
CA GLU H 50 2.87 61.60 21.68
C GLU H 50 1.70 61.08 22.50
N ASN H 51 0.81 60.31 21.88
CA ASN H 51 -0.40 59.83 22.55
C ASN H 51 -0.31 58.38 23.00
N GLY H 52 0.77 57.68 22.67
CA GLY H 52 0.87 56.27 22.97
C GLY H 52 0.07 55.44 21.98
N VAL H 53 0.12 54.13 22.17
CA VAL H 53 -0.62 53.18 21.36
C VAL H 53 -1.60 52.47 22.29
N MET H 54 -2.89 52.61 22.01
CA MET H 54 -3.92 52.04 22.87
C MET H 54 -4.18 50.58 22.50
N PHE H 55 -4.39 49.75 23.52
CA PHE H 55 -4.65 48.34 23.27
C PHE H 55 -5.49 47.77 24.41
N ASP H 56 -6.06 46.60 24.17
CA ASP H 56 -6.89 45.91 25.15
C ASP H 56 -6.01 44.98 25.97
N GLY H 57 -5.95 45.23 27.28
CA GLY H 57 -5.14 44.45 28.19
C GLY H 57 -5.79 43.22 28.79
N SER H 58 -7.10 43.05 28.62
CA SER H 58 -7.77 41.88 29.17
C SER H 58 -7.41 40.59 28.44
N SER H 59 -6.93 40.69 27.20
CA SER H 59 -6.48 39.53 26.45
C SER H 59 -5.01 39.21 26.70
N ILE H 60 -4.34 39.96 27.56
CA ILE H 60 -2.95 39.72 27.93
C ILE H 60 -2.92 39.12 29.33
N GLN H 61 -2.24 37.99 29.47
CA GLN H 61 -2.18 37.31 30.77
C GLN H 61 -1.41 38.13 31.79
N GLY H 62 -1.97 38.23 32.99
CA GLY H 62 -1.37 38.98 34.07
C GLY H 62 -1.64 40.47 34.04
N PHE H 63 -2.33 40.96 33.01
CA PHE H 63 -2.65 42.36 32.87
C PHE H 63 -4.03 42.64 33.46
N THR H 64 -4.63 43.77 33.09
CA THR H 64 -5.86 44.25 33.70
C THR H 64 -7.04 43.32 33.41
N ARG H 65 -8.12 43.55 34.15
CA ARG H 65 -9.34 42.77 34.05
C ARG H 65 -10.23 43.33 32.93
N ILE H 66 -11.27 42.56 32.59
CA ILE H 66 -12.11 42.90 31.44
C ILE H 66 -12.98 44.12 31.73
N GLU H 67 -13.20 44.46 33.00
CA GLU H 67 -14.02 45.62 33.33
C GLU H 67 -13.27 46.92 33.08
N GLU H 68 -11.96 46.93 33.34
CA GLU H 68 -11.12 48.11 33.12
C GLU H 68 -9.90 47.63 32.33
N SER H 69 -10.06 47.54 31.00
CA SER H 69 -9.11 46.81 30.17
C SER H 69 -8.38 47.68 29.15
N ASP H 70 -8.76 48.95 29.02
CA ASP H 70 -8.07 49.84 28.09
C ASP H 70 -6.68 50.16 28.62
N MET H 71 -5.66 49.98 27.78
CA MET H 71 -4.28 50.19 28.18
C MET H 71 -3.55 50.95 27.09
N LYS H 72 -2.48 51.62 27.48
CA LYS H 72 -1.68 52.43 26.57
C LYS H 72 -0.22 51.99 26.62
N LEU H 73 0.41 51.87 25.46
CA LEU H 73 1.83 51.59 25.35
C LEU H 73 2.58 52.87 25.05
N ALA H 74 3.48 53.27 25.95
CA ALA H 74 4.33 54.44 25.75
C ALA H 74 5.64 53.96 25.13
N LEU H 75 5.86 54.32 23.86
CA LEU H 75 7.01 53.83 23.12
C LEU H 75 8.31 54.41 23.65
N ASP H 76 9.34 53.57 23.73
CA ASP H 76 10.66 54.00 24.14
C ASP H 76 11.53 54.10 22.90
N PRO H 77 11.95 55.31 22.50
CA PRO H 77 12.67 55.45 21.23
C PRO H 77 14.04 54.77 21.20
N SER H 78 14.67 54.55 22.35
CA SER H 78 15.97 53.90 22.37
C SER H 78 15.91 52.44 21.95
N THR H 79 14.74 51.81 22.04
CA THR H 79 14.56 50.41 21.66
C THR H 79 14.22 50.25 20.18
N PHE H 80 14.17 51.33 19.42
CA PHE H 80 13.82 51.23 18.00
C PHE H 80 14.85 50.41 17.25
N ARG H 81 14.38 49.37 16.57
CA ARG H 81 15.25 48.45 15.86
C ARG H 81 14.53 47.91 14.65
N ILE H 82 15.22 47.87 13.52
CA ILE H 82 14.68 47.34 12.27
C ILE H 82 14.97 45.85 12.20
N LEU H 83 13.94 45.07 11.89
CA LEU H 83 14.08 43.62 11.84
C LEU H 83 14.74 43.21 10.52
N PRO H 84 15.90 42.56 10.54
CA PRO H 84 16.60 42.25 9.28
C PRO H 84 15.98 41.11 8.49
N TRP H 85 15.26 40.19 9.12
CA TRP H 85 14.64 39.09 8.39
C TRP H 85 13.37 39.50 7.66
N ARG H 86 12.86 40.68 7.93
CA ARG H 86 11.73 41.26 7.22
C ARG H 86 12.23 41.98 5.97
N PRO H 87 11.36 42.22 4.98
CA PRO H 87 11.83 42.84 3.73
C PRO H 87 12.42 44.22 3.94
N ALA H 88 13.46 44.53 3.15
CA ALA H 88 14.11 45.83 3.25
C ALA H 88 13.30 46.95 2.60
N THR H 89 12.59 46.64 1.53
CA THR H 89 11.69 47.61 0.90
C THR H 89 10.36 47.59 1.64
N GLY H 90 9.95 48.75 2.15
CA GLY H 90 8.85 48.77 3.10
C GLY H 90 9.27 48.05 4.36
N ALA H 91 10.35 48.54 4.98
CA ALA H 91 11.00 47.82 6.06
C ALA H 91 10.10 47.76 7.30
N VAL H 92 10.34 46.74 8.11
CA VAL H 92 9.61 46.51 9.35
C VAL H 92 10.55 46.77 10.51
N ALA H 93 10.11 47.60 11.45
CA ALA H 93 10.89 47.92 12.63
C ALA H 93 10.07 47.64 13.88
N ARG H 94 10.78 47.41 14.98
CA ARG H 94 10.14 47.21 16.27
C ARG H 94 10.49 48.38 17.20
N ILE H 95 9.55 48.71 18.08
CA ILE H 95 9.80 49.60 19.20
C ILE H 95 9.21 48.95 20.44
N LEU H 96 10.04 48.79 21.47
CA LEU H 96 9.53 48.35 22.75
C LEU H 96 8.93 49.54 23.50
N GLY H 97 7.99 49.24 24.39
CA GLY H 97 7.28 50.29 25.10
C GLY H 97 7.02 49.91 26.54
N ASP H 98 6.59 50.92 27.30
CA ASP H 98 6.15 50.74 28.67
C ASP H 98 4.63 50.82 28.72
N VAL H 99 4.02 49.90 29.45
CA VAL H 99 2.57 49.83 29.53
C VAL H 99 2.08 50.84 30.56
N TYR H 100 1.12 51.67 30.15
CA TYR H 100 0.57 52.72 31.01
C TYR H 100 -0.94 52.56 31.11
N LEU H 101 -1.47 52.96 32.25
CA LEU H 101 -2.90 53.11 32.41
C LEU H 101 -3.39 54.36 31.68
N PRO H 102 -4.67 54.41 31.33
CA PRO H 102 -5.18 55.59 30.60
C PRO H 102 -5.07 56.91 31.35
N ASP H 103 -4.99 56.88 32.69
CA ASP H 103 -4.84 58.09 33.48
C ASP H 103 -3.42 58.63 33.50
N GLY H 104 -2.52 58.06 32.70
CA GLY H 104 -1.15 58.52 32.62
C GLY H 104 -0.18 57.86 33.58
N ASN H 105 -0.67 57.05 34.51
CA ASN H 105 0.26 56.38 35.41
C ASN H 105 0.78 55.09 34.78
N PRO H 106 2.01 54.71 35.10
CA PRO H 106 2.54 53.43 34.61
C PRO H 106 1.74 52.26 35.19
N PHE H 107 1.62 51.21 34.38
CA PHE H 107 0.96 49.99 34.84
C PHE H 107 1.92 49.23 35.76
N LYS H 108 1.49 49.02 37.01
CA LYS H 108 2.35 48.34 37.97
C LYS H 108 2.48 46.85 37.69
N GLY H 109 1.63 46.30 36.84
CA GLY H 109 1.76 44.92 36.39
C GLY H 109 2.71 44.73 35.23
N ASP H 110 3.34 45.79 34.76
CA ASP H 110 4.29 45.70 33.66
C ASP H 110 5.63 45.21 34.19
N PRO H 111 6.17 44.10 33.67
CA PRO H 111 7.49 43.63 34.14
C PRO H 111 8.62 44.62 33.90
N ARG H 112 8.56 45.37 32.80
CA ARG H 112 9.55 46.41 32.56
C ARG H 112 9.49 47.48 33.64
N TYR H 113 8.27 47.80 34.10
CA TYR H 113 8.13 48.74 35.21
C TYR H 113 8.73 48.16 36.50
N VAL H 114 8.59 46.86 36.71
CA VAL H 114 9.19 46.22 37.89
C VAL H 114 10.71 46.31 37.83
N LEU H 115 11.29 46.05 36.66
CA LEU H 115 12.73 46.17 36.51
C LEU H 115 13.19 47.62 36.69
N LYS H 116 12.41 48.57 36.17
CA LYS H 116 12.75 49.98 36.36
C LYS H 116 12.67 50.38 37.83
N THR H 117 11.72 49.82 38.57
CA THR H 117 11.62 50.07 40.00
C THR H 117 12.84 49.51 40.73
N ALA H 118 13.28 48.32 40.34
CA ALA H 118 14.51 47.76 40.91
C ALA H 118 15.72 48.63 40.58
N ILE H 119 15.77 49.17 39.36
CA ILE H 119 16.87 50.05 38.96
C ILE H 119 16.85 51.32 39.79
N LYS H 120 15.67 51.89 40.03
CA LYS H 120 15.56 53.07 40.88
C LYS H 120 15.98 52.77 42.32
N GLU H 121 15.62 51.58 42.80
CA GLU H 121 16.04 51.17 44.15
C GLU H 121 17.56 51.06 44.23
N ALA H 122 18.19 50.52 43.19
CA ALA H 122 19.65 50.43 43.16
C ALA H 122 20.28 51.81 43.08
N GLU H 123 19.69 52.72 42.30
CA GLU H 123 20.24 54.06 42.14
C GLU H 123 20.09 54.88 43.41
N LYS H 124 19.07 54.59 44.23
CA LYS H 124 18.95 55.25 45.52
C LYS H 124 20.12 54.94 46.45
N MET H 125 20.76 53.79 46.25
CA MET H 125 22.00 53.46 46.96
C MET H 125 23.23 53.74 46.11
N GLY H 126 23.08 54.40 44.97
CA GLY H 126 24.21 54.74 44.12
C GLY H 126 24.68 53.65 43.19
N PHE H 127 23.96 52.53 43.11
CA PHE H 127 24.40 51.38 42.34
C PHE H 127 23.73 51.34 40.97
N SER H 128 24.45 50.79 40.00
CA SER H 128 23.92 50.51 38.67
C SER H 128 24.31 49.10 38.28
N MET H 129 23.35 48.35 37.75
CA MET H 129 23.53 46.92 37.50
C MET H 129 23.84 46.68 36.03
N ASN H 130 24.86 45.86 35.78
CA ASN H 130 25.17 45.37 34.44
C ASN H 130 24.99 43.86 34.44
N VAL H 131 24.27 43.36 33.43
CA VAL H 131 23.93 41.93 33.36
C VAL H 131 24.46 41.37 32.05
N GLY H 132 25.21 40.27 32.15
CA GLY H 132 25.56 39.49 30.99
C GLY H 132 24.94 38.11 31.04
N PRO H 133 23.89 37.89 30.24
CA PRO H 133 23.23 36.58 30.22
C PRO H 133 23.80 35.66 29.16
N GLU H 134 23.88 34.38 29.51
CA GLU H 134 24.33 33.34 28.59
C GLU H 134 23.16 32.39 28.34
N LEU H 135 22.53 32.53 27.18
CA LEU H 135 21.33 31.76 26.85
C LEU H 135 21.69 30.56 25.99
N GLU H 136 21.16 29.40 26.37
CA GLU H 136 21.25 28.19 25.57
C GLU H 136 19.89 27.92 24.94
N PHE H 137 19.92 27.42 23.70
CA PHE H 137 18.69 27.05 23.02
C PHE H 137 18.94 25.79 22.20
N PHE H 138 17.85 25.13 21.84
CA PHE H 138 17.89 23.94 21.01
C PHE H 138 17.41 24.28 19.61
N LEU H 139 18.01 23.64 18.62
CA LEU H 139 17.59 23.78 17.23
C LEU H 139 16.93 22.47 16.82
N PHE H 140 15.62 22.49 16.62
CA PHE H 140 14.86 21.31 16.27
C PHE H 140 14.32 21.44 14.85
N LYS H 141 13.90 20.31 14.30
CA LYS H 141 13.31 20.30 12.98
C LYS H 141 11.88 20.80 13.01
N LEU H 142 11.42 21.28 11.86
CA LEU H 142 10.01 21.58 11.65
C LEU H 142 9.35 20.40 10.95
N ASP H 143 8.06 20.22 11.20
CA ASP H 143 7.31 19.17 10.53
C ASP H 143 6.86 19.67 9.15
N ALA H 144 5.96 18.92 8.51
CA ALA H 144 5.49 19.31 7.19
C ALA H 144 4.68 20.61 7.22
N ASN H 145 4.01 20.87 8.33
CA ASN H 145 3.22 22.08 8.50
C ASN H 145 4.02 23.25 9.05
N GLY H 146 5.32 23.08 9.26
CA GLY H 146 6.12 24.13 9.84
C GLY H 146 5.94 24.31 11.33
N ASN H 147 5.40 23.32 12.01
CA ASN H 147 5.16 23.33 13.44
C ASN H 147 6.37 22.78 14.19
N PRO H 148 6.58 23.21 15.44
CA PRO H 148 7.75 22.75 16.20
C PRO H 148 7.69 21.26 16.50
N THR H 149 8.86 20.63 16.47
CA THR H 149 9.07 19.27 16.93
C THR H 149 10.21 19.27 17.94
N THR H 150 10.60 18.08 18.39
CA THR H 150 11.82 17.89 19.16
C THR H 150 12.84 17.06 18.41
N GLU H 151 12.67 16.93 17.09
CA GLU H 151 13.56 16.13 16.27
C GLU H 151 14.94 16.80 16.20
N LEU H 152 15.98 16.01 16.45
CA LEU H 152 17.33 16.56 16.54
C LEU H 152 17.83 16.97 15.16
N THR H 153 18.49 18.12 15.11
CA THR H 153 19.13 18.58 13.89
C THR H 153 20.55 18.05 13.75
N ASP H 154 21.22 17.75 14.86
CA ASP H 154 22.52 17.12 14.83
C ASP H 154 22.71 16.35 16.13
N GLN H 155 23.75 15.51 16.15
CA GLN H 155 24.14 14.75 17.34
C GLN H 155 25.46 15.27 17.92
N GLY H 156 25.76 16.55 17.70
CA GLY H 156 27.00 17.11 18.17
C GLY H 156 27.03 17.36 19.66
N GLY H 157 28.24 17.62 20.15
CA GLY H 157 28.44 17.89 21.56
C GLY H 157 29.05 19.26 21.79
N TYR H 158 29.65 19.46 22.96
CA TYR H 158 30.23 20.74 23.31
C TYR H 158 31.41 21.06 22.40
N PHE H 159 31.38 22.27 21.81
CA PHE H 159 32.45 22.78 20.94
C PHE H 159 32.68 21.88 19.73
N ASP H 160 31.64 21.21 19.26
CA ASP H 160 31.80 20.28 18.16
C ASP H 160 31.84 21.02 16.82
N PHE H 161 32.60 20.46 15.89
CA PHE H 161 32.86 21.01 14.56
C PHE H 161 32.32 20.04 13.51
N ALA H 162 32.69 20.29 12.25
CA ALA H 162 32.57 19.34 11.13
C ALA H 162 31.08 19.21 10.78
N PRO H 163 30.60 18.14 10.15
CA PRO H 163 29.16 17.87 10.19
C PRO H 163 28.64 17.23 11.48
N LEU H 164 29.44 17.16 12.55
CA LEU H 164 28.88 16.85 13.86
C LEU H 164 27.97 17.98 14.33
N ASP H 165 28.45 19.21 14.21
CA ASP H 165 27.61 20.39 14.34
C ASP H 165 27.03 20.72 12.97
N ARG H 166 25.70 20.81 12.89
CA ARG H 166 25.03 21.00 11.61
C ARG H 166 24.29 22.34 11.55
N ALA H 167 24.62 23.27 12.43
CA ALA H 167 23.92 24.55 12.52
C ALA H 167 24.86 25.75 12.43
N GLN H 168 25.98 25.62 11.71
CA GLN H 168 26.87 26.77 11.56
C GLN H 168 26.21 27.88 10.74
N ASP H 169 25.41 27.51 9.73
CA ASP H 169 24.71 28.51 8.94
C ASP H 169 23.61 29.20 9.74
N VAL H 170 22.89 28.44 10.56
CA VAL H 170 21.85 29.03 11.40
C VAL H 170 22.48 29.99 12.41
N ARG H 171 23.57 29.58 13.06
CA ARG H 171 24.24 30.44 14.01
C ARG H 171 24.83 31.67 13.33
N ARG H 172 25.33 31.50 12.11
CA ARG H 172 25.86 32.63 11.34
C ARG H 172 24.78 33.65 11.04
N ASP H 173 23.62 33.17 10.58
CA ASP H 173 22.52 34.09 10.26
C ASP H 173 21.95 34.74 11.52
N ILE H 174 21.91 34.00 12.64
CA ILE H 174 21.48 34.57 13.91
C ILE H 174 22.44 35.67 14.34
N ASP H 175 23.75 35.42 14.20
CA ASP H 175 24.75 36.41 14.57
C ASP H 175 24.61 37.67 13.72
N TYR H 176 24.41 37.50 12.41
CA TYR H 176 24.20 38.64 11.53
C TYR H 176 22.96 39.44 11.92
N ALA H 177 21.86 38.73 12.19
CA ALA H 177 20.63 39.40 12.58
C ALA H 177 20.79 40.15 13.90
N LEU H 178 21.45 39.52 14.88
CA LEU H 178 21.65 40.15 16.18
C LEU H 178 22.53 41.39 16.07
N GLU H 179 23.59 41.31 15.26
CA GLU H 179 24.41 42.49 15.00
C GLU H 179 23.62 43.58 14.31
N HIS H 180 22.69 43.22 13.42
CA HIS H 180 21.79 44.21 12.85
C HIS H 180 20.86 44.83 13.90
N MET H 181 20.47 44.06 14.92
CA MET H 181 19.62 44.58 16.00
C MET H 181 20.43 45.16 17.16
N GLY H 182 21.69 45.53 16.92
CA GLY H 182 22.48 46.22 17.91
C GLY H 182 23.24 45.35 18.89
N PHE H 183 23.12 44.03 18.79
CA PHE H 183 23.88 43.15 19.67
C PHE H 183 25.36 43.16 19.29
N GLN H 184 26.21 43.00 20.31
CA GLN H 184 27.64 42.80 20.11
C GLN H 184 27.93 41.33 20.43
N ILE H 185 28.04 40.52 19.37
CA ILE H 185 28.29 39.10 19.54
C ILE H 185 29.67 38.87 20.12
N GLU H 186 29.77 37.96 21.09
CA GLU H 186 31.02 37.59 21.73
C GLU H 186 31.53 36.22 21.32
N ALA H 187 30.65 35.23 21.33
CA ALA H 187 31.02 33.87 20.93
C ALA H 187 29.76 33.11 20.55
N SER H 188 29.95 32.07 19.74
CA SER H 188 28.85 31.19 19.36
C SER H 188 29.40 29.79 19.15
N HIS H 189 28.70 28.79 19.66
CA HIS H 189 29.18 27.42 19.60
C HIS H 189 28.03 26.45 19.77
N HIS H 190 28.32 25.19 19.45
CA HIS H 190 27.46 24.08 19.82
C HIS H 190 27.64 23.78 21.31
N GLU H 191 26.52 23.50 21.98
CA GLU H 191 26.54 23.26 23.41
C GLU H 191 26.63 21.75 23.68
N VAL H 192 26.53 21.38 24.96
CA VAL H 192 26.77 19.99 25.37
C VAL H 192 25.73 19.05 24.76
N ALA H 193 24.45 19.39 24.90
CA ALA H 193 23.38 18.53 24.44
C ALA H 193 23.33 18.52 22.91
N PRO H 194 22.85 17.43 22.31
CA PRO H 194 22.66 17.42 20.85
C PRO H 194 21.69 18.51 20.42
N SER H 195 22.00 19.13 19.28
CA SER H 195 21.21 20.19 18.67
C SER H 195 21.07 21.42 19.58
N GLN H 196 21.97 21.58 20.55
CA GLN H 196 21.94 22.68 21.49
C GLN H 196 23.06 23.66 21.19
N HIS H 197 22.76 24.95 21.24
CA HIS H 197 23.69 25.98 20.81
C HIS H 197 23.64 27.16 21.78
N GLU H 198 24.79 27.81 21.92
CA GLU H 198 24.92 29.00 22.75
C GLU H 198 25.49 30.13 21.90
N ILE H 199 24.84 31.29 21.93
CA ILE H 199 25.36 32.50 21.31
C ILE H 199 25.47 33.56 22.39
N ASP H 200 26.68 34.04 22.62
CA ASP H 200 26.96 35.00 23.68
C ASP H 200 27.07 36.39 23.10
N PHE H 201 26.39 37.35 23.72
CA PHE H 201 26.48 38.74 23.34
C PHE H 201 27.00 39.55 24.52
N ARG H 202 27.50 40.75 24.21
CA ARG H 202 28.12 41.59 25.22
C ARG H 202 27.09 42.04 26.25
N PHE H 203 27.54 42.11 27.51
CA PHE H 203 26.73 42.60 28.60
C PHE H 203 26.35 44.07 28.39
N GLY H 204 25.42 44.53 29.23
CA GLY H 204 25.03 45.92 29.21
C GLY H 204 24.27 46.24 30.48
N ASP H 205 23.71 47.45 30.53
CA ASP H 205 22.86 47.82 31.64
C ASP H 205 21.62 46.92 31.66
N VAL H 206 21.08 46.72 32.86
CA VAL H 206 20.17 45.61 33.10
C VAL H 206 18.87 45.77 32.32
N LEU H 207 18.39 47.01 32.16
CA LEU H 207 17.18 47.25 31.37
C LEU H 207 17.42 46.89 29.90
N CYS H 208 18.49 47.41 29.32
CA CYS H 208 18.87 47.06 27.96
C CYS H 208 19.16 45.58 27.84
N THR H 209 19.70 44.96 28.90
CA THR H 209 19.99 43.54 28.85
C THR H 209 18.72 42.69 28.82
N ALA H 210 17.70 43.06 29.60
CA ALA H 210 16.43 42.32 29.55
C ALA H 210 15.73 42.52 28.22
N ASP H 211 15.76 43.75 27.69
CA ASP H 211 15.29 43.98 26.33
C ASP H 211 16.04 43.11 25.34
N ASN H 212 17.36 42.99 25.52
CA ASN H 212 18.18 42.14 24.65
C ASN H 212 17.82 40.68 24.80
N VAL H 213 17.42 40.25 25.99
CA VAL H 213 17.07 38.84 26.20
C VAL H 213 15.80 38.49 25.44
N VAL H 214 14.76 39.31 25.59
CA VAL H 214 13.52 39.02 24.86
C VAL H 214 13.73 39.18 23.35
N THR H 215 14.50 40.20 22.95
CA THR H 215 14.83 40.39 21.54
C THR H 215 15.61 39.21 20.99
N PHE H 216 16.60 38.74 21.74
CA PHE H 216 17.42 37.60 21.32
C PHE H 216 16.57 36.38 21.13
N LYS H 217 15.64 36.12 22.07
CA LYS H 217 14.79 34.94 21.94
C LYS H 217 13.95 35.01 20.67
N TYR H 218 13.29 36.14 20.41
CA TYR H 218 12.44 36.14 19.22
C TYR H 218 13.26 36.26 17.93
N VAL H 219 14.44 36.88 17.97
CA VAL H 219 15.30 36.92 16.79
C VAL H 219 15.81 35.53 16.42
N VAL H 220 16.26 34.77 17.43
CA VAL H 220 16.72 33.41 17.19
C VAL H 220 15.56 32.56 16.65
N LYS H 221 14.37 32.71 17.23
CA LYS H 221 13.22 31.95 16.75
C LYS H 221 12.87 32.30 15.30
N SER H 222 12.88 33.59 14.96
CA SER H 222 12.55 34.00 13.60
C SER H 222 13.58 33.51 12.59
N ILE H 223 14.87 33.66 12.92
CA ILE H 223 15.92 33.22 12.00
C ILE H 223 15.87 31.70 11.82
N ALA H 224 15.66 30.96 12.92
CA ALA H 224 15.56 29.51 12.82
C ALA H 224 14.35 29.11 11.98
N TYR H 225 13.22 29.81 12.16
CA TYR H 225 12.02 29.49 11.38
C TYR H 225 12.25 29.70 9.89
N HIS H 226 12.91 30.80 9.53
CA HIS H 226 13.09 31.08 8.10
C HIS H 226 14.10 30.15 7.44
N LYS H 227 14.96 29.49 8.21
CA LYS H 227 15.82 28.44 7.68
C LYS H 227 15.18 27.06 7.74
N GLY H 228 13.94 26.96 8.20
CA GLY H 228 13.25 25.70 8.28
C GLY H 228 13.44 24.94 9.57
N TYR H 229 13.88 25.61 10.63
CA TYR H 229 14.13 24.97 11.91
C TYR H 229 13.25 25.60 12.98
N TYR H 230 13.25 24.99 14.16
CA TYR H 230 12.61 25.57 15.33
C TYR H 230 13.64 25.81 16.42
N ALA H 231 13.67 27.03 16.93
CA ALA H 231 14.53 27.37 18.05
C ALA H 231 13.72 27.23 19.34
N SER H 232 14.16 26.34 20.21
CA SER H 232 13.46 26.03 21.46
C SER H 232 14.25 26.59 22.63
N PHE H 233 13.60 27.41 23.44
CA PHE H 233 14.15 27.88 24.71
C PHE H 233 13.54 27.14 25.88
N MET H 234 13.00 25.95 25.64
CA MET H 234 12.48 25.11 26.70
C MET H 234 13.62 24.68 27.62
N PRO H 235 13.43 24.72 28.94
CA PRO H 235 14.53 24.38 29.86
C PRO H 235 15.05 22.95 29.71
N LYS H 236 14.17 21.99 29.41
CA LYS H 236 14.57 20.59 29.28
C LYS H 236 13.64 19.90 28.29
N PRO H 237 13.84 20.13 26.99
CA PRO H 237 12.96 19.49 26.00
C PRO H 237 13.20 18.00 25.87
N LEU H 238 14.39 17.51 26.17
CA LEU H 238 14.75 16.11 25.99
C LEU H 238 15.28 15.53 27.29
N PHE H 239 14.93 14.27 27.54
CA PHE H 239 15.45 13.57 28.71
C PHE H 239 16.82 12.97 28.41
N GLY H 240 17.68 12.96 29.42
CA GLY H 240 18.96 12.30 29.34
C GLY H 240 20.08 13.14 28.78
N VAL H 241 19.78 14.32 28.26
CA VAL H 241 20.79 15.23 27.74
C VAL H 241 20.71 16.53 28.52
N ASN H 242 21.67 17.42 28.27
CA ASN H 242 21.75 18.66 29.01
C ASN H 242 20.55 19.55 28.72
N GLY H 243 20.04 20.21 29.76
CA GLY H 243 19.03 21.23 29.60
C GLY H 243 19.63 22.57 29.23
N SER H 244 18.75 23.52 28.97
CA SER H 244 19.15 24.89 28.65
C SER H 244 18.93 25.80 29.84
N GLY H 245 19.99 26.47 30.28
CA GLY H 245 19.91 27.47 31.31
C GLY H 245 20.22 28.86 30.76
N MET H 246 20.01 29.86 31.60
CA MET H 246 20.38 31.23 31.30
C MET H 246 21.29 31.70 32.42
N HIS H 247 22.60 31.48 32.26
CA HIS H 247 23.56 31.93 33.26
C HIS H 247 23.59 33.45 33.29
N SER H 248 23.33 34.02 34.46
CA SER H 248 23.17 35.46 34.62
C SER H 248 24.40 36.02 35.33
N ASN H 249 25.31 36.60 34.56
CA ASN H 249 26.45 37.31 35.11
C ASN H 249 26.02 38.74 35.43
N GLN H 250 26.25 39.19 36.66
CA GLN H 250 25.83 40.51 37.09
C GLN H 250 26.99 41.22 37.77
N SER H 251 27.07 42.53 37.53
CA SER H 251 28.06 43.39 38.17
C SER H 251 27.40 44.68 38.62
N LEU H 252 27.89 45.22 39.73
CA LEU H 252 27.41 46.47 40.28
C LEU H 252 28.46 47.56 40.10
N PHE H 253 27.99 48.78 39.86
CA PHE H 253 28.87 49.91 39.61
C PHE H 253 28.43 51.11 40.43
N LYS H 254 29.42 51.84 40.96
CA LYS H 254 29.17 53.06 41.72
C LYS H 254 30.28 54.04 41.41
N ASP H 255 29.92 55.24 40.96
CA ASP H 255 30.86 56.29 40.59
C ASP H 255 31.84 55.83 39.51
N GLY H 256 31.36 54.99 38.59
CA GLY H 256 32.17 54.52 37.49
C GLY H 256 33.07 53.34 37.81
N LYS H 257 33.10 52.88 39.05
CA LYS H 257 33.96 51.78 39.47
C LYS H 257 33.13 50.53 39.71
N ASN H 258 33.70 49.38 39.35
CA ASN H 258 33.08 48.10 39.67
C ASN H 258 33.03 47.91 41.18
N VAL H 259 31.81 47.79 41.72
CA VAL H 259 31.62 47.66 43.16
C VAL H 259 32.20 46.34 43.66
N PHE H 260 32.09 45.27 42.88
CA PHE H 260 32.53 43.95 43.29
C PHE H 260 34.04 43.80 43.32
N TYR H 261 34.78 44.77 42.79
CA TYR H 261 36.23 44.73 42.74
C TYR H 261 36.85 45.38 43.97
N ASP H 262 37.91 44.78 44.48
CA ASP H 262 38.72 45.36 45.55
C ASP H 262 40.13 44.81 45.41
N PRO H 263 41.06 45.61 44.88
CA PRO H 263 42.44 45.11 44.69
C PRO H 263 43.15 44.76 45.98
N ASP H 264 42.74 45.33 47.11
CA ASP H 264 43.44 45.08 48.38
C ASP H 264 43.14 43.71 48.94
N THR H 265 41.94 43.18 48.69
CA THR H 265 41.57 41.87 49.24
C THR H 265 42.37 40.77 48.55
N PRO H 266 42.70 39.69 49.28
CA PRO H 266 43.47 38.59 48.67
C PRO H 266 42.74 37.92 47.51
N THR H 267 41.41 37.82 47.60
CA THR H 267 40.61 37.23 46.53
C THR H 267 40.17 38.26 45.50
N LYS H 268 40.59 39.51 45.65
CA LYS H 268 40.27 40.61 44.71
C LYS H 268 38.77 40.86 44.61
N LEU H 269 38.03 40.53 45.67
CA LEU H 269 36.59 40.74 45.72
C LEU H 269 36.27 41.61 46.92
N SER H 270 35.41 42.60 46.72
CA SER H 270 35.05 43.50 47.81
C SER H 270 34.10 42.80 48.78
N GLN H 271 33.95 43.41 49.95
CA GLN H 271 32.97 42.94 50.91
C GLN H 271 31.55 43.12 50.37
N ASP H 272 31.36 44.12 49.50
CA ASP H 272 30.05 44.31 48.88
C ASP H 272 29.70 43.16 47.94
N ALA H 273 30.71 42.59 47.26
CA ALA H 273 30.47 41.41 46.44
C ALA H 273 30.02 40.23 47.28
N MET H 274 30.67 40.04 48.43
CA MET H 274 30.26 38.98 49.35
C MET H 274 28.85 39.20 49.87
N TYR H 275 28.51 40.46 50.20
CA TYR H 275 27.16 40.76 50.65
C TYR H 275 26.13 40.52 49.55
N TYR H 276 26.46 40.87 48.31
CA TYR H 276 25.58 40.61 47.17
C TYR H 276 25.35 39.11 47.01
N ILE H 277 26.42 38.32 47.11
CA ILE H 277 26.30 36.87 47.01
C ILE H 277 25.46 36.32 48.15
N GLY H 278 25.67 36.84 49.37
CA GLY H 278 24.90 36.39 50.51
C GLY H 278 23.42 36.68 50.36
N GLY H 279 23.08 37.87 49.86
CA GLY H 279 21.68 38.18 49.62
C GLY H 279 21.06 37.30 48.54
N LEU H 280 21.82 37.05 47.47
CA LEU H 280 21.34 36.15 46.42
C LEU H 280 21.09 34.75 46.96
N LEU H 281 22.03 34.22 47.75
CA LEU H 281 21.86 32.88 48.29
C LEU H 281 20.75 32.82 49.33
N LYS H 282 20.54 33.90 50.08
CA LYS H 282 19.47 33.93 51.06
C LYS H 282 18.10 33.95 50.38
N HIS H 283 17.97 34.68 49.28
CA HIS H 283 16.65 34.90 48.68
C HIS H 283 16.35 34.02 47.47
N ILE H 284 17.31 33.23 46.98
CA ILE H 284 17.13 32.54 45.70
C ILE H 284 15.99 31.52 45.76
N ARG H 285 15.77 30.91 46.92
CA ARG H 285 14.66 29.97 47.05
C ARG H 285 13.32 30.67 46.90
N GLU H 286 13.25 31.95 47.26
CA GLU H 286 11.99 32.67 47.24
C GLU H 286 11.57 33.11 45.84
N PHE H 287 12.50 33.19 44.88
CA PHE H 287 12.12 33.54 43.51
C PHE H 287 12.71 32.57 42.50
N THR H 288 13.03 31.34 42.94
CA THR H 288 13.24 30.25 42.00
C THR H 288 12.03 30.05 41.09
N ALA H 289 10.82 30.28 41.61
CA ALA H 289 9.62 30.22 40.78
C ALA H 289 9.62 31.25 39.67
N VAL H 290 10.40 32.32 39.81
CA VAL H 290 10.53 33.32 38.75
C VAL H 290 11.69 32.99 37.82
N THR H 291 12.86 32.68 38.40
CA THR H 291 14.01 32.33 37.56
C THR H 291 13.79 31.00 36.84
N ASN H 292 12.97 30.12 37.40
CA ASN H 292 12.65 28.82 36.81
C ASN H 292 11.14 28.69 36.79
N PRO H 293 10.49 29.24 35.76
CA PRO H 293 9.05 29.50 35.84
C PRO H 293 8.13 28.33 35.53
N VAL H 294 8.58 27.36 34.75
CA VAL H 294 7.69 26.33 34.24
C VAL H 294 7.97 25.00 34.94
N VAL H 295 7.09 24.02 34.70
CA VAL H 295 7.25 22.68 35.25
C VAL H 295 8.52 22.04 34.69
N ASN H 296 8.79 22.25 33.40
CA ASN H 296 9.97 21.68 32.75
C ASN H 296 11.27 22.22 33.31
N SER H 297 11.23 23.41 33.92
CA SER H 297 12.42 23.99 34.54
C SER H 297 13.00 23.08 35.61
N TYR H 298 12.14 22.34 36.30
CA TYR H 298 12.56 21.44 37.35
C TYR H 298 12.80 20.04 36.84
N LYS H 299 12.43 19.76 35.59
CA LYS H 299 12.99 18.62 34.88
C LYS H 299 14.42 18.92 34.44
N ARG H 300 14.77 20.20 34.30
CA ARG H 300 16.18 20.52 34.14
C ARG H 300 16.88 20.62 35.49
N LEU H 301 16.24 21.23 36.48
CA LEU H 301 16.81 21.39 37.82
C LEU H 301 16.52 20.17 38.69
N VAL H 302 17.14 19.05 38.33
CA VAL H 302 17.08 17.82 39.11
C VAL H 302 18.45 17.61 39.74
N PRO H 303 18.54 17.08 40.95
CA PRO H 303 19.85 16.69 41.49
C PRO H 303 20.52 15.66 40.58
N GLY H 304 21.81 15.86 40.35
CA GLY H 304 22.55 15.03 39.43
C GLY H 304 23.96 15.53 39.23
N TYR H 305 24.40 15.64 37.97
CA TYR H 305 25.73 16.12 37.65
C TYR H 305 25.71 17.27 36.65
N GLU H 306 24.54 17.89 36.45
CA GLU H 306 24.42 18.96 35.46
C GLU H 306 23.79 20.22 36.04
N ALA H 307 22.80 20.06 36.91
CA ALA H 307 21.97 21.19 37.30
C ALA H 307 22.51 21.87 38.55
N PRO H 308 22.56 23.20 38.57
CA PRO H 308 22.94 23.94 39.79
C PRO H 308 21.79 24.05 40.79
N VAL H 309 21.48 22.92 41.43
CA VAL H 309 20.36 22.85 42.36
C VAL H 309 20.79 23.08 43.80
N TYR H 310 22.08 23.14 44.07
CA TYR H 310 22.61 23.24 45.42
C TYR H 310 23.01 24.68 45.71
N ILE H 311 22.46 25.24 46.77
CA ILE H 311 22.64 26.66 47.09
C ILE H 311 24.04 26.84 47.67
N SER H 312 24.92 27.47 46.90
CA SER H 312 26.33 27.60 47.26
C SER H 312 26.96 28.62 46.34
N TRP H 313 28.16 29.05 46.71
CA TRP H 313 28.95 29.95 45.87
C TRP H 313 30.39 29.49 45.84
N SER H 314 31.10 29.88 44.78
CA SER H 314 32.49 29.51 44.59
C SER H 314 33.08 30.43 43.54
N ALA H 315 34.38 30.25 43.28
CA ALA H 315 35.06 30.99 42.23
C ALA H 315 35.09 30.26 40.90
N GLN H 316 35.72 29.10 40.83
CA GLN H 316 35.86 28.36 39.59
C GLN H 316 34.94 27.15 39.50
N ASN H 317 34.22 26.81 40.57
CA ASN H 317 33.41 25.60 40.60
C ASN H 317 32.12 25.81 39.82
N ARG H 318 31.89 24.97 38.82
CA ARG H 318 30.67 25.02 38.03
C ARG H 318 29.58 24.11 38.57
N SER H 319 29.81 23.46 39.70
CA SER H 319 28.76 22.75 40.41
C SER H 319 28.09 23.61 41.47
N SER H 320 28.55 24.85 41.64
CA SER H 320 27.97 25.78 42.60
C SER H 320 26.84 26.57 41.96
N LEU H 321 25.93 27.05 42.81
CA LEU H 321 24.85 27.91 42.34
C LEU H 321 25.39 29.23 41.81
N ILE H 322 26.37 29.80 42.50
CA ILE H 322 26.95 31.09 42.15
C ILE H 322 28.42 30.89 41.81
N ARG H 323 28.83 31.37 40.64
CA ARG H 323 30.22 31.33 40.21
C ARG H 323 30.77 32.75 40.11
N ILE H 324 32.03 32.90 40.44
CA ILE H 324 32.75 34.16 40.30
C ILE H 324 33.88 33.96 39.31
N PRO H 325 33.70 34.35 38.05
CA PRO H 325 34.78 34.23 37.08
C PRO H 325 35.99 35.05 37.49
N ALA H 326 37.17 34.57 37.09
CA ALA H 326 38.43 35.15 37.55
C ALA H 326 38.70 36.54 37.01
N THR H 327 37.89 37.01 36.05
CA THR H 327 38.04 38.37 35.55
C THR H 327 37.85 39.38 36.68
N ARG H 328 38.76 40.34 36.74
CA ARG H 328 38.77 41.35 37.80
C ARG H 328 38.73 42.74 37.16
N GLY H 329 38.88 43.76 38.01
CA GLY H 329 38.82 45.12 37.50
C GLY H 329 37.38 45.52 37.22
N ASN H 330 37.16 46.13 36.05
CA ASN H 330 35.82 46.52 35.66
C ASN H 330 34.97 45.33 35.24
N GLY H 331 35.58 44.19 34.96
CA GLY H 331 34.88 42.99 34.54
C GLY H 331 34.54 42.03 35.66
N THR H 332 34.67 42.44 36.92
CA THR H 332 34.30 41.58 38.04
C THR H 332 32.79 41.38 38.06
N ARG H 333 32.36 40.12 38.04
CA ARG H 333 30.95 39.79 37.92
C ARG H 333 30.63 38.56 38.74
N ILE H 334 29.34 38.39 39.04
CA ILE H 334 28.81 37.25 39.77
C ILE H 334 27.82 36.53 38.86
N GLU H 335 28.03 35.23 38.67
CA GLU H 335 27.22 34.43 37.75
C GLU H 335 26.23 33.59 38.55
N LEU H 336 24.94 33.80 38.30
CA LEU H 336 23.88 32.94 38.82
C LEU H 336 23.51 31.92 37.74
N ARG H 337 23.59 30.63 38.09
CA ARG H 337 23.49 29.57 37.11
C ARG H 337 22.15 28.85 37.12
N CYS H 338 21.31 29.06 38.14
CA CYS H 338 19.99 28.43 38.15
C CYS H 338 19.05 28.85 37.02
N PRO H 339 18.93 30.12 36.59
CA PRO H 339 17.82 30.48 35.69
C PRO H 339 17.95 29.82 34.33
N ASP H 340 16.80 29.59 33.71
CA ASP H 340 16.66 29.01 32.39
C ASP H 340 16.06 30.06 31.45
N PRO H 341 16.21 29.90 30.13
CA PRO H 341 15.73 30.94 29.20
C PRO H 341 14.21 31.06 29.11
N ALA H 342 13.44 30.29 29.87
CA ALA H 342 12.00 30.44 29.88
C ALA H 342 11.52 31.53 30.85
N CYS H 343 12.42 32.05 31.68
CA CYS H 343 12.02 33.03 32.69
C CYS H 343 11.82 34.40 32.06
N ASN H 344 11.08 35.24 32.77
CA ASN H 344 10.89 36.64 32.39
C ASN H 344 12.16 37.38 32.81
N PRO H 345 12.94 37.89 31.85
CA PRO H 345 14.21 38.56 32.22
C PRO H 345 14.01 39.81 33.06
N TYR H 346 12.93 40.56 32.84
CA TYR H 346 12.69 41.75 33.66
C TYR H 346 12.48 41.38 35.11
N LEU H 347 11.56 40.44 35.38
CA LEU H 347 11.28 40.02 36.74
C LEU H 347 12.49 39.33 37.38
N ALA H 348 13.16 38.45 36.63
CA ALA H 348 14.28 37.70 37.17
C ALA H 348 15.45 38.62 37.51
N PHE H 349 15.82 39.50 36.56
CA PHE H 349 16.92 40.43 36.81
C PHE H 349 16.59 41.40 37.93
N ALA H 350 15.33 41.86 37.99
CA ALA H 350 14.92 42.72 39.09
C ALA H 350 15.04 42.01 40.42
N LEU H 351 14.67 40.72 40.47
CA LEU H 351 14.72 39.99 41.73
C LEU H 351 16.15 39.70 42.16
N MET H 352 17.04 39.35 41.22
CA MET H 352 18.45 39.20 41.58
C MET H 352 19.04 40.51 42.07
N LEU H 353 18.70 41.62 41.40
CA LEU H 353 19.17 42.93 41.84
C LEU H 353 18.69 43.23 43.25
N ARG H 354 17.41 42.99 43.53
CA ARG H 354 16.87 43.29 44.85
C ARG H 354 17.47 42.39 45.92
N ALA H 355 17.69 41.11 45.60
CA ALA H 355 18.33 40.20 46.55
C ALA H 355 19.75 40.64 46.86
N GLY H 356 20.52 41.03 45.85
CA GLY H 356 21.87 41.52 46.09
C GLY H 356 21.90 42.83 46.86
N LEU H 357 20.96 43.72 46.56
CA LEU H 357 20.88 44.98 47.31
C LEU H 357 20.49 44.74 48.76
N GLU H 358 19.58 43.78 49.00
CA GLU H 358 19.25 43.41 50.36
C GLU H 358 20.45 42.82 51.09
N GLY H 359 21.25 42.02 50.38
CA GLY H 359 22.46 41.50 50.97
C GLY H 359 23.45 42.59 51.34
N ILE H 360 23.61 43.58 50.47
CA ILE H 360 24.53 44.68 50.74
C ILE H 360 24.02 45.54 51.89
N LYS H 361 22.72 45.83 51.90
CA LYS H 361 22.14 46.67 52.95
C LYS H 361 22.19 45.98 54.31
N ASN H 362 21.91 44.67 54.34
CA ASN H 362 21.87 43.93 55.60
C ASN H 362 23.20 43.27 55.93
N LYS H 363 24.23 43.44 55.09
CA LYS H 363 25.56 42.87 55.31
C LYS H 363 25.50 41.37 55.52
N ILE H 364 24.82 40.69 54.60
CA ILE H 364 24.59 39.25 54.72
C ILE H 364 25.84 38.50 54.29
N ASP H 365 26.40 37.72 55.21
CA ASP H 365 27.60 36.95 54.93
C ASP H 365 27.24 35.71 54.10
N PRO H 366 27.92 35.47 52.98
CA PRO H 366 27.57 34.32 52.13
C PRO H 366 28.10 32.99 52.65
N GLY H 367 28.91 32.99 53.70
CA GLY H 367 29.50 31.76 54.19
C GLY H 367 30.73 31.38 53.39
N GLU H 368 31.29 30.23 53.77
CA GLU H 368 32.47 29.71 53.10
C GLU H 368 32.13 29.23 51.69
N PRO H 369 33.02 29.48 50.73
CA PRO H 369 32.79 28.94 49.38
C PRO H 369 32.95 27.43 49.35
N THR H 370 32.23 26.80 48.43
CA THR H 370 32.28 25.35 48.25
C THR H 370 33.13 25.07 47.00
N ASN H 371 34.38 24.66 47.21
CA ASN H 371 35.33 24.48 46.14
C ASN H 371 35.40 23.04 45.63
N VAL H 372 34.62 22.14 46.21
CA VAL H 372 34.63 20.74 45.80
C VAL H 372 33.47 20.50 44.84
N ASN H 373 33.51 19.37 44.15
CA ASN H 373 32.42 18.96 43.26
C ASN H 373 31.23 18.57 44.13
N ILE H 374 30.25 19.46 44.21
CA ILE H 374 29.05 19.21 44.99
C ILE H 374 28.22 18.08 44.39
N PHE H 375 28.32 17.88 43.08
CA PHE H 375 27.59 16.78 42.44
C PHE H 375 28.10 15.43 42.91
N HIS H 376 29.41 15.29 43.13
CA HIS H 376 29.98 14.05 43.64
C HIS H 376 29.74 13.86 45.14
N LEU H 377 29.33 14.92 45.85
CA LEU H 377 29.02 14.80 47.26
C LEU H 377 27.74 14.00 47.46
N SER H 378 27.64 13.39 48.64
CA SER H 378 26.42 12.71 49.05
C SER H 378 25.49 13.67 49.79
N ASP H 379 24.28 13.21 50.07
CA ASP H 379 23.34 14.04 50.83
C ASP H 379 23.83 14.24 52.26
N LYS H 380 24.50 13.25 52.83
CA LYS H 380 25.09 13.39 54.16
C LYS H 380 26.18 14.44 54.17
N GLU H 381 27.09 14.40 53.19
CA GLU H 381 28.15 15.40 53.13
C GLU H 381 27.60 16.80 52.86
N ARG H 382 26.57 16.90 52.02
CA ARG H 382 25.97 18.20 51.74
C ARG H 382 25.21 18.73 52.95
N GLU H 383 24.62 17.84 53.75
CA GLU H 383 23.93 18.27 54.96
C GLU H 383 24.93 18.69 56.03
N GLU H 384 26.10 18.07 56.07
CA GLU H 384 27.11 18.47 57.05
C GLU H 384 27.68 19.85 56.72
N ARG H 385 27.78 20.19 55.45
CA ARG H 385 28.24 21.52 55.06
C ARG H 385 27.13 22.56 55.07
N GLY H 386 25.90 22.16 55.36
CA GLY H 386 24.79 23.09 55.30
C GLY H 386 24.40 23.51 53.91
N ILE H 387 24.70 22.70 52.90
CA ILE H 387 24.40 23.04 51.51
C ILE H 387 22.93 22.75 51.26
N ARG H 388 22.13 23.80 51.15
CA ARG H 388 20.70 23.65 50.91
C ARG H 388 20.43 23.48 49.41
N SER H 389 19.20 23.11 49.11
CA SER H 389 18.79 22.84 47.74
C SER H 389 17.73 23.83 47.30
N LEU H 390 17.65 24.04 45.99
CA LEU H 390 16.57 24.80 45.39
C LEU H 390 15.28 23.98 45.46
N PRO H 391 14.12 24.62 45.29
CA PRO H 391 12.86 23.87 45.23
C PRO H 391 12.91 22.79 44.16
N ALA H 392 12.40 21.61 44.50
CA ALA H 392 12.53 20.44 43.64
C ALA H 392 11.55 20.43 42.48
N ASP H 393 10.51 21.26 42.55
CA ASP H 393 9.50 21.30 41.49
C ASP H 393 8.81 22.66 41.54
N LEU H 394 7.88 22.87 40.61
CA LEU H 394 7.23 24.17 40.49
C LEU H 394 6.32 24.45 41.68
N LYS H 395 5.64 23.44 42.22
CA LYS H 395 4.76 23.66 43.36
C LYS H 395 5.54 24.12 44.59
N GLU H 396 6.70 23.52 44.84
CA GLU H 396 7.53 23.93 45.98
C GLU H 396 8.02 25.36 45.81
N ALA H 397 8.40 25.75 44.60
CA ALA H 397 8.84 27.11 44.35
C ALA H 397 7.70 28.11 44.47
N ILE H 398 6.50 27.72 44.02
CA ILE H 398 5.32 28.55 44.22
C ILE H 398 5.05 28.76 45.70
N ASP H 399 5.17 27.68 46.49
CA ASP H 399 4.96 27.79 47.93
C ASP H 399 6.01 28.67 48.59
N GLU H 400 7.27 28.57 48.13
CA GLU H 400 8.33 29.43 48.65
C GLU H 400 8.09 30.89 48.30
N MET H 401 7.64 31.15 47.07
CA MET H 401 7.41 32.54 46.65
C MET H 401 6.19 33.14 47.32
N LYS H 402 5.17 32.31 47.60
CA LYS H 402 3.94 32.81 48.20
C LYS H 402 4.17 33.42 49.58
N GLY H 403 5.02 32.79 50.38
CA GLY H 403 5.34 33.27 51.71
C GLY H 403 6.46 34.28 51.77
N SER H 404 6.96 34.74 50.63
CA SER H 404 8.09 35.65 50.59
C SER H 404 7.58 37.10 50.58
N LYS H 405 7.88 37.84 51.65
CA LYS H 405 7.59 39.27 51.64
C LYS H 405 8.60 40.03 50.78
N PHE H 406 9.81 39.50 50.63
CA PHE H 406 10.81 40.14 49.78
C PHE H 406 10.38 40.13 48.32
N VAL H 407 9.89 38.99 47.83
CA VAL H 407 9.47 38.89 46.44
C VAL H 407 8.20 39.71 46.22
N LYS H 408 7.29 39.72 47.18
CA LYS H 408 6.08 40.53 47.07
C LYS H 408 6.40 42.01 47.02
N GLU H 409 7.37 42.45 47.83
CA GLU H 409 7.77 43.85 47.82
C GLU H 409 8.49 44.20 46.52
N ALA H 410 9.37 43.32 46.04
CA ALA H 410 10.15 43.62 44.85
C ALA H 410 9.30 43.61 43.58
N LEU H 411 8.33 42.70 43.49
CA LEU H 411 7.52 42.58 42.28
C LEU H 411 6.28 43.46 42.28
N GLY H 412 5.82 43.88 43.44
CA GLY H 412 4.54 44.58 43.51
C GLY H 412 3.38 43.61 43.61
N GLU H 413 2.27 44.10 44.17
CA GLU H 413 1.14 43.22 44.47
C GLU H 413 0.53 42.62 43.20
N HIS H 414 0.39 43.43 42.14
CA HIS H 414 -0.23 42.95 40.91
C HIS H 414 0.57 41.82 40.28
N VAL H 415 1.88 42.05 40.07
CA VAL H 415 2.72 41.04 39.44
C VAL H 415 2.80 39.79 40.31
N PHE H 416 2.98 39.98 41.62
CA PHE H 416 3.07 38.87 42.56
C PHE H 416 1.82 37.99 42.49
N SER H 417 0.65 38.61 42.63
CA SER H 417 -0.60 37.85 42.65
C SER H 417 -0.89 37.19 41.31
N HIS H 418 -0.72 37.92 40.20
CA HIS H 418 -1.07 37.35 38.90
C HIS H 418 -0.08 36.27 38.48
N TYR H 419 1.21 36.47 38.75
CA TYR H 419 2.21 35.46 38.46
C TYR H 419 1.95 34.19 39.27
N LEU H 420 1.64 34.34 40.56
CA LEU H 420 1.38 33.16 41.39
C LEU H 420 0.10 32.47 40.94
N CYS H 421 -0.92 33.22 40.53
CA CYS H 421 -2.14 32.61 40.04
C CYS H 421 -1.89 31.81 38.76
N ALA H 422 -1.12 32.38 37.82
CA ALA H 422 -0.81 31.67 36.58
C ALA H 422 -0.01 30.41 36.86
N LYS H 423 1.00 30.49 37.73
CA LYS H 423 1.80 29.32 38.05
C LYS H 423 0.99 28.26 38.78
N GLU H 424 0.07 28.68 39.66
CA GLU H 424 -0.79 27.74 40.36
C GLU H 424 -1.72 27.03 39.39
N MET H 425 -2.30 27.74 38.43
CA MET H 425 -3.13 27.09 37.42
C MET H 425 -2.32 26.11 36.59
N GLU H 426 -1.09 26.49 36.22
CA GLU H 426 -0.21 25.63 35.46
C GLU H 426 0.09 24.34 36.21
N TRP H 427 0.44 24.45 37.49
CA TRP H 427 0.76 23.27 38.28
C TRP H 427 -0.48 22.42 38.53
N ASP H 428 -1.64 23.05 38.73
CA ASP H 428 -2.86 22.30 38.97
C ASP H 428 -3.26 21.51 37.74
N GLU H 429 -3.06 22.07 36.55
CA GLU H 429 -3.28 21.30 35.34
C GLU H 429 -2.26 20.17 35.20
N TYR H 430 -0.99 20.45 35.49
CA TYR H 430 0.06 19.44 35.32
C TYR H 430 -0.10 18.27 36.27
N LYS H 431 -0.47 18.53 37.53
CA LYS H 431 -0.45 17.51 38.56
C LYS H 431 -1.52 16.45 38.38
N ALA H 432 -2.55 16.71 37.58
CA ALA H 432 -3.61 15.73 37.35
C ALA H 432 -3.35 14.83 36.14
N VAL H 433 -2.35 15.15 35.32
CA VAL H 433 -2.13 14.42 34.07
C VAL H 433 -1.57 13.03 34.36
N VAL H 434 -2.18 12.02 33.77
CA VAL H 434 -1.66 10.66 33.80
C VAL H 434 -0.64 10.54 32.67
N HIS H 435 0.59 10.39 33.01
CA HIS H 435 1.67 10.42 32.04
C HIS H 435 1.90 9.04 31.45
N PRO H 436 2.42 8.99 30.21
CA PRO H 436 2.77 7.69 29.61
C PRO H 436 3.82 6.92 30.40
N TRP H 437 4.67 7.62 31.16
CA TRP H 437 5.63 6.94 32.03
C TRP H 437 4.92 6.09 33.07
N GLU H 438 3.84 6.60 33.64
CA GLU H 438 3.08 5.84 34.63
C GLU H 438 2.42 4.63 34.00
N LEU H 439 1.97 4.77 32.75
CA LEU H 439 1.41 3.62 32.04
C LEU H 439 2.48 2.57 31.78
N SER H 440 3.68 3.00 31.39
CA SER H 440 4.76 2.04 31.13
C SER H 440 5.24 1.37 32.42
N ARG H 441 5.16 2.08 33.55
CA ARG H 441 5.67 1.55 34.80
C ARG H 441 4.67 0.71 35.57
N TYR H 442 3.39 1.08 35.55
CA TYR H 442 2.41 0.51 36.47
C TYR H 442 1.34 -0.36 35.83
N LEU H 443 1.04 -0.19 34.55
CA LEU H 443 -0.14 -0.82 33.97
C LEU H 443 -0.04 -2.34 34.01
N SER H 444 1.10 -2.89 33.60
CA SER H 444 1.28 -4.34 33.57
C SER H 444 1.84 -4.90 34.87
N MET H 445 2.08 -4.06 35.88
CA MET H 445 2.34 -4.48 37.25
C MET H 445 1.10 -4.49 38.13
N LEU H 446 0.31 -3.43 38.11
CA LEU H 446 -0.80 -3.29 39.05
C LEU H 446 -2.09 -3.89 38.52
N VAL I 1 -16.44 -23.29 47.11
CA VAL I 1 -17.34 -24.07 46.27
C VAL I 1 -16.68 -25.41 45.94
N GLN I 2 -17.40 -26.50 46.24
CA GLN I 2 -17.07 -27.89 45.93
C GLN I 2 -15.84 -28.40 46.69
N MET I 3 -15.17 -27.55 47.47
CA MET I 3 -14.00 -27.96 48.22
C MET I 3 -14.02 -27.25 49.57
N LYS I 4 -14.26 -28.01 50.63
CA LYS I 4 -14.30 -27.45 51.97
C LYS I 4 -12.94 -26.93 52.38
N LYS I 5 -12.93 -25.77 53.04
CA LYS I 5 -11.66 -25.13 53.40
C LYS I 5 -10.87 -25.98 54.37
N CYS I 6 -9.62 -26.27 54.00
CA CYS I 6 -8.73 -27.04 54.85
C CYS I 6 -8.23 -26.20 56.01
N THR I 7 -8.02 -26.85 57.14
CA THR I 7 -7.44 -26.21 58.31
C THR I 7 -6.09 -26.78 58.71
N THR I 8 -5.85 -28.07 58.47
CA THR I 8 -4.60 -28.71 58.82
C THR I 8 -3.92 -29.24 57.56
N LYS I 9 -2.64 -29.60 57.71
CA LYS I 9 -1.90 -30.13 56.58
C LYS I 9 -2.43 -31.50 56.15
N GLU I 10 -3.04 -32.24 57.07
CA GLU I 10 -3.66 -33.52 56.70
C GLU I 10 -4.84 -33.30 55.77
N ASP I 11 -5.66 -32.28 56.04
CA ASP I 11 -6.77 -31.95 55.15
C ASP I 11 -6.25 -31.53 53.78
N VAL I 12 -5.15 -30.78 53.75
CA VAL I 12 -4.55 -30.36 52.49
C VAL I 12 -4.07 -31.57 51.69
N LEU I 13 -3.40 -32.51 52.35
CA LEU I 13 -2.91 -33.70 51.67
C LEU I 13 -4.06 -34.56 51.15
N GLU I 14 -5.14 -34.69 51.95
CA GLU I 14 -6.32 -35.42 51.50
C GLU I 14 -6.96 -34.74 50.30
N ALA I 15 -7.05 -33.41 50.31
CA ALA I 15 -7.63 -32.68 49.19
C ALA I 15 -6.78 -32.82 47.94
N VAL I 16 -5.45 -32.80 48.11
CA VAL I 16 -4.54 -32.99 46.98
C VAL I 16 -4.72 -34.39 46.39
N LYS I 17 -4.85 -35.40 47.25
CA LYS I 17 -5.07 -36.76 46.77
C LYS I 17 -6.40 -36.89 46.04
N GLU I 18 -7.49 -36.39 46.62
CA GLU I 18 -8.81 -36.67 46.07
C GLU I 18 -9.21 -35.76 44.93
N ARG I 19 -8.54 -34.61 44.74
CA ARG I 19 -8.86 -33.70 43.66
C ARG I 19 -7.86 -33.75 42.52
N ASP I 20 -6.99 -34.76 42.50
CA ASP I 20 -6.00 -34.97 41.44
C ASP I 20 -5.10 -33.74 41.29
N VAL I 21 -4.68 -33.18 42.42
CA VAL I 21 -3.80 -32.01 42.41
C VAL I 21 -2.37 -32.50 42.18
N LYS I 22 -1.72 -31.95 41.16
CA LYS I 22 -0.34 -32.31 40.86
C LYS I 22 0.66 -31.20 41.13
N PHE I 23 0.29 -29.95 40.88
CA PHE I 23 1.19 -28.82 41.05
C PHE I 23 0.71 -27.96 42.21
N ILE I 24 1.63 -27.61 43.11
CA ILE I 24 1.35 -26.72 44.22
C ILE I 24 2.14 -25.44 43.98
N ARG I 25 1.44 -24.32 43.90
CA ARG I 25 2.07 -23.01 43.75
C ARG I 25 2.25 -22.42 45.14
N THR I 26 3.46 -22.58 45.70
CA THR I 26 3.80 -21.95 46.96
C THR I 26 3.94 -20.45 46.74
N GLN I 27 3.20 -19.66 47.50
CA GLN I 27 3.07 -18.23 47.23
C GLN I 27 3.31 -17.42 48.49
N PHE I 28 3.86 -16.23 48.29
CA PHE I 28 3.92 -15.22 49.32
C PHE I 28 3.78 -13.85 48.67
N THR I 29 3.78 -12.82 49.49
CA THR I 29 3.66 -11.45 49.04
C THR I 29 4.95 -10.69 49.37
N ASP I 30 5.48 -9.96 48.39
CA ASP I 30 6.69 -9.19 48.61
C ASP I 30 6.35 -7.88 49.33
N THR I 31 7.38 -7.05 49.52
CA THR I 31 7.22 -5.82 50.31
C THR I 31 6.24 -4.85 49.66
N LEU I 32 6.25 -4.77 48.32
CA LEU I 32 5.40 -3.83 47.60
C LEU I 32 4.03 -4.40 47.27
N GLY I 33 3.72 -5.62 47.70
CA GLY I 33 2.41 -6.18 47.50
C GLY I 33 2.22 -7.05 46.28
N ILE I 34 3.30 -7.45 45.61
CA ILE I 34 3.22 -8.29 44.43
C ILE I 34 3.29 -9.75 44.87
N ILE I 35 2.37 -10.56 44.36
CA ILE I 35 2.37 -11.97 44.68
C ILE I 35 3.57 -12.65 44.04
N LYS I 36 4.28 -13.46 44.82
CA LYS I 36 5.44 -14.19 44.37
C LYS I 36 5.15 -15.68 44.45
N SER I 37 5.26 -16.37 43.33
CA SER I 37 4.81 -17.75 43.23
C SER I 37 5.85 -18.62 42.55
N TRP I 38 5.95 -19.87 43.00
CA TRP I 38 6.69 -20.88 42.25
C TRP I 38 6.04 -22.24 42.52
N ALA I 39 6.15 -23.12 41.54
CA ALA I 39 5.41 -24.38 41.53
C ALA I 39 6.30 -25.51 42.00
N ILE I 40 5.80 -26.30 42.94
CA ILE I 40 6.44 -27.57 43.33
C ILE I 40 5.45 -28.68 43.00
N PRO I 41 5.93 -29.89 42.71
CA PRO I 41 5.00 -31.01 42.53
C PRO I 41 4.30 -31.36 43.84
N ALA I 42 3.10 -31.94 43.71
CA ALA I 42 2.33 -32.32 44.88
C ALA I 42 3.01 -33.45 45.66
N GLU I 43 3.90 -34.21 44.99
CA GLU I 43 4.67 -35.23 45.69
C GLU I 43 5.59 -34.63 46.74
N GLN I 44 6.10 -33.42 46.49
CA GLN I 44 6.98 -32.75 47.43
C GLN I 44 6.24 -31.99 48.51
N LEU I 45 4.90 -32.00 48.49
CA LEU I 45 4.13 -31.17 49.42
C LEU I 45 4.28 -31.66 50.86
N GLU I 46 4.35 -32.98 51.06
CA GLU I 46 4.51 -33.50 52.42
C GLU I 46 5.84 -33.06 53.02
N GLU I 47 6.91 -33.08 52.23
CA GLU I 47 8.20 -32.60 52.72
C GLU I 47 8.19 -31.09 52.90
N ALA I 48 7.47 -30.37 52.03
CA ALA I 48 7.39 -28.92 52.13
C ALA I 48 6.62 -28.49 53.37
N PHE I 49 5.67 -29.30 53.83
CA PHE I 49 4.93 -28.98 55.04
C PHE I 49 5.76 -29.10 56.30
N GLU I 50 6.81 -29.93 56.31
CA GLU I 50 7.65 -30.10 57.48
C GLU I 50 8.91 -29.24 57.42
N ASN I 51 9.62 -29.24 56.31
CA ASN I 51 10.89 -28.52 56.19
C ASN I 51 10.75 -27.14 55.57
N GLY I 52 9.55 -26.77 55.11
CA GLY I 52 9.40 -25.53 54.38
C GLY I 52 9.87 -25.67 52.95
N VAL I 53 9.74 -24.57 52.21
CA VAL I 53 10.21 -24.50 50.82
C VAL I 53 11.31 -23.46 50.76
N MET I 54 12.50 -23.88 50.36
CA MET I 54 13.65 -22.98 50.34
C MET I 54 13.66 -22.18 49.04
N PHE I 55 14.01 -20.90 49.15
CA PHE I 55 14.08 -20.04 47.96
C PHE I 55 15.09 -18.93 48.20
N ASP I 56 15.49 -18.30 47.09
CA ASP I 56 16.45 -17.20 47.13
C ASP I 56 15.70 -15.89 47.29
N GLY I 57 15.98 -15.17 48.38
CA GLY I 57 15.33 -13.93 48.67
C GLY I 57 15.99 -12.68 48.12
N SER I 58 17.20 -12.79 47.58
CA SER I 58 17.88 -11.62 47.03
C SER I 58 17.25 -11.13 45.74
N SER I 59 16.50 -11.97 45.04
CA SER I 59 15.80 -11.59 43.83
C SER I 59 14.40 -11.06 44.11
N ILE I 60 14.01 -10.97 45.39
CA ILE I 60 12.72 -10.42 45.79
C ILE I 60 12.97 -9.03 46.37
N GLN I 61 12.25 -8.04 45.86
CA GLN I 61 12.44 -6.67 46.30
C GLN I 61 11.97 -6.48 47.74
N GLY I 62 12.79 -5.79 48.53
CA GLY I 62 12.50 -5.56 49.93
C GLY I 62 12.90 -6.68 50.86
N PHE I 63 13.38 -7.80 50.32
CA PHE I 63 13.79 -8.96 51.09
C PHE I 63 15.29 -8.88 51.38
N THR I 64 15.89 -10.01 51.76
CA THR I 64 17.26 -10.05 52.22
C THR I 64 18.25 -9.70 51.11
N ARG I 65 19.50 -9.46 51.51
CA ARG I 65 20.58 -9.10 50.62
C ARG I 65 21.23 -10.34 50.01
N ILE I 66 22.10 -10.11 49.04
CA ILE I 66 22.70 -11.22 48.29
C ILE I 66 23.71 -12.00 49.13
N GLU I 67 24.23 -11.39 50.20
CA GLU I 67 25.21 -12.09 51.03
C GLU I 67 24.54 -13.11 51.93
N GLU I 68 23.33 -12.83 52.39
CA GLU I 68 22.56 -13.75 53.25
C GLU I 68 21.17 -13.84 52.62
N SER I 69 21.03 -14.70 51.61
CA SER I 69 19.87 -14.67 50.73
C SER I 69 19.01 -15.92 50.80
N ASP I 70 19.45 -16.97 51.49
CA ASP I 70 18.66 -18.18 51.59
C ASP I 70 17.44 -17.92 52.48
N MET I 71 16.27 -18.33 51.99
CA MET I 71 15.02 -18.09 52.70
C MET I 71 14.14 -19.32 52.62
N LYS I 72 13.25 -19.45 53.60
CA LYS I 72 12.34 -20.58 53.69
C LYS I 72 10.90 -20.07 53.77
N LEU I 73 10.00 -20.71 53.03
CA LEU I 73 8.58 -20.41 53.08
C LEU I 73 7.89 -21.48 53.91
N ALA I 74 7.26 -21.06 55.02
CA ALA I 74 6.50 -21.96 55.87
C ALA I 74 5.04 -21.95 55.38
N LEU I 75 4.60 -23.06 54.81
CA LEU I 75 3.28 -23.12 54.19
C LEU I 75 2.18 -23.07 55.24
N ASP I 76 1.12 -22.31 54.92
CA ASP I 76 -0.03 -22.22 55.80
C ASP I 76 -1.16 -23.06 55.23
N PRO I 77 -1.53 -24.17 55.87
CA PRO I 77 -2.53 -25.07 55.28
C PRO I 77 -3.90 -24.45 55.07
N SER I 78 -4.29 -23.47 55.89
CA SER I 78 -5.60 -22.86 55.77
C SER I 78 -5.77 -22.08 54.47
N THR I 79 -4.68 -21.68 53.83
CA THR I 79 -4.73 -20.93 52.59
C THR I 79 -4.74 -21.82 51.36
N PHE I 80 -4.75 -23.14 51.53
CA PHE I 80 -4.73 -24.05 50.39
C PHE I 80 -5.98 -23.88 49.55
N ARG I 81 -5.79 -23.69 48.26
CA ARG I 81 -6.89 -23.42 47.34
C ARG I 81 -6.52 -23.89 45.95
N ILE I 82 -7.47 -24.55 45.30
CA ILE I 82 -7.27 -25.06 43.94
C ILE I 82 -7.67 -23.97 42.95
N LEU I 83 -6.80 -23.75 41.96
CA LEU I 83 -7.04 -22.71 40.96
C LEU I 83 -8.04 -23.22 39.92
N PRO I 84 -9.20 -22.58 39.77
CA PRO I 84 -10.21 -23.13 38.85
C PRO I 84 -9.91 -22.88 37.38
N TRP I 85 -9.12 -21.86 37.03
CA TRP I 85 -8.80 -21.60 35.64
C TRP I 85 -7.69 -22.50 35.11
N ARG I 86 -7.02 -23.23 35.97
CA ARG I 86 -6.04 -24.24 35.61
C ARG I 86 -6.74 -25.57 35.34
N PRO I 87 -6.09 -26.49 34.61
CA PRO I 87 -6.76 -27.75 34.26
C PRO I 87 -7.17 -28.56 35.48
N ALA I 88 -8.33 -29.22 35.36
CA ALA I 88 -8.85 -30.04 36.45
C ALA I 88 -8.11 -31.37 36.58
N THR I 89 -7.66 -31.95 35.47
CA THR I 89 -6.86 -33.16 35.47
C THR I 89 -5.41 -32.76 35.67
N GLY I 90 -4.77 -33.30 36.72
CA GLY I 90 -3.50 -32.77 37.15
C GLY I 90 -3.69 -31.36 37.64
N ALA I 91 -4.55 -31.20 38.64
CA ALA I 91 -5.01 -29.89 39.08
C ALA I 91 -3.86 -29.08 39.70
N VAL I 92 -4.00 -27.77 39.62
CA VAL I 92 -3.03 -26.83 40.17
C VAL I 92 -3.66 -26.14 41.37
N ALA I 93 -2.95 -26.14 42.49
CA ALA I 93 -3.42 -25.51 43.71
C ALA I 93 -2.36 -24.55 44.22
N ARG I 94 -2.80 -23.58 45.00
CA ARG I 94 -1.89 -22.63 45.64
C ARG I 94 -1.93 -22.81 47.15
N ILE I 95 -0.80 -22.53 47.78
CA ILE I 95 -0.71 -22.40 49.24
C ILE I 95 0.07 -21.13 49.54
N LEU I 96 -0.53 -20.25 50.33
CA LEU I 96 0.19 -19.09 50.82
C LEU I 96 1.06 -19.50 52.00
N GLY I 97 2.20 -18.81 52.15
CA GLY I 97 3.15 -19.16 53.19
C GLY I 97 3.64 -17.94 53.92
N ASP I 98 4.38 -18.21 54.99
CA ASP I 98 5.08 -17.19 55.76
C ASP I 98 6.57 -17.33 55.53
N VAL I 99 7.24 -16.21 55.28
CA VAL I 99 8.66 -16.23 54.97
C VAL I 99 9.44 -16.31 56.27
N TYR I 100 10.35 -17.29 56.35
CA TYR I 100 11.17 -17.51 57.52
C TYR I 100 12.64 -17.47 57.15
N LEU I 101 13.46 -17.04 58.11
CA LEU I 101 14.89 -17.17 57.99
C LEU I 101 15.31 -18.63 58.21
N PRO I 102 16.48 -19.03 57.70
CA PRO I 102 16.89 -20.43 57.86
C PRO I 102 17.11 -20.86 59.30
N ASP I 103 17.30 -19.92 60.23
CA ASP I 103 17.48 -20.26 61.63
C ASP I 103 16.15 -20.52 62.35
N GLY I 104 15.03 -20.53 61.62
CA GLY I 104 13.73 -20.81 62.19
C GLY I 104 12.96 -19.59 62.65
N ASN I 105 13.56 -18.41 62.64
CA ASN I 105 12.79 -17.24 63.03
C ASN I 105 12.03 -16.68 61.84
N PRO I 106 10.86 -16.07 62.09
CA PRO I 106 10.13 -15.42 61.00
C PRO I 106 10.93 -14.25 60.42
N PHE I 107 10.77 -14.04 59.13
CA PHE I 107 11.40 -12.90 58.47
C PHE I 107 10.62 -11.64 58.81
N LYS I 108 11.29 -10.68 59.46
CA LYS I 108 10.61 -9.45 59.86
C LYS I 108 10.28 -8.54 58.68
N GLY I 109 10.86 -8.79 57.51
CA GLY I 109 10.50 -8.08 56.30
C GLY I 109 9.31 -8.64 55.57
N ASP I 110 8.69 -9.69 56.11
CA ASP I 110 7.49 -10.26 55.52
C ASP I 110 6.28 -9.38 55.84
N PRO I 111 5.55 -8.88 54.85
CA PRO I 111 4.34 -8.09 55.14
C PRO I 111 3.28 -8.88 55.89
N ARG I 112 3.16 -10.18 55.61
CA ARG I 112 2.24 -11.02 56.37
C ARG I 112 2.64 -11.09 57.83
N TYR I 113 3.95 -11.12 58.10
CA TYR I 113 4.43 -11.06 59.47
C TYR I 113 4.08 -9.72 60.12
N VAL I 114 4.14 -8.62 59.36
CA VAL I 114 3.76 -7.32 59.89
C VAL I 114 2.28 -7.29 60.27
N LEU I 115 1.44 -7.84 59.39
CA LEU I 115 0.01 -7.91 59.70
C LEU I 115 -0.25 -8.81 60.90
N LYS I 116 0.47 -9.92 61.01
CA LYS I 116 0.32 -10.80 62.17
C LYS I 116 0.76 -10.11 63.46
N THR I 117 1.81 -9.28 63.38
CA THR I 117 2.24 -8.51 64.53
C THR I 117 1.18 -7.50 64.94
N ALA I 118 0.55 -6.85 63.97
CA ALA I 118 -0.56 -5.94 64.27
C ALA I 118 -1.73 -6.69 64.90
N ILE I 119 -2.01 -7.91 64.42
CA ILE I 119 -3.09 -8.73 64.99
C ILE I 119 -2.77 -9.10 66.43
N LYS I 120 -1.51 -9.46 66.70
CA LYS I 120 -1.11 -9.77 68.08
C LYS I 120 -1.23 -8.54 68.97
N GLU I 121 -0.87 -7.36 68.43
CA GLU I 121 -1.02 -6.12 69.19
C GLU I 121 -2.48 -5.85 69.52
N ALA I 122 -3.37 -6.09 68.56
CA ALA I 122 -4.80 -5.92 68.81
C ALA I 122 -5.31 -6.93 69.83
N GLU I 123 -4.83 -8.17 69.75
CA GLU I 123 -5.28 -9.22 70.68
C GLU I 123 -4.77 -8.96 72.09
N LYS I 124 -3.63 -8.29 72.24
CA LYS I 124 -3.16 -7.91 73.56
C LYS I 124 -4.12 -6.94 74.26
N MET I 125 -4.92 -6.20 73.50
CA MET I 125 -5.99 -5.38 74.03
C MET I 125 -7.35 -6.05 73.92
N GLY I 126 -7.39 -7.33 73.55
CA GLY I 126 -8.64 -8.05 73.42
C GLY I 126 -9.40 -7.80 72.14
N PHE I 127 -8.80 -7.15 71.17
CA PHE I 127 -9.49 -6.75 69.94
C PHE I 127 -9.15 -7.70 68.80
N SER I 128 -10.13 -7.90 67.93
CA SER I 128 -9.95 -8.63 66.67
C SER I 128 -10.54 -7.82 65.55
N MET I 129 -9.82 -7.75 64.43
CA MET I 129 -10.17 -6.85 63.34
C MET I 129 -10.82 -7.62 62.20
N ASN I 130 -11.94 -7.11 61.71
CA ASN I 130 -12.59 -7.62 60.51
C ASN I 130 -12.54 -6.54 59.44
N VAL I 131 -12.12 -6.90 58.24
CA VAL I 131 -11.93 -5.94 57.16
C VAL I 131 -12.79 -6.35 55.97
N GLY I 132 -13.60 -5.42 55.47
CA GLY I 132 -14.28 -5.60 54.21
C GLY I 132 -13.78 -4.62 53.17
N PRO I 133 -12.97 -5.10 52.23
CA PRO I 133 -12.45 -4.22 51.18
C PRO I 133 -13.33 -4.22 49.94
N GLU I 134 -13.45 -3.04 49.33
CA GLU I 134 -14.18 -2.86 48.09
C GLU I 134 -13.19 -2.44 47.01
N LEU I 135 -12.83 -3.38 46.14
CA LEU I 135 -11.81 -3.15 45.14
C LEU I 135 -12.45 -2.82 43.80
N GLU I 136 -11.93 -1.78 43.14
CA GLU I 136 -12.31 -1.42 41.80
C GLU I 136 -11.16 -1.77 40.85
N PHE I 137 -11.50 -2.23 39.66
CA PHE I 137 -10.50 -2.54 38.65
C PHE I 137 -11.04 -2.16 37.28
N PHE I 138 -10.12 -2.00 36.33
CA PHE I 138 -10.45 -1.70 34.96
C PHE I 138 -10.27 -2.93 34.10
N LEU I 139 -11.12 -3.08 33.10
CA LEU I 139 -11.02 -4.15 32.12
C LEU I 139 -10.62 -3.54 30.79
N PHE I 140 -9.38 -3.82 30.37
CA PHE I 140 -8.81 -3.26 29.17
C PHE I 140 -8.61 -4.35 28.12
N LYS I 141 -8.44 -3.91 26.88
CA LYS I 141 -8.17 -4.84 25.80
C LYS I 141 -6.72 -5.32 25.84
N LEU I 142 -6.51 -6.50 25.29
CA LEU I 142 -5.16 -7.00 25.02
C LEU I 142 -4.78 -6.67 23.59
N ASP I 143 -3.48 -6.51 23.36
CA ASP I 143 -3.00 -6.25 22.01
C ASP I 143 -2.83 -7.59 21.27
N ALA I 144 -2.18 -7.55 20.11
CA ALA I 144 -1.97 -8.76 19.33
C ALA I 144 -1.07 -9.76 20.06
N ASN I 145 -0.13 -9.26 20.86
CA ASN I 145 0.78 -10.11 21.61
C ASN I 145 0.24 -10.52 22.97
N GLY I 146 -0.99 -10.12 23.30
CA GLY I 146 -1.55 -10.42 24.60
C GLY I 146 -1.02 -9.57 25.73
N ASN I 147 -0.40 -8.44 25.42
CA ASN I 147 0.14 -7.49 26.38
C ASN I 147 -0.92 -6.48 26.80
N PRO I 148 -0.81 -5.94 28.01
CA PRO I 148 -1.82 -4.98 28.49
C PRO I 148 -1.83 -3.70 27.68
N THR I 149 -3.03 -3.15 27.49
CA THR I 149 -3.25 -1.83 26.94
C THR I 149 -4.14 -1.04 27.91
N THR I 150 -4.53 0.16 27.49
CA THR I 150 -5.56 0.93 28.19
C THR I 150 -6.79 1.13 27.32
N GLU I 151 -6.92 0.34 26.26
CA GLU I 151 -8.06 0.45 25.36
C GLU I 151 -9.33 0.02 26.07
N LEU I 152 -10.36 0.86 25.98
CA LEU I 152 -11.61 0.63 26.70
C LEU I 152 -12.35 -0.57 26.14
N THR I 153 -12.93 -1.37 27.03
CA THR I 153 -13.78 -2.48 26.62
C THR I 153 -15.24 -2.08 26.50
N ASP I 154 -15.66 -1.03 27.22
CA ASP I 154 -16.99 -0.46 27.06
C ASP I 154 -16.95 0.99 27.49
N GLN I 155 -18.03 1.70 27.17
CA GLN I 155 -18.21 3.10 27.56
C GLN I 155 -19.30 3.24 28.63
N GLY I 156 -19.54 2.18 29.40
CA GLY I 156 -20.59 2.19 30.38
C GLY I 156 -20.24 3.01 31.62
N GLY I 157 -21.26 3.31 32.39
CA GLY I 157 -21.10 4.06 33.63
C GLY I 157 -21.53 3.26 34.84
N TYR I 158 -21.82 3.97 35.94
CA TYR I 158 -22.19 3.30 37.18
C TYR I 158 -23.52 2.57 37.03
N PHE I 159 -23.51 1.29 37.42
CA PHE I 159 -24.69 0.43 37.41
C PHE I 159 -25.29 0.29 36.01
N ASP I 160 -24.46 0.39 34.98
CA ASP I 160 -24.97 0.31 33.61
C ASP I 160 -25.23 -1.15 33.21
N PHE I 161 -26.19 -1.31 32.31
CA PHE I 161 -26.69 -2.59 31.84
C PHE I 161 -26.48 -2.66 30.32
N ALA I 162 -27.09 -3.68 29.69
CA ALA I 162 -27.32 -3.75 28.25
C ALA I 162 -25.98 -4.03 27.57
N PRO I 163 -25.76 -3.65 26.30
CA PRO I 163 -24.37 -3.56 25.83
C PRO I 163 -23.64 -2.27 26.20
N LEU I 164 -24.20 -1.41 27.05
CA LEU I 164 -23.39 -0.34 27.63
C LEU I 164 -22.31 -0.92 28.52
N ASP I 165 -22.67 -1.87 29.38
CA ASP I 165 -21.72 -2.70 30.09
C ASP I 165 -21.45 -3.94 29.24
N ARG I 166 -20.18 -4.18 28.91
CA ARG I 166 -19.82 -5.26 28.00
C ARG I 166 -19.00 -6.33 28.69
N ALA I 167 -19.03 -6.39 30.01
CA ALA I 167 -18.20 -7.33 30.76
C ALA I 167 -19.02 -8.18 31.74
N GLN I 168 -20.27 -8.49 31.40
CA GLN I 168 -21.07 -9.35 32.27
C GLN I 168 -20.52 -10.77 32.31
N ASP I 169 -20.00 -11.25 31.17
CA ASP I 169 -19.42 -12.59 31.13
C ASP I 169 -18.11 -12.66 31.92
N VAL I 170 -17.28 -11.62 31.82
CA VAL I 170 -16.03 -11.59 32.57
C VAL I 170 -16.31 -11.55 34.06
N ARG I 171 -17.26 -10.70 34.49
CA ARG I 171 -17.61 -10.63 35.90
C ARG I 171 -18.24 -11.93 36.38
N ARG I 172 -19.02 -12.58 35.52
CA ARG I 172 -19.61 -13.87 35.86
C ARG I 172 -18.54 -14.93 36.10
N ASP I 173 -17.56 -15.00 35.18
CA ASP I 173 -16.49 -15.98 35.34
C ASP I 173 -15.59 -15.64 36.53
N ILE I 174 -15.37 -14.35 36.79
CA ILE I 174 -14.60 -13.95 37.97
C ILE I 174 -15.33 -14.36 39.24
N ASP I 175 -16.66 -14.16 39.28
CA ASP I 175 -17.45 -14.54 40.45
C ASP I 175 -17.40 -16.05 40.67
N TYR I 176 -17.52 -16.82 39.59
CA TYR I 176 -17.42 -18.28 39.69
C TYR I 176 -16.06 -18.71 40.22
N ALA I 177 -14.99 -18.11 39.68
CA ALA I 177 -13.65 -18.45 40.12
C ALA I 177 -13.43 -18.09 41.59
N LEU I 178 -13.90 -16.92 42.01
CA LEU I 178 -13.73 -16.50 43.40
C LEU I 178 -14.51 -17.39 44.35
N GLU I 179 -15.73 -17.78 43.96
CA GLU I 179 -16.48 -18.75 44.76
C GLU I 179 -15.76 -20.08 44.84
N HIS I 180 -15.05 -20.47 43.78
CA HIS I 180 -14.22 -21.67 43.85
C HIS I 180 -13.05 -21.51 44.83
N MET I 181 -12.53 -20.29 45.00
CA MET I 181 -11.45 -20.04 45.96
C MET I 181 -11.97 -19.61 47.32
N GLY I 182 -13.22 -19.92 47.65
CA GLY I 182 -13.74 -19.67 48.98
C GLY I 182 -14.28 -18.28 49.24
N PHE I 183 -14.27 -17.40 48.24
CA PHE I 183 -14.88 -16.09 48.40
C PHE I 183 -16.40 -16.21 48.48
N GLN I 184 -17.00 -15.34 49.26
CA GLN I 184 -18.46 -15.19 49.32
C GLN I 184 -18.79 -13.88 48.61
N ILE I 185 -19.19 -13.98 47.34
CA ILE I 185 -19.51 -12.79 46.54
C ILE I 185 -20.76 -12.14 47.10
N GLU I 186 -20.72 -10.80 47.19
CA GLU I 186 -21.85 -10.01 47.65
C GLU I 186 -22.53 -9.24 46.54
N ALA I 187 -21.77 -8.58 45.68
CA ALA I 187 -22.33 -7.82 44.57
C ALA I 187 -21.25 -7.66 43.50
N SER I 188 -21.71 -7.41 42.28
CA SER I 188 -20.81 -7.14 41.16
C SER I 188 -21.52 -6.20 40.20
N HIS I 189 -20.81 -5.18 39.73
CA HIS I 189 -21.42 -4.18 38.87
C HIS I 189 -20.36 -3.44 38.08
N HIS I 190 -20.82 -2.73 37.06
CA HIS I 190 -20.01 -1.74 36.38
C HIS I 190 -19.86 -0.50 37.27
N GLU I 191 -18.66 0.05 37.30
CA GLU I 191 -18.37 1.21 38.14
C GLU I 191 -18.54 2.50 37.32
N VAL I 192 -18.19 3.63 37.94
CA VAL I 192 -18.45 4.94 37.35
C VAL I 192 -17.66 5.13 36.05
N ALA I 193 -16.36 4.87 36.09
CA ALA I 193 -15.52 5.08 34.93
C ALA I 193 -15.82 4.05 33.85
N PRO I 194 -15.57 4.40 32.59
CA PRO I 194 -15.71 3.41 31.51
C PRO I 194 -14.77 2.23 31.72
N SER I 195 -15.28 1.03 31.41
CA SER I 195 -14.55 -0.23 31.54
C SER I 195 -14.10 -0.52 32.97
N GLN I 196 -14.75 0.07 33.96
CA GLN I 196 -14.40 -0.08 35.36
C GLN I 196 -15.47 -0.90 36.06
N HIS I 197 -15.04 -1.83 36.92
CA HIS I 197 -15.94 -2.80 37.52
C HIS I 197 -15.58 -3.01 38.98
N GLU I 198 -16.61 -3.29 39.78
CA GLU I 198 -16.44 -3.58 41.20
C GLU I 198 -17.09 -4.92 41.50
N ILE I 199 -16.35 -5.81 42.15
CA ILE I 199 -16.87 -7.06 42.65
C ILE I 199 -16.64 -7.11 44.14
N ASP I 200 -17.71 -7.21 44.91
CA ASP I 200 -17.65 -7.18 46.36
C ASP I 200 -17.78 -8.58 46.92
N PHE I 201 -16.85 -8.94 47.81
CA PHE I 201 -16.92 -10.20 48.52
C PHE I 201 -17.10 -9.93 50.01
N ARG I 202 -17.53 -10.96 50.73
CA ARG I 202 -17.83 -10.82 52.14
C ARG I 202 -16.57 -10.51 52.94
N PHE I 203 -16.75 -9.76 54.03
CA PHE I 203 -15.67 -9.43 54.93
C PHE I 203 -15.21 -10.68 55.68
N GLY I 204 -14.10 -10.53 56.39
CA GLY I 204 -13.59 -11.58 57.23
C GLY I 204 -12.53 -11.03 58.16
N ASP I 205 -11.87 -11.95 58.88
CA ASP I 205 -10.75 -11.53 59.70
C ASP I 205 -9.63 -10.97 58.83
N VAL I 206 -8.86 -10.05 59.42
CA VAL I 206 -8.03 -9.13 58.63
C VAL I 206 -6.95 -9.88 57.87
N LEU I 207 -6.37 -10.93 58.47
CA LEU I 207 -5.32 -11.69 57.79
C LEU I 207 -5.89 -12.45 56.61
N CYS I 208 -7.00 -13.16 56.82
CA CYS I 208 -7.70 -13.81 55.71
C CYS I 208 -8.17 -12.80 54.68
N THR I 209 -8.53 -11.59 55.13
CA THR I 209 -8.97 -10.56 54.19
C THR I 209 -7.83 -10.07 53.30
N ALA I 210 -6.64 -9.88 53.87
CA ALA I 210 -5.50 -9.47 53.05
C ALA I 210 -5.09 -10.58 52.08
N ASP I 211 -5.11 -11.83 52.56
CA ASP I 211 -4.95 -12.97 51.65
C ASP I 211 -5.98 -12.94 50.53
N ASN I 212 -7.23 -12.61 50.88
CA ASN I 212 -8.29 -12.51 49.89
C ASN I 212 -8.05 -11.36 48.92
N VAL I 213 -7.44 -10.28 49.38
CA VAL I 213 -7.17 -9.14 48.50
C VAL I 213 -6.15 -9.52 47.44
N VAL I 214 -5.03 -10.12 47.85
CA VAL I 214 -4.01 -10.50 46.86
C VAL I 214 -4.55 -11.61 45.95
N THR I 215 -5.28 -12.56 46.54
CA THR I 215 -5.91 -13.62 45.75
C THR I 215 -6.91 -13.06 44.75
N PHE I 216 -7.74 -12.10 45.19
CA PHE I 216 -8.71 -11.48 44.31
C PHE I 216 -8.03 -10.80 43.14
N LYS I 217 -6.94 -10.07 43.42
CA LYS I 217 -6.25 -9.37 42.35
C LYS I 217 -5.72 -10.35 41.30
N TYR I 218 -5.04 -11.42 41.75
CA TYR I 218 -4.50 -12.32 40.72
C TYR I 218 -5.57 -13.20 40.08
N VAL I 219 -6.65 -13.53 40.79
CA VAL I 219 -7.75 -14.28 40.19
C VAL I 219 -8.44 -13.45 39.12
N VAL I 220 -8.74 -12.19 39.41
CA VAL I 220 -9.34 -11.30 38.42
C VAL I 220 -8.41 -11.15 37.22
N LYS I 221 -7.11 -11.01 37.47
CA LYS I 221 -6.15 -10.89 36.37
C LYS I 221 -6.14 -12.14 35.50
N SER I 222 -6.12 -13.33 36.11
CA SER I 222 -6.08 -14.57 35.33
C SER I 222 -7.36 -14.77 34.54
N ILE I 223 -8.52 -14.55 35.17
CA ILE I 223 -9.79 -14.75 34.47
C ILE I 223 -9.92 -13.76 33.33
N ALA I 224 -9.53 -12.49 33.54
CA ALA I 224 -9.55 -11.51 32.46
C ALA I 224 -8.61 -11.91 31.33
N TYR I 225 -7.42 -12.42 31.67
CA TYR I 225 -6.46 -12.81 30.65
C TYR I 225 -6.99 -13.94 29.78
N HIS I 226 -7.61 -14.95 30.40
CA HIS I 226 -8.08 -16.09 29.61
C HIS I 226 -9.30 -15.77 28.77
N LYS I 227 -9.97 -14.65 29.01
CA LYS I 227 -11.01 -14.17 28.11
C LYS I 227 -10.51 -13.10 27.14
N GLY I 228 -9.20 -12.92 27.03
CA GLY I 228 -8.64 -11.95 26.12
C GLY I 228 -8.67 -10.52 26.58
N TYR I 229 -8.75 -10.28 27.89
CA TYR I 229 -8.79 -8.94 28.45
C TYR I 229 -7.64 -8.76 29.42
N TYR I 230 -7.43 -7.52 29.84
CA TYR I 230 -6.48 -7.21 30.89
C TYR I 230 -7.20 -6.55 32.05
N ALA I 231 -7.01 -7.08 33.25
CA ALA I 231 -7.55 -6.50 34.47
C ALA I 231 -6.50 -5.60 35.08
N SER I 232 -6.80 -4.31 35.16
CA SER I 232 -5.87 -3.32 35.69
C SER I 232 -6.34 -2.86 37.05
N PHE I 233 -5.46 -2.98 38.05
CA PHE I 233 -5.68 -2.40 39.36
C PHE I 233 -4.88 -1.11 39.56
N MET I 234 -4.52 -0.47 38.45
CA MET I 234 -3.85 0.82 38.51
C MET I 234 -4.78 1.86 39.13
N PRO I 235 -4.28 2.71 40.04
CA PRO I 235 -5.17 3.68 40.71
C PRO I 235 -5.84 4.66 39.75
N LYS I 236 -5.14 5.08 38.69
CA LYS I 236 -5.68 6.06 37.75
C LYS I 236 -5.06 5.81 36.38
N PRO I 237 -5.53 4.78 35.67
CA PRO I 237 -4.96 4.50 34.35
C PRO I 237 -5.35 5.52 33.29
N LEU I 238 -6.48 6.19 33.44
CA LEU I 238 -7.00 7.12 32.45
C LEU I 238 -7.27 8.48 33.08
N PHE I 239 -7.00 9.53 32.34
CA PHE I 239 -7.30 10.88 32.79
C PHE I 239 -8.76 11.24 32.49
N GLY I 240 -9.35 12.02 33.38
CA GLY I 240 -10.67 12.56 33.17
C GLY I 240 -11.81 11.66 33.62
N VAL I 241 -11.53 10.39 33.93
CA VAL I 241 -12.55 9.47 34.42
C VAL I 241 -12.17 9.06 35.84
N ASN I 242 -13.07 8.32 36.47
CA ASN I 242 -12.87 7.93 37.86
C ASN I 242 -11.69 6.96 37.99
N GLY I 243 -10.92 7.14 39.06
CA GLY I 243 -9.88 6.20 39.41
C GLY I 243 -10.41 5.03 40.21
N SER I 244 -9.54 4.05 40.41
CA SER I 244 -9.89 2.86 41.19
C SER I 244 -9.30 2.99 42.59
N GLY I 245 -10.17 2.91 43.60
CA GLY I 245 -9.77 2.86 44.98
C GLY I 245 -10.11 1.52 45.60
N MET I 246 -9.63 1.34 46.84
CA MET I 246 -9.96 0.16 47.64
C MET I 246 -10.53 0.69 48.96
N HIS I 247 -11.85 0.86 49.01
CA HIS I 247 -12.49 1.29 50.24
C HIS I 247 -12.38 0.19 51.29
N SER I 248 -11.84 0.55 52.45
CA SER I 248 -11.51 -0.42 53.50
C SER I 248 -12.48 -0.24 54.66
N ASN I 249 -13.50 -1.08 54.71
CA ASN I 249 -14.40 -1.14 55.85
C ASN I 249 -13.77 -2.01 56.92
N GLN I 250 -13.70 -1.49 58.15
CA GLN I 250 -13.08 -2.20 59.25
C GLN I 250 -13.97 -2.16 60.48
N SER I 251 -14.00 -3.28 61.20
CA SER I 251 -14.75 -3.39 62.44
C SER I 251 -13.90 -4.09 63.48
N LEU I 252 -14.03 -3.65 64.72
CA LEU I 252 -13.32 -4.24 65.85
C LEU I 252 -14.28 -5.07 66.69
N PHE I 253 -13.76 -6.17 67.24
CA PHE I 253 -14.57 -7.09 68.02
C PHE I 253 -13.85 -7.46 69.32
N LYS I 254 -14.61 -7.53 70.40
CA LYS I 254 -14.09 -7.95 71.70
C LYS I 254 -15.15 -8.77 72.39
N ASP I 255 -14.78 -9.98 72.83
CA ASP I 255 -15.69 -10.90 73.51
C ASP I 255 -16.91 -11.24 72.67
N GLY I 256 -16.73 -11.29 71.34
CA GLY I 256 -17.81 -11.62 70.43
C GLY I 256 -18.73 -10.47 70.08
N LYS I 257 -18.53 -9.28 70.64
CA LYS I 257 -19.36 -8.13 70.39
C LYS I 257 -18.62 -7.13 69.52
N ASN I 258 -19.36 -6.48 68.61
CA ASN I 258 -18.79 -5.40 67.82
C ASN I 258 -18.44 -4.23 68.74
N VAL I 259 -17.15 -3.88 68.75
CA VAL I 259 -16.66 -2.83 69.64
C VAL I 259 -17.24 -1.47 69.24
N PHE I 260 -17.41 -1.23 67.94
CA PHE I 260 -17.87 0.05 67.44
C PHE I 260 -19.35 0.31 67.71
N TYR I 261 -20.09 -0.71 68.15
CA TYR I 261 -21.52 -0.59 68.43
C TYR I 261 -21.76 -0.14 69.86
N ASP I 262 -22.74 0.74 70.03
CA ASP I 262 -23.23 1.13 71.35
C ASP I 262 -24.69 1.55 71.21
N PRO I 263 -25.63 0.69 71.60
CA PRO I 263 -27.06 1.04 71.44
C PRO I 263 -27.50 2.24 72.26
N ASP I 264 -26.79 2.56 73.35
CA ASP I 264 -27.21 3.66 74.20
C ASP I 264 -26.90 5.03 73.60
N THR I 265 -25.83 5.13 72.80
CA THR I 265 -25.46 6.41 72.21
C THR I 265 -26.49 6.83 71.16
N PRO I 266 -26.73 8.14 71.01
CA PRO I 266 -27.70 8.60 69.99
C PRO I 266 -27.30 8.23 68.57
N THR I 267 -26.00 8.25 68.27
CA THR I 267 -25.51 7.88 66.95
C THR I 267 -25.24 6.39 66.80
N LYS I 268 -25.52 5.62 67.86
CA LYS I 268 -25.34 4.16 67.87
C LYS I 268 -23.88 3.76 67.64
N LEU I 269 -22.95 4.65 68.02
CA LEU I 269 -21.53 4.41 67.87
C LEU I 269 -20.86 4.53 69.23
N SER I 270 -19.97 3.59 69.55
CA SER I 270 -19.30 3.61 70.83
C SER I 270 -18.23 4.69 70.86
N GLN I 271 -17.76 5.01 72.07
CA GLN I 271 -16.65 5.94 72.21
C GLN I 271 -15.38 5.36 71.60
N ASP I 272 -15.26 4.04 71.61
CA ASP I 272 -14.10 3.38 71.00
C ASP I 272 -14.11 3.53 69.49
N ALA I 273 -15.30 3.60 68.88
CA ALA I 273 -15.36 3.87 67.44
C ALA I 273 -14.85 5.27 67.12
N MET I 274 -15.23 6.25 67.94
CA MET I 274 -14.73 7.61 67.77
C MET I 274 -13.21 7.66 67.98
N TYR I 275 -12.72 6.93 68.99
CA TYR I 275 -11.27 6.87 69.21
C TYR I 275 -10.54 6.23 68.03
N TYR I 276 -11.10 5.16 67.47
CA TYR I 276 -10.52 4.51 66.30
C TYR I 276 -10.46 5.48 65.12
N ILE I 277 -11.55 6.22 64.90
CA ILE I 277 -11.59 7.21 63.81
C ILE I 277 -10.56 8.31 64.07
N GLY I 278 -10.45 8.75 65.33
CA GLY I 278 -9.48 9.78 65.65
C GLY I 278 -8.05 9.35 65.41
N GLY I 279 -7.73 8.11 65.78
CA GLY I 279 -6.40 7.59 65.50
C GLY I 279 -6.12 7.45 64.02
N LEU I 280 -7.13 6.98 63.27
CA LEU I 280 -6.98 6.88 61.82
C LEU I 280 -6.74 8.24 61.18
N LEU I 281 -7.51 9.25 61.59
CA LEU I 281 -7.35 10.58 61.01
C LEU I 281 -6.05 11.23 61.46
N LYS I 282 -5.58 10.91 62.66
CA LYS I 282 -4.31 11.46 63.13
C LYS I 282 -3.14 10.87 62.37
N HIS I 283 -3.18 9.58 62.06
CA HIS I 283 -2.02 8.91 61.49
C HIS I 283 -2.09 8.69 59.98
N ILE I 284 -3.20 9.02 59.32
CA ILE I 284 -3.38 8.65 57.92
C ILE I 284 -2.36 9.33 57.02
N ARG I 285 -1.94 10.55 57.37
CA ARG I 285 -0.92 11.22 56.56
C ARG I 285 0.42 10.50 56.63
N GLU I 286 0.69 9.81 57.74
CA GLU I 286 1.97 9.15 57.93
C GLU I 286 2.09 7.84 57.15
N PHE I 287 0.98 7.22 56.74
CA PHE I 287 1.06 6.01 55.94
C PHE I 287 0.18 6.08 54.70
N THR I 288 -0.13 7.30 54.25
CA THR I 288 -0.65 7.47 52.90
C THR I 288 0.30 6.89 51.86
N ALA I 289 1.61 6.98 52.10
CA ALA I 289 2.59 6.36 51.21
C ALA I 289 2.43 4.84 51.13
N VAL I 290 1.80 4.23 52.13
CA VAL I 290 1.53 2.80 52.09
C VAL I 290 0.16 2.51 51.48
N THR I 291 -0.87 3.24 51.94
CA THR I 291 -2.20 3.05 51.36
C THR I 291 -2.27 3.50 49.92
N ASN I 292 -1.43 4.45 49.53
CA ASN I 292 -1.37 4.96 48.16
C ASN I 292 0.08 4.90 47.72
N PRO I 293 0.54 3.75 47.22
CA PRO I 293 1.97 3.47 47.14
C PRO I 293 2.70 4.03 45.92
N VAL I 294 1.99 4.28 44.82
CA VAL I 294 2.64 4.61 43.56
C VAL I 294 2.40 6.08 43.22
N VAL I 295 3.12 6.54 42.19
CA VAL I 295 2.95 7.90 41.69
C VAL I 295 1.54 8.10 41.16
N ASN I 296 1.01 7.08 40.47
CA ASN I 296 -0.32 7.17 39.88
C ASN I 296 -1.42 7.27 40.93
N SER I 297 -1.14 6.81 42.16
CA SER I 297 -2.12 6.91 43.24
C SER I 297 -2.51 8.35 43.51
N TYR I 298 -1.59 9.28 43.30
CA TYR I 298 -1.85 10.69 43.53
C TYR I 298 -2.33 11.40 42.27
N LYS I 299 -2.29 10.72 41.13
CA LYS I 299 -3.14 11.12 40.01
C LYS I 299 -4.58 10.71 40.25
N ARG I 300 -4.80 9.67 41.04
CA ARG I 300 -6.15 9.44 41.56
C ARG I 300 -6.49 10.42 42.68
N LEU I 301 -5.55 10.66 43.59
CA LEU I 301 -5.81 11.48 44.78
C LEU I 301 -5.46 12.95 44.52
N VAL I 302 -6.22 13.56 43.63
CA VAL I 302 -6.12 14.99 43.34
C VAL I 302 -7.34 15.67 43.96
N PRO I 303 -7.20 16.89 44.47
CA PRO I 303 -8.40 17.64 44.88
C PRO I 303 -9.35 17.83 43.70
N GLY I 304 -10.63 17.65 43.96
CA GLY I 304 -11.63 17.67 42.91
C GLY I 304 -13.01 17.31 43.41
N TYR I 305 -13.69 16.42 42.69
CA TYR I 305 -15.03 15.99 43.06
C TYR I 305 -15.13 14.47 43.20
N GLU I 306 -14.00 13.77 43.18
CA GLU I 306 -14.02 12.31 43.21
C GLU I 306 -13.16 11.74 44.33
N ALA I 307 -12.00 12.34 44.58
CA ALA I 307 -10.99 11.71 45.43
C ALA I 307 -11.17 12.11 46.88
N PRO I 308 -11.11 11.16 47.81
CA PRO I 308 -11.14 11.47 49.26
C PRO I 308 -9.78 11.96 49.77
N VAL I 309 -9.43 13.19 49.38
CA VAL I 309 -8.13 13.76 49.75
C VAL I 309 -8.20 14.60 51.01
N TYR I 310 -9.40 14.86 51.54
CA TYR I 310 -9.59 15.75 52.67
C TYR I 310 -9.80 14.92 53.93
N ILE I 311 -8.96 15.17 54.95
CA ILE I 311 -8.96 14.36 56.16
C ILE I 311 -10.16 14.76 57.00
N SER I 312 -11.14 13.85 57.10
CA SER I 312 -12.41 14.14 57.76
C SER I 312 -13.15 12.83 57.94
N TRP I 313 -14.19 12.87 58.77
CA TRP I 313 -15.06 11.72 58.96
C TRP I 313 -16.51 12.18 58.95
N SER I 314 -17.39 11.26 58.62
CA SER I 314 -18.82 11.52 58.55
C SER I 314 -19.55 10.18 58.53
N ALA I 315 -20.88 10.26 58.58
CA ALA I 315 -21.69 9.05 58.51
C ALA I 315 -22.09 8.70 57.09
N GLN I 316 -22.86 9.57 56.42
CA GLN I 316 -23.34 9.28 55.08
C GLN I 316 -22.58 10.02 53.99
N ASN I 317 -21.65 10.91 54.34
CA ASN I 317 -20.98 11.74 53.35
C ASN I 317 -19.87 10.95 52.67
N ARG I 318 -19.94 10.86 51.35
CA ARG I 318 -18.94 10.16 50.56
C ARG I 318 -17.84 11.09 50.05
N SER I 319 -17.86 12.36 50.45
CA SER I 319 -16.74 13.26 50.22
C SER I 319 -15.77 13.29 51.39
N SER I 320 -16.06 12.56 52.46
CA SER I 320 -15.20 12.47 53.62
C SER I 320 -14.18 11.36 53.46
N LEU I 321 -13.06 11.51 54.17
CA LEU I 321 -12.04 10.47 54.19
C LEU I 321 -12.56 9.18 54.83
N ILE I 322 -13.29 9.32 55.94
CA ILE I 322 -13.83 8.18 56.67
C ILE I 322 -15.35 8.25 56.61
N ARG I 323 -15.96 7.15 56.19
CA ARG I 323 -17.41 7.03 56.10
C ARG I 323 -17.89 5.97 57.08
N ILE I 324 -19.03 6.23 57.71
CA ILE I 324 -19.63 5.27 58.63
C ILE I 324 -20.96 4.80 58.07
N PRO I 325 -21.02 3.62 57.45
CA PRO I 325 -22.31 3.11 56.96
C PRO I 325 -23.30 2.94 58.10
N ALA I 326 -24.59 3.12 57.77
CA ALA I 326 -25.63 3.14 58.78
C ALA I 326 -25.90 1.78 59.40
N THR I 327 -25.27 0.72 58.90
CA THR I 327 -25.41 -0.60 59.51
C THR I 327 -24.92 -0.57 60.95
N ARG I 328 -25.71 -1.15 61.84
CA ARG I 328 -25.43 -1.18 63.27
C ARG I 328 -25.43 -2.63 63.75
N GLY I 329 -25.17 -2.82 65.04
CA GLY I 329 -25.11 -4.17 65.57
C GLY I 329 -23.75 -4.78 65.32
N ASN I 330 -23.74 -6.02 64.84
CA ASN I 330 -22.49 -6.69 64.53
C ASN I 330 -21.87 -6.17 63.23
N GLY I 331 -22.64 -5.48 62.40
CA GLY I 331 -22.17 -4.94 61.14
C GLY I 331 -21.67 -3.51 61.20
N THR I 332 -21.47 -2.95 62.39
CA THR I 332 -20.95 -1.59 62.50
C THR I 332 -19.50 -1.55 62.06
N ARG I 333 -19.22 -0.77 61.03
CA ARG I 333 -17.88 -0.71 60.46
C ARG I 333 -17.50 0.73 60.15
N ILE I 334 -16.21 0.95 59.96
CA ILE I 334 -15.64 2.24 59.59
C ILE I 334 -14.95 2.08 58.24
N GLU I 335 -15.30 2.92 57.28
CA GLU I 335 -14.80 2.80 55.92
C GLU I 335 -13.74 3.88 55.67
N LEU I 336 -12.51 3.44 55.37
CA LEU I 336 -11.46 4.33 54.90
C LEU I 336 -11.44 4.30 53.38
N ARG I 337 -11.56 5.48 52.76
CA ARG I 337 -11.77 5.59 51.33
C ARG I 337 -10.53 6.01 50.55
N CYS I 338 -9.46 6.43 51.23
CA CYS I 338 -8.23 6.81 50.53
C CYS I 338 -7.53 5.68 49.76
N PRO I 339 -7.37 4.45 50.27
CA PRO I 339 -6.44 3.53 49.60
C PRO I 339 -6.96 3.06 48.25
N ASP I 340 -6.01 2.72 47.38
CA ASP I 340 -6.24 2.21 46.04
C ASP I 340 -5.78 0.75 45.98
N PRO I 341 -6.24 -0.03 45.01
CA PRO I 341 -5.89 -1.46 44.98
C PRO I 341 -4.43 -1.76 44.68
N ALA I 342 -3.58 -0.75 44.46
CA ALA I 342 -2.16 -0.98 44.25
C ALA I 342 -1.38 -1.16 45.55
N CYS I 343 -2.00 -0.90 46.70
CA CYS I 343 -1.31 -0.97 47.97
C CYS I 343 -1.13 -2.42 48.42
N ASN I 344 -0.16 -2.62 49.30
CA ASN I 344 0.05 -3.90 49.95
C ASN I 344 -1.04 -4.05 51.01
N PRO I 345 -1.95 -5.02 50.85
CA PRO I 345 -3.04 -5.15 51.84
C PRO I 345 -2.56 -5.50 53.24
N TYR I 346 -1.49 -6.29 53.36
CA TYR I 346 -0.98 -6.63 54.69
C TYR I 346 -0.49 -5.38 55.42
N LEU I 347 0.38 -4.60 54.78
CA LEU I 347 0.92 -3.40 55.40
C LEU I 347 -0.17 -2.36 55.63
N ALA I 348 -1.06 -2.17 54.65
CA ALA I 348 -2.10 -1.15 54.78
C ALA I 348 -3.08 -1.50 55.90
N PHE I 349 -3.55 -2.75 55.93
CA PHE I 349 -4.49 -3.15 56.97
C PHE I 349 -3.83 -3.14 58.35
N ALA I 350 -2.55 -3.54 58.42
CA ALA I 350 -1.82 -3.46 59.67
C ALA I 350 -1.71 -2.02 60.15
N LEU I 351 -1.45 -1.09 59.24
CA LEU I 351 -1.28 0.31 59.64
C LEU I 351 -2.60 0.94 60.06
N MET I 352 -3.70 0.63 59.37
CA MET I 352 -5.00 1.11 59.83
C MET I 352 -5.36 0.52 61.19
N LEU I 353 -5.06 -0.76 61.39
CA LEU I 353 -5.29 -1.38 62.70
C LEU I 353 -4.49 -0.69 63.79
N ARG I 354 -3.21 -0.43 63.54
CA ARG I 354 -2.37 0.19 64.55
C ARG I 354 -2.78 1.64 64.81
N ALA I 355 -3.19 2.37 63.77
CA ALA I 355 -3.67 3.73 63.96
C ALA I 355 -4.94 3.75 64.81
N GLY I 356 -5.87 2.84 64.52
CA GLY I 356 -7.08 2.77 65.34
C GLY I 356 -6.82 2.35 66.76
N LEU I 357 -5.90 1.40 66.96
CA LEU I 357 -5.53 0.98 68.31
C LEU I 357 -4.85 2.10 69.07
N GLU I 358 -4.01 2.90 68.39
CA GLU I 358 -3.41 4.06 69.02
C GLU I 358 -4.47 5.08 69.40
N GLY I 359 -5.48 5.26 68.54
CA GLY I 359 -6.56 6.15 68.87
C GLY I 359 -7.36 5.69 70.08
N ILE I 360 -7.60 4.38 70.18
CA ILE I 360 -8.34 3.85 71.32
C ILE I 360 -7.51 3.95 72.60
N LYS I 361 -6.22 3.62 72.52
CA LYS I 361 -5.35 3.65 73.69
C LYS I 361 -5.15 5.09 74.19
N ASN I 362 -4.97 6.04 73.28
CA ASN I 362 -4.73 7.43 73.64
C ASN I 362 -6.00 8.26 73.74
N LYS I 363 -7.17 7.66 73.48
CA LYS I 363 -8.47 8.34 73.53
C LYS I 363 -8.48 9.59 72.66
N ILE I 364 -8.13 9.40 71.38
CA ILE I 364 -7.99 10.51 70.46
C ILE I 364 -9.36 10.90 69.94
N ASP I 365 -9.77 12.14 70.19
CA ASP I 365 -11.06 12.63 69.73
C ASP I 365 -11.02 12.91 68.24
N PRO I 366 -11.96 12.38 67.46
CA PRO I 366 -11.93 12.60 66.00
C PRO I 366 -12.41 13.98 65.59
N GLY I 367 -12.98 14.76 66.49
CA GLY I 367 -13.54 16.04 66.13
C GLY I 367 -14.95 15.92 65.60
N GLU I 368 -15.49 17.06 65.19
CA GLU I 368 -16.84 17.11 64.65
C GLU I 368 -16.88 16.47 63.26
N PRO I 369 -17.94 15.73 62.95
CA PRO I 369 -18.08 15.18 61.59
C PRO I 369 -18.38 16.28 60.59
N THR I 370 -17.93 16.06 59.36
CA THR I 370 -18.14 17.00 58.26
C THR I 370 -19.26 16.45 57.38
N ASN I 371 -20.47 16.98 57.56
CA ASN I 371 -21.66 16.48 56.89
C ASN I 371 -21.96 17.20 55.58
N VAL I 372 -21.16 18.18 55.20
CA VAL I 372 -21.39 18.92 53.97
C VAL I 372 -20.51 18.33 52.88
N ASN I 373 -20.81 18.69 51.63
CA ASN I 373 -20.00 18.26 50.50
C ASN I 373 -18.69 19.03 50.53
N ILE I 374 -17.63 18.37 51.01
CA ILE I 374 -16.32 18.99 51.10
C ILE I 374 -15.75 19.34 49.74
N PHE I 375 -16.15 18.61 48.70
CA PHE I 375 -15.69 18.92 47.34
C PHE I 375 -16.18 20.28 46.89
N HIS I 376 -17.43 20.63 47.22
CA HIS I 376 -17.96 21.94 46.86
C HIS I 376 -17.40 23.06 47.72
N LEU I 377 -16.77 22.75 48.84
CA LEU I 377 -16.16 23.77 49.68
C LEU I 377 -14.94 24.37 49.00
N SER I 378 -14.61 25.60 49.38
CA SER I 378 -13.40 26.26 48.93
C SER I 378 -12.26 25.96 49.90
N ASP I 379 -11.04 26.37 49.51
CA ASP I 379 -9.90 26.20 50.40
C ASP I 379 -10.04 27.07 51.65
N LYS I 380 -10.65 28.24 51.51
CA LYS I 380 -10.90 29.11 52.66
C LYS I 380 -11.85 28.45 53.66
N GLU I 381 -12.96 27.86 53.16
CA GLU I 381 -13.90 27.20 54.06
C GLU I 381 -13.29 25.97 54.71
N ARG I 382 -12.50 25.19 53.95
CA ARG I 382 -11.85 24.02 54.50
C ARG I 382 -10.78 24.41 55.52
N GLU I 383 -10.11 25.53 55.30
CA GLU I 383 -9.15 26.02 56.28
C GLU I 383 -9.84 26.48 57.56
N GLU I 384 -11.02 27.11 57.43
CA GLU I 384 -11.75 27.52 58.62
C GLU I 384 -12.30 26.32 59.38
N ARG I 385 -12.67 25.25 58.67
CA ARG I 385 -13.13 24.04 59.34
C ARG I 385 -11.98 23.16 59.83
N GLY I 386 -10.73 23.54 59.54
CA GLY I 386 -9.61 22.72 59.94
C GLY I 386 -9.47 21.42 59.18
N ILE I 387 -10.03 21.34 57.98
CA ILE I 387 -10.00 20.11 57.19
C ILE I 387 -8.65 20.04 56.48
N ARG I 388 -7.77 19.17 56.98
CA ARG I 388 -6.45 18.99 56.39
C ARG I 388 -6.55 18.09 55.16
N SER I 389 -5.49 18.09 54.36
CA SER I 389 -5.43 17.31 53.14
C SER I 389 -4.42 16.20 53.26
N LEU I 390 -4.62 15.16 52.47
CA LEU I 390 -3.64 14.09 52.33
C LEU I 390 -2.44 14.60 51.54
N PRO I 391 -1.30 13.90 51.60
CA PRO I 391 -0.15 14.27 50.77
C PRO I 391 -0.53 14.35 49.29
N ALA I 392 -0.06 15.42 48.64
CA ALA I 392 -0.47 15.72 47.28
C ALA I 392 0.21 14.83 46.24
N ASP I 393 1.34 14.22 46.58
CA ASP I 393 2.05 13.36 45.65
C ASP I 393 2.83 12.32 46.46
N LEU I 394 3.55 11.47 45.74
CA LEU I 394 4.27 10.37 46.39
C LEU I 394 5.45 10.87 47.19
N LYS I 395 6.14 11.92 46.73
CA LYS I 395 7.27 12.47 47.47
C LYS I 395 6.84 13.02 48.82
N GLU I 396 5.72 13.74 48.86
CA GLU I 396 5.22 14.28 50.13
C GLU I 396 4.83 13.17 51.09
N ALA I 397 4.23 12.10 50.59
CA ALA I 397 3.86 10.97 51.44
C ALA I 397 5.09 10.22 51.94
N ILE I 398 6.12 10.11 51.09
CA ILE I 398 7.39 9.52 51.52
C ILE I 398 8.00 10.35 52.64
N ASP I 399 7.97 11.68 52.50
CA ASP I 399 8.51 12.55 53.55
C ASP I 399 7.70 12.43 54.83
N GLU I 400 6.37 12.32 54.72
CA GLU I 400 5.52 12.13 55.89
C GLU I 400 5.81 10.80 56.59
N MET I 401 6.00 9.74 55.81
CA MET I 401 6.24 8.43 56.39
C MET I 401 7.64 8.33 56.99
N LYS I 402 8.61 9.03 56.40
CA LYS I 402 10.00 8.97 56.86
C LYS I 402 10.14 9.48 58.28
N GLY I 403 9.45 10.56 58.62
CA GLY I 403 9.50 11.12 59.95
C GLY I 403 8.48 10.57 60.92
N SER I 404 7.83 9.45 60.60
CA SER I 404 6.80 8.87 61.43
C SER I 404 7.39 7.76 62.28
N LYS I 405 7.39 7.96 63.61
CA LYS I 405 7.80 6.88 64.50
C LYS I 405 6.70 5.84 64.63
N PHE I 406 5.44 6.24 64.44
CA PHE I 406 4.33 5.29 64.49
C PHE I 406 4.43 4.26 63.37
N VAL I 407 4.68 4.73 62.14
CA VAL I 407 4.77 3.83 61.00
C VAL I 407 6.02 2.96 61.12
N LYS I 408 7.13 3.53 61.59
CA LYS I 408 8.35 2.76 61.77
C LYS I 408 8.17 1.67 62.82
N GLU I 409 7.45 1.98 63.90
CA GLU I 409 7.19 0.98 64.94
C GLU I 409 6.23 -0.10 64.43
N ALA I 410 5.18 0.30 63.72
CA ALA I 410 4.18 -0.66 63.27
C ALA I 410 4.70 -1.57 62.16
N LEU I 411 5.57 -1.06 61.30
CA LEU I 411 6.06 -1.80 60.16
C LEU I 411 7.32 -2.60 60.45
N GLY I 412 8.09 -2.21 61.46
CA GLY I 412 9.40 -2.80 61.66
C GLY I 412 10.45 -2.12 60.80
N GLU I 413 11.70 -2.19 61.28
CA GLU I 413 12.77 -1.43 60.65
C GLU I 413 13.04 -1.91 59.22
N HIS I 414 13.02 -3.22 58.99
CA HIS I 414 13.30 -3.77 57.67
C HIS I 414 12.28 -3.30 56.64
N VAL I 415 10.99 -3.50 56.95
CA VAL I 415 9.94 -3.12 56.01
C VAL I 415 9.94 -1.61 55.80
N PHE I 416 10.08 -0.84 56.89
CA PHE I 416 10.10 0.62 56.81
C PHE I 416 11.21 1.10 55.89
N SER I 417 12.45 0.64 56.14
CA SER I 417 13.59 1.12 55.36
C SER I 417 13.51 0.67 53.91
N HIS I 418 13.16 -0.61 53.66
CA HIS I 418 13.15 -1.10 52.29
C HIS I 418 12.01 -0.49 51.48
N TYR I 419 10.84 -0.35 52.10
CA TYR I 419 9.71 0.28 51.43
C TYR I 419 10.02 1.74 51.10
N LEU I 420 10.61 2.47 52.04
CA LEU I 420 10.97 3.86 51.78
C LEU I 420 12.03 3.96 50.70
N CYS I 421 13.00 3.05 50.69
CA CYS I 421 14.02 3.07 49.65
C CYS I 421 13.43 2.80 48.27
N ALA I 422 12.54 1.81 48.17
CA ALA I 422 11.90 1.52 46.89
C ALA I 422 11.06 2.69 46.41
N LYS I 423 10.29 3.30 47.31
CA LYS I 423 9.46 4.45 46.93
C LYS I 423 10.32 5.65 46.53
N GLU I 424 11.45 5.84 47.22
CA GLU I 424 12.36 6.94 46.88
C GLU I 424 12.97 6.73 45.50
N MET I 425 13.39 5.50 45.19
CA MET I 425 13.91 5.23 43.84
C MET I 425 12.84 5.45 42.79
N GLU I 426 11.61 5.03 43.07
CA GLU I 426 10.50 5.22 42.14
C GLU I 426 10.26 6.71 41.87
N TRP I 427 10.22 7.52 42.94
CA TRP I 427 9.99 8.95 42.75
C TRP I 427 11.17 9.63 42.07
N ASP I 428 12.39 9.19 42.38
CA ASP I 428 13.56 9.81 41.75
C ASP I 428 13.59 9.52 40.26
N GLU I 429 13.18 8.31 39.86
CA GLU I 429 13.06 8.03 38.43
C GLU I 429 11.93 8.85 37.80
N TYR I 430 10.79 8.97 38.49
CA TYR I 430 9.65 9.68 37.93
C TYR I 430 9.92 11.17 37.76
N LYS I 431 10.59 11.79 38.74
CA LYS I 431 10.71 13.24 38.79
C LYS I 431 11.61 13.81 37.70
N ALA I 432 12.44 12.97 37.07
CA ALA I 432 13.33 13.44 36.01
C ALA I 432 12.73 13.29 34.62
N VAL I 433 11.59 12.63 34.49
CA VAL I 433 11.04 12.32 33.17
C VAL I 433 10.42 13.57 32.57
N VAL I 434 10.79 13.87 31.33
CA VAL I 434 10.16 14.93 30.56
C VAL I 434 8.92 14.34 29.89
N HIS I 435 7.77 14.74 30.35
CA HIS I 435 6.53 14.14 29.89
C HIS I 435 6.05 14.80 28.60
N PRO I 436 5.28 14.06 27.79
CA PRO I 436 4.70 14.66 26.58
C PRO I 436 3.80 15.84 26.84
N TRP I 437 3.19 15.92 28.04
CA TRP I 437 2.40 17.09 28.40
C TRP I 437 3.25 18.35 28.40
N GLU I 438 4.48 18.26 28.90
CA GLU I 438 5.36 19.42 28.91
C GLU I 438 5.75 19.83 27.50
N LEU I 439 5.93 18.86 26.61
CA LEU I 439 6.19 19.18 25.21
C LEU I 439 4.98 19.86 24.57
N SER I 440 3.77 19.37 24.87
CA SER I 440 2.57 19.98 24.31
C SER I 440 2.33 21.39 24.85
N ARG I 441 2.76 21.64 26.10
CA ARG I 441 2.48 22.92 26.74
C ARG I 441 3.57 23.97 26.48
N TYR I 442 4.84 23.58 26.44
CA TYR I 442 5.94 24.52 26.48
C TYR I 442 6.75 24.62 25.20
N LEU I 443 6.77 23.60 24.35
CA LEU I 443 7.73 23.55 23.26
C LEU I 443 7.51 24.70 22.27
N SER I 444 6.27 24.93 21.87
CA SER I 444 5.96 25.98 20.91
C SER I 444 5.64 27.33 21.57
N MET I 445 5.70 27.42 22.89
CA MET I 445 5.74 28.69 23.61
C MET I 445 7.15 29.18 23.92
N LEU I 446 8.02 28.32 24.43
CA LEU I 446 9.33 28.76 24.90
C LEU I 446 10.40 28.70 23.82
N VAL J 1 -43.52 -17.37 29.20
CA VAL J 1 -43.20 -18.65 28.58
C VAL J 1 -42.32 -19.48 29.51
N GLN J 2 -42.81 -20.68 29.85
CA GLN J 2 -42.14 -21.71 30.64
C GLN J 2 -41.92 -21.30 32.10
N MET J 3 -42.30 -20.08 32.48
CA MET J 3 -42.13 -19.62 33.86
C MET J 3 -43.34 -18.77 34.22
N LYS J 4 -44.20 -19.29 35.08
CA LYS J 4 -45.37 -18.56 35.53
C LYS J 4 -44.96 -17.33 36.33
N LYS J 5 -45.66 -16.22 36.11
CA LYS J 5 -45.28 -14.96 36.74
C LYS J 5 -45.44 -15.04 38.26
N CYS J 6 -44.34 -14.80 38.96
CA CYS J 6 -44.35 -14.80 40.41
C CYS J 6 -45.09 -13.58 40.94
N THR J 7 -45.77 -13.76 42.06
CA THR J 7 -46.44 -12.67 42.75
C THR J 7 -45.87 -12.37 44.12
N THR J 8 -45.29 -13.37 44.79
CA THR J 8 -44.74 -13.21 46.13
C THR J 8 -43.26 -13.57 46.11
N LYS J 9 -42.57 -13.20 47.19
CA LYS J 9 -41.15 -13.51 47.30
C LYS J 9 -40.92 -15.02 47.44
N GLU J 10 -41.90 -15.75 47.98
CA GLU J 10 -41.77 -17.21 48.05
C GLU J 10 -41.78 -17.83 46.66
N ASP J 11 -42.64 -17.33 45.78
CA ASP J 11 -42.64 -17.80 44.39
C ASP J 11 -41.32 -17.49 43.70
N VAL J 12 -40.75 -16.31 43.98
CA VAL J 12 -39.46 -15.94 43.42
C VAL J 12 -38.36 -16.88 43.89
N LEU J 13 -38.35 -17.19 45.19
CA LEU J 13 -37.33 -18.08 45.72
C LEU J 13 -37.49 -19.50 45.17
N GLU J 14 -38.74 -19.97 45.02
CA GLU J 14 -38.97 -21.28 44.42
C GLU J 14 -38.52 -21.31 42.96
N ALA J 15 -38.79 -20.24 42.21
CA ALA J 15 -38.35 -20.18 40.81
C ALA J 15 -36.83 -20.12 40.71
N VAL J 16 -36.19 -19.41 41.63
CA VAL J 16 -34.73 -19.36 41.67
C VAL J 16 -34.16 -20.74 41.94
N LYS J 17 -34.77 -21.47 42.89
CA LYS J 17 -34.31 -22.82 43.21
C LYS J 17 -34.50 -23.78 42.03
N GLU J 18 -35.69 -23.82 41.46
CA GLU J 18 -36.00 -24.86 40.49
C GLU J 18 -35.44 -24.59 39.10
N ARG J 19 -35.08 -23.34 38.79
CA ARG J 19 -34.54 -23.01 37.47
C ARG J 19 -33.05 -22.69 37.51
N ASP J 20 -32.35 -23.07 38.58
CA ASP J 20 -30.90 -22.96 38.68
C ASP J 20 -30.43 -21.52 38.49
N VAL J 21 -31.15 -20.58 39.12
CA VAL J 21 -30.79 -19.17 39.04
C VAL J 21 -29.68 -18.90 40.04
N LYS J 22 -28.57 -18.34 39.56
CA LYS J 22 -27.45 -17.99 40.43
C LYS J 22 -27.26 -16.50 40.61
N PHE J 23 -27.50 -15.70 39.58
CA PHE J 23 -27.29 -14.27 39.63
C PHE J 23 -28.62 -13.55 39.52
N ILE J 24 -28.84 -12.58 40.41
CA ILE J 24 -30.01 -11.73 40.39
C ILE J 24 -29.56 -10.32 40.04
N ARG J 25 -30.12 -9.77 38.96
CA ARG J 25 -29.83 -8.39 38.56
C ARG J 25 -30.90 -7.50 39.18
N THR J 26 -30.57 -6.93 40.35
CA THR J 26 -31.44 -5.95 40.98
C THR J 26 -31.42 -4.67 40.16
N GLN J 27 -32.59 -4.25 39.69
CA GLN J 27 -32.67 -3.19 38.69
C GLN J 27 -33.62 -2.09 39.12
N PHE J 28 -33.34 -0.88 38.65
CA PHE J 28 -34.25 0.24 38.76
C PHE J 28 -33.99 1.18 37.61
N THR J 29 -34.86 2.18 37.47
CA THR J 29 -34.77 3.18 36.42
C THR J 29 -34.40 4.52 37.03
N ASP J 30 -33.41 5.19 36.43
CA ASP J 30 -32.99 6.50 36.92
C ASP J 30 -33.95 7.59 36.42
N THR J 31 -33.61 8.83 36.73
CA THR J 31 -34.50 9.96 36.42
C THR J 31 -34.71 10.13 34.93
N LEU J 32 -33.66 9.90 34.13
CA LEU J 32 -33.72 10.10 32.69
C LEU J 32 -34.19 8.86 31.94
N GLY J 33 -34.56 7.80 32.64
CA GLY J 33 -35.11 6.62 31.98
C GLY J 33 -34.12 5.53 31.63
N ILE J 34 -32.90 5.59 32.15
CA ILE J 34 -31.88 4.59 31.86
C ILE J 34 -31.94 3.51 32.94
N ILE J 35 -31.97 2.25 32.51
CA ILE J 35 -32.01 1.13 33.45
C ILE J 35 -30.69 1.06 34.19
N LYS J 36 -30.76 0.91 35.51
CA LYS J 36 -29.59 0.77 36.36
C LYS J 36 -29.61 -0.61 36.99
N SER J 37 -28.52 -1.35 36.83
CA SER J 37 -28.50 -2.76 37.20
C SER J 37 -27.21 -3.10 37.92
N TRP J 38 -27.32 -3.99 38.91
CA TRP J 38 -26.15 -4.62 39.49
C TRP J 38 -26.54 -6.02 39.97
N ALA J 39 -25.56 -6.92 39.96
CA ALA J 39 -25.81 -8.34 40.15
C ALA J 39 -25.46 -8.75 41.58
N ILE J 40 -26.40 -9.41 42.23
CA ILE J 40 -26.15 -10.05 43.53
C ILE J 40 -26.31 -11.55 43.33
N PRO J 41 -25.61 -12.39 44.10
CA PRO J 41 -25.85 -13.83 44.01
C PRO J 41 -27.23 -14.20 44.52
N ALA J 42 -27.75 -15.30 43.99
CA ALA J 42 -29.08 -15.77 44.40
C ALA J 42 -29.11 -16.19 45.86
N GLU J 43 -27.95 -16.52 46.43
CA GLU J 43 -27.88 -16.85 47.86
C GLU J 43 -28.23 -15.64 48.72
N GLN J 44 -27.94 -14.43 48.25
CA GLN J 44 -28.26 -13.21 48.98
C GLN J 44 -29.67 -12.71 48.73
N LEU J 45 -30.45 -13.41 47.91
CA LEU J 45 -31.76 -12.90 47.50
C LEU J 45 -32.75 -12.89 48.65
N GLU J 46 -32.68 -13.89 49.54
CA GLU J 46 -33.58 -13.93 50.69
C GLU J 46 -33.32 -12.77 51.63
N GLU J 47 -32.05 -12.43 51.85
CA GLU J 47 -31.72 -11.27 52.66
C GLU J 47 -32.09 -9.97 51.95
N ALA J 48 -31.96 -9.95 50.62
CA ALA J 48 -32.31 -8.76 49.86
C ALA J 48 -33.81 -8.49 49.89
N PHE J 49 -34.63 -9.55 49.92
CA PHE J 49 -36.07 -9.40 50.00
C PHE J 49 -36.53 -8.84 51.35
N GLU J 50 -35.71 -8.98 52.40
CA GLU J 50 -36.09 -8.53 53.74
C GLU J 50 -35.49 -7.17 54.08
N ASN J 51 -34.21 -6.96 53.79
CA ASN J 51 -33.51 -5.74 54.17
C ASN J 51 -33.33 -4.77 53.02
N GLY J 52 -33.68 -5.15 51.80
CA GLY J 52 -33.38 -4.35 50.63
C GLY J 52 -31.95 -4.55 50.19
N VAL J 53 -31.59 -3.84 49.12
CA VAL J 53 -30.23 -3.86 48.60
C VAL J 53 -29.68 -2.45 48.68
N MET J 54 -28.61 -2.26 49.44
CA MET J 54 -27.98 -0.96 49.60
C MET J 54 -27.16 -0.61 48.38
N PHE J 55 -27.21 0.66 47.97
CA PHE J 55 -26.38 1.12 46.87
C PHE J 55 -26.12 2.62 47.03
N ASP J 56 -25.10 3.10 46.34
CA ASP J 56 -24.71 4.50 46.38
C ASP J 56 -25.50 5.26 45.31
N GLY J 57 -26.30 6.22 45.75
CA GLY J 57 -27.12 7.01 44.86
C GLY J 57 -26.49 8.25 44.29
N SER J 58 -25.33 8.67 44.78
CA SER J 58 -24.67 9.86 44.25
C SER J 58 -24.12 9.65 42.84
N SER J 59 -23.85 8.41 42.45
CA SER J 59 -23.38 8.10 41.12
C SER J 59 -24.52 7.87 40.13
N ILE J 60 -25.77 7.99 40.57
CA ILE J 60 -26.95 7.88 39.71
C ILE J 60 -27.47 9.27 39.44
N GLN J 61 -27.67 9.58 38.16
CA GLN J 61 -28.11 10.91 37.76
C GLN J 61 -29.54 11.18 38.23
N GLY J 62 -29.75 12.36 38.80
CA GLY J 62 -31.05 12.75 39.31
C GLY J 62 -31.38 12.24 40.69
N PHE J 63 -30.50 11.43 41.29
CA PHE J 63 -30.71 10.84 42.60
C PHE J 63 -30.07 11.74 43.67
N THR J 64 -29.85 11.18 44.86
CA THR J 64 -29.39 11.95 46.01
C THR J 64 -27.99 12.53 45.79
N ARG J 65 -27.61 13.42 46.70
CA ARG J 65 -26.32 14.09 46.68
C ARG J 65 -25.27 13.27 47.42
N ILE J 66 -24.00 13.69 47.25
CA ILE J 66 -22.89 12.92 47.79
C ILE J 66 -22.85 12.97 49.31
N GLU J 67 -23.47 13.97 49.93
CA GLU J 67 -23.46 14.08 51.39
C GLU J 67 -24.38 13.05 52.03
N GLU J 68 -25.51 12.76 51.40
CA GLU J 68 -26.46 11.75 51.88
C GLU J 68 -26.80 10.87 50.69
N SER J 69 -25.95 9.87 50.42
CA SER J 69 -26.00 9.13 49.17
C SER J 69 -26.36 7.66 49.35
N ASP J 70 -26.58 7.20 50.57
CA ASP J 70 -26.96 5.81 50.79
C ASP J 70 -28.43 5.61 50.42
N MET J 71 -28.69 4.62 49.57
CA MET J 71 -30.04 4.31 49.13
C MET J 71 -30.27 2.81 49.21
N LYS J 72 -31.54 2.43 49.33
CA LYS J 72 -31.94 1.04 49.41
C LYS J 72 -32.94 0.73 48.32
N LEU J 73 -32.75 -0.40 47.65
CA LEU J 73 -33.68 -0.88 46.64
C LEU J 73 -34.57 -1.95 47.25
N ALA J 74 -35.87 -1.68 47.28
CA ALA J 74 -36.86 -2.65 47.76
C ALA J 74 -37.37 -3.45 46.57
N LEU J 75 -37.01 -4.73 46.53
CA LEU J 75 -37.30 -5.56 45.37
C LEU J 75 -38.80 -5.83 45.23
N ASP J 76 -39.27 -5.82 43.97
CA ASP J 76 -40.65 -6.14 43.67
C ASP J 76 -40.72 -7.56 43.14
N PRO J 77 -41.29 -8.51 43.90
CA PRO J 77 -41.29 -9.91 43.46
C PRO J 77 -42.04 -10.16 42.16
N SER J 78 -43.07 -9.36 41.86
CA SER J 78 -43.84 -9.56 40.65
C SER J 78 -43.04 -9.27 39.38
N THR J 79 -41.96 -8.50 39.50
CA THR J 79 -41.12 -8.15 38.36
C THR J 79 -40.03 -9.18 38.09
N PHE J 80 -39.96 -10.25 38.89
CA PHE J 80 -38.92 -11.25 38.73
C PHE J 80 -39.02 -11.92 37.36
N ARG J 81 -37.92 -11.92 36.63
CA ARG J 81 -37.88 -12.46 35.27
C ARG J 81 -36.49 -12.99 34.98
N ILE J 82 -36.43 -14.15 34.34
CA ILE J 82 -35.16 -14.76 33.96
C ILE J 82 -34.79 -14.29 32.57
N LEU J 83 -33.55 -13.84 32.40
CA LEU J 83 -33.10 -13.34 31.12
C LEU J 83 -32.76 -14.51 30.20
N PRO J 84 -33.45 -14.64 29.05
CA PRO J 84 -33.21 -15.82 28.18
C PRO J 84 -31.89 -15.79 27.43
N TRP J 85 -31.31 -14.62 27.16
CA TRP J 85 -30.06 -14.54 26.43
C TRP J 85 -28.85 -14.85 27.32
N ARG J 86 -29.03 -14.91 28.61
CA ARG J 86 -28.03 -15.34 29.56
C ARG J 86 -28.04 -16.87 29.67
N PRO J 87 -26.93 -17.49 30.11
CA PRO J 87 -26.89 -18.95 30.14
C PRO J 87 -27.94 -19.56 31.05
N ALA J 88 -28.45 -20.73 30.64
CA ALA J 88 -29.48 -21.41 31.42
C ALA J 88 -28.91 -22.11 32.64
N THR J 89 -27.68 -22.62 32.55
CA THR J 89 -27.01 -23.22 33.70
C THR J 89 -26.36 -22.11 34.50
N GLY J 90 -26.69 -22.02 35.78
CA GLY J 90 -26.35 -20.85 36.55
C GLY J 90 -27.07 -19.65 35.98
N ALA J 91 -28.39 -19.75 35.92
CA ALA J 91 -29.22 -18.79 35.20
C ALA J 91 -29.16 -17.41 35.85
N VAL J 92 -29.44 -16.40 35.04
CA VAL J 92 -29.40 -15.00 35.45
C VAL J 92 -30.81 -14.45 35.35
N ALA J 93 -31.29 -13.86 36.45
CA ALA J 93 -32.61 -13.27 36.50
C ALA J 93 -32.53 -11.82 36.93
N ARG J 94 -33.57 -11.06 36.60
CA ARG J 94 -33.67 -9.67 37.01
C ARG J 94 -34.84 -9.51 37.96
N ILE J 95 -34.70 -8.57 38.89
CA ILE J 95 -35.82 -8.09 39.70
C ILE J 95 -35.78 -6.57 39.69
N LEU J 96 -36.89 -5.96 39.30
CA LEU J 96 -37.04 -4.53 39.43
C LEU J 96 -37.38 -4.18 40.87
N GLY J 97 -37.01 -2.96 41.27
CA GLY J 97 -37.21 -2.54 42.64
C GLY J 97 -37.65 -1.09 42.72
N ASP J 98 -38.03 -0.71 43.94
CA ASP J 98 -38.34 0.67 44.27
C ASP J 98 -37.22 1.24 45.13
N VAL J 99 -36.81 2.46 44.82
CA VAL J 99 -35.72 3.11 45.56
C VAL J 99 -36.29 3.70 46.84
N TYR J 100 -35.66 3.36 47.97
CA TYR J 100 -36.07 3.85 49.27
C TYR J 100 -34.91 4.55 49.95
N LEU J 101 -35.24 5.52 50.78
CA LEU J 101 -34.28 6.13 51.68
C LEU J 101 -33.98 5.18 52.83
N PRO J 102 -32.82 5.33 53.49
CA PRO J 102 -32.47 4.43 54.59
C PRO J 102 -33.44 4.48 55.77
N ASP J 103 -34.19 5.56 55.93
CA ASP J 103 -35.16 5.66 57.03
C ASP J 103 -36.47 4.93 56.73
N GLY J 104 -36.54 4.17 55.64
CA GLY J 104 -37.72 3.41 55.30
C GLY J 104 -38.73 4.12 54.43
N ASN J 105 -38.55 5.41 54.18
CA ASN J 105 -39.45 6.12 53.30
C ASN J 105 -39.05 5.92 51.85
N PRO J 106 -40.02 5.88 50.93
CA PRO J 106 -39.67 5.80 49.50
C PRO J 106 -38.97 7.06 49.04
N PHE J 107 -38.03 6.89 48.11
CA PHE J 107 -37.34 8.03 47.52
C PHE J 107 -38.26 8.74 46.53
N LYS J 108 -38.52 10.02 46.79
CA LYS J 108 -39.43 10.77 45.93
C LYS J 108 -38.84 11.10 44.57
N GLY J 109 -37.53 10.93 44.39
CA GLY J 109 -36.90 11.07 43.11
C GLY J 109 -36.96 9.83 42.23
N ASP J 110 -37.59 8.76 42.71
CA ASP J 110 -37.75 7.55 41.93
C ASP J 110 -38.86 7.72 40.91
N PRO J 111 -38.59 7.55 39.61
CA PRO J 111 -39.67 7.63 38.61
C PRO J 111 -40.77 6.61 38.82
N ARG J 112 -40.43 5.41 39.28
CA ARG J 112 -41.45 4.42 39.61
C ARG J 112 -42.36 4.92 40.72
N TYR J 113 -41.79 5.63 41.70
CA TYR J 113 -42.61 6.24 42.74
C TYR J 113 -43.53 7.31 42.17
N VAL J 114 -43.06 8.07 41.19
CA VAL J 114 -43.90 9.08 40.55
C VAL J 114 -45.07 8.43 39.83
N LEU J 115 -44.80 7.34 39.11
CA LEU J 115 -45.88 6.60 38.45
C LEU J 115 -46.86 6.02 39.46
N LYS J 116 -46.35 5.49 40.58
CA LYS J 116 -47.22 4.95 41.61
C LYS J 116 -48.07 6.05 42.25
N THR J 117 -47.51 7.24 42.41
CA THR J 117 -48.28 8.38 42.91
C THR J 117 -49.39 8.76 41.94
N ALA J 118 -49.10 8.75 40.64
CA ALA J 118 -50.13 9.01 39.64
C ALA J 118 -51.21 7.93 39.67
N ILE J 119 -50.81 6.67 39.88
CA ILE J 119 -51.76 5.57 39.97
C ILE J 119 -52.67 5.74 41.19
N LYS J 120 -52.08 6.14 42.32
CA LYS J 120 -52.89 6.39 43.52
C LYS J 120 -53.84 7.56 43.30
N GLU J 121 -53.39 8.60 42.60
CA GLU J 121 -54.26 9.72 42.28
C GLU J 121 -55.42 9.30 41.40
N ALA J 122 -55.16 8.42 40.42
CA ALA J 122 -56.24 7.89 39.58
C ALA J 122 -57.19 7.02 40.38
N GLU J 123 -56.66 6.21 41.30
CA GLU J 123 -57.49 5.31 42.11
C GLU J 123 -58.35 6.10 43.09
N LYS J 124 -57.89 7.26 43.54
CA LYS J 124 -58.70 8.12 44.38
C LYS J 124 -59.96 8.59 43.68
N MET J 125 -59.96 8.64 42.35
CA MET J 125 -61.15 8.91 41.56
C MET J 125 -61.77 7.65 40.99
N GLY J 126 -61.33 6.47 41.44
CA GLY J 126 -61.86 5.22 40.98
C GLY J 126 -61.35 4.73 39.64
N PHE J 127 -60.33 5.38 39.09
CA PHE J 127 -59.83 5.05 37.76
C PHE J 127 -58.60 4.18 37.83
N SER J 128 -58.45 3.32 36.81
CA SER J 128 -57.25 2.53 36.61
C SER J 128 -56.85 2.65 35.14
N MET J 129 -55.57 2.93 34.90
CA MET J 129 -55.08 3.25 33.57
C MET J 129 -54.39 2.03 32.96
N ASN J 130 -54.75 1.72 31.72
CA ASN J 130 -54.08 0.71 30.93
C ASN J 130 -53.37 1.41 29.77
N VAL J 131 -52.10 1.08 29.56
CA VAL J 131 -51.28 1.72 28.53
C VAL J 131 -50.78 0.66 27.56
N GLY J 132 -51.01 0.88 26.28
CA GLY J 132 -50.37 0.09 25.24
C GLY J 132 -49.42 0.93 24.41
N PRO J 133 -48.12 0.75 24.63
CA PRO J 133 -47.13 1.52 23.87
C PRO J 133 -46.67 0.80 22.61
N GLU J 134 -46.41 1.59 21.57
CA GLU J 134 -45.91 1.08 20.30
C GLU J 134 -44.53 1.70 20.08
N LEU J 135 -43.49 0.89 20.25
CA LEU J 135 -42.12 1.36 20.17
C LEU J 135 -41.53 1.03 18.80
N GLU J 136 -40.90 2.01 18.19
CA GLU J 136 -40.08 1.79 17.00
C GLU J 136 -38.61 1.89 17.38
N PHE J 137 -37.79 1.07 16.74
CA PHE J 137 -36.35 1.11 16.96
C PHE J 137 -35.65 0.87 15.64
N PHE J 138 -34.38 1.24 15.60
CA PHE J 138 -33.54 1.04 14.43
C PHE J 138 -32.55 -0.08 14.71
N LEU J 139 -32.25 -0.86 13.68
CA LEU J 139 -31.26 -1.93 13.77
C LEU J 139 -30.07 -1.52 12.92
N PHE J 140 -29.00 -1.12 13.58
CA PHE J 140 -27.78 -0.69 12.90
C PHE J 140 -26.69 -1.74 13.06
N LYS J 141 -25.63 -1.57 12.27
CA LYS J 141 -24.50 -2.47 12.33
C LYS J 141 -23.60 -2.12 13.52
N LEU J 142 -22.82 -3.11 13.93
CA LEU J 142 -21.75 -2.90 14.89
C LEU J 142 -20.43 -2.75 14.13
N ASP J 143 -19.52 -1.97 14.68
CA ASP J 143 -18.19 -1.82 14.09
C ASP J 143 -17.31 -3.01 14.48
N ALA J 144 -16.00 -2.90 14.21
CA ALA J 144 -15.09 -3.98 14.54
C ALA J 144 -14.98 -4.21 16.04
N ASN J 145 -15.13 -3.15 16.84
CA ASN J 145 -15.05 -3.25 18.28
C ASN J 145 -16.41 -3.54 18.93
N GLY J 146 -17.45 -3.76 18.13
CA GLY J 146 -18.78 -4.00 18.67
C GLY J 146 -19.47 -2.76 19.20
N ASN J 147 -19.04 -1.59 18.77
CA ASN J 147 -19.61 -0.31 19.17
C ASN J 147 -20.74 0.10 18.24
N PRO J 148 -21.69 0.89 18.73
CA PRO J 148 -22.82 1.29 17.88
C PRO J 148 -22.39 2.16 16.71
N THR J 149 -23.04 1.95 15.57
CA THR J 149 -22.92 2.81 14.40
C THR J 149 -24.32 3.22 13.97
N THR J 150 -24.41 3.95 12.86
CA THR J 150 -25.68 4.22 12.19
C THR J 150 -25.74 3.55 10.83
N GLU J 151 -24.86 2.60 10.57
CA GLU J 151 -24.84 1.91 9.28
C GLU J 151 -26.08 1.06 9.12
N LEU J 152 -26.74 1.19 7.97
CA LEU J 152 -28.02 0.53 7.75
C LEU J 152 -27.85 -0.97 7.61
N THR J 153 -28.81 -1.72 8.15
CA THR J 153 -28.82 -3.17 7.98
C THR J 153 -29.66 -3.60 6.79
N ASP J 154 -30.63 -2.79 6.38
CA ASP J 154 -31.39 -3.04 5.16
C ASP J 154 -31.94 -1.71 4.65
N GLN J 155 -32.44 -1.73 3.42
CA GLN J 155 -33.07 -0.59 2.80
C GLN J 155 -34.57 -0.78 2.64
N GLY J 156 -35.17 -1.61 3.48
CA GLY J 156 -36.58 -1.90 3.38
C GLY J 156 -37.45 -0.75 3.88
N GLY J 157 -38.73 -0.86 3.56
CA GLY J 157 -39.72 0.11 3.99
C GLY J 157 -40.81 -0.51 4.82
N TYR J 158 -41.96 0.17 4.89
CA TYR J 158 -43.06 -0.29 5.72
C TYR J 158 -43.62 -1.62 5.19
N PHE J 159 -43.72 -2.60 6.09
CA PHE J 159 -44.27 -3.93 5.81
C PHE J 159 -43.50 -4.64 4.70
N ASP J 160 -42.20 -4.38 4.58
CA ASP J 160 -41.41 -5.00 3.53
C ASP J 160 -41.02 -6.42 3.89
N PHE J 161 -40.88 -7.25 2.87
CA PHE J 161 -40.60 -8.68 2.96
C PHE J 161 -39.28 -8.94 2.26
N ALA J 162 -38.98 -10.23 2.04
CA ALA J 162 -37.94 -10.71 1.10
C ALA J 162 -36.58 -10.41 1.73
N PRO J 163 -35.49 -10.30 0.96
CA PRO J 163 -34.30 -9.62 1.51
C PRO J 163 -34.36 -8.10 1.52
N LEU J 164 -35.50 -7.48 1.19
CA LEU J 164 -35.64 -6.05 1.45
C LEU J 164 -35.63 -5.79 2.95
N ASP J 165 -36.36 -6.59 3.70
CA ASP J 165 -36.23 -6.64 5.15
C ASP J 165 -35.21 -7.72 5.50
N ARG J 166 -34.16 -7.34 6.21
CA ARG J 166 -33.06 -8.25 6.50
C ARG J 166 -32.94 -8.56 7.99
N ALA J 167 -34.00 -8.33 8.77
CA ALA J 167 -33.97 -8.52 10.20
C ALA J 167 -35.10 -9.43 10.70
N GLN J 168 -35.53 -10.38 9.89
CA GLN J 168 -36.56 -11.31 10.35
C GLN J 168 -36.03 -12.21 11.47
N ASP J 169 -34.74 -12.58 11.40
CA ASP J 169 -34.17 -13.41 12.45
C ASP J 169 -33.99 -12.64 13.75
N VAL J 170 -33.58 -11.38 13.66
CA VAL J 170 -33.44 -10.56 14.87
C VAL J 170 -34.80 -10.33 15.51
N ARG J 171 -35.82 -10.03 14.69
CA ARG J 171 -37.17 -9.85 15.22
C ARG J 171 -37.71 -11.15 15.82
N ARG J 172 -37.39 -12.27 15.18
CA ARG J 172 -37.79 -13.58 15.70
C ARG J 172 -37.18 -13.84 17.08
N ASP J 173 -35.89 -13.61 17.22
CA ASP J 173 -35.23 -13.84 18.50
C ASP J 173 -35.69 -12.84 19.55
N ILE J 174 -35.97 -11.59 19.15
CA ILE J 174 -36.52 -10.62 20.09
C ILE J 174 -37.89 -11.05 20.58
N ASP J 175 -38.74 -11.54 19.66
CA ASP J 175 -40.07 -12.02 20.04
C ASP J 175 -39.98 -13.19 21.00
N TYR J 176 -39.07 -14.14 20.71
CA TYR J 176 -38.87 -15.27 21.61
C TYR J 176 -38.41 -14.82 22.99
N ALA J 177 -37.45 -13.89 23.03
CA ALA J 177 -36.95 -13.40 24.31
C ALA J 177 -38.04 -12.66 25.09
N LEU J 178 -38.84 -11.85 24.40
CA LEU J 178 -39.91 -11.10 25.07
C LEU J 178 -40.98 -12.05 25.59
N GLU J 179 -41.31 -13.09 24.82
CA GLU J 179 -42.22 -14.11 25.32
C GLU J 179 -41.67 -14.81 26.55
N HIS J 180 -40.36 -15.05 26.58
CA HIS J 180 -39.73 -15.58 27.78
C HIS J 180 -39.80 -14.61 28.95
N MET J 181 -39.80 -13.30 28.70
CA MET J 181 -39.85 -12.30 29.74
C MET J 181 -41.27 -11.86 30.10
N GLY J 182 -42.27 -12.62 29.66
CA GLY J 182 -43.64 -12.35 30.04
C GLY J 182 -44.44 -11.51 29.07
N PHE J 183 -43.84 -11.02 28.00
CA PHE J 183 -44.57 -10.22 27.03
C PHE J 183 -45.51 -11.09 26.20
N GLN J 184 -46.62 -10.50 25.79
CA GLN J 184 -47.55 -11.11 24.85
C GLN J 184 -47.41 -10.33 23.54
N ILE J 185 -46.65 -10.90 22.60
CA ILE J 185 -46.42 -10.23 21.32
C ILE J 185 -47.70 -10.22 20.49
N GLU J 186 -47.98 -9.08 19.87
CA GLU J 186 -49.13 -8.92 18.99
C GLU J 186 -48.74 -8.87 17.52
N ALA J 187 -47.70 -8.12 17.17
CA ALA J 187 -47.26 -7.99 15.79
C ALA J 187 -45.81 -7.55 15.77
N SER J 188 -45.16 -7.82 14.64
CA SER J 188 -43.79 -7.39 14.42
C SER J 188 -43.59 -7.19 12.92
N HIS J 189 -42.95 -6.08 12.56
CA HIS J 189 -42.78 -5.75 11.15
C HIS J 189 -41.63 -4.78 10.97
N HIS J 190 -41.21 -4.64 9.71
CA HIS J 190 -40.34 -3.56 9.30
C HIS J 190 -41.13 -2.25 9.25
N GLU J 191 -40.52 -1.18 9.74
CA GLU J 191 -41.19 0.11 9.79
C GLU J 191 -40.86 0.92 8.54
N VAL J 192 -41.31 2.18 8.52
CA VAL J 192 -41.23 3.01 7.31
C VAL J 192 -39.78 3.28 6.94
N ALA J 193 -38.98 3.73 7.91
CA ALA J 193 -37.59 4.09 7.64
C ALA J 193 -36.76 2.83 7.38
N PRO J 194 -35.67 2.96 6.62
CA PRO J 194 -34.77 1.81 6.45
C PRO J 194 -34.18 1.38 7.79
N SER J 195 -34.05 0.06 7.95
CA SER J 195 -33.51 -0.57 9.15
C SER J 195 -34.34 -0.27 10.40
N GLN J 196 -35.59 0.13 10.23
CA GLN J 196 -36.49 0.46 11.32
C GLN J 196 -37.52 -0.65 11.50
N HIS J 197 -37.81 -0.99 12.75
CA HIS J 197 -38.67 -2.12 13.05
C HIS J 197 -39.58 -1.78 14.21
N GLU J 198 -40.78 -2.37 14.19
CA GLU J 198 -41.75 -2.22 15.26
C GLU J 198 -42.15 -3.61 15.74
N ILE J 199 -42.13 -3.79 17.06
CA ILE J 199 -42.63 -5.00 17.69
C ILE J 199 -43.65 -4.58 18.73
N ASP J 200 -44.89 -5.02 18.54
CA ASP J 200 -46.00 -4.65 19.41
C ASP J 200 -46.27 -5.77 20.41
N PHE J 201 -46.40 -5.40 21.68
CA PHE J 201 -46.79 -6.32 22.72
C PHE J 201 -48.12 -5.86 23.31
N ARG J 202 -48.78 -6.79 24.01
CA ARG J 202 -50.10 -6.51 24.55
C ARG J 202 -50.02 -5.43 25.63
N PHE J 203 -51.09 -4.63 25.70
CA PHE J 203 -51.22 -3.61 26.73
C PHE J 203 -51.35 -4.25 28.11
N GLY J 204 -51.28 -3.40 29.13
CA GLY J 204 -51.48 -3.83 30.49
C GLY J 204 -51.67 -2.64 31.40
N ASP J 205 -51.71 -2.90 32.69
CA ASP J 205 -51.76 -1.82 33.66
C ASP J 205 -50.48 -0.99 33.57
N VAL J 206 -50.60 0.30 33.89
CA VAL J 206 -49.62 1.29 33.48
C VAL J 206 -48.26 1.05 34.13
N LEU J 207 -48.25 0.61 35.39
CA LEU J 207 -46.98 0.33 36.07
C LEU J 207 -46.25 -0.84 35.41
N CYS J 208 -46.97 -1.95 35.21
CA CYS J 208 -46.41 -3.08 34.48
C CYS J 208 -46.04 -2.69 33.06
N THR J 209 -46.79 -1.76 32.46
CA THR J 209 -46.49 -1.32 31.10
C THR J 209 -45.18 -0.55 31.04
N ALA J 210 -44.93 0.34 32.00
CA ALA J 210 -43.66 1.08 32.01
C ALA J 210 -42.49 0.16 32.32
N ASP J 211 -42.69 -0.79 33.24
CA ASP J 211 -41.71 -1.85 33.44
C ASP J 211 -41.44 -2.59 32.14
N ASN J 212 -42.50 -2.88 31.37
CA ASN J 212 -42.36 -3.55 30.09
C ASN J 212 -41.63 -2.67 29.08
N VAL J 213 -41.80 -1.36 29.14
CA VAL J 213 -41.11 -0.47 28.20
C VAL J 213 -39.61 -0.50 28.44
N VAL J 214 -39.18 -0.34 29.69
CA VAL J 214 -37.74 -0.37 29.96
C VAL J 214 -37.18 -1.77 29.71
N THR J 215 -37.94 -2.80 30.10
CA THR J 215 -37.52 -4.17 29.84
C THR J 215 -37.41 -4.44 28.35
N PHE J 216 -38.39 -3.99 27.56
CA PHE J 216 -38.38 -4.20 26.13
C PHE J 216 -37.18 -3.54 25.49
N LYS J 217 -36.86 -2.31 25.93
CA LYS J 217 -35.72 -1.62 25.36
C LYS J 217 -34.42 -2.38 25.63
N TYR J 218 -34.19 -2.82 26.87
CA TYR J 218 -32.93 -3.50 27.09
C TYR J 218 -32.91 -4.93 26.52
N VAL J 219 -34.07 -5.59 26.45
CA VAL J 219 -34.14 -6.91 25.82
C VAL J 219 -33.83 -6.82 24.34
N VAL J 220 -34.42 -5.83 23.66
CA VAL J 220 -34.15 -5.64 22.23
C VAL J 220 -32.68 -5.31 22.02
N LYS J 221 -32.11 -4.45 22.86
CA LYS J 221 -30.70 -4.11 22.73
C LYS J 221 -29.80 -5.33 22.94
N SER J 222 -30.11 -6.16 23.94
CA SER J 222 -29.28 -7.34 24.20
C SER J 222 -29.38 -8.35 23.07
N ILE J 223 -30.59 -8.64 22.61
CA ILE J 223 -30.77 -9.61 21.52
C ILE J 223 -30.11 -9.11 20.25
N ALA J 224 -30.23 -7.81 19.95
CA ALA J 224 -29.54 -7.25 18.79
C ALA J 224 -28.03 -7.36 18.95
N TYR J 225 -27.52 -7.12 20.15
CA TYR J 225 -26.07 -7.18 20.38
C TYR J 225 -25.53 -8.58 20.15
N HIS J 226 -26.23 -9.61 20.65
CA HIS J 226 -25.71 -10.96 20.50
C HIS J 226 -25.81 -11.49 19.07
N LYS J 227 -26.58 -10.85 18.20
CA LYS J 227 -26.57 -11.17 16.78
C LYS J 227 -25.65 -10.28 15.98
N GLY J 228 -24.85 -9.44 16.63
CA GLY J 228 -23.93 -8.56 15.94
C GLY J 228 -24.53 -7.27 15.45
N TYR J 229 -25.65 -6.82 16.02
CA TYR J 229 -26.32 -5.62 15.60
C TYR J 229 -26.42 -4.66 16.77
N TYR J 230 -26.80 -3.41 16.47
CA TYR J 230 -27.12 -2.44 17.50
C TYR J 230 -28.56 -2.00 17.34
N ALA J 231 -29.31 -2.09 18.43
CA ALA J 231 -30.69 -1.60 18.46
C ALA J 231 -30.69 -0.19 19.02
N SER J 232 -31.10 0.77 18.20
CA SER J 232 -31.10 2.18 18.57
C SER J 232 -32.53 2.62 18.82
N PHE J 233 -32.77 3.23 19.99
CA PHE J 233 -34.03 3.88 20.30
C PHE J 233 -33.92 5.40 20.21
N MET J 234 -32.99 5.89 19.39
CA MET J 234 -32.89 7.32 19.15
C MET J 234 -34.16 7.82 18.45
N PRO J 235 -34.68 8.98 18.82
CA PRO J 235 -35.86 9.52 18.12
C PRO J 235 -35.62 9.77 16.64
N LYS J 236 -34.42 10.19 16.26
CA LYS J 236 -34.11 10.51 14.86
C LYS J 236 -32.62 10.32 14.61
N PRO J 237 -32.18 9.06 14.45
CA PRO J 237 -30.75 8.83 14.20
C PRO J 237 -30.30 9.23 12.81
N LEU J 238 -31.20 9.27 11.83
CA LEU J 238 -30.86 9.56 10.45
C LEU J 238 -31.73 10.68 9.92
N PHE J 239 -31.13 11.55 9.11
CA PHE J 239 -31.87 12.62 8.45
C PHE J 239 -32.55 12.10 7.18
N GLY J 240 -33.73 12.63 6.90
CA GLY J 240 -34.43 12.37 5.67
C GLY J 240 -35.31 11.13 5.68
N VAL J 241 -35.23 10.31 6.72
CA VAL J 241 -36.08 9.14 6.85
C VAL J 241 -36.90 9.29 8.13
N ASN J 242 -37.83 8.36 8.32
CA ASN J 242 -38.74 8.44 9.45
C ASN J 242 -38.01 8.28 10.77
N GLY J 243 -38.42 9.05 11.77
CA GLY J 243 -37.94 8.88 13.12
C GLY J 243 -38.71 7.80 13.85
N SER J 244 -38.25 7.51 15.06
CA SER J 244 -38.88 6.52 15.92
C SER J 244 -39.67 7.22 17.02
N GLY J 245 -40.95 6.89 17.11
CA GLY J 245 -41.80 7.38 18.17
C GLY J 245 -42.25 6.26 19.09
N MET J 246 -42.91 6.67 20.17
CA MET J 246 -43.53 5.73 21.11
C MET J 246 -44.99 6.13 21.22
N HIS J 247 -45.82 5.61 20.33
CA HIS J 247 -47.25 5.88 20.39
C HIS J 247 -47.86 5.26 21.63
N SER J 248 -48.51 6.07 22.44
CA SER J 248 -48.99 5.67 23.75
C SER J 248 -50.52 5.57 23.71
N ASN J 249 -51.02 4.35 23.55
CA ASN J 249 -52.45 4.08 23.66
C ASN J 249 -52.81 3.93 25.12
N GLN J 250 -53.79 4.70 25.59
CA GLN J 250 -54.19 4.67 26.98
C GLN J 250 -55.70 4.51 27.09
N SER J 251 -56.11 3.72 28.08
CA SER J 251 -57.52 3.52 28.39
C SER J 251 -57.72 3.61 29.89
N LEU J 252 -58.87 4.13 30.29
CA LEU J 252 -59.25 4.25 31.69
C LEU J 252 -60.35 3.25 32.02
N PHE J 253 -60.32 2.74 33.24
CA PHE J 253 -61.28 1.73 33.68
C PHE J 253 -61.80 2.08 35.06
N LYS J 254 -63.09 1.85 35.26
CA LYS J 254 -63.74 2.07 36.56
C LYS J 254 -64.82 1.02 36.73
N ASP J 255 -64.78 0.29 37.85
CA ASP J 255 -65.72 -0.78 38.16
C ASP J 255 -65.73 -1.86 37.09
N GLY J 256 -64.57 -2.12 36.48
CA GLY J 256 -64.44 -3.14 35.46
C GLY J 256 -64.89 -2.73 34.08
N LYS J 257 -65.34 -1.49 33.89
CA LYS J 257 -65.83 -1.01 32.62
C LYS J 257 -64.86 0.00 32.03
N ASN J 258 -64.70 -0.04 30.71
CA ASN J 258 -63.88 0.95 30.03
C ASN J 258 -64.54 2.31 30.13
N VAL J 259 -63.85 3.26 30.76
CA VAL J 259 -64.41 4.58 31.01
C VAL J 259 -64.64 5.34 29.71
N PHE J 260 -63.73 5.19 28.75
CA PHE J 260 -63.79 5.93 27.50
C PHE J 260 -64.91 5.47 26.57
N TYR J 261 -65.56 4.35 26.87
CA TYR J 261 -66.62 3.80 26.04
C TYR J 261 -67.99 4.28 26.51
N ASP J 262 -68.86 4.56 25.55
CA ASP J 262 -70.25 4.90 25.83
C ASP J 262 -71.09 4.41 24.67
N PRO J 263 -71.90 3.36 24.86
CA PRO J 263 -72.69 2.82 23.75
C PRO J 263 -73.84 3.72 23.31
N ASP J 264 -74.09 4.83 24.00
CA ASP J 264 -75.22 5.67 23.65
C ASP J 264 -74.81 6.86 22.78
N THR J 265 -73.56 7.32 22.89
CA THR J 265 -73.11 8.45 22.10
C THR J 265 -72.96 8.04 20.63
N PRO J 266 -73.20 9.00 19.70
CA PRO J 266 -73.04 8.67 18.28
C PRO J 266 -71.64 8.23 17.90
N THR J 267 -70.62 8.81 18.53
CA THR J 267 -69.24 8.45 18.26
C THR J 267 -68.74 7.32 19.15
N LYS J 268 -69.62 6.76 19.99
CA LYS J 268 -69.31 5.64 20.89
C LYS J 268 -68.21 6.00 21.89
N LEU J 269 -68.07 7.28 22.20
CA LEU J 269 -67.07 7.77 23.14
C LEU J 269 -67.77 8.52 24.26
N SER J 270 -67.35 8.24 25.50
CA SER J 270 -67.96 8.91 26.64
C SER J 270 -67.49 10.35 26.74
N GLN J 271 -68.20 11.13 27.55
CA GLN J 271 -67.77 12.48 27.86
C GLN J 271 -66.45 12.48 28.63
N ASP J 272 -66.19 11.43 29.40
CA ASP J 272 -64.93 11.32 30.11
C ASP J 272 -63.76 11.13 29.15
N ALA J 273 -63.98 10.44 28.03
CA ALA J 273 -62.94 10.32 27.02
C ALA J 273 -62.60 11.68 26.41
N MET J 274 -63.62 12.48 26.12
CA MET J 274 -63.38 13.83 25.59
C MET J 274 -62.68 14.70 26.63
N TYR J 275 -63.05 14.57 27.90
CA TYR J 275 -62.38 15.31 28.96
C TYR J 275 -60.92 14.90 29.10
N TYR J 276 -60.64 13.60 28.99
CA TYR J 276 -59.27 13.10 29.03
C TYR J 276 -58.46 13.67 27.87
N ILE J 277 -59.04 13.68 26.67
CA ILE J 277 -58.38 14.25 25.51
C ILE J 277 -58.12 15.74 25.71
N GLY J 278 -59.12 16.45 26.26
CA GLY J 278 -58.95 17.87 26.51
C GLY J 278 -57.83 18.18 27.50
N GLY J 279 -57.76 17.39 28.57
CA GLY J 279 -56.66 17.57 29.51
C GLY J 279 -55.31 17.27 28.90
N LEU J 280 -55.23 16.20 28.10
CA LEU J 280 -53.98 15.87 27.41
C LEU J 280 -53.56 17.00 26.48
N LEU J 281 -54.50 17.53 25.69
CA LEU J 281 -54.17 18.59 24.75
C LEU J 281 -53.84 19.90 25.47
N LYS J 282 -54.46 20.14 26.63
CA LYS J 282 -54.16 21.33 27.39
C LYS J 282 -52.76 21.27 27.99
N HIS J 283 -52.34 20.10 28.46
CA HIS J 283 -51.10 20.02 29.23
C HIS J 283 -49.91 19.47 28.45
N ILE J 284 -50.10 19.02 27.20
CA ILE J 284 -49.04 18.30 26.49
C ILE J 284 -47.82 19.19 26.23
N ARG J 285 -48.04 20.50 26.04
CA ARG J 285 -46.91 21.40 25.85
C ARG J 285 -46.04 21.51 27.09
N GLU J 286 -46.64 21.31 28.27
CA GLU J 286 -45.90 21.46 29.52
C GLU J 286 -45.02 20.27 29.86
N PHE J 287 -45.27 19.09 29.26
CA PHE J 287 -44.40 17.94 29.51
C PHE J 287 -43.96 17.28 28.22
N THR J 288 -43.99 18.03 27.11
CA THR J 288 -43.26 17.60 25.92
C THR J 288 -41.78 17.38 26.22
N ALA J 289 -41.21 18.16 27.14
CA ALA J 289 -39.84 17.94 27.58
C ALA J 289 -39.65 16.58 28.25
N VAL J 290 -40.72 15.96 28.72
CA VAL J 290 -40.64 14.62 29.29
C VAL J 290 -40.93 13.56 28.24
N THR J 291 -42.01 13.74 27.46
CA THR J 291 -42.32 12.78 26.40
C THR J 291 -41.28 12.80 25.30
N ASN J 292 -40.61 13.94 25.10
CA ASN J 292 -39.57 14.08 24.08
C ASN J 292 -38.35 14.69 24.77
N PRO J 293 -37.51 13.85 25.38
CA PRO J 293 -36.56 14.35 26.38
C PRO J 293 -35.25 14.89 25.84
N VAL J 294 -34.84 14.51 24.63
CA VAL J 294 -33.51 14.83 24.15
C VAL J 294 -33.59 15.85 23.03
N VAL J 295 -32.42 16.35 22.63
CA VAL J 295 -32.34 17.31 21.52
C VAL J 295 -32.79 16.65 20.22
N ASN J 296 -32.39 15.38 20.03
CA ASN J 296 -32.72 14.64 18.81
C ASN J 296 -34.23 14.41 18.66
N SER J 297 -34.96 14.47 19.78
CA SER J 297 -36.41 14.30 19.76
C SER J 297 -37.08 15.34 18.87
N TYR J 298 -36.53 16.54 18.84
CA TYR J 298 -37.08 17.63 18.05
C TYR J 298 -36.47 17.69 16.66
N LYS J 299 -35.42 16.90 16.41
CA LYS J 299 -35.07 16.56 15.04
C LYS J 299 -36.03 15.53 14.48
N ARG J 300 -36.69 14.76 15.35
CA ARG J 300 -37.84 13.98 14.88
C ARG J 300 -39.09 14.85 14.81
N LEU J 301 -39.35 15.66 15.83
CA LEU J 301 -40.56 16.47 15.91
C LEU J 301 -40.36 17.81 15.20
N VAL J 302 -40.25 17.74 13.88
CA VAL J 302 -40.15 18.92 13.02
C VAL J 302 -41.46 19.04 12.25
N PRO J 303 -41.96 20.24 11.97
CA PRO J 303 -43.10 20.37 11.06
C PRO J 303 -42.77 19.78 9.69
N GLY J 304 -43.68 18.97 9.18
CA GLY J 304 -43.46 18.25 7.95
C GLY J 304 -44.62 17.35 7.60
N TYR J 305 -44.33 16.12 7.20
CA TYR J 305 -45.37 15.15 6.83
C TYR J 305 -45.26 13.86 7.64
N GLU J 306 -44.49 13.87 8.71
CA GLU J 306 -44.29 12.65 9.51
C GLU J 306 -44.58 12.87 10.99
N ALA J 307 -44.20 14.03 11.52
CA ALA J 307 -44.19 14.21 12.96
C ALA J 307 -45.50 14.79 13.46
N PRO J 308 -46.05 14.24 14.54
CA PRO J 308 -47.26 14.81 15.17
C PRO J 308 -46.95 16.02 16.05
N VAL J 309 -46.60 17.12 15.41
CA VAL J 309 -46.20 18.34 16.11
C VAL J 309 -47.37 19.28 16.35
N TYR J 310 -48.53 19.02 15.75
CA TYR J 310 -49.68 19.91 15.83
C TYR J 310 -50.66 19.39 16.86
N ILE J 311 -51.00 20.24 17.82
CA ILE J 311 -51.84 19.85 18.96
C ILE J 311 -53.28 19.75 18.48
N SER J 312 -53.80 18.54 18.43
CA SER J 312 -55.12 18.27 17.86
C SER J 312 -55.50 16.83 18.20
N TRP J 313 -56.77 16.51 17.97
CA TRP J 313 -57.25 15.15 18.16
C TRP J 313 -58.19 14.79 17.02
N SER J 314 -58.31 13.48 16.77
CA SER J 314 -59.14 12.96 15.70
C SER J 314 -59.35 11.48 15.93
N ALA J 315 -60.18 10.87 15.09
CA ALA J 315 -60.45 9.44 15.15
C ALA J 315 -59.51 8.62 14.27
N GLN J 316 -59.54 8.83 12.95
CA GLN J 316 -58.70 8.07 12.05
C GLN J 316 -57.50 8.84 11.51
N ASN J 317 -57.39 10.13 11.81
CA ASN J 317 -56.33 10.97 11.24
C ASN J 317 -55.02 10.69 11.95
N ARG J 318 -54.01 10.28 11.19
CA ARG J 318 -52.67 10.03 11.72
C ARG J 318 -51.77 11.25 11.63
N SER J 319 -52.29 12.39 11.18
CA SER J 319 -51.58 13.66 11.27
C SER J 319 -51.94 14.44 12.53
N SER J 320 -52.83 13.89 13.37
CA SER J 320 -53.22 14.54 14.62
C SER J 320 -52.32 14.09 15.76
N LEU J 321 -52.24 14.94 16.79
CA LEU J 321 -51.50 14.59 17.99
C LEU J 321 -52.13 13.39 18.71
N ILE J 322 -53.45 13.38 18.81
CA ILE J 322 -54.19 12.32 19.49
C ILE J 322 -55.05 11.60 18.48
N ARG J 323 -54.95 10.28 18.44
CA ARG J 323 -55.79 9.44 17.59
C ARG J 323 -56.68 8.56 18.46
N ILE J 324 -57.90 8.32 17.97
CA ILE J 324 -58.83 7.42 18.63
C ILE J 324 -59.08 6.23 17.71
N PRO J 325 -58.44 5.08 17.94
CA PRO J 325 -58.72 3.91 17.11
C PRO J 325 -60.17 3.48 17.22
N ALA J 326 -60.69 2.91 16.13
CA ALA J 326 -62.10 2.60 16.03
C ALA J 326 -62.55 1.46 16.94
N THR J 327 -61.61 0.77 17.58
CA THR J 327 -61.95 -0.26 18.55
C THR J 327 -62.79 0.34 19.68
N ARG J 328 -63.86 -0.37 20.04
CA ARG J 328 -64.81 0.10 21.04
C ARG J 328 -64.95 -0.95 22.13
N GLY J 329 -65.91 -0.72 23.03
CA GLY J 329 -66.10 -1.66 24.14
C GLY J 329 -64.99 -1.51 25.16
N ASN J 330 -64.43 -2.64 25.58
CA ASN J 330 -63.32 -2.61 26.52
C ASN J 330 -62.01 -2.18 25.88
N GLY J 331 -61.93 -2.21 24.55
CA GLY J 331 -60.75 -1.82 23.82
C GLY J 331 -60.68 -0.36 23.42
N THR J 332 -61.60 0.47 23.91
CA THR J 332 -61.57 1.89 23.59
C THR J 332 -60.33 2.54 24.22
N ARG J 333 -59.53 3.20 23.40
CA ARG J 333 -58.26 3.75 23.86
C ARG J 333 -57.97 5.06 23.14
N ILE J 334 -57.10 5.85 23.75
CA ILE J 334 -56.66 7.13 23.22
C ILE J 334 -55.16 7.03 22.96
N GLU J 335 -54.75 7.36 21.74
CA GLU J 335 -53.35 7.21 21.33
C GLU J 335 -52.69 8.59 21.27
N LEU J 336 -51.67 8.78 22.10
CA LEU J 336 -50.81 9.96 22.01
C LEU J 336 -49.58 9.62 21.17
N ARG J 337 -49.34 10.40 20.13
CA ARG J 337 -48.34 10.05 19.14
C ARG J 337 -47.05 10.86 19.25
N CYS J 338 -47.02 11.92 20.05
CA CYS J 338 -45.79 12.68 20.22
C CYS J 338 -44.61 11.92 20.84
N PRO J 339 -44.76 11.08 21.88
CA PRO J 339 -43.56 10.59 22.58
C PRO J 339 -42.70 9.68 21.70
N ASP J 340 -41.42 9.68 22.00
CA ASP J 340 -40.41 8.85 21.35
C ASP J 340 -39.86 7.85 22.35
N PRO J 341 -39.24 6.76 21.89
CA PRO J 341 -38.75 5.74 22.85
C PRO J 341 -37.60 6.20 23.74
N ALA J 342 -37.10 7.43 23.59
CA ALA J 342 -36.08 7.95 24.48
C ALA J 342 -36.64 8.46 25.81
N CYS J 343 -37.96 8.59 25.92
CA CYS J 343 -38.56 9.14 27.12
C CYS J 343 -38.55 8.13 28.26
N ASN J 344 -38.63 8.65 29.48
CA ASN J 344 -38.80 7.83 30.68
C ASN J 344 -40.26 7.41 30.74
N PRO J 345 -40.56 6.12 30.55
CA PRO J 345 -41.96 5.69 30.52
C PRO J 345 -42.71 5.93 31.81
N TYR J 346 -42.05 5.83 32.97
CA TYR J 346 -42.72 6.10 34.24
C TYR J 346 -43.21 7.55 34.30
N LEU J 347 -42.30 8.49 34.05
CA LEU J 347 -42.66 9.91 34.09
C LEU J 347 -43.66 10.28 33.01
N ALA J 348 -43.44 9.75 31.79
CA ALA J 348 -44.32 10.10 30.67
C ALA J 348 -45.74 9.56 30.88
N PHE J 349 -45.84 8.30 31.30
CA PHE J 349 -47.16 7.72 31.53
C PHE J 349 -47.85 8.37 32.73
N ALA J 350 -47.07 8.70 33.77
CA ALA J 350 -47.64 9.41 34.91
C ALA J 350 -48.18 10.77 34.50
N LEU J 351 -47.44 11.49 33.64
CA LEU J 351 -47.89 12.82 33.23
C LEU J 351 -49.09 12.74 32.30
N MET J 352 -49.13 11.75 31.40
CA MET J 352 -50.33 11.56 30.59
C MET J 352 -51.55 11.24 31.45
N LEU J 353 -51.36 10.35 32.45
CA LEU J 353 -52.45 10.04 33.36
C LEU J 353 -52.93 11.26 34.11
N ARG J 354 -52.00 12.07 34.63
CA ARG J 354 -52.38 13.24 35.39
C ARG J 354 -53.05 14.30 34.52
N ALA J 355 -52.58 14.46 33.28
CA ALA J 355 -53.24 15.40 32.36
C ALA J 355 -54.66 14.96 32.04
N GLY J 356 -54.85 13.65 31.79
CA GLY J 356 -56.20 13.16 31.54
C GLY J 356 -57.10 13.27 32.75
N LEU J 357 -56.57 13.00 33.94
CA LEU J 357 -57.35 13.14 35.16
C LEU J 357 -57.72 14.59 35.42
N GLU J 358 -56.79 15.52 35.14
CA GLU J 358 -57.10 16.95 35.25
C GLU J 358 -58.19 17.35 34.26
N GLY J 359 -58.15 16.79 33.05
CA GLY J 359 -59.20 17.05 32.08
C GLY J 359 -60.55 16.53 32.53
N ILE J 360 -60.57 15.35 33.15
CA ILE J 360 -61.83 14.78 33.63
C ILE J 360 -62.36 15.58 34.82
N LYS J 361 -61.47 15.95 35.74
CA LYS J 361 -61.89 16.68 36.93
C LYS J 361 -62.36 18.08 36.58
N ASN J 362 -61.68 18.76 35.67
CA ASN J 362 -62.01 20.13 35.30
C ASN J 362 -62.96 20.22 34.11
N LYS J 363 -63.39 19.08 33.57
CA LYS J 363 -64.34 19.01 32.45
C LYS J 363 -63.84 19.82 31.24
N ILE J 364 -62.59 19.56 30.86
CA ILE J 364 -61.94 20.33 29.81
C ILE J 364 -62.42 19.81 28.45
N ASP J 365 -63.05 20.68 27.68
CA ASP J 365 -63.54 20.31 26.35
C ASP J 365 -62.37 20.28 25.36
N PRO J 366 -62.20 19.21 24.60
CA PRO J 366 -61.06 19.12 23.67
C PRO J 366 -61.25 19.89 22.39
N GLY J 367 -62.41 20.51 22.17
CA GLY J 367 -62.66 21.19 20.92
C GLY J 367 -63.07 20.23 19.82
N GLU J 368 -63.25 20.80 18.63
CA GLU J 368 -63.64 20.01 17.48
C GLU J 368 -62.47 19.16 16.99
N PRO J 369 -62.74 17.93 16.56
CA PRO J 369 -61.68 17.12 15.97
C PRO J 369 -61.23 17.65 14.62
N THR J 370 -59.96 17.40 14.29
CA THR J 370 -59.37 17.83 13.03
C THR J 370 -59.26 16.61 12.13
N ASN J 371 -60.19 16.49 11.19
CA ASN J 371 -60.30 15.31 10.34
C ASN J 371 -59.56 15.46 9.01
N VAL J 372 -58.90 16.59 8.77
CA VAL J 372 -58.20 16.83 7.53
C VAL J 372 -56.72 16.55 7.74
N ASN J 373 -55.97 16.46 6.64
CA ASN J 373 -54.52 16.30 6.70
C ASN J 373 -53.92 17.62 7.16
N ILE J 374 -53.56 17.68 8.44
CA ILE J 374 -52.93 18.87 9.00
C ILE J 374 -51.56 19.13 8.39
N PHE J 375 -50.90 18.07 7.91
CA PHE J 375 -49.59 18.24 7.27
C PHE J 375 -49.72 19.01 5.97
N HIS J 376 -50.81 18.80 5.23
CA HIS J 376 -51.04 19.54 3.99
C HIS J 376 -51.54 20.96 4.23
N LEU J 377 -52.01 21.26 5.44
CA LEU J 377 -52.46 22.61 5.76
C LEU J 377 -51.28 23.58 5.80
N SER J 378 -51.57 24.84 5.48
CA SER J 378 -50.61 25.91 5.64
C SER J 378 -50.65 26.45 7.07
N ASP J 379 -49.71 27.33 7.38
CA ASP J 379 -49.69 27.95 8.70
C ASP J 379 -50.89 28.87 8.89
N LYS J 380 -51.36 29.51 7.82
CA LYS J 380 -52.54 30.37 7.92
C LYS J 380 -53.79 29.56 8.25
N GLU J 381 -53.97 28.42 7.59
CA GLU J 381 -55.14 27.58 7.87
C GLU J 381 -55.08 27.00 9.28
N ARG J 382 -53.88 26.58 9.72
CA ARG J 382 -53.74 26.06 11.07
C ARG J 382 -53.97 27.13 12.13
N GLU J 383 -53.56 28.37 11.84
CA GLU J 383 -53.86 29.48 12.75
C GLU J 383 -55.35 29.77 12.78
N GLU J 384 -56.02 29.68 11.61
CA GLU J 384 -57.47 29.92 11.57
C GLU J 384 -58.22 28.84 12.35
N ARG J 385 -57.77 27.58 12.27
CA ARG J 385 -58.38 26.53 13.05
C ARG J 385 -57.92 26.52 14.51
N GLY J 386 -56.98 27.38 14.88
CA GLY J 386 -56.49 27.39 16.24
C GLY J 386 -55.60 26.21 16.58
N ILE J 387 -55.01 25.57 15.59
CA ILE J 387 -54.19 24.38 15.80
C ILE J 387 -52.82 24.83 16.28
N ARG J 388 -52.52 24.57 17.55
CA ARG J 388 -51.24 24.96 18.12
C ARG J 388 -50.18 23.89 17.87
N SER J 389 -48.93 24.24 18.16
CA SER J 389 -47.80 23.36 17.90
C SER J 389 -47.10 23.01 19.21
N LEU J 390 -46.45 21.85 19.19
CA LEU J 390 -45.56 21.46 20.27
C LEU J 390 -44.31 22.34 20.26
N PRO J 391 -43.57 22.39 21.37
CA PRO J 391 -42.30 23.12 21.38
C PRO J 391 -41.37 22.64 20.28
N ALA J 392 -40.73 23.60 19.60
CA ALA J 392 -39.94 23.30 18.41
C ALA J 392 -38.59 22.68 18.73
N ASP J 393 -38.09 22.84 19.95
CA ASP J 393 -36.80 22.28 20.33
C ASP J 393 -36.83 21.98 21.82
N LEU J 394 -35.71 21.44 22.32
CA LEU J 394 -35.64 21.05 23.72
C LEU J 394 -35.66 22.26 24.66
N LYS J 395 -35.05 23.38 24.24
CA LYS J 395 -35.04 24.58 25.07
C LYS J 395 -36.45 25.12 25.30
N GLU J 396 -37.27 25.16 24.24
CA GLU J 396 -38.64 25.63 24.37
C GLU J 396 -39.46 24.72 25.26
N ALA J 397 -39.25 23.41 25.16
CA ALA J 397 -39.98 22.48 26.03
C ALA J 397 -39.51 22.59 27.48
N ILE J 398 -38.22 22.83 27.70
CA ILE J 398 -37.72 23.09 29.05
C ILE J 398 -38.38 24.34 29.62
N ASP J 399 -38.48 25.39 28.81
CA ASP J 399 -39.10 26.63 29.27
C ASP J 399 -40.59 26.42 29.57
N GLU J 400 -41.27 25.63 28.75
CA GLU J 400 -42.68 25.32 29.01
C GLU J 400 -42.83 24.50 30.29
N MET J 401 -41.93 23.55 30.53
CA MET J 401 -42.00 22.72 31.72
C MET J 401 -41.66 23.52 32.99
N LYS J 402 -40.77 24.51 32.87
CA LYS J 402 -40.36 25.32 34.02
C LYS J 402 -41.53 26.03 34.66
N GLY J 403 -42.38 26.66 33.86
CA GLY J 403 -43.50 27.42 34.36
C GLY J 403 -44.76 26.63 34.62
N SER J 404 -44.70 25.30 34.50
CA SER J 404 -45.87 24.45 34.68
C SER J 404 -45.98 24.02 36.14
N LYS J 405 -47.03 24.47 36.81
CA LYS J 405 -47.33 23.96 38.15
C LYS J 405 -47.89 22.55 38.08
N PHE J 406 -48.54 22.20 36.96
CA PHE J 406 -49.08 20.85 36.80
C PHE J 406 -47.98 19.80 36.78
N VAL J 407 -46.93 20.05 35.99
CA VAL J 407 -45.82 19.09 35.89
C VAL J 407 -45.05 19.04 37.21
N LYS J 408 -44.87 20.19 37.87
CA LYS J 408 -44.17 20.22 39.15
C LYS J 408 -44.95 19.45 40.21
N GLU J 409 -46.28 19.56 40.20
CA GLU J 409 -47.10 18.82 41.16
C GLU J 409 -47.10 17.33 40.84
N ALA J 410 -47.20 16.97 39.56
CA ALA J 410 -47.29 15.56 39.18
C ALA J 410 -45.97 14.83 39.38
N LEU J 411 -44.84 15.49 39.12
CA LEU J 411 -43.54 14.84 39.23
C LEU J 411 -42.93 14.95 40.63
N GLY J 412 -43.33 15.92 41.42
CA GLY J 412 -42.65 16.18 42.67
C GLY J 412 -41.46 17.07 42.48
N GLU J 413 -41.06 17.74 43.57
CA GLU J 413 -40.03 18.77 43.49
C GLU J 413 -38.67 18.19 43.08
N HIS J 414 -38.32 17.03 43.63
CA HIS J 414 -37.02 16.42 43.34
C HIS J 414 -36.90 16.06 41.86
N VAL J 415 -37.87 15.31 41.33
CA VAL J 415 -37.83 14.89 39.93
C VAL J 415 -37.90 16.09 39.02
N PHE J 416 -38.79 17.03 39.31
CA PHE J 416 -38.93 18.24 38.51
C PHE J 416 -37.61 19.00 38.41
N SER J 417 -37.00 19.30 39.56
CA SER J 417 -35.78 20.10 39.57
C SER J 417 -34.62 19.36 38.93
N HIS J 418 -34.43 18.08 39.26
CA HIS J 418 -33.27 17.35 38.74
C HIS J 418 -33.41 17.09 37.24
N TYR J 419 -34.63 16.75 36.78
CA TYR J 419 -34.87 16.56 35.36
C TYR J 419 -34.64 17.85 34.58
N LEU J 420 -35.15 18.97 35.10
CA LEU J 420 -34.95 20.25 34.43
C LEU J 420 -33.47 20.63 34.40
N CYS J 421 -32.75 20.37 35.49
CA CYS J 421 -31.32 20.68 35.53
C CYS J 421 -30.54 19.84 34.52
N ALA J 422 -30.84 18.54 34.43
CA ALA J 422 -30.16 17.69 33.45
C ALA J 422 -30.47 18.13 32.03
N LYS J 423 -31.73 18.46 31.75
CA LYS J 423 -32.09 18.92 30.41
C LYS J 423 -31.43 20.25 30.09
N GLU J 424 -31.33 21.14 31.08
CA GLU J 424 -30.67 22.43 30.88
C GLU J 424 -29.19 22.26 30.57
N MET J 425 -28.51 21.37 31.30
CA MET J 425 -27.10 21.11 30.99
C MET J 425 -26.95 20.52 29.60
N GLU J 426 -27.85 19.60 29.23
CA GLU J 426 -27.81 19.01 27.90
C GLU J 426 -27.96 20.08 26.81
N TRP J 427 -28.95 20.97 26.97
CA TRP J 427 -29.16 22.00 25.96
C TRP J 427 -28.03 23.02 25.95
N ASP J 428 -27.46 23.34 27.12
CA ASP J 428 -26.38 24.30 27.17
C ASP J 428 -25.13 23.75 26.50
N GLU J 429 -24.88 22.45 26.63
CA GLU J 429 -23.78 21.84 25.89
C GLU J 429 -24.08 21.81 24.39
N TYR J 430 -25.32 21.49 24.01
CA TYR J 430 -25.66 21.37 22.60
C TYR J 430 -25.61 22.71 21.87
N LYS J 431 -26.08 23.78 22.52
CA LYS J 431 -26.27 25.05 21.84
C LYS J 431 -24.97 25.74 21.47
N ALA J 432 -23.85 25.35 22.08
CA ALA J 432 -22.56 25.95 21.76
C ALA J 432 -21.79 25.22 20.68
N VAL J 433 -22.26 24.04 20.25
CA VAL J 433 -21.51 23.22 19.32
C VAL J 433 -21.58 23.81 17.92
N VAL J 434 -20.42 23.96 17.28
CA VAL J 434 -20.33 24.36 15.89
C VAL J 434 -20.46 23.09 15.06
N HIS J 435 -21.55 22.97 14.36
CA HIS J 435 -21.86 21.74 13.64
C HIS J 435 -21.23 21.75 12.26
N PRO J 436 -20.94 20.55 11.71
CA PRO J 436 -20.41 20.49 10.34
C PRO J 436 -21.35 21.06 9.29
N TRP J 437 -22.66 21.08 9.56
CA TRP J 437 -23.60 21.72 8.66
C TRP J 437 -23.30 23.21 8.51
N GLU J 438 -22.96 23.86 9.62
CA GLU J 438 -22.61 25.29 9.57
C GLU J 438 -21.33 25.50 8.77
N LEU J 439 -20.37 24.57 8.88
CA LEU J 439 -19.16 24.66 8.07
C LEU J 439 -19.48 24.50 6.59
N SER J 440 -20.35 23.56 6.25
CA SER J 440 -20.72 23.35 4.85
C SER J 440 -21.50 24.53 4.30
N ARG J 441 -22.31 25.18 5.13
CA ARG J 441 -23.17 26.28 4.68
C ARG J 441 -22.46 27.63 4.63
N TYR J 442 -21.56 27.91 5.58
CA TYR J 442 -21.08 29.27 5.80
C TYR J 442 -19.61 29.48 5.51
N LEU J 443 -18.77 28.45 5.59
CA LEU J 443 -17.32 28.66 5.55
C LEU J 443 -16.87 29.24 4.21
N SER J 444 -17.33 28.66 3.11
CA SER J 444 -16.94 29.13 1.79
C SER J 444 -17.68 30.40 1.36
N MET J 445 -18.68 30.84 2.12
CA MET J 445 -19.48 32.00 1.78
C MET J 445 -19.15 33.24 2.60
N LEU J 446 -18.84 33.08 3.88
CA LEU J 446 -18.58 34.23 4.74
C LEU J 446 -17.09 34.56 4.83
N VAL K 1 7.63 -42.05 34.72
CA VAL K 1 6.17 -42.13 34.72
C VAL K 1 5.70 -43.20 33.75
N GLN K 2 4.96 -44.18 34.28
CA GLN K 2 4.29 -45.27 33.56
C GLN K 2 5.26 -46.25 32.91
N MET K 3 6.57 -46.00 32.99
CA MET K 3 7.56 -46.88 32.37
C MET K 3 8.73 -46.99 33.33
N LYS K 4 8.86 -48.15 33.98
CA LYS K 4 9.94 -48.37 34.93
C LYS K 4 11.28 -48.37 34.22
N LYS K 5 12.28 -47.75 34.85
CA LYS K 5 13.58 -47.58 34.22
C LYS K 5 14.25 -48.92 33.95
N CYS K 6 14.52 -49.19 32.69
CA CYS K 6 15.19 -50.42 32.29
C CYS K 6 16.63 -50.41 32.75
N THR K 7 17.14 -51.58 33.11
CA THR K 7 18.53 -51.74 33.48
C THR K 7 19.31 -52.64 32.53
N THR K 8 18.65 -53.59 31.87
CA THR K 8 19.30 -54.51 30.95
C THR K 8 18.64 -54.39 29.58
N LYS K 9 19.32 -54.96 28.58
CA LYS K 9 18.78 -54.92 27.22
C LYS K 9 17.52 -55.75 27.08
N GLU K 10 17.34 -56.77 27.94
CA GLU K 10 16.11 -57.55 27.94
C GLU K 10 14.93 -56.70 28.38
N ASP K 11 15.11 -55.88 29.43
CA ASP K 11 14.07 -54.96 29.85
C ASP K 11 13.74 -53.95 28.75
N VAL K 12 14.77 -53.49 28.03
CA VAL K 12 14.55 -52.55 26.92
C VAL K 12 13.72 -53.21 25.83
N LEU K 13 14.05 -54.46 25.48
CA LEU K 13 13.32 -55.15 24.43
C LEU K 13 11.87 -55.42 24.85
N GLU K 14 11.66 -55.79 26.11
CA GLU K 14 10.29 -55.98 26.60
C GLU K 14 9.51 -54.67 26.59
N ALA K 15 10.15 -53.57 26.98
CA ALA K 15 9.48 -52.27 26.95
C ALA K 15 9.15 -51.84 25.53
N VAL K 16 10.05 -52.11 24.59
CA VAL K 16 9.80 -51.81 23.19
C VAL K 16 8.62 -52.61 22.67
N LYS K 17 8.56 -53.90 23.03
CA LYS K 17 7.44 -54.74 22.58
C LYS K 17 6.12 -54.28 23.18
N GLU K 18 6.10 -54.02 24.49
CA GLU K 18 4.83 -53.75 25.17
C GLU K 18 4.34 -52.31 25.01
N ARG K 19 5.21 -51.37 24.65
CA ARG K 19 4.82 -49.98 24.51
C ARG K 19 4.66 -49.55 23.05
N ASP K 20 4.63 -50.52 22.13
CA ASP K 20 4.47 -50.26 20.69
C ASP K 20 5.54 -49.31 20.17
N VAL K 21 6.77 -49.50 20.63
CA VAL K 21 7.89 -48.67 20.20
C VAL K 21 8.37 -49.17 18.84
N LYS K 22 8.39 -48.28 17.86
CA LYS K 22 8.84 -48.62 16.52
C LYS K 22 10.17 -47.97 16.14
N PHE K 23 10.42 -46.76 16.59
CA PHE K 23 11.62 -46.03 16.22
C PHE K 23 12.50 -45.84 17.44
N ILE K 24 13.78 -46.17 17.30
CA ILE K 24 14.78 -45.98 18.35
C ILE K 24 15.74 -44.89 17.89
N ARG K 25 15.84 -43.83 18.67
CA ARG K 25 16.78 -42.75 18.40
C ARG K 25 18.07 -43.05 19.15
N THR K 26 19.03 -43.64 18.46
CA THR K 26 20.35 -43.86 19.03
C THR K 26 21.07 -42.52 19.13
N GLN K 27 21.48 -42.16 20.34
CA GLN K 27 21.95 -40.81 20.61
C GLN K 27 23.29 -40.83 21.31
N PHE K 28 24.07 -39.78 21.05
CA PHE K 28 25.29 -39.51 21.79
C PHE K 28 25.53 -38.02 21.79
N THR K 29 26.50 -37.59 22.58
CA THR K 29 26.86 -36.18 22.72
C THR K 29 28.22 -35.95 22.06
N ASP K 30 28.30 -34.93 21.23
CA ASP K 30 29.56 -34.60 20.56
C ASP K 30 30.48 -33.83 21.52
N THR K 31 31.62 -33.39 21.00
CA THR K 31 32.64 -32.76 21.84
C THR K 31 32.15 -31.46 22.45
N LEU K 32 31.37 -30.68 21.70
CA LEU K 32 30.91 -29.38 22.16
C LEU K 32 29.60 -29.46 22.93
N GLY K 33 29.05 -30.65 23.15
CA GLY K 33 27.86 -30.80 23.97
C GLY K 33 26.54 -30.85 23.21
N ILE K 34 26.58 -30.99 21.89
CA ILE K 34 25.36 -31.06 21.10
C ILE K 34 24.94 -32.52 20.97
N ILE K 35 23.66 -32.79 21.21
CA ILE K 35 23.14 -34.14 21.09
C ILE K 35 23.14 -34.55 19.61
N LYS K 36 23.63 -35.74 19.33
CA LYS K 36 23.66 -36.29 17.98
C LYS K 36 22.77 -37.52 17.95
N SER K 37 21.79 -37.53 17.05
CA SER K 37 20.76 -38.55 17.04
C SER K 37 20.51 -39.06 15.64
N TRP K 38 20.22 -40.36 15.53
CA TRP K 38 19.68 -40.91 14.31
C TRP K 38 18.77 -42.08 14.66
N ALA K 39 17.77 -42.30 13.82
CA ALA K 39 16.69 -43.22 14.11
C ALA K 39 16.93 -44.56 13.43
N ILE K 40 16.84 -45.64 14.21
CA ILE K 40 16.83 -46.99 13.66
C ILE K 40 15.48 -47.61 14.00
N PRO K 41 14.97 -48.52 13.19
CA PRO K 41 13.73 -49.22 13.56
C PRO K 41 13.95 -50.12 14.78
N ALA K 42 12.86 -50.35 15.51
CA ALA K 42 12.93 -51.19 16.69
C ALA K 42 13.24 -52.64 16.34
N GLU K 43 12.99 -53.04 15.09
CA GLU K 43 13.34 -54.38 14.65
C GLU K 43 14.85 -54.59 14.66
N GLN K 44 15.62 -53.54 14.41
CA GLN K 44 17.07 -53.63 14.40
C GLN K 44 17.68 -53.44 15.79
N LEU K 45 16.87 -53.24 16.83
CA LEU K 45 17.40 -52.92 18.15
C LEU K 45 18.14 -54.11 18.76
N GLU K 46 17.66 -55.33 18.52
CA GLU K 46 18.34 -56.52 19.04
C GLU K 46 19.73 -56.67 18.43
N GLU K 47 19.86 -56.42 17.13
CA GLU K 47 21.16 -56.46 16.48
C GLU K 47 22.04 -55.30 16.93
N ALA K 48 21.43 -54.13 17.18
CA ALA K 48 22.19 -52.97 17.63
C ALA K 48 22.73 -53.16 19.03
N PHE K 49 22.00 -53.88 19.88
CA PHE K 49 22.48 -54.17 21.22
C PHE K 49 23.67 -55.11 21.24
N GLU K 50 23.87 -55.91 20.19
CA GLU K 50 24.94 -56.88 20.13
C GLU K 50 26.15 -56.37 19.35
N ASN K 51 25.93 -55.75 18.19
CA ASN K 51 27.02 -55.31 17.33
C ASN K 51 27.24 -53.80 17.35
N GLY K 52 26.43 -53.06 18.10
CA GLY K 52 26.51 -51.62 18.07
C GLY K 52 25.84 -51.06 16.83
N VAL K 53 25.88 -49.73 16.72
CA VAL K 53 25.33 -49.02 15.57
C VAL K 53 26.48 -48.28 14.91
N MET K 54 26.78 -48.63 13.66
CA MET K 54 27.87 -47.99 12.93
C MET K 54 27.44 -46.61 12.43
N PHE K 55 28.37 -45.66 12.48
CA PHE K 55 28.09 -44.33 11.97
C PHE K 55 29.40 -43.68 11.53
N ASP K 56 29.27 -42.64 10.72
CA ASP K 56 30.41 -41.89 10.21
C ASP K 56 30.75 -40.77 11.19
N GLY K 57 31.94 -40.83 11.78
CA GLY K 57 32.39 -39.85 12.73
C GLY K 57 33.07 -38.62 12.15
N SER K 58 33.36 -38.62 10.85
CA SER K 58 34.01 -37.45 10.25
C SER K 58 33.07 -36.27 10.11
N SER K 59 31.76 -36.50 10.11
CA SER K 59 30.78 -35.43 10.06
C SER K 59 30.39 -34.92 11.45
N ILE K 60 31.00 -35.46 12.49
CA ILE K 60 30.79 -35.02 13.86
C ILE K 60 32.01 -34.23 14.31
N GLN K 61 31.79 -33.00 14.77
CA GLN K 61 32.89 -32.13 15.15
C GLN K 61 33.57 -32.65 16.42
N GLY K 62 34.91 -32.66 16.40
CA GLY K 62 35.70 -33.17 17.50
C GLY K 62 35.94 -34.66 17.47
N PHE K 63 35.31 -35.38 16.54
CA PHE K 63 35.44 -36.81 16.40
C PHE K 63 36.55 -37.14 15.39
N THR K 64 36.56 -38.36 14.88
CA THR K 64 37.65 -38.86 14.07
C THR K 64 37.75 -38.11 12.74
N ARG K 65 38.89 -38.31 12.08
CA ARG K 65 39.19 -37.71 10.78
C ARG K 65 38.59 -38.54 9.65
N ILE K 66 38.57 -37.93 8.46
CA ILE K 66 37.89 -38.54 7.32
C ILE K 66 38.63 -39.78 6.81
N GLU K 67 39.91 -39.91 7.15
CA GLU K 67 40.67 -41.09 6.70
C GLU K 67 40.29 -42.33 7.49
N GLU K 68 39.99 -42.19 8.78
CA GLU K 68 39.58 -43.30 9.63
C GLU K 68 38.34 -42.82 10.39
N SER K 69 37.17 -42.94 9.74
CA SER K 69 35.97 -42.25 10.20
C SER K 69 34.85 -43.20 10.63
N ASP K 70 35.02 -44.50 10.50
CA ASP K 70 34.00 -45.43 10.93
C ASP K 70 33.98 -45.52 12.45
N MET K 71 32.80 -45.36 13.04
CA MET K 71 32.64 -45.42 14.49
C MET K 71 31.43 -46.26 14.83
N LYS K 72 31.41 -46.80 16.04
CA LYS K 72 30.33 -47.63 16.53
C LYS K 72 29.78 -47.04 17.82
N LEU K 73 28.45 -47.03 17.94
CA LEU K 73 27.78 -46.59 19.15
C LEU K 73 27.33 -47.81 19.94
N ALA K 74 27.86 -47.97 21.14
CA ALA K 74 27.46 -49.05 22.04
C ALA K 74 26.32 -48.55 22.92
N LEU K 75 25.13 -49.09 22.71
CA LEU K 75 23.94 -48.58 23.38
C LEU K 75 23.96 -48.90 24.87
N ASP K 76 23.50 -47.93 25.68
CA ASP K 76 23.38 -48.10 27.11
C ASP K 76 21.93 -48.38 27.45
N PRO K 77 21.58 -49.61 27.87
CA PRO K 77 20.16 -49.92 28.11
C PRO K 77 19.52 -49.11 29.23
N SER K 78 20.30 -48.67 30.22
CA SER K 78 19.74 -47.89 31.32
C SER K 78 19.23 -46.53 30.89
N THR K 79 19.73 -46.01 29.76
CA THR K 79 19.31 -44.70 29.25
C THR K 79 18.09 -44.78 28.35
N PHE K 80 17.52 -45.97 28.16
CA PHE K 80 16.36 -46.13 27.28
C PHE K 80 15.18 -45.35 27.82
N ARG K 81 14.58 -44.51 26.98
CA ARG K 81 13.48 -43.65 27.39
C ARG K 81 12.59 -43.38 26.19
N ILE K 82 11.29 -43.39 26.42
CA ILE K 82 10.30 -43.13 25.39
C ILE K 82 9.99 -41.63 25.37
N LEU K 83 10.04 -41.03 24.20
CA LEU K 83 9.79 -39.59 24.07
C LEU K 83 8.28 -39.32 24.13
N PRO K 84 7.80 -38.55 25.11
CA PRO K 84 6.35 -38.36 25.24
C PRO K 84 5.75 -37.42 24.20
N TRP K 85 6.52 -36.52 23.61
CA TRP K 85 5.99 -35.61 22.61
C TRP K 85 5.87 -36.25 21.23
N ARG K 86 6.44 -37.42 21.04
CA ARG K 86 6.28 -38.22 19.84
C ARG K 86 5.03 -39.07 19.94
N PRO K 87 4.48 -39.54 18.81
CA PRO K 87 3.23 -40.30 18.87
C PRO K 87 3.33 -41.57 19.71
N ALA K 88 2.24 -41.89 20.40
CA ALA K 88 2.20 -43.09 21.23
C ALA K 88 2.03 -44.36 20.41
N THR K 89 1.28 -44.30 19.32
CA THR K 89 1.14 -45.44 18.41
C THR K 89 2.33 -45.43 17.46
N GLY K 90 3.08 -46.53 17.43
CA GLY K 90 4.37 -46.53 16.78
C GLY K 90 5.29 -45.58 17.52
N ALA K 91 5.50 -45.86 18.80
CA ALA K 91 6.17 -44.94 19.70
C ALA K 91 7.64 -44.78 19.32
N VAL K 92 8.19 -43.63 19.71
CA VAL K 92 9.58 -43.29 19.45
C VAL K 92 10.31 -43.24 20.79
N ALA K 93 11.42 -43.95 20.87
CA ALA K 93 12.23 -43.99 22.07
C ALA K 93 13.67 -43.63 21.74
N ARG K 94 14.39 -43.17 22.76
CA ARG K 94 15.80 -42.84 22.62
C ARG K 94 16.64 -43.79 23.47
N ILE K 95 17.85 -44.07 23.00
CA ILE K 95 18.86 -44.76 23.78
C ILE K 95 20.17 -43.99 23.63
N LEU K 96 20.74 -43.56 24.75
CA LEU K 96 22.07 -42.98 24.73
C LEU K 96 23.10 -44.09 24.62
N GLY K 97 24.25 -43.77 24.03
CA GLY K 97 25.28 -44.76 23.79
C GLY K 97 26.65 -44.21 24.06
N ASP K 98 27.61 -45.13 24.06
CA ASP K 98 29.03 -44.80 24.15
C ASP K 98 29.68 -45.01 22.80
N VAL K 99 30.47 -44.04 22.37
CA VAL K 99 31.12 -44.10 21.07
C VAL K 99 32.34 -44.99 21.17
N TYR K 100 32.43 -45.97 20.27
CA TYR K 100 33.53 -46.93 20.26
C TYR K 100 34.20 -46.93 18.89
N LEU K 101 35.49 -47.23 18.90
CA LEU K 101 36.22 -47.48 17.67
C LEU K 101 35.89 -48.88 17.14
N PRO K 102 36.07 -49.11 15.84
CA PRO K 102 35.72 -50.43 15.28
C PRO K 102 36.52 -51.59 15.86
N ASP K 103 37.69 -51.34 16.45
CA ASP K 103 38.48 -52.41 17.05
C ASP K 103 38.00 -52.79 18.45
N GLY K 104 36.83 -52.29 18.87
CA GLY K 104 36.28 -52.62 20.17
C GLY K 104 36.72 -51.73 21.31
N ASN K 105 37.65 -50.84 21.08
CA ASN K 105 38.09 -49.94 22.14
C ASN K 105 37.19 -48.72 22.20
N PRO K 106 36.99 -48.15 23.39
CA PRO K 106 36.19 -46.92 23.49
C PRO K 106 36.90 -45.75 22.81
N PHE K 107 36.11 -44.85 22.24
CA PHE K 107 36.66 -43.65 21.63
C PHE K 107 37.03 -42.66 22.73
N LYS K 108 38.33 -42.31 22.80
CA LYS K 108 38.80 -41.39 23.82
C LYS K 108 38.32 -39.97 23.60
N GLY K 109 37.82 -39.64 22.41
CA GLY K 109 37.21 -38.36 22.15
C GLY K 109 35.75 -38.25 22.56
N ASP K 110 35.19 -39.31 23.12
CA ASP K 110 33.81 -39.28 23.58
C ASP K 110 33.72 -38.56 24.92
N PRO K 111 32.90 -37.50 25.03
CA PRO K 111 32.76 -36.82 26.33
C PRO K 111 32.21 -37.71 27.43
N ARG K 112 31.31 -38.64 27.08
CA ARG K 112 30.82 -39.59 28.07
C ARG K 112 31.95 -40.48 28.57
N TYR K 113 32.88 -40.84 27.68
CA TYR K 113 34.06 -41.58 28.11
C TYR K 113 34.93 -40.76 29.06
N VAL K 114 35.03 -39.45 28.81
CA VAL K 114 35.80 -38.57 29.70
C VAL K 114 35.16 -38.53 31.08
N LEU K 115 33.83 -38.41 31.13
CA LEU K 115 33.13 -38.41 32.42
C LEU K 115 33.29 -39.75 33.12
N LYS K 116 33.23 -40.86 32.37
CA LYS K 116 33.42 -42.18 32.97
C LYS K 116 34.84 -42.34 33.50
N THR K 117 35.83 -41.77 32.81
CA THR K 117 37.20 -41.80 33.30
C THR K 117 37.33 -41.01 34.61
N ALA K 118 36.66 -39.85 34.68
CA ALA K 118 36.65 -39.10 35.94
C ALA K 118 35.96 -39.87 37.05
N ILE K 119 34.89 -40.60 36.72
CA ILE K 119 34.18 -41.42 37.71
C ILE K 119 35.08 -42.55 38.21
N LYS K 120 35.82 -43.18 37.30
CA LYS K 120 36.77 -44.22 37.71
C LYS K 120 37.87 -43.64 38.58
N GLU K 121 38.34 -42.44 38.24
CA GLU K 121 39.35 -41.78 39.06
C GLU K 121 38.84 -41.49 40.47
N ALA K 122 37.58 -41.07 40.57
CA ALA K 122 36.97 -40.84 41.89
C ALA K 122 36.80 -42.14 42.66
N GLU K 123 36.40 -43.22 41.95
CA GLU K 123 36.19 -44.50 42.61
C GLU K 123 37.49 -45.12 43.08
N LYS K 124 38.61 -44.82 42.41
CA LYS K 124 39.90 -45.30 42.86
C LYS K 124 40.27 -44.76 44.23
N MET K 125 39.73 -43.61 44.62
CA MET K 125 39.86 -43.09 45.98
C MET K 125 38.61 -43.32 46.82
N GLY K 126 37.69 -44.17 46.35
CA GLY K 126 36.50 -44.50 47.09
C GLY K 126 35.39 -43.48 47.03
N PHE K 127 35.47 -42.50 46.14
CA PHE K 127 34.50 -41.43 46.07
C PHE K 127 33.51 -41.66 44.94
N SER K 128 32.27 -41.19 45.16
CA SER K 128 31.25 -41.17 44.13
C SER K 128 30.61 -39.79 44.10
N MET K 129 30.40 -39.27 42.90
CA MET K 129 29.93 -37.91 42.71
C MET K 129 28.43 -37.89 42.45
N ASN K 130 27.73 -37.02 43.18
CA ASN K 130 26.34 -36.68 42.89
C ASN K 130 26.27 -35.22 42.49
N VAL K 131 25.60 -34.93 41.37
CA VAL K 131 25.52 -33.58 40.83
C VAL K 131 24.06 -33.19 40.71
N GLY K 132 23.71 -32.02 41.26
CA GLY K 132 22.43 -31.42 41.00
C GLY K 132 22.57 -30.11 40.25
N PRO K 133 22.24 -30.12 38.96
CA PRO K 133 22.35 -28.90 38.16
C PRO K 133 21.06 -28.10 38.14
N GLU K 134 21.20 -26.78 38.17
CA GLU K 134 20.09 -25.85 38.10
C GLU K 134 20.20 -25.07 36.80
N LEU K 135 19.40 -25.45 35.81
CA LEU K 135 19.48 -24.88 34.48
C LEU K 135 18.45 -23.78 34.32
N GLU K 136 18.87 -22.66 33.73
CA GLU K 136 17.98 -21.58 33.34
C GLU K 136 17.89 -21.53 31.82
N PHE K 137 16.71 -21.24 31.31
CA PHE K 137 16.52 -21.10 29.87
C PHE K 137 15.55 -19.96 29.60
N PHE K 138 15.59 -19.48 28.37
CA PHE K 138 14.70 -18.43 27.91
C PHE K 138 13.64 -19.04 26.99
N LEU K 139 12.44 -18.49 27.06
CA LEU K 139 11.35 -18.89 26.18
C LEU K 139 11.07 -17.73 25.23
N PHE K 140 11.38 -17.94 23.96
CA PHE K 140 11.25 -16.91 22.94
C PHE K 140 10.18 -17.31 21.93
N LYS K 141 9.68 -16.31 21.21
CA LYS K 141 8.70 -16.59 20.16
C LYS K 141 9.37 -17.18 18.93
N LEU K 142 8.59 -17.93 18.18
CA LEU K 142 9.00 -18.41 16.86
C LEU K 142 8.50 -17.43 15.81
N ASP K 143 9.23 -17.33 14.70
CA ASP K 143 8.80 -16.47 13.60
C ASP K 143 7.75 -17.20 12.76
N ALA K 144 7.43 -16.65 11.59
CA ALA K 144 6.44 -17.26 10.72
C ALA K 144 6.91 -18.61 10.19
N ASN K 145 8.22 -18.80 10.05
CA ASN K 145 8.77 -20.05 9.55
C ASN K 145 9.11 -21.03 10.67
N GLY K 146 8.77 -20.71 11.92
CA GLY K 146 9.11 -21.57 13.03
C GLY K 146 10.56 -21.53 13.44
N ASN K 147 11.29 -20.49 13.04
CA ASN K 147 12.70 -20.30 13.36
C ASN K 147 12.85 -19.53 14.67
N PRO K 148 13.96 -19.75 15.39
CA PRO K 148 14.16 -19.06 16.66
C PRO K 148 14.30 -17.55 16.50
N THR K 149 13.74 -16.82 17.45
CA THR K 149 13.93 -15.38 17.60
C THR K 149 14.40 -15.11 19.03
N THR K 150 14.55 -13.83 19.36
CA THR K 150 14.76 -13.39 20.74
C THR K 150 13.57 -12.58 21.25
N GLU K 151 12.44 -12.68 20.57
CA GLU K 151 11.24 -11.94 20.96
C GLU K 151 10.72 -12.46 22.29
N LEU K 152 10.42 -11.54 23.20
CA LEU K 152 10.03 -11.92 24.55
C LEU K 152 8.63 -12.51 24.57
N THR K 153 8.44 -13.53 25.39
CA THR K 153 7.12 -14.11 25.58
C THR K 153 6.39 -13.49 26.75
N ASP K 154 7.11 -12.94 27.73
CA ASP K 154 6.51 -12.19 28.81
C ASP K 154 7.56 -11.21 29.36
N GLN K 155 7.08 -10.28 30.18
CA GLN K 155 7.94 -9.32 30.86
C GLN K 155 8.00 -9.58 32.36
N GLY K 156 7.78 -10.83 32.77
CA GLY K 156 7.79 -11.16 34.17
C GLY K 156 9.18 -11.21 34.77
N GLY K 157 9.23 -11.29 36.08
CA GLY K 157 10.48 -11.37 36.81
C GLY K 157 10.55 -12.59 37.70
N TYR K 158 11.41 -12.54 38.71
CA TYR K 158 11.62 -13.69 39.58
C TYR K 158 10.37 -14.01 40.38
N PHE K 159 9.95 -15.27 40.32
CA PHE K 159 8.77 -15.80 41.03
C PHE K 159 7.49 -15.05 40.65
N ASP K 160 7.39 -14.57 39.42
CA ASP K 160 6.21 -13.82 39.02
C ASP K 160 5.06 -14.76 38.67
N PHE K 161 3.85 -14.28 38.90
CA PHE K 161 2.60 -15.00 38.72
C PHE K 161 1.75 -14.27 37.69
N ALA K 162 0.46 -14.66 37.59
CA ALA K 162 -0.59 -13.92 36.91
C ALA K 162 -0.35 -14.01 35.40
N PRO K 163 -0.84 -13.11 34.56
CA PRO K 163 -0.26 -13.00 33.21
C PRO K 163 1.06 -12.25 33.13
N LEU K 164 1.69 -11.89 34.24
CA LEU K 164 3.07 -11.43 34.18
C LEU K 164 3.99 -12.56 33.74
N ASP K 165 3.78 -13.75 34.28
CA ASP K 165 4.36 -14.97 33.76
C ASP K 165 3.38 -15.59 32.77
N ARG K 166 3.81 -15.78 31.53
CA ARG K 166 2.93 -16.27 30.47
C ARG K 166 3.34 -17.65 29.98
N ALA K 167 4.09 -18.40 30.78
CA ALA K 167 4.60 -19.70 30.36
C ALA K 167 4.31 -20.80 31.36
N GLN K 168 3.20 -20.69 32.11
CA GLN K 168 2.84 -21.75 33.05
C GLN K 168 2.44 -23.02 32.30
N ASP K 169 1.82 -22.89 31.13
CA ASP K 169 1.44 -24.05 30.35
C ASP K 169 2.65 -24.74 29.75
N VAL K 170 3.61 -23.96 29.25
CA VAL K 170 4.84 -24.54 28.71
C VAL K 170 5.62 -25.24 29.80
N ARG K 171 5.74 -24.60 30.97
CA ARG K 171 6.45 -25.22 32.09
C ARG K 171 5.73 -26.47 32.58
N ARG K 172 4.40 -26.45 32.57
CA ARG K 172 3.62 -27.62 32.95
C ARG K 172 3.87 -28.79 32.01
N ASP K 173 3.82 -28.52 30.71
CA ASP K 173 4.05 -29.59 29.74
C ASP K 173 5.50 -30.08 29.78
N ILE K 174 6.45 -29.18 30.04
CA ILE K 174 7.85 -29.59 30.19
C ILE K 174 8.01 -30.49 31.40
N ASP K 175 7.35 -30.13 32.51
CA ASP K 175 7.42 -30.95 33.72
C ASP K 175 6.82 -32.32 33.48
N TYR K 176 5.69 -32.38 32.78
CA TYR K 176 5.06 -33.65 32.44
C TYR K 176 5.99 -34.51 31.58
N ALA K 177 6.60 -33.90 30.56
CA ALA K 177 7.50 -34.64 29.68
C ALA K 177 8.72 -35.13 30.44
N LEU K 178 9.29 -34.30 31.31
CA LEU K 178 10.47 -34.70 32.07
C LEU K 178 10.14 -35.84 33.04
N GLU K 179 8.98 -35.77 33.69
CA GLU K 179 8.54 -36.89 34.52
C GLU K 179 8.35 -38.16 33.71
N HIS K 180 7.85 -38.03 32.48
CA HIS K 180 7.78 -39.18 31.59
C HIS K 180 9.16 -39.72 31.23
N MET K 181 10.17 -38.85 31.11
CA MET K 181 11.53 -39.28 30.78
C MET K 181 12.35 -39.62 32.01
N GLY K 182 11.71 -39.85 33.15
CA GLY K 182 12.40 -40.31 34.34
C GLY K 182 12.88 -39.24 35.29
N PHE K 183 12.70 -37.96 34.96
CA PHE K 183 13.10 -36.89 35.86
C PHE K 183 12.15 -36.82 37.05
N GLN K 184 12.68 -36.41 38.20
CA GLN K 184 11.87 -36.09 39.37
C GLN K 184 11.93 -34.58 39.55
N ILE K 185 10.86 -33.89 39.17
CA ILE K 185 10.83 -32.43 39.26
C ILE K 185 10.78 -32.00 40.72
N GLU K 186 11.57 -30.98 41.05
CA GLU K 186 11.55 -30.39 42.38
C GLU K 186 10.84 -29.04 42.43
N ALA K 187 11.13 -28.16 41.48
CA ALA K 187 10.50 -26.85 41.43
C ALA K 187 10.56 -26.32 40.01
N SER K 188 9.67 -25.38 39.72
CA SER K 188 9.65 -24.71 38.43
C SER K 188 9.09 -23.31 38.64
N HIS K 189 9.75 -22.31 38.03
CA HIS K 189 9.35 -20.93 38.24
C HIS K 189 9.86 -20.05 37.11
N HIS K 190 9.33 -18.84 37.08
CA HIS K 190 9.87 -17.78 36.24
C HIS K 190 11.12 -17.21 36.90
N GLU K 191 12.16 -16.99 36.10
CA GLU K 191 13.43 -16.50 36.60
C GLU K 191 13.48 -14.98 36.54
N VAL K 192 14.64 -14.41 36.88
CA VAL K 192 14.78 -12.96 37.04
C VAL K 192 14.54 -12.23 35.73
N ALA K 193 15.20 -12.67 34.67
CA ALA K 193 15.10 -12.00 33.39
C ALA K 193 13.72 -12.23 32.77
N PRO K 194 13.25 -11.31 31.93
CA PRO K 194 11.99 -11.55 31.21
C PRO K 194 12.09 -12.78 30.32
N SER K 195 11.00 -13.55 30.27
CA SER K 195 10.87 -14.77 29.49
C SER K 195 11.88 -15.83 29.88
N GLN K 196 12.42 -15.76 31.10
CA GLN K 196 13.42 -16.70 31.59
C GLN K 196 12.80 -17.59 32.65
N HIS K 197 13.10 -18.89 32.58
CA HIS K 197 12.45 -19.87 33.44
C HIS K 197 13.48 -20.88 33.94
N GLU K 198 13.23 -21.39 35.14
CA GLU K 198 14.06 -22.42 35.74
C GLU K 198 13.18 -23.59 36.14
N ILE K 199 13.58 -24.80 35.75
CA ILE K 199 12.92 -26.03 36.16
C ILE K 199 13.98 -26.90 36.83
N ASP K 200 13.76 -27.21 38.10
CA ASP K 200 14.72 -27.98 38.89
C ASP K 200 14.28 -29.42 39.00
N PHE K 201 15.22 -30.34 38.79
CA PHE K 201 14.97 -31.76 38.95
C PHE K 201 15.94 -32.30 39.99
N ARG K 202 15.61 -33.48 40.51
CA ARG K 202 16.41 -34.09 41.56
C ARG K 202 17.82 -34.42 41.07
N PHE K 203 18.78 -34.28 41.97
CA PHE K 203 20.15 -34.67 41.72
C PHE K 203 20.24 -36.19 41.51
N GLY K 204 21.40 -36.62 41.05
CA GLY K 204 21.69 -38.03 40.91
C GLY K 204 23.18 -38.23 40.74
N ASP K 205 23.55 -39.47 40.44
CA ASP K 205 24.94 -39.76 40.13
C ASP K 205 25.34 -39.02 38.86
N VAL K 206 26.63 -38.67 38.78
CA VAL K 206 27.09 -37.63 37.86
C VAL K 206 26.88 -38.04 36.41
N LEU K 207 27.07 -39.32 36.09
CA LEU K 207 26.86 -39.77 34.72
C LEU K 207 25.39 -39.65 34.31
N CYS K 208 24.49 -40.16 35.15
CA CYS K 208 23.06 -39.98 34.92
C CYS K 208 22.68 -38.51 34.95
N THR K 209 23.39 -37.70 35.74
CA THR K 209 23.08 -36.27 35.80
C THR K 209 23.44 -35.57 34.48
N ALA K 210 24.60 -35.87 33.90
CA ALA K 210 24.96 -35.27 32.61
C ALA K 210 24.03 -35.76 31.49
N ASP K 211 23.68 -37.05 31.54
CA ASP K 211 22.65 -37.57 30.65
C ASP K 211 21.35 -36.77 30.81
N ASN K 212 20.98 -36.48 32.05
CA ASN K 212 19.78 -35.70 32.32
C ASN K 212 19.92 -34.26 31.84
N VAL K 213 21.13 -33.71 31.86
CA VAL K 213 21.31 -32.34 31.39
C VAL K 213 21.07 -32.25 29.88
N VAL K 214 21.68 -33.15 29.10
CA VAL K 214 21.47 -33.10 27.66
C VAL K 214 20.02 -33.46 27.32
N THR K 215 19.47 -34.45 28.04
CA THR K 215 18.07 -34.82 27.85
C THR K 215 17.13 -33.68 28.18
N PHE K 216 17.38 -32.98 29.29
CA PHE K 216 16.57 -31.85 29.71
C PHE K 216 16.60 -30.76 28.65
N LYS K 217 17.79 -30.47 28.12
CA LYS K 217 17.89 -29.44 27.10
C LYS K 217 17.05 -29.78 25.88
N TYR K 218 17.18 -31.00 25.36
CA TYR K 218 16.40 -31.26 24.14
C TYR K 218 14.92 -31.49 24.44
N VAL K 219 14.55 -31.96 25.63
CA VAL K 219 13.14 -32.09 25.99
C VAL K 219 12.48 -30.73 26.11
N VAL K 220 13.14 -29.77 26.78
CA VAL K 220 12.62 -28.42 26.89
C VAL K 220 12.49 -27.80 25.51
N LYS K 221 13.49 -27.98 24.64
CA LYS K 221 13.43 -27.42 23.30
C LYS K 221 12.28 -28.03 22.49
N SER K 222 12.09 -29.36 22.59
CA SER K 222 11.03 -30.01 21.84
C SER K 222 9.64 -29.57 22.32
N ILE K 223 9.43 -29.53 23.63
CA ILE K 223 8.12 -29.12 24.15
C ILE K 223 7.84 -27.67 23.78
N ALA K 224 8.84 -26.79 23.92
CA ALA K 224 8.66 -25.40 23.54
C ALA K 224 8.33 -25.26 22.07
N TYR K 225 9.01 -26.03 21.21
CA TYR K 225 8.73 -25.98 19.79
C TYR K 225 7.31 -26.43 19.48
N HIS K 226 6.86 -27.51 20.12
CA HIS K 226 5.51 -28.01 19.85
C HIS K 226 4.43 -27.09 20.42
N LYS K 227 4.75 -26.27 21.41
CA LYS K 227 3.82 -25.23 21.84
C LYS K 227 4.01 -23.92 21.08
N GLY K 228 4.86 -23.91 20.05
CA GLY K 228 5.05 -22.72 19.24
C GLY K 228 6.06 -21.73 19.76
N TYR K 229 6.95 -22.15 20.66
CA TYR K 229 7.95 -21.28 21.24
C TYR K 229 9.34 -21.80 20.92
N TYR K 230 10.35 -21.02 21.27
CA TYR K 230 11.73 -21.47 21.21
C TYR K 230 12.35 -21.43 22.59
N ALA K 231 12.93 -22.54 23.01
CA ALA K 231 13.66 -22.62 24.27
C ALA K 231 15.14 -22.37 23.99
N SER K 232 15.66 -21.28 24.55
CA SER K 232 17.04 -20.87 24.33
C SER K 232 17.85 -21.16 25.58
N PHE K 233 18.94 -21.91 25.42
CA PHE K 233 19.92 -22.10 26.47
C PHE K 233 21.16 -21.26 26.24
N MET K 234 21.01 -20.15 25.52
CA MET K 234 22.10 -19.21 25.33
C MET K 234 22.49 -18.59 26.67
N PRO K 235 23.79 -18.44 26.95
CA PRO K 235 24.20 -17.83 28.22
C PRO K 235 23.69 -16.41 28.42
N LYS K 236 23.62 -15.61 27.36
CA LYS K 236 23.20 -14.21 27.46
C LYS K 236 22.58 -13.78 26.14
N PRO K 237 21.34 -14.20 25.88
CA PRO K 237 20.70 -13.81 24.61
C PRO K 237 20.35 -12.34 24.53
N LEU K 238 20.11 -11.67 25.65
CA LEU K 238 19.66 -10.29 25.68
C LEU K 238 20.57 -9.45 26.57
N PHE K 239 20.85 -8.23 26.14
CA PHE K 239 21.60 -7.29 26.94
C PHE K 239 20.72 -6.62 27.99
N GLY K 240 21.31 -6.35 29.16
CA GLY K 240 20.66 -5.59 30.19
C GLY K 240 19.80 -6.40 31.13
N VAL K 241 19.56 -7.68 30.84
CA VAL K 241 18.79 -8.55 31.70
C VAL K 241 19.69 -9.71 32.13
N ASN K 242 19.17 -10.52 33.04
CA ASN K 242 19.96 -11.62 33.59
C ASN K 242 20.26 -12.67 32.52
N GLY K 243 21.48 -13.19 32.56
CA GLY K 243 21.84 -14.32 31.73
C GLY K 243 21.41 -15.64 32.35
N SER K 244 21.59 -16.71 31.57
CA SER K 244 21.25 -18.05 32.02
C SER K 244 22.53 -18.78 32.41
N GLY K 245 22.56 -19.28 33.65
CA GLY K 245 23.64 -20.10 34.14
C GLY K 245 23.18 -21.51 34.45
N MET K 246 24.15 -22.37 34.75
CA MET K 246 23.88 -23.73 35.20
C MET K 246 24.62 -23.91 36.52
N HIS K 247 23.95 -23.60 37.63
CA HIS K 247 24.55 -23.80 38.94
C HIS K 247 24.70 -25.30 39.20
N SER K 248 25.93 -25.71 39.51
CA SER K 248 26.27 -27.12 39.62
C SER K 248 26.51 -27.45 41.09
N ASN K 249 25.48 -27.99 41.74
CA ASN K 249 25.62 -28.52 43.09
C ASN K 249 26.22 -29.91 43.02
N GLN K 250 27.31 -30.13 43.76
CA GLN K 250 27.99 -31.41 43.74
C GLN K 250 28.24 -31.89 45.17
N SER K 251 28.11 -33.20 45.36
CA SER K 251 28.38 -33.83 46.64
C SER K 251 29.20 -35.10 46.40
N LEU K 252 30.08 -35.40 47.35
CA LEU K 252 30.89 -36.60 47.31
C LEU K 252 30.41 -37.59 48.36
N PHE K 253 30.54 -38.87 48.04
CA PHE K 253 30.07 -39.94 48.90
C PHE K 253 31.11 -41.04 48.99
N LYS K 254 31.22 -41.64 50.17
CA LYS K 254 32.15 -42.74 50.40
C LYS K 254 31.56 -43.64 51.48
N ASP K 255 31.40 -44.93 51.16
CA ASP K 255 30.79 -45.92 52.04
C ASP K 255 29.38 -45.51 52.46
N GLY K 256 28.64 -44.87 51.57
CA GLY K 256 27.29 -44.44 51.83
C GLY K 256 27.16 -43.16 52.62
N LYS K 257 28.26 -42.53 53.01
CA LYS K 257 28.26 -41.32 53.81
C LYS K 257 28.64 -40.12 52.95
N ASN K 258 27.94 -39.01 53.17
CA ASN K 258 28.31 -37.76 52.50
C ASN K 258 29.68 -37.32 53.00
N VAL K 259 30.65 -37.25 52.09
CA VAL K 259 32.01 -36.91 52.44
C VAL K 259 32.12 -35.48 52.95
N PHE K 260 31.35 -34.57 52.37
CA PHE K 260 31.43 -33.15 52.71
C PHE K 260 30.84 -32.82 54.08
N TYR K 261 30.17 -33.77 54.71
CA TYR K 261 29.53 -33.55 56.00
C TYR K 261 30.46 -33.93 57.15
N ASP K 262 30.41 -33.15 58.23
CA ASP K 262 31.15 -33.46 59.46
C ASP K 262 30.36 -32.87 60.62
N PRO K 263 29.67 -33.71 61.39
CA PRO K 263 28.89 -33.18 62.53
C PRO K 263 29.75 -32.56 63.63
N ASP K 264 31.05 -32.87 63.68
CA ASP K 264 31.88 -32.36 64.76
C ASP K 264 32.41 -30.96 64.48
N THR K 265 32.57 -30.60 63.21
CA THR K 265 33.09 -29.28 62.87
C THR K 265 32.05 -28.20 63.19
N PRO K 266 32.51 -27.00 63.59
CA PRO K 266 31.55 -25.92 63.89
C PRO K 266 30.70 -25.51 62.69
N THR K 267 31.28 -25.54 61.50
CA THR K 267 30.55 -25.19 60.28
C THR K 267 29.86 -26.39 59.64
N LYS K 268 29.93 -27.57 60.28
CA LYS K 268 29.30 -28.80 59.80
C LYS K 268 29.81 -29.22 58.44
N LEU K 269 31.05 -28.85 58.12
CA LEU K 269 31.68 -29.19 56.85
C LEU K 269 32.99 -29.92 57.12
N SER K 270 33.23 -31.01 56.41
CA SER K 270 34.44 -31.78 56.62
C SER K 270 35.64 -31.05 56.02
N GLN K 271 36.83 -31.52 56.41
CA GLN K 271 38.05 -30.97 55.82
C GLN K 271 38.14 -31.32 54.34
N ASP K 272 37.56 -32.47 53.95
CA ASP K 272 37.53 -32.84 52.55
C ASP K 272 36.65 -31.91 51.73
N ALA K 273 35.60 -31.35 52.34
CA ALA K 273 34.80 -30.35 51.64
C ALA K 273 35.62 -29.09 51.35
N MET K 274 36.40 -28.63 52.33
CA MET K 274 37.29 -27.50 52.11
C MET K 274 38.34 -27.81 51.07
N TYR K 275 38.87 -29.04 51.09
CA TYR K 275 39.86 -29.46 50.09
C TYR K 275 39.25 -29.47 48.69
N TYR K 276 38.02 -29.98 48.57
CA TYR K 276 37.31 -29.97 47.29
C TYR K 276 37.12 -28.54 46.79
N ILE K 277 36.71 -27.63 47.69
CA ILE K 277 36.53 -26.23 47.32
C ILE K 277 37.85 -25.60 46.89
N GLY K 278 38.93 -25.93 47.61
CA GLY K 278 40.24 -25.40 47.26
C GLY K 278 40.71 -25.85 45.89
N GLY K 279 40.53 -27.14 45.58
CA GLY K 279 40.87 -27.62 44.26
C GLY K 279 40.03 -26.99 43.17
N LEU K 280 38.73 -26.83 43.44
CA LEU K 280 37.84 -26.18 42.48
C LEU K 280 38.28 -24.74 42.21
N LEU K 281 38.57 -23.98 43.27
CA LEU K 281 38.98 -22.59 43.09
C LEU K 281 40.37 -22.48 42.47
N LYS K 282 41.25 -23.44 42.73
CA LYS K 282 42.57 -23.44 42.11
C LYS K 282 42.47 -23.69 40.61
N HIS K 283 41.61 -24.62 40.19
CA HIS K 283 41.61 -25.05 38.80
C HIS K 283 40.52 -24.41 37.94
N ILE K 284 39.61 -23.62 38.52
CA ILE K 284 38.44 -23.15 37.77
C ILE K 284 38.84 -22.26 36.59
N ARG K 285 39.93 -21.50 36.73
CA ARG K 285 40.38 -20.67 35.63
C ARG K 285 40.85 -21.51 34.45
N GLU K 286 41.36 -22.71 34.71
CA GLU K 286 41.91 -23.55 33.65
C GLU K 286 40.84 -24.25 32.82
N PHE K 287 39.60 -24.36 33.32
CA PHE K 287 38.54 -24.97 32.53
C PHE K 287 37.27 -24.12 32.53
N THR K 288 37.42 -22.82 32.80
CA THR K 288 36.35 -21.88 32.48
C THR K 288 35.97 -21.94 30.99
N ALA K 289 36.95 -22.21 30.11
CA ALA K 289 36.66 -22.40 28.70
C ALA K 289 35.75 -23.59 28.45
N VAL K 290 35.68 -24.55 29.37
CA VAL K 290 34.76 -25.66 29.25
C VAL K 290 33.42 -25.37 29.93
N THR K 291 33.46 -24.84 31.16
CA THR K 291 32.22 -24.49 31.84
C THR K 291 31.49 -23.34 31.16
N ASN K 292 32.24 -22.47 30.47
CA ASN K 292 31.68 -21.32 29.76
C ASN K 292 32.25 -21.35 28.35
N PRO K 293 31.62 -22.13 27.46
CA PRO K 293 32.29 -22.52 26.21
C PRO K 293 32.24 -21.51 25.07
N VAL K 294 31.27 -20.61 25.07
CA VAL K 294 31.03 -19.77 23.91
C VAL K 294 31.42 -18.32 24.21
N VAL K 295 31.43 -17.50 23.16
CA VAL K 295 31.73 -16.07 23.31
C VAL K 295 30.65 -15.40 24.16
N ASN K 296 29.39 -15.80 23.96
CA ASN K 296 28.26 -15.24 24.70
C ASN K 296 28.36 -15.52 26.20
N SER K 297 29.06 -16.59 26.57
CA SER K 297 29.22 -16.93 27.98
C SER K 297 29.86 -15.80 28.77
N TYR K 298 30.76 -15.07 28.15
CA TYR K 298 31.47 -13.99 28.80
C TYR K 298 30.77 -12.65 28.62
N LYS K 299 29.74 -12.60 27.77
CA LYS K 299 28.76 -11.52 27.85
C LYS K 299 27.80 -11.77 29.00
N ARG K 300 27.67 -13.03 29.44
CA ARG K 300 27.02 -13.25 30.73
C ARG K 300 28.00 -13.02 31.88
N LEU K 301 29.23 -13.52 31.75
CA LEU K 301 30.22 -13.42 32.82
C LEU K 301 31.02 -12.12 32.71
N VAL K 302 30.32 -11.01 32.97
CA VAL K 302 30.94 -9.69 33.02
C VAL K 302 30.98 -9.25 34.47
N PRO K 303 32.00 -8.52 34.91
CA PRO K 303 31.93 -7.92 36.26
C PRO K 303 30.74 -6.98 36.39
N GLY K 304 29.98 -7.17 37.45
CA GLY K 304 28.77 -6.42 37.66
C GLY K 304 28.08 -6.79 38.95
N TYR K 305 26.77 -6.99 38.89
CA TYR K 305 25.99 -7.37 40.07
C TYR K 305 25.22 -8.68 39.87
N GLU K 306 25.55 -9.44 38.82
CA GLU K 306 24.81 -10.66 38.52
C GLU K 306 25.73 -11.87 38.35
N ALA K 307 26.90 -11.66 37.74
CA ALA K 307 27.71 -12.79 37.29
C ALA K 307 28.71 -13.20 38.36
N PRO K 308 28.84 -14.49 38.63
CA PRO K 308 29.88 -15.01 39.55
C PRO K 308 31.25 -15.07 38.89
N VAL K 309 31.85 -13.90 38.66
CA VAL K 309 33.13 -13.82 37.97
C VAL K 309 34.31 -13.78 38.93
N TYR K 310 34.06 -13.68 40.23
CA TYR K 310 35.11 -13.52 41.23
C TYR K 310 35.36 -14.85 41.92
N ILE K 311 36.62 -15.30 41.89
CA ILE K 311 36.99 -16.61 42.41
C ILE K 311 36.99 -16.53 43.93
N SER K 312 36.00 -17.17 44.56
CA SER K 312 35.80 -17.09 45.99
C SER K 312 34.83 -18.19 46.38
N TRP K 313 34.70 -18.40 47.70
CA TRP K 313 33.72 -19.34 48.23
C TRP K 313 33.10 -18.75 49.48
N SER K 314 31.89 -19.23 49.79
CA SER K 314 31.13 -18.75 50.93
C SER K 314 30.03 -19.76 51.21
N ALA K 315 29.29 -19.51 52.29
CA ALA K 315 28.15 -20.34 52.65
C ALA K 315 26.84 -19.83 52.05
N GLN K 316 26.40 -18.63 52.44
CA GLN K 316 25.14 -18.10 51.98
C GLN K 316 25.29 -17.00 50.94
N ASN K 317 26.50 -16.52 50.69
CA ASN K 317 26.71 -15.42 49.75
C ASN K 317 26.53 -15.90 48.32
N ARG K 318 25.65 -15.24 47.58
CA ARG K 318 25.40 -15.55 46.19
C ARG K 318 26.20 -14.67 45.23
N SER K 319 27.10 -13.85 45.75
CA SER K 319 28.08 -13.15 44.92
C SER K 319 29.40 -13.90 44.82
N SER K 320 29.51 -15.05 45.48
CA SER K 320 30.71 -15.86 45.45
C SER K 320 30.65 -16.86 44.30
N LEU K 321 31.82 -17.30 43.87
CA LEU K 321 31.90 -18.35 42.85
C LEU K 321 31.34 -19.66 43.36
N ILE K 322 31.66 -20.02 44.60
CA ILE K 322 31.22 -21.29 45.20
C ILE K 322 30.31 -20.95 46.37
N ARG K 323 29.12 -21.54 46.37
CA ARG K 323 28.15 -21.39 47.45
C ARG K 323 27.94 -22.74 48.13
N ILE K 324 27.79 -22.70 49.45
CA ILE K 324 27.53 -23.90 50.24
C ILE K 324 26.16 -23.76 50.89
N PRO K 325 25.13 -24.38 50.31
CA PRO K 325 23.80 -24.34 50.92
C PRO K 325 23.81 -24.95 52.31
N ALA K 326 22.94 -24.42 53.17
CA ALA K 326 22.94 -24.78 54.59
C ALA K 326 22.48 -26.20 54.85
N THR K 327 21.96 -26.90 53.84
CA THR K 327 21.59 -28.29 54.00
C THR K 327 22.79 -29.13 54.42
N ARG K 328 22.58 -30.00 55.40
CA ARG K 328 23.63 -30.81 55.99
C ARG K 328 23.23 -32.29 55.91
N GLY K 329 24.03 -33.13 56.54
CA GLY K 329 23.75 -34.56 56.50
C GLY K 329 24.12 -35.13 55.13
N ASN K 330 23.22 -35.94 54.58
CA ASN K 330 23.45 -36.49 53.25
C ASN K 330 23.24 -35.47 52.14
N GLY K 331 22.61 -34.34 52.45
CA GLY K 331 22.36 -33.28 51.50
C GLY K 331 23.43 -32.21 51.41
N THR K 332 24.57 -32.40 52.07
CA THR K 332 25.65 -31.42 51.99
C THR K 332 26.22 -31.39 50.58
N ARG K 333 26.26 -30.19 49.99
CA ARG K 333 26.70 -30.05 48.61
C ARG K 333 27.42 -28.73 48.41
N ILE K 334 28.20 -28.68 47.34
CA ILE K 334 28.95 -27.50 46.95
C ILE K 334 28.44 -27.03 45.60
N GLU K 335 28.05 -25.77 45.50
CA GLU K 335 27.45 -25.21 44.30
C GLU K 335 28.47 -24.35 43.56
N LEU K 336 28.78 -24.74 42.33
CA LEU K 336 29.58 -23.90 41.44
C LEU K 336 28.64 -23.09 40.54
N ARG K 337 28.81 -21.77 40.55
CA ARG K 337 27.83 -20.88 39.93
C ARG K 337 28.28 -20.31 38.59
N CYS K 338 29.55 -20.45 38.22
CA CYS K 338 30.01 -19.95 36.92
C CYS K 338 29.36 -20.61 35.70
N PRO K 339 29.16 -21.94 35.61
CA PRO K 339 28.80 -22.52 34.31
C PRO K 339 27.42 -22.08 33.82
N ASP K 340 27.29 -22.06 32.51
CA ASP K 340 26.08 -21.74 31.79
C ASP K 340 25.56 -23.00 31.08
N PRO K 341 24.28 -23.03 30.70
CA PRO K 341 23.73 -24.25 30.06
C PRO K 341 24.28 -24.54 28.68
N ALA K 342 25.18 -23.73 28.14
CA ALA K 342 25.80 -24.03 26.85
C ALA K 342 26.97 -25.01 26.95
N CYS K 343 27.42 -25.31 28.16
CA CYS K 343 28.58 -26.15 28.35
C CYS K 343 28.23 -27.62 28.13
N ASN K 344 29.25 -28.42 27.81
CA ASN K 344 29.14 -29.86 27.73
C ASN K 344 29.09 -30.39 29.16
N PRO K 345 27.97 -30.96 29.60
CA PRO K 345 27.87 -31.43 30.99
C PRO K 345 28.85 -32.54 31.33
N TYR K 346 29.15 -33.43 30.38
CA TYR K 346 30.11 -34.50 30.64
C TYR K 346 31.49 -33.94 30.95
N LEU K 347 32.00 -33.09 30.05
CA LEU K 347 33.32 -32.51 30.24
C LEU K 347 33.36 -31.60 31.46
N ALA K 348 32.32 -30.77 31.64
CA ALA K 348 32.30 -29.84 32.75
C ALA K 348 32.25 -30.57 34.09
N PHE K 349 31.35 -31.54 34.22
CA PHE K 349 31.23 -32.29 35.47
C PHE K 349 32.48 -33.11 35.74
N ALA K 350 33.08 -33.68 34.69
CA ALA K 350 34.34 -34.40 34.85
C ALA K 350 35.43 -33.48 35.37
N LEU K 351 35.49 -32.25 34.84
CA LEU K 351 36.54 -31.32 35.27
C LEU K 351 36.32 -30.83 36.69
N MET K 352 35.07 -30.57 37.09
CA MET K 352 34.82 -30.22 38.48
C MET K 352 35.18 -31.36 39.41
N LEU K 353 34.83 -32.60 39.02
CA LEU K 353 35.18 -33.76 39.82
C LEU K 353 36.69 -33.90 39.97
N ARG K 354 37.43 -33.74 38.86
CA ARG K 354 38.88 -33.88 38.92
C ARG K 354 39.53 -32.76 39.71
N ALA K 355 39.01 -31.53 39.60
CA ALA K 355 39.55 -30.43 40.38
C ALA K 355 39.33 -30.65 41.87
N GLY K 356 38.14 -31.11 42.25
CA GLY K 356 37.88 -31.41 43.65
C GLY K 356 38.71 -32.58 44.16
N LEU K 357 38.90 -33.60 43.33
CA LEU K 357 39.75 -34.72 43.73
C LEU K 357 41.20 -34.30 43.89
N GLU K 358 41.68 -33.41 43.01
CA GLU K 358 43.02 -32.86 43.16
C GLU K 358 43.14 -32.05 44.44
N GLY K 359 42.10 -31.29 44.77
CA GLY K 359 42.10 -30.56 46.02
C GLY K 359 42.15 -31.47 47.24
N ILE K 360 41.40 -32.57 47.20
CA ILE K 360 41.41 -33.52 48.31
C ILE K 360 42.75 -34.23 48.41
N LYS K 361 43.31 -34.65 47.27
CA LYS K 361 44.57 -35.39 47.27
C LYS K 361 45.74 -34.49 47.69
N ASN K 362 45.76 -33.25 47.22
CA ASN K 362 46.85 -32.33 47.50
C ASN K 362 46.61 -31.47 48.74
N LYS K 363 45.46 -31.65 49.40
CA LYS K 363 45.12 -30.92 50.64
C LYS K 363 45.15 -29.41 50.42
N ILE K 364 44.47 -28.96 49.37
CA ILE K 364 44.49 -27.56 48.98
C ILE K 364 43.53 -26.78 49.85
N ASP K 365 44.07 -25.85 50.63
CA ASP K 365 43.24 -25.02 51.50
C ASP K 365 42.51 -23.97 50.67
N PRO K 366 41.19 -23.83 50.84
CA PRO K 366 40.44 -22.87 50.01
C PRO K 366 40.58 -21.42 50.45
N GLY K 367 41.22 -21.15 51.58
CA GLY K 367 41.31 -19.80 52.10
C GLY K 367 40.08 -19.41 52.89
N GLU K 368 40.08 -18.17 53.34
CA GLU K 368 38.97 -17.65 54.10
C GLU K 368 37.76 -17.41 53.20
N PRO K 369 36.55 -17.72 53.68
CA PRO K 369 35.35 -17.42 52.89
C PRO K 369 35.10 -15.92 52.81
N THR K 370 34.46 -15.51 51.72
CA THR K 370 34.12 -14.12 51.48
C THR K 370 32.63 -13.95 51.74
N ASN K 371 32.29 -13.39 52.90
CA ASN K 371 30.91 -13.27 53.34
C ASN K 371 30.29 -11.93 53.01
N VAL K 372 31.00 -11.04 52.35
CA VAL K 372 30.49 -9.74 52.00
C VAL K 372 30.04 -9.76 50.55
N ASN K 373 29.30 -8.73 50.14
CA ASN K 373 28.88 -8.59 48.75
C ASN K 373 30.09 -8.19 47.92
N ILE K 374 30.65 -9.17 47.20
CA ILE K 374 31.80 -8.91 46.35
C ILE K 374 31.45 -8.01 45.18
N PHE K 375 30.18 -8.01 44.77
CA PHE K 375 29.74 -7.12 43.69
C PHE K 375 29.85 -5.66 44.10
N HIS K 376 29.56 -5.35 45.36
CA HIS K 376 29.66 -3.99 45.86
C HIS K 376 31.10 -3.58 46.17
N LEU K 377 32.03 -4.53 46.23
CA LEU K 377 33.42 -4.21 46.46
C LEU K 377 34.03 -3.52 45.23
N SER K 378 35.07 -2.74 45.47
CA SER K 378 35.85 -2.14 44.40
C SER K 378 36.99 -3.07 43.99
N ASP K 379 37.67 -2.70 42.91
CA ASP K 379 38.82 -3.48 42.47
C ASP K 379 39.95 -3.43 43.49
N LYS K 380 40.13 -2.29 44.16
CA LYS K 380 41.13 -2.18 45.21
C LYS K 380 40.79 -3.10 46.38
N GLU K 381 39.53 -3.12 46.81
CA GLU K 381 39.13 -3.98 47.93
C GLU K 381 39.26 -5.46 47.56
N ARG K 382 38.90 -5.82 46.33
CA ARG K 382 39.04 -7.20 45.89
C ARG K 382 40.50 -7.61 45.73
N GLU K 383 41.35 -6.67 45.33
CA GLU K 383 42.79 -6.95 45.23
C GLU K 383 43.41 -7.12 46.61
N GLU K 384 42.94 -6.35 47.60
CA GLU K 384 43.46 -6.50 48.95
C GLU K 384 43.07 -7.85 49.56
N ARG K 385 41.87 -8.33 49.25
CA ARG K 385 41.43 -9.65 49.72
C ARG K 385 42.00 -10.78 48.88
N GLY K 386 42.70 -10.49 47.80
CA GLY K 386 43.20 -11.54 46.94
C GLY K 386 42.16 -12.25 46.12
N ILE K 387 41.03 -11.59 45.86
CA ILE K 387 39.94 -12.21 45.11
C ILE K 387 40.25 -12.09 43.62
N ARG K 388 40.64 -13.21 43.01
CA ARG K 388 40.95 -13.24 41.59
C ARG K 388 39.66 -13.33 40.78
N SER K 389 39.80 -13.13 39.46
CA SER K 389 38.67 -13.13 38.56
C SER K 389 38.78 -14.27 37.56
N LEU K 390 37.64 -14.69 37.04
CA LEU K 390 37.59 -15.63 35.94
C LEU K 390 38.08 -14.94 34.67
N PRO K 391 38.44 -15.72 33.63
CA PRO K 391 38.81 -15.12 32.35
C PRO K 391 37.69 -14.22 31.82
N ALA K 392 38.09 -13.05 31.30
CA ALA K 392 37.14 -12.04 30.89
C ALA K 392 36.44 -12.36 29.58
N ASP K 393 37.04 -13.16 28.72
CA ASP K 393 36.45 -13.51 27.44
C ASP K 393 36.86 -14.93 27.08
N LEU K 394 36.40 -15.38 25.91
CA LEU K 394 36.69 -16.75 25.48
C LEU K 394 38.16 -16.93 25.13
N LYS K 395 38.81 -15.90 24.58
CA LYS K 395 40.22 -16.00 24.24
C LYS K 395 41.09 -16.21 25.48
N GLU K 396 40.79 -15.47 26.56
CA GLU K 396 41.56 -15.62 27.79
C GLU K 396 41.37 -17.00 28.40
N ALA K 397 40.14 -17.53 28.34
CA ALA K 397 39.89 -18.87 28.87
C ALA K 397 40.55 -19.94 28.02
N ILE K 398 40.58 -19.74 26.69
CA ILE K 398 41.30 -20.64 25.80
C ILE K 398 42.78 -20.65 26.15
N ASP K 399 43.36 -19.46 26.38
CA ASP K 399 44.76 -19.37 26.74
C ASP K 399 45.03 -20.03 28.10
N GLU K 400 44.12 -19.87 29.05
CA GLU K 400 44.27 -20.52 30.35
C GLU K 400 44.20 -22.03 30.22
N MET K 401 43.28 -22.54 29.39
CA MET K 401 43.15 -23.97 29.20
C MET K 401 44.33 -24.55 28.44
N LYS K 402 44.94 -23.75 27.55
CA LYS K 402 46.07 -24.21 26.74
C LYS K 402 47.23 -24.67 27.61
N GLY K 403 47.61 -23.88 28.60
CA GLY K 403 48.73 -24.18 29.47
C GLY K 403 48.40 -25.04 30.67
N SER K 404 47.21 -25.62 30.73
CA SER K 404 46.79 -26.41 31.87
C SER K 404 47.11 -27.88 31.62
N LYS K 405 48.05 -28.43 32.38
CA LYS K 405 48.30 -29.86 32.33
C LYS K 405 47.19 -30.63 33.04
N PHE K 406 46.52 -29.99 34.01
CA PHE K 406 45.41 -30.64 34.71
C PHE K 406 44.25 -30.91 33.75
N VAL K 407 43.88 -29.91 32.95
CA VAL K 407 42.77 -30.08 32.01
C VAL K 407 43.14 -31.05 30.91
N LYS K 408 44.39 -30.99 30.44
CA LYS K 408 44.86 -31.92 29.41
C LYS K 408 44.84 -33.36 29.91
N GLU K 409 45.24 -33.57 31.16
CA GLU K 409 45.22 -34.92 31.73
C GLU K 409 43.78 -35.38 31.95
N ALA K 410 42.91 -34.49 32.43
CA ALA K 410 41.55 -34.88 32.74
C ALA K 410 40.73 -35.19 31.50
N LEU K 411 40.90 -34.40 30.44
CA LEU K 411 40.10 -34.59 29.23
C LEU K 411 40.73 -35.57 28.25
N GLY K 412 42.02 -35.83 28.34
CA GLY K 412 42.68 -36.61 27.31
C GLY K 412 43.10 -35.76 26.13
N GLU K 413 44.09 -36.26 25.39
CA GLU K 413 44.70 -35.47 24.32
C GLU K 413 43.71 -35.13 23.22
N HIS K 414 42.88 -36.09 22.81
CA HIS K 414 41.97 -35.87 21.69
C HIS K 414 40.94 -34.79 22.02
N VAL K 415 40.25 -34.93 23.17
CA VAL K 415 39.23 -33.97 23.56
C VAL K 415 39.85 -32.60 23.77
N PHE K 416 40.99 -32.55 24.46
CA PHE K 416 41.69 -31.29 24.73
C PHE K 416 42.02 -30.57 23.43
N SER K 417 42.68 -31.27 22.49
CA SER K 417 43.12 -30.62 21.26
C SER K 417 41.94 -30.23 20.38
N HIS K 418 40.96 -31.11 20.21
CA HIS K 418 39.84 -30.78 19.33
C HIS K 418 38.96 -29.69 19.91
N TYR K 419 38.74 -29.70 21.22
CA TYR K 419 37.97 -28.65 21.87
C TYR K 419 38.66 -27.30 21.75
N LEU K 420 39.98 -27.28 21.99
CA LEU K 420 40.72 -26.03 21.87
C LEU K 420 40.72 -25.53 20.43
N CYS K 421 40.83 -26.44 19.46
CA CYS K 421 40.82 -26.04 18.06
C CYS K 421 39.46 -25.45 17.67
N ALA K 422 38.36 -26.08 18.11
CA ALA K 422 37.03 -25.55 17.80
C ALA K 422 36.83 -24.18 18.44
N LYS K 423 37.24 -24.03 19.71
CA LYS K 423 37.09 -22.75 20.39
C LYS K 423 37.97 -21.67 19.76
N GLU K 424 39.16 -22.06 19.29
CA GLU K 424 40.05 -21.12 18.62
C GLU K 424 39.46 -20.63 17.30
N MET K 425 38.88 -21.55 16.52
CA MET K 425 38.21 -21.13 15.28
C MET K 425 37.04 -20.22 15.58
N GLU K 426 36.27 -20.54 16.63
CA GLU K 426 35.13 -19.71 17.01
C GLU K 426 35.58 -18.30 17.38
N TRP K 427 36.63 -18.18 18.20
CA TRP K 427 37.10 -16.85 18.60
C TRP K 427 37.74 -16.11 17.43
N ASP K 428 38.43 -16.84 16.54
CA ASP K 428 39.06 -16.19 15.40
C ASP K 428 38.01 -15.62 14.45
N GLU K 429 36.89 -16.32 14.28
CA GLU K 429 35.81 -15.76 13.49
C GLU K 429 35.16 -14.59 14.20
N TYR K 430 34.96 -14.69 15.52
CA TYR K 430 34.29 -13.63 16.27
C TYR K 430 35.12 -12.34 16.29
N LYS K 431 36.44 -12.45 16.46
CA LYS K 431 37.27 -11.28 16.71
C LYS K 431 37.42 -10.37 15.51
N ALA K 432 37.11 -10.85 14.31
CA ALA K 432 37.21 -10.03 13.11
C ALA K 432 35.92 -9.32 12.75
N VAL K 433 34.81 -9.64 13.41
CA VAL K 433 33.51 -9.13 13.01
C VAL K 433 33.38 -7.67 13.41
N VAL K 434 32.98 -6.83 12.47
CA VAL K 434 32.66 -5.42 12.73
C VAL K 434 31.22 -5.37 13.22
N HIS K 435 31.03 -5.10 14.47
CA HIS K 435 29.73 -5.15 15.11
C HIS K 435 28.96 -3.85 14.89
N PRO K 436 27.63 -3.92 14.90
CA PRO K 436 26.83 -2.69 14.79
C PRO K 436 27.07 -1.71 15.92
N TRP K 437 27.51 -2.19 17.10
CA TRP K 437 27.85 -1.28 18.19
C TRP K 437 28.99 -0.36 17.80
N GLU K 438 29.99 -0.88 17.09
CA GLU K 438 31.10 -0.06 16.66
C GLU K 438 30.66 0.98 15.64
N LEU K 439 29.70 0.62 14.78
CA LEU K 439 29.15 1.60 13.85
C LEU K 439 28.36 2.67 14.57
N SER K 440 27.60 2.30 15.60
CA SER K 440 26.86 3.29 16.37
C SER K 440 27.78 4.20 17.17
N ARG K 441 28.93 3.69 17.61
CA ARG K 441 29.84 4.48 18.43
C ARG K 441 30.81 5.32 17.63
N TYR K 442 31.31 4.82 16.49
CA TYR K 442 32.46 5.42 15.83
C TYR K 442 32.19 6.04 14.47
N LEU K 443 31.12 5.64 13.79
CA LEU K 443 30.94 6.07 12.40
C LEU K 443 30.77 7.58 12.29
N SER K 444 29.92 8.16 13.13
CA SER K 444 29.65 9.59 13.08
C SER K 444 30.66 10.41 13.89
N MET K 445 31.65 9.76 14.50
CA MET K 445 32.70 10.45 15.24
C MET K 445 34.05 10.45 14.54
N LEU K 446 34.47 9.34 13.97
CA LEU K 446 35.77 9.25 13.32
C LEU K 446 35.68 9.59 11.84
N VAL L 1 41.93 17.14 -31.50
CA VAL L 1 41.11 18.34 -31.64
C VAL L 1 41.54 19.40 -30.62
N GLN L 2 41.92 20.57 -31.15
CA GLN L 2 42.28 21.78 -30.42
C GLN L 2 43.57 21.65 -29.61
N MET L 3 44.18 20.46 -29.59
CA MET L 3 45.40 20.25 -28.82
C MET L 3 46.30 19.31 -29.63
N LYS L 4 47.36 19.88 -30.20
CA LYS L 4 48.27 19.09 -31.01
C LYS L 4 48.99 18.05 -30.16
N LYS L 5 49.17 16.85 -30.72
CA LYS L 5 49.74 15.74 -29.96
C LYS L 5 51.18 16.04 -29.57
N CYS L 6 51.42 16.04 -28.26
CA CYS L 6 52.76 16.26 -27.73
C CYS L 6 53.65 15.06 -28.03
N THR L 7 54.93 15.33 -28.25
CA THR L 7 55.93 14.30 -28.45
C THR L 7 56.98 14.25 -27.36
N THR L 8 57.33 15.38 -26.77
CA THR L 8 58.33 15.46 -25.72
C THR L 8 57.69 15.99 -24.45
N LYS L 9 58.43 15.87 -23.34
CA LYS L 9 57.92 16.35 -22.06
C LYS L 9 57.82 17.87 -22.04
N GLU L 10 58.63 18.57 -22.86
CA GLU L 10 58.52 20.01 -22.95
C GLU L 10 57.19 20.43 -23.56
N ASP L 11 56.75 19.73 -24.61
CA ASP L 11 55.44 20.00 -25.18
C ASP L 11 54.33 19.71 -24.17
N VAL L 12 54.49 18.66 -23.37
CA VAL L 12 53.51 18.33 -22.35
C VAL L 12 53.42 19.43 -21.30
N LEU L 13 54.57 19.93 -20.85
CA LEU L 13 54.57 21.00 -19.86
C LEU L 13 53.99 22.29 -20.41
N GLU L 14 54.30 22.61 -21.68
CA GLU L 14 53.71 23.78 -22.31
C GLU L 14 52.20 23.64 -22.45
N ALA L 15 51.72 22.46 -22.82
CA ALA L 15 50.28 22.23 -22.93
C ALA L 15 49.60 22.32 -21.58
N VAL L 16 50.25 21.80 -20.54
CA VAL L 16 49.72 21.89 -19.18
C VAL L 16 49.60 23.34 -18.74
N LYS L 17 50.63 24.13 -19.02
CA LYS L 17 50.60 25.55 -18.66
C LYS L 17 49.52 26.30 -19.43
N GLU L 18 49.43 26.08 -20.74
CA GLU L 18 48.56 26.89 -21.59
C GLU L 18 47.10 26.44 -21.56
N ARG L 19 46.81 25.21 -21.16
CA ARG L 19 45.44 24.71 -21.13
C ARG L 19 44.86 24.66 -19.72
N ASP L 20 45.53 25.31 -18.75
CA ASP L 20 45.07 25.37 -17.36
C ASP L 20 44.88 23.96 -16.78
N VAL L 21 45.81 23.07 -17.09
CA VAL L 21 45.75 21.70 -16.59
C VAL L 21 46.28 21.68 -15.17
N LYS L 22 45.47 21.18 -14.24
CA LYS L 22 45.87 21.09 -12.84
C LYS L 22 46.10 19.68 -12.35
N PHE L 23 45.32 18.72 -12.81
CA PHE L 23 45.43 17.34 -12.36
C PHE L 23 45.92 16.46 -13.50
N ILE L 24 46.92 15.64 -13.22
CA ILE L 24 47.47 14.68 -14.17
C ILE L 24 47.11 13.29 -13.67
N ARG L 25 46.40 12.52 -14.49
CA ARG L 25 46.07 11.14 -14.18
C ARG L 25 47.16 10.25 -14.78
N THR L 26 48.12 9.88 -13.95
CA THR L 26 49.14 8.92 -14.36
C THR L 26 48.51 7.54 -14.46
N GLN L 27 48.58 6.93 -15.64
CA GLN L 27 47.81 5.73 -15.91
C GLN L 27 48.69 4.63 -16.47
N PHE L 28 48.29 3.39 -16.19
CA PHE L 28 48.87 2.22 -16.81
C PHE L 28 47.81 1.13 -16.86
N THR L 29 48.13 0.06 -17.57
CA THR L 29 47.23 -1.08 -17.73
C THR L 29 47.78 -2.26 -16.95
N ASP L 30 46.92 -2.91 -16.16
CA ASP L 30 47.33 -4.06 -15.39
C ASP L 30 47.35 -5.30 -16.28
N THR L 31 47.64 -6.46 -15.67
CA THR L 31 47.83 -7.70 -16.42
C THR L 31 46.56 -8.12 -17.15
N LEU L 32 45.39 -7.91 -16.52
CA LEU L 32 44.13 -8.34 -17.10
C LEU L 32 43.49 -7.30 -18.00
N GLY L 33 44.14 -6.17 -18.22
CA GLY L 33 43.65 -5.17 -19.15
C GLY L 33 42.84 -4.05 -18.55
N ILE L 34 42.83 -3.92 -17.22
CA ILE L 34 42.07 -2.87 -16.56
C ILE L 34 42.97 -1.65 -16.39
N ILE L 35 42.45 -0.48 -16.76
CA ILE L 35 43.21 0.75 -16.61
C ILE L 35 43.38 1.08 -15.13
N LYS L 36 44.61 1.42 -14.73
CA LYS L 36 44.91 1.81 -13.37
C LYS L 36 45.37 3.26 -13.36
N SER L 37 44.71 4.08 -12.56
CA SER L 37 44.91 5.52 -12.62
C SER L 37 45.03 6.10 -11.23
N TRP L 38 45.88 7.11 -11.08
CA TRP L 38 45.87 7.95 -9.89
C TRP L 38 46.31 9.36 -10.29
N ALA L 39 45.83 10.33 -9.55
CA ALA L 39 45.95 11.73 -9.90
C ALA L 39 47.09 12.38 -9.13
N ILE L 40 47.96 13.07 -9.86
CA ILE L 40 48.99 13.92 -9.23
C ILE L 40 48.72 15.35 -9.68
N PRO L 41 49.08 16.36 -8.88
CA PRO L 41 48.96 17.74 -9.34
C PRO L 41 49.92 18.03 -10.48
N ALA L 42 49.54 18.99 -11.31
CA ALA L 42 50.38 19.38 -12.44
C ALA L 42 51.69 20.01 -11.98
N GLU L 43 51.72 20.54 -10.76
CA GLU L 43 52.96 21.07 -10.22
C GLU L 43 54.01 19.98 -10.02
N GLN L 44 53.58 18.75 -9.76
CA GLN L 44 54.48 17.63 -9.58
C GLN L 44 54.86 16.96 -10.89
N LEU L 45 54.34 17.44 -12.03
CA LEU L 45 54.55 16.74 -13.29
C LEU L 45 55.99 16.84 -13.76
N GLU L 46 56.66 17.97 -13.51
CA GLU L 46 58.06 18.10 -13.90
C GLU L 46 58.94 17.11 -13.14
N GLU L 47 58.68 16.93 -11.84
CA GLU L 47 59.42 15.94 -11.07
C GLU L 47 59.04 14.51 -11.47
N ALA L 48 57.78 14.30 -11.85
CA ALA L 48 57.34 12.98 -12.28
C ALA L 48 57.97 12.58 -13.60
N PHE L 49 58.23 13.55 -14.49
CA PHE L 49 58.88 13.26 -15.75
C PHE L 49 60.35 12.87 -15.58
N GLU L 50 60.97 13.25 -14.47
CA GLU L 50 62.38 12.97 -14.23
C GLU L 50 62.60 11.75 -13.35
N ASN L 51 61.85 11.63 -12.26
CA ASN L 51 62.04 10.54 -11.30
C ASN L 51 60.99 9.44 -11.41
N GLY L 52 60.00 9.61 -12.27
CA GLY L 52 58.88 8.68 -12.32
C GLY L 52 57.90 8.95 -11.19
N VAL L 53 56.85 8.14 -11.17
CA VAL L 53 55.84 8.21 -10.12
C VAL L 53 55.85 6.87 -9.38
N MET L 54 56.18 6.92 -8.09
CA MET L 54 56.23 5.71 -7.29
C MET L 54 54.82 5.26 -6.90
N PHE L 55 54.61 3.95 -6.90
CA PHE L 55 53.33 3.40 -6.49
C PHE L 55 53.54 1.98 -5.96
N ASP L 56 52.54 1.51 -5.23
CA ASP L 56 52.56 0.17 -4.64
C ASP L 56 51.97 -0.82 -5.63
N GLY L 57 52.78 -1.79 -6.06
CA GLY L 57 52.36 -2.78 -7.02
C GLY L 57 51.71 -4.02 -6.45
N SER L 58 51.75 -4.21 -5.12
CA SER L 58 51.14 -5.39 -4.53
C SER L 58 49.62 -5.34 -4.56
N SER L 59 49.03 -4.17 -4.69
CA SER L 59 47.59 -4.01 -4.80
C SER L 59 47.10 -4.08 -6.24
N ILE L 60 48.00 -4.29 -7.20
CA ILE L 60 47.66 -4.44 -8.60
C ILE L 60 47.77 -5.91 -8.96
N GLN L 61 46.71 -6.46 -9.56
CA GLN L 61 46.69 -7.88 -9.90
C GLN L 61 47.71 -8.18 -11.01
N GLY L 62 48.46 -9.25 -10.83
CA GLY L 62 49.48 -9.67 -11.78
C GLY L 62 50.80 -8.97 -11.63
N PHE L 63 50.90 -8.00 -10.74
CA PHE L 63 52.11 -7.22 -10.50
C PHE L 63 52.92 -7.87 -9.36
N THR L 64 53.84 -7.11 -8.79
CA THR L 64 54.80 -7.65 -7.84
C THR L 64 54.12 -8.10 -6.55
N ARG L 65 54.89 -8.85 -5.75
CA ARG L 65 54.45 -9.37 -4.47
C ARG L 65 54.62 -8.34 -3.37
N ILE L 66 54.01 -8.63 -2.22
CA ILE L 66 53.97 -7.65 -1.12
C ILE L 66 55.34 -7.47 -0.48
N GLU L 67 56.26 -8.42 -0.65
CA GLU L 67 57.59 -8.29 -0.07
C GLU L 67 58.44 -7.29 -0.84
N GLU L 68 58.28 -7.24 -2.16
CA GLU L 68 59.02 -6.32 -3.02
C GLU L 68 58.00 -5.64 -3.91
N SER L 69 57.35 -4.59 -3.39
CA SER L 69 56.15 -4.06 -4.01
C SER L 69 56.27 -2.62 -4.49
N ASP L 70 57.41 -1.97 -4.26
CA ASP L 70 57.59 -0.60 -4.75
C ASP L 70 57.81 -0.62 -6.26
N MET L 71 57.04 0.20 -6.98
CA MET L 71 57.14 0.27 -8.42
C MET L 71 57.15 1.74 -8.85
N LYS L 72 57.69 1.98 -10.04
CA LYS L 72 57.77 3.32 -10.61
C LYS L 72 57.11 3.33 -11.98
N LEU L 73 56.34 4.39 -12.24
CA LEU L 73 55.72 4.60 -13.53
C LEU L 73 56.52 5.66 -14.30
N ALA L 74 57.09 5.26 -15.43
CA ALA L 74 57.81 6.18 -16.30
C ALA L 74 56.84 6.73 -17.33
N LEU L 75 56.54 8.02 -17.21
CA LEU L 75 55.50 8.64 -18.04
C LEU L 75 55.92 8.73 -19.50
N ASP L 76 54.97 8.47 -20.40
CA ASP L 76 55.19 8.59 -21.83
C ASP L 76 54.59 9.91 -22.30
N PRO L 77 55.40 10.90 -22.69
CA PRO L 77 54.84 12.21 -23.07
C PRO L 77 53.93 12.17 -24.28
N SER L 78 54.14 11.23 -25.21
CA SER L 78 53.31 11.16 -26.40
C SER L 78 51.87 10.77 -26.09
N THR L 79 51.62 10.13 -24.95
CA THR L 79 50.29 9.71 -24.56
C THR L 79 49.53 10.78 -23.79
N PHE L 80 50.13 11.97 -23.60
CA PHE L 80 49.48 13.03 -22.86
C PHE L 80 48.21 13.49 -23.56
N ARG L 81 47.10 13.49 -22.83
CA ARG L 81 45.80 13.82 -23.40
C ARG L 81 44.94 14.44 -22.32
N ILE L 82 44.20 15.48 -22.70
CA ILE L 82 43.29 16.17 -21.78
C ILE L 82 41.91 15.53 -21.88
N LEU L 83 41.33 15.20 -20.74
CA LEU L 83 40.03 14.54 -20.72
C LEU L 83 38.94 15.58 -20.95
N PRO L 84 38.13 15.45 -22.02
CA PRO L 84 37.13 16.49 -22.31
C PRO L 84 35.91 16.47 -21.40
N TRP L 85 35.59 15.34 -20.78
CA TRP L 85 34.44 15.28 -19.89
C TRP L 85 34.73 15.84 -18.51
N ARG L 86 35.98 16.09 -18.20
CA ARG L 86 36.40 16.76 -16.98
C ARG L 86 36.36 18.27 -17.16
N PRO L 87 36.29 19.05 -16.07
CA PRO L 87 36.16 20.51 -16.21
C PRO L 87 37.33 21.13 -16.96
N ALA L 88 37.02 22.16 -17.75
CA ALA L 88 38.03 22.87 -18.53
C ALA L 88 38.88 23.80 -17.66
N THR L 89 38.27 24.42 -16.66
CA THR L 89 39.00 25.25 -15.71
C THR L 89 39.59 24.35 -14.64
N GLY L 90 40.91 24.41 -14.47
CA GLY L 90 41.59 23.40 -13.69
C GLY L 90 41.46 22.07 -14.38
N ALA L 91 41.95 22.00 -15.62
CA ALA L 91 41.70 20.86 -16.48
C ALA L 91 42.40 19.60 -15.95
N VAL L 92 41.84 18.46 -16.34
CA VAL L 92 42.37 17.15 -15.96
C VAL L 92 42.92 16.48 -17.21
N ALA L 93 44.14 15.99 -17.12
CA ALA L 93 44.78 15.31 -18.24
C ALA L 93 45.29 13.95 -17.79
N ARG L 94 45.45 13.06 -18.75
CA ARG L 94 46.00 11.73 -18.50
C ARG L 94 47.35 11.62 -19.18
N ILE L 95 48.24 10.85 -18.56
CA ILE L 95 49.48 10.40 -19.19
C ILE L 95 49.62 8.91 -18.94
N LEU L 96 49.76 8.14 -20.01
CA LEU L 96 50.08 6.73 -19.86
C LEU L 96 51.57 6.56 -19.60
N GLY L 97 51.92 5.48 -18.90
CA GLY L 97 53.28 5.26 -18.50
C GLY L 97 53.69 3.81 -18.65
N ASP L 98 54.99 3.58 -18.52
CA ASP L 98 55.57 2.25 -18.48
C ASP L 98 55.97 1.93 -17.04
N VAL L 99 55.62 0.74 -16.58
CA VAL L 99 55.91 0.34 -15.22
C VAL L 99 57.37 -0.13 -15.13
N TYR L 100 58.10 0.44 -14.17
CA TYR L 100 59.51 0.14 -13.99
C TYR L 100 59.76 -0.31 -12.56
N LEU L 101 60.76 -1.18 -12.39
CA LEU L 101 61.27 -1.53 -11.08
C LEU L 101 62.13 -0.40 -10.53
N PRO L 102 62.29 -0.32 -9.20
CA PRO L 102 63.07 0.78 -8.63
C PRO L 102 64.53 0.79 -9.06
N ASP L 103 65.08 -0.33 -9.52
CA ASP L 103 66.46 -0.38 -9.98
C ASP L 103 66.64 0.16 -11.40
N GLY L 104 65.60 0.75 -11.98
CA GLY L 104 65.68 1.32 -13.30
C GLY L 104 65.34 0.38 -14.43
N ASN L 105 65.15 -0.89 -14.16
CA ASN L 105 64.81 -1.83 -15.22
C ASN L 105 63.29 -1.83 -15.44
N PRO L 106 62.85 -2.05 -16.68
CA PRO L 106 61.41 -2.18 -16.94
C PRO L 106 60.83 -3.40 -16.25
N PHE L 107 59.59 -3.27 -15.80
CA PHE L 107 58.88 -4.39 -15.20
C PHE L 107 58.42 -5.34 -16.30
N LYS L 108 58.90 -6.59 -16.25
CA LYS L 108 58.56 -7.56 -17.28
C LYS L 108 57.12 -8.04 -17.19
N GLY L 109 56.44 -7.77 -16.07
CA GLY L 109 55.02 -8.03 -15.95
C GLY L 109 54.12 -6.96 -16.52
N ASP L 110 54.70 -5.90 -17.06
CA ASP L 110 53.92 -4.83 -17.68
C ASP L 110 53.43 -5.27 -19.05
N PRO L 111 52.12 -5.26 -19.30
CA PRO L 111 51.63 -5.64 -20.65
C PRO L 111 52.12 -4.71 -21.75
N ARG L 112 52.28 -3.41 -21.45
CA ARG L 112 52.86 -2.50 -22.43
C ARG L 112 54.29 -2.90 -22.77
N TYR L 113 55.04 -3.38 -21.76
CA TYR L 113 56.38 -3.89 -22.03
C TYR L 113 56.33 -5.13 -22.92
N VAL L 114 55.33 -5.98 -22.73
CA VAL L 114 55.18 -7.16 -23.58
C VAL L 114 54.91 -6.76 -25.02
N LEU L 115 54.03 -5.78 -25.22
CA LEU L 115 53.77 -5.29 -26.57
C LEU L 115 55.01 -4.65 -27.18
N LYS L 116 55.77 -3.89 -26.37
CA LYS L 116 57.00 -3.29 -26.87
C LYS L 116 58.03 -4.35 -27.25
N THR L 117 58.08 -5.45 -26.48
CA THR L 117 58.97 -6.56 -26.83
C THR L 117 58.56 -7.20 -28.15
N ALA L 118 57.25 -7.36 -28.37
CA ALA L 118 56.77 -7.87 -29.65
C ALA L 118 57.10 -6.92 -30.79
N ILE L 119 57.01 -5.60 -30.53
CA ILE L 119 57.35 -4.61 -31.55
C ILE L 119 58.84 -4.68 -31.89
N LYS L 120 59.69 -4.83 -30.87
CA LYS L 120 61.12 -4.99 -31.12
C LYS L 120 61.41 -6.26 -31.89
N GLU L 121 60.70 -7.35 -31.59
CA GLU L 121 60.86 -8.60 -32.31
C GLU L 121 60.47 -8.43 -33.78
N ALA L 122 59.39 -7.69 -34.05
CA ALA L 122 58.99 -7.41 -35.42
C ALA L 122 60.02 -6.53 -36.14
N GLU L 123 60.56 -5.53 -35.43
CA GLU L 123 61.54 -4.63 -36.03
C GLU L 123 62.85 -5.33 -36.33
N LYS L 124 63.19 -6.36 -35.55
CA LYS L 124 64.39 -7.14 -35.84
C LYS L 124 64.31 -7.84 -37.19
N MET L 125 63.11 -8.12 -37.69
CA MET L 125 62.92 -8.61 -39.04
C MET L 125 62.46 -7.53 -40.00
N GLY L 126 62.53 -6.27 -39.60
CA GLY L 126 62.18 -5.15 -40.45
C GLY L 126 60.71 -4.84 -40.56
N PHE L 127 59.87 -5.47 -39.76
CA PHE L 127 58.43 -5.30 -39.85
C PHE L 127 57.92 -4.30 -38.81
N SER L 128 56.84 -3.62 -39.18
CA SER L 128 56.11 -2.75 -38.26
C SER L 128 54.63 -3.06 -38.38
N MET L 129 53.96 -3.15 -37.24
CA MET L 129 52.57 -3.59 -37.17
C MET L 129 51.64 -2.39 -37.07
N ASN L 130 50.59 -2.39 -37.91
CA ASN L 130 49.49 -1.46 -37.80
C ASN L 130 48.23 -2.25 -37.49
N VAL L 131 47.51 -1.83 -36.45
CA VAL L 131 46.32 -2.54 -35.99
C VAL L 131 45.13 -1.60 -36.05
N GLY L 132 44.05 -2.04 -36.70
CA GLY L 132 42.78 -1.36 -36.63
C GLY L 132 41.74 -2.21 -35.94
N PRO L 133 41.40 -1.87 -34.70
CA PRO L 133 40.40 -2.64 -33.95
C PRO L 133 39.00 -2.08 -34.12
N GLU L 134 38.03 -3.00 -34.19
CA GLU L 134 36.62 -2.64 -34.29
C GLU L 134 35.94 -3.14 -33.02
N LEU L 135 35.64 -2.23 -32.11
CA LEU L 135 35.08 -2.57 -30.80
C LEU L 135 33.57 -2.38 -30.81
N GLU L 136 32.86 -3.36 -30.27
CA GLU L 136 31.43 -3.27 -30.03
C GLU L 136 31.20 -3.14 -28.53
N PHE L 137 30.20 -2.35 -28.15
CA PHE L 137 29.84 -2.20 -26.75
C PHE L 137 28.33 -2.09 -26.65
N PHE L 138 27.83 -2.36 -25.45
CA PHE L 138 26.41 -2.24 -25.14
C PHE L 138 26.17 -1.00 -24.31
N LEU L 139 25.03 -0.37 -24.53
CA LEU L 139 24.61 0.80 -23.76
C LEU L 139 23.42 0.38 -22.90
N PHE L 140 23.63 0.28 -21.60
CA PHE L 140 22.60 -0.14 -20.67
C PHE L 140 22.20 1.01 -19.76
N LYS L 141 21.05 0.84 -19.12
CA LYS L 141 20.57 1.84 -18.18
C LYS L 141 21.34 1.75 -16.86
N LEU L 142 21.36 2.88 -16.15
CA LEU L 142 21.84 2.91 -14.78
C LEU L 142 20.64 2.79 -13.84
N ASP L 143 20.89 2.20 -12.67
CA ASP L 143 19.84 2.08 -11.67
C ASP L 143 19.70 3.39 -10.91
N ALA L 144 18.96 3.36 -9.79
CA ALA L 144 18.77 4.57 -9.00
C ALA L 144 20.07 5.04 -8.37
N ASN L 145 20.98 4.12 -8.05
CA ASN L 145 22.27 4.45 -7.45
C ASN L 145 23.35 4.70 -8.49
N GLY L 146 23.01 4.68 -9.77
CA GLY L 146 24.01 4.88 -10.80
C GLY L 146 24.90 3.68 -11.06
N ASN L 147 24.48 2.49 -10.65
CA ASN L 147 25.20 1.23 -10.81
C ASN L 147 24.82 0.58 -12.14
N PRO L 148 25.73 -0.22 -12.71
CA PRO L 148 25.43 -0.86 -14.00
C PRO L 148 24.27 -1.84 -13.90
N THR L 149 23.46 -1.88 -14.95
CA THR L 149 22.43 -2.89 -15.15
C THR L 149 22.62 -3.50 -16.54
N THR L 150 21.70 -4.40 -16.92
CA THR L 150 21.62 -4.89 -18.28
C THR L 150 20.32 -4.47 -18.96
N GLU L 151 19.64 -3.47 -18.40
CA GLU L 151 18.40 -2.99 -18.97
C GLU L 151 18.65 -2.32 -20.31
N LEU L 152 17.86 -2.69 -21.30
CA LEU L 152 18.09 -2.21 -22.66
C LEU L 152 17.73 -0.74 -22.79
N THR L 153 18.53 -0.02 -23.57
CA THR L 153 18.23 1.38 -23.87
C THR L 153 17.42 1.53 -25.16
N ASP L 154 17.51 0.56 -26.06
CA ASP L 154 16.67 0.53 -27.25
C ASP L 154 16.56 -0.90 -27.73
N GLN L 155 15.62 -1.13 -28.66
CA GLN L 155 15.42 -2.42 -29.28
C GLN L 155 15.84 -2.40 -30.75
N GLY L 156 16.74 -1.50 -31.12
CA GLY L 156 17.18 -1.38 -32.49
C GLY L 156 18.10 -2.50 -32.91
N GLY L 157 18.30 -2.59 -34.22
CA GLY L 157 19.19 -3.59 -34.80
C GLY L 157 20.31 -2.95 -35.60
N TYR L 158 20.89 -3.73 -36.51
CA TYR L 158 22.04 -3.26 -37.28
C TYR L 158 21.64 -2.10 -38.19
N PHE L 159 22.41 -1.01 -38.11
CA PHE L 159 22.22 0.19 -38.93
C PHE L 159 20.85 0.81 -38.75
N ASP L 160 20.26 0.68 -37.57
CA ASP L 160 18.92 1.20 -37.35
C ASP L 160 18.95 2.70 -37.07
N PHE L 161 17.86 3.37 -37.44
CA PHE L 161 17.68 4.81 -37.37
C PHE L 161 16.48 5.10 -36.48
N ALA L 162 16.03 6.36 -36.49
CA ALA L 162 14.73 6.79 -35.96
C ALA L 162 14.80 6.72 -34.43
N PRO L 163 13.70 6.62 -33.68
CA PRO L 163 13.81 6.15 -32.29
C PRO L 163 13.97 4.65 -32.11
N LEU L 164 14.18 3.87 -33.18
CA LEU L 164 14.63 2.50 -33.00
C LEU L 164 16.03 2.47 -32.38
N ASP L 165 16.92 3.30 -32.89
CA ASP L 165 18.19 3.58 -32.23
C ASP L 165 18.00 4.81 -31.34
N ARG L 166 18.26 4.65 -30.04
CA ARG L 166 18.02 5.72 -29.08
C ARG L 166 19.30 6.27 -28.47
N ALA L 167 20.43 6.05 -29.13
CA ALA L 167 21.73 6.47 -28.59
C ALA L 167 22.53 7.32 -29.56
N GLN L 168 21.86 8.10 -30.42
CA GLN L 168 22.59 8.98 -31.32
C GLN L 168 23.31 10.09 -30.57
N ASP L 169 22.70 10.58 -29.48
CA ASP L 169 23.34 11.62 -28.68
C ASP L 169 24.55 11.07 -27.92
N VAL L 170 24.43 9.87 -27.37
CA VAL L 170 25.56 9.26 -26.67
C VAL L 170 26.71 8.98 -27.64
N ARG L 171 26.39 8.45 -28.82
CA ARG L 171 27.43 8.19 -29.82
C ARG L 171 28.06 9.49 -30.31
N ARG L 172 27.25 10.54 -30.45
CA ARG L 172 27.76 11.85 -30.85
C ARG L 172 28.74 12.40 -29.82
N ASP L 173 28.37 12.33 -28.54
CA ASP L 173 29.25 12.82 -27.49
C ASP L 173 30.51 11.97 -27.36
N ILE L 174 30.38 10.66 -27.55
CA ILE L 174 31.55 9.78 -27.54
C ILE L 174 32.49 10.15 -28.69
N ASP L 175 31.93 10.40 -29.88
CA ASP L 175 32.74 10.77 -31.03
C ASP L 175 33.47 12.09 -30.78
N TYR L 176 32.76 13.06 -30.20
CA TYR L 176 33.39 14.34 -29.85
C TYR L 176 34.53 14.15 -28.85
N ALA L 177 34.29 13.35 -27.81
CA ALA L 177 35.31 13.11 -26.80
C ALA L 177 36.52 12.39 -27.39
N LEU L 178 36.27 11.40 -28.25
CA LEU L 178 37.37 10.65 -28.87
C LEU L 178 38.20 11.54 -29.79
N GLU L 179 37.54 12.40 -30.56
CA GLU L 179 38.26 13.37 -31.38
C GLU L 179 39.07 14.32 -30.52
N HIS L 180 38.53 14.72 -29.37
CA HIS L 180 39.32 15.51 -28.42
C HIS L 180 40.53 14.74 -27.89
N MET L 181 40.42 13.43 -27.70
CA MET L 181 41.52 12.60 -27.21
C MET L 181 42.39 12.07 -28.34
N GLY L 182 42.34 12.68 -29.52
CA GLY L 182 43.24 12.33 -30.60
C GLY L 182 42.77 11.26 -31.55
N PHE L 183 41.60 10.66 -31.31
CA PHE L 183 41.07 9.65 -32.22
C PHE L 183 40.60 10.29 -33.51
N GLN L 184 40.71 9.54 -34.61
CA GLN L 184 40.12 9.92 -35.88
C GLN L 184 38.96 8.97 -36.14
N ILE L 185 37.74 9.44 -35.91
CA ILE L 185 36.56 8.60 -36.07
C ILE L 185 36.33 8.31 -37.55
N GLU L 186 35.99 7.06 -37.85
CA GLU L 186 35.66 6.65 -39.21
C GLU L 186 34.17 6.40 -39.40
N ALA L 187 33.53 5.71 -38.47
CA ALA L 187 32.11 5.42 -38.56
C ALA L 187 31.57 5.13 -37.17
N SER L 188 30.25 5.30 -37.03
CA SER L 188 29.57 4.98 -35.78
C SER L 188 28.14 4.57 -36.13
N HIS L 189 27.67 3.49 -35.51
CA HIS L 189 26.35 2.97 -35.84
C HIS L 189 25.84 2.09 -34.70
N HIS L 190 24.54 1.82 -34.77
CA HIS L 190 23.92 0.79 -33.96
C HIS L 190 24.30 -0.58 -34.51
N GLU L 191 24.62 -1.50 -33.61
CA GLU L 191 25.05 -2.84 -34.01
C GLU L 191 23.85 -3.79 -34.03
N VAL L 192 24.13 -5.08 -34.26
CA VAL L 192 23.07 -6.06 -34.50
C VAL L 192 22.20 -6.24 -33.26
N ALA L 193 22.82 -6.45 -32.11
CA ALA L 193 22.09 -6.70 -30.88
C ALA L 193 21.40 -5.42 -30.41
N PRO L 194 20.29 -5.56 -29.67
CA PRO L 194 19.66 -4.37 -29.07
C PRO L 194 20.61 -3.66 -28.12
N SER L 195 20.57 -2.33 -28.16
CA SER L 195 21.39 -1.45 -27.32
C SER L 195 22.89 -1.65 -27.56
N GLN L 196 23.27 -2.18 -28.71
CA GLN L 196 24.67 -2.44 -29.04
C GLN L 196 25.12 -1.47 -30.11
N HIS L 197 26.34 -0.94 -29.94
CA HIS L 197 26.83 0.13 -30.80
C HIS L 197 28.29 -0.11 -31.14
N GLU L 198 28.68 0.32 -32.34
CA GLU L 198 30.06 0.24 -32.79
C GLU L 198 30.51 1.64 -33.20
N ILE L 199 31.67 2.05 -32.71
CA ILE L 199 32.31 3.28 -33.12
C ILE L 199 33.70 2.92 -33.62
N ASP L 200 33.97 3.21 -34.88
CA ASP L 200 35.22 2.85 -35.52
C ASP L 200 36.13 4.07 -35.61
N PHE L 201 37.39 3.88 -35.20
CA PHE L 201 38.40 4.92 -35.32
C PHE L 201 39.51 4.42 -36.23
N ARG L 202 40.33 5.35 -36.70
CA ARG L 202 41.39 5.02 -37.65
C ARG L 202 42.44 4.12 -37.01
N PHE L 203 43.03 3.26 -37.84
CA PHE L 203 44.12 2.41 -37.42
C PHE L 203 45.37 3.24 -37.11
N GLY L 204 46.34 2.58 -36.50
CA GLY L 204 47.61 3.20 -36.25
C GLY L 204 48.64 2.15 -35.91
N ASP L 205 49.82 2.60 -35.49
CA ASP L 205 50.83 1.67 -35.00
C ASP L 205 50.32 0.96 -33.75
N VAL L 206 50.80 -0.27 -33.56
CA VAL L 206 50.13 -1.21 -32.66
C VAL L 206 50.18 -0.73 -31.21
N LEU L 207 51.29 -0.10 -30.80
CA LEU L 207 51.39 0.42 -29.45
C LEU L 207 50.38 1.55 -29.22
N CYS L 208 50.35 2.52 -30.13
CA CYS L 208 49.34 3.57 -30.07
C CYS L 208 47.94 3.00 -30.20
N THR L 209 47.78 1.91 -30.95
CA THR L 209 46.46 1.29 -31.10
C THR L 209 45.98 0.66 -29.81
N ALA L 210 46.85 -0.04 -29.09
CA ALA L 210 46.46 -0.62 -27.81
C ALA L 210 46.18 0.46 -26.77
N ASP L 211 47.00 1.53 -26.77
CA ASP L 211 46.69 2.70 -25.96
C ASP L 211 45.32 3.25 -26.31
N ASN L 212 45.01 3.33 -27.60
CA ASN L 212 43.72 3.80 -28.05
C ASN L 212 42.59 2.87 -27.64
N VAL L 213 42.86 1.56 -27.56
CA VAL L 213 41.82 0.61 -27.15
C VAL L 213 41.44 0.83 -25.69
N VAL L 214 42.43 0.90 -24.80
CA VAL L 214 42.11 1.12 -23.39
C VAL L 214 41.51 2.52 -23.18
N THR L 215 42.05 3.52 -23.90
CA THR L 215 41.50 4.87 -23.84
C THR L 215 40.06 4.91 -24.33
N PHE L 216 39.79 4.23 -25.45
CA PHE L 216 38.45 4.19 -26.01
C PHE L 216 37.48 3.57 -25.03
N LYS L 217 37.88 2.48 -24.39
CA LYS L 217 37.00 1.83 -23.43
C LYS L 217 36.65 2.76 -22.28
N TYR L 218 37.65 3.41 -21.67
CA TYR L 218 37.28 4.25 -20.53
C TYR L 218 36.62 5.56 -20.96
N VAL L 219 36.92 6.08 -22.16
CA VAL L 219 36.24 7.27 -22.65
C VAL L 219 34.77 6.97 -22.91
N VAL L 220 34.48 5.85 -23.56
CA VAL L 220 33.10 5.46 -23.81
C VAL L 220 32.36 5.26 -22.49
N LYS L 221 33.01 4.61 -21.52
CA LYS L 221 32.36 4.41 -20.23
C LYS L 221 32.08 5.73 -19.51
N SER L 222 33.03 6.66 -19.54
CA SER L 222 32.84 7.95 -18.88
C SER L 222 31.73 8.76 -19.54
N ILE L 223 31.74 8.83 -20.87
CA ILE L 223 30.71 9.60 -21.58
C ILE L 223 29.34 8.98 -21.36
N ALA L 224 29.25 7.64 -21.40
CA ALA L 224 27.98 6.99 -21.13
C ALA L 224 27.51 7.25 -19.71
N TYR L 225 28.44 7.24 -18.74
CA TYR L 225 28.06 7.48 -17.35
C TYR L 225 27.52 8.90 -17.16
N HIS L 226 28.15 9.89 -17.79
CA HIS L 226 27.72 11.26 -17.59
C HIS L 226 26.38 11.57 -18.27
N LYS L 227 25.95 10.74 -19.20
CA LYS L 227 24.61 10.86 -19.78
C LYS L 227 23.60 9.94 -19.08
N GLY L 228 23.99 9.29 -18.00
CA GLY L 228 23.08 8.42 -17.27
C GLY L 228 22.99 7.00 -17.77
N TYR L 229 23.97 6.55 -18.54
CA TYR L 229 23.96 5.21 -19.11
C TYR L 229 25.18 4.44 -18.62
N TYR L 230 25.20 3.15 -18.90
CA TYR L 230 26.37 2.31 -18.64
C TYR L 230 26.85 1.71 -19.95
N ALA L 231 28.13 1.91 -20.24
CA ALA L 231 28.76 1.31 -21.41
C ALA L 231 29.39 -0.01 -20.99
N SER L 232 28.92 -1.11 -21.57
CA SER L 232 29.38 -2.44 -21.23
C SER L 232 30.21 -3.00 -22.38
N PHE L 233 31.45 -3.37 -22.08
CA PHE L 233 32.30 -4.12 -23.00
C PHE L 233 32.33 -5.60 -22.67
N MET L 234 31.30 -6.07 -21.97
CA MET L 234 31.17 -7.49 -21.66
C MET L 234 30.96 -8.27 -22.95
N PRO L 235 31.65 -9.41 -23.13
CA PRO L 235 31.54 -10.13 -24.41
C PRO L 235 30.14 -10.61 -24.75
N LYS L 236 29.35 -11.03 -23.75
CA LYS L 236 28.00 -11.54 -23.99
C LYS L 236 27.15 -11.23 -22.76
N PRO L 237 26.71 -9.98 -22.62
CA PRO L 237 25.89 -9.63 -21.44
C PRO L 237 24.49 -10.22 -21.49
N LEU L 238 23.95 -10.49 -22.68
CA LEU L 238 22.59 -10.97 -22.84
C LEU L 238 22.56 -12.24 -23.66
N PHE L 239 21.67 -13.15 -23.31
CA PHE L 239 21.49 -14.37 -24.07
C PHE L 239 20.53 -14.14 -25.23
N GLY L 240 20.79 -14.83 -26.34
CA GLY L 240 19.91 -14.81 -27.48
C GLY L 240 20.14 -13.68 -28.46
N VAL L 241 20.99 -12.72 -28.12
CA VAL L 241 21.34 -11.62 -29.01
C VAL L 241 22.83 -11.67 -29.27
N ASN L 242 23.28 -10.83 -30.18
CA ASN L 242 24.69 -10.83 -30.58
C ASN L 242 25.58 -10.38 -29.43
N GLY L 243 26.73 -11.04 -29.30
CA GLY L 243 27.76 -10.61 -28.38
C GLY L 243 28.63 -9.51 -28.98
N SER L 244 29.50 -8.97 -28.14
CA SER L 244 30.43 -7.93 -28.55
C SER L 244 31.81 -8.54 -28.77
N GLY L 245 32.36 -8.34 -29.96
CA GLY L 245 33.70 -8.74 -30.27
C GLY L 245 34.59 -7.53 -30.54
N MET L 246 35.88 -7.81 -30.69
CA MET L 246 36.86 -6.81 -31.09
C MET L 246 37.58 -7.35 -32.32
N HIS L 247 37.04 -7.06 -33.50
CA HIS L 247 37.70 -7.49 -34.74
C HIS L 247 39.01 -6.73 -34.91
N SER L 248 40.10 -7.48 -35.05
CA SER L 248 41.44 -6.93 -35.06
C SER L 248 42.00 -7.00 -36.49
N ASN L 249 41.92 -5.88 -37.20
CA ASN L 249 42.55 -5.76 -38.50
C ASN L 249 44.02 -5.41 -38.30
N GLN L 250 44.91 -6.18 -38.90
CA GLN L 250 46.34 -5.97 -38.74
C GLN L 250 47.02 -5.96 -40.10
N SER L 251 48.01 -5.08 -40.24
CA SER L 251 48.81 -4.99 -41.44
C SER L 251 50.28 -4.86 -41.05
N LEU L 252 51.15 -5.44 -41.89
CA LEU L 252 52.58 -5.37 -41.69
C LEU L 252 53.21 -4.47 -42.73
N PHE L 253 54.26 -3.75 -42.32
CA PHE L 253 54.93 -2.79 -43.18
C PHE L 253 56.44 -2.97 -43.08
N LYS L 254 57.11 -2.85 -44.23
CA LYS L 254 58.56 -2.94 -44.29
C LYS L 254 59.05 -1.99 -45.38
N ASP L 255 59.96 -1.09 -45.01
CA ASP L 255 60.50 -0.07 -45.91
C ASP L 255 59.40 0.81 -46.50
N GLY L 256 58.37 1.09 -45.70
CA GLY L 256 57.27 1.94 -46.13
C GLY L 256 56.23 1.26 -46.99
N LYS L 257 56.38 -0.03 -47.29
CA LYS L 257 55.46 -0.75 -48.15
C LYS L 257 54.65 -1.75 -47.32
N ASN L 258 53.37 -1.88 -47.67
CA ASN L 258 52.53 -2.90 -47.04
C ASN L 258 53.04 -4.28 -47.42
N VAL L 259 53.45 -5.05 -46.41
CA VAL L 259 54.03 -6.37 -46.65
C VAL L 259 52.99 -7.33 -47.22
N PHE L 260 51.75 -7.22 -46.78
CA PHE L 260 50.69 -8.14 -47.18
C PHE L 260 50.24 -7.94 -48.62
N TYR L 261 50.68 -6.87 -49.29
CA TYR L 261 50.27 -6.57 -50.66
C TYR L 261 51.27 -7.13 -51.66
N ASP L 262 50.73 -7.65 -52.77
CA ASP L 262 51.55 -8.09 -53.90
C ASP L 262 50.73 -7.91 -55.16
N PRO L 263 51.05 -6.90 -55.97
CA PRO L 263 50.29 -6.70 -57.22
C PRO L 263 50.43 -7.84 -58.23
N ASP L 264 51.50 -8.63 -58.14
CA ASP L 264 51.72 -9.69 -59.13
C ASP L 264 50.82 -10.90 -58.87
N THR L 265 50.51 -11.20 -57.62
CA THR L 265 49.70 -12.38 -57.30
C THR L 265 48.27 -12.20 -57.78
N PRO L 266 47.62 -13.29 -58.22
CA PRO L 266 46.22 -13.17 -58.67
C PRO L 266 45.27 -12.69 -57.59
N THR L 267 45.50 -13.09 -56.33
CA THR L 267 44.67 -12.67 -55.22
C THR L 267 45.15 -11.36 -54.60
N LYS L 268 46.18 -10.74 -55.17
CA LYS L 268 46.72 -9.46 -54.73
C LYS L 268 47.26 -9.51 -53.31
N LEU L 269 47.62 -10.70 -52.85
CA LEU L 269 48.15 -10.92 -51.50
C LEU L 269 49.53 -11.53 -51.60
N SER L 270 50.47 -11.04 -50.79
CA SER L 270 51.82 -11.56 -50.82
C SER L 270 51.87 -12.93 -50.14
N GLN L 271 52.97 -13.64 -50.38
CA GLN L 271 53.18 -14.92 -49.71
C GLN L 271 53.37 -14.71 -48.21
N ASP L 272 53.91 -13.55 -47.82
CA ASP L 272 54.05 -13.22 -46.41
C ASP L 272 52.71 -13.04 -45.73
N ALA L 273 51.70 -12.55 -46.46
CA ALA L 273 50.36 -12.48 -45.90
C ALA L 273 49.81 -13.87 -45.60
N MET L 274 50.01 -14.81 -46.52
CA MET L 274 49.60 -16.20 -46.27
C MET L 274 50.37 -16.79 -45.10
N TYR L 275 51.65 -16.49 -45.00
CA TYR L 275 52.46 -16.97 -43.87
C TYR L 275 51.96 -16.40 -42.55
N TYR L 276 51.62 -15.12 -42.53
CA TYR L 276 51.06 -14.48 -41.34
C TYR L 276 49.75 -15.14 -40.94
N ILE L 277 48.89 -15.41 -41.92
CA ILE L 277 47.61 -16.07 -41.65
C ILE L 277 47.85 -17.49 -41.12
N GLY L 278 48.83 -18.19 -41.70
CA GLY L 278 49.13 -19.54 -41.24
C GLY L 278 49.63 -19.57 -39.81
N GLY L 279 50.50 -18.62 -39.46
CA GLY L 279 50.95 -18.52 -38.07
C GLY L 279 49.83 -18.19 -37.11
N LEU L 280 48.96 -17.26 -37.51
CA LEU L 280 47.81 -16.91 -36.68
C LEU L 280 46.90 -18.12 -36.47
N LEU L 281 46.60 -18.85 -37.53
CA LEU L 281 45.72 -20.01 -37.42
C LEU L 281 46.37 -21.15 -36.65
N LYS L 282 47.69 -21.28 -36.75
CA LYS L 282 48.40 -22.31 -35.99
C LYS L 282 48.39 -22.00 -34.50
N HIS L 283 48.56 -20.73 -34.12
CA HIS L 283 48.76 -20.39 -32.72
C HIS L 283 47.51 -19.86 -32.02
N ILE L 284 46.40 -19.65 -32.72
CA ILE L 284 45.26 -18.95 -32.14
C ILE L 284 44.65 -19.73 -30.97
N ARG L 285 44.71 -21.07 -31.04
CA ARG L 285 44.18 -21.87 -29.93
C ARG L 285 45.01 -21.68 -28.67
N GLU L 286 46.30 -21.37 -28.82
CA GLU L 286 47.18 -21.26 -27.67
C GLU L 286 47.02 -19.93 -26.91
N PHE L 287 46.44 -18.90 -27.53
CA PHE L 287 46.22 -17.65 -26.83
C PHE L 287 44.79 -17.15 -27.01
N THR L 288 43.86 -18.06 -27.33
CA THR L 288 42.44 -17.75 -27.17
C THR L 288 42.12 -17.33 -25.74
N ALA L 289 42.81 -17.91 -24.75
CA ALA L 289 42.64 -17.49 -23.36
C ALA L 289 43.02 -16.03 -23.14
N VAL L 290 43.85 -15.46 -24.01
CA VAL L 290 44.19 -14.04 -23.93
C VAL L 290 43.24 -13.19 -24.76
N THR L 291 42.98 -13.59 -26.00
CA THR L 291 42.04 -12.83 -26.83
C THR L 291 40.62 -12.92 -26.29
N ASN L 292 40.29 -14.00 -25.59
CA ASN L 292 38.97 -14.20 -25.00
C ASN L 292 39.18 -14.55 -23.54
N PRO L 293 39.32 -13.54 -22.68
CA PRO L 293 39.91 -13.76 -21.35
C PRO L 293 38.95 -14.27 -20.28
N VAL L 294 37.65 -14.04 -20.42
CA VAL L 294 36.71 -14.29 -19.34
C VAL L 294 35.82 -15.48 -19.69
N VAL L 295 35.07 -15.95 -18.68
CA VAL L 295 34.13 -17.04 -18.87
C VAL L 295 33.06 -16.64 -19.88
N ASN L 296 32.59 -15.40 -19.79
CA ASN L 296 31.53 -14.90 -20.66
C ASN L 296 31.96 -14.83 -22.13
N SER L 297 33.27 -14.75 -22.38
CA SER L 297 33.78 -14.72 -23.75
C SER L 297 33.35 -15.96 -24.52
N TYR L 298 33.24 -17.09 -23.83
CA TYR L 298 32.85 -18.34 -24.46
C TYR L 298 31.34 -18.56 -24.42
N LYS L 299 30.61 -17.71 -23.69
CA LYS L 299 29.19 -17.56 -23.94
C LYS L 299 28.95 -16.75 -25.21
N ARG L 300 29.90 -15.90 -25.58
CA ARG L 300 29.85 -15.33 -26.92
C ARG L 300 30.36 -16.33 -27.96
N LEU L 301 31.46 -17.01 -27.66
CA LEU L 301 32.09 -17.92 -28.62
C LEU L 301 31.52 -19.34 -28.50
N VAL L 302 30.25 -19.45 -28.88
CA VAL L 302 29.57 -20.75 -28.94
C VAL L 302 29.39 -21.09 -30.41
N PRO L 303 29.44 -22.37 -30.79
CA PRO L 303 29.05 -22.73 -32.16
C PRO L 303 27.61 -22.33 -32.44
N GLY L 304 27.40 -21.77 -33.62
CA GLY L 304 26.10 -21.23 -33.99
C GLY L 304 26.14 -20.53 -35.33
N TYR L 305 25.57 -19.33 -35.39
CA TYR L 305 25.57 -18.54 -36.61
C TYR L 305 26.11 -17.14 -36.42
N GLU L 306 26.80 -16.89 -35.31
CA GLU L 306 27.30 -15.54 -35.01
C GLU L 306 28.80 -15.54 -34.69
N ALA L 307 29.26 -16.56 -33.97
CA ALA L 307 30.59 -16.51 -33.38
C ALA L 307 31.62 -17.13 -34.30
N PRO L 308 32.77 -16.48 -34.49
CA PRO L 308 33.89 -17.06 -35.26
C PRO L 308 34.68 -18.08 -34.45
N VAL L 309 34.08 -19.25 -34.22
CA VAL L 309 34.70 -20.29 -33.41
C VAL L 309 35.46 -21.30 -34.24
N TYR L 310 35.36 -21.23 -35.56
CA TYR L 310 35.96 -22.22 -36.45
C TYR L 310 37.24 -21.66 -37.04
N ILE L 311 38.34 -22.38 -36.86
CA ILE L 311 39.67 -21.92 -37.26
C ILE L 311 39.77 -22.05 -38.78
N SER L 312 39.76 -20.92 -39.47
CA SER L 312 39.73 -20.87 -40.93
C SER L 312 40.05 -19.46 -41.37
N TRP L 313 40.31 -19.31 -42.66
CA TRP L 313 40.54 -18.00 -43.24
C TRP L 313 39.82 -17.91 -44.59
N SER L 314 39.51 -16.68 -44.99
CA SER L 314 38.81 -16.42 -46.24
C SER L 314 38.97 -14.95 -46.57
N ALA L 315 38.48 -14.57 -47.76
CA ALA L 315 38.50 -13.18 -48.18
C ALA L 315 37.25 -12.41 -47.77
N GLN L 316 36.08 -12.82 -48.24
CA GLN L 316 34.85 -12.10 -47.94
C GLN L 316 33.95 -12.82 -46.94
N ASN L 317 34.28 -14.04 -46.55
CA ASN L 317 33.44 -14.83 -45.66
C ASN L 317 33.54 -14.32 -44.23
N ARG L 318 32.40 -13.96 -43.65
CA ARG L 318 32.34 -13.50 -42.26
C ARG L 318 32.03 -14.62 -41.29
N SER L 319 31.96 -15.87 -41.76
CA SER L 319 31.89 -17.02 -40.88
C SER L 319 33.27 -17.62 -40.62
N SER L 320 34.31 -17.05 -41.21
CA SER L 320 35.68 -17.51 -41.00
C SER L 320 36.32 -16.79 -39.81
N LEU L 321 37.31 -17.46 -39.22
CA LEU L 321 38.08 -16.86 -38.14
C LEU L 321 38.86 -15.64 -38.63
N ILE L 322 39.46 -15.74 -39.81
CA ILE L 322 40.28 -14.68 -40.38
C ILE L 322 39.63 -14.21 -41.68
N ARG L 323 39.40 -12.90 -41.79
CA ARG L 323 38.86 -12.29 -42.99
C ARG L 323 39.90 -11.37 -43.61
N ILE L 324 39.91 -11.31 -44.94
CA ILE L 324 40.79 -10.44 -45.69
C ILE L 324 39.92 -9.46 -46.47
N PRO L 325 39.75 -8.24 -45.96
CA PRO L 325 38.99 -7.22 -46.71
C PRO L 325 39.63 -6.94 -48.06
N ALA L 326 38.78 -6.60 -49.03
CA ALA L 326 39.22 -6.47 -50.41
C ALA L 326 40.11 -5.25 -50.65
N THR L 327 40.26 -4.38 -49.66
CA THR L 327 41.18 -3.26 -49.78
C THR L 327 42.60 -3.76 -50.02
N ARG L 328 43.29 -3.13 -50.97
CA ARG L 328 44.63 -3.53 -51.37
C ARG L 328 45.56 -2.32 -51.27
N GLY L 329 46.78 -2.48 -51.77
CA GLY L 329 47.75 -1.40 -51.66
C GLY L 329 48.25 -1.28 -50.25
N ASN L 330 48.30 -0.04 -49.75
CA ASN L 330 48.73 0.19 -48.37
C ASN L 330 47.66 -0.20 -47.37
N GLY L 331 46.42 -0.38 -47.80
CA GLY L 331 45.32 -0.77 -46.95
C GLY L 331 45.09 -2.25 -46.81
N THR L 332 45.99 -3.08 -47.32
CA THR L 332 45.85 -4.53 -47.18
C THR L 332 46.01 -4.93 -45.72
N ARG L 333 45.02 -5.65 -45.19
CA ARG L 333 45.02 -5.99 -43.78
C ARG L 333 44.37 -7.36 -43.59
N ILE L 334 44.67 -7.96 -42.43
CA ILE L 334 44.13 -9.25 -42.03
C ILE L 334 43.31 -9.04 -40.77
N GLU L 335 42.05 -9.49 -40.80
CA GLU L 335 41.11 -9.27 -39.70
C GLU L 335 40.93 -10.56 -38.91
N LEU L 336 41.30 -10.52 -37.63
CA LEU L 336 41.01 -11.60 -36.70
C LEU L 336 39.72 -11.27 -35.95
N ARG L 337 38.75 -12.18 -36.00
CA ARG L 337 37.41 -11.89 -35.53
C ARG L 337 37.07 -12.54 -34.18
N CYS L 338 37.90 -13.45 -33.68
CA CYS L 338 37.63 -14.06 -32.39
C CYS L 338 37.65 -13.10 -31.19
N PRO L 339 38.58 -12.13 -31.04
CA PRO L 339 38.68 -11.43 -29.75
C PRO L 339 37.46 -10.57 -29.44
N ASP L 340 37.21 -10.43 -28.14
CA ASP L 340 36.15 -9.60 -27.59
C ASP L 340 36.80 -8.40 -26.88
N PRO L 341 36.05 -7.32 -26.65
CA PRO L 341 36.65 -6.13 -26.03
C PRO L 341 37.07 -6.30 -24.58
N ALA L 342 36.88 -7.45 -23.96
CA ALA L 342 37.34 -7.67 -22.60
C ALA L 342 38.82 -8.06 -22.53
N CYS L 343 39.45 -8.33 -23.66
CA CYS L 343 40.84 -8.75 -23.66
C CYS L 343 41.78 -7.58 -23.42
N ASN L 344 42.98 -7.91 -22.95
CA ASN L 344 44.05 -6.94 -22.81
C ASN L 344 44.62 -6.67 -24.19
N PRO L 345 44.46 -5.45 -24.72
CA PRO L 345 44.93 -5.18 -26.08
C PRO L 345 46.44 -5.31 -26.25
N TYR L 346 47.22 -4.97 -25.23
CA TYR L 346 48.67 -5.11 -25.34
C TYR L 346 49.07 -6.57 -25.52
N LEU L 347 48.59 -7.44 -24.63
CA LEU L 347 48.91 -8.87 -24.71
C LEU L 347 48.33 -9.49 -25.97
N ALA L 348 47.09 -9.15 -26.30
CA ALA L 348 46.43 -9.74 -27.46
C ALA L 348 47.14 -9.35 -28.75
N PHE L 349 47.40 -8.05 -28.93
CA PHE L 349 48.07 -7.59 -30.15
C PHE L 349 49.49 -8.11 -30.23
N ALA L 350 50.19 -8.19 -29.09
CA ALA L 350 51.52 -8.78 -29.07
C ALA L 350 51.48 -10.23 -29.51
N LEU L 351 50.48 -10.98 -29.06
CA LEU L 351 50.41 -12.40 -29.42
C LEU L 351 50.03 -12.60 -30.88
N MET L 352 49.13 -11.78 -31.41
CA MET L 352 48.85 -11.86 -32.85
C MET L 352 50.08 -11.51 -33.67
N LEU L 353 50.81 -10.47 -33.26
CA LEU L 353 52.04 -10.10 -33.96
C LEU L 353 53.05 -11.24 -33.93
N ARG L 354 53.24 -11.86 -32.77
CA ARG L 354 54.21 -12.93 -32.66
C ARG L 354 53.79 -14.17 -33.43
N ALA L 355 52.49 -14.49 -33.44
CA ALA L 355 52.00 -15.61 -34.23
C ALA L 355 52.22 -15.37 -35.72
N GLY L 356 51.93 -14.17 -36.19
CA GLY L 356 52.18 -13.85 -37.59
C GLY L 356 53.65 -13.86 -37.95
N LEU L 357 54.50 -13.35 -37.05
CA LEU L 357 55.94 -13.38 -37.30
C LEU L 357 56.47 -14.81 -37.32
N GLU L 358 55.94 -15.68 -36.44
CA GLU L 358 56.31 -17.09 -36.47
C GLU L 358 55.86 -17.74 -37.76
N GLY L 359 54.67 -17.36 -38.26
CA GLY L 359 54.23 -17.88 -39.54
C GLY L 359 55.12 -17.44 -40.69
N ILE L 360 55.56 -16.18 -40.67
CA ILE L 360 56.45 -15.69 -41.72
C ILE L 360 57.82 -16.35 -41.64
N LYS L 361 58.36 -16.48 -40.42
CA LYS L 361 59.69 -17.05 -40.25
C LYS L 361 59.71 -18.54 -40.57
N ASN L 362 58.68 -19.27 -40.16
CA ASN L 362 58.62 -20.71 -40.36
C ASN L 362 57.91 -21.10 -41.65
N LYS L 363 57.48 -20.12 -42.46
CA LYS L 363 56.87 -20.36 -43.77
C LYS L 363 55.63 -21.25 -43.66
N ILE L 364 54.75 -20.90 -42.71
CA ILE L 364 53.60 -21.74 -42.39
C ILE L 364 52.49 -21.48 -43.40
N ASP L 365 52.13 -22.52 -44.14
CA ASP L 365 51.07 -22.41 -45.14
C ASP L 365 49.71 -22.40 -44.44
N PRO L 366 48.84 -21.44 -44.76
CA PRO L 366 47.54 -21.36 -44.09
C PRO L 366 46.51 -22.36 -44.58
N GLY L 367 46.80 -23.09 -45.65
CA GLY L 367 45.83 -23.99 -46.23
C GLY L 367 44.86 -23.28 -47.16
N GLU L 368 43.93 -24.05 -47.68
CA GLU L 368 42.92 -23.51 -48.58
C GLU L 368 41.92 -22.64 -47.83
N PRO L 369 41.51 -21.53 -48.43
CA PRO L 369 40.47 -20.70 -47.79
C PRO L 369 39.12 -21.40 -47.81
N THR L 370 38.30 -21.08 -46.83
CA THR L 370 36.96 -21.64 -46.70
C THR L 370 35.96 -20.56 -47.12
N ASN L 371 35.44 -20.68 -48.34
CA ASN L 371 34.59 -19.67 -48.93
C ASN L 371 33.10 -19.95 -48.75
N VAL L 372 32.74 -21.01 -48.05
CA VAL L 372 31.36 -21.36 -47.83
C VAL L 372 30.94 -20.89 -46.44
N ASN L 373 29.65 -20.90 -46.18
CA ASN L 373 29.12 -20.57 -44.85
C ASN L 373 29.44 -21.73 -43.93
N ILE L 374 30.48 -21.56 -43.10
CA ILE L 374 30.87 -22.59 -42.15
C ILE L 374 29.81 -22.79 -41.07
N PHE L 375 29.01 -21.76 -40.78
CA PHE L 375 27.93 -21.90 -39.81
C PHE L 375 26.87 -22.88 -40.30
N HIS L 376 26.59 -22.89 -41.60
CA HIS L 376 25.62 -23.81 -42.17
C HIS L 376 26.18 -25.23 -42.32
N LEU L 377 27.49 -25.40 -42.24
CA LEU L 377 28.08 -26.72 -42.33
C LEU L 377 27.76 -27.54 -41.08
N SER L 378 27.78 -28.86 -41.24
CA SER L 378 27.65 -29.77 -40.11
C SER L 378 29.02 -30.11 -39.54
N ASP L 379 29.03 -30.83 -38.43
CA ASP L 379 30.29 -31.26 -37.83
C ASP L 379 31.02 -32.25 -38.74
N LYS L 380 30.27 -33.08 -39.47
CA LYS L 380 30.88 -34.01 -40.42
C LYS L 380 31.56 -33.27 -41.56
N GLU L 381 30.90 -32.26 -42.14
CA GLU L 381 31.49 -31.51 -43.23
C GLU L 381 32.70 -30.70 -42.75
N ARG L 382 32.62 -30.14 -41.54
CA ARG L 382 33.75 -29.40 -41.00
C ARG L 382 34.91 -30.31 -40.66
N GLU L 383 34.63 -31.55 -40.24
CA GLU L 383 35.69 -32.52 -39.97
C GLU L 383 36.36 -32.99 -41.26
N GLU L 384 35.58 -33.12 -42.34
CA GLU L 384 36.17 -33.52 -43.61
C GLU L 384 37.04 -32.42 -44.20
N ARG L 385 36.69 -31.16 -43.95
CA ARG L 385 37.53 -30.05 -44.39
C ARG L 385 38.68 -29.76 -43.45
N GLY L 386 38.76 -30.45 -42.32
CA GLY L 386 39.81 -30.17 -41.35
C GLY L 386 39.66 -28.86 -40.63
N ILE L 387 38.43 -28.34 -40.51
CA ILE L 387 38.19 -27.06 -39.86
C ILE L 387 38.13 -27.31 -38.35
N ARG L 388 39.18 -26.91 -37.64
CA ARG L 388 39.23 -27.07 -36.20
C ARG L 388 38.45 -25.94 -35.51
N SER L 389 38.23 -26.10 -34.21
CA SER L 389 37.46 -25.15 -33.43
C SER L 389 38.34 -24.51 -32.37
N LEU L 390 37.95 -23.31 -31.96
CA LEU L 390 38.55 -22.65 -30.81
C LEU L 390 38.16 -23.38 -29.54
N PRO L 391 38.88 -23.15 -28.44
CA PRO L 391 38.47 -23.74 -27.15
C PRO L 391 37.04 -23.36 -26.79
N ALA L 392 36.29 -24.34 -26.29
CA ALA L 392 34.87 -24.17 -26.04
C ALA L 392 34.58 -23.33 -24.80
N ASP L 393 35.49 -23.30 -23.83
CA ASP L 393 35.27 -22.54 -22.61
C ASP L 393 36.61 -22.00 -22.13
N LEU L 394 36.58 -21.28 -21.01
CA LEU L 394 37.79 -20.68 -20.47
C LEU L 394 38.78 -21.73 -19.97
N LYS L 395 38.27 -22.83 -19.39
CA LYS L 395 39.16 -23.88 -18.88
C LYS L 395 39.97 -24.52 -20.01
N GLU L 396 39.32 -24.81 -21.15
CA GLU L 396 40.02 -25.40 -22.27
C GLU L 396 41.08 -24.46 -22.83
N ALA L 397 40.78 -23.17 -22.89
CA ALA L 397 41.76 -22.20 -23.38
C ALA L 397 42.91 -22.03 -22.40
N ILE L 398 42.62 -22.11 -21.10
CA ILE L 398 43.68 -22.09 -20.09
C ILE L 398 44.60 -23.29 -20.28
N ASP L 399 44.01 -24.47 -20.49
CA ASP L 399 44.81 -25.67 -20.72
C ASP L 399 45.64 -25.57 -21.99
N GLU L 400 45.06 -24.99 -23.04
CA GLU L 400 45.80 -24.77 -24.29
C GLU L 400 46.96 -23.80 -24.09
N MET L 401 46.74 -22.74 -23.32
CA MET L 401 47.78 -21.76 -23.08
C MET L 401 48.87 -22.30 -22.16
N LYS L 402 48.51 -23.22 -21.25
CA LYS L 402 49.48 -23.79 -20.32
C LYS L 402 50.61 -24.50 -21.04
N GLY L 403 50.29 -25.31 -22.04
CA GLY L 403 51.27 -26.08 -22.77
C GLY L 403 51.91 -25.37 -23.94
N SER L 404 51.64 -24.08 -24.11
CA SER L 404 52.16 -23.33 -25.24
C SER L 404 53.49 -22.70 -24.86
N LYS L 405 54.58 -23.18 -25.47
CA LYS L 405 55.86 -22.52 -25.31
C LYS L 405 55.91 -21.22 -26.10
N PHE L 406 55.12 -21.11 -27.16
CA PHE L 406 55.05 -19.88 -27.94
C PHE L 406 54.48 -18.73 -27.10
N VAL L 407 53.36 -18.99 -26.41
CA VAL L 407 52.74 -17.95 -25.59
C VAL L 407 53.62 -17.62 -24.39
N LYS L 408 54.27 -18.63 -23.81
CA LYS L 408 55.16 -18.39 -22.68
C LYS L 408 56.36 -17.53 -23.10
N GLU L 409 56.91 -17.79 -24.29
CA GLU L 409 58.03 -17.00 -24.78
C GLU L 409 57.59 -15.58 -25.13
N ALA L 410 56.41 -15.44 -25.76
CA ALA L 410 55.97 -14.14 -26.20
C ALA L 410 55.55 -13.24 -25.05
N LEU L 411 54.95 -13.81 -24.00
CA LEU L 411 54.47 -13.02 -22.88
C LEU L 411 55.49 -12.84 -21.77
N GLY L 412 56.49 -13.69 -21.70
CA GLY L 412 57.39 -13.68 -20.55
C GLY L 412 56.83 -14.47 -19.39
N GLU L 413 57.73 -14.93 -18.52
CA GLU L 413 57.35 -15.84 -17.44
C GLU L 413 56.39 -15.18 -16.46
N HIS L 414 56.63 -13.92 -16.10
CA HIS L 414 55.79 -13.23 -15.13
C HIS L 414 54.36 -13.09 -15.62
N VAL L 415 54.19 -12.54 -16.83
CA VAL L 415 52.85 -12.32 -17.38
C VAL L 415 52.14 -13.65 -17.59
N PHE L 416 52.86 -14.63 -18.16
CA PHE L 416 52.30 -15.96 -18.42
C PHE L 416 51.77 -16.59 -17.13
N SER L 417 52.62 -16.65 -16.09
CA SER L 417 52.25 -17.32 -14.85
C SER L 417 51.13 -16.57 -14.14
N HIS L 418 51.23 -15.25 -14.03
CA HIS L 418 50.22 -14.49 -13.28
C HIS L 418 48.88 -14.47 -14.00
N TYR L 419 48.91 -14.35 -15.33
CA TYR L 419 47.68 -14.40 -16.11
C TYR L 419 47.01 -15.76 -15.99
N LEU L 420 47.79 -16.84 -16.09
CA LEU L 420 47.21 -18.17 -15.95
C LEU L 420 46.67 -18.39 -14.55
N CYS L 421 47.35 -17.89 -13.52
CA CYS L 421 46.87 -18.04 -12.15
C CYS L 421 45.55 -17.30 -11.95
N ALA L 422 45.45 -16.06 -12.46
CA ALA L 422 44.21 -15.31 -12.33
C ALA L 422 43.06 -16.00 -13.08
N LYS L 423 43.33 -16.49 -14.29
CA LYS L 423 42.29 -17.18 -15.04
C LYS L 423 41.88 -18.49 -14.37
N GLU L 424 42.85 -19.19 -13.77
CA GLU L 424 42.55 -20.42 -13.05
C GLU L 424 41.66 -20.15 -11.84
N MET L 425 41.97 -19.10 -11.07
CA MET L 425 41.11 -18.75 -9.95
C MET L 425 39.71 -18.37 -10.42
N GLU L 426 39.62 -17.63 -11.52
CA GLU L 426 38.33 -17.23 -12.07
C GLU L 426 37.51 -18.46 -12.46
N TRP L 427 38.12 -19.41 -13.17
CA TRP L 427 37.38 -20.59 -13.58
C TRP L 427 37.04 -21.49 -12.39
N ASP L 428 37.94 -21.56 -11.40
CA ASP L 428 37.66 -22.41 -10.24
C ASP L 428 36.50 -21.85 -9.43
N GLU L 429 36.38 -20.52 -9.35
CA GLU L 429 35.21 -19.94 -8.70
C GLU L 429 33.95 -20.17 -9.54
N TYR L 430 34.07 -20.01 -10.88
CA TYR L 430 32.90 -20.15 -11.74
C TYR L 430 32.35 -21.58 -11.75
N LYS L 431 33.24 -22.58 -11.77
CA LYS L 431 32.83 -23.96 -12.00
C LYS L 431 32.06 -24.56 -10.83
N ALA L 432 32.12 -23.95 -9.65
CA ALA L 432 31.40 -24.46 -8.49
C ALA L 432 30.02 -23.83 -8.31
N VAL L 433 29.70 -22.79 -9.08
CA VAL L 433 28.47 -22.04 -8.86
C VAL L 433 27.27 -22.86 -9.35
N VAL L 434 26.26 -22.97 -8.50
CA VAL L 434 24.98 -23.57 -8.88
C VAL L 434 24.14 -22.46 -9.52
N HIS L 435 23.97 -22.53 -10.80
CA HIS L 435 23.29 -21.47 -11.54
C HIS L 435 21.78 -21.65 -11.47
N PRO L 436 21.04 -20.54 -11.59
CA PRO L 436 19.57 -20.64 -11.64
C PRO L 436 19.05 -21.47 -12.79
N TRP L 437 19.80 -21.59 -13.89
CA TRP L 437 19.40 -22.44 -14.99
C TRP L 437 19.29 -23.90 -14.55
N GLU L 438 20.24 -24.36 -13.72
CA GLU L 438 20.18 -25.72 -13.21
C GLU L 438 18.99 -25.93 -12.29
N LEU L 439 18.62 -24.89 -11.53
CA LEU L 439 17.41 -24.98 -10.70
C LEU L 439 16.16 -25.05 -11.57
N SER L 440 16.11 -24.26 -12.64
CA SER L 440 14.96 -24.29 -13.53
C SER L 440 14.86 -25.62 -14.28
N ARG L 441 16.00 -26.25 -14.55
CA ARG L 441 16.01 -27.47 -15.35
C ARG L 441 15.85 -28.74 -14.52
N TYR L 442 16.40 -28.79 -13.32
CA TYR L 442 16.56 -30.04 -12.58
C TYR L 442 15.75 -30.14 -11.31
N LEU L 443 15.36 -29.01 -10.68
CA LEU L 443 14.77 -29.07 -9.35
C LEU L 443 13.45 -29.81 -9.34
N SER L 444 12.55 -29.49 -10.27
CA SER L 444 11.25 -30.12 -10.33
C SER L 444 11.29 -31.49 -11.01
N MET L 445 12.44 -31.90 -11.54
CA MET L 445 12.59 -33.18 -12.22
C MET L 445 13.31 -34.24 -11.40
N LEU L 446 14.36 -33.86 -10.67
CA LEU L 446 15.16 -34.83 -9.92
C LEU L 446 14.68 -34.97 -8.48
C1 AKG M . -30.57 -30.40 -10.02
O1 AKG M . -30.90 -30.64 -8.87
O2 AKG M . -29.34 -30.36 -10.44
C2 AKG M . -31.63 -30.13 -11.10
O5 AKG M . -31.62 -30.78 -12.13
C3 AKG M . -32.66 -29.07 -10.82
C4 AKG M . -32.12 -27.65 -10.98
C5 AKG M . -31.80 -27.28 -12.39
O3 AKG M . -32.77 -26.63 -12.97
O4 AKG M . -30.75 -27.55 -12.92
C1 AKG N . 24.68 12.70 -34.48
O1 AKG N . 23.40 12.49 -34.45
O2 AKG N . 25.24 13.64 -33.94
C2 AKG N . 25.48 11.68 -35.29
O5 AKG N . 25.17 11.45 -36.46
C3 AKG N . 26.64 11.00 -34.62
C4 AKG N . 26.22 9.91 -33.66
C5 AKG N . 25.63 8.71 -34.32
O3 AKG N . 24.46 8.64 -34.63
O4 AKG N . 26.49 7.76 -34.52
C1 AKG O . -10.06 40.42 -14.99
O1 AKG O . -9.95 40.03 -13.75
O2 AKG O . -9.13 40.52 -15.76
C2 AKG O . -11.49 40.74 -15.44
O5 AKG O . -12.17 41.52 -14.78
C3 AKG O . -12.01 40.07 -16.69
C4 AKG O . -12.43 38.63 -16.46
C5 AKG O . -13.66 38.47 -15.64
O3 AKG O . -13.66 38.48 -14.43
O4 AKG O . -14.74 38.32 -16.36
C1 AKG P . -0.38 25.16 -36.39
O1 AKG P . -1.24 25.16 -35.41
O2 AKG P . 0.78 25.55 -36.29
C2 AKG P . -0.91 24.63 -37.72
O5 AKG P . -1.94 25.11 -38.19
C3 AKG P . -0.13 23.54 -38.41
C4 AKG P . -0.30 22.18 -37.77
C5 AKG P . -1.66 21.59 -37.95
O3 AKG P . -2.61 21.87 -37.25
O4 AKG P . -1.72 20.75 -38.96
C1 AKG Q . -5.59 -43.05 -8.58
O1 AKG Q . -6.65 -43.17 -7.99
O2 AKG Q . -4.54 -42.45 -8.09
C2 AKG Q . -5.41 -43.61 -10.00
O5 AKG Q . -4.47 -44.36 -10.22
C3 AKG Q . -6.41 -43.22 -11.05
C4 AKG Q . -6.23 -41.80 -11.54
C5 AKG Q . -5.00 -41.60 -12.38
O3 AKG Q . -5.24 -41.65 -13.66
O4 AKG Q . -3.91 -41.41 -11.91
C1 AKG R . -39.90 -15.23 11.53
O1 AKG R . -39.43 -15.98 12.35
O2 AKG R . -39.46 -15.12 10.30
C2 AKG R . -41.07 -14.30 11.87
O5 AKG R . -42.05 -14.29 11.14
C3 AKG R . -40.96 -13.45 13.10
C4 AKG R . -40.01 -12.29 12.96
C5 AKG R . -40.49 -11.24 12.01
O3 AKG R . -41.07 -10.24 12.61
O4 AKG R . -40.35 -11.31 10.80
C1 AKG S . 30.20 30.69 10.24
O1 AKG S . 30.41 29.45 9.84
O2 AKG S . 29.73 31.57 9.55
C2 AKG S . 30.62 30.95 11.68
O5 AKG S . 31.76 30.65 12.05
C3 AKG S . 29.62 31.58 12.61
C4 AKG S . 28.52 30.63 13.04
C5 AKG S . 28.98 29.57 13.98
O3 AKG S . 29.52 28.55 13.62
O4 AKG S . 28.73 29.86 15.23
C1 AKG T . 5.18 43.16 8.36
O1 AKG T . 5.84 42.18 8.91
O2 AKG T . 5.30 43.50 7.19
C2 AKG T . 4.23 43.91 9.29
O5 AKG T . 4.64 44.33 10.36
C3 AKG T . 2.80 44.09 8.85
C4 AKG T . 1.98 42.82 8.95
C5 AKG T . 1.70 42.40 10.36
O3 AKG T . 2.46 41.74 11.02
O4 AKG T . 0.55 42.83 10.81
C1 AKG U . 0.72 -25.48 36.21
O1 AKG U . 0.37 -26.51 35.67
O2 AKG U . 0.12 -24.33 36.07
C2 AKG U . 1.93 -25.46 37.15
O5 AKG U . 1.80 -25.01 38.28
C3 AKG U . 3.22 -26.02 36.63
C4 AKG U . 3.95 -25.08 35.69
C5 AKG U . 4.49 -23.85 36.35
O3 AKG U . 5.74 -23.96 36.68
O4 AKG U . 3.83 -22.86 36.54
C1 AKG V . -24.18 -12.75 34.72
O1 AKG V . -23.82 -13.91 34.70
O2 AKG V . -24.53 -12.08 33.65
C2 AKG V . -24.25 -11.96 36.02
O5 AKG V . -25.30 -11.42 36.35
C3 AKG V . -23.00 -11.89 36.87
C4 AKG V . -21.93 -10.98 36.30
C5 AKG V . -22.31 -9.53 36.35
O3 AKG V . -21.79 -8.89 37.36
O4 AKG V . -23.01 -8.99 35.51
C1 AKG W . 10.01 -40.58 14.53
O1 AKG W . 8.94 -41.09 14.27
O2 AKG W . 10.16 -39.45 15.16
C2 AKG W . 11.32 -41.27 14.14
O5 AKG W . 12.18 -41.46 14.98
C3 AKG W . 11.49 -41.68 12.69
C4 AKG W . 11.79 -40.52 11.77
C5 AKG W . 13.15 -39.93 11.96
O3 AKG W . 14.03 -40.38 11.12
O4 AKG W . 13.39 -39.11 12.82
C1 AKG X . 39.94 15.45 -11.18
O1 AKG X . 39.19 14.61 -11.86
O2 AKG X . 39.67 16.62 -11.00
C2 AKG X . 41.21 14.84 -10.59
O5 AKG X . 41.98 14.22 -11.33
C3 AKG X . 41.49 15.03 -9.13
C4 AKG X . 40.63 14.15 -8.24
C5 AKG X . 40.99 12.70 -8.32
O3 AKG X . 40.56 11.96 -9.18
O4 AKG X . 41.78 12.31 -7.35
#